data_8EY1
#
_entry.id   8EY1
#
_cell.length_a   225.544
_cell.length_b   83.750
_cell.length_c   270.943
_cell.angle_alpha   90.000
_cell.angle_beta   109.570
_cell.angle_gamma   90.000
#
_symmetry.space_group_name_H-M   'P 1 21 1'
#
loop_
_entity.id
_entity.type
_entity.pdbx_description
1 polymer 'Fatty acid amide hydrolase'
2 non-polymer 'N-3-OXO-DODECANOYL-L-HOMOSERINE LACTONE'
#
_entity_poly.entity_id   1
_entity_poly.type   'polypeptide(L)'
_entity_poly.pdbx_seq_one_letter_code
;MGKYQVMKRASEVDLSTVKYKAETMKAPHLTGLSFKLFVNLLEAPLIGSLIVDYLKKDNGMTKIFRNTVIPEEPMFRPEF
PSQEPEHDVVIVGEDESPIDRLETALKCLPQYDPSRSLHADPVSSFRYWKIRDYAYAYRSKLTTPLQVAKRIISIIEEFG
YDKPPTPFLIRFDANEVIKQAEASTRRFEQGNPISVLDGIFVTIKDDIDCLPHPTNGGTTWLHEDRSVEKDSAVVSKLRS
CGAILLGKANMHELGMGTTGNNSNYGTTRNPHDPKRYTGGSSSGSAAIVAAGLCSAALGTDGGGAVRIPSALCGITGLKT
TYGRTDMTGSLCEGGTVEIIGPLASSLEDAFLVYAAILGSSSADRYNLKPSPPCFPKLLSHNGSNAIGSLRLGKYTKWFN
DVSSSDISDKCEDILKLLSNNHGCKVVEIVVPELEEMRAAHVISIGSPTLSSLTPYCEAGKNSKLSYDTRTSFAIFRSFS
ASDYIAAQCLRRRLMEYHLNIFKDVDVIVTPTTGMTAPVIPPDALKNGETNIQVTTDLMRFVLAANLLGFPAISVPVGYD
KEGLPIGLQIMGRPWAEATVLGLAAAVEELAPVTKKPAIFYDILNTNKGEFEAYVEQKLISEEDLNSAVDHHHHHH
;
_entity_poly.pdbx_strand_id   A,B,C,D,E,F,G,H,I,J,K,L
#
loop_
_chem_comp.id
_chem_comp.type
_chem_comp.name
_chem_comp.formula
OHN non-polymer 'N-3-OXO-DODECANOYL-L-HOMOSERINE LACTONE' 'C16 H27 N O4'
#
# COMPACT_ATOMS: atom_id res chain seq x y z
N TYR A 4 -19.06 37.02 -47.81
CA TYR A 4 -17.64 37.29 -47.67
C TYR A 4 -17.22 37.35 -46.19
N GLN A 5 -18.12 37.84 -45.35
CA GLN A 5 -17.89 37.90 -43.91
C GLN A 5 -19.23 38.09 -43.20
N VAL A 6 -19.27 37.67 -41.94
CA VAL A 6 -20.47 37.74 -41.12
C VAL A 6 -20.18 38.62 -39.91
N MET A 7 -21.21 39.31 -39.43
CA MET A 7 -21.12 40.20 -38.28
C MET A 7 -22.04 39.72 -37.17
N LYS A 8 -21.59 39.85 -35.93
CA LYS A 8 -22.31 39.38 -34.76
C LYS A 8 -22.31 40.47 -33.69
N ARG A 9 -22.89 40.14 -32.53
CA ARG A 9 -22.88 40.98 -31.34
C ARG A 9 -23.36 40.12 -30.17
N ALA A 10 -23.41 40.72 -28.98
CA ALA A 10 -23.84 40.00 -27.79
C ALA A 10 -24.83 40.81 -26.97
N SER A 11 -24.44 42.02 -26.58
CA SER A 11 -25.34 42.87 -25.80
C SER A 11 -26.58 43.24 -26.61
N GLU A 12 -26.40 43.59 -27.89
CA GLU A 12 -27.52 43.92 -28.77
C GLU A 12 -27.94 42.69 -29.54
N VAL A 13 -28.58 41.77 -28.82
CA VAL A 13 -29.05 40.50 -29.38
C VAL A 13 -30.42 40.19 -28.81
N ASP A 14 -31.39 39.96 -29.69
CA ASP A 14 -32.72 39.56 -29.25
C ASP A 14 -32.70 38.11 -28.77
N LEU A 15 -33.49 37.82 -27.74
CA LEU A 15 -33.56 36.46 -27.22
C LEU A 15 -34.48 35.58 -28.05
N SER A 16 -35.46 36.18 -28.74
CA SER A 16 -36.40 35.43 -29.57
C SER A 16 -35.92 35.29 -31.01
N THR A 17 -34.78 35.88 -31.36
CA THR A 17 -34.24 35.79 -32.72
C THR A 17 -33.27 34.62 -32.88
N VAL A 18 -32.97 33.89 -31.81
CA VAL A 18 -32.04 32.77 -31.85
C VAL A 18 -32.84 31.48 -31.86
N LYS A 19 -32.57 30.63 -32.85
CA LYS A 19 -33.22 29.33 -32.97
C LYS A 19 -32.20 28.21 -32.79
N TYR A 20 -32.69 27.06 -32.36
CA TYR A 20 -31.83 25.92 -32.07
C TYR A 20 -31.36 25.26 -33.35
N LYS A 21 -30.07 24.95 -33.43
CA LYS A 21 -29.48 24.27 -34.57
C LYS A 21 -29.02 22.89 -34.11
N ALA A 22 -29.64 21.85 -34.65
CA ALA A 22 -29.38 20.47 -34.27
C ALA A 22 -28.62 19.71 -35.36
N GLU A 23 -27.60 20.33 -35.94
CA GLU A 23 -26.78 19.70 -36.96
C GLU A 23 -25.58 19.04 -36.29
N THR A 24 -25.49 17.72 -36.38
CA THR A 24 -24.39 16.99 -35.78
C THR A 24 -23.16 16.99 -36.68
N MET A 25 -21.99 16.92 -36.05
CA MET A 25 -20.74 16.87 -36.78
C MET A 25 -20.60 15.54 -37.52
N LYS A 26 -21.09 15.48 -38.76
CA LYS A 26 -21.05 14.24 -39.52
C LYS A 26 -19.63 13.90 -39.93
N ALA A 27 -19.17 12.71 -39.56
CA ALA A 27 -17.84 12.23 -39.90
C ALA A 27 -17.88 10.71 -39.95
N PRO A 28 -17.18 10.09 -40.90
CA PRO A 28 -17.22 8.63 -41.00
C PRO A 28 -16.62 7.95 -39.79
N HIS A 29 -16.95 6.67 -39.64
CA HIS A 29 -16.49 5.84 -38.53
C HIS A 29 -15.47 4.84 -39.09
N LEU A 30 -14.21 4.98 -38.68
CA LEU A 30 -13.12 4.16 -39.18
C LEU A 30 -12.50 3.38 -38.02
N THR A 31 -12.37 2.06 -38.21
CA THR A 31 -11.81 1.19 -37.19
C THR A 31 -10.82 0.23 -37.84
N GLY A 32 -9.78 -0.11 -37.09
CA GLY A 32 -8.84 -1.12 -37.55
C GLY A 32 -7.88 -0.57 -38.58
N LEU A 33 -7.76 -1.29 -39.70
CA LEU A 33 -6.81 -0.89 -40.74
C LEU A 33 -7.25 0.41 -41.41
N SER A 34 -8.55 0.57 -41.65
CA SER A 34 -9.04 1.80 -42.25
C SER A 34 -8.76 3.00 -41.35
N PHE A 35 -8.83 2.81 -40.03
CA PHE A 35 -8.42 3.86 -39.10
C PHE A 35 -6.91 4.07 -39.13
N LYS A 36 -6.15 2.98 -39.29
CA LYS A 36 -4.70 3.09 -39.33
C LYS A 36 -4.23 3.87 -40.56
N LEU A 37 -4.76 3.53 -41.73
CA LEU A 37 -4.40 4.24 -42.94
C LEU A 37 -4.87 5.69 -42.90
N PHE A 38 -5.98 5.96 -42.22
CA PHE A 38 -6.50 7.33 -42.15
C PHE A 38 -5.56 8.23 -41.34
N VAL A 39 -4.97 7.68 -40.28
CA VAL A 39 -4.04 8.48 -39.47
C VAL A 39 -2.78 8.80 -40.26
N ASN A 40 -2.29 7.83 -41.03
CA ASN A 40 -1.12 8.09 -41.88
C ASN A 40 -1.43 9.09 -42.98
N LEU A 41 -2.70 9.19 -43.38
CA LEU A 41 -3.09 10.18 -44.38
C LEU A 41 -3.15 11.58 -43.79
N LEU A 42 -3.43 11.71 -42.49
CA LEU A 42 -3.46 13.02 -41.85
C LEU A 42 -2.07 13.53 -41.53
N GLU A 43 -1.12 12.63 -41.25
CA GLU A 43 0.25 13.00 -40.94
C GLU A 43 1.11 13.15 -42.19
N ALA A 44 0.54 12.98 -43.38
CA ALA A 44 1.29 13.13 -44.61
C ALA A 44 1.68 14.59 -44.81
N PRO A 45 2.81 14.85 -45.47
CA PRO A 45 3.25 16.24 -45.69
C PRO A 45 2.24 17.04 -46.50
N LEU A 46 2.20 16.84 -47.81
CA LEU A 46 1.29 17.59 -48.65
C LEU A 46 -0.15 17.11 -48.51
N ILE A 47 -0.34 15.78 -48.44
CA ILE A 47 -1.69 15.24 -48.39
C ILE A 47 -2.35 15.55 -47.06
N GLY A 48 -1.61 15.45 -45.96
CA GLY A 48 -2.21 15.63 -44.65
C GLY A 48 -2.68 17.06 -44.41
N SER A 49 -1.91 18.05 -44.86
CA SER A 49 -2.29 19.43 -44.64
C SER A 49 -3.52 19.81 -45.44
N LEU A 50 -3.66 19.26 -46.65
CA LEU A 50 -4.82 19.58 -47.48
C LEU A 50 -6.08 18.87 -46.98
N ILE A 51 -5.92 17.66 -46.42
CA ILE A 51 -7.09 16.94 -45.93
C ILE A 51 -7.59 17.54 -44.62
N VAL A 52 -6.69 18.06 -43.79
CA VAL A 52 -7.09 18.64 -42.51
C VAL A 52 -8.01 19.83 -42.73
N ASP A 53 -7.64 20.70 -43.67
CA ASP A 53 -8.47 21.87 -43.95
C ASP A 53 -9.82 21.48 -44.54
N TYR A 54 -9.88 20.35 -45.24
CA TYR A 54 -11.14 19.89 -45.82
C TYR A 54 -12.14 19.53 -44.73
N LEU A 55 -11.71 18.71 -43.76
CA LEU A 55 -12.59 18.36 -42.64
C LEU A 55 -12.90 19.56 -41.77
N LYS A 56 -11.97 20.50 -41.67
CA LYS A 56 -12.18 21.67 -40.81
C LYS A 56 -13.20 22.63 -41.42
N LYS A 57 -13.35 22.63 -42.74
CA LYS A 57 -14.34 23.47 -43.40
C LYS A 57 -15.69 22.79 -43.55
N ASP A 58 -15.74 21.46 -43.42
CA ASP A 58 -17.00 20.76 -43.59
C ASP A 58 -17.93 20.97 -42.39
N ASN A 59 -17.41 20.72 -41.18
CA ASN A 59 -18.24 20.84 -39.99
C ASN A 59 -18.67 22.29 -39.73
N GLY A 60 -17.87 23.25 -40.17
CA GLY A 60 -18.17 24.65 -39.98
C GLY A 60 -17.27 25.39 -39.00
N MET A 61 -16.08 24.86 -38.69
CA MET A 61 -15.17 25.50 -37.76
C MET A 61 -14.29 26.55 -38.44
N THR A 62 -14.23 26.58 -39.78
CA THR A 62 -13.44 27.58 -40.47
C THR A 62 -14.22 28.89 -40.65
N LYS A 63 -15.54 28.79 -40.85
CA LYS A 63 -16.37 29.99 -40.98
C LYS A 63 -16.31 30.83 -39.71
N ILE A 64 -16.30 30.19 -38.54
CA ILE A 64 -16.33 30.92 -37.29
C ILE A 64 -15.00 31.61 -37.03
N PHE A 65 -13.89 30.90 -37.26
CA PHE A 65 -12.58 31.40 -36.85
C PHE A 65 -12.05 32.46 -37.83
N ARG A 66 -11.84 32.09 -39.09
CA ARG A 66 -11.13 32.92 -40.04
C ARG A 66 -12.04 33.65 -41.02
N ASN A 67 -13.36 33.56 -40.86
CA ASN A 67 -14.29 34.18 -41.79
C ASN A 67 -15.51 34.71 -41.05
N THR A 68 -15.32 35.23 -39.85
CA THR A 68 -16.40 35.82 -39.07
C THR A 68 -15.83 36.91 -38.18
N VAL A 69 -16.31 38.13 -38.35
CA VAL A 69 -15.82 39.26 -37.56
C VAL A 69 -16.45 39.22 -36.18
N ILE A 70 -15.62 39.36 -35.14
CA ILE A 70 -16.08 39.31 -33.76
C ILE A 70 -15.90 40.69 -33.12
N PRO A 71 -16.89 41.19 -32.37
CA PRO A 71 -16.75 42.50 -31.73
C PRO A 71 -16.17 42.44 -30.33
N GLU A 72 -16.09 41.25 -29.72
CA GLU A 72 -15.73 41.12 -28.32
C GLU A 72 -14.22 41.17 -28.15
N GLU A 73 -13.80 41.30 -26.89
CA GLU A 73 -12.46 41.27 -26.33
C GLU A 73 -12.15 39.87 -25.81
N PRO A 74 -10.93 39.38 -26.03
CA PRO A 74 -10.63 37.98 -25.66
C PRO A 74 -10.67 37.78 -24.16
N MET A 75 -11.43 36.78 -23.73
CA MET A 75 -11.52 36.35 -22.33
C MET A 75 -10.80 35.02 -22.23
N PHE A 76 -9.52 35.07 -21.81
CA PHE A 76 -8.69 33.87 -21.83
C PHE A 76 -9.06 32.90 -20.72
N ARG A 77 -9.48 33.40 -19.57
CA ARG A 77 -9.87 32.59 -18.43
C ARG A 77 -11.26 33.03 -17.98
N PRO A 78 -12.00 32.13 -17.32
CA PRO A 78 -13.35 32.51 -16.84
C PRO A 78 -13.29 33.72 -15.92
N GLU A 79 -14.00 34.78 -16.31
CA GLU A 79 -14.05 36.03 -15.55
C GLU A 79 -15.50 36.31 -15.19
N PHE A 80 -15.90 35.85 -14.01
CA PHE A 80 -17.24 36.04 -13.49
C PHE A 80 -17.25 37.09 -12.39
N PRO A 81 -18.30 37.91 -12.31
CA PRO A 81 -18.38 38.92 -11.26
C PRO A 81 -18.83 38.30 -9.94
N SER A 82 -18.78 39.12 -8.89
CA SER A 82 -19.20 38.68 -7.57
C SER A 82 -20.69 38.39 -7.56
N GLN A 83 -21.06 37.19 -7.11
CA GLN A 83 -22.43 36.73 -7.11
C GLN A 83 -23.08 36.95 -5.75
N GLU A 84 -24.40 36.86 -5.74
CA GLU A 84 -25.15 36.98 -4.50
C GLU A 84 -24.84 35.77 -3.60
N PRO A 85 -24.89 35.95 -2.28
CA PRO A 85 -24.57 34.84 -1.38
C PRO A 85 -25.58 33.72 -1.46
N GLU A 86 -25.10 32.49 -1.37
CA GLU A 86 -25.98 31.33 -1.34
C GLU A 86 -26.76 31.32 -0.03
N HIS A 87 -28.09 31.38 -0.14
CA HIS A 87 -28.91 31.49 1.06
C HIS A 87 -28.93 30.18 1.84
N ASP A 88 -28.73 30.29 3.15
CA ASP A 88 -28.77 29.17 4.09
C ASP A 88 -27.67 28.15 3.81
N VAL A 89 -26.43 28.51 4.13
CA VAL A 89 -25.28 27.61 4.08
C VAL A 89 -24.42 27.86 5.30
N VAL A 90 -23.30 27.16 5.39
CA VAL A 90 -22.31 27.36 6.44
C VAL A 90 -20.98 27.70 5.77
N ILE A 91 -20.41 28.84 6.12
CA ILE A 91 -19.15 29.28 5.52
C ILE A 91 -18.01 28.70 6.35
N VAL A 92 -17.20 27.87 5.72
CA VAL A 92 -16.01 27.33 6.35
C VAL A 92 -14.80 28.13 5.86
N GLY A 93 -13.73 28.07 6.62
CA GLY A 93 -12.55 28.86 6.29
C GLY A 93 -11.88 28.36 5.02
N GLU A 94 -11.39 29.30 4.22
CA GLU A 94 -10.64 28.94 3.02
C GLU A 94 -9.29 28.32 3.38
N ASP A 95 -8.58 28.93 4.32
CA ASP A 95 -7.29 28.44 4.76
C ASP A 95 -7.40 27.34 5.81
N GLU A 96 -8.58 26.75 5.98
CA GLU A 96 -8.74 25.65 6.92
C GLU A 96 -8.10 24.38 6.37
N SER A 97 -7.91 23.41 7.26
CA SER A 97 -7.35 22.13 6.90
C SER A 97 -8.45 21.16 6.49
N PRO A 98 -8.12 20.14 5.69
CA PRO A 98 -9.15 19.16 5.31
C PRO A 98 -9.66 18.35 6.49
N ILE A 99 -8.91 18.29 7.58
CA ILE A 99 -9.39 17.59 8.78
C ILE A 99 -10.49 18.41 9.45
N ASP A 100 -10.32 19.72 9.51
CA ASP A 100 -11.33 20.58 10.13
C ASP A 100 -12.57 20.70 9.24
N ARG A 101 -12.37 20.73 7.92
CA ARG A 101 -13.51 20.87 7.02
C ARG A 101 -14.37 19.61 6.99
N LEU A 102 -13.75 18.44 7.16
CA LEU A 102 -14.53 17.21 7.25
C LEU A 102 -15.38 17.20 8.52
N GLU A 103 -14.89 17.80 9.60
CA GLU A 103 -15.66 17.85 10.84
C GLU A 103 -16.92 18.68 10.66
N THR A 104 -16.82 19.84 10.01
CA THR A 104 -18.00 20.66 9.76
C THR A 104 -18.87 20.04 8.67
N ALA A 105 -18.27 19.25 7.77
CA ALA A 105 -19.06 18.56 6.75
C ALA A 105 -19.96 17.50 7.37
N LEU A 106 -19.48 16.84 8.43
CA LEU A 106 -20.31 15.87 9.13
C LEU A 106 -21.48 16.54 9.84
N LYS A 107 -21.32 17.81 10.21
CA LYS A 107 -22.40 18.54 10.85
C LYS A 107 -23.53 18.88 9.87
N CYS A 108 -23.24 18.92 8.57
CA CYS A 108 -24.27 19.19 7.58
C CYS A 108 -25.04 17.93 7.19
N LEU A 109 -24.50 16.76 7.45
CA LEU A 109 -25.15 15.51 7.14
C LEU A 109 -26.16 15.13 8.23
N PRO A 110 -27.21 14.41 7.88
CA PRO A 110 -28.13 13.91 8.92
C PRO A 110 -27.44 12.89 9.81
N GLN A 111 -28.00 12.70 11.00
CA GLN A 111 -27.39 11.79 11.96
C GLN A 111 -27.39 10.37 11.41
N TYR A 112 -26.27 9.68 11.62
CA TYR A 112 -26.08 8.35 11.05
C TYR A 112 -27.07 7.36 11.65
N ASP A 113 -27.75 6.61 10.79
CA ASP A 113 -28.69 5.58 11.23
C ASP A 113 -28.01 4.23 11.13
N PRO A 114 -27.67 3.57 12.25
CA PRO A 114 -27.01 2.26 12.16
C PRO A 114 -27.89 1.15 11.62
N SER A 115 -29.15 1.44 11.24
CA SER A 115 -30.02 0.43 10.68
C SER A 115 -29.62 -0.01 9.28
N ARG A 116 -28.73 0.73 8.62
CA ARG A 116 -28.28 0.34 7.28
C ARG A 116 -27.16 -0.68 7.34
N SER A 117 -26.15 -0.43 8.18
CA SER A 117 -25.04 -1.36 8.34
C SER A 117 -25.46 -2.60 9.13
N LEU A 118 -25.64 -2.43 10.44
CA LEU A 118 -26.03 -3.53 11.29
C LEU A 118 -27.53 -3.76 11.23
N HIS A 119 -27.94 -5.01 11.50
CA HIS A 119 -29.34 -5.41 11.49
C HIS A 119 -30.00 -5.09 10.15
N ALA A 120 -29.34 -5.50 9.07
CA ALA A 120 -29.90 -5.32 7.74
C ALA A 120 -31.02 -6.33 7.51
N ASP A 121 -32.18 -5.83 7.09
CA ASP A 121 -33.33 -6.70 6.88
C ASP A 121 -33.05 -7.63 5.70
N PRO A 122 -33.39 -8.92 5.83
CA PRO A 122 -33.12 -9.86 4.71
C PRO A 122 -33.79 -9.48 3.41
N VAL A 123 -35.02 -8.96 3.47
CA VAL A 123 -35.75 -8.53 2.28
C VAL A 123 -35.69 -7.01 2.24
N SER A 124 -34.80 -6.47 1.41
CA SER A 124 -34.63 -5.03 1.28
C SER A 124 -34.06 -4.73 -0.10
N SER A 125 -34.07 -3.45 -0.46
CA SER A 125 -33.57 -3.01 -1.75
C SER A 125 -32.04 -2.87 -1.71
N PHE A 126 -31.45 -2.73 -2.89
CA PHE A 126 -30.01 -2.63 -3.01
C PHE A 126 -29.56 -1.18 -2.81
N ARG A 127 -28.45 -1.02 -2.10
CA ARG A 127 -27.86 0.29 -1.87
C ARG A 127 -26.35 0.16 -1.81
N TYR A 128 -25.66 1.21 -2.26
CA TYR A 128 -24.21 1.23 -2.23
C TYR A 128 -23.71 1.41 -0.80
N TRP A 129 -22.53 0.87 -0.52
CA TRP A 129 -21.89 1.07 0.77
C TRP A 129 -21.39 2.51 0.86
N LYS A 130 -21.93 3.27 1.82
CA LYS A 130 -21.58 4.67 1.96
C LYS A 130 -20.25 4.81 2.70
N ILE A 131 -19.81 6.06 2.86
CA ILE A 131 -18.56 6.33 3.58
C ILE A 131 -18.76 6.17 5.08
N ARG A 132 -19.88 6.69 5.61
CA ARG A 132 -20.16 6.53 7.04
C ARG A 132 -20.46 5.09 7.41
N ASP A 133 -20.87 4.26 6.44
CA ASP A 133 -20.98 2.83 6.70
C ASP A 133 -19.60 2.20 6.92
N TYR A 134 -18.61 2.65 6.15
CA TYR A 134 -17.25 2.15 6.34
C TYR A 134 -16.63 2.69 7.63
N ALA A 135 -16.90 3.96 7.94
CA ALA A 135 -16.27 4.57 9.11
C ALA A 135 -16.88 4.06 10.41
N TYR A 136 -18.16 3.69 10.40
CA TYR A 136 -18.77 3.16 11.62
C TYR A 136 -18.29 1.74 11.90
N ALA A 137 -18.17 0.92 10.86
CA ALA A 137 -17.63 -0.43 11.03
C ALA A 137 -16.17 -0.43 11.46
N TYR A 138 -15.44 0.65 11.19
CA TYR A 138 -14.06 0.76 11.64
C TYR A 138 -13.99 1.12 13.12
N ARG A 139 -14.86 2.03 13.58
CA ARG A 139 -14.82 2.48 14.96
C ARG A 139 -15.44 1.46 15.92
N SER A 140 -16.52 0.79 15.49
CA SER A 140 -17.17 -0.24 16.29
C SER A 140 -16.52 -1.60 16.14
N LYS A 141 -15.23 -1.63 15.78
CA LYS A 141 -14.42 -2.83 15.58
C LYS A 141 -15.14 -3.96 14.83
N LEU A 142 -16.15 -3.60 14.02
CA LEU A 142 -16.80 -4.60 13.19
C LEU A 142 -15.85 -5.14 12.13
N THR A 143 -15.09 -4.27 11.48
CA THR A 143 -14.07 -4.68 10.53
C THR A 143 -12.91 -3.70 10.62
N THR A 144 -11.77 -4.12 10.09
CA THR A 144 -10.57 -3.32 10.11
C THR A 144 -10.15 -2.94 8.69
N PRO A 145 -9.55 -1.76 8.50
CA PRO A 145 -9.10 -1.38 7.16
C PRO A 145 -8.10 -2.34 6.56
N LEU A 146 -7.39 -3.11 7.37
CA LEU A 146 -6.46 -4.11 6.84
C LEU A 146 -7.23 -5.25 6.17
N GLN A 147 -8.38 -5.64 6.72
CA GLN A 147 -9.17 -6.71 6.12
C GLN A 147 -9.89 -6.22 4.87
N VAL A 148 -10.34 -4.96 4.87
CA VAL A 148 -10.99 -4.42 3.67
C VAL A 148 -10.00 -4.32 2.53
N ALA A 149 -8.72 -4.05 2.83
CA ALA A 149 -7.72 -3.99 1.78
C ALA A 149 -7.43 -5.38 1.21
N LYS A 150 -7.33 -6.38 2.07
CA LYS A 150 -7.07 -7.73 1.60
C LYS A 150 -8.22 -8.26 0.75
N ARG A 151 -9.46 -7.88 1.08
CA ARG A 151 -10.59 -8.31 0.26
C ARG A 151 -10.62 -7.60 -1.08
N ILE A 152 -10.15 -6.35 -1.13
CA ILE A 152 -10.10 -5.62 -2.40
C ILE A 152 -9.00 -6.19 -3.28
N ILE A 153 -7.80 -6.35 -2.73
CA ILE A 153 -6.68 -6.89 -3.50
C ILE A 153 -6.99 -8.28 -4.03
N SER A 154 -7.73 -9.07 -3.26
CA SER A 154 -8.14 -10.39 -3.72
C SER A 154 -9.03 -10.29 -4.95
N ILE A 155 -9.89 -9.27 -5.00
CA ILE A 155 -10.75 -9.09 -6.17
C ILE A 155 -9.93 -8.62 -7.37
N ILE A 156 -8.93 -7.77 -7.13
CA ILE A 156 -8.12 -7.24 -8.23
C ILE A 156 -7.23 -8.34 -8.81
N GLU A 157 -6.68 -9.20 -7.96
CA GLU A 157 -5.78 -10.25 -8.43
C GLU A 157 -6.53 -11.49 -8.93
N GLU A 158 -7.85 -11.55 -8.75
CA GLU A 158 -8.63 -12.68 -9.25
C GLU A 158 -9.22 -12.40 -10.62
N PHE A 159 -9.92 -11.29 -10.78
CA PHE A 159 -10.52 -10.91 -12.05
C PHE A 159 -9.56 -10.14 -12.95
N GLY A 160 -8.33 -9.87 -12.48
CA GLY A 160 -7.36 -9.16 -13.28
C GLY A 160 -7.71 -7.71 -13.54
N TYR A 161 -8.24 -7.02 -12.53
CA TYR A 161 -8.63 -5.62 -12.70
C TYR A 161 -7.43 -4.68 -12.76
N ASP A 162 -6.23 -5.16 -12.44
CA ASP A 162 -5.00 -4.40 -12.65
C ASP A 162 -4.20 -4.93 -13.83
N LYS A 163 -4.78 -5.81 -14.63
CA LYS A 163 -4.11 -6.48 -15.73
C LYS A 163 -4.88 -6.29 -17.02
N PRO A 164 -4.20 -6.29 -18.15
CA PRO A 164 -4.91 -6.17 -19.44
C PRO A 164 -5.67 -7.44 -19.75
N PRO A 165 -6.65 -7.39 -20.67
CA PRO A 165 -7.09 -6.22 -21.42
C PRO A 165 -8.36 -5.58 -20.88
N THR A 166 -8.70 -5.85 -19.62
CA THR A 166 -9.86 -5.25 -18.96
C THR A 166 -9.43 -4.71 -17.60
N PRO A 167 -8.59 -3.67 -17.58
CA PRO A 167 -8.06 -3.19 -16.30
C PRO A 167 -8.78 -1.96 -15.76
N PHE A 168 -9.26 -2.04 -14.53
CA PHE A 168 -9.75 -0.84 -13.86
C PHE A 168 -8.60 0.07 -13.47
N LEU A 169 -7.42 -0.49 -13.22
CA LEU A 169 -6.24 0.27 -12.84
C LEU A 169 -5.09 -0.13 -13.77
N ILE A 170 -4.22 0.84 -14.07
CA ILE A 170 -3.03 0.59 -14.85
C ILE A 170 -1.75 0.68 -14.03
N ARG A 171 -1.82 1.11 -12.77
CA ARG A 171 -0.69 1.09 -11.85
C ARG A 171 -1.20 0.69 -10.48
N PHE A 172 -0.72 -0.44 -9.97
CA PHE A 172 -1.19 -0.97 -8.69
C PHE A 172 -0.02 -1.59 -7.95
N ASP A 173 0.06 -1.29 -6.64
CA ASP A 173 1.09 -1.85 -5.78
C ASP A 173 0.40 -2.47 -4.57
N ALA A 174 0.35 -3.81 -4.53
CA ALA A 174 -0.37 -4.49 -3.45
C ALA A 174 0.31 -4.28 -2.11
N ASN A 175 1.65 -4.27 -2.09
CA ASN A 175 2.36 -4.07 -0.83
C ASN A 175 2.18 -2.64 -0.31
N GLU A 176 1.96 -1.68 -1.21
CA GLU A 176 1.72 -0.31 -0.76
C GLU A 176 0.32 -0.15 -0.18
N VAL A 177 -0.67 -0.84 -0.76
CA VAL A 177 -2.03 -0.77 -0.24
C VAL A 177 -2.12 -1.42 1.13
N ILE A 178 -1.43 -2.55 1.32
CA ILE A 178 -1.41 -3.19 2.63
C ILE A 178 -0.67 -2.33 3.64
N LYS A 179 0.39 -1.64 3.21
CA LYS A 179 1.14 -0.79 4.12
C LYS A 179 0.31 0.41 4.56
N GLN A 180 -0.50 0.96 3.65
CA GLN A 180 -1.35 2.09 4.01
C GLN A 180 -2.51 1.65 4.90
N ALA A 181 -3.05 0.46 4.64
CA ALA A 181 -4.11 -0.05 5.50
C ALA A 181 -3.57 -0.48 6.86
N GLU A 182 -2.29 -0.86 6.93
CA GLU A 182 -1.70 -1.21 8.22
C GLU A 182 -1.57 0.02 9.12
N ALA A 183 -1.16 1.16 8.55
CA ALA A 183 -1.04 2.38 9.34
C ALA A 183 -2.41 2.89 9.77
N SER A 184 -3.42 2.74 8.92
CA SER A 184 -4.76 3.15 9.31
C SER A 184 -5.36 2.22 10.35
N THR A 185 -4.96 0.94 10.32
CA THR A 185 -5.48 -0.01 11.31
C THR A 185 -4.99 0.33 12.72
N ARG A 186 -3.71 0.65 12.85
CA ARG A 186 -3.16 0.99 14.17
C ARG A 186 -3.82 2.25 14.72
N ARG A 187 -4.28 3.15 13.86
CA ARG A 187 -4.95 4.36 14.34
C ARG A 187 -6.32 4.04 14.91
N PHE A 188 -6.97 2.98 14.44
CA PHE A 188 -8.24 2.57 15.02
C PHE A 188 -8.07 1.70 16.25
N GLU A 189 -6.99 0.91 16.30
CA GLU A 189 -6.72 0.08 17.47
C GLU A 189 -6.32 0.92 18.68
N GLN A 190 -5.59 2.00 18.43
CA GLN A 190 -5.22 2.92 19.52
C GLN A 190 -6.33 3.90 19.86
N GLY A 191 -7.36 4.00 19.03
CA GLY A 191 -8.53 4.79 19.36
C GLY A 191 -8.49 6.24 18.94
N ASN A 192 -7.69 6.60 17.94
CA ASN A 192 -7.59 7.98 17.47
C ASN A 192 -7.47 8.01 15.95
N PRO A 193 -8.60 7.92 15.25
CA PRO A 193 -8.57 8.08 13.79
C PRO A 193 -8.42 9.54 13.41
N ILE A 194 -7.81 9.76 12.24
CA ILE A 194 -7.52 11.12 11.80
C ILE A 194 -8.81 11.89 11.55
N SER A 195 -9.69 11.33 10.75
CA SER A 195 -10.96 11.99 10.42
C SER A 195 -11.96 10.92 9.99
N VAL A 196 -13.04 11.34 9.34
CA VAL A 196 -14.04 10.41 8.86
C VAL A 196 -13.55 9.64 7.64
N LEU A 197 -12.49 10.10 7.00
CA LEU A 197 -11.94 9.45 5.82
C LEU A 197 -10.87 8.42 6.14
N ASP A 198 -10.53 8.23 7.41
CA ASP A 198 -9.48 7.30 7.79
C ASP A 198 -9.89 5.88 7.45
N GLY A 199 -9.09 5.20 6.65
CA GLY A 199 -9.36 3.84 6.24
C GLY A 199 -10.20 3.69 5.00
N ILE A 200 -10.47 4.77 4.28
CA ILE A 200 -11.32 4.75 3.09
C ILE A 200 -10.44 4.74 1.85
N PHE A 201 -10.69 3.80 0.96
CA PHE A 201 -9.91 3.66 -0.27
C PHE A 201 -10.47 4.59 -1.34
N VAL A 202 -9.57 5.32 -2.00
CA VAL A 202 -9.93 6.26 -3.05
C VAL A 202 -8.98 6.06 -4.22
N THR A 203 -9.53 5.92 -5.42
CA THR A 203 -8.73 5.75 -6.63
C THR A 203 -8.41 7.11 -7.25
N ILE A 204 -7.19 7.23 -7.76
CA ILE A 204 -6.71 8.48 -8.36
C ILE A 204 -6.49 8.23 -9.85
N LYS A 205 -6.92 9.19 -10.67
CA LYS A 205 -6.79 9.06 -12.12
C LYS A 205 -5.32 9.16 -12.53
N ASP A 206 -4.99 8.54 -13.66
CA ASP A 206 -3.60 8.47 -14.09
C ASP A 206 -3.06 9.79 -14.63
N ASP A 207 -3.88 10.85 -14.71
CA ASP A 207 -3.39 12.17 -15.07
C ASP A 207 -3.13 13.05 -13.85
N ILE A 208 -3.18 12.47 -12.65
CA ILE A 208 -2.91 13.18 -11.41
C ILE A 208 -1.76 12.47 -10.70
N ASP A 209 -0.86 13.25 -10.11
CA ASP A 209 0.32 12.68 -9.46
C ASP A 209 -0.08 12.04 -8.12
N CYS A 210 0.41 10.82 -7.89
CA CYS A 210 0.13 10.10 -6.65
C CYS A 210 1.29 9.17 -6.37
N LEU A 211 2.00 9.41 -5.27
CA LEU A 211 3.14 8.58 -4.90
C LEU A 211 2.66 7.23 -4.39
N PRO A 212 3.46 6.17 -4.60
CA PRO A 212 4.73 6.17 -5.31
C PRO A 212 4.60 5.88 -6.81
N HIS A 213 3.37 5.84 -7.30
CA HIS A 213 3.13 5.50 -8.70
C HIS A 213 3.51 6.67 -9.62
N PRO A 214 3.97 6.37 -10.82
CA PRO A 214 4.26 7.44 -11.79
C PRO A 214 2.98 7.89 -12.50
N THR A 215 3.10 9.04 -13.16
CA THR A 215 1.99 9.64 -13.90
C THR A 215 2.24 9.43 -15.38
N ASN A 216 1.40 8.61 -16.01
CA ASN A 216 1.51 8.31 -17.44
C ASN A 216 0.36 8.86 -18.27
N GLY A 217 -0.83 9.00 -17.70
CA GLY A 217 -1.95 9.56 -18.42
C GLY A 217 -2.47 8.73 -19.56
N GLY A 218 -2.21 7.42 -19.56
CA GLY A 218 -2.67 6.53 -20.60
C GLY A 218 -1.61 6.10 -21.59
N THR A 219 -0.44 6.71 -21.56
CA THR A 219 0.67 6.34 -22.44
C THR A 219 1.64 5.44 -21.71
N THR A 220 2.48 4.75 -22.49
CA THR A 220 3.52 3.88 -21.96
C THR A 220 4.90 4.53 -22.00
N TRP A 221 4.96 5.86 -22.07
CA TRP A 221 6.24 6.56 -22.20
C TRP A 221 6.31 7.87 -21.45
N LEU A 222 5.21 8.38 -20.89
CA LEU A 222 5.25 9.68 -20.23
C LEU A 222 6.15 9.66 -18.99
N HIS A 223 6.27 8.50 -18.33
CA HIS A 223 7.12 8.39 -17.16
C HIS A 223 8.60 8.51 -17.51
N GLU A 224 8.97 8.28 -18.77
CA GLU A 224 10.35 8.49 -19.18
C GLU A 224 10.70 9.97 -19.23
N ASP A 225 9.74 10.82 -19.60
CA ASP A 225 9.98 12.25 -19.74
C ASP A 225 9.40 13.09 -18.62
N ARG A 226 8.49 12.54 -17.82
CA ARG A 226 7.84 13.27 -16.73
C ARG A 226 7.90 12.41 -15.48
N SER A 227 8.69 12.84 -14.50
CA SER A 227 8.84 12.12 -13.23
C SER A 227 8.05 12.82 -12.13
N VAL A 228 7.66 12.04 -11.13
CA VAL A 228 6.88 12.52 -10.00
C VAL A 228 7.68 12.34 -8.72
N GLU A 229 7.72 13.38 -7.90
CA GLU A 229 8.40 13.34 -6.61
C GLU A 229 7.54 13.83 -5.44
N LYS A 230 6.50 14.62 -5.69
CA LYS A 230 5.60 15.09 -4.65
C LYS A 230 4.17 14.69 -5.00
N ASP A 231 3.37 14.43 -3.96
CA ASP A 231 1.96 14.19 -4.17
C ASP A 231 1.29 15.46 -4.68
N SER A 232 0.21 15.28 -5.45
CA SER A 232 -0.53 16.41 -5.96
C SER A 232 -1.26 17.13 -4.81
N ALA A 233 -1.86 18.27 -5.14
CA ALA A 233 -2.58 19.04 -4.14
C ALA A 233 -3.81 18.29 -3.63
N VAL A 234 -4.42 17.46 -4.47
CA VAL A 234 -5.59 16.71 -4.03
C VAL A 234 -5.19 15.44 -3.29
N VAL A 235 -4.07 14.82 -3.67
CA VAL A 235 -3.64 13.60 -2.99
C VAL A 235 -3.07 13.93 -1.61
N SER A 236 -2.33 15.03 -1.51
CA SER A 236 -1.77 15.41 -0.21
C SER A 236 -2.88 15.77 0.78
N LYS A 237 -4.04 16.21 0.30
CA LYS A 237 -5.16 16.48 1.19
C LYS A 237 -5.88 15.20 1.60
N LEU A 238 -6.10 14.29 0.66
CA LEU A 238 -6.75 13.03 0.99
C LEU A 238 -5.85 12.16 1.86
N ARG A 239 -4.54 12.14 1.58
CA ARG A 239 -3.63 11.36 2.41
C ARG A 239 -3.50 11.95 3.80
N SER A 240 -3.74 13.25 3.96
CA SER A 240 -3.69 13.85 5.29
C SER A 240 -4.91 13.45 6.12
N CYS A 241 -6.04 13.16 5.47
CA CYS A 241 -7.24 12.75 6.18
C CYS A 241 -7.23 11.29 6.58
N GLY A 242 -6.20 10.53 6.21
CA GLY A 242 -6.13 9.13 6.52
C GLY A 242 -6.66 8.20 5.45
N ALA A 243 -7.01 8.72 4.27
CA ALA A 243 -7.49 7.89 3.19
C ALA A 243 -6.38 7.00 2.66
N ILE A 244 -6.79 5.93 1.97
CA ILE A 244 -5.87 4.94 1.42
C ILE A 244 -5.92 5.06 -0.10
N LEU A 245 -4.85 5.58 -0.69
CA LEU A 245 -4.77 5.72 -2.13
C LEU A 245 -4.56 4.34 -2.75
N LEU A 246 -5.56 3.86 -3.50
CA LEU A 246 -5.49 2.51 -4.05
C LEU A 246 -4.47 2.45 -5.19
N GLY A 247 -4.66 3.24 -6.23
CA GLY A 247 -3.74 3.23 -7.35
C GLY A 247 -4.20 4.14 -8.45
N LYS A 248 -3.55 4.01 -9.61
CA LYS A 248 -3.84 4.84 -10.77
C LYS A 248 -4.88 4.17 -11.65
N ALA A 249 -5.95 4.91 -11.97
CA ALA A 249 -7.07 4.36 -12.73
C ALA A 249 -6.85 4.51 -14.23
N ASN A 250 -7.41 3.56 -14.98
CA ASN A 250 -7.34 3.60 -16.43
C ASN A 250 -8.10 4.82 -16.95
N MET A 251 -7.67 5.32 -18.12
CA MET A 251 -8.24 6.53 -18.67
C MET A 251 -8.00 6.56 -20.17
N HIS A 252 -8.78 7.40 -20.85
CA HIS A 252 -8.50 7.67 -22.26
C HIS A 252 -7.15 8.37 -22.38
N GLU A 253 -6.42 8.04 -23.43
CA GLU A 253 -5.01 8.44 -23.52
C GLU A 253 -4.87 9.96 -23.50
N LEU A 254 -4.15 10.46 -22.50
CA LEU A 254 -3.84 11.89 -22.36
C LEU A 254 -5.10 12.74 -22.26
N GLY A 255 -6.17 12.18 -21.71
CA GLY A 255 -7.40 12.92 -21.49
C GLY A 255 -8.08 13.42 -22.76
N MET A 256 -7.74 12.86 -23.91
CA MET A 256 -8.29 13.29 -25.19
C MET A 256 -9.28 12.22 -25.67
N GLY A 257 -10.51 12.32 -25.20
CA GLY A 257 -11.54 11.38 -25.58
C GLY A 257 -12.73 11.49 -24.66
N THR A 258 -13.80 10.80 -25.07
CA THR A 258 -15.04 10.81 -24.30
C THR A 258 -15.71 9.44 -24.23
N THR A 259 -14.99 8.38 -24.59
CA THR A 259 -15.54 7.02 -24.54
C THR A 259 -14.84 6.13 -23.53
N GLY A 260 -13.53 6.25 -23.40
CA GLY A 260 -12.75 5.35 -22.55
C GLY A 260 -11.90 4.36 -23.31
N ASN A 261 -11.84 4.45 -24.63
CA ASN A 261 -11.03 3.53 -25.42
C ASN A 261 -9.55 3.76 -25.14
N ASN A 262 -8.82 2.69 -24.85
CA ASN A 262 -7.38 2.76 -24.61
C ASN A 262 -6.75 1.51 -25.26
N SER A 263 -6.30 1.67 -26.49
CA SER A 263 -5.64 0.60 -27.23
C SER A 263 -4.16 0.43 -26.84
N ASN A 264 -3.78 0.90 -25.67
CA ASN A 264 -2.39 0.83 -25.20
C ASN A 264 -2.27 -0.01 -23.93
N TYR A 265 -3.05 0.29 -22.90
CA TYR A 265 -3.13 -0.53 -21.70
C TYR A 265 -4.33 -1.46 -21.70
N GLY A 266 -5.49 -0.99 -22.17
CA GLY A 266 -6.69 -1.79 -22.20
C GLY A 266 -7.94 -0.97 -21.93
N THR A 267 -8.99 -1.20 -22.72
CA THR A 267 -10.24 -0.48 -22.55
C THR A 267 -11.01 -1.04 -21.36
N THR A 268 -11.66 -0.13 -20.61
CA THR A 268 -12.39 -0.48 -19.41
C THR A 268 -13.87 -0.70 -19.74
N ARG A 269 -14.43 -1.79 -19.24
CA ARG A 269 -15.82 -2.16 -19.50
C ARG A 269 -16.75 -1.56 -18.46
N ASN A 270 -18.01 -1.40 -18.86
CA ASN A 270 -19.02 -0.80 -17.98
C ASN A 270 -19.53 -1.85 -17.00
N PRO A 271 -19.59 -1.54 -15.70
CA PRO A 271 -20.10 -2.52 -14.73
C PRO A 271 -21.54 -2.93 -14.98
N HIS A 272 -22.37 -2.05 -15.52
CA HIS A 272 -23.75 -2.40 -15.80
C HIS A 272 -23.90 -3.25 -17.07
N ASP A 273 -22.93 -3.17 -17.98
CA ASP A 273 -22.92 -3.99 -19.19
C ASP A 273 -21.50 -4.03 -19.74
N PRO A 274 -20.76 -5.12 -19.48
CA PRO A 274 -19.34 -5.14 -19.90
C PRO A 274 -19.12 -5.01 -21.40
N LYS A 275 -20.15 -5.21 -22.22
CA LYS A 275 -20.00 -5.03 -23.66
C LYS A 275 -20.12 -3.58 -24.09
N ARG A 276 -20.28 -2.65 -23.16
CA ARG A 276 -20.48 -1.24 -23.47
C ARG A 276 -19.37 -0.40 -22.86
N TYR A 277 -19.33 0.87 -23.26
CA TYR A 277 -18.31 1.80 -22.81
C TYR A 277 -18.62 2.30 -21.40
N THR A 278 -17.59 2.82 -20.75
CA THR A 278 -17.73 3.46 -19.45
C THR A 278 -17.94 4.96 -19.56
N GLY A 279 -17.44 5.58 -20.62
CA GLY A 279 -17.43 7.02 -20.74
C GLY A 279 -16.06 7.59 -20.46
N GLY A 280 -15.61 8.53 -21.28
CA GLY A 280 -14.30 9.12 -21.13
C GLY A 280 -14.34 10.52 -20.53
N SER A 281 -13.17 10.98 -20.11
CA SER A 281 -11.94 10.21 -20.23
C SER A 281 -11.62 9.47 -18.94
N SER A 282 -12.39 9.73 -17.89
CA SER A 282 -12.22 9.05 -16.60
C SER A 282 -12.96 7.71 -16.63
N SER A 283 -12.44 6.81 -17.47
CA SER A 283 -13.09 5.51 -17.66
C SER A 283 -12.94 4.63 -16.42
N GLY A 284 -11.70 4.34 -16.03
CA GLY A 284 -11.47 3.47 -14.89
C GLY A 284 -11.89 4.09 -13.58
N SER A 285 -11.83 5.41 -13.47
CA SER A 285 -12.19 6.08 -12.22
C SER A 285 -13.69 6.01 -11.94
N ALA A 286 -14.51 5.81 -12.97
CA ALA A 286 -15.94 5.72 -12.78
C ALA A 286 -16.45 4.29 -12.64
N ALA A 287 -15.77 3.34 -13.28
CA ALA A 287 -16.23 1.95 -13.21
C ALA A 287 -15.88 1.33 -11.87
N ILE A 288 -14.70 1.64 -11.32
CA ILE A 288 -14.29 1.06 -10.05
C ILE A 288 -15.15 1.56 -8.90
N VAL A 289 -15.80 2.73 -9.06
CA VAL A 289 -16.72 3.20 -8.03
C VAL A 289 -18.10 2.59 -8.23
N ALA A 290 -18.54 2.46 -9.47
CA ALA A 290 -19.83 1.83 -9.74
C ALA A 290 -19.81 0.36 -9.39
N ALA A 291 -18.65 -0.28 -9.43
CA ALA A 291 -18.51 -1.68 -9.04
C ALA A 291 -18.48 -1.87 -7.53
N GLY A 292 -18.41 -0.79 -6.76
CA GLY A 292 -18.37 -0.88 -5.31
C GLY A 292 -17.01 -1.17 -4.71
N LEU A 293 -15.98 -1.36 -5.53
CA LEU A 293 -14.66 -1.73 -5.02
C LEU A 293 -14.05 -0.67 -4.13
N CYS A 294 -14.55 0.57 -4.18
CA CYS A 294 -14.03 1.64 -3.34
C CYS A 294 -15.15 2.65 -3.09
N SER A 295 -14.90 3.56 -2.15
CA SER A 295 -15.90 4.56 -1.80
C SER A 295 -16.04 5.61 -2.89
N ALA A 296 -14.97 6.35 -3.17
CA ALA A 296 -15.01 7.41 -4.17
C ALA A 296 -13.68 7.42 -4.93
N ALA A 297 -13.64 8.25 -5.97
CA ALA A 297 -12.45 8.38 -6.79
C ALA A 297 -12.41 9.78 -7.39
N LEU A 298 -11.21 10.20 -7.77
CA LEU A 298 -10.99 11.52 -8.34
C LEU A 298 -10.73 11.41 -9.84
N GLY A 299 -11.13 12.45 -10.57
CA GLY A 299 -10.93 12.48 -12.01
C GLY A 299 -10.92 13.89 -12.52
N THR A 300 -10.22 14.11 -13.63
CA THR A 300 -10.13 15.42 -14.25
C THR A 300 -11.28 15.61 -15.24
N ASP A 301 -11.86 16.80 -15.23
CA ASP A 301 -12.98 17.14 -16.11
C ASP A 301 -12.51 18.24 -17.06
N GLY A 302 -11.97 17.83 -18.20
CA GLY A 302 -11.58 18.76 -19.23
C GLY A 302 -12.71 19.05 -20.19
N GLY A 303 -13.31 18.00 -20.74
CA GLY A 303 -14.47 18.14 -21.59
C GLY A 303 -15.57 17.18 -21.20
N GLY A 304 -16.14 17.39 -20.02
CA GLY A 304 -17.12 16.47 -19.49
C GLY A 304 -16.56 15.11 -19.12
N ALA A 305 -15.26 15.04 -18.85
CA ALA A 305 -14.60 13.76 -18.58
C ALA A 305 -14.97 13.18 -17.22
N VAL A 306 -15.72 13.90 -16.40
CA VAL A 306 -16.16 13.41 -15.11
C VAL A 306 -17.66 13.16 -15.09
N ARG A 307 -18.45 14.06 -15.68
CA ARG A 307 -19.90 13.91 -15.66
C ARG A 307 -20.38 12.86 -16.65
N ILE A 308 -19.72 12.74 -17.81
CA ILE A 308 -20.14 11.75 -18.80
C ILE A 308 -19.99 10.33 -18.28
N PRO A 309 -18.83 9.89 -17.79
CA PRO A 309 -18.74 8.50 -17.27
C PRO A 309 -19.55 8.27 -16.02
N SER A 310 -19.81 9.31 -15.22
CA SER A 310 -20.64 9.14 -14.03
C SER A 310 -22.09 8.90 -14.41
N ALA A 311 -22.56 9.51 -15.50
CA ALA A 311 -23.94 9.28 -15.93
C ALA A 311 -24.12 7.93 -16.59
N LEU A 312 -23.13 7.50 -17.40
CA LEU A 312 -23.24 6.23 -18.09
C LEU A 312 -23.04 5.04 -17.16
N CYS A 313 -22.46 5.26 -15.98
CA CYS A 313 -22.25 4.18 -15.01
C CYS A 313 -23.20 4.25 -13.82
N GLY A 314 -23.95 5.34 -13.66
CA GLY A 314 -24.91 5.41 -12.58
C GLY A 314 -24.35 5.86 -11.25
N ILE A 315 -23.36 6.74 -11.25
CA ILE A 315 -22.77 7.27 -10.04
C ILE A 315 -22.80 8.79 -10.10
N THR A 316 -22.40 9.42 -8.99
CA THR A 316 -22.43 10.87 -8.87
C THR A 316 -21.06 11.44 -9.23
N GLY A 317 -21.04 12.34 -10.22
CA GLY A 317 -19.82 13.03 -10.59
C GLY A 317 -19.96 14.53 -10.50
N LEU A 318 -19.09 15.17 -9.71
CA LEU A 318 -19.18 16.59 -9.43
C LEU A 318 -18.09 17.34 -10.19
N LYS A 319 -18.49 18.33 -10.98
CA LYS A 319 -17.57 19.22 -11.69
C LYS A 319 -17.58 20.55 -10.95
N THR A 320 -16.50 20.85 -10.23
CA THR A 320 -16.43 22.05 -9.42
C THR A 320 -16.14 23.28 -10.28
N THR A 321 -16.28 24.44 -9.67
CA THR A 321 -15.98 25.71 -10.34
C THR A 321 -14.51 25.79 -10.69
N TYR A 322 -14.19 26.56 -11.73
CA TYR A 322 -12.81 26.69 -12.19
C TYR A 322 -11.95 27.34 -11.11
N GLY A 323 -10.94 26.61 -10.66
CA GLY A 323 -10.04 27.09 -9.63
C GLY A 323 -10.44 26.73 -8.22
N ARG A 324 -11.61 26.14 -8.01
CA ARG A 324 -12.05 25.79 -6.67
C ARG A 324 -11.14 24.73 -6.05
N THR A 325 -10.74 23.75 -6.83
CA THR A 325 -9.87 22.67 -6.38
C THR A 325 -8.50 22.85 -7.01
N ASP A 326 -7.46 22.90 -6.18
CA ASP A 326 -6.11 23.14 -6.68
C ASP A 326 -5.69 22.01 -7.62
N MET A 327 -5.26 22.37 -8.82
CA MET A 327 -4.89 21.42 -9.85
C MET A 327 -3.40 21.14 -9.89
N THR A 328 -2.63 21.67 -8.93
CA THR A 328 -1.19 21.49 -8.95
C THR A 328 -0.83 20.02 -8.84
N GLY A 329 0.08 19.57 -9.70
CA GLY A 329 0.50 18.19 -9.71
C GLY A 329 -0.37 17.29 -10.57
N SER A 330 -0.79 17.80 -11.72
CA SER A 330 -1.61 17.04 -12.65
C SER A 330 -1.13 17.31 -14.07
N LEU A 331 -1.68 16.54 -15.01
CA LEU A 331 -1.30 16.70 -16.41
C LEU A 331 -1.97 17.89 -17.07
N CYS A 332 -3.08 18.37 -16.54
CA CYS A 332 -3.86 19.44 -17.16
C CYS A 332 -3.75 20.76 -16.40
N GLU A 333 -2.72 20.93 -15.57
CA GLU A 333 -2.53 22.19 -14.88
C GLU A 333 -2.18 23.29 -15.88
N GLY A 334 -2.65 24.49 -15.59
CA GLY A 334 -2.47 25.63 -16.47
C GLY A 334 -3.55 25.80 -17.51
N GLY A 335 -4.38 24.79 -17.74
CA GLY A 335 -5.48 24.92 -18.66
C GLY A 335 -6.55 25.87 -18.16
N THR A 336 -7.50 26.16 -19.06
CA THR A 336 -8.57 27.10 -18.76
C THR A 336 -9.95 26.44 -18.72
N VAL A 337 -10.03 25.12 -18.86
CA VAL A 337 -11.32 24.43 -18.88
C VAL A 337 -11.30 23.24 -17.93
N GLU A 338 -10.12 22.83 -17.49
CA GLU A 338 -9.98 21.62 -16.70
C GLU A 338 -10.12 21.90 -15.21
N ILE A 339 -10.71 20.93 -14.50
CA ILE A 339 -10.83 20.94 -13.05
C ILE A 339 -10.53 19.52 -12.55
N ILE A 340 -10.63 19.35 -11.23
CA ILE A 340 -10.46 18.05 -10.59
C ILE A 340 -11.65 17.84 -9.66
N GLY A 341 -12.55 16.93 -10.06
CA GLY A 341 -13.75 16.67 -9.28
C GLY A 341 -13.82 15.23 -8.80
N PRO A 342 -14.61 14.99 -7.75
CA PRO A 342 -14.73 13.64 -7.21
C PRO A 342 -15.87 12.85 -7.85
N LEU A 343 -15.63 11.56 -8.01
CA LEU A 343 -16.64 10.60 -8.45
C LEU A 343 -16.94 9.64 -7.30
N ALA A 344 -18.21 9.54 -6.93
CA ALA A 344 -18.60 8.72 -5.79
C ALA A 344 -19.88 7.96 -6.11
N SER A 345 -20.15 6.94 -5.30
CA SER A 345 -21.34 6.11 -5.48
C SER A 345 -22.61 6.84 -5.04
N SER A 346 -22.52 7.64 -3.97
CA SER A 346 -23.64 8.43 -3.51
C SER A 346 -23.23 9.88 -3.36
N LEU A 347 -24.12 10.72 -2.81
CA LEU A 347 -23.80 12.13 -2.65
C LEU A 347 -23.06 12.42 -1.35
N GLU A 348 -23.30 11.65 -0.30
CA GLU A 348 -22.54 11.81 0.94
C GLU A 348 -21.05 11.63 0.68
N ASP A 349 -20.69 10.59 -0.09
CA ASP A 349 -19.28 10.34 -0.38
C ASP A 349 -18.69 11.43 -1.26
N ALA A 350 -19.45 11.91 -2.24
CA ALA A 350 -18.98 13.00 -3.08
C ALA A 350 -18.86 14.30 -2.31
N PHE A 351 -19.79 14.52 -1.37
CA PHE A 351 -19.72 15.70 -0.51
C PHE A 351 -18.50 15.64 0.41
N LEU A 352 -18.31 14.52 1.10
CA LEU A 352 -17.21 14.42 2.06
C LEU A 352 -15.85 14.51 1.36
N VAL A 353 -15.71 13.89 0.19
CA VAL A 353 -14.46 13.99 -0.55
C VAL A 353 -14.25 15.42 -1.04
N TYR A 354 -15.32 16.07 -1.51
CA TYR A 354 -15.22 17.46 -1.93
C TYR A 354 -14.75 18.36 -0.80
N ALA A 355 -15.27 18.11 0.41
CA ALA A 355 -14.87 18.91 1.58
C ALA A 355 -13.40 18.74 1.92
N ALA A 356 -12.77 17.66 1.46
CA ALA A 356 -11.38 17.39 1.82
C ALA A 356 -10.40 17.93 0.79
N ILE A 357 -10.77 17.99 -0.48
CA ILE A 357 -9.86 18.40 -1.54
C ILE A 357 -10.14 19.80 -2.04
N LEU A 358 -11.18 20.44 -1.53
CA LEU A 358 -11.53 21.79 -1.93
C LEU A 358 -10.52 22.79 -1.40
N GLY A 359 -9.77 23.42 -2.30
CA GLY A 359 -8.78 24.40 -1.92
C GLY A 359 -8.31 24.99 -3.24
N SER A 360 -8.29 26.32 -3.32
CA SER A 360 -7.69 27.02 -4.44
C SER A 360 -6.19 27.20 -4.24
N SER A 361 -5.47 27.34 -5.35
CA SER A 361 -4.02 27.51 -5.31
C SER A 361 -3.68 28.96 -4.95
N SER A 362 -2.41 29.18 -4.61
CA SER A 362 -1.95 30.52 -4.28
C SER A 362 -2.06 31.46 -5.48
N ALA A 363 -1.90 30.91 -6.69
CA ALA A 363 -2.01 31.73 -7.89
C ALA A 363 -3.46 32.02 -8.25
N ASP A 364 -4.30 30.98 -8.30
CA ASP A 364 -5.69 31.17 -8.66
C ASP A 364 -6.47 31.96 -7.62
N ARG A 365 -5.96 32.05 -6.39
CA ARG A 365 -6.65 32.84 -5.36
C ARG A 365 -6.61 34.33 -5.70
N TYR A 366 -5.44 34.84 -6.09
CA TYR A 366 -5.31 36.26 -6.41
C TYR A 366 -5.97 36.60 -7.74
N ASN A 367 -6.01 35.65 -8.67
CA ASN A 367 -6.50 35.92 -10.01
C ASN A 367 -8.03 35.79 -10.12
N LEU A 368 -8.57 34.64 -9.71
CA LEU A 368 -10.00 34.40 -9.85
C LEU A 368 -10.82 34.97 -8.71
N LYS A 369 -10.20 35.18 -7.53
CA LYS A 369 -10.85 35.71 -6.34
C LYS A 369 -12.09 34.88 -5.99
N PRO A 370 -11.92 33.66 -5.47
CA PRO A 370 -13.09 32.85 -5.13
C PRO A 370 -13.68 33.22 -3.77
N SER A 371 -14.99 33.11 -3.69
CA SER A 371 -15.68 33.30 -2.42
C SER A 371 -15.37 32.13 -1.49
N PRO A 372 -15.49 32.33 -0.18
CA PRO A 372 -15.20 31.24 0.75
C PRO A 372 -16.09 30.04 0.48
N PRO A 373 -15.57 28.83 0.66
CA PRO A 373 -16.39 27.64 0.38
C PRO A 373 -17.55 27.52 1.34
N CYS A 374 -18.60 26.84 0.88
CA CYS A 374 -19.81 26.65 1.66
C CYS A 374 -20.29 25.21 1.53
N PHE A 375 -20.80 24.66 2.62
CA PHE A 375 -21.37 23.33 2.65
C PHE A 375 -22.89 23.42 2.76
N PRO A 376 -23.63 22.75 1.88
CA PRO A 376 -25.09 22.81 1.97
C PRO A 376 -25.61 22.02 3.16
N LYS A 377 -26.57 22.61 3.86
CA LYS A 377 -27.18 21.94 5.00
C LYS A 377 -28.07 20.81 4.52
N LEU A 378 -27.52 19.60 4.42
CA LEU A 378 -28.28 18.45 3.94
C LEU A 378 -29.36 18.00 4.92
N LEU A 379 -29.41 18.59 6.12
CA LEU A 379 -30.47 18.28 7.06
C LEU A 379 -31.81 18.78 6.52
N SER A 380 -32.80 17.90 6.49
CA SER A 380 -34.12 18.26 5.97
C SER A 380 -34.80 19.28 6.90
N HIS A 381 -34.95 18.92 8.17
CA HIS A 381 -35.50 19.85 9.15
C HIS A 381 -34.56 21.04 9.33
N ASN A 382 -35.13 22.19 9.67
CA ASN A 382 -36.53 22.36 10.04
C ASN A 382 -37.48 22.61 8.85
N GLY A 383 -37.08 23.52 7.95
CA GLY A 383 -37.96 23.97 6.91
C GLY A 383 -37.94 23.14 5.63
N SER A 384 -36.73 22.88 5.11
CA SER A 384 -36.55 22.18 3.83
C SER A 384 -37.22 22.94 2.69
N ASN A 385 -37.13 24.27 2.73
CA ASN A 385 -37.66 25.11 1.67
C ASN A 385 -36.58 25.88 0.92
N ALA A 386 -35.33 25.81 1.36
CA ALA A 386 -34.25 26.51 0.65
C ALA A 386 -34.02 25.92 -0.74
N ILE A 387 -34.26 24.62 -0.91
CA ILE A 387 -34.13 24.01 -2.23
C ILE A 387 -35.40 24.22 -3.06
N GLY A 388 -36.57 24.23 -2.42
CA GLY A 388 -37.83 24.41 -3.12
C GLY A 388 -37.98 25.77 -3.79
N SER A 389 -37.28 26.78 -3.28
CA SER A 389 -37.34 28.13 -3.86
C SER A 389 -36.18 28.32 -4.85
N LEU A 390 -36.27 27.60 -5.95
CA LEU A 390 -35.26 27.64 -7.01
C LEU A 390 -35.94 27.75 -8.36
N ARG A 391 -35.26 28.41 -9.29
CA ARG A 391 -35.72 28.53 -10.68
C ARG A 391 -34.87 27.58 -11.51
N LEU A 392 -35.45 26.44 -11.87
CA LEU A 392 -34.75 25.43 -12.68
C LEU A 392 -34.91 25.79 -14.14
N GLY A 393 -33.93 26.53 -14.66
CA GLY A 393 -33.97 26.92 -16.06
C GLY A 393 -33.61 25.77 -16.98
N LYS A 394 -34.40 25.58 -18.02
CA LYS A 394 -34.16 24.52 -18.98
C LYS A 394 -34.52 24.99 -20.38
N TYR A 395 -33.76 24.51 -21.37
CA TYR A 395 -33.96 24.83 -22.77
C TYR A 395 -34.68 23.65 -23.41
N THR A 396 -35.96 23.85 -23.77
CA THR A 396 -36.75 22.75 -24.32
C THR A 396 -36.12 22.19 -25.59
N LYS A 397 -35.62 23.05 -26.46
CA LYS A 397 -34.97 22.58 -27.68
C LYS A 397 -33.61 21.95 -27.39
N TRP A 398 -32.96 22.38 -26.31
CA TRP A 398 -31.69 21.81 -25.87
C TRP A 398 -31.88 20.81 -24.72
N PHE A 399 -33.05 20.19 -24.65
CA PHE A 399 -33.34 19.16 -23.65
C PHE A 399 -33.74 17.85 -24.26
N ASN A 400 -34.53 17.87 -25.34
CA ASN A 400 -35.02 16.67 -25.99
C ASN A 400 -34.17 16.26 -27.19
N ASP A 401 -33.00 16.87 -27.37
CA ASP A 401 -32.11 16.49 -28.45
C ASP A 401 -31.27 15.29 -28.02
N VAL A 402 -31.94 14.25 -27.53
CA VAL A 402 -31.29 13.02 -27.10
C VAL A 402 -31.53 11.95 -28.15
N SER A 403 -30.54 11.08 -28.33
CA SER A 403 -30.66 10.02 -29.33
C SER A 403 -31.77 9.04 -28.99
N SER A 404 -32.00 8.80 -27.70
CA SER A 404 -33.06 7.90 -27.24
C SER A 404 -34.06 8.70 -26.42
N SER A 405 -35.35 8.37 -26.59
CA SER A 405 -36.42 9.07 -25.90
C SER A 405 -36.57 8.64 -24.44
N ASP A 406 -35.84 7.62 -24.00
CA ASP A 406 -35.93 7.18 -22.61
C ASP A 406 -35.36 8.23 -21.67
N ILE A 407 -34.26 8.88 -22.07
CA ILE A 407 -33.62 9.88 -21.22
C ILE A 407 -34.51 11.11 -21.09
N SER A 408 -35.21 11.47 -22.17
CA SER A 408 -36.05 12.67 -22.14
C SER A 408 -37.20 12.53 -21.15
N ASP A 409 -37.86 11.37 -21.13
CA ASP A 409 -38.98 11.17 -20.22
C ASP A 409 -38.51 11.01 -18.79
N LYS A 410 -37.37 10.33 -18.58
CA LYS A 410 -36.91 10.09 -17.22
C LYS A 410 -36.42 11.36 -16.55
N CYS A 411 -35.77 12.24 -17.30
CA CYS A 411 -35.31 13.50 -16.72
C CYS A 411 -36.45 14.47 -16.47
N GLU A 412 -37.49 14.43 -17.31
CA GLU A 412 -38.63 15.31 -17.10
C GLU A 412 -39.44 14.90 -15.87
N ASP A 413 -39.42 13.62 -15.51
CA ASP A 413 -40.10 13.18 -14.29
C ASP A 413 -39.44 13.78 -13.05
N ILE A 414 -38.11 13.92 -13.08
CA ILE A 414 -37.41 14.55 -11.96
C ILE A 414 -37.80 16.01 -11.82
N LEU A 415 -37.92 16.72 -12.96
CA LEU A 415 -38.35 18.11 -12.92
C LEU A 415 -39.78 18.22 -12.42
N LYS A 416 -40.64 17.26 -12.79
CA LYS A 416 -42.00 17.26 -12.27
C LYS A 416 -42.05 16.85 -10.81
N LEU A 417 -41.15 15.95 -10.39
CA LEU A 417 -41.12 15.56 -8.99
C LEU A 417 -40.54 16.67 -8.12
N LEU A 418 -39.51 17.37 -8.61
CA LEU A 418 -38.96 18.49 -7.85
C LEU A 418 -39.95 19.65 -7.77
N SER A 419 -40.78 19.83 -8.79
CA SER A 419 -41.75 20.92 -8.78
C SER A 419 -42.98 20.60 -7.94
N ASN A 420 -43.29 19.31 -7.77
CA ASN A 420 -44.45 18.90 -6.99
C ASN A 420 -44.13 18.70 -5.51
N ASN A 421 -42.98 18.09 -5.21
CA ASN A 421 -42.64 17.80 -3.82
C ASN A 421 -41.97 18.97 -3.11
N HIS A 422 -41.36 19.89 -3.85
CA HIS A 422 -40.65 21.01 -3.25
C HIS A 422 -41.14 22.38 -3.70
N GLY A 423 -41.85 22.47 -4.82
CA GLY A 423 -42.36 23.75 -5.28
C GLY A 423 -41.43 24.52 -6.18
N CYS A 424 -40.47 23.87 -6.83
CA CYS A 424 -39.57 24.55 -7.74
C CYS A 424 -40.31 24.92 -9.02
N LYS A 425 -39.89 26.03 -9.63
CA LYS A 425 -40.48 26.53 -10.86
C LYS A 425 -39.51 26.31 -12.01
N VAL A 426 -40.00 25.71 -13.09
CA VAL A 426 -39.21 25.48 -14.30
C VAL A 426 -39.38 26.68 -15.21
N VAL A 427 -38.36 27.52 -15.28
CA VAL A 427 -38.38 28.74 -16.09
C VAL A 427 -37.74 28.44 -17.43
N GLU A 428 -38.46 28.70 -18.51
CA GLU A 428 -37.92 28.44 -19.85
C GLU A 428 -36.81 29.42 -20.17
N ILE A 429 -35.69 28.91 -20.65
CA ILE A 429 -34.51 29.71 -20.97
C ILE A 429 -34.07 29.39 -22.39
N VAL A 430 -33.00 30.05 -22.82
CA VAL A 430 -32.45 29.87 -24.16
C VAL A 430 -30.95 30.11 -24.11
N VAL A 431 -30.18 29.22 -24.71
CA VAL A 431 -28.73 29.29 -24.73
C VAL A 431 -28.27 29.50 -26.17
N PRO A 432 -28.04 30.75 -26.58
CA PRO A 432 -27.66 31.00 -27.97
C PRO A 432 -26.23 30.58 -28.25
N GLU A 433 -25.92 30.46 -29.55
CA GLU A 433 -24.57 30.19 -30.05
C GLU A 433 -23.99 28.90 -29.46
N LEU A 434 -24.74 27.81 -29.62
CA LEU A 434 -24.27 26.52 -29.15
C LEU A 434 -23.21 25.93 -30.08
N GLU A 435 -23.26 26.28 -31.37
CA GLU A 435 -22.24 25.78 -32.30
C GLU A 435 -20.90 26.43 -32.04
N GLU A 436 -20.89 27.72 -31.72
CA GLU A 436 -19.64 28.41 -31.41
C GLU A 436 -19.02 27.90 -30.13
N MET A 437 -19.84 27.35 -29.22
CA MET A 437 -19.30 26.82 -27.98
C MET A 437 -18.46 25.57 -28.23
N ARG A 438 -18.92 24.69 -29.12
CA ARG A 438 -18.16 23.49 -29.43
C ARG A 438 -16.85 23.82 -30.15
N ALA A 439 -16.89 24.83 -31.02
CA ALA A 439 -15.68 25.20 -31.77
C ALA A 439 -14.70 25.95 -30.88
N ALA A 440 -15.21 26.78 -29.96
CA ALA A 440 -14.32 27.50 -29.06
C ALA A 440 -13.74 26.58 -28.00
N HIS A 441 -14.48 25.53 -27.62
CA HIS A 441 -13.99 24.63 -26.58
C HIS A 441 -12.88 23.72 -27.09
N VAL A 442 -13.09 23.10 -28.26
CA VAL A 442 -12.13 22.11 -28.77
C VAL A 442 -10.75 22.71 -28.92
N ILE A 443 -10.66 23.99 -29.27
CA ILE A 443 -9.36 24.64 -29.37
C ILE A 443 -8.87 25.15 -28.01
N SER A 444 -9.80 25.46 -27.09
CA SER A 444 -9.42 25.92 -25.75
C SER A 444 -8.81 24.81 -24.92
N ILE A 445 -9.14 23.55 -25.20
CA ILE A 445 -8.58 22.42 -24.47
C ILE A 445 -7.49 21.71 -25.27
N GLY A 446 -7.57 21.64 -26.60
CA GLY A 446 -6.53 20.97 -27.35
C GLY A 446 -5.22 21.73 -27.40
N SER A 447 -5.28 23.08 -27.39
CA SER A 447 -4.06 23.87 -27.46
C SER A 447 -3.17 23.71 -26.23
N PRO A 448 -3.67 23.83 -24.99
CA PRO A 448 -2.78 23.60 -23.84
C PRO A 448 -2.30 22.17 -23.73
N THR A 449 -3.11 21.20 -24.17
CA THR A 449 -2.68 19.80 -24.11
C THR A 449 -1.61 19.51 -25.15
N LEU A 450 -1.78 20.02 -26.38
CA LEU A 450 -0.81 19.78 -27.43
C LEU A 450 0.50 20.51 -27.16
N SER A 451 0.42 21.73 -26.62
CA SER A 451 1.63 22.50 -26.35
C SER A 451 2.52 21.81 -25.32
N SER A 452 1.91 21.24 -24.28
CA SER A 452 2.71 20.56 -23.24
C SER A 452 3.30 19.27 -23.75
N LEU A 453 2.67 18.64 -24.75
CA LEU A 453 3.17 17.39 -25.32
C LEU A 453 4.00 17.62 -26.58
N THR A 454 4.11 18.87 -27.05
CA THR A 454 4.88 19.13 -28.27
C THR A 454 6.37 18.86 -28.10
N PRO A 455 7.04 19.32 -27.02
CA PRO A 455 8.47 18.99 -26.88
C PRO A 455 8.74 17.50 -26.81
N TYR A 456 7.77 16.71 -26.35
CA TYR A 456 7.93 15.26 -26.34
C TYR A 456 7.64 14.67 -27.71
N CYS A 457 6.63 15.22 -28.41
CA CYS A 457 6.30 14.71 -29.74
C CYS A 457 7.39 15.05 -30.75
N GLU A 458 7.97 16.24 -30.64
CA GLU A 458 9.11 16.59 -31.49
C GLU A 458 10.32 15.73 -31.19
N ALA A 459 10.33 15.05 -30.04
CA ALA A 459 11.43 14.19 -29.63
C ALA A 459 11.31 12.78 -30.20
N GLY A 460 10.62 12.61 -31.32
CA GLY A 460 10.46 11.30 -31.92
C GLY A 460 9.55 10.37 -31.17
N LYS A 461 8.71 10.89 -30.27
CA LYS A 461 7.80 10.07 -29.49
C LYS A 461 6.34 10.27 -29.89
N ASN A 462 6.10 10.93 -31.04
CA ASN A 462 4.72 11.08 -31.52
C ASN A 462 4.15 9.75 -31.97
N SER A 463 5.01 8.83 -32.42
CA SER A 463 4.56 7.51 -32.85
C SER A 463 4.21 6.60 -31.68
N LYS A 464 4.48 7.01 -30.45
CA LYS A 464 4.15 6.23 -29.27
C LYS A 464 2.77 6.54 -28.71
N LEU A 465 1.97 7.33 -29.42
CA LEU A 465 0.62 7.67 -29.01
C LEU A 465 -0.39 6.79 -29.73
N SER A 466 -1.61 6.79 -29.22
CA SER A 466 -2.68 6.03 -29.83
C SER A 466 -3.17 6.73 -31.09
N TYR A 467 -3.79 5.95 -31.98
CA TYR A 467 -4.36 6.51 -33.20
C TYR A 467 -5.54 7.41 -32.91
N ASP A 468 -6.21 7.24 -31.75
CA ASP A 468 -7.26 8.15 -31.36
C ASP A 468 -6.71 9.52 -31.00
N THR A 469 -5.59 9.54 -30.27
CA THR A 469 -4.96 10.81 -29.92
C THR A 469 -4.28 11.44 -31.12
N ARG A 470 -3.59 10.63 -31.93
CA ARG A 470 -2.91 11.14 -33.11
C ARG A 470 -3.88 11.72 -34.13
N THR A 471 -5.15 11.30 -34.09
CA THR A 471 -6.16 11.89 -34.97
C THR A 471 -6.43 13.34 -34.60
N SER A 472 -6.57 13.62 -33.30
CA SER A 472 -6.82 14.99 -32.87
C SER A 472 -5.56 15.83 -32.83
N PHE A 473 -4.40 15.22 -32.63
CA PHE A 473 -3.15 15.97 -32.59
C PHE A 473 -2.81 16.58 -33.95
N ALA A 474 -3.29 15.96 -35.03
CA ALA A 474 -3.13 16.57 -36.35
C ALA A 474 -4.16 17.68 -36.57
N ILE A 475 -5.33 17.58 -35.94
CA ILE A 475 -6.31 18.65 -36.00
C ILE A 475 -5.89 19.81 -35.10
N PHE A 476 -5.35 19.50 -33.91
CA PHE A 476 -4.91 20.55 -33.01
C PHE A 476 -3.67 21.27 -33.52
N ARG A 477 -2.80 20.56 -34.24
CA ARG A 477 -1.59 21.18 -34.76
C ARG A 477 -1.85 22.13 -35.91
N SER A 478 -3.08 22.14 -36.46
CA SER A 478 -3.44 23.07 -37.52
C SER A 478 -4.16 24.31 -37.00
N PHE A 479 -4.53 24.33 -35.73
CA PHE A 479 -5.12 25.53 -35.14
C PHE A 479 -4.06 26.62 -35.01
N SER A 480 -4.25 27.73 -35.72
CA SER A 480 -3.29 28.82 -35.68
C SER A 480 -3.49 29.65 -34.42
N ALA A 481 -2.51 30.53 -34.16
CA ALA A 481 -2.60 31.39 -32.98
C ALA A 481 -3.75 32.38 -33.10
N SER A 482 -4.03 32.87 -34.31
CA SER A 482 -5.15 33.77 -34.50
C SER A 482 -6.48 33.08 -34.22
N ASP A 483 -6.57 31.78 -34.50
CA ASP A 483 -7.79 31.04 -34.20
C ASP A 483 -8.02 30.94 -32.70
N TYR A 484 -6.94 30.93 -31.91
CA TYR A 484 -7.10 30.87 -30.46
C TYR A 484 -7.69 32.17 -29.92
N ILE A 485 -7.21 33.31 -30.42
CA ILE A 485 -7.74 34.59 -29.96
C ILE A 485 -9.20 34.75 -30.36
N ALA A 486 -9.56 34.28 -31.55
CA ALA A 486 -10.94 34.35 -31.98
C ALA A 486 -11.86 33.48 -31.13
N ALA A 487 -11.31 32.41 -30.55
CA ALA A 487 -12.12 31.54 -29.69
C ALA A 487 -12.33 32.15 -28.31
N GLN A 488 -11.31 32.84 -27.78
CA GLN A 488 -11.46 33.49 -26.48
C GLN A 488 -12.51 34.59 -26.51
N CYS A 489 -12.65 35.27 -27.66
CA CYS A 489 -13.72 36.25 -27.79
C CYS A 489 -15.09 35.59 -27.81
N LEU A 490 -15.16 34.37 -28.34
CA LEU A 490 -16.41 33.61 -28.27
C LEU A 490 -16.74 33.19 -26.85
N ARG A 491 -15.71 32.92 -26.04
CA ARG A 491 -15.93 32.55 -24.65
C ARG A 491 -16.57 33.69 -23.88
N ARG A 492 -16.17 34.93 -24.18
CA ARG A 492 -16.77 36.09 -23.52
C ARG A 492 -18.23 36.24 -23.92
N ARG A 493 -18.55 35.98 -25.19
CA ARG A 493 -19.93 36.06 -25.64
C ARG A 493 -20.82 35.08 -24.88
N LEU A 494 -20.40 33.82 -24.82
CA LEU A 494 -21.18 32.83 -24.10
C LEU A 494 -21.16 33.08 -22.59
N MET A 495 -20.10 33.73 -22.08
CA MET A 495 -20.09 34.10 -20.68
C MET A 495 -21.16 35.15 -20.37
N GLU A 496 -21.36 36.10 -21.29
CA GLU A 496 -22.37 37.12 -21.07
C GLU A 496 -23.78 36.57 -21.20
N TYR A 497 -23.98 35.58 -22.08
CA TYR A 497 -25.29 34.95 -22.20
C TYR A 497 -25.64 34.20 -20.92
N HIS A 498 -24.76 33.31 -20.47
CA HIS A 498 -25.06 32.50 -19.30
C HIS A 498 -25.20 33.34 -18.04
N LEU A 499 -24.37 34.37 -17.90
CA LEU A 499 -24.48 35.25 -16.73
C LEU A 499 -25.79 36.01 -16.73
N ASN A 500 -26.37 36.27 -17.91
CA ASN A 500 -27.71 36.83 -17.98
C ASN A 500 -28.77 35.77 -17.73
N ILE A 501 -28.47 34.50 -18.05
CA ILE A 501 -29.40 33.41 -17.75
C ILE A 501 -29.51 33.23 -16.23
N PHE A 502 -28.38 33.29 -15.53
CA PHE A 502 -28.38 33.11 -14.08
C PHE A 502 -29.02 34.28 -13.35
N LYS A 503 -29.35 35.37 -14.05
CA LYS A 503 -30.09 36.46 -13.40
C LYS A 503 -31.55 36.08 -13.20
N ASP A 504 -32.09 35.21 -14.03
CA ASP A 504 -33.48 34.78 -13.92
C ASP A 504 -33.64 33.40 -13.32
N VAL A 505 -32.62 32.53 -13.44
CA VAL A 505 -32.69 31.17 -12.90
C VAL A 505 -31.47 30.93 -12.02
N ASP A 506 -31.58 29.89 -11.18
CA ASP A 506 -30.51 29.53 -10.28
C ASP A 506 -29.59 28.46 -10.87
N VAL A 507 -30.15 27.44 -11.49
CA VAL A 507 -29.39 26.36 -12.12
C VAL A 507 -29.98 26.07 -13.49
N ILE A 508 -29.24 25.30 -14.28
CA ILE A 508 -29.66 24.86 -15.60
C ILE A 508 -29.70 23.34 -15.59
N VAL A 509 -30.90 22.78 -15.66
CA VAL A 509 -31.11 21.34 -15.57
C VAL A 509 -31.22 20.76 -16.98
N THR A 510 -30.31 19.86 -17.30
CA THR A 510 -30.29 19.16 -18.58
C THR A 510 -29.76 17.75 -18.34
N PRO A 511 -30.09 16.81 -19.22
CA PRO A 511 -29.45 15.49 -19.14
C PRO A 511 -27.96 15.61 -19.39
N THR A 512 -27.17 14.79 -18.69
CA THR A 512 -25.72 14.89 -18.80
C THR A 512 -25.25 14.53 -20.21
N THR A 513 -25.80 13.47 -20.79
CA THR A 513 -25.44 13.04 -22.13
C THR A 513 -26.70 12.87 -22.98
N GLY A 514 -26.49 12.74 -24.28
CA GLY A 514 -27.56 12.50 -25.22
C GLY A 514 -27.84 11.05 -25.53
N MET A 515 -27.13 10.13 -24.89
CA MET A 515 -27.32 8.70 -25.12
C MET A 515 -26.83 7.93 -23.91
N THR A 516 -27.30 6.71 -23.78
CA THR A 516 -26.86 5.82 -22.71
C THR A 516 -25.49 5.22 -23.08
N ALA A 517 -25.06 4.21 -22.34
CA ALA A 517 -23.77 3.59 -22.59
C ALA A 517 -23.76 2.92 -23.95
N PRO A 518 -22.89 3.33 -24.87
CA PRO A 518 -22.86 2.71 -26.20
C PRO A 518 -22.06 1.42 -26.21
N VAL A 519 -22.47 0.51 -27.09
CA VAL A 519 -21.78 -0.75 -27.24
C VAL A 519 -20.43 -0.53 -27.91
N ILE A 520 -19.40 -1.20 -27.41
CA ILE A 520 -18.05 -1.04 -27.95
C ILE A 520 -17.94 -1.82 -29.25
N PRO A 521 -17.49 -1.20 -30.34
CA PRO A 521 -17.28 -1.94 -31.59
C PRO A 521 -16.13 -2.91 -31.43
N PRO A 522 -16.32 -4.18 -31.82
CA PRO A 522 -15.26 -5.17 -31.66
C PRO A 522 -14.00 -4.84 -32.44
N ASP A 523 -14.12 -4.13 -33.56
CA ASP A 523 -12.95 -3.75 -34.34
C ASP A 523 -12.18 -2.58 -33.73
N ALA A 524 -12.80 -1.83 -32.82
CA ALA A 524 -12.14 -0.68 -32.22
C ALA A 524 -11.20 -1.07 -31.08
N LEU A 525 -11.32 -2.29 -30.55
CA LEU A 525 -10.46 -2.70 -29.45
C LEU A 525 -9.02 -2.94 -29.87
N LYS A 526 -8.73 -2.94 -31.18
CA LYS A 526 -7.37 -3.18 -31.65
C LYS A 526 -6.50 -1.93 -31.52
N ASN A 527 -6.82 -0.90 -32.30
CA ASN A 527 -6.04 0.33 -32.30
C ASN A 527 -6.87 1.59 -32.04
N GLY A 528 -8.16 1.45 -31.76
CA GLY A 528 -8.99 2.62 -31.51
C GLY A 528 -10.07 2.83 -32.55
N GLU A 529 -10.69 4.01 -32.55
CA GLU A 529 -11.74 4.33 -33.50
C GLU A 529 -11.79 5.85 -33.64
N THR A 530 -12.80 6.34 -34.38
CA THR A 530 -12.96 7.77 -34.58
C THR A 530 -14.41 8.11 -34.91
N ASN A 531 -15.35 7.52 -34.16
CA ASN A 531 -16.77 7.76 -34.38
C ASN A 531 -17.12 9.10 -33.75
N ILE A 532 -17.28 10.12 -34.59
CA ILE A 532 -17.58 11.46 -34.08
C ILE A 532 -19.05 11.59 -33.69
N GLN A 533 -19.94 10.84 -34.34
CA GLN A 533 -21.36 10.92 -34.01
C GLN A 533 -21.62 10.48 -32.58
N VAL A 534 -20.86 9.50 -32.07
CA VAL A 534 -21.02 9.07 -30.70
C VAL A 534 -20.49 10.12 -29.74
N THR A 535 -19.29 10.64 -30.01
CA THR A 535 -18.72 11.68 -29.16
C THR A 535 -19.52 12.97 -29.21
N THR A 536 -20.27 13.21 -30.28
CA THR A 536 -21.12 14.40 -30.35
C THR A 536 -22.28 14.30 -29.36
N ASP A 537 -22.93 13.14 -29.30
CA ASP A 537 -24.06 12.95 -28.39
C ASP A 537 -23.64 13.04 -26.93
N LEU A 538 -22.36 12.79 -26.62
CA LEU A 538 -21.90 12.79 -25.24
C LEU A 538 -21.51 14.18 -24.76
N MET A 539 -20.79 14.94 -25.57
CA MET A 539 -20.35 16.29 -25.21
C MET A 539 -21.41 17.35 -25.46
N ARG A 540 -22.68 16.98 -25.58
CA ARG A 540 -23.70 17.96 -25.97
C ARG A 540 -24.05 18.91 -24.83
N PHE A 541 -23.98 18.44 -23.58
CA PHE A 541 -24.48 19.22 -22.45
C PHE A 541 -23.42 19.56 -21.42
N VAL A 542 -22.17 19.19 -21.64
CA VAL A 542 -21.12 19.38 -20.63
C VAL A 542 -20.17 20.53 -20.97
N LEU A 543 -20.21 21.07 -22.19
CA LEU A 543 -19.23 22.06 -22.60
C LEU A 543 -19.42 23.40 -21.90
N ALA A 544 -20.64 23.70 -21.43
CA ALA A 544 -20.87 25.01 -20.81
C ALA A 544 -20.11 25.15 -19.50
N ALA A 545 -20.06 24.09 -18.69
CA ALA A 545 -19.35 24.16 -17.42
C ALA A 545 -17.84 24.17 -17.60
N ASN A 546 -17.33 23.69 -18.74
CA ASN A 546 -15.90 23.64 -18.98
C ASN A 546 -15.38 24.93 -19.60
N LEU A 547 -16.06 25.43 -20.64
CA LEU A 547 -15.59 26.64 -21.32
C LEU A 547 -15.77 27.88 -20.45
N LEU A 548 -16.82 27.91 -19.64
CA LEU A 548 -17.10 29.08 -18.80
C LEU A 548 -16.74 28.87 -17.34
N GLY A 549 -16.48 27.63 -16.92
CA GLY A 549 -16.03 27.36 -15.57
C GLY A 549 -17.09 27.20 -14.52
N PHE A 550 -18.35 26.98 -14.92
CA PHE A 550 -19.43 26.88 -13.96
C PHE A 550 -19.42 25.52 -13.27
N PRO A 551 -19.94 25.43 -12.04
CA PRO A 551 -19.96 24.15 -11.33
C PRO A 551 -21.16 23.32 -11.76
N ALA A 552 -20.90 22.16 -12.34
CA ALA A 552 -21.94 21.23 -12.78
C ALA A 552 -21.82 19.92 -12.01
N ILE A 553 -22.93 19.19 -11.96
CA ILE A 553 -22.99 17.89 -11.30
C ILE A 553 -23.65 16.91 -12.26
N SER A 554 -23.47 15.61 -11.97
CA SER A 554 -24.09 14.53 -12.73
C SER A 554 -24.67 13.55 -11.72
N VAL A 555 -25.93 13.75 -11.36
CA VAL A 555 -26.61 12.91 -10.38
C VAL A 555 -27.34 11.79 -11.11
N PRO A 556 -27.16 10.53 -10.72
CA PRO A 556 -27.92 9.45 -11.35
C PRO A 556 -29.40 9.56 -11.03
N VAL A 557 -30.22 9.58 -12.09
CA VAL A 557 -31.66 9.73 -11.94
C VAL A 557 -32.41 8.42 -12.13
N GLY A 558 -31.88 7.48 -12.91
CA GLY A 558 -32.55 6.22 -13.12
C GLY A 558 -31.92 5.43 -14.25
N TYR A 559 -32.74 4.59 -14.88
CA TYR A 559 -32.31 3.74 -15.98
C TYR A 559 -33.33 3.79 -17.09
N ASP A 560 -32.95 3.28 -18.26
CA ASP A 560 -33.81 3.27 -19.44
C ASP A 560 -34.49 1.90 -19.57
N LYS A 561 -34.92 1.56 -20.79
CA LYS A 561 -35.57 0.28 -21.03
C LYS A 561 -34.60 -0.88 -21.05
N GLU A 562 -33.30 -0.63 -21.24
CA GLU A 562 -32.28 -1.66 -21.24
C GLU A 562 -31.56 -1.77 -19.90
N GLY A 563 -32.00 -1.03 -18.89
CA GLY A 563 -31.33 -1.06 -17.61
C GLY A 563 -30.03 -0.28 -17.56
N LEU A 564 -29.78 0.58 -18.54
CA LEU A 564 -28.56 1.37 -18.60
C LEU A 564 -28.74 2.70 -17.85
N PRO A 565 -27.70 3.14 -17.14
CA PRO A 565 -27.84 4.33 -16.30
C PRO A 565 -28.15 5.59 -17.10
N ILE A 566 -28.75 6.55 -16.41
CA ILE A 566 -29.10 7.85 -16.97
C ILE A 566 -28.72 8.93 -15.96
N GLY A 567 -28.14 10.02 -16.45
CA GLY A 567 -27.71 11.09 -15.58
C GLY A 567 -28.36 12.42 -15.84
N LEU A 568 -28.38 13.29 -14.84
CA LEU A 568 -28.92 14.64 -14.95
C LEU A 568 -27.86 15.65 -14.55
N GLN A 569 -27.77 16.74 -15.31
CA GLN A 569 -26.77 17.78 -15.06
C GLN A 569 -27.44 18.99 -14.41
N ILE A 570 -26.82 19.48 -13.33
CA ILE A 570 -27.25 20.68 -12.63
C ILE A 570 -26.08 21.64 -12.61
N MET A 571 -26.18 22.73 -13.35
CA MET A 571 -25.11 23.72 -13.47
C MET A 571 -25.56 25.00 -12.80
N GLY A 572 -24.91 25.36 -11.68
CA GLY A 572 -25.30 26.51 -10.89
C GLY A 572 -24.37 27.70 -11.07
N ARG A 573 -24.59 28.71 -10.23
CA ARG A 573 -23.82 29.94 -10.29
C ARG A 573 -22.36 29.67 -9.94
N PRO A 574 -21.45 30.56 -10.33
CA PRO A 574 -20.05 30.40 -9.96
C PRO A 574 -19.89 30.33 -8.44
N TRP A 575 -19.02 29.42 -7.99
CA TRP A 575 -18.74 29.18 -6.58
C TRP A 575 -19.98 28.76 -5.79
N ALA A 576 -20.97 28.18 -6.47
CA ALA A 576 -22.19 27.76 -5.79
C ALA A 576 -22.28 26.24 -5.74
N GLU A 577 -21.20 25.58 -5.34
CA GLU A 577 -21.23 24.13 -5.19
C GLU A 577 -22.26 23.71 -4.15
N ALA A 578 -22.46 24.53 -3.12
CA ALA A 578 -23.45 24.20 -2.10
C ALA A 578 -24.86 24.21 -2.68
N THR A 579 -25.12 25.12 -3.62
CA THR A 579 -26.44 25.17 -4.24
C THR A 579 -26.67 23.97 -5.17
N VAL A 580 -25.62 23.55 -5.88
CA VAL A 580 -25.75 22.42 -6.79
C VAL A 580 -25.84 21.12 -6.01
N LEU A 581 -25.02 20.97 -4.97
CA LEU A 581 -25.06 19.74 -4.17
C LEU A 581 -26.33 19.63 -3.35
N GLY A 582 -26.92 20.77 -2.96
CA GLY A 582 -28.15 20.72 -2.19
C GLY A 582 -29.34 20.30 -3.02
N LEU A 583 -29.39 20.75 -4.29
CA LEU A 583 -30.49 20.35 -5.16
C LEU A 583 -30.39 18.88 -5.55
N ALA A 584 -29.18 18.42 -5.86
CA ALA A 584 -28.97 17.01 -6.20
C ALA A 584 -29.29 16.09 -5.02
N ALA A 585 -29.20 16.60 -3.79
CA ALA A 585 -29.57 15.80 -2.63
C ALA A 585 -31.07 15.50 -2.63
N ALA A 586 -31.88 16.46 -3.09
CA ALA A 586 -33.32 16.23 -3.23
C ALA A 586 -33.65 15.37 -4.44
N VAL A 587 -32.76 15.29 -5.42
CA VAL A 587 -33.00 14.48 -6.61
C VAL A 587 -32.85 13.00 -6.30
N GLU A 588 -31.74 12.63 -5.66
CA GLU A 588 -31.53 11.22 -5.32
C GLU A 588 -32.49 10.73 -4.24
N GLU A 589 -33.08 11.65 -3.47
CA GLU A 589 -34.14 11.25 -2.53
C GLU A 589 -35.42 10.90 -3.28
N LEU A 590 -35.67 11.57 -4.40
CA LEU A 590 -36.84 11.26 -5.23
C LEU A 590 -36.57 10.16 -6.24
N ALA A 591 -35.32 9.72 -6.40
CA ALA A 591 -34.98 8.66 -7.32
C ALA A 591 -33.66 8.00 -6.91
N PRO A 592 -33.65 7.18 -5.85
CA PRO A 592 -32.40 6.56 -5.42
C PRO A 592 -31.95 5.48 -6.39
N VAL A 593 -30.68 5.10 -6.24
CA VAL A 593 -30.12 4.02 -7.05
C VAL A 593 -30.69 2.69 -6.55
N THR A 594 -31.36 1.96 -7.44
CA THR A 594 -32.04 0.73 -7.08
C THR A 594 -31.43 -0.51 -7.73
N LYS A 595 -31.08 -0.44 -9.01
CA LYS A 595 -30.55 -1.61 -9.72
C LYS A 595 -29.09 -1.86 -9.33
N LYS A 596 -28.76 -3.14 -9.15
CA LYS A 596 -27.39 -3.56 -8.85
C LYS A 596 -26.65 -3.85 -10.16
N PRO A 597 -25.48 -3.26 -10.37
CA PRO A 597 -24.75 -3.51 -11.61
C PRO A 597 -24.34 -4.97 -11.75
N ALA A 598 -24.19 -5.41 -13.00
CA ALA A 598 -23.80 -6.79 -13.26
C ALA A 598 -22.42 -7.10 -12.70
N ILE A 599 -21.54 -6.10 -12.63
CA ILE A 599 -20.21 -6.27 -12.05
C ILE A 599 -20.17 -5.50 -10.74
N PHE A 600 -20.64 -6.12 -9.67
CA PHE A 600 -20.66 -5.50 -8.34
C PHE A 600 -19.93 -6.39 -7.35
N TYR A 601 -19.27 -5.74 -6.37
CA TYR A 601 -18.53 -6.44 -5.33
C TYR A 601 -18.89 -5.82 -3.99
N ASP A 602 -19.47 -6.63 -3.10
CA ASP A 602 -19.94 -6.15 -1.80
C ASP A 602 -18.90 -6.51 -0.75
N ILE A 603 -18.08 -5.53 -0.37
CA ILE A 603 -17.12 -5.70 0.72
C ILE A 603 -17.87 -5.47 2.03
N LEU A 604 -17.20 -5.69 3.16
CA LEU A 604 -17.70 -5.66 4.54
C LEU A 604 -18.45 -6.94 4.88
N ASN A 605 -18.54 -7.90 3.96
CA ASN A 605 -19.15 -9.20 4.24
C ASN A 605 -18.33 -10.32 3.63
N MET B 1 21.03 20.06 -20.20
CA MET B 1 19.77 19.75 -20.86
C MET B 1 19.72 20.41 -22.24
N GLY B 2 20.79 20.28 -23.00
CA GLY B 2 20.86 20.89 -24.31
C GLY B 2 21.21 19.91 -25.41
N LYS B 3 20.55 18.76 -25.42
CA LYS B 3 20.82 17.73 -26.42
C LYS B 3 19.53 17.32 -27.13
N TYR B 4 18.56 16.82 -26.36
CA TYR B 4 17.30 16.35 -26.93
C TYR B 4 16.20 17.38 -26.75
N GLN B 5 15.73 17.53 -25.51
CA GLN B 5 14.75 18.55 -25.15
C GLN B 5 15.29 19.37 -23.99
N VAL B 6 14.93 20.65 -23.96
CA VAL B 6 15.44 21.60 -22.98
C VAL B 6 14.42 21.80 -21.88
N MET B 7 14.90 21.99 -20.66
CA MET B 7 14.05 22.21 -19.48
C MET B 7 14.48 23.49 -18.78
N LYS B 8 13.51 24.23 -18.25
CA LYS B 8 13.77 25.49 -17.58
C LYS B 8 13.02 25.56 -16.26
N ARG B 9 13.28 26.64 -15.52
CA ARG B 9 12.52 27.00 -14.33
C ARG B 9 12.67 28.51 -14.13
N ALA B 10 11.99 29.04 -13.13
CA ALA B 10 11.96 30.48 -12.91
C ALA B 10 12.68 30.89 -11.63
N SER B 11 12.01 30.70 -10.49
CA SER B 11 12.57 31.16 -9.22
C SER B 11 13.85 30.41 -8.86
N GLU B 12 13.95 29.13 -9.22
CA GLU B 12 15.12 28.35 -8.88
C GLU B 12 16.37 28.81 -9.63
N VAL B 13 16.21 29.46 -10.78
CA VAL B 13 17.35 29.91 -11.57
C VAL B 13 18.02 31.06 -10.81
N ASP B 14 19.22 30.80 -10.28
CA ASP B 14 19.99 31.86 -9.67
C ASP B 14 20.55 32.79 -10.74
N LEU B 15 20.62 34.07 -10.41
CA LEU B 15 21.04 35.10 -11.35
C LEU B 15 22.55 35.30 -11.38
N SER B 16 23.31 34.36 -10.81
CA SER B 16 24.77 34.45 -10.85
C SER B 16 25.36 33.70 -12.03
N THR B 17 24.68 32.66 -12.53
CA THR B 17 25.13 31.90 -13.69
C THR B 17 24.39 32.31 -14.96
N VAL B 18 23.82 33.51 -14.99
CA VAL B 18 23.10 34.00 -16.16
C VAL B 18 24.03 34.94 -16.92
N LYS B 19 24.31 34.60 -18.17
CA LYS B 19 25.17 35.39 -19.03
C LYS B 19 24.34 36.04 -20.13
N TYR B 20 24.77 37.24 -20.54
CA TYR B 20 24.05 38.01 -21.54
C TYR B 20 24.37 37.46 -22.93
N LYS B 21 23.33 37.08 -23.67
CA LYS B 21 23.48 36.60 -25.03
C LYS B 21 23.37 37.76 -26.01
N ALA B 22 24.12 37.67 -27.11
CA ALA B 22 24.13 38.73 -28.11
C ALA B 22 22.87 38.70 -28.96
N GLU B 23 22.92 39.35 -30.13
CA GLU B 23 21.77 39.43 -31.02
C GLU B 23 21.90 38.36 -32.09
N THR B 24 21.07 37.32 -31.98
CA THR B 24 21.06 36.21 -32.93
C THR B 24 20.00 36.37 -34.01
N MET B 25 19.80 37.61 -34.49
CA MET B 25 18.79 37.90 -35.51
C MET B 25 19.52 38.12 -36.83
N LYS B 26 19.68 37.05 -37.59
CA LYS B 26 20.34 37.08 -38.89
C LYS B 26 19.30 36.93 -40.00
N ALA B 27 19.29 37.90 -40.93
CA ALA B 27 18.37 37.88 -42.05
C ALA B 27 18.89 38.82 -43.12
N PRO B 28 18.74 38.49 -44.41
CA PRO B 28 19.24 39.38 -45.45
C PRO B 28 18.45 40.68 -45.50
N HIS B 29 19.03 41.65 -46.22
CA HIS B 29 18.44 42.98 -46.40
C HIS B 29 18.03 43.08 -47.87
N LEU B 30 16.75 42.85 -48.14
CA LEU B 30 16.22 42.81 -49.50
C LEU B 30 15.37 44.05 -49.75
N THR B 31 15.71 44.79 -50.80
CA THR B 31 14.97 45.99 -51.19
C THR B 31 14.65 45.92 -52.68
N GLY B 32 13.46 46.39 -53.04
CA GLY B 32 13.08 46.51 -54.43
C GLY B 32 12.61 45.22 -55.08
N LEU B 33 13.08 44.98 -56.32
CA LEU B 33 12.62 43.82 -57.08
C LEU B 33 13.05 42.52 -56.41
N SER B 34 14.24 42.50 -55.79
CA SER B 34 14.68 41.31 -55.08
C SER B 34 13.77 41.01 -53.89
N PHE B 35 13.25 42.05 -53.24
CA PHE B 35 12.30 41.87 -52.15
C PHE B 35 10.88 41.62 -52.65
N LYS B 36 10.56 42.06 -53.87
CA LYS B 36 9.28 41.70 -54.47
C LYS B 36 9.16 40.18 -54.62
N LEU B 37 10.26 39.52 -55.00
CA LEU B 37 10.23 38.07 -55.17
C LEU B 37 10.21 37.35 -53.82
N PHE B 38 10.81 37.95 -52.80
CA PHE B 38 10.87 37.32 -51.48
C PHE B 38 9.48 37.07 -50.93
N VAL B 39 8.61 38.08 -50.99
CA VAL B 39 7.26 37.93 -50.46
C VAL B 39 6.46 36.93 -51.28
N ASN B 40 6.60 36.97 -52.61
CA ASN B 40 5.89 36.03 -53.46
C ASN B 40 6.34 34.60 -53.22
N LEU B 41 7.59 34.41 -52.78
CA LEU B 41 8.05 33.07 -52.43
C LEU B 41 7.44 32.59 -51.13
N LEU B 42 7.34 33.47 -50.13
CA LEU B 42 6.76 33.08 -48.84
C LEU B 42 5.28 32.76 -48.96
N GLU B 43 4.58 33.43 -49.88
CA GLU B 43 3.15 33.19 -50.09
C GLU B 43 2.87 31.97 -50.95
N ALA B 44 3.89 31.32 -51.49
CA ALA B 44 3.69 30.13 -52.30
C ALA B 44 3.09 29.02 -51.45
N PRO B 45 2.10 28.27 -51.97
CA PRO B 45 1.44 27.26 -51.15
C PRO B 45 2.36 26.15 -50.64
N LEU B 46 3.53 25.96 -51.25
CA LEU B 46 4.44 24.91 -50.84
C LEU B 46 5.82 25.43 -50.48
N ILE B 47 6.45 26.21 -51.36
CA ILE B 47 7.79 26.72 -51.09
C ILE B 47 7.79 27.66 -49.89
N GLY B 48 6.73 28.45 -49.72
CA GLY B 48 6.71 29.45 -48.67
C GLY B 48 6.71 28.85 -47.28
N SER B 49 5.97 27.77 -47.08
CA SER B 49 5.91 27.15 -45.75
C SER B 49 7.26 26.61 -45.31
N LEU B 50 8.07 26.14 -46.26
CA LEU B 50 9.38 25.60 -45.91
C LEU B 50 10.40 26.71 -45.67
N ILE B 51 10.23 27.87 -46.32
CA ILE B 51 11.16 28.97 -46.11
C ILE B 51 10.94 29.62 -44.76
N VAL B 52 9.67 29.77 -44.34
CA VAL B 52 9.38 30.32 -43.03
C VAL B 52 9.87 29.39 -41.93
N ASP B 53 9.70 28.08 -42.12
CA ASP B 53 10.19 27.11 -41.14
C ASP B 53 11.70 27.14 -41.02
N TYR B 54 12.42 27.58 -42.05
CA TYR B 54 13.86 27.70 -41.97
C TYR B 54 14.28 28.94 -41.19
N LEU B 55 13.54 30.03 -41.34
CA LEU B 55 13.89 31.26 -40.63
C LEU B 55 13.72 31.07 -39.12
N LYS B 56 12.63 30.46 -38.69
CA LYS B 56 12.41 30.20 -37.27
C LYS B 56 13.31 29.09 -36.73
N LYS B 57 14.02 28.39 -37.60
CA LYS B 57 15.00 27.39 -37.16
C LYS B 57 16.40 27.97 -37.06
N ASP B 58 16.79 28.80 -38.03
CA ASP B 58 18.10 29.46 -37.96
C ASP B 58 18.13 30.47 -36.82
N ASN B 59 17.01 31.16 -36.57
CA ASN B 59 16.96 32.14 -35.49
C ASN B 59 16.90 31.44 -34.13
N GLY B 60 15.91 30.57 -33.94
CA GLY B 60 15.77 29.87 -32.68
C GLY B 60 14.36 29.94 -32.12
N MET B 61 13.41 30.34 -32.96
CA MET B 61 12.02 30.47 -32.50
C MET B 61 11.34 29.12 -32.39
N THR B 62 11.63 28.20 -33.32
CA THR B 62 11.06 26.87 -33.23
C THR B 62 11.64 26.08 -32.05
N LYS B 63 12.91 26.32 -31.73
CA LYS B 63 13.51 25.67 -30.57
C LYS B 63 12.83 26.09 -29.27
N ILE B 64 12.35 27.33 -29.21
CA ILE B 64 11.73 27.83 -27.99
C ILE B 64 10.30 27.35 -27.85
N PHE B 65 9.52 27.45 -28.94
CA PHE B 65 8.09 27.16 -28.86
C PHE B 65 7.81 25.66 -28.83
N ARG B 66 8.61 24.84 -29.52
CA ARG B 66 8.28 23.44 -29.71
C ARG B 66 9.34 22.47 -29.23
N ASN B 67 10.52 22.94 -28.82
CA ASN B 67 11.59 22.05 -28.38
C ASN B 67 12.04 22.35 -26.96
N THR B 68 11.19 22.98 -26.15
CA THR B 68 11.53 23.35 -24.79
C THR B 68 10.32 23.19 -23.89
N VAL B 69 10.50 22.48 -22.78
CA VAL B 69 9.45 22.29 -21.79
C VAL B 69 9.47 23.48 -20.83
N ILE B 70 8.30 24.06 -20.59
CA ILE B 70 8.15 25.22 -19.72
C ILE B 70 7.25 24.83 -18.56
N PRO B 71 7.73 24.92 -17.32
CA PRO B 71 6.89 24.49 -16.17
C PRO B 71 5.89 25.53 -15.70
N GLU B 72 6.07 26.80 -16.04
CA GLU B 72 5.16 27.83 -15.54
C GLU B 72 3.81 27.73 -16.23
N GLU B 73 2.76 28.10 -15.49
CA GLU B 73 1.43 28.16 -16.07
C GLU B 73 1.29 29.40 -16.95
N PRO B 74 0.48 29.35 -18.00
CA PRO B 74 0.40 30.48 -18.94
C PRO B 74 -0.19 31.71 -18.28
N MET B 75 0.44 32.86 -18.53
CA MET B 75 -0.03 34.17 -18.07
C MET B 75 -0.47 34.94 -19.33
N PHE B 76 -1.77 34.91 -19.61
CA PHE B 76 -2.27 35.49 -20.85
C PHE B 76 -2.18 37.02 -20.83
N ARG B 77 -2.83 37.64 -19.85
CA ARG B 77 -2.77 39.08 -19.67
C ARG B 77 -1.89 39.42 -18.47
N PRO B 78 -1.28 40.62 -18.46
CA PRO B 78 -0.43 41.00 -17.32
C PRO B 78 -1.18 40.90 -16.00
N GLU B 79 -0.60 40.15 -15.07
CA GLU B 79 -1.16 39.94 -13.74
C GLU B 79 -0.31 40.72 -12.73
N PHE B 80 -0.88 41.81 -12.20
CA PHE B 80 -0.15 42.67 -11.27
C PHE B 80 -0.58 42.39 -9.84
N PRO B 81 0.37 42.16 -8.93
CA PRO B 81 0.03 42.03 -7.52
C PRO B 81 -0.15 43.41 -6.89
N SER B 82 -0.37 43.41 -5.58
CA SER B 82 -0.54 44.66 -4.84
C SER B 82 0.80 45.39 -4.74
N GLN B 83 0.84 46.63 -5.21
CA GLN B 83 2.05 47.42 -5.24
C GLN B 83 2.14 48.34 -4.03
N GLU B 84 3.36 48.68 -3.66
CA GLU B 84 3.56 49.64 -2.58
C GLU B 84 3.22 51.04 -3.06
N PRO B 85 2.63 51.88 -2.21
CA PRO B 85 2.26 53.24 -2.65
C PRO B 85 3.49 54.07 -2.97
N GLU B 86 3.31 55.00 -3.90
CA GLU B 86 4.40 55.86 -4.33
C GLU B 86 4.70 56.92 -3.26
N HIS B 87 5.85 57.56 -3.40
CA HIS B 87 6.33 58.54 -2.44
C HIS B 87 6.18 59.95 -3.00
N ASP B 88 5.72 60.87 -2.16
CA ASP B 88 5.57 62.29 -2.52
C ASP B 88 4.68 62.47 -3.74
N VAL B 89 3.54 61.77 -3.74
CA VAL B 89 2.58 61.84 -4.83
C VAL B 89 1.23 62.25 -4.26
N VAL B 90 0.40 62.83 -5.13
CA VAL B 90 -0.95 63.27 -4.78
C VAL B 90 -1.93 62.29 -5.39
N ILE B 91 -2.90 61.86 -4.59
CA ILE B 91 -3.92 60.92 -5.05
C ILE B 91 -5.04 61.68 -5.74
N VAL B 92 -5.39 61.22 -6.94
CA VAL B 92 -6.52 61.77 -7.70
C VAL B 92 -7.54 60.66 -7.89
N GLY B 93 -8.81 60.99 -7.67
CA GLY B 93 -9.83 59.96 -7.71
C GLY B 93 -9.94 59.31 -9.08
N GLU B 94 -10.44 58.07 -9.09
CA GLU B 94 -10.57 57.33 -10.34
C GLU B 94 -11.72 57.87 -11.18
N ASP B 95 -12.88 58.09 -10.55
CA ASP B 95 -14.08 58.54 -11.25
C ASP B 95 -14.16 60.06 -11.32
N GLU B 96 -13.12 60.69 -11.85
CA GLU B 96 -13.07 62.13 -12.01
C GLU B 96 -12.91 62.48 -13.49
N SER B 97 -13.51 63.60 -13.87
CA SER B 97 -13.45 64.04 -15.26
C SER B 97 -12.03 64.48 -15.63
N PRO B 98 -11.64 64.34 -16.89
CA PRO B 98 -10.30 64.79 -17.30
C PRO B 98 -10.08 66.28 -17.14
N ILE B 99 -11.13 67.07 -16.98
CA ILE B 99 -10.99 68.50 -16.72
C ILE B 99 -10.56 68.73 -15.27
N ASP B 100 -11.29 68.12 -14.33
CA ASP B 100 -10.90 68.20 -12.92
C ASP B 100 -9.57 67.51 -12.69
N ARG B 101 -9.31 66.41 -13.40
CA ARG B 101 -8.03 65.72 -13.28
C ARG B 101 -6.88 66.57 -13.83
N LEU B 102 -7.16 67.43 -14.81
CA LEU B 102 -6.14 68.30 -15.36
C LEU B 102 -5.84 69.47 -14.43
N GLU B 103 -6.87 70.03 -13.80
CA GLU B 103 -6.67 71.17 -12.90
C GLU B 103 -5.79 70.78 -11.72
N THR B 104 -5.95 69.56 -11.20
CA THR B 104 -5.14 69.12 -10.07
C THR B 104 -3.68 68.99 -10.44
N ALA B 105 -3.38 68.65 -11.70
CA ALA B 105 -1.99 68.53 -12.14
C ALA B 105 -1.28 69.87 -12.20
N LEU B 106 -2.03 70.97 -12.35
CA LEU B 106 -1.40 72.29 -12.37
C LEU B 106 -0.74 72.60 -11.03
N LYS B 107 -1.41 72.25 -9.93
CA LYS B 107 -0.82 72.45 -8.61
C LYS B 107 0.49 71.68 -8.46
N CYS B 108 0.63 70.54 -9.16
CA CYS B 108 1.89 69.82 -9.13
C CYS B 108 2.98 70.56 -9.88
N LEU B 109 2.62 71.28 -10.95
CA LEU B 109 3.61 72.02 -11.72
C LEU B 109 4.05 73.26 -10.95
N PRO B 110 5.30 73.69 -11.14
CA PRO B 110 5.72 74.98 -10.58
C PRO B 110 4.95 76.12 -11.24
N GLN B 111 4.94 77.26 -10.56
CA GLN B 111 4.21 78.42 -11.06
C GLN B 111 4.81 78.89 -12.38
N TYR B 112 3.93 79.24 -13.32
CA TYR B 112 4.36 79.59 -14.66
C TYR B 112 5.18 80.87 -14.65
N ASP B 113 6.31 80.85 -15.35
CA ASP B 113 7.17 82.02 -15.45
C ASP B 113 6.92 82.71 -16.79
N PRO B 114 6.26 83.87 -16.82
CA PRO B 114 6.01 84.56 -18.10
C PRO B 114 7.27 85.08 -18.78
N SER B 115 8.45 84.93 -18.17
CA SER B 115 9.68 85.39 -18.80
C SER B 115 10.01 84.61 -20.06
N ARG B 116 9.48 83.39 -20.20
CA ARG B 116 9.72 82.62 -21.41
C ARG B 116 8.92 83.17 -22.58
N SER B 117 7.61 83.33 -22.41
CA SER B 117 6.76 83.86 -23.46
C SER B 117 7.05 85.35 -23.69
N LEU B 118 6.55 86.20 -22.81
CA LEU B 118 6.77 87.63 -22.93
C LEU B 118 8.17 88.01 -22.48
N HIS B 119 8.71 89.06 -23.10
CA HIS B 119 10.05 89.57 -22.82
C HIS B 119 11.11 88.48 -22.98
N ALA B 120 11.25 88.03 -24.23
CA ALA B 120 12.27 87.04 -24.58
C ALA B 120 13.57 87.75 -24.93
N ASP B 121 14.65 87.33 -24.30
CA ASP B 121 15.94 87.96 -24.52
C ASP B 121 16.42 87.68 -25.95
N PRO B 122 16.95 88.68 -26.65
CA PRO B 122 17.42 88.45 -28.03
C PRO B 122 18.50 87.38 -28.14
N VAL B 123 19.34 87.22 -27.13
CA VAL B 123 20.39 86.21 -27.13
C VAL B 123 20.04 85.20 -26.04
N SER B 124 19.53 84.05 -26.45
CA SER B 124 19.16 82.99 -25.51
C SER B 124 19.19 81.66 -26.25
N SER B 125 19.04 80.58 -25.48
CA SER B 125 19.07 79.23 -26.03
C SER B 125 17.75 78.93 -26.75
N PHE B 126 17.65 77.71 -27.26
CA PHE B 126 16.46 77.24 -27.96
C PHE B 126 15.62 76.37 -27.04
N ARG B 127 14.31 76.61 -27.05
CA ARG B 127 13.39 75.83 -26.25
C ARG B 127 12.07 75.71 -26.99
N TYR B 128 11.35 74.62 -26.71
CA TYR B 128 10.05 74.41 -27.32
C TYR B 128 8.99 75.28 -26.63
N TRP B 129 7.81 75.32 -27.23
CA TRP B 129 6.67 76.04 -26.66
C TRP B 129 5.84 75.07 -25.84
N LYS B 130 5.82 75.29 -24.52
CA LYS B 130 5.08 74.41 -23.63
C LYS B 130 3.57 74.65 -23.77
N ILE B 131 2.79 73.75 -23.18
CA ILE B 131 1.34 73.90 -23.22
C ILE B 131 0.92 75.14 -22.43
N ARG B 132 1.59 75.41 -21.31
CA ARG B 132 1.28 76.60 -20.53
C ARG B 132 1.70 77.89 -21.24
N ASP B 133 2.66 77.80 -22.17
CA ASP B 133 2.94 78.96 -23.02
C ASP B 133 1.75 79.29 -23.90
N TYR B 134 1.12 78.27 -24.49
CA TYR B 134 -0.09 78.51 -25.27
C TYR B 134 -1.24 78.97 -24.39
N ALA B 135 -1.43 78.32 -23.24
CA ALA B 135 -2.53 78.68 -22.34
C ALA B 135 -2.35 80.09 -21.79
N TYR B 136 -1.12 80.57 -21.70
CA TYR B 136 -0.88 81.93 -21.21
C TYR B 136 -1.15 82.96 -22.30
N ALA B 137 -0.62 82.73 -23.51
CA ALA B 137 -0.85 83.66 -24.61
C ALA B 137 -2.31 83.68 -25.04
N TYR B 138 -3.04 82.58 -24.84
CA TYR B 138 -4.46 82.57 -25.15
C TYR B 138 -5.24 83.44 -24.18
N ARG B 139 -4.96 83.31 -22.88
CA ARG B 139 -5.70 84.07 -21.88
C ARG B 139 -5.26 85.53 -21.82
N SER B 140 -3.95 85.78 -21.97
CA SER B 140 -3.47 87.16 -22.01
C SER B 140 -3.77 87.86 -23.33
N LYS B 141 -4.47 87.18 -24.24
CA LYS B 141 -4.89 87.76 -25.52
C LYS B 141 -3.70 88.20 -26.37
N LEU B 142 -2.54 87.57 -26.19
CA LEU B 142 -1.42 87.81 -27.08
C LEU B 142 -1.64 87.18 -28.45
N THR B 143 -2.33 86.04 -28.48
CA THR B 143 -2.74 85.40 -29.73
C THR B 143 -4.11 84.77 -29.50
N THR B 144 -4.53 83.93 -30.45
CA THR B 144 -5.82 83.27 -30.35
C THR B 144 -5.71 81.92 -31.04
N PRO B 145 -6.51 80.92 -30.62
CA PRO B 145 -6.43 79.60 -31.27
C PRO B 145 -6.71 79.64 -32.77
N LEU B 146 -7.45 80.64 -33.26
CA LEU B 146 -7.70 80.73 -34.68
C LEU B 146 -6.45 81.18 -35.43
N GLN B 147 -5.69 82.11 -34.86
CA GLN B 147 -4.44 82.53 -35.48
C GLN B 147 -3.43 81.40 -35.48
N VAL B 148 -3.33 80.65 -34.38
CA VAL B 148 -2.44 79.51 -34.33
C VAL B 148 -2.89 78.44 -35.32
N ALA B 149 -4.19 78.29 -35.51
CA ALA B 149 -4.69 77.31 -36.47
C ALA B 149 -4.34 77.71 -37.90
N LYS B 150 -4.64 78.94 -38.27
CA LYS B 150 -4.35 79.41 -39.63
C LYS B 150 -2.86 79.34 -39.95
N ARG B 151 -2.01 79.45 -38.93
CA ARG B 151 -0.56 79.34 -39.17
C ARG B 151 -0.17 77.89 -39.45
N ILE B 152 -0.79 76.94 -38.75
CA ILE B 152 -0.46 75.53 -38.95
C ILE B 152 -1.03 75.05 -40.27
N ILE B 153 -2.23 75.52 -40.64
CA ILE B 153 -2.82 75.15 -41.92
C ILE B 153 -1.92 75.59 -43.08
N SER B 154 -1.28 76.74 -42.91
CA SER B 154 -0.42 77.26 -43.98
C SER B 154 0.85 76.41 -44.13
N ILE B 155 1.43 75.99 -43.02
CA ILE B 155 2.67 75.21 -43.07
C ILE B 155 2.43 73.86 -43.74
N ILE B 156 1.33 73.20 -43.41
CA ILE B 156 1.04 71.88 -43.97
C ILE B 156 0.71 71.99 -45.46
N GLU B 157 -0.12 72.97 -45.83
CA GLU B 157 -0.48 73.14 -47.23
C GLU B 157 0.69 73.60 -48.08
N GLU B 158 1.68 74.26 -47.48
CA GLU B 158 2.82 74.75 -48.26
C GLU B 158 3.87 73.67 -48.47
N PHE B 159 4.31 73.04 -47.38
CA PHE B 159 5.34 72.01 -47.48
C PHE B 159 4.77 70.63 -47.80
N GLY B 160 3.47 70.53 -48.07
CA GLY B 160 2.88 69.24 -48.39
C GLY B 160 3.00 68.22 -47.28
N TYR B 161 2.75 68.62 -46.04
CA TYR B 161 2.85 67.72 -44.91
C TYR B 161 1.67 66.76 -44.79
N ASP B 162 0.58 67.03 -45.51
CA ASP B 162 -0.52 66.07 -45.64
C ASP B 162 -0.56 65.45 -47.03
N LYS B 163 0.58 65.41 -47.72
CA LYS B 163 0.69 64.95 -49.09
C LYS B 163 1.98 64.18 -49.27
N PRO B 164 2.03 63.24 -50.22
CA PRO B 164 3.29 62.57 -50.54
C PRO B 164 4.31 63.56 -51.09
N PRO B 165 5.59 63.19 -51.15
CA PRO B 165 6.21 61.91 -50.81
C PRO B 165 6.63 61.74 -49.35
N THR B 166 6.70 62.84 -48.60
CA THR B 166 7.11 62.82 -47.19
C THR B 166 6.08 63.59 -46.37
N PRO B 167 4.98 62.95 -45.98
CA PRO B 167 3.96 63.66 -45.20
C PRO B 167 4.10 63.47 -43.70
N PHE B 168 3.56 64.41 -42.93
CA PHE B 168 3.39 64.23 -41.49
C PHE B 168 2.04 63.59 -41.17
N LEU B 169 0.98 64.01 -41.84
CA LEU B 169 -0.36 63.50 -41.64
C LEU B 169 -0.86 62.82 -42.91
N ILE B 170 -1.60 61.72 -42.73
CA ILE B 170 -2.26 61.05 -43.84
C ILE B 170 -3.75 61.34 -43.85
N ARG B 171 -4.21 62.27 -43.03
CA ARG B 171 -5.59 62.75 -43.03
C ARG B 171 -5.60 64.18 -42.52
N PHE B 172 -6.35 65.04 -43.20
CA PHE B 172 -6.31 66.46 -42.89
C PHE B 172 -7.59 67.11 -43.39
N ASP B 173 -8.30 67.80 -42.49
CA ASP B 173 -9.50 68.56 -42.83
C ASP B 173 -9.27 70.00 -42.37
N ALA B 174 -8.86 70.86 -43.31
CA ALA B 174 -8.58 72.25 -42.97
C ALA B 174 -9.84 72.97 -42.49
N ASN B 175 -11.01 72.55 -42.95
CA ASN B 175 -12.25 73.17 -42.50
C ASN B 175 -12.56 72.80 -41.05
N GLU B 176 -12.27 71.55 -40.67
CA GLU B 176 -12.55 71.11 -39.31
C GLU B 176 -11.58 71.71 -38.31
N VAL B 177 -10.29 71.75 -38.66
CA VAL B 177 -9.29 72.28 -37.74
C VAL B 177 -9.53 73.75 -37.47
N ILE B 178 -9.92 74.51 -38.49
CA ILE B 178 -10.24 75.92 -38.29
C ILE B 178 -11.53 76.07 -37.50
N LYS B 179 -12.53 75.23 -37.80
CA LYS B 179 -13.80 75.28 -37.07
C LYS B 179 -13.60 74.90 -35.59
N GLN B 180 -12.73 73.92 -35.32
CA GLN B 180 -12.45 73.54 -33.94
C GLN B 180 -11.79 74.68 -33.18
N ALA B 181 -11.06 75.55 -33.87
CA ALA B 181 -10.44 76.70 -33.24
C ALA B 181 -11.36 77.91 -33.15
N GLU B 182 -12.38 77.98 -34.01
CA GLU B 182 -13.33 79.09 -33.95
C GLU B 182 -14.22 78.99 -32.71
N ALA B 183 -14.60 77.76 -32.33
CA ALA B 183 -15.39 77.57 -31.12
C ALA B 183 -14.54 77.80 -29.88
N SER B 184 -13.29 77.35 -29.89
CA SER B 184 -12.38 77.60 -28.78
C SER B 184 -12.02 79.08 -28.67
N THR B 185 -12.12 79.83 -29.76
CA THR B 185 -11.85 81.26 -29.71
C THR B 185 -12.98 82.02 -29.01
N ARG B 186 -14.23 81.59 -29.24
CA ARG B 186 -15.36 82.27 -28.62
C ARG B 186 -15.34 82.15 -27.10
N ARG B 187 -14.97 80.98 -26.58
CA ARG B 187 -14.88 80.80 -25.14
C ARG B 187 -13.61 81.38 -24.54
N PHE B 188 -12.71 81.93 -25.36
CA PHE B 188 -11.56 82.67 -24.86
C PHE B 188 -11.81 84.17 -24.86
N GLU B 189 -12.52 84.68 -25.87
CA GLU B 189 -12.96 86.07 -25.83
C GLU B 189 -14.00 86.29 -24.74
N GLN B 190 -14.78 85.26 -24.43
CA GLN B 190 -15.78 85.35 -23.37
C GLN B 190 -15.19 85.07 -21.98
N GLY B 191 -13.92 84.68 -21.90
CA GLY B 191 -13.25 84.57 -20.63
C GLY B 191 -13.63 83.38 -19.79
N ASN B 192 -14.09 82.29 -20.40
CA ASN B 192 -14.40 81.05 -19.69
C ASN B 192 -13.94 79.85 -20.51
N PRO B 193 -12.65 79.57 -20.51
CA PRO B 193 -12.16 78.39 -21.23
C PRO B 193 -12.58 77.11 -20.52
N ILE B 194 -12.37 75.99 -21.21
CA ILE B 194 -12.73 74.69 -20.64
C ILE B 194 -11.67 74.23 -19.65
N SER B 195 -10.41 74.24 -20.06
CA SER B 195 -9.33 73.83 -19.16
C SER B 195 -8.03 74.47 -19.66
N VAL B 196 -6.90 73.81 -19.40
CA VAL B 196 -5.61 74.31 -19.87
C VAL B 196 -5.20 73.69 -21.20
N LEU B 197 -5.86 72.63 -21.65
CA LEU B 197 -5.67 72.08 -22.98
C LEU B 197 -6.60 72.72 -24.00
N ASP B 198 -7.38 73.73 -23.60
CA ASP B 198 -8.29 74.40 -24.52
C ASP B 198 -7.48 75.16 -25.57
N GLY B 199 -7.74 74.86 -26.83
CA GLY B 199 -6.98 75.46 -27.91
C GLY B 199 -5.64 74.83 -28.19
N ILE B 200 -5.32 73.71 -27.53
CA ILE B 200 -4.05 73.02 -27.74
C ILE B 200 -4.22 72.02 -28.87
N PHE B 201 -3.23 71.99 -29.76
CA PHE B 201 -3.28 71.14 -30.95
C PHE B 201 -2.64 69.79 -30.64
N VAL B 202 -3.42 68.72 -30.82
CA VAL B 202 -2.96 67.37 -30.58
C VAL B 202 -3.17 66.54 -31.84
N THR B 203 -2.15 65.80 -32.24
CA THR B 203 -2.20 64.95 -33.43
C THR B 203 -2.49 63.51 -33.03
N ILE B 204 -3.51 62.92 -33.63
CA ILE B 204 -3.91 61.55 -33.33
C ILE B 204 -3.26 60.62 -34.34
N LYS B 205 -2.84 59.45 -33.87
CA LYS B 205 -2.25 58.44 -34.74
C LYS B 205 -3.36 57.70 -35.50
N ASP B 206 -3.03 57.27 -36.72
CA ASP B 206 -4.02 56.71 -37.63
C ASP B 206 -4.58 55.37 -37.18
N ASP B 207 -4.09 54.79 -36.09
CA ASP B 207 -4.66 53.58 -35.54
C ASP B 207 -5.67 53.86 -34.43
N ILE B 208 -5.89 55.12 -34.09
CA ILE B 208 -6.83 55.52 -33.05
C ILE B 208 -7.97 56.29 -33.69
N ASP B 209 -9.20 55.85 -33.41
CA ASP B 209 -10.37 56.51 -34.00
C ASP B 209 -10.50 57.93 -33.49
N CYS B 210 -10.70 58.87 -34.43
CA CYS B 210 -10.81 60.28 -34.07
C CYS B 210 -11.67 60.96 -35.14
N LEU B 211 -12.84 61.44 -34.74
CA LEU B 211 -13.73 62.11 -35.67
C LEU B 211 -13.12 63.41 -36.18
N PRO B 212 -13.50 63.87 -37.38
CA PRO B 212 -14.44 63.21 -38.29
C PRO B 212 -13.79 62.23 -39.25
N HIS B 213 -12.51 62.43 -39.54
CA HIS B 213 -11.81 61.64 -40.53
C HIS B 213 -11.67 60.17 -40.09
N PRO B 214 -11.59 59.24 -41.04
CA PRO B 214 -11.61 57.81 -40.70
C PRO B 214 -10.27 57.33 -40.14
N THR B 215 -10.22 56.02 -39.91
CA THR B 215 -9.06 55.35 -39.34
C THR B 215 -8.65 54.19 -40.24
N ASN B 216 -7.38 54.18 -40.64
CA ASN B 216 -6.86 53.16 -41.54
C ASN B 216 -5.66 52.42 -40.99
N GLY B 217 -4.79 53.09 -40.24
CA GLY B 217 -3.60 52.43 -39.71
C GLY B 217 -2.47 52.29 -40.70
N GLY B 218 -2.32 53.25 -41.61
CA GLY B 218 -1.30 53.19 -42.64
C GLY B 218 -1.74 52.55 -43.93
N THR B 219 -2.83 51.78 -43.91
CA THR B 219 -3.34 51.12 -45.11
C THR B 219 -4.15 52.11 -45.95
N THR B 220 -4.75 51.60 -47.02
CA THR B 220 -5.59 52.41 -47.90
C THR B 220 -6.97 51.79 -48.10
N TRP B 221 -7.34 50.83 -47.25
CA TRP B 221 -8.61 50.12 -47.44
C TRP B 221 -9.30 49.73 -46.15
N LEU B 222 -8.71 49.97 -44.97
CA LEU B 222 -9.37 49.57 -43.73
C LEU B 222 -10.64 50.36 -43.47
N HIS B 223 -10.77 51.57 -44.03
CA HIS B 223 -12.02 52.30 -43.93
C HIS B 223 -13.16 51.57 -44.63
N GLU B 224 -12.83 50.80 -45.69
CA GLU B 224 -13.86 50.09 -46.44
C GLU B 224 -14.53 49.02 -45.60
N ASP B 225 -13.79 48.40 -44.68
CA ASP B 225 -14.32 47.33 -43.84
C ASP B 225 -14.62 47.78 -42.42
N ARG B 226 -13.81 48.68 -41.87
CA ARG B 226 -13.96 49.17 -40.50
C ARG B 226 -14.38 50.63 -40.54
N SER B 227 -15.60 50.91 -40.09
CA SER B 227 -16.12 52.27 -40.07
C SER B 227 -15.83 52.94 -38.73
N VAL B 228 -16.04 54.26 -38.70
CA VAL B 228 -15.80 55.06 -37.50
C VAL B 228 -16.95 56.06 -37.35
N GLU B 229 -17.82 55.82 -36.37
CA GLU B 229 -18.91 56.74 -36.04
C GLU B 229 -18.89 57.09 -34.56
N LYS B 230 -17.71 57.02 -33.94
CA LYS B 230 -17.59 57.29 -32.51
C LYS B 230 -16.14 57.60 -32.19
N ASP B 231 -15.92 58.72 -31.49
CA ASP B 231 -14.58 59.05 -31.02
C ASP B 231 -14.08 57.99 -30.04
N SER B 232 -12.80 57.67 -30.15
CA SER B 232 -12.18 56.77 -29.19
C SER B 232 -12.20 57.41 -27.80
N ALA B 233 -12.19 56.55 -26.77
CA ALA B 233 -12.25 57.04 -25.40
C ALA B 233 -11.09 57.98 -25.09
N VAL B 234 -9.95 57.79 -25.74
CA VAL B 234 -8.79 58.64 -25.49
C VAL B 234 -8.96 60.00 -26.16
N VAL B 235 -9.50 60.03 -27.37
CA VAL B 235 -9.78 61.31 -28.03
C VAL B 235 -11.05 61.94 -27.47
N SER B 236 -12.01 61.13 -27.03
CA SER B 236 -13.20 61.67 -26.38
C SER B 236 -12.85 62.40 -25.10
N LYS B 237 -11.78 61.99 -24.42
CA LYS B 237 -11.34 62.70 -23.22
C LYS B 237 -10.67 64.02 -23.59
N LEU B 238 -9.89 64.04 -24.69
CA LEU B 238 -9.20 65.25 -25.08
C LEU B 238 -10.19 66.34 -25.51
N ARG B 239 -11.24 65.96 -26.24
CA ARG B 239 -12.23 66.94 -26.66
C ARG B 239 -12.95 67.54 -25.47
N SER B 240 -13.12 66.78 -24.39
CA SER B 240 -13.77 67.31 -23.20
C SER B 240 -12.93 68.39 -22.54
N CYS B 241 -11.62 68.35 -22.76
CA CYS B 241 -10.72 69.36 -22.22
C CYS B 241 -10.52 70.54 -23.19
N GLY B 242 -11.23 70.54 -24.32
CA GLY B 242 -11.11 71.64 -25.26
C GLY B 242 -9.99 71.52 -26.24
N ALA B 243 -9.52 70.30 -26.51
CA ALA B 243 -8.38 70.12 -27.39
C ALA B 243 -8.77 70.37 -28.85
N ILE B 244 -7.75 70.59 -29.68
CA ILE B 244 -7.90 70.74 -31.11
C ILE B 244 -7.23 69.54 -31.76
N LEU B 245 -8.02 68.70 -32.43
CA LEU B 245 -7.52 67.50 -33.09
C LEU B 245 -7.09 67.85 -34.50
N LEU B 246 -5.81 67.62 -34.81
CA LEU B 246 -5.23 68.02 -36.08
C LEU B 246 -5.62 67.04 -37.20
N GLY B 247 -5.19 65.79 -37.07
CA GLY B 247 -5.49 64.79 -38.08
C GLY B 247 -4.75 63.51 -37.79
N LYS B 248 -5.04 62.50 -38.61
CA LYS B 248 -4.43 61.20 -38.45
C LYS B 248 -2.98 61.25 -38.89
N ALA B 249 -2.07 60.84 -38.00
CA ALA B 249 -0.65 60.94 -38.28
C ALA B 249 -0.19 59.76 -39.14
N ASN B 250 0.95 59.96 -39.81
CA ASN B 250 1.57 58.91 -40.59
C ASN B 250 2.13 57.83 -39.68
N MET B 251 2.16 56.60 -40.18
CA MET B 251 2.60 55.47 -39.37
C MET B 251 3.01 54.31 -40.27
N HIS B 252 3.71 53.36 -39.68
CA HIS B 252 3.98 52.11 -40.36
C HIS B 252 2.67 51.36 -40.59
N GLU B 253 2.64 50.57 -41.66
CA GLU B 253 1.41 49.91 -42.07
C GLU B 253 1.01 48.86 -41.04
N LEU B 254 -0.09 49.14 -40.32
CA LEU B 254 -0.61 48.28 -39.26
C LEU B 254 0.41 48.08 -38.14
N GLY B 255 1.30 49.06 -37.95
CA GLY B 255 2.25 49.04 -36.85
C GLY B 255 3.30 47.95 -36.91
N MET B 256 3.41 47.23 -38.03
CA MET B 256 4.34 46.11 -38.13
C MET B 256 5.69 46.60 -38.67
N GLY B 257 6.36 47.39 -37.84
CA GLY B 257 7.66 47.93 -38.18
C GLY B 257 8.17 48.96 -37.19
N THR B 258 9.48 49.10 -37.09
CA THR B 258 10.10 50.02 -36.14
C THR B 258 10.86 51.16 -36.83
N THR B 259 10.68 51.35 -38.14
CA THR B 259 11.37 52.40 -38.87
C THR B 259 10.45 53.49 -39.38
N GLY B 260 9.18 53.19 -39.63
CA GLY B 260 8.26 54.18 -40.15
C GLY B 260 8.40 54.38 -41.64
N ASN B 261 8.45 53.28 -42.38
CA ASN B 261 8.59 53.30 -43.84
C ASN B 261 7.26 52.83 -44.43
N ASN B 262 6.45 53.78 -44.89
CA ASN B 262 5.13 53.50 -45.47
C ASN B 262 5.21 53.71 -46.98
N SER B 263 5.04 52.62 -47.74
CA SER B 263 5.18 52.64 -49.19
C SER B 263 3.88 53.03 -49.91
N ASN B 264 2.84 53.44 -49.17
CA ASN B 264 1.59 53.85 -49.77
C ASN B 264 1.22 55.30 -49.51
N TYR B 265 1.77 55.93 -48.48
CA TYR B 265 1.55 57.34 -48.20
C TYR B 265 2.82 58.16 -48.24
N GLY B 266 3.93 57.60 -47.77
CA GLY B 266 5.19 58.31 -47.78
C GLY B 266 5.97 58.17 -46.48
N THR B 267 7.26 57.88 -46.59
CA THR B 267 8.12 57.73 -45.42
C THR B 267 8.34 59.09 -44.78
N THR B 268 7.78 59.28 -43.58
CA THR B 268 7.98 60.53 -42.86
C THR B 268 9.45 60.70 -42.49
N ARG B 269 9.93 61.94 -42.57
CA ARG B 269 11.35 62.23 -42.41
C ARG B 269 11.64 62.82 -41.04
N ASN B 270 12.82 62.47 -40.51
CA ASN B 270 13.25 62.95 -39.21
C ASN B 270 13.55 64.44 -39.28
N PRO B 271 12.97 65.27 -38.41
CA PRO B 271 13.26 66.71 -38.45
C PRO B 271 14.73 67.06 -38.40
N HIS B 272 15.53 66.32 -37.60
CA HIS B 272 16.96 66.65 -37.50
C HIS B 272 17.70 66.31 -38.79
N ASP B 273 17.37 65.18 -39.41
CA ASP B 273 18.01 64.74 -40.65
C ASP B 273 16.95 64.14 -41.57
N PRO B 274 16.49 64.89 -42.57
CA PRO B 274 15.44 64.35 -43.47
C PRO B 274 15.86 63.13 -44.24
N LYS B 275 17.17 62.85 -44.35
CA LYS B 275 17.62 61.65 -45.03
C LYS B 275 17.48 60.40 -44.18
N ARG B 276 17.28 60.55 -42.88
CA ARG B 276 17.26 59.43 -41.94
C ARG B 276 15.83 59.14 -41.49
N TYR B 277 15.69 58.03 -40.77
CA TYR B 277 14.40 57.54 -40.30
C TYR B 277 13.98 58.27 -39.02
N THR B 278 12.68 58.21 -38.74
CA THR B 278 12.13 58.74 -37.50
C THR B 278 11.87 57.67 -36.46
N GLY B 279 11.59 56.45 -36.89
CA GLY B 279 11.22 55.38 -36.00
C GLY B 279 9.78 54.94 -36.20
N GLY B 280 9.49 53.72 -35.75
CA GLY B 280 8.16 53.17 -35.90
C GLY B 280 7.52 52.81 -34.57
N SER B 281 6.20 52.71 -34.55
CA SER B 281 5.40 52.93 -35.75
C SER B 281 4.83 54.34 -35.78
N SER B 282 4.91 55.06 -34.67
CA SER B 282 4.41 56.43 -34.58
C SER B 282 5.38 57.41 -35.25
N SER B 283 5.53 57.23 -36.56
CA SER B 283 6.47 58.05 -37.31
C SER B 283 5.94 59.46 -37.52
N GLY B 284 4.66 59.58 -37.88
CA GLY B 284 4.08 60.89 -38.09
C GLY B 284 3.76 61.65 -36.82
N SER B 285 3.37 60.92 -35.76
CA SER B 285 3.06 61.57 -34.49
C SER B 285 4.31 62.19 -33.87
N ALA B 286 5.40 61.42 -33.83
CA ALA B 286 6.65 61.90 -33.22
C ALA B 286 7.38 62.90 -34.10
N ALA B 287 6.98 63.06 -35.36
CA ALA B 287 7.63 64.02 -36.24
C ALA B 287 6.90 65.34 -36.30
N ILE B 288 5.58 65.35 -36.10
CA ILE B 288 4.86 66.62 -36.03
C ILE B 288 5.06 67.29 -34.67
N VAL B 289 5.51 66.56 -33.67
CA VAL B 289 5.84 67.13 -32.36
C VAL B 289 7.28 67.63 -32.34
N ALA B 290 8.22 66.80 -32.81
CA ALA B 290 9.62 67.20 -32.80
C ALA B 290 9.87 68.40 -33.70
N ALA B 291 9.12 68.52 -34.79
CA ALA B 291 9.23 69.70 -35.64
C ALA B 291 8.62 70.92 -34.98
N GLY B 292 7.66 70.72 -34.09
CA GLY B 292 7.08 71.81 -33.32
C GLY B 292 5.75 72.34 -33.81
N LEU B 293 5.10 71.66 -34.76
CA LEU B 293 3.82 72.16 -35.26
C LEU B 293 2.72 72.05 -34.21
N CYS B 294 2.73 70.97 -33.43
CA CYS B 294 1.74 70.75 -32.39
C CYS B 294 2.45 70.48 -31.06
N SER B 295 1.76 70.78 -29.97
CA SER B 295 2.39 70.69 -28.65
C SER B 295 2.58 69.24 -28.22
N ALA B 296 1.63 68.37 -28.54
CA ALA B 296 1.72 66.96 -28.17
C ALA B 296 1.00 66.12 -29.22
N ALA B 297 1.17 64.81 -29.13
CA ALA B 297 0.53 63.88 -30.05
C ALA B 297 0.25 62.58 -29.33
N LEU B 298 -0.62 61.77 -29.92
CA LEU B 298 -1.00 60.47 -29.38
C LEU B 298 -0.53 59.37 -30.31
N GLY B 299 -0.51 58.15 -29.77
CA GLY B 299 -0.08 56.99 -30.52
C GLY B 299 0.07 55.77 -29.66
N THR B 300 -0.12 54.58 -30.25
CA THR B 300 -0.03 53.35 -29.50
C THR B 300 1.42 52.88 -29.39
N ASP B 301 1.71 52.15 -28.31
CA ASP B 301 3.04 51.61 -28.04
C ASP B 301 2.89 50.09 -27.90
N GLY B 302 2.88 49.39 -29.03
CA GLY B 302 2.75 47.95 -29.01
C GLY B 302 4.08 47.24 -28.84
N GLY B 303 5.14 47.85 -29.37
CA GLY B 303 6.48 47.30 -29.23
C GLY B 303 7.52 48.40 -29.24
N GLY B 304 7.28 49.45 -28.45
CA GLY B 304 8.12 50.63 -28.50
C GLY B 304 7.72 51.64 -29.54
N ALA B 305 6.51 51.54 -30.08
CA ALA B 305 6.08 52.45 -31.14
C ALA B 305 5.99 53.90 -30.68
N VAL B 306 5.95 54.14 -29.38
CA VAL B 306 5.98 55.50 -28.84
C VAL B 306 7.36 55.87 -28.34
N ARG B 307 8.09 54.92 -27.75
CA ARG B 307 9.39 55.21 -27.16
C ARG B 307 10.50 55.26 -28.20
N ILE B 308 10.44 54.39 -29.22
CA ILE B 308 11.49 54.39 -30.24
C ILE B 308 11.53 55.69 -31.03
N PRO B 309 10.44 56.17 -31.65
CA PRO B 309 10.55 57.43 -32.39
C PRO B 309 10.75 58.65 -31.51
N SER B 310 10.41 58.57 -30.22
CA SER B 310 10.67 59.69 -29.33
C SER B 310 12.16 59.87 -29.08
N ALA B 311 12.94 58.78 -29.15
CA ALA B 311 14.38 58.89 -28.98
C ALA B 311 15.07 59.33 -30.26
N LEU B 312 14.61 58.82 -31.42
CA LEU B 312 15.24 59.18 -32.69
C LEU B 312 14.90 60.60 -33.11
N CYS B 313 13.74 61.11 -32.67
CA CYS B 313 13.36 62.48 -32.99
C CYS B 313 13.70 63.48 -31.91
N GLY B 314 13.87 63.02 -30.66
CA GLY B 314 14.29 63.90 -29.58
C GLY B 314 13.15 64.53 -28.81
N ILE B 315 12.10 63.74 -28.53
CA ILE B 315 10.97 64.18 -27.74
C ILE B 315 10.74 63.17 -26.62
N THR B 316 9.71 63.43 -25.82
CA THR B 316 9.38 62.58 -24.67
C THR B 316 8.12 61.78 -24.98
N GLY B 317 8.24 60.46 -24.94
CA GLY B 317 7.09 59.58 -25.13
C GLY B 317 6.86 58.71 -23.91
N LEU B 318 5.64 58.72 -23.38
CA LEU B 318 5.31 58.05 -22.13
C LEU B 318 4.46 56.82 -22.43
N LYS B 319 5.05 55.64 -22.25
CA LYS B 319 4.32 54.38 -22.36
C LYS B 319 3.62 54.13 -21.04
N THR B 320 2.30 54.26 -21.03
CA THR B 320 1.54 54.08 -19.81
C THR B 320 1.37 52.59 -19.50
N THR B 321 1.01 52.30 -18.25
CA THR B 321 0.80 50.93 -17.80
C THR B 321 -0.33 50.28 -18.58
N TYR B 322 -0.28 48.96 -18.68
CA TYR B 322 -1.30 48.20 -19.41
C TYR B 322 -2.65 48.38 -18.74
N GLY B 323 -3.62 48.92 -19.48
CA GLY B 323 -4.95 49.15 -18.97
C GLY B 323 -5.16 50.49 -18.30
N ARG B 324 -4.10 51.27 -18.09
CA ARG B 324 -4.24 52.56 -17.42
C ARG B 324 -5.04 53.55 -18.28
N THR B 325 -4.75 53.60 -19.58
CA THR B 325 -5.45 54.47 -20.51
C THR B 325 -6.40 53.64 -21.36
N ASP B 326 -7.67 54.04 -21.37
CA ASP B 326 -8.70 53.28 -22.09
C ASP B 326 -8.39 53.25 -23.57
N MET B 327 -8.39 52.05 -24.15
CA MET B 327 -8.09 51.84 -25.55
C MET B 327 -9.33 51.56 -26.38
N THR B 328 -10.51 52.00 -25.92
CA THR B 328 -11.73 51.78 -26.68
C THR B 328 -11.71 52.60 -27.96
N GLY B 329 -12.16 52.00 -29.05
CA GLY B 329 -12.16 52.66 -30.34
C GLY B 329 -10.78 52.75 -30.96
N SER B 330 -10.06 51.63 -30.97
CA SER B 330 -8.71 51.58 -31.50
C SER B 330 -8.55 50.31 -32.33
N LEU B 331 -7.48 50.28 -33.12
CA LEU B 331 -7.18 49.10 -33.93
C LEU B 331 -6.62 47.95 -33.11
N CYS B 332 -6.07 48.23 -31.93
CA CYS B 332 -5.41 47.23 -31.10
C CYS B 332 -6.07 47.06 -29.74
N GLU B 333 -7.37 47.31 -29.67
CA GLU B 333 -8.09 47.06 -28.42
C GLU B 333 -8.30 45.57 -28.21
N GLY B 334 -8.10 45.12 -26.98
CA GLY B 334 -8.16 43.72 -26.64
C GLY B 334 -6.82 43.02 -26.58
N GLY B 335 -5.79 43.62 -27.16
CA GLY B 335 -4.47 43.04 -27.12
C GLY B 335 -3.88 43.01 -25.72
N THR B 336 -2.81 42.24 -25.58
CA THR B 336 -2.15 42.04 -24.30
C THR B 336 -0.86 42.82 -24.15
N VAL B 337 -0.44 43.56 -25.18
CA VAL B 337 0.80 44.32 -25.11
C VAL B 337 0.64 45.78 -25.46
N GLU B 338 -0.45 46.21 -26.09
CA GLU B 338 -0.56 47.56 -26.58
C GLU B 338 -1.17 48.50 -25.54
N ILE B 339 -0.73 49.76 -25.58
CA ILE B 339 -1.28 50.84 -24.78
C ILE B 339 -1.49 52.05 -25.69
N ILE B 340 -2.01 53.12 -25.11
CA ILE B 340 -2.13 54.41 -25.79
C ILE B 340 -1.36 55.43 -24.96
N GLY B 341 -0.23 55.89 -25.48
CA GLY B 341 0.64 56.79 -24.77
C GLY B 341 0.91 58.07 -25.52
N PRO B 342 1.15 59.15 -24.79
CA PRO B 342 1.37 60.46 -25.43
C PRO B 342 2.84 60.71 -25.75
N LEU B 343 3.04 61.46 -26.82
CA LEU B 343 4.35 61.97 -27.22
C LEU B 343 4.30 63.49 -27.18
N ALA B 344 5.30 64.10 -26.54
CA ALA B 344 5.28 65.54 -26.34
C ALA B 344 6.70 66.08 -26.42
N SER B 345 6.79 67.39 -26.64
CA SER B 345 8.07 68.09 -26.78
C SER B 345 8.81 68.26 -25.46
N SER B 346 8.14 68.06 -24.33
CA SER B 346 8.78 68.19 -23.02
C SER B 346 8.02 67.31 -22.03
N LEU B 347 8.63 67.15 -20.84
CA LEU B 347 8.00 66.34 -19.80
C LEU B 347 6.72 67.00 -19.29
N GLU B 348 6.72 68.33 -19.18
CA GLU B 348 5.55 69.04 -18.68
C GLU B 348 4.36 68.86 -19.62
N ASP B 349 4.61 68.86 -20.93
CA ASP B 349 3.52 68.66 -21.89
C ASP B 349 2.98 67.24 -21.80
N ALA B 350 3.88 66.24 -21.77
CA ALA B 350 3.45 64.86 -21.68
C ALA B 350 2.73 64.58 -20.36
N PHE B 351 3.20 65.20 -19.27
CA PHE B 351 2.51 65.09 -17.99
C PHE B 351 1.10 65.68 -18.09
N LEU B 352 0.96 66.81 -18.79
CA LEU B 352 -0.35 67.43 -18.91
C LEU B 352 -1.29 66.58 -19.76
N VAL B 353 -0.78 65.97 -20.82
CA VAL B 353 -1.64 65.16 -21.69
C VAL B 353 -1.89 63.79 -21.07
N TYR B 354 -0.92 63.23 -20.33
CA TYR B 354 -1.14 61.95 -19.67
C TYR B 354 -2.28 62.05 -18.66
N ALA B 355 -2.33 63.15 -17.91
CA ALA B 355 -3.40 63.39 -16.96
C ALA B 355 -4.69 63.88 -17.61
N ALA B 356 -4.81 63.74 -18.93
CA ALA B 356 -6.01 64.13 -19.64
C ALA B 356 -6.63 62.98 -20.42
N ILE B 357 -5.92 61.87 -20.58
CA ILE B 357 -6.45 60.71 -21.29
C ILE B 357 -6.47 59.46 -20.43
N LEU B 358 -5.75 59.48 -19.31
CA LEU B 358 -5.69 58.34 -18.40
C LEU B 358 -6.96 57.93 -17.67
N GLY B 359 -7.52 56.79 -18.07
CA GLY B 359 -8.80 56.34 -17.59
C GLY B 359 -8.95 54.89 -17.99
N SER B 360 -8.93 54.00 -16.99
CA SER B 360 -9.16 52.58 -17.22
C SER B 360 -10.62 52.33 -17.62
N SER B 361 -10.83 51.37 -18.51
CA SER B 361 -12.16 51.04 -18.97
C SER B 361 -12.91 50.24 -17.91
N SER B 362 -14.23 50.19 -18.06
CA SER B 362 -15.05 49.43 -17.13
C SER B 362 -14.77 47.94 -17.20
N ALA B 363 -14.17 47.46 -18.28
CA ALA B 363 -13.83 46.05 -18.41
C ALA B 363 -12.48 45.75 -17.77
N ASP B 364 -11.53 46.67 -17.89
CA ASP B 364 -10.21 46.50 -17.30
C ASP B 364 -10.15 46.93 -15.84
N ARG B 365 -11.13 47.72 -15.38
CA ARG B 365 -11.13 48.15 -13.99
C ARG B 365 -11.32 46.97 -13.04
N TYR B 366 -12.14 46.01 -13.43
CA TYR B 366 -12.42 44.85 -12.59
C TYR B 366 -11.40 43.73 -12.79
N ASN B 367 -10.93 43.54 -14.02
CA ASN B 367 -10.01 42.44 -14.30
C ASN B 367 -8.59 42.77 -13.85
N LEU B 368 -8.11 43.98 -14.10
CA LEU B 368 -6.76 44.37 -13.71
C LEU B 368 -6.70 44.94 -12.31
N LYS B 369 -7.77 45.57 -11.83
CA LYS B 369 -7.85 46.21 -10.52
C LYS B 369 -6.69 47.18 -10.34
N PRO B 370 -6.68 48.31 -11.05
CA PRO B 370 -5.57 49.27 -10.89
C PRO B 370 -5.82 50.21 -9.71
N SER B 371 -4.74 50.54 -9.01
CA SER B 371 -4.82 51.52 -7.95
C SER B 371 -5.14 52.90 -8.54
N PRO B 372 -5.73 53.79 -7.76
CA PRO B 372 -6.05 55.12 -8.28
C PRO B 372 -4.80 55.82 -8.79
N PRO B 373 -4.94 56.66 -9.81
CA PRO B 373 -3.76 57.30 -10.40
C PRO B 373 -3.11 58.29 -9.44
N CYS B 374 -1.85 58.61 -9.75
CA CYS B 374 -1.06 59.52 -8.94
C CYS B 374 -0.33 60.50 -9.84
N PHE B 375 -0.14 61.71 -9.34
CA PHE B 375 0.58 62.74 -10.07
C PHE B 375 1.88 63.08 -9.33
N PRO B 376 3.01 63.18 -10.02
CA PRO B 376 4.26 63.55 -9.34
C PRO B 376 4.24 65.02 -8.98
N LYS B 377 4.63 65.32 -7.75
CA LYS B 377 4.72 66.71 -7.30
C LYS B 377 5.93 67.37 -7.94
N LEU B 378 5.74 67.93 -9.14
CA LEU B 378 6.84 68.57 -9.86
C LEU B 378 7.36 69.82 -9.16
N LEU B 379 6.67 70.31 -8.14
CA LEU B 379 7.21 71.34 -7.27
C LEU B 379 8.44 70.78 -6.56
N SER B 380 9.64 71.13 -7.05
CA SER B 380 10.86 70.58 -6.47
C SER B 380 11.00 70.97 -5.00
N HIS B 381 10.93 72.26 -4.71
CA HIS B 381 10.93 72.72 -3.33
C HIS B 381 9.68 72.20 -2.62
N ASN B 382 9.76 72.03 -1.30
CA ASN B 382 10.87 72.49 -0.46
C ASN B 382 12.01 71.48 -0.31
N GLY B 383 11.65 70.21 -0.14
CA GLY B 383 12.64 69.18 0.14
C GLY B 383 13.37 68.64 -1.07
N SER B 384 12.61 68.13 -2.03
CA SER B 384 13.13 67.48 -3.23
C SER B 384 13.99 66.26 -2.91
N ASN B 385 13.82 65.67 -1.73
CA ASN B 385 14.55 64.48 -1.33
C ASN B 385 13.75 63.20 -1.59
N ALA B 386 12.80 63.25 -2.53
CA ALA B 386 12.04 62.07 -2.92
C ALA B 386 12.68 61.36 -4.11
N ILE B 387 13.21 62.11 -5.07
CA ILE B 387 13.92 61.51 -6.20
C ILE B 387 15.24 60.91 -5.77
N GLY B 388 15.82 61.39 -4.67
CA GLY B 388 17.10 60.87 -4.22
C GLY B 388 17.01 59.46 -3.65
N SER B 389 15.84 59.08 -3.13
CA SER B 389 15.66 57.76 -2.56
C SER B 389 15.37 56.69 -3.60
N LEU B 390 15.55 57.00 -4.88
CA LEU B 390 15.26 56.06 -5.95
C LEU B 390 16.48 55.19 -6.23
N ARG B 391 16.26 53.88 -6.35
CA ARG B 391 17.32 52.92 -6.62
C ARG B 391 17.33 52.59 -8.11
N LEU B 392 18.46 52.83 -8.75
CA LEU B 392 18.61 52.62 -10.20
C LEU B 392 19.25 51.27 -10.46
N GLY B 393 18.68 50.52 -11.39
CA GLY B 393 19.22 49.22 -11.76
C GLY B 393 19.59 49.12 -13.21
N LYS B 394 20.85 48.77 -13.50
CA LYS B 394 21.33 48.70 -14.88
C LYS B 394 21.99 47.36 -15.13
N TYR B 395 21.94 46.93 -16.39
CA TYR B 395 22.56 45.69 -16.85
C TYR B 395 23.71 46.09 -17.77
N THR B 396 24.93 46.07 -17.24
CA THR B 396 26.08 46.58 -17.98
C THR B 396 26.30 45.83 -19.29
N LYS B 397 26.11 44.51 -19.28
CA LYS B 397 26.23 43.74 -20.51
C LYS B 397 25.12 44.05 -21.49
N TRP B 398 24.00 44.60 -21.01
CA TRP B 398 22.88 45.00 -21.85
C TRP B 398 22.83 46.50 -22.09
N PHE B 399 23.30 47.30 -21.13
CA PHE B 399 23.34 48.74 -21.30
C PHE B 399 24.28 49.14 -22.44
N ASN B 400 25.41 48.43 -22.56
CA ASN B 400 26.44 48.79 -23.52
C ASN B 400 26.37 47.98 -24.82
N ASP B 401 25.51 46.97 -24.90
CA ASP B 401 25.35 46.19 -26.13
C ASP B 401 24.58 47.04 -27.14
N VAL B 402 25.28 47.96 -27.77
CA VAL B 402 24.68 48.87 -28.73
C VAL B 402 25.51 48.86 -30.01
N SER B 403 25.21 49.78 -30.92
CA SER B 403 25.97 49.95 -32.15
C SER B 403 26.88 51.17 -32.08
N SER B 404 26.30 52.36 -31.94
CA SER B 404 27.07 53.57 -31.77
C SER B 404 27.49 53.70 -30.30
N SER B 405 28.79 53.87 -30.07
CA SER B 405 29.32 53.95 -28.71
C SER B 405 28.97 55.27 -28.01
N ASP B 406 28.25 56.17 -28.67
CA ASP B 406 27.86 57.43 -28.05
C ASP B 406 26.61 57.30 -27.20
N ILE B 407 25.75 56.32 -27.50
CA ILE B 407 24.53 56.13 -26.71
C ILE B 407 24.88 55.66 -25.31
N SER B 408 25.76 54.66 -25.21
CA SER B 408 26.19 54.16 -23.90
C SER B 408 27.01 55.17 -23.13
N ASP B 409 27.45 56.26 -23.77
CA ASP B 409 28.16 57.33 -23.09
C ASP B 409 27.21 58.42 -22.60
N LYS B 410 26.37 58.94 -23.50
CA LYS B 410 25.48 60.03 -23.13
C LYS B 410 24.40 59.58 -22.14
N CYS B 411 24.00 58.32 -22.19
CA CYS B 411 23.05 57.80 -21.21
C CYS B 411 23.72 57.48 -19.88
N GLU B 412 25.01 57.12 -19.91
CA GLU B 412 25.74 56.89 -18.67
C GLU B 412 26.11 58.19 -17.98
N ASP B 413 26.28 59.27 -18.76
CA ASP B 413 26.51 60.58 -18.15
C ASP B 413 25.29 61.04 -17.36
N ILE B 414 24.09 60.73 -17.87
CA ILE B 414 22.87 61.08 -17.16
C ILE B 414 22.76 60.28 -15.87
N LEU B 415 23.11 58.99 -15.92
CA LEU B 415 23.13 58.18 -14.71
C LEU B 415 24.14 58.73 -13.71
N LYS B 416 25.27 59.25 -14.20
CA LYS B 416 26.23 59.89 -13.31
C LYS B 416 25.71 61.22 -12.80
N LEU B 417 25.05 62.00 -13.67
CA LEU B 417 24.51 63.29 -13.25
C LEU B 417 23.38 63.11 -12.24
N LEU B 418 22.54 62.09 -12.44
CA LEU B 418 21.46 61.83 -11.47
C LEU B 418 22.03 61.34 -10.15
N SER B 419 22.99 60.42 -10.19
CA SER B 419 23.60 59.92 -8.96
C SER B 419 24.46 60.95 -8.27
N ASN B 420 24.93 61.97 -8.98
CA ASN B 420 25.79 62.99 -8.40
C ASN B 420 25.01 64.19 -7.88
N ASN B 421 23.89 64.51 -8.51
CA ASN B 421 23.13 65.71 -8.14
C ASN B 421 21.94 65.43 -7.23
N HIS B 422 21.39 64.22 -7.26
CA HIS B 422 20.25 63.90 -6.41
C HIS B 422 20.51 62.79 -5.42
N GLY B 423 21.65 62.11 -5.49
CA GLY B 423 21.98 61.05 -4.55
C GLY B 423 21.41 59.70 -4.90
N CYS B 424 21.08 59.45 -6.16
CA CYS B 424 20.59 58.15 -6.57
C CYS B 424 21.71 57.12 -6.58
N LYS B 425 21.34 55.86 -6.43
CA LYS B 425 22.28 54.74 -6.43
C LYS B 425 22.03 53.86 -7.64
N VAL B 426 23.11 53.45 -8.31
CA VAL B 426 23.02 52.65 -9.52
C VAL B 426 23.47 51.24 -9.13
N VAL B 427 22.49 50.40 -8.81
CA VAL B 427 22.73 49.00 -8.46
C VAL B 427 22.77 48.18 -9.74
N GLU B 428 23.56 47.10 -9.73
CA GLU B 428 23.69 46.23 -10.88
C GLU B 428 22.57 45.19 -10.87
N ILE B 429 21.87 45.09 -12.00
CA ILE B 429 20.80 44.11 -12.15
C ILE B 429 21.13 43.18 -13.32
N VAL B 430 20.23 42.25 -13.61
CA VAL B 430 20.37 41.33 -14.72
C VAL B 430 18.98 40.90 -15.18
N VAL B 431 18.73 41.00 -16.48
CA VAL B 431 17.43 40.62 -17.04
C VAL B 431 17.60 39.31 -17.79
N PRO B 432 17.27 38.17 -17.18
CA PRO B 432 17.48 36.88 -17.85
C PRO B 432 16.45 36.64 -18.94
N GLU B 433 16.78 35.70 -19.82
CA GLU B 433 15.87 35.24 -20.87
C GLU B 433 15.43 36.39 -21.77
N LEU B 434 16.41 37.12 -22.30
CA LEU B 434 16.12 38.20 -23.24
C LEU B 434 15.76 37.70 -24.63
N GLU B 435 16.20 36.49 -24.98
CA GLU B 435 15.79 35.91 -26.26
C GLU B 435 14.35 35.41 -26.19
N GLU B 436 13.95 34.87 -25.04
CA GLU B 436 12.56 34.44 -24.86
C GLU B 436 11.59 35.63 -24.83
N MET B 437 12.09 36.82 -24.48
CA MET B 437 11.22 37.99 -24.45
C MET B 437 10.85 38.45 -25.86
N ARG B 438 11.78 38.34 -26.80
CA ARG B 438 11.48 38.72 -28.18
C ARG B 438 10.53 37.73 -28.83
N ALA B 439 10.74 36.44 -28.58
CA ALA B 439 9.87 35.42 -29.19
C ALA B 439 8.47 35.45 -28.59
N ALA B 440 8.37 35.64 -27.28
CA ALA B 440 7.05 35.68 -26.64
C ALA B 440 6.29 36.95 -27.01
N HIS B 441 7.00 38.02 -27.37
CA HIS B 441 6.34 39.27 -27.71
C HIS B 441 5.77 39.24 -29.13
N VAL B 442 6.56 38.78 -30.09
CA VAL B 442 6.15 38.84 -31.50
C VAL B 442 4.90 38.02 -31.74
N ILE B 443 4.70 36.94 -31.00
CA ILE B 443 3.50 36.13 -31.16
C ILE B 443 2.35 36.71 -30.34
N SER B 444 2.65 37.39 -29.23
CA SER B 444 1.62 38.01 -28.42
C SER B 444 1.04 39.27 -29.06
N ILE B 445 1.78 39.91 -29.95
CA ILE B 445 1.32 41.14 -30.60
C ILE B 445 0.83 40.82 -32.00
N GLY B 446 1.38 39.76 -32.60
CA GLY B 446 1.04 39.40 -33.96
C GLY B 446 -0.20 38.56 -34.08
N SER B 447 -0.56 37.83 -33.01
CA SER B 447 -1.73 36.96 -33.08
C SER B 447 -3.04 37.74 -33.02
N PRO B 448 -3.27 38.64 -32.05
CA PRO B 448 -4.52 39.42 -32.08
C PRO B 448 -4.62 40.36 -33.27
N THR B 449 -3.50 40.79 -33.84
CA THR B 449 -3.55 41.65 -35.03
C THR B 449 -3.96 40.84 -36.26
N LEU B 450 -3.30 39.70 -36.48
CA LEU B 450 -3.65 38.85 -37.61
C LEU B 450 -5.08 38.33 -37.51
N SER B 451 -5.58 38.12 -36.28
CA SER B 451 -6.94 37.61 -36.10
C SER B 451 -7.98 38.64 -36.51
N SER B 452 -7.75 39.91 -36.18
CA SER B 452 -8.74 40.94 -36.47
C SER B 452 -8.78 41.27 -37.96
N LEU B 453 -7.66 41.12 -38.66
CA LEU B 453 -7.58 41.38 -40.09
C LEU B 453 -7.78 40.14 -40.94
N THR B 454 -8.12 39.00 -40.32
CA THR B 454 -8.26 37.77 -41.10
C THR B 454 -9.54 37.73 -41.92
N PRO B 455 -10.73 38.03 -41.38
CA PRO B 455 -11.94 38.00 -42.23
C PRO B 455 -11.88 38.95 -43.42
N TYR B 456 -11.01 39.96 -43.37
CA TYR B 456 -10.85 40.89 -44.48
C TYR B 456 -9.82 40.39 -45.49
N CYS B 457 -8.73 39.77 -45.02
CA CYS B 457 -7.72 39.25 -45.93
C CYS B 457 -8.23 38.02 -46.68
N GLU B 458 -9.06 37.19 -46.04
CA GLU B 458 -9.63 36.05 -46.72
C GLU B 458 -10.63 36.47 -47.80
N ALA B 459 -11.13 37.70 -47.74
CA ALA B 459 -12.03 38.24 -48.75
C ALA B 459 -11.30 38.89 -49.91
N GLY B 460 -10.04 38.50 -50.15
CA GLY B 460 -9.28 39.03 -51.26
C GLY B 460 -8.58 40.34 -51.02
N LYS B 461 -8.44 40.77 -49.76
CA LYS B 461 -7.77 42.03 -49.43
C LYS B 461 -6.41 41.81 -48.79
N ASN B 462 -5.82 40.62 -48.96
CA ASN B 462 -4.45 40.39 -48.51
C ASN B 462 -3.45 40.97 -49.49
N SER B 463 -3.76 40.97 -50.78
CA SER B 463 -2.90 41.62 -51.77
C SER B 463 -2.87 43.13 -51.59
N LYS B 464 -3.86 43.69 -50.87
CA LYS B 464 -3.91 45.13 -50.64
C LYS B 464 -3.09 45.51 -49.40
N LEU B 465 -2.02 44.78 -49.16
CA LEU B 465 -1.10 45.05 -48.06
C LEU B 465 0.25 45.47 -48.62
N SER B 466 1.17 45.81 -47.72
CA SER B 466 2.53 46.16 -48.11
C SER B 466 3.41 44.92 -48.06
N TYR B 467 4.50 44.96 -48.83
CA TYR B 467 5.42 43.83 -48.86
C TYR B 467 6.17 43.68 -47.54
N ASP B 468 6.38 44.78 -46.81
CA ASP B 468 7.01 44.68 -45.50
C ASP B 468 6.11 44.01 -44.48
N THR B 469 4.79 44.17 -44.63
CA THR B 469 3.85 43.55 -43.70
C THR B 469 3.56 42.10 -44.07
N ARG B 470 3.38 41.82 -45.35
CA ARG B 470 3.18 40.44 -45.78
C ARG B 470 4.37 39.56 -45.44
N THR B 471 5.55 40.15 -45.22
CA THR B 471 6.66 39.40 -44.66
C THR B 471 6.42 39.06 -43.21
N SER B 472 5.74 39.94 -42.46
CA SER B 472 5.40 39.65 -41.08
C SER B 472 4.18 38.73 -40.98
N PHE B 473 3.15 38.99 -41.79
CA PHE B 473 1.96 38.15 -41.77
C PHE B 473 2.29 36.71 -42.15
N ALA B 474 3.22 36.53 -43.09
CA ALA B 474 3.62 35.18 -43.47
C ALA B 474 4.27 34.45 -42.30
N ILE B 475 5.03 35.18 -41.48
CA ILE B 475 5.59 34.58 -40.28
C ILE B 475 4.53 34.43 -39.19
N PHE B 476 3.56 35.35 -39.14
CA PHE B 476 2.55 35.29 -38.10
C PHE B 476 1.58 34.13 -38.32
N ARG B 477 1.38 33.71 -39.57
CA ARG B 477 0.51 32.59 -39.84
C ARG B 477 1.14 31.25 -39.47
N SER B 478 2.46 31.19 -39.39
CA SER B 478 3.13 29.94 -39.00
C SER B 478 3.00 29.67 -37.51
N PHE B 479 2.70 30.68 -36.71
CA PHE B 479 2.49 30.49 -35.28
C PHE B 479 1.20 29.71 -35.06
N SER B 480 1.31 28.55 -34.41
CA SER B 480 0.15 27.72 -34.13
C SER B 480 -0.46 28.12 -32.80
N ALA B 481 -1.60 27.50 -32.47
CA ALA B 481 -2.24 27.78 -31.18
C ALA B 481 -1.43 27.24 -30.02
N SER B 482 -0.69 26.14 -30.23
CA SER B 482 0.17 25.61 -29.19
C SER B 482 1.39 26.48 -28.97
N ASP B 483 1.86 27.16 -30.02
CA ASP B 483 2.95 28.11 -29.86
C ASP B 483 2.53 29.34 -29.10
N TYR B 484 1.23 29.67 -29.09
CA TYR B 484 0.75 30.81 -28.35
C TYR B 484 0.65 30.50 -26.85
N ILE B 485 0.18 29.31 -26.50
CA ILE B 485 0.08 28.93 -25.10
C ILE B 485 1.46 28.86 -24.47
N ALA B 486 2.44 28.28 -25.19
CA ALA B 486 3.79 28.20 -24.67
C ALA B 486 4.44 29.57 -24.51
N ALA B 487 3.97 30.57 -25.24
CA ALA B 487 4.51 31.92 -25.10
C ALA B 487 3.97 32.61 -23.85
N GLN B 488 2.67 32.45 -23.57
CA GLN B 488 2.11 33.03 -22.36
C GLN B 488 2.75 32.43 -21.11
N CYS B 489 3.22 31.19 -21.20
CA CYS B 489 4.02 30.62 -20.10
C CYS B 489 5.35 31.36 -19.96
N LEU B 490 5.93 31.79 -21.08
CA LEU B 490 7.15 32.59 -21.03
C LEU B 490 6.91 33.99 -20.48
N ARG B 491 5.68 34.50 -20.60
CA ARG B 491 5.38 35.81 -20.04
C ARG B 491 5.37 35.76 -18.51
N ARG B 492 4.86 34.67 -17.94
CA ARG B 492 4.87 34.51 -16.49
C ARG B 492 6.29 34.44 -15.94
N ARG B 493 7.18 33.75 -16.67
CA ARG B 493 8.57 33.66 -16.23
C ARG B 493 9.22 35.03 -16.17
N LEU B 494 9.13 35.79 -17.26
CA LEU B 494 9.72 37.13 -17.26
C LEU B 494 9.06 38.04 -16.24
N MET B 495 7.75 37.87 -16.01
CA MET B 495 7.07 38.66 -15.01
C MET B 495 7.64 38.41 -13.62
N GLU B 496 7.99 37.16 -13.32
CA GLU B 496 8.59 36.85 -12.03
C GLU B 496 10.01 37.38 -11.93
N TYR B 497 10.73 37.45 -13.06
CA TYR B 497 12.07 38.03 -13.05
C TYR B 497 12.01 39.53 -12.76
N HIS B 498 11.11 40.25 -13.46
CA HIS B 498 11.07 41.70 -13.32
C HIS B 498 10.45 42.13 -12.00
N LEU B 499 9.43 41.41 -11.53
CA LEU B 499 8.83 41.74 -10.25
C LEU B 499 9.81 41.54 -9.10
N ASN B 500 10.60 40.46 -9.15
CA ASN B 500 11.63 40.27 -8.14
C ASN B 500 12.74 41.30 -8.27
N ILE B 501 12.98 41.80 -9.48
CA ILE B 501 13.94 42.88 -9.66
C ILE B 501 13.41 44.17 -9.03
N PHE B 502 12.12 44.45 -9.23
CA PHE B 502 11.51 45.66 -8.67
C PHE B 502 11.45 45.64 -7.15
N LYS B 503 11.71 44.50 -6.51
CA LYS B 503 11.87 44.47 -5.07
C LYS B 503 13.16 45.15 -4.63
N ASP B 504 14.13 45.28 -5.53
CA ASP B 504 15.42 45.87 -5.21
C ASP B 504 15.64 47.25 -5.84
N VAL B 505 14.93 47.57 -6.92
CA VAL B 505 15.09 48.84 -7.60
C VAL B 505 13.72 49.47 -7.85
N ASP B 506 13.72 50.80 -8.00
CA ASP B 506 12.50 51.56 -8.25
C ASP B 506 12.19 51.67 -9.74
N VAL B 507 13.22 51.87 -10.56
CA VAL B 507 13.08 51.92 -12.01
C VAL B 507 14.27 51.23 -12.65
N ILE B 508 14.08 50.78 -13.89
CA ILE B 508 15.12 50.16 -14.68
C ILE B 508 15.51 51.13 -15.78
N VAL B 509 16.76 51.58 -15.76
CA VAL B 509 17.26 52.60 -16.67
C VAL B 509 18.06 51.93 -17.79
N THR B 510 17.71 52.25 -19.03
CA THR B 510 18.39 51.74 -20.21
C THR B 510 18.22 52.77 -21.33
N PRO B 511 19.12 52.78 -22.31
CA PRO B 511 18.87 53.59 -23.51
C PRO B 511 17.69 53.02 -24.28
N THR B 512 16.90 53.90 -24.88
CA THR B 512 15.68 53.47 -25.54
C THR B 512 15.98 52.57 -26.74
N THR B 513 16.93 52.99 -27.58
CA THR B 513 17.30 52.24 -28.76
C THR B 513 18.80 51.99 -28.76
N GLY B 514 19.21 50.96 -29.49
CA GLY B 514 20.61 50.60 -29.65
C GLY B 514 21.34 51.35 -30.74
N MET B 515 20.63 52.16 -31.52
CA MET B 515 21.24 52.95 -32.58
C MET B 515 20.49 54.28 -32.69
N THR B 516 21.16 55.27 -33.28
CA THR B 516 20.53 56.55 -33.53
C THR B 516 19.64 56.44 -34.77
N ALA B 517 19.19 57.58 -35.29
CA ALA B 517 18.32 57.59 -36.45
C ALA B 517 19.03 56.99 -37.66
N PRO B 518 18.56 55.85 -38.17
CA PRO B 518 19.23 55.20 -39.29
C PRO B 518 18.88 55.86 -40.62
N VAL B 519 19.84 55.81 -41.55
CA VAL B 519 19.65 56.42 -42.85
C VAL B 519 18.66 55.61 -43.67
N ILE B 520 17.80 56.30 -44.41
CA ILE B 520 16.80 55.65 -45.26
C ILE B 520 17.46 55.20 -46.56
N PRO B 521 17.47 53.90 -46.87
CA PRO B 521 17.98 53.45 -48.16
C PRO B 521 17.10 53.93 -49.29
N PRO B 522 17.66 54.53 -50.34
CA PRO B 522 16.84 55.00 -51.45
C PRO B 522 16.03 53.90 -52.12
N ASP B 523 16.51 52.66 -52.10
CA ASP B 523 15.76 51.56 -52.68
C ASP B 523 14.58 51.13 -51.81
N ALA B 524 14.58 51.51 -50.53
CA ALA B 524 13.49 51.19 -49.63
C ALA B 524 12.33 52.16 -49.74
N LEU B 525 12.42 53.16 -50.63
CA LEU B 525 11.39 54.18 -50.78
C LEU B 525 10.39 53.84 -51.87
N LYS B 526 10.28 52.56 -52.26
CA LYS B 526 9.33 52.17 -53.28
C LYS B 526 8.28 51.23 -52.73
N ASN B 527 8.66 49.97 -52.51
CA ASN B 527 7.74 48.96 -51.99
C ASN B 527 8.05 48.56 -50.56
N GLY B 528 9.11 49.09 -49.97
CA GLY B 528 9.50 48.75 -48.62
C GLY B 528 10.83 48.03 -48.58
N GLU B 529 11.09 47.41 -47.42
CA GLU B 529 12.32 46.66 -47.21
C GLU B 529 12.05 45.59 -46.16
N THR B 530 13.11 44.89 -45.76
CA THR B 530 12.98 43.81 -44.78
C THR B 530 14.26 43.65 -43.98
N ASN B 531 14.91 44.77 -43.65
CA ASN B 531 16.14 44.75 -42.88
C ASN B 531 15.82 44.43 -41.43
N ILE B 532 16.14 43.21 -41.00
CA ILE B 532 15.86 42.81 -39.63
C ILE B 532 16.91 43.36 -38.67
N GLN B 533 18.16 43.46 -39.10
CA GLN B 533 19.22 43.94 -38.21
C GLN B 533 19.01 45.39 -37.78
N VAL B 534 18.28 46.18 -38.57
CA VAL B 534 17.96 47.54 -38.14
C VAL B 534 16.83 47.53 -37.11
N THR B 535 15.78 46.77 -37.38
CA THR B 535 14.69 46.63 -36.43
C THR B 535 15.12 45.89 -35.17
N THR B 536 16.20 45.11 -35.24
CA THR B 536 16.72 44.41 -34.07
C THR B 536 17.35 45.39 -33.08
N ASP B 537 18.14 46.34 -33.59
CA ASP B 537 18.78 47.33 -32.72
C ASP B 537 17.79 48.32 -32.13
N LEU B 538 16.58 48.41 -32.69
CA LEU B 538 15.59 49.37 -32.20
C LEU B 538 14.65 48.78 -31.17
N MET B 539 14.32 47.50 -31.27
CA MET B 539 13.44 46.83 -30.31
C MET B 539 14.23 46.11 -29.21
N ARG B 540 15.46 46.52 -28.95
CA ARG B 540 16.30 45.80 -28.00
C ARG B 540 15.88 46.05 -26.56
N PHE B 541 15.46 47.26 -26.25
CA PHE B 541 15.22 47.67 -24.87
C PHE B 541 13.76 47.90 -24.52
N VAL B 542 12.86 47.97 -25.51
CA VAL B 542 11.49 48.41 -25.28
C VAL B 542 10.51 47.25 -25.13
N LEU B 543 10.97 46.01 -25.26
CA LEU B 543 10.07 44.86 -25.24
C LEU B 543 9.63 44.45 -23.84
N ALA B 544 10.30 44.92 -22.79
CA ALA B 544 9.92 44.53 -21.44
C ALA B 544 8.61 45.19 -21.01
N ALA B 545 8.46 46.49 -21.29
CA ALA B 545 7.28 47.21 -20.84
C ALA B 545 6.02 46.82 -21.61
N ASN B 546 6.15 46.20 -22.78
CA ASN B 546 4.98 45.85 -23.57
C ASN B 546 4.47 44.45 -23.24
N LEU B 547 5.36 43.45 -23.21
CA LEU B 547 4.93 42.09 -22.92
C LEU B 547 4.47 41.94 -21.48
N LEU B 548 5.07 42.69 -20.55
CA LEU B 548 4.72 42.58 -19.14
C LEU B 548 3.76 43.66 -18.66
N GLY B 549 3.76 44.83 -19.30
CA GLY B 549 2.79 45.87 -19.00
C GLY B 549 3.28 47.02 -18.14
N PHE B 550 4.58 47.09 -17.84
CA PHE B 550 5.08 48.13 -16.96
C PHE B 550 5.10 49.48 -17.70
N PRO B 551 4.93 50.58 -16.97
CA PRO B 551 5.03 51.90 -17.60
C PRO B 551 6.48 52.32 -17.82
N ALA B 552 6.73 52.93 -18.97
CA ALA B 552 8.07 53.40 -19.31
C ALA B 552 7.97 54.73 -20.04
N ILE B 553 9.08 55.47 -20.04
CA ILE B 553 9.17 56.77 -20.70
C ILE B 553 10.53 56.87 -21.39
N SER B 554 10.58 57.72 -22.42
CA SER B 554 11.80 57.96 -23.17
C SER B 554 12.04 59.47 -23.19
N VAL B 555 13.06 59.90 -22.46
CA VAL B 555 13.39 61.32 -22.30
C VAL B 555 14.65 61.62 -23.09
N PRO B 556 14.69 62.69 -23.88
CA PRO B 556 15.94 63.06 -24.56
C PRO B 556 17.02 63.40 -23.55
N VAL B 557 18.23 62.90 -23.82
CA VAL B 557 19.33 63.06 -22.87
C VAL B 557 20.56 63.64 -23.56
N GLY B 558 20.40 64.11 -24.79
CA GLY B 558 21.50 64.70 -25.52
C GLY B 558 21.53 64.21 -26.94
N TYR B 559 22.70 64.34 -27.56
CA TYR B 559 22.88 64.00 -28.96
C TYR B 559 24.22 63.27 -29.13
N ASP B 560 24.35 62.58 -30.25
CA ASP B 560 25.54 61.79 -30.54
C ASP B 560 26.52 62.62 -31.36
N LYS B 561 27.44 61.96 -32.07
CA LYS B 561 28.48 62.66 -32.81
C LYS B 561 28.00 63.26 -34.12
N GLU B 562 26.75 63.01 -34.52
CA GLU B 562 26.20 63.56 -35.75
C GLU B 562 25.00 64.47 -35.49
N GLY B 563 24.81 64.90 -34.25
CA GLY B 563 23.68 65.73 -33.89
C GLY B 563 22.36 65.00 -33.79
N LEU B 564 22.36 63.67 -33.95
CA LEU B 564 21.11 62.92 -33.86
C LEU B 564 20.73 62.73 -32.39
N PRO B 565 19.43 62.74 -32.09
CA PRO B 565 19.01 62.66 -30.69
C PRO B 565 19.24 61.28 -30.09
N ILE B 566 19.45 61.26 -28.77
CA ILE B 566 19.64 60.04 -28.00
C ILE B 566 18.62 60.01 -26.88
N GLY B 567 17.96 58.86 -26.72
CA GLY B 567 16.95 58.73 -25.69
C GLY B 567 17.35 57.83 -24.54
N LEU B 568 16.68 58.00 -23.40
CA LEU B 568 16.90 57.18 -22.22
C LEU B 568 15.56 56.67 -21.72
N GLN B 569 15.49 55.37 -21.45
CA GLN B 569 14.27 54.72 -21.02
C GLN B 569 14.25 54.56 -19.51
N ILE B 570 13.10 54.86 -18.91
CA ILE B 570 12.89 54.74 -17.46
C ILE B 570 11.63 53.91 -17.28
N MET B 571 11.79 52.63 -16.92
CA MET B 571 10.68 51.71 -16.73
C MET B 571 10.44 51.51 -15.24
N GLY B 572 9.23 51.82 -14.77
CA GLY B 572 8.90 51.76 -13.37
C GLY B 572 7.97 50.62 -13.02
N ARG B 573 7.53 50.64 -11.76
CA ARG B 573 6.65 49.61 -11.25
C ARG B 573 5.24 49.77 -11.83
N PRO B 574 4.42 48.72 -11.76
CA PRO B 574 3.04 48.83 -12.27
C PRO B 574 2.30 49.98 -11.62
N TRP B 575 1.51 50.68 -12.43
CA TRP B 575 0.69 51.81 -12.02
C TRP B 575 1.51 52.95 -11.40
N ALA B 576 2.82 52.96 -11.61
CA ALA B 576 3.70 53.98 -11.04
C ALA B 576 4.15 54.98 -12.10
N GLU B 577 3.18 55.54 -12.83
CA GLU B 577 3.52 56.56 -13.81
C GLU B 577 4.03 57.84 -13.15
N ALA B 578 3.56 58.14 -11.94
CA ALA B 578 4.04 59.32 -11.23
C ALA B 578 5.52 59.17 -10.88
N THR B 579 5.96 57.95 -10.57
CA THR B 579 7.38 57.72 -10.30
C THR B 579 8.19 57.86 -11.59
N VAL B 580 7.65 57.38 -12.70
CA VAL B 580 8.35 57.48 -13.98
C VAL B 580 8.38 58.92 -14.48
N LEU B 581 7.27 59.64 -14.32
CA LEU B 581 7.23 61.03 -14.74
C LEU B 581 8.12 61.91 -13.87
N GLY B 582 8.18 61.62 -12.57
CA GLY B 582 8.97 62.44 -11.67
C GLY B 582 10.46 62.35 -11.96
N LEU B 583 10.94 61.15 -12.31
CA LEU B 583 12.36 61.01 -12.63
C LEU B 583 12.68 61.65 -13.97
N ALA B 584 11.77 61.56 -14.93
CA ALA B 584 12.00 62.18 -16.24
C ALA B 584 12.05 63.70 -16.14
N ALA B 585 11.34 64.28 -15.17
CA ALA B 585 11.40 65.73 -14.96
C ALA B 585 12.79 66.15 -14.49
N ALA B 586 13.40 65.35 -13.62
CA ALA B 586 14.75 65.66 -13.15
C ALA B 586 15.81 65.38 -14.20
N VAL B 587 15.52 64.49 -15.17
CA VAL B 587 16.49 64.21 -16.22
C VAL B 587 16.55 65.36 -17.22
N GLU B 588 15.38 65.86 -17.63
CA GLU B 588 15.35 66.97 -18.58
C GLU B 588 15.89 68.26 -17.99
N GLU B 589 16.00 68.34 -16.66
CA GLU B 589 16.64 69.47 -16.02
C GLU B 589 18.16 69.33 -15.99
N LEU B 590 18.68 68.10 -16.12
CA LEU B 590 20.11 67.89 -16.19
C LEU B 590 20.63 67.86 -17.63
N ALA B 591 19.75 67.74 -18.61
CA ALA B 591 20.14 67.77 -20.02
C ALA B 591 18.95 68.24 -20.84
N PRO B 592 18.70 69.54 -20.87
CA PRO B 592 17.54 70.05 -21.61
C PRO B 592 17.73 69.94 -23.11
N VAL B 593 16.61 69.96 -23.83
CA VAL B 593 16.64 69.94 -25.28
C VAL B 593 17.16 71.30 -25.75
N THR B 594 18.39 71.33 -26.25
CA THR B 594 19.06 72.57 -26.64
C THR B 594 19.21 72.73 -28.14
N LYS B 595 19.46 71.65 -28.88
CA LYS B 595 19.68 71.75 -30.32
C LYS B 595 18.36 71.90 -31.05
N LYS B 596 18.33 72.82 -32.01
CA LYS B 596 17.15 73.05 -32.84
C LYS B 596 17.16 72.09 -34.03
N PRO B 597 16.08 71.36 -34.27
CA PRO B 597 16.05 70.44 -35.41
C PRO B 597 16.13 71.21 -36.73
N ALA B 598 16.62 70.52 -37.76
CA ALA B 598 16.75 71.14 -39.07
C ALA B 598 15.40 71.55 -39.64
N ILE B 599 14.31 70.92 -39.21
CA ILE B 599 12.96 71.23 -39.69
C ILE B 599 12.15 71.65 -38.46
N PHE B 600 12.19 72.94 -38.14
CA PHE B 600 11.44 73.50 -37.02
C PHE B 600 10.58 74.65 -37.49
N TYR B 601 9.41 74.78 -36.87
CA TYR B 601 8.47 75.85 -37.19
C TYR B 601 8.04 76.53 -35.90
N ASP B 602 8.19 77.85 -35.84
CA ASP B 602 7.94 78.63 -34.63
C ASP B 602 6.57 79.28 -34.75
N ILE B 603 5.56 78.62 -34.19
CA ILE B 603 4.24 79.24 -34.07
C ILE B 603 4.23 80.18 -32.86
N LEU B 604 3.24 81.07 -32.84
CA LEU B 604 3.07 82.18 -31.89
C LEU B 604 3.93 83.38 -32.28
N ASN B 605 4.50 83.38 -33.48
CA ASN B 605 5.30 84.50 -33.96
C ASN B 605 5.11 84.69 -35.46
N TYR C 4 37.58 74.90 -17.72
CA TYR C 4 38.98 75.28 -17.56
C TYR C 4 39.39 75.25 -16.09
N GLN C 5 38.54 75.81 -15.22
CA GLN C 5 38.81 75.82 -13.79
C GLN C 5 37.50 76.03 -13.05
N VAL C 6 37.44 75.55 -11.81
CA VAL C 6 36.25 75.64 -10.98
C VAL C 6 36.57 76.42 -9.72
N MET C 7 35.55 77.07 -9.16
CA MET C 7 35.67 77.88 -7.96
C MET C 7 34.75 77.35 -6.87
N LYS C 8 35.14 77.58 -5.61
CA LYS C 8 34.37 77.15 -4.46
C LYS C 8 34.38 78.23 -3.39
N ARG C 9 33.68 77.96 -2.30
CA ARG C 9 33.89 78.63 -1.01
C ARG C 9 33.25 77.75 0.06
N ALA C 10 33.16 78.27 1.29
CA ALA C 10 32.67 77.46 2.39
C ALA C 10 31.62 78.21 3.22
N SER C 11 31.99 79.38 3.75
CA SER C 11 31.07 80.11 4.62
C SER C 11 29.86 80.62 3.86
N GLU C 12 30.01 80.91 2.57
CA GLU C 12 28.92 81.44 1.76
C GLU C 12 28.22 80.37 0.94
N VAL C 13 28.42 79.10 1.25
CA VAL C 13 27.79 78.01 0.52
C VAL C 13 26.41 77.75 1.12
N ASP C 14 25.40 77.71 0.27
CA ASP C 14 24.04 77.39 0.71
C ASP C 14 23.98 75.92 1.13
N LEU C 15 23.63 75.67 2.39
CA LEU C 15 23.56 74.30 2.89
C LEU C 15 22.34 73.56 2.36
N SER C 16 21.31 74.28 1.88
CA SER C 16 20.12 73.61 1.39
C SER C 16 20.33 73.03 0.00
N THR C 17 21.23 73.60 -0.80
CA THR C 17 21.50 73.12 -2.14
C THR C 17 22.63 72.09 -2.18
N VAL C 18 23.20 71.73 -1.03
CA VAL C 18 24.25 70.72 -1.00
C VAL C 18 23.66 69.36 -1.37
N LYS C 19 24.29 68.69 -2.33
CA LYS C 19 23.75 67.47 -2.92
C LYS C 19 24.70 66.31 -2.63
N TYR C 20 24.14 65.19 -2.17
CA TYR C 20 24.96 64.04 -1.82
C TYR C 20 25.54 63.40 -3.08
N LYS C 21 26.85 63.17 -3.07
CA LYS C 21 27.55 62.58 -4.19
C LYS C 21 27.79 61.10 -3.90
N ALA C 22 27.17 60.23 -4.69
CA ALA C 22 27.23 58.78 -4.50
C ALA C 22 27.86 58.15 -5.74
N GLU C 23 29.18 57.93 -5.69
CA GLU C 23 29.90 57.27 -6.77
C GLU C 23 31.15 56.63 -6.19
N THR C 24 31.21 55.31 -6.20
CA THR C 24 32.35 54.60 -5.66
C THR C 24 33.53 54.67 -6.62
N MET C 25 34.74 54.64 -6.05
CA MET C 25 35.96 54.62 -6.85
C MET C 25 36.07 53.28 -7.56
N LYS C 26 35.76 53.28 -8.86
CA LYS C 26 35.78 52.05 -9.64
C LYS C 26 37.21 51.72 -10.06
N ALA C 27 37.66 50.53 -9.69
CA ALA C 27 39.00 50.05 -10.02
C ALA C 27 38.97 48.54 -10.05
N PRO C 28 39.77 47.91 -10.91
CA PRO C 28 39.76 46.44 -10.99
C PRO C 28 40.29 45.81 -9.71
N HIS C 29 39.94 44.52 -9.55
CA HIS C 29 40.38 43.70 -8.43
C HIS C 29 41.39 42.69 -8.96
N LEU C 30 42.65 42.86 -8.59
CA LEU C 30 43.74 42.03 -9.08
C LEU C 30 44.36 41.25 -7.92
N THR C 31 44.53 39.95 -8.11
CA THR C 31 45.11 39.08 -7.11
C THR C 31 46.11 38.14 -7.76
N GLY C 32 47.06 37.66 -6.96
CA GLY C 32 47.99 36.65 -7.45
C GLY C 32 49.01 37.25 -8.41
N LEU C 33 49.16 36.61 -9.57
CA LEU C 33 50.17 37.04 -10.53
C LEU C 33 49.74 38.32 -11.23
N SER C 34 48.45 38.49 -11.50
CA SER C 34 47.97 39.73 -12.12
C SER C 34 48.23 40.92 -11.20
N PHE C 35 48.07 40.75 -9.90
CA PHE C 35 48.45 41.78 -8.95
C PHE C 35 49.96 41.98 -8.95
N LYS C 36 50.72 40.89 -9.07
CA LYS C 36 52.17 40.99 -9.10
C LYS C 36 52.64 41.74 -10.35
N LEU C 37 52.06 41.43 -11.50
CA LEU C 37 52.44 42.13 -12.73
C LEU C 37 51.98 43.57 -12.72
N PHE C 38 50.85 43.86 -12.06
CA PHE C 38 50.35 45.23 -11.99
C PHE C 38 51.28 46.12 -11.18
N VAL C 39 51.83 45.59 -10.09
CA VAL C 39 52.72 46.38 -9.23
C VAL C 39 54.01 46.73 -9.98
N ASN C 40 54.55 45.77 -10.73
CA ASN C 40 55.74 46.06 -11.53
C ASN C 40 55.43 47.05 -12.65
N LEU C 41 54.17 47.12 -13.09
CA LEU C 41 53.77 48.12 -14.07
C LEU C 41 53.77 49.51 -13.45
N LEU C 42 53.42 49.63 -12.17
CA LEU C 42 53.40 50.93 -11.50
C LEU C 42 54.81 51.43 -11.19
N GLU C 43 55.75 50.52 -10.92
CA GLU C 43 57.12 50.89 -10.60
C GLU C 43 58.00 51.05 -11.84
N ALA C 44 57.46 50.83 -13.03
CA ALA C 44 58.21 51.03 -14.25
C ALA C 44 58.57 52.51 -14.42
N PRO C 45 59.68 52.81 -15.12
CA PRO C 45 60.06 54.21 -15.31
C PRO C 45 59.00 55.02 -16.03
N LEU C 46 58.88 54.82 -17.35
CA LEU C 46 57.95 55.63 -18.13
C LEU C 46 56.52 55.15 -17.99
N ILE C 47 56.30 53.83 -18.04
CA ILE C 47 54.94 53.31 -17.98
C ILE C 47 54.33 53.51 -16.60
N GLY C 48 55.18 53.56 -15.56
CA GLY C 48 54.65 53.65 -14.21
C GLY C 48 53.93 54.96 -13.94
N SER C 49 54.54 56.08 -14.34
CA SER C 49 53.93 57.38 -14.07
C SER C 49 52.66 57.59 -14.86
N LEU C 50 52.53 56.92 -16.02
CA LEU C 50 51.33 57.10 -16.84
C LEU C 50 50.13 56.41 -16.23
N ILE C 51 50.33 55.29 -15.54
CA ILE C 51 49.20 54.56 -14.96
C ILE C 51 48.69 55.29 -13.73
N VAL C 52 49.59 55.83 -12.91
CA VAL C 52 49.16 56.53 -11.70
C VAL C 52 48.47 57.84 -12.06
N ASP C 53 48.95 58.53 -13.10
CA ASP C 53 48.30 59.76 -13.54
C ASP C 53 46.90 59.49 -14.06
N TYR C 54 46.68 58.35 -14.70
CA TYR C 54 45.34 57.99 -15.16
C TYR C 54 44.43 57.62 -14.00
N LEU C 55 44.98 56.99 -12.96
CA LEU C 55 44.17 56.64 -11.81
C LEU C 55 43.69 57.88 -11.07
N LYS C 56 44.55 58.89 -10.93
CA LYS C 56 44.16 60.11 -10.24
C LYS C 56 43.26 60.99 -11.10
N LYS C 57 43.30 60.84 -12.42
CA LYS C 57 42.41 61.60 -13.29
C LYS C 57 41.03 60.97 -13.37
N ASP C 58 40.94 59.65 -13.19
CA ASP C 58 39.67 58.96 -13.33
C ASP C 58 38.76 59.21 -12.13
N ASN C 59 39.25 58.91 -10.92
CA ASN C 59 38.43 59.05 -9.73
C ASN C 59 38.16 60.51 -9.36
N GLY C 60 38.83 61.46 -10.01
CA GLY C 60 38.58 62.87 -9.77
C GLY C 60 39.50 63.54 -8.78
N MET C 61 40.67 62.95 -8.49
CA MET C 61 41.60 63.57 -7.55
C MET C 61 42.46 64.64 -8.22
N THR C 62 42.69 64.54 -9.53
CA THR C 62 43.44 65.58 -10.23
C THR C 62 42.59 66.82 -10.45
N LYS C 63 41.28 66.65 -10.68
CA LYS C 63 40.40 67.80 -10.83
C LYS C 63 40.33 68.61 -9.53
N ILE C 64 40.38 67.94 -8.39
CA ILE C 64 40.28 68.63 -7.11
C ILE C 64 41.57 69.35 -6.76
N PHE C 65 42.71 68.67 -6.93
CA PHE C 65 43.98 69.23 -6.49
C PHE C 65 44.51 70.28 -7.47
N ARG C 66 44.42 70.02 -8.77
CA ARG C 66 45.09 70.86 -9.76
C ARG C 66 44.15 71.57 -10.72
N ASN C 67 42.86 71.31 -10.69
CA ASN C 67 41.90 71.97 -11.56
C ASN C 67 40.77 72.62 -10.78
N THR C 68 41.08 73.12 -9.57
CA THR C 68 40.06 73.70 -8.71
C THR C 68 40.70 74.80 -7.87
N VAL C 69 40.09 75.98 -7.90
CA VAL C 69 40.57 77.11 -7.11
C VAL C 69 39.90 77.08 -5.74
N ILE C 70 40.69 76.98 -4.70
CA ILE C 70 40.22 76.86 -3.31
C ILE C 70 40.50 78.19 -2.61
N PRO C 71 39.47 78.89 -2.12
CA PRO C 71 39.71 80.20 -1.48
C PRO C 71 40.19 80.12 -0.05
N GLU C 72 40.03 78.97 0.62
CA GLU C 72 40.42 78.89 2.02
C GLU C 72 41.94 78.82 2.16
N GLU C 73 42.41 79.12 3.36
CA GLU C 73 43.81 79.02 3.71
C GLU C 73 44.12 77.65 4.28
N PRO C 74 45.37 77.19 4.19
CA PRO C 74 45.68 75.83 4.65
C PRO C 74 45.55 75.70 6.16
N MET C 75 44.98 74.57 6.59
CA MET C 75 44.93 74.17 7.99
C MET C 75 45.66 72.83 8.06
N PHE C 76 46.94 72.87 8.46
CA PHE C 76 47.77 71.66 8.42
C PHE C 76 47.34 70.67 9.49
N ARG C 77 47.24 71.13 10.73
CA ARG C 77 46.80 70.31 11.85
C ARG C 77 45.42 70.73 12.30
N PRO C 78 44.67 69.85 12.98
CA PRO C 78 43.35 70.23 13.49
C PRO C 78 43.44 71.42 14.42
N GLU C 79 42.69 72.48 14.09
CA GLU C 79 42.66 73.71 14.86
C GLU C 79 41.27 73.84 15.49
N PHE C 80 41.19 73.57 16.79
CA PHE C 80 39.92 73.59 17.52
C PHE C 80 39.76 74.90 18.26
N PRO C 81 38.62 75.57 18.14
CA PRO C 81 38.33 76.70 19.01
C PRO C 81 37.92 76.20 20.40
N SER C 82 37.79 77.15 21.33
CA SER C 82 37.34 76.81 22.67
C SER C 82 35.92 76.27 22.63
N GLN C 83 35.68 75.18 23.34
CA GLN C 83 34.40 74.49 23.35
C GLN C 83 33.66 74.73 24.65
N GLU C 84 32.34 74.60 24.59
CA GLU C 84 31.53 74.71 25.79
C GLU C 84 31.77 73.51 26.69
N PRO C 85 31.64 73.69 28.01
CA PRO C 85 31.84 72.57 28.93
C PRO C 85 30.80 71.47 28.73
N GLU C 86 31.20 70.26 29.06
CA GLU C 86 30.31 69.11 28.93
C GLU C 86 29.37 69.01 30.13
N HIS C 87 28.26 68.33 29.92
CA HIS C 87 27.22 68.21 30.94
C HIS C 87 27.42 66.93 31.74
N ASP C 88 27.32 67.06 33.06
CA ASP C 88 27.35 65.93 33.99
C ASP C 88 28.63 65.10 33.83
N VAL C 89 29.77 65.79 33.88
CA VAL C 89 31.07 65.15 33.80
C VAL C 89 31.91 65.59 35.01
N VAL C 90 32.96 64.83 35.27
CA VAL C 90 33.89 65.11 36.36
C VAL C 90 35.25 65.45 35.75
N ILE C 91 35.81 66.58 36.16
CA ILE C 91 37.11 67.01 35.66
C ILE C 91 38.20 66.27 36.41
N VAL C 92 39.18 65.75 35.66
CA VAL C 92 40.33 65.07 36.23
C VAL C 92 41.59 65.81 35.77
N GLY C 93 42.57 65.89 36.66
CA GLY C 93 43.77 66.65 36.35
C GLY C 93 44.53 66.08 35.16
N GLU C 94 45.16 66.98 34.40
CA GLU C 94 45.91 66.55 33.23
C GLU C 94 47.21 65.85 33.62
N ASP C 95 47.90 66.39 34.63
CA ASP C 95 49.19 65.87 35.05
C ASP C 95 49.08 64.78 36.12
N GLU C 96 47.88 64.26 36.35
CA GLU C 96 47.71 63.18 37.32
C GLU C 96 48.29 61.88 36.78
N SER C 97 48.79 61.05 37.70
CA SER C 97 49.29 59.75 37.32
C SER C 97 48.14 58.85 36.87
N PRO C 98 48.41 57.91 35.96
CA PRO C 98 47.33 57.00 35.53
C PRO C 98 46.76 56.17 36.66
N ILE C 99 47.49 55.98 37.75
CA ILE C 99 46.94 55.31 38.92
C ILE C 99 45.86 56.17 39.57
N ASP C 100 46.11 57.48 39.67
CA ASP C 100 45.14 58.38 40.26
C ASP C 100 43.88 58.51 39.41
N ARG C 101 44.03 58.43 38.08
CA ARG C 101 42.89 58.61 37.21
C ARG C 101 42.05 57.33 37.09
N LEU C 102 42.63 56.17 37.39
CA LEU C 102 41.83 54.96 37.47
C LEU C 102 40.98 54.93 38.73
N GLU C 103 41.44 55.60 39.79
CA GLU C 103 40.61 55.77 40.98
C GLU C 103 39.30 56.47 40.64
N THR C 104 39.40 57.69 40.10
CA THR C 104 38.20 58.45 39.76
C THR C 104 37.37 57.75 38.69
N ALA C 105 38.02 57.02 37.78
CA ALA C 105 37.28 56.29 36.76
C ALA C 105 36.39 55.22 37.39
N LEU C 106 36.87 54.57 38.45
CA LEU C 106 36.07 53.57 39.13
C LEU C 106 34.87 54.20 39.84
N LYS C 107 35.00 55.46 40.25
CA LYS C 107 33.89 56.13 40.92
C LYS C 107 32.78 56.47 39.95
N CYS C 108 33.10 56.66 38.67
CA CYS C 108 32.09 56.95 37.66
C CYS C 108 31.31 55.72 37.22
N LEU C 109 31.79 54.52 37.54
CA LEU C 109 31.15 53.27 37.20
C LEU C 109 30.16 52.85 38.28
N PRO C 110 29.05 52.22 37.90
CA PRO C 110 28.16 51.63 38.90
C PRO C 110 28.91 50.58 39.70
N GLN C 111 28.47 50.40 40.96
CA GLN C 111 29.17 49.48 41.84
C GLN C 111 29.14 48.06 41.29
N TYR C 112 30.24 47.34 41.48
CA TYR C 112 30.40 46.02 40.90
C TYR C 112 29.39 45.05 41.50
N ASP C 113 28.65 44.36 40.64
CA ASP C 113 27.71 43.34 41.08
C ASP C 113 28.36 41.98 40.94
N PRO C 114 28.75 41.32 42.04
CA PRO C 114 29.41 40.01 41.91
C PRO C 114 28.47 38.90 41.47
N SER C 115 27.25 39.26 41.08
CA SER C 115 26.29 38.28 40.57
C SER C 115 26.66 37.78 39.18
N ARG C 116 27.63 38.40 38.52
CA ARG C 116 28.06 37.96 37.19
C ARG C 116 29.17 36.92 37.27
N SER C 117 30.18 37.18 38.09
CA SER C 117 31.29 36.25 38.26
C SER C 117 30.86 35.05 39.11
N LEU C 118 30.78 35.24 40.42
CA LEU C 118 30.36 34.17 41.31
C LEU C 118 28.85 33.95 41.21
N HIS C 119 28.44 32.71 41.43
CA HIS C 119 27.03 32.30 41.37
C HIS C 119 26.41 32.65 40.01
N ALA C 120 27.07 32.20 38.95
CA ALA C 120 26.54 32.39 37.60
C ALA C 120 25.43 31.38 37.34
N ASP C 121 24.27 31.88 36.95
CA ASP C 121 23.11 31.02 36.71
C ASP C 121 23.38 30.11 35.51
N PRO C 122 23.04 28.82 35.61
CA PRO C 122 23.31 27.91 34.47
C PRO C 122 22.62 28.32 33.19
N VAL C 123 21.36 28.76 33.26
CA VAL C 123 20.61 29.19 32.08
C VAL C 123 20.69 30.71 32.03
N SER C 124 21.66 31.21 31.27
CA SER C 124 21.84 32.65 31.10
C SER C 124 22.44 32.92 29.73
N SER C 125 22.47 34.19 29.35
CA SER C 125 22.99 34.60 28.06
C SER C 125 24.51 34.65 28.10
N PHE C 126 25.10 35.05 26.98
CA PHE C 126 26.55 35.16 26.85
C PHE C 126 27.00 36.60 27.04
N ARG C 127 28.12 36.77 27.75
CA ARG C 127 28.71 38.09 27.95
C ARG C 127 30.21 37.95 28.08
N TYR C 128 30.93 38.97 27.64
CA TYR C 128 32.37 39.00 27.80
C TYR C 128 32.74 39.23 29.26
N TRP C 129 33.99 38.90 29.58
CA TRP C 129 34.52 39.15 30.91
C TRP C 129 35.10 40.57 30.98
N LYS C 130 34.66 41.34 31.95
CA LYS C 130 35.10 42.72 32.09
C LYS C 130 36.37 42.80 32.94
N ILE C 131 37.00 43.98 32.90
CA ILE C 131 38.22 44.19 33.67
C ILE C 131 37.95 44.03 35.16
N ARG C 132 36.79 44.52 35.62
CA ARG C 132 36.43 44.36 37.02
C ARG C 132 36.18 42.91 37.39
N ASP C 133 35.82 42.06 36.42
CA ASP C 133 35.70 40.64 36.70
C ASP C 133 37.06 40.03 37.01
N TYR C 134 38.09 40.40 36.25
CA TYR C 134 39.44 39.92 36.53
C TYR C 134 39.96 40.54 37.82
N ALA C 135 39.74 41.83 38.03
CA ALA C 135 40.20 42.49 39.24
C ALA C 135 39.51 41.93 40.48
N TYR C 136 38.25 41.51 40.36
CA TYR C 136 37.56 40.93 41.50
C TYR C 136 38.10 39.55 41.83
N ALA C 137 38.32 38.72 40.81
CA ALA C 137 38.84 37.38 41.03
C ALA C 137 40.28 37.41 41.55
N TYR C 138 41.07 38.40 41.12
CA TYR C 138 42.43 38.52 41.62
C TYR C 138 42.45 38.87 43.10
N ARG C 139 41.55 39.76 43.53
CA ARG C 139 41.55 40.21 44.92
C ARG C 139 40.86 39.21 45.83
N SER C 140 39.80 38.56 45.35
CA SER C 140 39.09 37.54 46.12
C SER C 140 39.74 36.17 46.00
N LYS C 141 41.04 36.11 45.72
CA LYS C 141 41.85 34.90 45.59
C LYS C 141 41.15 33.77 44.85
N LEU C 142 40.21 34.11 43.96
CA LEU C 142 39.59 33.09 43.12
C LEU C 142 40.60 32.51 42.13
N THR C 143 41.33 33.38 41.45
CA THR C 143 42.38 32.97 40.54
C THR C 143 43.56 33.95 40.71
N THR C 144 44.65 33.65 40.01
CA THR C 144 45.84 34.48 40.07
C THR C 144 46.28 34.86 38.66
N PRO C 145 46.90 36.03 38.49
CA PRO C 145 47.40 36.40 37.17
C PRO C 145 48.37 35.39 36.57
N LEU C 146 49.06 34.63 37.41
CA LEU C 146 49.93 33.57 36.90
C LEU C 146 49.11 32.47 36.23
N GLN C 147 48.02 32.05 36.87
CA GLN C 147 47.19 31.00 36.28
C GLN C 147 46.48 31.49 35.02
N VAL C 148 46.07 32.76 35.00
CA VAL C 148 45.46 33.30 33.79
C VAL C 148 46.47 33.37 32.67
N ALA C 149 47.73 33.70 32.98
CA ALA C 149 48.76 33.76 31.96
C ALA C 149 49.08 32.39 31.40
N LYS C 150 49.13 31.37 32.26
CA LYS C 150 49.41 30.02 31.79
C LYS C 150 48.30 29.49 30.89
N ARG C 151 47.05 29.88 31.15
CA ARG C 151 45.95 29.43 30.31
C ARG C 151 45.93 30.16 28.96
N ILE C 152 46.36 31.42 28.93
CA ILE C 152 46.41 32.15 27.67
C ILE C 152 47.52 31.59 26.78
N ILE C 153 48.72 31.40 27.36
CA ILE C 153 49.83 30.85 26.59
C ILE C 153 49.49 29.46 26.07
N SER C 154 48.75 28.68 26.87
CA SER C 154 48.31 27.37 26.43
C SER C 154 47.39 27.45 25.21
N ILE C 155 46.60 28.53 25.12
CA ILE C 155 45.72 28.69 23.97
C ILE C 155 46.50 29.13 22.75
N ILE C 156 47.48 30.03 22.93
CA ILE C 156 48.25 30.53 21.79
C ILE C 156 49.11 29.42 21.20
N GLU C 157 49.79 28.65 22.06
CA GLU C 157 50.65 27.58 21.56
C GLU C 157 49.86 26.42 20.99
N GLU C 158 48.62 26.22 21.41
CA GLU C 158 47.82 25.10 20.89
C GLU C 158 47.32 25.39 19.49
N PHE C 159 46.61 26.51 19.31
CA PHE C 159 46.04 26.86 18.03
C PHE C 159 47.00 27.63 17.12
N GLY C 160 48.20 27.92 17.60
CA GLY C 160 49.18 28.62 16.78
C GLY C 160 48.83 30.06 16.49
N TYR C 161 48.32 30.79 17.48
CA TYR C 161 47.94 32.18 17.30
C TYR C 161 49.14 33.11 17.26
N ASP C 162 50.35 32.61 17.50
CA ASP C 162 51.57 33.37 17.32
C ASP C 162 52.41 32.82 16.17
N LYS C 163 51.82 32.01 15.31
CA LYS C 163 52.48 31.40 14.17
C LYS C 163 51.59 31.54 12.93
N PRO C 164 52.18 31.52 11.74
CA PRO C 164 51.38 31.54 10.51
C PRO C 164 50.51 30.30 10.41
N PRO C 165 49.49 30.31 9.54
CA PRO C 165 49.09 31.37 8.61
C PRO C 165 48.03 32.32 9.17
N THR C 166 47.50 32.02 10.36
CA THR C 166 46.42 32.81 10.96
C THR C 166 46.83 33.22 12.37
N PRO C 167 47.75 34.17 12.50
CA PRO C 167 48.23 34.55 13.83
C PRO C 167 47.51 35.76 14.42
N PHE C 168 47.30 35.70 15.74
CA PHE C 168 46.82 36.88 16.45
C PHE C 168 47.96 37.83 16.77
N LEU C 169 49.11 37.30 17.16
CA LEU C 169 50.30 38.08 17.46
C LEU C 169 51.42 37.73 16.49
N ILE C 170 52.36 38.66 16.33
CA ILE C 170 53.54 38.44 15.51
C ILE C 170 54.84 38.58 16.29
N ARG C 171 54.76 38.94 17.56
CA ARG C 171 55.92 38.94 18.47
C ARG C 171 55.40 38.53 19.84
N PHE C 172 55.75 37.34 20.29
CA PHE C 172 55.26 36.80 21.55
C PHE C 172 56.40 36.16 22.33
N ASP C 173 56.52 36.51 23.60
CA ASP C 173 57.53 35.94 24.50
C ASP C 173 56.81 35.40 25.72
N ALA C 174 56.64 34.07 25.78
CA ALA C 174 55.91 33.46 26.88
C ALA C 174 56.65 33.61 28.20
N ASN C 175 57.99 33.63 28.17
CA ASN C 175 58.75 33.81 29.40
C ASN C 175 58.56 35.20 29.97
N GLU C 176 58.47 36.21 29.11
CA GLU C 176 58.24 37.58 29.57
C GLU C 176 56.84 37.74 30.14
N VAL C 177 55.84 37.13 29.49
CA VAL C 177 54.46 37.23 29.99
C VAL C 177 54.33 36.56 31.34
N ILE C 178 54.96 35.38 31.51
CA ILE C 178 54.93 34.71 32.80
C ILE C 178 55.69 35.50 33.84
N LYS C 179 56.81 36.12 33.45
CA LYS C 179 57.56 36.94 34.39
C LYS C 179 56.75 38.15 34.84
N GLN C 180 55.95 38.72 33.93
CA GLN C 180 55.09 39.84 34.31
C GLN C 180 53.97 39.37 35.23
N ALA C 181 53.34 38.23 34.91
CA ALA C 181 52.29 37.70 35.77
C ALA C 181 52.83 37.28 37.13
N GLU C 182 54.11 36.94 37.20
CA GLU C 182 54.71 36.60 38.49
C GLU C 182 54.85 37.82 39.37
N ALA C 183 55.23 38.96 38.78
CA ALA C 183 55.35 40.19 39.56
C ALA C 183 53.98 40.68 40.04
N SER C 184 52.98 40.60 39.17
CA SER C 184 51.63 41.01 39.55
C SER C 184 51.05 40.07 40.61
N THR C 185 51.39 38.78 40.54
CA THR C 185 50.86 37.81 41.50
C THR C 185 51.39 38.09 42.91
N ARG C 186 52.70 38.36 43.03
CA ARG C 186 53.26 38.68 44.33
C ARG C 186 52.62 39.94 44.93
N ARG C 187 52.23 40.89 44.08
CA ARG C 187 51.56 42.08 44.58
C ARG C 187 50.20 41.76 45.16
N PHE C 188 49.49 40.81 44.57
CA PHE C 188 48.19 40.41 45.11
C PHE C 188 48.36 39.57 46.37
N GLU C 189 49.41 38.75 46.44
CA GLU C 189 49.67 37.98 47.65
C GLU C 189 50.06 38.88 48.81
N GLN C 190 50.86 39.92 48.54
CA GLN C 190 51.25 40.88 49.57
C GLN C 190 50.16 41.89 49.87
N GLY C 191 49.02 41.83 49.17
CA GLY C 191 47.89 42.67 49.50
C GLY C 191 48.02 44.13 49.13
N ASN C 192 48.65 44.43 48.00
CA ASN C 192 48.78 45.81 47.52
C ASN C 192 48.95 45.81 46.01
N PRO C 193 47.86 45.58 45.27
CA PRO C 193 47.93 45.76 43.82
C PRO C 193 48.07 47.22 43.46
N ILE C 194 48.60 47.47 42.25
CA ILE C 194 48.86 48.84 41.83
C ILE C 194 47.55 49.58 41.57
N SER C 195 46.66 48.98 40.80
CA SER C 195 45.40 49.62 40.47
C SER C 195 44.40 48.54 40.05
N VAL C 196 43.35 48.95 39.32
CA VAL C 196 42.38 47.99 38.82
C VAL C 196 42.89 47.27 37.59
N LEU C 197 43.91 47.80 36.92
CA LEU C 197 44.51 47.15 35.76
C LEU C 197 45.61 46.16 36.12
N ASP C 198 45.99 46.08 37.40
CA ASP C 198 47.03 45.14 37.83
C ASP C 198 46.58 43.71 37.57
N GLY C 199 47.24 43.03 36.64
CA GLY C 199 46.88 41.69 36.25
C GLY C 199 46.05 41.61 34.98
N ILE C 200 45.73 42.74 34.36
CA ILE C 200 44.95 42.76 33.13
C ILE C 200 45.89 42.64 31.94
N PHE C 201 45.54 41.74 31.01
CA PHE C 201 46.37 41.47 29.85
C PHE C 201 45.98 42.40 28.72
N VAL C 202 46.94 43.18 28.22
CA VAL C 202 46.72 44.15 27.16
C VAL C 202 47.65 43.82 25.99
N THR C 203 47.10 43.87 24.78
CA THR C 203 47.86 43.61 23.56
C THR C 203 48.18 44.94 22.87
N ILE C 204 49.43 45.09 22.45
CA ILE C 204 49.91 46.31 21.81
C ILE C 204 50.06 46.06 20.32
N LYS C 205 49.50 46.95 19.51
CA LYS C 205 49.64 46.83 18.06
C LYS C 205 51.11 46.99 17.67
N ASP C 206 51.47 46.36 16.55
CA ASP C 206 52.89 46.28 16.17
C ASP C 206 53.44 47.61 15.64
N ASP C 207 52.63 48.66 15.51
CA ASP C 207 53.15 49.97 15.16
C ASP C 207 53.37 50.86 16.37
N ILE C 208 53.33 50.28 17.57
CA ILE C 208 53.57 51.01 18.82
C ILE C 208 54.71 50.33 19.56
N ASP C 209 55.61 51.12 20.13
CA ASP C 209 56.77 50.57 20.81
C ASP C 209 56.37 49.95 22.14
N CYS C 210 56.78 48.70 22.36
CA CYS C 210 56.49 47.99 23.61
C CYS C 210 57.67 47.07 23.91
N LEU C 211 58.39 47.36 24.98
CA LEU C 211 59.53 46.55 25.36
C LEU C 211 59.07 45.15 25.81
N PRO C 212 59.90 44.12 25.59
CA PRO C 212 61.20 44.17 24.94
C PRO C 212 61.15 43.91 23.44
N HIS C 213 59.94 43.69 22.91
CA HIS C 213 59.79 43.33 21.51
C HIS C 213 60.20 44.50 20.60
N PRO C 214 60.63 44.20 19.38
CA PRO C 214 60.91 45.27 18.42
C PRO C 214 59.64 45.69 17.68
N THR C 215 59.72 46.88 17.08
CA THR C 215 58.60 47.49 16.37
C THR C 215 58.84 47.30 14.88
N ASN C 216 58.09 46.37 14.28
CA ASN C 216 58.21 46.12 12.84
C ASN C 216 57.04 46.70 12.04
N GLY C 217 55.90 46.93 12.66
CA GLY C 217 54.75 47.49 11.97
C GLY C 217 54.20 46.63 10.86
N GLY C 218 54.16 45.30 11.05
CA GLY C 218 53.68 44.40 10.04
C GLY C 218 54.71 43.97 9.01
N THR C 219 55.84 44.67 8.93
CA THR C 219 56.90 44.29 8.01
C THR C 219 57.80 43.24 8.66
N THR C 220 58.79 42.77 7.90
CA THR C 220 59.75 41.78 8.37
C THR C 220 61.16 42.34 8.47
N TRP C 221 61.33 43.65 8.22
CA TRP C 221 62.65 44.25 8.13
C TRP C 221 62.80 45.55 8.89
N LEU C 222 61.73 46.15 9.41
CA LEU C 222 61.82 47.48 10.00
C LEU C 222 62.73 47.50 11.22
N HIS C 223 62.87 46.37 11.92
CA HIS C 223 63.72 46.32 13.10
C HIS C 223 65.19 46.49 12.77
N GLU C 224 65.59 46.28 11.52
CA GLU C 224 66.98 46.50 11.14
C GLU C 224 67.32 47.99 11.12
N ASP C 225 66.33 48.85 10.85
CA ASP C 225 66.56 50.27 10.68
C ASP C 225 66.04 51.13 11.82
N ARG C 226 65.07 50.65 12.59
CA ARG C 226 64.47 51.42 13.68
C ARG C 226 64.43 50.56 14.93
N SER C 227 65.31 50.85 15.88
CA SER C 227 65.38 50.12 17.13
C SER C 227 64.46 50.75 18.18
N VAL C 228 64.26 50.03 19.28
CA VAL C 228 63.39 50.46 20.37
C VAL C 228 64.17 50.34 21.67
N GLU C 229 64.34 51.46 22.38
CA GLU C 229 65.03 51.47 23.66
C GLU C 229 64.14 51.87 24.83
N LYS C 230 62.94 52.41 24.58
CA LYS C 230 62.05 52.82 25.65
C LYS C 230 60.63 52.39 25.30
N ASP C 231 59.81 52.21 26.34
CA ASP C 231 58.39 51.98 26.13
C ASP C 231 57.75 53.22 25.52
N SER C 232 56.68 53.01 24.77
CA SER C 232 55.93 54.13 24.23
C SER C 232 55.20 54.86 25.34
N ALA C 233 54.63 56.02 25.00
CA ALA C 233 53.91 56.81 25.98
C ALA C 233 52.72 56.04 26.54
N VAL C 234 51.98 55.34 25.67
CA VAL C 234 50.80 54.62 26.12
C VAL C 234 51.19 53.36 26.90
N VAL C 235 52.31 52.73 26.55
CA VAL C 235 52.71 51.49 27.19
C VAL C 235 53.30 51.73 28.57
N SER C 236 54.14 52.77 28.70
CA SER C 236 54.72 53.09 30.00
C SER C 236 53.65 53.37 31.05
N LYS C 237 52.52 53.96 30.64
CA LYS C 237 51.44 54.22 31.56
C LYS C 237 50.72 52.94 31.94
N LEU C 238 50.39 52.10 30.96
CA LEU C 238 49.76 50.82 31.25
C LEU C 238 50.66 49.95 32.13
N ARG C 239 51.97 49.99 31.87
CA ARG C 239 52.90 49.23 32.70
C ARG C 239 52.98 49.79 34.11
N SER C 240 52.80 51.10 34.27
CA SER C 240 52.80 51.69 35.61
C SER C 240 51.59 51.25 36.41
N CYS C 241 50.49 50.92 35.74
CA CYS C 241 49.28 50.45 36.43
C CYS C 241 49.35 48.99 36.83
N GLY C 242 50.36 48.26 36.38
CA GLY C 242 50.47 46.85 36.65
C GLY C 242 49.90 45.95 35.59
N ALA C 243 49.52 46.49 34.44
CA ALA C 243 48.99 45.67 33.36
C ALA C 243 50.06 44.75 32.80
N ILE C 244 49.62 43.59 32.32
CA ILE C 244 50.52 42.58 31.78
C ILE C 244 50.50 42.70 30.26
N LEU C 245 51.54 43.32 29.70
CA LEU C 245 51.65 43.46 28.25
C LEU C 245 51.85 42.09 27.62
N LEU C 246 50.94 41.71 26.73
CA LEU C 246 51.01 40.40 26.08
C LEU C 246 52.09 40.40 25.01
N GLY C 247 51.80 40.95 23.84
CA GLY C 247 52.77 40.99 22.77
C GLY C 247 52.37 41.99 21.70
N LYS C 248 52.98 41.83 20.53
CA LYS C 248 52.74 42.71 19.39
C LYS C 248 51.75 42.06 18.45
N ALA C 249 50.60 42.71 18.24
CA ALA C 249 49.52 42.12 17.47
C ALA C 249 49.78 42.24 15.97
N ASN C 250 49.19 41.30 15.22
CA ASN C 250 49.23 41.36 13.77
C ASN C 250 48.49 42.60 13.27
N MET C 251 48.93 43.11 12.13
CA MET C 251 48.35 44.33 11.59
C MET C 251 48.58 44.35 10.08
N HIS C 252 47.81 45.20 9.40
CA HIS C 252 48.09 45.47 8.00
C HIS C 252 49.44 46.17 7.89
N GLU C 253 50.17 45.86 6.82
CA GLU C 253 51.55 46.32 6.71
C GLU C 253 51.66 47.84 6.72
N LEU C 254 52.27 48.38 7.77
CA LEU C 254 52.49 49.83 7.92
C LEU C 254 51.18 50.61 7.89
N GLY C 255 50.09 49.97 8.29
CA GLY C 255 48.80 50.63 8.37
C GLY C 255 48.21 51.05 7.05
N MET C 256 48.79 50.65 5.93
CA MET C 256 48.32 51.07 4.61
C MET C 256 47.26 50.10 4.08
N GLY C 257 46.17 49.98 4.83
CA GLY C 257 45.09 49.11 4.44
C GLY C 257 43.99 49.11 5.47
N THR C 258 42.80 48.74 5.02
CA THR C 258 41.61 48.68 5.88
C THR C 258 40.99 47.29 5.93
N THR C 259 41.69 46.27 5.45
CA THR C 259 41.19 44.90 5.49
C THR C 259 41.93 44.02 6.49
N GLY C 260 43.22 44.25 6.68
CA GLY C 260 44.03 43.41 7.55
C GLY C 260 44.84 42.35 6.86
N ASN C 261 44.87 42.34 5.54
CA ASN C 261 45.66 41.37 4.80
C ASN C 261 47.14 41.60 5.06
N ASN C 262 47.85 40.54 5.43
CA ASN C 262 49.28 40.59 5.70
C ASN C 262 49.92 39.38 5.05
N SER C 263 50.60 39.58 3.92
CA SER C 263 51.23 38.51 3.18
C SER C 263 52.60 38.13 3.72
N ASN C 264 53.00 38.70 4.86
CA ASN C 264 54.28 38.37 5.50
C ASN C 264 54.09 37.40 6.66
N TYR C 265 53.25 37.77 7.63
CA TYR C 265 52.98 36.92 8.78
C TYR C 265 51.70 36.12 8.65
N GLY C 266 50.77 36.55 7.80
CA GLY C 266 49.49 35.90 7.67
C GLY C 266 48.34 36.85 7.91
N THR C 267 47.14 36.49 7.45
CA THR C 267 45.96 37.31 7.62
C THR C 267 45.17 36.81 8.81
N THR C 268 45.05 37.65 9.84
CA THR C 268 44.28 37.27 11.03
C THR C 268 42.80 37.13 10.66
N ARG C 269 42.19 36.06 11.13
CA ARG C 269 40.81 35.74 10.76
C ARG C 269 39.82 36.30 11.78
N ASN C 270 38.60 36.54 11.31
CA ASN C 270 37.54 37.07 12.15
C ASN C 270 37.02 35.99 13.08
N PRO C 271 36.97 36.23 14.39
CA PRO C 271 36.43 35.22 15.31
C PRO C 271 34.97 34.88 15.05
N HIS C 272 34.22 35.77 14.39
CA HIS C 272 32.83 35.46 14.05
C HIS C 272 32.72 34.57 12.83
N ASP C 273 33.72 34.62 11.94
CA ASP C 273 33.76 33.77 10.75
C ASP C 273 35.19 33.72 10.24
N PRO C 274 35.92 32.64 10.53
CA PRO C 274 37.35 32.60 10.17
C PRO C 274 37.62 32.72 8.68
N LYS C 275 36.61 32.62 7.82
CA LYS C 275 36.80 32.82 6.39
C LYS C 275 36.73 34.28 5.98
N ARG C 276 36.44 35.18 6.91
CA ARG C 276 36.24 36.59 6.62
C ARG C 276 37.33 37.44 7.28
N TYR C 277 37.48 38.66 6.79
CA TYR C 277 38.48 39.59 7.30
C TYR C 277 38.08 40.10 8.69
N THR C 278 39.08 40.61 9.41
CA THR C 278 38.85 41.27 10.68
C THR C 278 38.61 42.76 10.50
N GLY C 279 39.32 43.38 9.56
CA GLY C 279 39.30 44.82 9.41
C GLY C 279 40.67 45.41 9.67
N GLY C 280 41.04 46.44 8.90
CA GLY C 280 42.34 47.04 9.04
C GLY C 280 42.29 48.41 9.68
N SER C 281 43.43 48.90 10.16
CA SER C 281 44.69 48.18 10.06
C SER C 281 44.98 47.37 11.33
N SER C 282 44.15 47.56 12.35
CA SER C 282 44.29 46.84 13.61
C SER C 282 43.57 45.49 13.49
N SER C 283 44.15 44.62 12.66
CA SER C 283 43.54 43.32 12.41
C SER C 283 43.69 42.39 13.62
N GLY C 284 44.93 42.23 14.09
CA GLY C 284 45.17 41.34 15.22
C GLY C 284 44.74 41.92 16.55
N SER C 285 44.74 43.25 16.68
CA SER C 285 44.36 43.86 17.95
C SER C 285 42.87 43.68 18.22
N ALA C 286 42.05 43.66 17.17
CA ALA C 286 40.61 43.54 17.33
C ALA C 286 40.12 42.11 17.42
N ALA C 287 40.82 41.17 16.78
CA ALA C 287 40.39 39.78 16.84
C ALA C 287 40.72 39.16 18.19
N ILE C 288 41.89 39.48 18.74
CA ILE C 288 42.27 38.92 20.03
C ILE C 288 41.35 39.41 21.13
N VAL C 289 40.77 40.59 20.96
CA VAL C 289 39.80 41.09 21.93
C VAL C 289 38.45 40.42 21.72
N ALA C 290 38.01 40.31 20.46
CA ALA C 290 36.75 39.64 20.18
C ALA C 290 36.79 38.17 20.55
N ALA C 291 37.95 37.52 20.41
CA ALA C 291 38.10 36.13 20.81
C ALA C 291 38.11 35.95 22.32
N GLY C 292 38.22 37.04 23.08
CA GLY C 292 38.19 36.98 24.53
C GLY C 292 39.50 36.66 25.20
N LEU C 293 40.57 36.44 24.42
CA LEU C 293 41.85 36.06 25.02
C LEU C 293 42.41 37.15 25.92
N CYS C 294 42.12 38.41 25.62
CA CYS C 294 42.60 39.52 26.44
C CYS C 294 41.46 40.50 26.66
N SER C 295 41.64 41.34 27.69
CA SER C 295 40.58 42.28 28.07
C SER C 295 40.49 43.44 27.08
N ALA C 296 41.62 44.08 26.80
CA ALA C 296 41.63 45.21 25.88
C ALA C 296 42.94 45.23 25.11
N ALA C 297 42.97 46.01 24.04
CA ALA C 297 44.14 46.17 23.21
C ALA C 297 44.21 47.61 22.71
N LEU C 298 45.42 48.05 22.39
CA LEU C 298 45.65 49.37 21.83
C LEU C 298 45.91 49.25 20.33
N GLY C 299 45.54 50.30 19.60
CA GLY C 299 45.74 50.33 18.17
C GLY C 299 45.70 51.73 17.64
N THR C 300 46.46 51.97 16.57
CA THR C 300 46.50 53.28 15.94
C THR C 300 45.34 53.42 14.97
N ASP C 301 44.74 54.61 14.94
CA ASP C 301 43.60 54.93 14.08
C ASP C 301 43.96 56.15 13.26
N GLY C 302 44.54 55.92 12.08
CA GLY C 302 44.88 57.02 11.18
C GLY C 302 43.81 57.22 10.11
N GLY C 303 43.08 56.15 9.80
CA GLY C 303 42.01 56.22 8.83
C GLY C 303 40.93 55.21 9.14
N GLY C 304 40.38 55.29 10.35
CA GLY C 304 39.41 54.31 10.80
C GLY C 304 40.00 52.97 11.11
N ALA C 305 41.30 52.91 11.44
CA ALA C 305 41.97 51.64 11.68
C ALA C 305 41.61 51.01 13.01
N VAL C 306 40.82 51.70 13.84
CA VAL C 306 40.35 51.15 15.11
C VAL C 306 38.84 50.94 15.11
N ARG C 307 38.09 51.85 14.50
CA ARG C 307 36.64 51.71 14.46
C ARG C 307 36.21 50.63 13.47
N ILE C 308 36.90 50.54 12.33
CA ILE C 308 36.51 49.56 11.31
C ILE C 308 36.67 48.12 11.80
N PRO C 309 37.85 47.69 12.28
CA PRO C 309 37.94 46.29 12.75
C PRO C 309 37.15 46.03 14.02
N SER C 310 36.82 47.06 14.79
CA SER C 310 35.98 46.85 15.97
C SER C 310 34.52 46.62 15.59
N ALA C 311 34.08 47.23 14.49
CA ALA C 311 32.70 47.02 14.05
C ALA C 311 32.51 45.66 13.40
N LEU C 312 33.52 45.19 12.66
CA LEU C 312 33.40 43.90 12.00
C LEU C 312 33.53 42.74 12.98
N CYS C 313 34.32 42.93 14.05
CA CYS C 313 34.50 41.88 15.05
C CYS C 313 33.52 41.97 16.21
N GLY C 314 32.78 43.06 16.34
CA GLY C 314 31.78 43.19 17.38
C GLY C 314 32.34 43.55 18.73
N ILE C 315 33.22 44.54 18.77
CA ILE C 315 33.78 45.03 20.03
C ILE C 315 33.67 46.55 20.05
N THR C 316 34.26 47.18 21.07
CA THR C 316 34.20 48.63 21.23
C THR C 316 35.59 49.21 20.97
N GLY C 317 35.69 50.08 19.97
CA GLY C 317 36.92 50.78 19.68
C GLY C 317 36.76 52.27 19.83
N LEU C 318 37.63 52.90 20.62
CA LEU C 318 37.52 54.32 20.93
C LEU C 318 38.59 55.10 20.17
N LYS C 319 38.15 56.01 19.32
CA LYS C 319 39.05 56.95 18.64
C LYS C 319 38.96 58.28 19.39
N THR C 320 40.05 58.64 20.06
CA THR C 320 40.07 59.86 20.85
C THR C 320 40.42 61.08 19.99
N THR C 321 40.32 62.25 20.60
CA THR C 321 40.62 63.49 19.90
C THR C 321 42.10 63.56 19.53
N TYR C 322 42.39 64.28 18.45
CA TYR C 322 43.76 64.43 17.98
C TYR C 322 44.60 65.12 19.05
N GLY C 323 45.59 64.41 19.58
CA GLY C 323 46.45 64.92 20.62
C GLY C 323 46.04 64.54 22.03
N ARG C 324 44.88 63.91 22.21
CA ARG C 324 44.43 63.54 23.54
C ARG C 324 45.34 62.50 24.18
N THR C 325 45.81 61.54 23.38
CA THR C 325 46.67 60.45 23.87
C THR C 325 48.04 60.58 23.22
N ASP C 326 49.07 60.67 24.05
CA ASP C 326 50.43 60.91 23.56
C ASP C 326 50.89 59.74 22.68
N MET C 327 51.31 60.07 21.46
CA MET C 327 51.77 59.06 20.50
C MET C 327 53.28 58.91 20.50
N THR C 328 53.99 59.57 21.42
CA THR C 328 55.44 59.50 21.47
C THR C 328 55.93 58.06 21.64
N GLY C 329 56.37 57.44 20.55
CA GLY C 329 56.83 56.07 20.60
C GLY C 329 56.03 55.16 19.69
N SER C 330 55.54 55.69 18.58
CA SER C 330 54.80 54.91 17.60
C SER C 330 55.30 55.24 16.20
N LEU C 331 54.94 54.39 15.24
CA LEU C 331 55.37 54.60 13.87
C LEU C 331 54.65 55.78 13.22
N CYS C 332 53.53 56.23 13.79
CA CYS C 332 52.70 57.26 13.18
C CYS C 332 52.66 58.53 14.02
N GLU C 333 53.71 58.78 14.80
CA GLU C 333 53.81 60.05 15.50
C GLU C 333 54.20 61.16 14.52
N GLY C 334 53.77 62.38 14.83
CA GLY C 334 53.98 63.51 13.94
C GLY C 334 52.95 63.66 12.85
N GLY C 335 52.25 62.59 12.49
CA GLY C 335 51.17 62.70 11.53
C GLY C 335 50.04 63.58 12.06
N THR C 336 49.16 63.97 11.13
CA THR C 336 48.09 64.91 11.44
C THR C 336 46.71 64.26 11.35
N VAL C 337 46.64 62.94 11.35
CA VAL C 337 45.36 62.24 11.27
C VAL C 337 45.36 61.01 12.18
N GLU C 338 46.48 60.75 12.86
CA GLU C 338 46.65 59.54 13.64
C GLU C 338 46.47 59.80 15.13
N ILE C 339 45.89 58.83 15.82
CA ILE C 339 45.80 58.79 17.27
C ILE C 339 46.06 57.36 17.73
N ILE C 340 46.02 57.15 19.04
CA ILE C 340 46.17 55.83 19.65
C ILE C 340 44.96 55.61 20.53
N GLY C 341 44.11 54.65 20.17
CA GLY C 341 42.89 54.39 20.91
C GLY C 341 42.77 52.96 21.39
N PRO C 342 41.94 52.74 22.40
CA PRO C 342 41.76 51.40 22.95
C PRO C 342 40.64 50.62 22.27
N LEU C 343 40.86 49.32 22.17
CA LEU C 343 39.87 48.36 21.67
C LEU C 343 39.55 47.39 22.79
N ALA C 344 38.28 47.39 23.23
CA ALA C 344 37.86 46.57 24.35
C ALA C 344 36.58 45.83 24.01
N SER C 345 36.24 44.85 24.85
CA SER C 345 35.06 44.03 24.63
C SER C 345 33.78 44.74 25.06
N SER C 346 33.87 45.65 26.03
CA SER C 346 32.72 46.38 26.52
C SER C 346 33.09 47.85 26.69
N LEU C 347 32.07 48.69 26.80
CA LEU C 347 32.30 50.12 27.00
C LEU C 347 32.99 50.39 28.33
N GLU C 348 32.71 49.57 29.34
CA GLU C 348 33.33 49.77 30.65
C GLU C 348 34.84 49.57 30.59
N ASP C 349 35.29 48.54 29.88
CA ASP C 349 36.73 48.26 29.81
C ASP C 349 37.45 49.29 28.95
N ALA C 350 36.80 49.79 27.90
CA ALA C 350 37.44 50.81 27.06
C ALA C 350 37.61 52.12 27.81
N PHE C 351 36.62 52.49 28.63
CA PHE C 351 36.73 53.71 29.42
C PHE C 351 37.85 53.60 30.45
N LEU C 352 38.04 52.41 31.03
CA LEU C 352 39.11 52.22 32.00
C LEU C 352 40.48 52.33 31.36
N VAL C 353 40.65 51.74 30.17
CA VAL C 353 41.95 51.82 29.49
C VAL C 353 42.20 53.23 28.99
N TYR C 354 41.16 53.88 28.45
CA TYR C 354 41.29 55.28 28.03
C TYR C 354 41.72 56.16 29.19
N ALA C 355 41.17 55.91 30.38
CA ALA C 355 41.52 56.72 31.54
C ALA C 355 42.97 56.56 31.96
N ALA C 356 43.65 55.50 31.52
CA ALA C 356 45.01 55.23 31.92
C ALA C 356 46.05 55.69 30.90
N ILE C 357 45.62 56.17 29.73
CA ILE C 357 46.53 56.59 28.67
C ILE C 357 46.30 58.03 28.22
N LEU C 358 45.30 58.73 28.77
CA LEU C 358 44.85 60.01 28.20
C LEU C 358 45.79 61.16 28.58
N GLY C 359 46.99 61.09 28.07
CA GLY C 359 47.98 62.13 28.29
C GLY C 359 48.37 62.78 26.98
N SER C 360 48.42 64.11 26.98
CA SER C 360 48.87 64.87 25.84
C SER C 360 50.36 65.18 25.96
N SER C 361 51.08 65.04 24.86
CA SER C 361 52.51 65.30 24.86
C SER C 361 52.79 66.76 25.20
N SER C 362 54.04 67.03 25.61
CA SER C 362 54.43 68.39 25.93
C SER C 362 54.31 69.31 24.71
N ALA C 363 54.58 68.78 23.51
CA ALA C 363 54.45 69.58 22.30
C ALA C 363 52.99 69.84 21.95
N ASP C 364 52.15 68.80 22.02
CA ASP C 364 50.74 68.97 21.73
C ASP C 364 50.02 69.76 22.81
N ARG C 365 50.63 69.92 23.98
CA ARG C 365 50.00 70.69 25.04
C ARG C 365 49.95 72.17 24.69
N TYR C 366 51.10 72.74 24.30
CA TYR C 366 51.13 74.16 23.96
C TYR C 366 50.49 74.43 22.60
N ASN C 367 50.53 73.44 21.69
CA ASN C 367 50.09 73.69 20.32
C ASN C 367 48.59 73.50 20.17
N LEU C 368 48.04 72.41 20.69
CA LEU C 368 46.63 72.13 20.53
C LEU C 368 45.77 72.70 21.64
N LYS C 369 46.37 73.02 22.80
CA LYS C 369 45.69 73.54 23.98
C LYS C 369 44.49 72.65 24.35
N PRO C 370 44.71 71.41 24.79
CA PRO C 370 43.59 70.53 25.11
C PRO C 370 42.95 70.89 26.44
N SER C 371 41.62 70.88 26.45
CA SER C 371 40.90 71.07 27.70
C SER C 371 41.18 69.90 28.64
N PRO C 372 41.06 70.11 29.95
CA PRO C 372 41.26 69.02 30.90
C PRO C 372 40.36 67.84 30.58
N PRO C 373 40.86 66.61 30.70
CA PRO C 373 40.05 65.44 30.38
C PRO C 373 38.90 65.26 31.36
N CYS C 374 37.87 64.56 30.91
CA CYS C 374 36.67 64.34 31.70
C CYS C 374 36.25 62.89 31.60
N PHE C 375 35.63 62.40 32.68
CA PHE C 375 35.07 61.05 32.71
C PHE C 375 33.55 61.15 32.78
N PRO C 376 32.82 60.44 31.92
CA PRO C 376 31.36 60.48 31.99
C PRO C 376 30.86 59.74 33.21
N LYS C 377 29.92 60.35 33.93
CA LYS C 377 29.31 59.69 35.07
C LYS C 377 28.45 58.54 34.60
N LEU C 378 29.05 57.36 34.41
CA LEU C 378 28.31 56.20 33.94
C LEU C 378 27.29 55.69 34.94
N LEU C 379 27.30 56.23 36.17
CA LEU C 379 26.20 56.00 37.11
C LEU C 379 24.92 56.55 36.51
N SER C 380 23.97 55.66 36.19
CA SER C 380 22.73 56.09 35.54
C SER C 380 21.87 56.96 36.45
N HIS C 381 22.06 56.87 37.76
CA HIS C 381 21.31 57.67 38.72
C HIS C 381 22.28 58.50 39.55
N ASN C 382 22.01 59.80 39.66
CA ASN C 382 20.85 60.41 39.01
C ASN C 382 21.23 61.06 37.69
N GLY C 383 20.80 60.44 36.60
CA GLY C 383 21.12 60.95 35.27
C GLY C 383 19.98 60.83 34.29
N SER C 384 20.30 60.34 33.08
CA SER C 384 19.34 60.14 31.99
C SER C 384 18.78 61.46 31.46
N ASN C 385 19.02 62.56 32.17
CA ASN C 385 18.61 63.88 31.71
C ASN C 385 19.66 64.53 30.82
N ALA C 386 20.94 64.32 31.11
CA ALA C 386 22.01 64.78 30.23
C ALA C 386 22.10 63.97 28.95
N ILE C 387 21.65 62.71 28.97
CA ILE C 387 21.65 61.90 27.76
C ILE C 387 20.53 62.32 26.82
N GLY C 388 19.35 62.60 27.38
CA GLY C 388 18.23 63.01 26.54
C GLY C 388 18.40 64.39 25.97
N SER C 389 19.21 65.24 26.63
CA SER C 389 19.45 66.58 26.13
C SER C 389 20.38 66.60 24.93
N LEU C 390 20.95 65.46 24.55
CA LEU C 390 21.84 65.41 23.40
C LEU C 390 21.04 65.54 22.10
N ARG C 391 21.71 66.05 21.07
CA ARG C 391 21.13 66.22 19.75
C ARG C 391 21.95 65.41 18.76
N LEU C 392 21.36 64.35 18.23
CA LEU C 392 22.07 63.40 17.38
C LEU C 392 21.93 63.84 15.92
N GLY C 393 23.03 64.27 15.32
CA GLY C 393 23.01 64.71 13.94
C GLY C 393 23.06 63.53 12.99
N LYS C 394 22.17 63.53 11.99
CA LYS C 394 22.06 62.44 11.04
C LYS C 394 21.93 62.99 9.63
N TYR C 395 22.78 62.51 8.73
CA TYR C 395 22.72 62.84 7.31
C TYR C 395 22.05 61.66 6.61
N THR C 396 20.78 61.83 6.25
CA THR C 396 19.97 60.70 5.79
C THR C 396 20.55 60.07 4.54
N LYS C 397 20.87 60.89 3.52
CA LYS C 397 21.45 60.34 2.30
C LYS C 397 22.79 59.67 2.58
N TRP C 398 23.56 60.21 3.52
CA TRP C 398 24.82 59.58 3.92
C TRP C 398 24.59 58.37 4.82
N PHE C 399 23.55 58.43 5.67
CA PHE C 399 23.29 57.34 6.61
C PHE C 399 22.92 56.06 5.88
N ASN C 400 22.04 56.15 4.89
CA ASN C 400 21.52 54.98 4.20
C ASN C 400 22.42 54.49 3.07
N ASP C 401 23.60 55.10 2.87
CA ASP C 401 24.50 54.71 1.79
C ASP C 401 25.37 53.54 2.25
N VAL C 402 24.72 52.40 2.42
CA VAL C 402 25.38 51.17 2.82
C VAL C 402 25.07 50.08 1.80
N SER C 403 26.01 49.14 1.64
CA SER C 403 25.82 48.07 0.67
C SER C 403 24.84 47.01 1.17
N SER C 404 24.72 46.85 2.49
CA SER C 404 23.78 45.90 3.08
C SER C 404 22.68 46.67 3.79
N SER C 405 21.42 46.36 3.45
CA SER C 405 20.30 47.07 4.02
C SER C 405 20.08 46.76 5.51
N ASP C 406 20.75 45.75 6.04
CA ASP C 406 20.60 45.43 7.45
C ASP C 406 21.28 46.45 8.34
N ILE C 407 22.34 47.11 7.85
CA ILE C 407 23.10 48.05 8.66
C ILE C 407 22.28 49.32 8.91
N SER C 408 21.70 49.88 7.85
CA SER C 408 20.92 51.10 8.00
C SER C 408 19.61 50.87 8.75
N ASP C 409 19.16 49.61 8.86
CA ASP C 409 17.96 49.30 9.61
C ASP C 409 18.23 49.11 11.10
N LYS C 410 19.30 48.39 11.46
CA LYS C 410 19.62 48.20 12.86
C LYS C 410 20.19 49.45 13.49
N CYS C 411 20.94 50.25 12.73
CA CYS C 411 21.43 51.52 13.25
C CYS C 411 20.30 52.53 13.43
N GLU C 412 19.22 52.40 12.65
CA GLU C 412 18.06 53.25 12.84
C GLU C 412 17.27 52.82 14.08
N ASP C 413 17.26 51.53 14.41
CA ASP C 413 16.58 51.07 15.60
C ASP C 413 17.21 51.63 16.87
N ILE C 414 18.54 51.82 16.86
CA ILE C 414 19.20 52.42 18.02
C ILE C 414 18.81 53.88 18.15
N LEU C 415 18.71 54.59 17.01
CA LEU C 415 18.25 55.98 17.06
C LEU C 415 16.80 56.08 17.51
N LYS C 416 16.00 55.05 17.25
CA LYS C 416 14.63 55.04 17.73
C LYS C 416 14.56 54.67 19.20
N LEU C 417 15.38 53.70 19.63
CA LEU C 417 15.41 53.32 21.04
C LEU C 417 16.01 54.42 21.91
N LEU C 418 16.96 55.19 21.36
CA LEU C 418 17.52 56.32 22.10
C LEU C 418 16.52 57.46 22.18
N SER C 419 15.75 57.68 21.12
CA SER C 419 14.76 58.75 21.12
C SER C 419 13.55 58.42 21.98
N ASN C 420 13.29 57.14 22.23
CA ASN C 420 12.15 56.72 23.03
C ASN C 420 12.49 56.61 24.51
N ASN C 421 13.57 55.89 24.83
CA ASN C 421 13.91 55.63 26.22
C ASN C 421 14.56 56.81 26.92
N HIS C 422 15.09 57.77 26.17
CA HIS C 422 15.78 58.92 26.77
C HIS C 422 15.28 60.26 26.26
N GLY C 423 14.60 60.32 25.12
CA GLY C 423 14.12 61.58 24.59
C GLY C 423 15.10 62.31 23.69
N CYS C 424 16.10 61.62 23.16
CA CYS C 424 17.04 62.26 22.26
C CYS C 424 16.35 62.66 20.96
N LYS C 425 16.74 63.81 20.43
CA LYS C 425 16.16 64.33 19.19
C LYS C 425 17.15 64.12 18.04
N VAL C 426 16.71 63.39 17.03
CA VAL C 426 17.51 63.18 15.82
C VAL C 426 17.33 64.41 14.93
N VAL C 427 18.41 65.18 14.75
CA VAL C 427 18.38 66.40 13.96
C VAL C 427 19.04 66.11 12.62
N GLU C 428 18.29 66.30 11.53
CA GLU C 428 18.82 66.06 10.20
C GLU C 428 19.88 67.10 9.86
N ILE C 429 21.07 66.63 9.47
CA ILE C 429 22.17 67.52 9.11
C ILE C 429 22.61 67.21 7.68
N VAL C 430 23.66 67.89 7.23
CA VAL C 430 24.23 67.66 5.89
C VAL C 430 25.72 67.96 5.95
N VAL C 431 26.52 67.06 5.38
CA VAL C 431 27.97 67.20 5.36
C VAL C 431 28.43 67.46 3.94
N PRO C 432 28.76 68.70 3.59
CA PRO C 432 29.17 69.01 2.22
C PRO C 432 30.58 68.52 1.92
N GLU C 433 30.83 68.33 0.62
CA GLU C 433 32.17 68.04 0.10
C GLU C 433 32.74 66.76 0.70
N LEU C 434 32.01 65.67 0.51
CA LEU C 434 32.47 64.37 1.00
C LEU C 434 33.56 63.79 0.10
N GLU C 435 33.50 64.07 -1.21
CA GLU C 435 34.55 63.61 -2.10
C GLU C 435 35.86 64.34 -1.83
N GLU C 436 35.79 65.62 -1.47
CA GLU C 436 37.00 66.35 -1.12
C GLU C 436 37.66 65.79 0.14
N MET C 437 36.87 65.19 1.03
CA MET C 437 37.43 64.64 2.26
C MET C 437 38.26 63.39 1.97
N ARG C 438 37.79 62.53 1.07
CA ARG C 438 38.55 61.34 0.72
C ARG C 438 39.87 61.69 0.07
N ALA C 439 39.85 62.67 -0.86
CA ALA C 439 41.09 63.06 -1.53
C ALA C 439 42.03 63.78 -0.59
N ALA C 440 41.49 64.61 0.31
CA ALA C 440 42.34 65.34 1.24
C ALA C 440 42.90 64.43 2.32
N HIS C 441 42.21 63.33 2.63
CA HIS C 441 42.69 62.45 3.68
C HIS C 441 43.80 61.53 3.18
N VAL C 442 43.61 60.91 2.02
CA VAL C 442 44.57 59.92 1.53
C VAL C 442 45.95 60.53 1.39
N ILE C 443 46.03 61.81 1.04
CA ILE C 443 47.33 62.47 0.95
C ILE C 443 47.82 62.91 2.34
N SER C 444 46.89 63.22 3.25
CA SER C 444 47.29 63.67 4.59
C SER C 444 47.83 62.54 5.45
N ILE C 445 47.52 61.29 5.10
CA ILE C 445 47.95 60.15 5.91
C ILE C 445 49.13 59.46 5.22
N GLY C 446 49.13 59.49 3.88
CA GLY C 446 50.18 58.80 3.15
C GLY C 446 51.46 59.59 3.02
N SER C 447 51.37 60.93 2.97
CA SER C 447 52.56 61.75 2.79
C SER C 447 53.51 61.67 3.98
N PRO C 448 53.06 61.77 5.23
CA PRO C 448 54.00 61.57 6.34
C PRO C 448 54.48 60.13 6.48
N THR C 449 53.62 59.15 6.17
CA THR C 449 54.04 57.76 6.22
C THR C 449 55.13 57.47 5.20
N LEU C 450 54.92 57.90 3.95
CA LEU C 450 55.93 57.70 2.92
C LEU C 450 57.20 58.49 3.22
N SER C 451 57.08 59.65 3.87
CA SER C 451 58.24 60.49 4.15
C SER C 451 59.19 59.81 5.12
N SER C 452 58.65 59.15 6.15
CA SER C 452 59.51 58.48 7.13
C SER C 452 60.07 57.16 6.59
N LEU C 453 59.32 56.46 5.73
CA LEU C 453 59.79 55.22 5.13
C LEU C 453 60.69 55.46 3.92
N THR C 454 60.84 56.71 3.47
CA THR C 454 61.61 56.96 2.25
C THR C 454 63.11 56.68 2.44
N PRO C 455 63.78 57.16 3.48
CA PRO C 455 65.22 56.83 3.63
C PRO C 455 65.49 55.34 3.69
N TYR C 456 64.51 54.52 4.05
CA TYR C 456 64.68 53.08 4.03
C TYR C 456 64.43 52.53 2.63
N CYS C 457 63.39 53.02 1.95
CA CYS C 457 63.10 52.55 0.60
C CYS C 457 64.18 52.96 -0.38
N GLU C 458 64.80 54.11 -0.18
CA GLU C 458 65.93 54.52 -1.03
C GLU C 458 67.13 53.62 -0.83
N ALA C 459 67.20 52.90 0.29
CA ALA C 459 68.29 51.96 0.56
C ALA C 459 68.00 50.56 0.05
N GLY C 460 67.23 50.44 -1.02
CA GLY C 460 66.95 49.14 -1.60
C GLY C 460 66.09 48.23 -0.76
N LYS C 461 65.26 48.79 0.12
CA LYS C 461 64.36 48.01 0.96
C LYS C 461 62.90 48.18 0.57
N ASN C 462 62.62 48.86 -0.54
CA ASN C 462 61.24 49.02 -1.00
C ASN C 462 60.68 47.70 -1.50
N SER C 463 61.54 46.81 -2.01
CA SER C 463 61.10 45.50 -2.48
C SER C 463 60.76 44.56 -1.33
N LYS C 464 61.16 44.89 -0.10
CA LYS C 464 60.85 44.07 1.07
C LYS C 464 59.44 44.32 1.60
N LEU C 465 58.67 45.20 0.96
CA LEU C 465 57.30 45.44 1.35
C LEU C 465 56.35 44.55 0.55
N SER C 466 55.10 44.48 1.00
CA SER C 466 54.10 43.72 0.28
C SER C 466 53.63 44.50 -0.94
N TYR C 467 52.98 43.78 -1.87
CA TYR C 467 52.45 44.44 -3.06
C TYR C 467 51.25 45.32 -2.74
N ASP C 468 50.60 45.10 -1.59
CA ASP C 468 49.54 46.01 -1.15
C ASP C 468 50.11 47.37 -0.81
N THR C 469 51.21 47.41 -0.05
CA THR C 469 51.81 48.69 0.34
C THR C 469 52.50 49.35 -0.84
N ARG C 470 53.22 48.57 -1.66
CA ARG C 470 53.94 49.14 -2.80
C ARG C 470 53.00 49.73 -3.84
N THR C 471 51.73 49.31 -3.88
CA THR C 471 50.77 49.94 -4.77
C THR C 471 50.38 51.32 -4.25
N SER C 472 50.16 51.43 -2.94
CA SER C 472 49.79 52.72 -2.36
C SER C 472 50.97 53.69 -2.39
N PHE C 473 52.18 53.19 -2.13
CA PHE C 473 53.36 54.05 -2.16
C PHE C 473 53.63 54.57 -3.56
N ALA C 474 53.28 53.81 -4.60
CA ALA C 474 53.43 54.30 -5.96
C ALA C 474 52.48 55.48 -6.22
N ILE C 475 51.27 55.42 -5.66
CA ILE C 475 50.34 56.54 -5.81
C ILE C 475 50.77 57.70 -4.93
N PHE C 476 51.25 57.41 -3.71
CA PHE C 476 51.67 58.48 -2.81
C PHE C 476 52.85 59.25 -3.39
N ARG C 477 53.76 58.56 -4.10
CA ARG C 477 54.90 59.25 -4.70
C ARG C 477 54.48 60.21 -5.80
N SER C 478 53.26 60.09 -6.32
CA SER C 478 52.77 61.01 -7.34
C SER C 478 52.18 62.28 -6.75
N PHE C 479 51.85 62.28 -5.46
CA PHE C 479 51.35 63.49 -4.81
C PHE C 479 52.48 64.50 -4.66
N SER C 480 52.28 65.70 -5.20
CA SER C 480 53.30 66.73 -5.14
C SER C 480 53.12 67.58 -3.89
N ALA C 481 54.15 68.39 -3.59
CA ALA C 481 54.07 69.28 -2.43
C ALA C 481 52.97 70.32 -2.60
N SER C 482 52.70 70.73 -3.84
CA SER C 482 51.58 71.63 -4.06
C SER C 482 50.24 70.94 -3.85
N ASP C 483 50.17 69.64 -4.16
CA ASP C 483 48.96 68.88 -3.87
C ASP C 483 48.70 68.81 -2.37
N TYR C 484 49.75 68.79 -1.56
CA TYR C 484 49.57 68.74 -0.11
C TYR C 484 49.00 70.05 0.41
N ILE C 485 49.48 71.18 -0.10
CA ILE C 485 48.98 72.48 0.34
C ILE C 485 47.50 72.62 -0.02
N ALA C 486 47.13 72.17 -1.22
CA ALA C 486 45.72 72.24 -1.63
C ALA C 486 44.85 71.37 -0.74
N ALA C 487 45.39 70.27 -0.21
CA ALA C 487 44.62 69.41 0.67
C ALA C 487 44.42 70.03 2.04
N GLN C 488 45.41 70.77 2.54
CA GLN C 488 45.25 71.45 3.83
C GLN C 488 44.24 72.58 3.73
N CYS C 489 44.12 73.21 2.57
CA CYS C 489 43.04 74.17 2.37
C CYS C 489 41.69 73.48 2.37
N LEU C 490 41.63 72.24 1.89
CA LEU C 490 40.37 71.50 1.91
C LEU C 490 40.02 71.04 3.31
N ARG C 491 41.01 70.81 4.16
CA ARG C 491 40.73 70.41 5.54
C ARG C 491 40.10 71.55 6.33
N ARG C 492 40.54 72.79 6.06
CA ARG C 492 39.93 73.93 6.73
C ARG C 492 38.46 74.08 6.34
N ARG C 493 38.13 73.81 5.08
CA ARG C 493 36.73 73.85 4.65
C ARG C 493 35.90 72.86 5.44
N LEU C 494 36.32 71.60 5.48
CA LEU C 494 35.55 70.57 6.17
C LEU C 494 35.54 70.80 7.67
N MET C 495 36.54 71.50 8.20
CA MET C 495 36.52 71.85 9.62
C MET C 495 35.43 72.89 9.89
N GLU C 496 35.25 73.84 8.98
CA GLU C 496 34.22 74.87 9.18
C GLU C 496 32.82 74.29 9.03
N TYR C 497 32.62 73.36 8.10
CA TYR C 497 31.32 72.72 7.96
C TYR C 497 30.96 71.94 9.22
N HIS C 498 31.90 71.16 9.73
CA HIS C 498 31.62 70.34 10.90
C HIS C 498 31.47 71.18 12.16
N LEU C 499 32.24 72.26 12.28
CA LEU C 499 32.14 73.11 13.46
C LEU C 499 30.81 73.86 13.48
N ASN C 500 30.21 74.11 12.31
CA ASN C 500 28.87 74.68 12.29
C ASN C 500 27.80 73.62 12.53
N ILE C 501 28.07 72.37 12.16
CA ILE C 501 27.16 71.28 12.48
C ILE C 501 27.11 71.06 13.99
N PHE C 502 28.27 71.16 14.66
CA PHE C 502 28.34 70.98 16.11
C PHE C 502 27.76 72.15 16.88
N LYS C 503 27.24 73.18 16.20
CA LYS C 503 26.51 74.24 16.87
C LYS C 503 25.03 73.91 17.04
N ASP C 504 24.48 73.03 16.19
CA ASP C 504 23.09 72.61 16.29
C ASP C 504 22.92 71.20 16.87
N VAL C 505 23.95 70.35 16.79
CA VAL C 505 23.90 69.01 17.33
C VAL C 505 25.12 68.81 18.24
N ASP C 506 25.07 67.75 19.03
CA ASP C 506 26.15 67.41 19.95
C ASP C 506 27.06 66.31 19.42
N VAL C 507 26.50 65.34 18.70
CA VAL C 507 27.27 64.26 18.10
C VAL C 507 26.73 64.02 16.69
N ILE C 508 27.45 63.20 15.93
CA ILE C 508 27.03 62.76 14.60
C ILE C 508 27.00 61.24 14.61
N VAL C 509 25.81 60.67 14.42
CA VAL C 509 25.62 59.23 14.47
C VAL C 509 25.56 58.69 13.05
N THR C 510 26.41 57.71 12.76
CA THR C 510 26.48 57.07 11.45
C THR C 510 26.88 55.62 11.66
N PRO C 511 26.56 54.74 10.70
CA PRO C 511 27.13 53.39 10.74
C PRO C 511 28.64 53.44 10.58
N THR C 512 29.33 52.62 11.37
CA THR C 512 30.80 52.65 11.36
C THR C 512 31.35 52.28 9.98
N THR C 513 30.79 51.24 9.36
CA THR C 513 31.21 50.80 8.03
C THR C 513 29.98 50.62 7.16
N GLY C 514 30.21 50.64 5.85
CA GLY C 514 29.14 50.42 4.89
C GLY C 514 28.81 48.97 4.60
N MET C 515 29.65 48.05 5.05
CA MET C 515 29.43 46.62 4.84
C MET C 515 29.83 45.87 6.10
N THR C 516 29.44 44.60 6.16
CA THR C 516 29.83 43.73 7.26
C THR C 516 31.21 43.15 6.99
N ALA C 517 31.51 42.02 7.62
CA ALA C 517 32.81 41.38 7.43
C ALA C 517 32.90 40.80 6.02
N PRO C 518 33.81 41.29 5.17
CA PRO C 518 33.91 40.76 3.82
C PRO C 518 34.66 39.43 3.78
N VAL C 519 34.32 38.63 2.78
CA VAL C 519 34.95 37.32 2.61
C VAL C 519 36.33 37.49 2.02
N ILE C 520 37.30 36.75 2.55
CA ILE C 520 38.69 36.82 2.09
C ILE C 520 38.83 36.06 0.77
N PRO C 521 39.27 36.71 -0.30
CA PRO C 521 39.52 36.00 -1.55
C PRO C 521 40.71 35.05 -1.40
N PRO C 522 40.54 33.78 -1.75
CA PRO C 522 41.65 32.83 -1.60
C PRO C 522 42.87 33.20 -2.42
N ASP C 523 42.68 33.86 -3.57
CA ASP C 523 43.81 34.31 -4.36
C ASP C 523 44.53 35.50 -3.73
N ALA C 524 43.92 36.16 -2.76
CA ALA C 524 44.54 37.30 -2.10
C ALA C 524 45.46 36.89 -0.96
N LEU C 525 45.33 35.66 -0.46
CA LEU C 525 46.19 35.18 0.62
C LEU C 525 47.61 34.87 0.17
N LYS C 526 47.91 35.01 -1.12
CA LYS C 526 49.25 34.72 -1.61
C LYS C 526 50.18 35.91 -1.42
N ASN C 527 49.84 37.05 -2.01
CA ASN C 527 50.68 38.23 -1.91
C ASN C 527 49.88 39.52 -1.80
N GLY C 528 48.62 39.45 -1.35
CA GLY C 528 47.78 40.61 -1.20
C GLY C 528 46.82 40.78 -2.34
N GLU C 529 46.13 41.93 -2.33
CA GLU C 529 45.15 42.26 -3.34
C GLU C 529 45.09 43.79 -3.48
N THR C 530 44.13 44.26 -4.26
CA THR C 530 43.97 45.69 -4.48
C THR C 530 42.49 46.00 -4.80
N ASN C 531 41.59 45.49 -3.97
CA ASN C 531 40.16 45.69 -4.16
C ASN C 531 39.78 47.05 -3.59
N ILE C 532 39.65 48.04 -4.47
CA ILE C 532 39.33 49.39 -4.03
C ILE C 532 37.86 49.52 -3.66
N GLN C 533 36.98 48.76 -4.30
CA GLN C 533 35.55 48.85 -4.00
C GLN C 533 35.26 48.41 -2.57
N VAL C 534 36.02 47.46 -2.04
CA VAL C 534 35.81 47.01 -0.67
C VAL C 534 36.29 48.07 0.32
N THR C 535 37.48 48.62 0.09
CA THR C 535 38.01 49.64 0.98
C THR C 535 37.19 50.92 0.96
N THR C 536 36.43 51.17 -0.10
CA THR C 536 35.58 52.34 -0.15
C THR C 536 34.41 52.23 0.83
N ASP C 537 33.77 51.06 0.88
CA ASP C 537 32.65 50.86 1.79
C ASP C 537 33.07 50.91 3.24
N LEU C 538 34.35 50.66 3.55
CA LEU C 538 34.79 50.68 4.94
C LEU C 538 35.13 52.10 5.39
N MET C 539 35.84 52.86 4.55
CA MET C 539 36.29 54.21 4.89
C MET C 539 35.24 55.29 4.62
N ARG C 540 33.95 54.93 4.57
CA ARG C 540 32.94 55.90 4.18
C ARG C 540 32.58 56.85 5.31
N PHE C 541 32.62 56.40 6.56
CA PHE C 541 32.11 57.18 7.68
C PHE C 541 33.16 57.53 8.73
N VAL C 542 34.39 57.03 8.60
CA VAL C 542 35.40 57.20 9.64
C VAL C 542 36.43 58.26 9.29
N LEU C 543 36.36 58.85 8.10
CA LEU C 543 37.39 59.80 7.67
C LEU C 543 37.26 61.15 8.35
N ALA C 544 36.05 61.57 8.71
CA ALA C 544 35.86 62.90 9.29
C ALA C 544 36.54 63.01 10.66
N ALA C 545 36.55 61.92 11.43
CA ALA C 545 37.21 61.95 12.72
C ALA C 545 38.73 61.94 12.61
N ASN C 546 39.27 61.48 11.48
CA ASN C 546 40.72 61.43 11.29
C ASN C 546 41.25 62.73 10.68
N LEU C 547 40.60 63.23 9.63
CA LEU C 547 41.07 64.44 8.98
C LEU C 547 40.88 65.67 9.87
N LEU C 548 39.78 65.72 10.62
CA LEU C 548 39.48 66.87 11.45
C LEU C 548 39.82 66.67 12.92
N GLY C 549 39.94 65.43 13.39
CA GLY C 549 40.40 65.15 14.73
C GLY C 549 39.34 64.93 15.77
N PHE C 550 38.07 64.88 15.39
CA PHE C 550 37.01 64.69 16.37
C PHE C 550 37.09 63.30 17.00
N PRO C 551 36.69 63.17 18.26
CA PRO C 551 36.62 61.84 18.87
C PRO C 551 35.39 61.08 18.42
N ALA C 552 35.58 59.81 18.08
CA ALA C 552 34.49 58.94 17.66
C ALA C 552 34.66 57.58 18.32
N ILE C 553 33.54 56.87 18.47
CA ILE C 553 33.54 55.53 19.06
C ILE C 553 32.64 54.63 18.22
N SER C 554 32.99 53.35 18.19
CA SER C 554 32.23 52.34 17.48
C SER C 554 31.70 51.33 18.49
N VAL C 555 30.38 51.27 18.63
CA VAL C 555 29.72 50.43 19.63
C VAL C 555 28.91 49.37 18.90
N PRO C 556 28.99 48.10 19.32
CA PRO C 556 28.18 47.06 18.66
C PRO C 556 26.70 47.26 18.96
N VAL C 557 25.88 47.16 17.92
CA VAL C 557 24.44 47.40 18.02
C VAL C 557 23.61 46.21 17.58
N GLY C 558 24.24 45.13 17.13
CA GLY C 558 23.49 43.96 16.70
C GLY C 558 24.27 43.21 15.63
N TYR C 559 23.55 42.34 14.93
CA TYR C 559 24.13 41.47 13.90
C TYR C 559 23.21 41.44 12.69
N ASP C 560 23.81 41.24 11.52
CA ASP C 560 23.05 41.22 10.28
C ASP C 560 22.38 39.87 10.07
N LYS C 561 22.04 39.54 8.83
CA LYS C 561 21.33 38.30 8.54
C LYS C 561 22.23 37.08 8.49
N GLU C 562 23.54 37.25 8.58
CA GLU C 562 24.48 36.13 8.63
C GLU C 562 25.19 36.02 9.97
N GLY C 563 24.76 36.78 10.98
CA GLY C 563 25.38 36.74 12.28
C GLY C 563 26.61 37.62 12.43
N LEU C 564 26.97 38.38 11.40
CA LEU C 564 28.14 39.26 11.47
C LEU C 564 27.78 40.54 12.21
N PRO C 565 28.68 41.03 13.07
CA PRO C 565 28.35 42.20 13.89
C PRO C 565 28.18 43.47 13.07
N ILE C 566 27.49 44.43 13.67
CA ILE C 566 27.24 45.74 13.09
C ILE C 566 27.66 46.79 14.11
N GLY C 567 28.39 47.80 13.65
CA GLY C 567 28.88 48.86 14.52
C GLY C 567 28.18 50.18 14.26
N LEU C 568 28.08 51.01 15.30
CA LEU C 568 27.51 52.35 15.20
C LEU C 568 28.56 53.36 15.65
N GLN C 569 28.73 54.42 14.86
CA GLN C 569 29.72 55.44 15.15
C GLN C 569 29.05 56.66 15.78
N ILE C 570 29.67 57.20 16.82
CA ILE C 570 29.22 58.41 17.50
C ILE C 570 30.40 59.35 17.58
N MET C 571 30.39 60.39 16.76
CA MET C 571 31.50 61.35 16.66
C MET C 571 31.07 62.67 17.26
N GLY C 572 31.77 63.10 18.32
CA GLY C 572 31.39 64.26 19.08
C GLY C 572 32.32 65.45 18.87
N ARG C 573 32.09 66.48 19.69
CA ARG C 573 32.87 67.72 19.60
C ARG C 573 34.32 67.47 20.01
N PRO C 574 35.22 68.37 19.64
CA PRO C 574 36.62 68.22 20.08
C PRO C 574 36.75 68.15 21.59
N TRP C 575 37.62 67.25 22.05
CA TRP C 575 37.90 67.03 23.47
C TRP C 575 36.67 66.55 24.23
N ALA C 576 35.67 66.00 23.54
CA ALA C 576 34.46 65.55 24.20
C ALA C 576 34.40 64.03 24.26
N GLU C 577 35.42 63.40 24.85
CA GLU C 577 35.40 61.95 24.98
C GLU C 577 34.30 61.50 25.93
N ALA C 578 34.07 62.25 27.01
CA ALA C 578 33.05 61.87 27.98
C ALA C 578 31.66 61.89 27.35
N THR C 579 31.39 62.88 26.49
CA THR C 579 30.11 62.91 25.79
C THR C 579 29.97 61.71 24.86
N VAL C 580 31.05 61.35 24.17
CA VAL C 580 31.00 60.21 23.27
C VAL C 580 30.93 58.90 24.05
N LEU C 581 31.69 58.81 25.14
CA LEU C 581 31.67 57.59 25.94
C LEU C 581 30.35 57.39 26.65
N GLY C 582 29.68 58.48 27.03
CA GLY C 582 28.43 58.35 27.77
C GLY C 582 27.29 57.84 26.90
N LEU C 583 27.13 58.43 25.72
CA LEU C 583 26.06 58.00 24.82
C LEU C 583 26.27 56.57 24.36
N ALA C 584 27.54 56.15 24.17
CA ALA C 584 27.80 54.76 23.81
C ALA C 584 27.39 53.80 24.92
N ALA C 585 27.53 54.22 26.17
CA ALA C 585 27.09 53.39 27.28
C ALA C 585 25.58 53.18 27.25
N ALA C 586 24.84 54.22 26.85
CA ALA C 586 23.38 54.08 26.74
C ALA C 586 23.00 53.23 25.53
N VAL C 587 23.85 53.19 24.50
CA VAL C 587 23.54 52.39 23.33
C VAL C 587 23.69 50.91 23.63
N GLU C 588 24.83 50.52 24.21
CA GLU C 588 25.07 49.10 24.51
C GLU C 588 24.12 48.58 25.58
N GLU C 589 23.50 49.47 26.37
CA GLU C 589 22.45 49.03 27.27
C GLU C 589 21.16 48.70 26.52
N LEU C 590 20.94 49.37 25.38
CA LEU C 590 19.77 49.12 24.54
C LEU C 590 20.00 48.01 23.52
N ALA C 591 21.22 47.48 23.42
CA ALA C 591 21.52 46.39 22.52
C ALA C 591 22.81 45.68 22.95
N PRO C 592 22.77 44.89 24.01
CA PRO C 592 23.99 44.24 24.49
C PRO C 592 24.47 43.17 23.53
N VAL C 593 25.76 42.84 23.66
CA VAL C 593 26.36 41.78 22.86
C VAL C 593 25.80 40.45 23.34
N THR C 594 25.12 39.73 22.45
CA THR C 594 24.45 38.49 22.80
C THR C 594 25.02 37.26 22.11
N LYS C 595 25.42 37.37 20.85
CA LYS C 595 25.92 36.22 20.11
C LYS C 595 27.37 35.95 20.46
N LYS C 596 27.69 34.70 20.76
CA LYS C 596 29.06 34.31 21.04
C LYS C 596 29.80 34.01 19.74
N PRO C 597 30.97 34.61 19.51
CA PRO C 597 31.69 34.36 18.27
C PRO C 597 32.10 32.89 18.15
N ALA C 598 32.32 32.47 16.90
CA ALA C 598 32.70 31.07 16.65
C ALA C 598 34.04 30.75 17.30
N ILE C 599 34.98 31.67 17.24
CA ILE C 599 36.31 31.48 17.83
C ILE C 599 36.32 32.27 19.13
N PHE C 600 35.97 31.60 20.22
CA PHE C 600 35.93 32.22 21.54
C PHE C 600 36.67 31.34 22.54
N TYR C 601 37.28 31.99 23.53
CA TYR C 601 38.04 31.30 24.57
C TYR C 601 37.69 31.94 25.90
N ASP C 602 37.02 31.19 26.77
CA ASP C 602 36.57 31.70 28.07
C ASP C 602 37.63 31.36 29.11
N ILE C 603 38.41 32.37 29.49
CA ILE C 603 39.38 32.23 30.58
C ILE C 603 38.62 32.37 31.89
N LEU C 604 39.27 32.02 33.00
CA LEU C 604 38.76 32.00 34.38
C LEU C 604 37.99 30.72 34.67
N ASN C 605 37.95 29.77 33.73
CA ASN C 605 37.32 28.48 33.97
C ASN C 605 38.13 27.37 33.29
N MET D 1 77.33 57.59 10.35
CA MET D 1 76.07 57.21 9.71
C MET D 1 76.04 57.64 8.26
N GLY D 2 76.91 58.57 7.89
CA GLY D 2 76.92 59.13 6.55
C GLY D 2 77.44 58.18 5.48
N LYS D 3 76.81 57.01 5.36
CA LYS D 3 77.22 56.04 4.34
C LYS D 3 76.01 55.57 3.53
N TYR D 4 75.09 54.83 4.17
CA TYR D 4 73.91 54.34 3.49
C TYR D 4 72.72 55.29 3.68
N GLN D 5 72.34 55.53 4.93
CA GLN D 5 71.33 56.51 5.28
C GLN D 5 71.82 57.31 6.48
N VAL D 6 71.53 58.61 6.48
CA VAL D 6 72.07 59.51 7.49
C VAL D 6 71.02 59.77 8.55
N MET D 7 71.47 60.01 9.78
CA MET D 7 70.60 60.29 10.92
C MET D 7 71.03 61.58 11.59
N LYS D 8 70.07 62.24 12.25
CA LYS D 8 70.34 63.51 12.93
C LYS D 8 69.63 63.55 14.28
N ARG D 9 69.85 64.63 15.00
CA ARG D 9 68.94 65.14 16.02
C ARG D 9 69.24 66.63 16.19
N ALA D 10 68.69 67.24 17.24
CA ALA D 10 68.83 68.68 17.44
C ALA D 10 69.15 69.02 18.88
N SER D 11 68.24 68.69 19.80
CA SER D 11 68.43 69.03 21.21
C SER D 11 69.64 68.33 21.82
N GLU D 12 70.18 67.30 21.16
CA GLU D 12 71.37 66.61 21.63
C GLU D 12 72.61 66.98 20.83
N VAL D 13 72.51 67.93 19.91
CA VAL D 13 73.63 68.27 19.04
C VAL D 13 74.64 69.09 19.82
N ASP D 14 75.89 68.66 19.78
CA ASP D 14 77.00 69.43 20.34
C ASP D 14 77.24 70.66 19.47
N LEU D 15 76.89 71.84 19.98
CA LEU D 15 77.07 73.06 19.20
C LEU D 15 78.52 73.47 19.06
N SER D 16 79.44 72.86 19.79
CA SER D 16 80.86 73.17 19.69
C SER D 16 81.55 72.41 18.58
N THR D 17 80.87 71.50 17.90
CA THR D 17 81.45 70.74 16.80
C THR D 17 80.75 71.02 15.47
N VAL D 18 79.88 72.02 15.41
CA VAL D 18 79.19 72.37 14.17
C VAL D 18 80.12 73.25 13.33
N LYS D 19 80.54 72.74 12.19
CA LYS D 19 81.44 73.45 11.28
C LYS D 19 80.65 74.12 10.16
N TYR D 20 81.14 75.27 9.73
CA TYR D 20 80.48 76.06 8.70
C TYR D 20 80.72 75.44 7.33
N LYS D 21 79.64 75.21 6.59
CA LYS D 21 79.70 74.67 5.24
C LYS D 21 79.57 75.80 4.23
N ALA D 22 80.45 75.79 3.23
CA ALA D 22 80.42 76.82 2.19
C ALA D 22 79.22 76.63 1.27
N GLU D 23 79.02 77.60 0.38
CA GLU D 23 77.90 77.55 -0.55
C GLU D 23 78.15 76.50 -1.62
N THR D 24 77.26 75.51 -1.71
CA THR D 24 77.39 74.41 -2.66
C THR D 24 76.28 74.45 -3.71
N MET D 25 75.97 75.65 -4.21
CA MET D 25 74.93 75.85 -5.22
C MET D 25 75.61 76.06 -6.57
N LYS D 26 75.82 74.97 -7.30
CA LYS D 26 76.47 75.01 -8.60
C LYS D 26 75.42 74.97 -9.70
N ALA D 27 75.48 75.93 -10.62
CA ALA D 27 74.55 76.00 -11.75
C ALA D 27 75.15 76.92 -12.80
N PRO D 28 74.90 76.66 -14.08
CA PRO D 28 75.41 77.54 -15.13
C PRO D 28 74.55 78.79 -15.30
N HIS D 29 75.06 79.71 -16.11
CA HIS D 29 74.39 80.98 -16.39
C HIS D 29 73.87 80.94 -17.82
N LEU D 30 72.56 80.87 -17.98
CA LEU D 30 71.92 80.76 -19.28
C LEU D 30 71.07 82.00 -19.53
N THR D 31 71.34 82.69 -20.65
CA THR D 31 70.62 83.90 -21.02
C THR D 31 70.23 83.83 -22.49
N GLY D 32 69.12 84.49 -22.82
CA GLY D 32 68.68 84.60 -24.20
C GLY D 32 68.20 83.30 -24.82
N LEU D 33 68.81 82.91 -25.93
CA LEU D 33 68.35 81.74 -26.66
C LEU D 33 68.73 80.45 -25.92
N SER D 34 69.92 80.41 -25.32
CA SER D 34 70.32 79.22 -24.58
C SER D 34 69.41 79.00 -23.38
N PHE D 35 68.99 80.07 -22.72
CA PHE D 35 68.01 79.96 -21.65
C PHE D 35 66.64 79.54 -22.18
N LYS D 36 66.32 79.94 -23.42
CA LYS D 36 65.03 79.60 -24.00
C LYS D 36 64.91 78.10 -24.23
N LEU D 37 65.96 77.47 -24.76
CA LEU D 37 65.90 76.03 -25.01
C LEU D 37 65.97 75.23 -23.73
N PHE D 38 66.68 75.74 -22.71
CA PHE D 38 66.80 75.03 -21.45
C PHE D 38 65.46 74.91 -20.73
N VAL D 39 64.60 75.92 -20.87
CA VAL D 39 63.27 75.84 -20.27
C VAL D 39 62.43 74.81 -21.02
N ASN D 40 62.56 74.75 -22.35
CA ASN D 40 61.86 73.74 -23.12
C ASN D 40 62.35 72.33 -22.77
N LEU D 41 63.64 72.21 -22.43
CA LEU D 41 64.16 70.91 -22.01
C LEU D 41 63.60 70.51 -20.65
N LEU D 42 63.47 71.48 -19.73
CA LEU D 42 62.91 71.18 -18.42
C LEU D 42 61.45 70.77 -18.52
N GLU D 43 60.70 71.36 -19.45
CA GLU D 43 59.30 71.05 -19.63
C GLU D 43 59.08 69.86 -20.57
N ALA D 44 60.16 69.27 -21.10
CA ALA D 44 60.03 68.11 -21.96
C ALA D 44 59.41 66.96 -21.19
N PRO D 45 58.70 66.05 -21.87
CA PRO D 45 58.04 64.93 -21.17
C PRO D 45 59.04 64.05 -20.42
N LEU D 46 59.78 63.23 -21.16
CA LEU D 46 60.71 62.31 -20.50
C LEU D 46 62.00 63.00 -20.10
N ILE D 47 62.56 63.81 -21.00
CA ILE D 47 63.85 64.46 -20.72
C ILE D 47 63.71 65.47 -19.59
N GLY D 48 62.53 66.08 -19.44
CA GLY D 48 62.38 67.14 -18.46
C GLY D 48 62.57 66.66 -17.03
N SER D 49 61.90 65.56 -16.67
CA SER D 49 62.01 65.05 -15.30
C SER D 49 63.42 64.59 -14.99
N LEU D 50 64.18 64.15 -15.99
CA LEU D 50 65.54 63.68 -15.74
C LEU D 50 66.48 64.83 -15.45
N ILE D 51 66.28 65.99 -16.08
CA ILE D 51 67.17 67.13 -15.86
C ILE D 51 66.94 67.73 -14.48
N VAL D 52 65.67 67.79 -14.05
CA VAL D 52 65.38 68.31 -12.72
C VAL D 52 65.93 67.38 -11.65
N ASP D 53 65.81 66.07 -11.86
CA ASP D 53 66.28 65.11 -10.87
C ASP D 53 67.78 65.16 -10.69
N TYR D 54 68.52 65.50 -11.75
CA TYR D 54 69.97 65.64 -11.62
C TYR D 54 70.34 66.91 -10.85
N LEU D 55 69.60 68.00 -11.08
CA LEU D 55 69.88 69.24 -10.37
C LEU D 55 69.66 69.08 -8.87
N LYS D 56 68.55 68.45 -8.49
CA LYS D 56 68.28 68.23 -7.07
C LYS D 56 69.26 67.25 -6.45
N LYS D 57 69.84 66.36 -7.25
CA LYS D 57 70.84 65.42 -6.75
C LYS D 57 72.22 66.04 -6.65
N ASP D 58 72.54 66.97 -7.56
CA ASP D 58 73.88 67.56 -7.58
C ASP D 58 74.09 68.51 -6.41
N ASN D 59 73.17 69.45 -6.21
CA ASN D 59 73.35 70.42 -5.13
C ASN D 59 73.19 69.76 -3.76
N GLY D 60 72.40 68.70 -3.67
CA GLY D 60 72.22 67.97 -2.44
C GLY D 60 70.84 68.05 -1.80
N MET D 61 69.81 68.40 -2.57
CA MET D 61 68.47 68.49 -2.00
C MET D 61 67.79 67.13 -1.89
N THR D 62 68.05 66.23 -2.84
CA THR D 62 67.45 64.90 -2.77
C THR D 62 68.02 64.10 -1.61
N LYS D 63 69.28 64.34 -1.25
CA LYS D 63 69.85 63.67 -0.09
C LYS D 63 69.17 64.11 1.20
N ILE D 64 68.73 65.36 1.26
CA ILE D 64 68.11 65.88 2.48
C ILE D 64 66.66 65.39 2.61
N PHE D 65 65.90 65.45 1.52
CA PHE D 65 64.47 65.16 1.59
C PHE D 65 64.17 63.66 1.58
N ARG D 66 65.06 62.84 1.01
CA ARG D 66 64.74 61.45 0.78
C ARG D 66 65.79 60.46 1.26
N ASN D 67 66.98 60.91 1.63
CA ASN D 67 68.04 60.01 2.07
C ASN D 67 68.43 60.22 3.53
N THR D 68 67.76 61.10 4.25
CA THR D 68 68.13 61.43 5.62
C THR D 68 66.93 61.22 6.54
N VAL D 69 67.15 60.49 7.62
CA VAL D 69 66.12 60.29 8.64
C VAL D 69 66.12 61.50 9.57
N ILE D 70 64.94 62.03 9.84
CA ILE D 70 64.77 63.19 10.70
C ILE D 70 63.88 62.80 11.87
N PRO D 71 64.36 62.88 13.11
CA PRO D 71 63.52 62.48 14.26
C PRO D 71 62.51 63.54 14.68
N GLU D 72 62.72 64.81 14.35
CA GLU D 72 61.82 65.86 14.79
C GLU D 72 60.46 65.76 14.11
N GLU D 73 59.41 66.06 14.88
CA GLU D 73 58.08 66.09 14.31
C GLU D 73 57.90 67.35 13.47
N PRO D 74 57.02 67.32 12.46
CA PRO D 74 56.90 68.47 11.55
C PRO D 74 56.32 69.69 12.24
N MET D 75 56.90 70.86 11.94
CA MET D 75 56.37 72.16 12.35
C MET D 75 55.95 72.88 11.07
N PHE D 76 54.63 72.94 10.85
CA PHE D 76 54.11 73.46 9.59
C PHE D 76 54.19 74.98 9.52
N ARG D 77 53.70 75.66 10.55
CA ARG D 77 53.79 77.10 10.67
C ARG D 77 54.62 77.44 11.90
N PRO D 78 55.21 78.63 11.94
CA PRO D 78 56.02 79.02 13.10
C PRO D 78 55.25 78.87 14.41
N GLU D 79 55.89 78.23 15.39
CA GLU D 79 55.30 77.99 16.70
C GLU D 79 56.14 78.73 17.73
N PHE D 80 55.60 79.83 18.26
CA PHE D 80 56.38 80.61 19.21
C PHE D 80 55.94 80.31 20.64
N PRO D 81 56.88 80.13 21.57
CA PRO D 81 56.52 80.06 22.98
C PRO D 81 56.23 81.44 23.56
N SER D 82 56.06 81.54 24.87
CA SER D 82 55.83 82.83 25.51
C SER D 82 57.17 83.54 25.67
N GLN D 83 57.28 84.72 25.07
CA GLN D 83 58.51 85.49 25.09
C GLN D 83 58.54 86.43 26.30
N GLU D 84 59.76 86.80 26.69
CA GLU D 84 59.93 87.77 27.76
C GLU D 84 59.58 89.17 27.24
N PRO D 85 59.00 90.02 28.09
CA PRO D 85 58.61 91.36 27.63
C PRO D 85 59.83 92.19 27.27
N GLU D 86 59.63 93.11 26.32
CA GLU D 86 60.70 94.00 25.89
C GLU D 86 60.91 95.10 26.91
N HIS D 87 62.12 95.65 26.90
CA HIS D 87 62.55 96.64 27.88
C HIS D 87 62.42 98.05 27.31
N ASP D 88 61.86 98.96 28.10
CA ASP D 88 61.74 100.37 27.75
C ASP D 88 60.92 100.57 26.47
N VAL D 89 59.78 99.88 26.40
CA VAL D 89 58.86 99.99 25.29
C VAL D 89 57.48 100.31 25.82
N VAL D 90 56.66 100.91 24.97
CA VAL D 90 55.29 101.29 25.32
C VAL D 90 54.32 100.30 24.70
N ILE D 91 53.34 99.87 25.47
CA ILE D 91 52.34 98.91 25.02
C ILE D 91 51.19 99.66 24.38
N VAL D 92 50.78 99.21 23.19
CA VAL D 92 49.64 99.77 22.48
C VAL D 92 48.60 98.67 22.33
N GLY D 93 47.33 99.03 22.54
CA GLY D 93 46.27 98.03 22.48
C GLY D 93 46.16 97.40 21.11
N GLU D 94 45.78 96.11 21.10
CA GLU D 94 45.66 95.37 19.85
C GLU D 94 44.51 95.88 19.00
N ASP D 95 43.36 96.11 19.63
CA ASP D 95 42.14 96.51 18.91
C ASP D 95 42.03 98.04 18.83
N GLU D 96 43.11 98.70 18.40
CA GLU D 96 43.13 100.13 18.23
C GLU D 96 43.24 100.47 16.74
N SER D 97 42.62 101.58 16.36
CA SER D 97 42.64 102.00 14.97
C SER D 97 44.05 102.45 14.57
N PRO D 98 44.41 102.31 13.29
CA PRO D 98 45.73 102.77 12.86
C PRO D 98 45.94 104.26 13.06
N ILE D 99 44.86 105.04 13.07
CA ILE D 99 44.99 106.46 13.39
C ILE D 99 45.43 106.64 14.85
N ASP D 100 44.94 105.77 15.75
CA ASP D 100 45.27 105.90 17.16
C ASP D 100 46.70 105.45 17.45
N ARG D 101 47.16 104.41 16.75
CA ARG D 101 48.54 103.97 16.94
C ARG D 101 49.52 105.02 16.41
N LEU D 102 49.12 105.78 15.39
CA LEU D 102 49.99 106.82 14.86
C LEU D 102 50.18 107.95 15.86
N GLU D 103 49.12 108.30 16.59
CA GLU D 103 49.25 109.32 17.64
C GLU D 103 50.20 108.85 18.72
N THR D 104 50.12 107.58 19.10
CA THR D 104 51.03 107.04 20.11
C THR D 104 52.46 106.96 19.58
N ALA D 105 52.61 106.56 18.30
CA ALA D 105 53.95 106.47 17.71
C ALA D 105 54.61 107.84 17.61
N LEU D 106 53.83 108.89 17.40
CA LEU D 106 54.40 110.23 17.37
C LEU D 106 54.98 110.62 18.73
N LYS D 107 54.39 110.13 19.82
CA LYS D 107 54.93 110.40 21.14
C LYS D 107 56.27 109.71 21.38
N CYS D 108 56.58 108.67 20.60
CA CYS D 108 57.84 107.97 20.78
C CYS D 108 58.99 108.69 20.08
N LEU D 109 58.69 109.47 19.05
CA LEU D 109 59.73 110.18 18.32
C LEU D 109 60.15 111.43 19.08
N PRO D 110 61.42 111.83 18.96
CA PRO D 110 61.83 113.13 19.51
C PRO D 110 61.07 114.26 18.86
N GLN D 111 60.98 115.39 19.57
CA GLN D 111 60.22 116.52 19.07
C GLN D 111 60.80 117.00 17.73
N TYR D 112 59.90 117.27 16.79
CA TYR D 112 60.32 117.62 15.44
C TYR D 112 61.13 118.91 15.43
N ASP D 113 62.29 118.87 14.78
CA ASP D 113 63.15 120.03 14.66
C ASP D 113 62.92 120.70 13.31
N PRO D 114 62.24 121.85 13.25
CA PRO D 114 62.00 122.50 11.96
C PRO D 114 63.24 123.05 11.29
N SER D 115 64.41 122.93 11.92
CA SER D 115 65.66 123.42 11.32
C SER D 115 66.01 122.66 10.04
N ARG D 116 65.43 121.49 9.83
CA ARG D 116 65.71 120.73 8.61
C ARG D 116 64.91 121.29 7.43
N SER D 117 63.59 121.34 7.56
CA SER D 117 62.73 121.86 6.50
C SER D 117 62.98 123.34 6.28
N LEU D 118 62.47 124.18 7.19
CA LEU D 118 62.68 125.61 7.09
C LEU D 118 64.07 126.00 7.55
N HIS D 119 64.63 127.02 6.91
CA HIS D 119 65.96 127.55 7.23
C HIS D 119 67.03 126.45 7.12
N ALA D 120 67.16 125.92 5.91
CA ALA D 120 68.20 124.93 5.61
C ALA D 120 69.48 125.67 5.21
N ASP D 121 70.59 125.27 5.82
CA ASP D 121 71.85 125.95 5.57
C ASP D 121 72.31 125.69 4.13
N PRO D 122 72.84 126.71 3.45
CA PRO D 122 73.32 126.49 2.07
C PRO D 122 74.39 125.41 1.95
N VAL D 123 75.27 125.30 2.94
CA VAL D 123 76.30 124.26 2.96
C VAL D 123 75.94 123.27 4.05
N SER D 124 75.57 122.06 3.64
CA SER D 124 75.20 121.00 4.58
C SER D 124 75.24 119.67 3.84
N SER D 125 75.13 118.59 4.61
CA SER D 125 75.18 117.25 4.04
C SER D 125 73.85 116.93 3.36
N PHE D 126 73.79 115.75 2.75
CA PHE D 126 72.58 115.27 2.08
C PHE D 126 71.74 114.46 3.05
N ARG D 127 70.43 114.65 2.97
CA ARG D 127 69.49 113.88 3.78
C ARG D 127 68.17 113.75 3.04
N TYR D 128 67.44 112.69 3.34
CA TYR D 128 66.13 112.46 2.75
C TYR D 128 65.08 113.33 3.44
N TRP D 129 63.88 113.34 2.87
CA TRP D 129 62.74 114.01 3.47
C TRP D 129 61.96 113.00 4.30
N LYS D 130 61.79 113.30 5.59
CA LYS D 130 61.07 112.39 6.47
C LYS D 130 59.56 112.60 6.35
N ILE D 131 58.80 111.66 6.90
CA ILE D 131 57.33 111.77 6.84
C ILE D 131 56.86 112.99 7.61
N ARG D 132 57.52 113.31 8.72
CA ARG D 132 57.15 114.48 9.51
C ARG D 132 57.48 115.79 8.79
N ASP D 133 58.44 115.77 7.87
CA ASP D 133 58.70 116.96 7.05
C ASP D 133 57.48 117.29 6.19
N TYR D 134 56.90 116.27 5.54
CA TYR D 134 55.69 116.49 4.76
C TYR D 134 54.54 116.93 5.65
N ALA D 135 54.37 116.25 6.80
CA ALA D 135 53.29 116.61 7.72
C ALA D 135 53.46 118.02 8.26
N TYR D 136 54.71 118.49 8.39
CA TYR D 136 54.94 119.86 8.84
C TYR D 136 54.69 120.86 7.72
N ALA D 137 55.12 120.54 6.50
CA ALA D 137 54.92 121.45 5.38
C ALA D 137 53.45 121.58 5.02
N TYR D 138 52.67 120.51 5.16
CA TYR D 138 51.25 120.58 4.89
C TYR D 138 50.54 121.47 5.91
N ARG D 139 50.86 121.30 7.19
CA ARG D 139 50.17 122.03 8.24
C ARG D 139 50.64 123.48 8.31
N SER D 140 51.96 123.72 8.19
CA SER D 140 52.46 125.08 8.08
C SER D 140 52.12 125.72 6.74
N LYS D 141 51.48 124.98 5.84
CA LYS D 141 50.99 125.49 4.55
C LYS D 141 52.13 126.01 3.68
N LEU D 142 53.32 125.41 3.82
CA LEU D 142 54.40 125.70 2.88
C LEU D 142 54.11 125.10 1.52
N THR D 143 53.45 123.95 1.47
CA THR D 143 53.02 123.33 0.22
C THR D 143 51.63 122.72 0.46
N THR D 144 51.25 121.78 -0.40
CA THR D 144 49.97 121.10 -0.26
C THR D 144 50.08 119.75 -0.97
N PRO D 145 49.35 118.73 -0.51
CA PRO D 145 49.41 117.42 -1.18
C PRO D 145 49.05 117.44 -2.65
N LEU D 146 48.41 118.51 -3.13
CA LEU D 146 48.12 118.64 -4.55
C LEU D 146 49.37 119.04 -5.32
N GLN D 147 50.10 120.05 -4.83
CA GLN D 147 51.34 120.46 -5.49
C GLN D 147 52.39 119.36 -5.42
N VAL D 148 52.37 118.56 -4.35
CA VAL D 148 53.30 117.44 -4.26
C VAL D 148 52.92 116.35 -5.26
N ALA D 149 51.63 116.16 -5.49
CA ALA D 149 51.19 115.18 -6.48
C ALA D 149 51.51 115.64 -7.89
N LYS D 150 51.27 116.92 -8.19
CA LYS D 150 51.55 117.44 -9.53
C LYS D 150 53.02 117.34 -9.88
N ARG D 151 53.91 117.50 -8.90
CA ARG D 151 55.34 117.40 -9.17
C ARG D 151 55.76 115.96 -9.40
N ILE D 152 55.18 115.02 -8.64
CA ILE D 152 55.56 113.62 -8.77
C ILE D 152 55.07 113.05 -10.10
N ILE D 153 53.82 113.34 -10.47
CA ILE D 153 53.29 112.87 -11.75
C ILE D 153 54.11 113.42 -12.90
N SER D 154 54.67 114.62 -12.75
CA SER D 154 55.51 115.19 -13.79
C SER D 154 56.78 114.36 -14.00
N ILE D 155 57.46 114.01 -12.91
CA ILE D 155 58.69 113.23 -13.01
C ILE D 155 58.39 111.85 -13.60
N ILE D 156 57.24 111.27 -13.25
CA ILE D 156 56.88 109.97 -13.77
C ILE D 156 56.62 110.04 -15.27
N GLU D 157 55.81 111.01 -15.71
CA GLU D 157 55.45 111.10 -17.11
C GLU D 157 56.63 111.56 -17.97
N GLU D 158 57.54 112.35 -17.41
CA GLU D 158 58.67 112.83 -18.21
C GLU D 158 59.71 111.74 -18.40
N PHE D 159 60.09 111.05 -17.33
CA PHE D 159 61.15 110.04 -17.38
C PHE D 159 60.62 108.64 -17.68
N GLY D 160 59.31 108.49 -17.87
CA GLY D 160 58.75 107.20 -18.20
C GLY D 160 58.95 106.17 -17.12
N TYR D 161 58.44 106.46 -15.92
CA TYR D 161 58.54 105.54 -14.80
C TYR D 161 57.33 104.62 -14.68
N ASP D 162 56.31 104.82 -15.51
CA ASP D 162 55.21 103.87 -15.65
C ASP D 162 55.18 103.23 -17.03
N LYS D 163 56.25 103.41 -17.81
CA LYS D 163 56.36 102.86 -19.16
C LYS D 163 57.70 102.15 -19.30
N PRO D 164 57.77 101.12 -20.14
CA PRO D 164 59.04 100.43 -20.39
C PRO D 164 60.06 101.38 -20.98
N PRO D 165 61.36 101.02 -20.97
CA PRO D 165 61.95 99.74 -20.54
C PRO D 165 62.38 99.69 -19.06
N THR D 166 62.28 100.81 -18.34
CA THR D 166 62.70 100.88 -16.94
C THR D 166 61.66 101.64 -16.15
N PRO D 167 60.56 100.97 -15.77
CA PRO D 167 59.51 101.66 -14.99
C PRO D 167 59.60 101.41 -13.50
N PHE D 168 59.28 102.43 -12.69
CA PHE D 168 59.10 102.22 -11.26
C PHE D 168 57.76 101.58 -10.97
N LEU D 169 56.75 101.86 -11.79
CA LEU D 169 55.40 101.36 -11.58
C LEU D 169 54.92 100.66 -12.85
N ILE D 170 54.04 99.68 -12.66
CA ILE D 170 53.41 98.99 -13.79
C ILE D 170 51.92 99.26 -13.88
N ARG D 171 51.33 99.92 -12.89
CA ARG D 171 49.96 100.42 -12.97
C ARG D 171 49.95 101.81 -12.35
N PHE D 172 49.54 102.81 -13.13
CA PHE D 172 49.59 104.19 -12.67
C PHE D 172 48.41 104.95 -13.28
N ASP D 173 47.51 105.42 -12.43
CA ASP D 173 46.38 106.25 -12.84
C ASP D 173 46.64 107.65 -12.32
N ALA D 174 47.10 108.54 -13.21
CA ALA D 174 47.43 109.90 -12.80
C ALA D 174 46.21 110.67 -12.34
N ASN D 175 45.03 110.32 -12.83
CA ASN D 175 43.80 110.99 -12.39
C ASN D 175 43.38 110.55 -11.00
N GLU D 176 43.64 109.28 -10.64
CA GLU D 176 43.30 108.81 -9.29
C GLU D 176 44.23 109.43 -8.25
N VAL D 177 45.50 109.63 -8.60
CA VAL D 177 46.42 110.27 -7.66
C VAL D 177 46.04 111.72 -7.43
N ILE D 178 45.62 112.42 -8.49
CA ILE D 178 45.17 113.80 -8.33
C ILE D 178 43.90 113.85 -7.48
N LYS D 179 42.99 112.90 -7.70
CA LYS D 179 41.74 112.88 -6.93
C LYS D 179 42.02 112.69 -5.44
N GLN D 180 42.96 111.81 -5.10
CA GLN D 180 43.31 111.62 -3.70
C GLN D 180 43.99 112.84 -3.10
N ALA D 181 44.78 113.55 -3.91
CA ALA D 181 45.48 114.73 -3.40
C ALA D 181 44.52 115.88 -3.15
N GLU D 182 43.45 115.98 -3.92
CA GLU D 182 42.49 117.07 -3.71
C GLU D 182 41.69 116.85 -2.43
N ALA D 183 41.32 115.61 -2.13
CA ALA D 183 40.61 115.33 -0.89
C ALA D 183 41.49 115.60 0.32
N SER D 184 42.78 115.26 0.23
CA SER D 184 43.70 115.54 1.32
C SER D 184 43.96 117.04 1.45
N THR D 185 43.97 117.75 0.32
CA THR D 185 44.17 119.20 0.36
C THR D 185 43.01 119.91 1.05
N ARG D 186 41.77 119.48 0.76
CA ARG D 186 40.61 120.06 1.43
C ARG D 186 40.65 119.79 2.93
N ARG D 187 41.17 118.63 3.33
CA ARG D 187 41.28 118.34 4.76
C ARG D 187 42.25 119.27 5.46
N PHE D 188 43.30 119.72 4.75
CA PHE D 188 44.23 120.69 5.33
C PHE D 188 43.70 122.12 5.23
N GLU D 189 42.94 122.43 4.17
CA GLU D 189 42.34 123.76 4.06
C GLU D 189 41.33 124.01 5.17
N GLN D 190 40.64 122.98 5.63
CA GLN D 190 39.70 123.10 6.73
C GLN D 190 40.34 122.88 8.09
N GLY D 191 41.59 122.44 8.13
CA GLY D 191 42.30 122.34 9.40
C GLY D 191 41.95 121.14 10.23
N ASN D 192 41.80 119.97 9.62
CA ASN D 192 41.59 118.73 10.36
C ASN D 192 42.08 117.53 9.55
N PRO D 193 43.38 117.32 9.47
CA PRO D 193 43.88 116.13 8.77
C PRO D 193 43.58 114.87 9.56
N ILE D 194 43.57 113.75 8.84
CA ILE D 194 43.18 112.48 9.46
C ILE D 194 44.24 112.03 10.47
N SER D 195 45.51 112.07 10.07
CA SER D 195 46.60 111.66 10.95
C SER D 195 47.89 112.27 10.40
N VAL D 196 49.04 111.73 10.85
CA VAL D 196 50.33 112.20 10.37
C VAL D 196 50.69 111.64 9.01
N LEU D 197 49.97 110.62 8.54
CA LEU D 197 50.18 110.08 7.21
C LEU D 197 49.27 110.69 6.16
N ASP D 198 48.42 111.64 6.54
CA ASP D 198 47.53 112.30 5.60
C ASP D 198 48.35 113.15 4.63
N GLY D 199 48.27 112.81 3.34
CA GLY D 199 49.06 113.47 2.33
C GLY D 199 50.39 112.81 2.03
N ILE D 200 50.69 111.66 2.65
CA ILE D 200 51.94 110.95 2.43
C ILE D 200 51.73 109.97 1.28
N PHE D 201 52.67 109.96 0.34
CA PHE D 201 52.58 109.12 -0.86
C PHE D 201 53.22 107.77 -0.58
N VAL D 202 52.43 106.71 -0.71
CA VAL D 202 52.89 105.34 -0.48
C VAL D 202 52.69 104.55 -1.77
N THR D 203 53.68 103.74 -2.12
CA THR D 203 53.62 102.89 -3.30
C THR D 203 53.36 101.45 -2.87
N ILE D 204 52.37 100.83 -3.50
CA ILE D 204 51.97 99.46 -3.17
C ILE D 204 52.57 98.51 -4.19
N LYS D 205 53.11 97.39 -3.70
CA LYS D 205 53.68 96.38 -4.58
C LYS D 205 52.57 95.63 -5.32
N ASP D 206 52.89 95.18 -6.53
CA ASP D 206 51.87 94.60 -7.41
C ASP D 206 51.40 93.22 -6.98
N ASP D 207 51.89 92.67 -5.87
CA ASP D 207 51.33 91.45 -5.31
C ASP D 207 50.34 91.74 -4.18
N ILE D 208 50.01 93.01 -3.95
CA ILE D 208 49.07 93.42 -2.91
C ILE D 208 47.91 94.16 -3.56
N ASP D 209 46.69 93.86 -3.11
CA ASP D 209 45.51 94.47 -3.70
C ASP D 209 45.41 95.93 -3.28
N CYS D 210 45.13 96.80 -4.24
CA CYS D 210 44.98 98.22 -3.98
C CYS D 210 44.06 98.81 -5.05
N LEU D 211 42.85 99.18 -4.66
CA LEU D 211 41.91 99.76 -5.60
C LEU D 211 42.41 101.14 -6.07
N PRO D 212 42.10 101.52 -7.31
CA PRO D 212 41.30 100.76 -8.27
C PRO D 212 42.14 99.87 -9.19
N HIS D 213 43.45 99.86 -9.00
CA HIS D 213 44.33 99.13 -9.89
C HIS D 213 44.12 97.62 -9.75
N PRO D 214 44.43 96.85 -10.78
CA PRO D 214 44.40 95.39 -10.66
C PRO D 214 45.71 94.85 -10.09
N THR D 215 45.64 93.62 -9.59
CA THR D 215 46.77 92.94 -8.97
C THR D 215 47.30 91.89 -9.95
N ASN D 216 48.39 92.21 -10.63
CA ASN D 216 48.98 91.30 -11.60
C ASN D 216 50.18 90.53 -11.08
N GLY D 217 50.93 91.09 -10.14
CA GLY D 217 52.07 90.40 -9.57
C GLY D 217 53.24 90.23 -10.52
N GLY D 218 53.46 91.22 -11.39
CA GLY D 218 54.50 91.15 -12.39
C GLY D 218 54.11 90.42 -13.66
N THR D 219 53.03 89.64 -13.64
CA THR D 219 52.55 88.96 -14.82
C THR D 219 51.78 89.93 -15.71
N THR D 220 51.31 89.44 -16.84
CA THR D 220 50.49 90.22 -17.76
C THR D 220 49.08 89.65 -17.90
N TRP D 221 48.72 88.66 -17.09
CA TRP D 221 47.45 87.96 -17.28
C TRP D 221 46.72 87.62 -15.98
N LEU D 222 47.31 87.85 -14.81
CA LEU D 222 46.67 87.41 -13.58
C LEU D 222 45.35 88.13 -13.34
N HIS D 223 45.20 89.35 -13.88
CA HIS D 223 43.94 90.06 -13.76
C HIS D 223 42.80 89.36 -14.50
N GLU D 224 43.13 88.55 -15.52
CA GLU D 224 42.10 87.83 -16.25
C GLU D 224 41.46 86.75 -15.38
N ASP D 225 42.18 86.24 -14.38
CA ASP D 225 41.70 85.15 -13.54
C ASP D 225 41.40 85.57 -12.11
N ARG D 226 42.12 86.56 -11.57
CA ARG D 226 41.95 87.00 -10.19
C ARG D 226 41.57 88.47 -10.18
N SER D 227 40.31 88.76 -9.90
CA SER D 227 39.81 90.13 -9.85
C SER D 227 40.03 90.73 -8.47
N VAL D 228 39.95 92.07 -8.41
CA VAL D 228 40.13 92.81 -7.17
C VAL D 228 38.95 93.74 -6.99
N GLU D 229 38.23 93.58 -5.87
CA GLU D 229 37.10 94.43 -5.54
C GLU D 229 37.22 95.12 -4.20
N LYS D 230 38.16 94.72 -3.35
CA LYS D 230 38.41 95.38 -2.09
C LYS D 230 39.89 95.62 -1.92
N ASP D 231 40.22 96.68 -1.18
CA ASP D 231 41.61 96.92 -0.81
C ASP D 231 42.12 95.81 0.11
N SER D 232 43.42 95.64 0.13
CA SER D 232 44.02 94.73 1.08
C SER D 232 43.93 95.31 2.49
N ALA D 233 44.30 94.48 3.48
CA ALA D 233 44.28 94.96 4.86
C ALA D 233 45.25 96.10 5.06
N VAL D 234 46.41 96.05 4.39
CA VAL D 234 47.43 97.06 4.59
C VAL D 234 47.03 98.37 3.91
N VAL D 235 46.38 98.28 2.75
CA VAL D 235 45.97 99.49 2.05
C VAL D 235 44.74 100.12 2.71
N SER D 236 43.81 99.27 3.17
CA SER D 236 42.64 99.79 3.87
C SER D 236 43.04 100.57 5.12
N LYS D 237 44.08 100.11 5.81
CA LYS D 237 44.57 100.85 6.97
C LYS D 237 45.28 102.13 6.54
N LEU D 238 46.10 102.05 5.49
CA LEU D 238 46.81 103.24 5.00
C LEU D 238 45.83 104.28 4.48
N ARG D 239 44.84 103.85 3.68
CA ARG D 239 43.86 104.80 3.16
C ARG D 239 43.03 105.41 4.27
N SER D 240 42.77 104.66 5.34
CA SER D 240 42.03 105.19 6.47
C SER D 240 42.79 106.29 7.21
N CYS D 241 44.13 106.29 7.12
CA CYS D 241 44.93 107.35 7.68
C CYS D 241 45.07 108.55 6.76
N GLY D 242 44.43 108.53 5.59
CA GLY D 242 44.53 109.63 4.66
C GLY D 242 45.74 109.58 3.76
N ALA D 243 46.41 108.43 3.67
CA ALA D 243 47.57 108.32 2.80
C ALA D 243 47.15 108.33 1.34
N ILE D 244 48.09 108.68 0.47
CA ILE D 244 47.86 108.75 -0.97
C ILE D 244 48.51 107.53 -1.61
N LEU D 245 47.69 106.61 -2.09
CA LEU D 245 48.20 105.41 -2.76
C LEU D 245 48.61 105.76 -4.18
N LEU D 246 49.90 105.62 -4.47
CA LEU D 246 50.47 106.03 -5.74
C LEU D 246 50.09 105.06 -6.86
N GLY D 247 50.74 103.90 -6.89
CA GLY D 247 50.43 102.92 -7.90
C GLY D 247 51.00 101.57 -7.54
N LYS D 248 50.96 100.65 -8.51
CA LYS D 248 51.49 99.31 -8.32
C LYS D 248 52.93 99.26 -8.80
N ALA D 249 53.84 98.91 -7.90
CA ALA D 249 55.26 98.94 -8.21
C ALA D 249 55.68 97.71 -9.01
N ASN D 250 56.70 97.89 -9.85
CA ASN D 250 57.25 96.78 -10.62
C ASN D 250 57.88 95.76 -9.67
N MET D 251 57.80 94.49 -10.07
CA MET D 251 58.29 93.41 -9.22
C MET D 251 58.72 92.23 -10.09
N HIS D 252 59.57 91.38 -9.51
CA HIS D 252 59.89 90.11 -10.16
C HIS D 252 58.63 89.26 -10.24
N GLU D 253 58.49 88.54 -11.36
CA GLU D 253 57.23 87.85 -11.66
C GLU D 253 56.89 86.86 -10.57
N LEU D 254 55.74 87.06 -9.93
CA LEU D 254 55.24 86.22 -8.86
C LEU D 254 56.25 86.07 -7.72
N GLY D 255 57.15 87.04 -7.57
CA GLY D 255 58.14 87.00 -6.51
C GLY D 255 59.20 85.93 -6.62
N MET D 256 59.26 85.22 -7.76
CA MET D 256 60.19 84.10 -7.91
C MET D 256 61.56 84.59 -8.41
N GLY D 257 62.15 85.49 -7.64
CA GLY D 257 63.45 86.03 -7.98
C GLY D 257 63.92 87.00 -6.93
N THR D 258 65.23 87.24 -6.94
CA THR D 258 65.86 88.13 -5.96
C THR D 258 66.70 89.22 -6.62
N THR D 259 66.51 89.46 -7.92
CA THR D 259 67.17 90.55 -8.63
C THR D 259 66.22 91.62 -9.12
N GLY D 260 65.03 91.24 -9.57
CA GLY D 260 64.07 92.17 -10.11
C GLY D 260 63.94 92.15 -11.61
N ASN D 261 64.58 91.20 -12.30
CA ASN D 261 64.50 91.08 -13.74
C ASN D 261 63.08 90.74 -14.17
N ASN D 262 62.39 91.69 -14.79
CA ASN D 262 61.02 91.49 -15.27
C ASN D 262 61.01 91.67 -16.78
N SER D 263 60.90 90.56 -17.51
CA SER D 263 60.92 90.56 -18.97
C SER D 263 59.55 90.81 -19.58
N ASN D 264 58.63 91.40 -18.83
CA ASN D 264 57.30 91.73 -19.33
C ASN D 264 57.01 93.22 -19.27
N TYR D 265 57.49 93.91 -18.24
CA TYR D 265 57.32 95.34 -18.11
C TYR D 265 58.63 96.11 -18.17
N GLY D 266 59.77 95.46 -17.91
CA GLY D 266 61.04 96.14 -17.86
C GLY D 266 61.72 95.99 -16.52
N THR D 267 63.05 95.91 -16.53
CA THR D 267 63.82 95.69 -15.31
C THR D 267 64.12 97.02 -14.64
N THR D 268 63.57 97.23 -13.45
CA THR D 268 63.78 98.45 -12.71
C THR D 268 65.25 98.60 -12.32
N ARG D 269 65.78 99.81 -12.47
CA ARG D 269 67.21 100.06 -12.29
C ARG D 269 67.49 100.69 -10.92
N ASN D 270 68.70 100.44 -10.43
CA ASN D 270 69.09 100.95 -9.12
C ASN D 270 69.36 102.44 -9.19
N PRO D 271 68.73 103.25 -8.33
CA PRO D 271 68.98 104.70 -8.36
C PRO D 271 70.43 105.07 -8.10
N HIS D 272 71.19 104.22 -7.39
CA HIS D 272 72.60 104.52 -7.16
C HIS D 272 73.45 104.21 -8.37
N ASP D 273 73.03 103.29 -9.22
CA ASP D 273 73.73 102.92 -10.44
C ASP D 273 72.76 102.23 -11.38
N PRO D 274 72.22 102.94 -12.38
CA PRO D 274 71.16 102.34 -13.22
C PRO D 274 71.61 101.12 -13.99
N LYS D 275 72.91 100.88 -14.16
CA LYS D 275 73.35 99.69 -14.86
C LYS D 275 73.26 98.43 -14.00
N ARG D 276 72.96 98.56 -12.72
CA ARG D 276 72.90 97.44 -11.79
C ARG D 276 71.47 97.17 -11.36
N TYR D 277 71.28 96.03 -10.71
CA TYR D 277 69.97 95.61 -10.24
C TYR D 277 69.58 96.34 -8.96
N THR D 278 68.27 96.36 -8.70
CA THR D 278 67.76 96.85 -7.42
C THR D 278 67.67 95.76 -6.37
N GLY D 279 67.52 94.52 -6.79
CA GLY D 279 67.20 93.44 -5.90
C GLY D 279 65.73 93.08 -5.97
N GLY D 280 65.42 91.83 -5.65
CA GLY D 280 64.07 91.31 -5.75
C GLY D 280 63.55 90.84 -4.40
N SER D 281 62.23 90.62 -4.35
CA SER D 281 61.39 90.76 -5.54
C SER D 281 60.69 92.12 -5.58
N SER D 282 60.82 92.89 -4.50
CA SER D 282 60.20 94.20 -4.41
C SER D 282 61.11 95.26 -5.05
N SER D 283 61.40 95.04 -6.34
CA SER D 283 62.35 95.87 -7.05
C SER D 283 61.85 97.30 -7.20
N GLY D 284 60.62 97.47 -7.71
CA GLY D 284 60.11 98.81 -7.93
C GLY D 284 59.85 99.58 -6.65
N SER D 285 59.44 98.89 -5.58
CA SER D 285 59.13 99.57 -4.32
C SER D 285 60.38 100.19 -3.73
N ALA D 286 61.48 99.44 -3.69
CA ALA D 286 62.72 99.97 -3.12
C ALA D 286 63.31 101.08 -3.98
N ALA D 287 63.14 101.00 -5.31
CA ALA D 287 63.72 102.01 -6.18
C ALA D 287 62.97 103.33 -6.08
N ILE D 288 61.64 103.28 -6.04
CA ILE D 288 60.85 104.50 -5.97
C ILE D 288 60.98 105.17 -4.61
N VAL D 289 61.43 104.45 -3.60
CA VAL D 289 61.68 105.05 -2.30
C VAL D 289 63.09 105.64 -2.23
N ALA D 290 64.08 104.92 -2.75
CA ALA D 290 65.45 105.43 -2.74
C ALA D 290 65.61 106.63 -3.66
N ALA D 291 64.80 106.73 -4.71
CA ALA D 291 64.85 107.87 -5.62
C ALA D 291 64.18 109.11 -5.05
N GLY D 292 63.52 109.00 -3.90
CA GLY D 292 62.89 110.14 -3.27
C GLY D 292 61.53 110.51 -3.78
N LEU D 293 60.94 109.69 -4.67
CA LEU D 293 59.65 110.06 -5.26
C LEU D 293 58.51 109.92 -4.27
N CYS D 294 58.59 108.97 -3.35
CA CYS D 294 57.53 108.78 -2.37
C CYS D 294 58.12 108.49 -1.01
N SER D 295 57.33 108.75 0.03
CA SER D 295 57.84 108.66 1.40
C SER D 295 58.18 107.22 1.77
N ALA D 296 57.28 106.29 1.45
CA ALA D 296 57.51 104.88 1.78
C ALA D 296 56.78 104.00 0.77
N ALA D 297 57.00 102.69 0.91
CA ALA D 297 56.36 101.71 0.04
C ALA D 297 56.09 100.44 0.83
N LEU D 298 55.20 99.62 0.29
CA LEU D 298 54.87 98.32 0.86
C LEU D 298 55.30 97.21 -0.10
N GLY D 299 55.61 96.06 0.49
CA GLY D 299 56.01 94.90 -0.29
C GLY D 299 56.03 93.63 0.53
N THR D 300 55.82 92.50 -0.12
CA THR D 300 55.85 91.22 0.58
C THR D 300 57.28 90.70 0.69
N ASP D 301 57.55 89.97 1.77
CA ASP D 301 58.87 89.41 2.03
C ASP D 301 58.72 87.93 2.36
N GLY D 302 59.04 87.07 1.39
CA GLY D 302 58.97 85.63 1.60
C GLY D 302 60.35 85.00 1.63
N GLY D 303 61.32 85.63 0.97
CA GLY D 303 62.68 85.17 0.99
C GLY D 303 63.66 86.32 1.00
N GLY D 304 63.31 87.38 1.73
CA GLY D 304 64.13 88.58 1.74
C GLY D 304 63.72 89.62 0.72
N ALA D 305 62.51 89.51 0.16
CA ALA D 305 62.08 90.42 -0.90
C ALA D 305 61.92 91.86 -0.44
N VAL D 306 61.94 92.12 0.86
CA VAL D 306 61.91 93.49 1.38
C VAL D 306 63.30 93.93 1.83
N ARG D 307 64.07 93.02 2.44
CA ARG D 307 65.38 93.39 2.98
C ARG D 307 66.45 93.41 1.91
N ILE D 308 66.41 92.46 0.97
CA ILE D 308 67.46 92.38 -0.06
C ILE D 308 67.51 93.63 -0.92
N PRO D 309 66.41 94.12 -1.49
CA PRO D 309 66.50 95.38 -2.25
C PRO D 309 66.75 96.59 -1.38
N SER D 310 66.31 96.57 -0.12
CA SER D 310 66.57 97.69 0.77
C SER D 310 68.07 97.83 1.07
N ALA D 311 68.81 96.73 1.01
CA ALA D 311 70.25 96.81 1.23
C ALA D 311 70.97 97.27 -0.03
N LEU D 312 70.51 96.83 -1.20
CA LEU D 312 71.15 97.23 -2.45
C LEU D 312 70.82 98.66 -2.83
N CYS D 313 69.63 99.15 -2.49
CA CYS D 313 69.23 100.51 -2.79
C CYS D 313 69.54 101.49 -1.67
N GLY D 314 69.94 101.00 -0.49
CA GLY D 314 70.32 101.88 0.60
C GLY D 314 69.16 102.49 1.34
N ILE D 315 68.11 101.73 1.61
CA ILE D 315 66.98 102.19 2.39
C ILE D 315 66.69 101.18 3.50
N THR D 316 65.63 101.43 4.25
CA THR D 316 65.27 100.63 5.41
C THR D 316 64.06 99.76 5.06
N GLY D 317 64.21 98.45 5.22
CA GLY D 317 63.11 97.52 5.01
C GLY D 317 62.84 96.69 6.23
N LEU D 318 61.63 96.77 6.76
CA LEU D 318 61.27 96.11 8.01
C LEU D 318 60.49 94.83 7.71
N LYS D 319 61.15 93.69 7.93
CA LYS D 319 60.49 92.39 7.82
C LYS D 319 59.88 92.08 9.19
N THR D 320 58.56 92.25 9.30
CA THR D 320 57.90 92.04 10.58
C THR D 320 57.73 90.54 10.86
N THR D 321 57.29 90.25 12.09
CA THR D 321 57.07 88.88 12.51
C THR D 321 55.95 88.25 11.69
N TYR D 322 55.99 86.92 11.57
CA TYR D 322 54.96 86.20 10.84
C TYR D 322 53.61 86.34 11.53
N GLY D 323 52.66 86.95 10.83
CA GLY D 323 51.32 87.14 11.34
C GLY D 323 51.07 88.48 12.00
N ARG D 324 52.10 89.32 12.14
CA ARG D 324 51.92 90.61 12.80
C ARG D 324 51.04 91.55 11.96
N THR D 325 51.26 91.57 10.66
CA THR D 325 50.51 92.41 9.73
C THR D 325 49.56 91.55 8.92
N ASP D 326 48.28 91.89 8.95
CA ASP D 326 47.26 91.13 8.22
C ASP D 326 47.53 91.21 6.72
N MET D 327 47.74 90.04 6.10
CA MET D 327 48.05 89.95 4.69
C MET D 327 46.83 89.66 3.82
N THR D 328 45.62 89.79 4.37
CA THR D 328 44.42 89.52 3.60
C THR D 328 44.33 90.46 2.41
N GLY D 329 44.25 89.90 1.21
CA GLY D 329 44.17 90.70 0.01
C GLY D 329 45.50 90.84 -0.71
N SER D 330 46.28 89.77 -0.73
CA SER D 330 47.55 89.75 -1.45
C SER D 330 47.69 88.40 -2.14
N LEU D 331 48.67 88.31 -3.04
CA LEU D 331 48.86 87.08 -3.80
C LEU D 331 49.46 85.95 -2.97
N CYS D 332 49.99 86.23 -1.79
CA CYS D 332 50.69 85.23 -1.00
C CYS D 332 50.05 84.98 0.36
N GLU D 333 48.78 85.33 0.52
CA GLU D 333 48.08 85.04 1.77
C GLU D 333 47.92 83.53 1.94
N GLY D 334 47.97 83.09 3.20
CA GLY D 334 47.91 81.68 3.50
C GLY D 334 49.24 80.95 3.47
N GLY D 335 50.31 81.63 3.06
CA GLY D 335 51.63 81.03 3.08
C GLY D 335 52.16 80.87 4.50
N THR D 336 53.40 80.39 4.58
CA THR D 336 54.03 80.12 5.87
C THR D 336 55.35 80.86 6.08
N VAL D 337 55.80 81.66 5.12
CA VAL D 337 57.08 82.35 5.28
C VAL D 337 56.97 83.80 4.82
N GLU D 338 55.78 84.23 4.42
CA GLU D 338 55.59 85.55 3.83
C GLU D 338 55.04 86.54 4.85
N ILE D 339 55.50 87.78 4.74
CA ILE D 339 54.98 88.91 5.51
C ILE D 339 54.83 90.10 4.57
N ILE D 340 54.11 91.12 5.03
CA ILE D 340 54.00 92.39 4.32
C ILE D 340 54.68 93.44 5.19
N GLY D 341 55.83 93.92 4.73
CA GLY D 341 56.59 94.90 5.46
C GLY D 341 56.80 96.17 4.66
N PRO D 342 57.05 97.28 5.35
CA PRO D 342 57.28 98.56 4.66
C PRO D 342 58.74 98.79 4.33
N LEU D 343 58.95 99.55 3.25
CA LEU D 343 60.26 100.05 2.87
C LEU D 343 60.22 101.57 2.91
N ALA D 344 61.19 102.17 3.59
CA ALA D 344 61.19 103.61 3.80
C ALA D 344 62.62 104.14 3.70
N SER D 345 62.72 105.46 3.56
CA SER D 345 64.02 106.11 3.41
C SER D 345 64.77 106.27 4.73
N SER D 346 64.06 106.21 5.86
CA SER D 346 64.68 106.34 7.16
C SER D 346 63.95 105.45 8.16
N LEU D 347 64.62 105.16 9.27
CA LEU D 347 64.01 104.32 10.31
C LEU D 347 62.78 104.99 10.91
N GLU D 348 62.79 106.32 11.02
CA GLU D 348 61.63 107.03 11.56
C GLU D 348 60.41 106.86 10.66
N ASP D 349 60.61 106.75 9.35
CA ASP D 349 59.49 106.61 8.42
C ASP D 349 58.94 105.20 8.40
N ALA D 350 59.81 104.19 8.44
CA ALA D 350 59.34 102.81 8.47
C ALA D 350 58.59 102.52 9.76
N PHE D 351 58.99 103.14 10.87
CA PHE D 351 58.26 102.95 12.12
C PHE D 351 56.87 103.54 12.05
N LEU D 352 56.71 104.70 11.40
CA LEU D 352 55.39 105.31 11.29
C LEU D 352 54.48 104.51 10.36
N VAL D 353 55.03 103.94 9.29
CA VAL D 353 54.22 103.12 8.39
C VAL D 353 53.88 101.79 9.05
N TYR D 354 54.83 101.22 9.78
CA TYR D 354 54.57 99.97 10.48
C TYR D 354 53.48 100.15 11.53
N ALA D 355 53.46 101.30 12.20
CA ALA D 355 52.44 101.55 13.21
C ALA D 355 51.04 101.64 12.63
N ALA D 356 50.93 101.79 11.30
CA ALA D 356 49.64 101.91 10.64
C ALA D 356 49.18 100.61 10.00
N ILE D 357 50.10 99.82 9.44
CA ILE D 357 49.71 98.58 8.77
C ILE D 357 49.60 97.39 9.72
N LEU D 358 50.24 97.45 10.89
CA LEU D 358 50.25 96.30 11.79
C LEU D 358 48.85 95.97 12.27
N GLY D 359 48.71 94.78 12.83
CA GLY D 359 47.42 94.27 13.23
C GLY D 359 47.19 92.88 12.70
N SER D 360 47.23 91.88 13.57
CA SER D 360 47.07 90.51 13.14
C SER D 360 45.64 90.26 12.64
N SER D 361 45.52 89.34 11.70
CA SER D 361 44.20 88.96 11.20
C SER D 361 43.43 88.22 12.28
N SER D 362 42.13 88.00 12.01
CA SER D 362 41.30 87.29 12.98
C SER D 362 41.74 85.84 13.12
N ALA D 363 42.11 85.19 12.01
CA ALA D 363 42.56 83.80 12.08
C ALA D 363 43.91 83.70 12.78
N ASP D 364 44.85 84.55 12.42
CA ASP D 364 46.19 84.48 13.00
C ASP D 364 46.18 84.90 14.46
N ARG D 365 45.23 85.74 14.88
CA ARG D 365 45.19 86.17 16.27
C ARG D 365 44.95 85.00 17.21
N TYR D 366 44.09 84.07 16.81
CA TYR D 366 43.79 82.91 17.65
C TYR D 366 44.84 81.82 17.52
N ASN D 367 45.40 81.64 16.32
CA ASN D 367 46.32 80.53 16.08
C ASN D 367 47.75 80.86 16.48
N LEU D 368 48.24 82.05 16.12
CA LEU D 368 49.60 82.45 16.49
C LEU D 368 49.67 83.08 17.87
N LYS D 369 48.55 83.59 18.39
CA LYS D 369 48.46 84.23 19.70
C LYS D 369 49.59 85.23 19.92
N PRO D 370 49.64 86.33 19.16
CA PRO D 370 50.72 87.29 19.35
C PRO D 370 50.49 88.19 20.55
N SER D 371 51.58 88.53 21.23
CA SER D 371 51.50 89.53 22.29
C SER D 371 51.17 90.89 21.68
N PRO D 372 50.62 91.81 22.48
CA PRO D 372 50.25 93.11 21.93
C PRO D 372 51.45 93.81 21.33
N PRO D 373 51.25 94.63 20.30
CA PRO D 373 52.37 95.33 19.68
C PRO D 373 53.02 96.31 20.66
N CYS D 374 54.28 96.62 20.37
CA CYS D 374 55.07 97.52 21.21
C CYS D 374 55.81 98.50 20.33
N PHE D 375 55.88 99.75 20.76
CA PHE D 375 56.62 100.77 20.05
C PHE D 375 57.89 101.13 20.82
N PRO D 376 59.03 101.22 20.17
CA PRO D 376 60.25 101.61 20.89
C PRO D 376 60.25 103.10 21.19
N LYS D 377 60.74 103.44 22.38
CA LYS D 377 60.84 104.83 22.82
C LYS D 377 62.07 105.44 22.14
N LEU D 378 61.87 105.98 20.95
CA LEU D 378 62.97 106.57 20.19
C LEU D 378 63.48 107.87 20.82
N LEU D 379 62.82 108.37 21.87
CA LEU D 379 63.38 109.44 22.69
C LEU D 379 64.56 108.88 23.46
N SER D 380 65.77 109.17 22.98
CA SER D 380 66.97 108.59 23.59
C SER D 380 67.16 109.10 25.02
N HIS D 381 67.08 110.42 25.21
CA HIS D 381 67.20 110.99 26.54
C HIS D 381 65.99 110.63 27.38
N ASN D 382 66.20 110.53 28.70
CA ASN D 382 67.44 110.88 29.37
C ASN D 382 68.41 109.72 29.55
N GLY D 383 67.88 108.55 29.91
CA GLY D 383 68.72 107.40 30.23
C GLY D 383 69.45 106.79 29.07
N SER D 384 68.70 106.23 28.11
CA SER D 384 69.25 105.52 26.95
C SER D 384 70.08 104.31 27.38
N ASN D 385 69.77 103.74 28.53
CA ASN D 385 70.45 102.53 29.02
C ASN D 385 69.77 101.25 28.54
N ALA D 386 68.78 101.35 27.66
CA ALA D 386 68.09 100.17 27.17
C ALA D 386 68.85 99.48 26.05
N ILE D 387 69.35 100.27 25.09
CA ILE D 387 70.10 99.69 23.97
C ILE D 387 71.40 99.07 24.47
N GLY D 388 72.02 99.68 25.47
CA GLY D 388 73.27 99.16 26.00
C GLY D 388 73.15 97.79 26.63
N SER D 389 71.95 97.40 27.05
CA SER D 389 71.71 96.10 27.66
C SER D 389 71.39 95.01 26.64
N LEU D 390 71.63 95.27 25.36
CA LEU D 390 71.35 94.29 24.31
C LEU D 390 72.58 93.43 24.04
N ARG D 391 72.33 92.17 23.69
CA ARG D 391 73.37 91.21 23.37
C ARG D 391 73.29 90.88 21.89
N LEU D 392 74.39 91.10 21.17
CA LEU D 392 74.44 90.90 19.72
C LEU D 392 75.09 89.55 19.42
N GLY D 393 74.38 88.71 18.69
CA GLY D 393 74.90 87.40 18.29
C GLY D 393 75.54 87.47 16.92
N LYS D 394 76.74 86.91 16.81
CA LYS D 394 77.53 87.01 15.58
C LYS D 394 78.15 85.66 15.27
N TYR D 395 77.72 85.04 14.17
CA TYR D 395 78.34 83.83 13.63
C TYR D 395 79.44 84.28 12.67
N THR D 396 80.68 84.31 13.17
CA THR D 396 81.78 84.95 12.42
C THR D 396 82.02 84.26 11.07
N LYS D 397 82.04 82.93 11.05
CA LYS D 397 82.20 82.21 9.79
C LYS D 397 81.08 82.56 8.82
N TRP D 398 79.87 82.73 9.33
CA TRP D 398 78.74 83.14 8.50
C TRP D 398 78.80 84.63 8.16
N PHE D 399 79.23 85.45 9.13
CA PHE D 399 79.25 86.89 8.94
C PHE D 399 80.21 87.30 7.82
N ASN D 400 81.36 86.64 7.73
CA ASN D 400 82.41 87.01 6.80
C ASN D 400 82.29 86.32 5.45
N ASP D 401 81.33 85.41 5.28
CA ASP D 401 81.17 84.69 4.02
C ASP D 401 80.45 85.59 3.01
N VAL D 402 81.15 86.64 2.61
CA VAL D 402 80.63 87.60 1.65
C VAL D 402 81.57 87.65 0.45
N SER D 403 81.00 87.92 -0.73
CA SER D 403 81.80 88.03 -1.93
C SER D 403 82.59 89.34 -1.99
N SER D 404 82.06 90.39 -1.38
CA SER D 404 82.73 91.69 -1.33
C SER D 404 83.26 91.91 0.08
N SER D 405 84.58 92.09 0.19
CA SER D 405 85.19 92.30 1.50
C SER D 405 84.74 93.58 2.17
N ASP D 406 84.19 94.54 1.40
CA ASP D 406 83.72 95.78 1.99
C ASP D 406 82.49 95.55 2.88
N ILE D 407 81.71 94.50 2.58
CA ILE D 407 80.49 94.26 3.33
C ILE D 407 80.81 93.83 4.76
N SER D 408 81.69 92.84 4.92
CA SER D 408 82.07 92.39 6.24
C SER D 408 82.85 93.43 7.02
N ASP D 409 83.39 94.46 6.34
CA ASP D 409 84.13 95.52 7.00
C ASP D 409 83.20 96.62 7.52
N LYS D 410 82.39 97.20 6.63
CA LYS D 410 81.50 98.28 7.03
C LYS D 410 80.42 97.80 8.01
N CYS D 411 80.09 96.52 8.00
CA CYS D 411 79.17 95.97 8.99
C CYS D 411 79.85 95.76 10.33
N GLU D 412 81.11 95.31 10.31
CA GLU D 412 81.86 95.13 11.56
C GLU D 412 82.18 96.48 12.20
N ASP D 413 82.36 97.52 11.38
CA ASP D 413 82.59 98.85 11.95
C ASP D 413 81.37 99.36 12.70
N ILE D 414 80.17 98.91 12.31
CA ILE D 414 78.97 99.31 13.03
C ILE D 414 78.86 98.56 14.34
N LEU D 415 79.21 97.27 14.35
CA LEU D 415 79.23 96.52 15.60
C LEU D 415 80.23 97.13 16.58
N LYS D 416 81.40 97.55 16.10
CA LYS D 416 82.36 98.20 16.98
C LYS D 416 81.83 99.55 17.45
N LEU D 417 81.11 100.27 16.58
CA LEU D 417 80.51 101.54 17.00
C LEU D 417 79.37 101.31 17.98
N LEU D 418 78.58 100.26 17.77
CA LEU D 418 77.53 99.92 18.72
C LEU D 418 78.11 99.46 20.05
N SER D 419 79.19 98.68 20.01
CA SER D 419 79.80 98.17 21.23
C SER D 419 80.57 99.26 21.98
N ASN D 420 81.07 100.27 21.27
CA ASN D 420 81.86 101.33 21.89
C ASN D 420 80.99 102.50 22.35
N ASN D 421 80.01 102.90 21.55
CA ASN D 421 79.20 104.06 21.86
C ASN D 421 77.94 103.74 22.64
N HIS D 422 77.73 102.48 23.02
CA HIS D 422 76.52 102.11 23.75
C HIS D 422 76.74 101.03 24.82
N GLY D 423 77.76 100.21 24.72
CA GLY D 423 77.99 99.15 25.69
C GLY D 423 77.46 97.79 25.28
N CYS D 424 77.00 97.62 24.05
CA CYS D 424 76.53 96.33 23.59
C CYS D 424 77.68 95.33 23.53
N LYS D 425 77.38 94.08 23.84
CA LYS D 425 78.37 93.01 23.80
C LYS D 425 78.09 92.13 22.59
N VAL D 426 79.15 91.79 21.86
CA VAL D 426 79.04 90.92 20.70
C VAL D 426 79.32 89.49 21.15
N VAL D 427 78.28 88.68 21.26
CA VAL D 427 78.40 87.30 21.71
C VAL D 427 78.54 86.40 20.50
N GLU D 428 79.57 85.55 20.51
CA GLU D 428 79.77 84.59 19.44
C GLU D 428 78.67 83.53 19.48
N ILE D 429 78.04 83.29 18.32
CA ILE D 429 77.00 82.29 18.19
C ILE D 429 77.33 81.38 17.02
N VAL D 430 76.59 80.27 16.93
CA VAL D 430 76.74 79.32 15.83
C VAL D 430 75.34 78.94 15.37
N VAL D 431 75.12 78.98 14.05
CA VAL D 431 73.82 78.64 13.47
C VAL D 431 73.96 77.35 12.67
N PRO D 432 73.58 76.21 13.23
CA PRO D 432 73.77 74.94 12.52
C PRO D 432 72.77 74.74 11.39
N GLU D 433 73.14 73.84 10.48
CA GLU D 433 72.27 73.37 9.41
C GLU D 433 71.74 74.52 8.56
N LEU D 434 72.67 75.32 8.02
CA LEU D 434 72.29 76.38 7.12
C LEU D 434 71.89 75.85 5.74
N GLU D 435 72.48 74.70 5.34
CA GLU D 435 72.06 74.07 4.09
C GLU D 435 70.66 73.49 4.21
N GLU D 436 70.33 72.90 5.36
CA GLU D 436 68.97 72.40 5.57
C GLU D 436 67.97 73.54 5.57
N MET D 437 68.39 74.74 5.96
CA MET D 437 67.48 75.88 5.97
C MET D 437 67.11 76.32 4.56
N ARG D 438 68.07 76.29 3.65
CA ARG D 438 67.76 76.65 2.26
C ARG D 438 66.82 75.64 1.63
N ALA D 439 67.12 74.35 1.80
CA ALA D 439 66.28 73.31 1.20
C ALA D 439 64.87 73.34 1.78
N ALA D 440 64.75 73.51 3.09
CA ALA D 440 63.43 73.58 3.70
C ALA D 440 62.68 74.85 3.34
N HIS D 441 63.39 75.92 2.97
CA HIS D 441 62.73 77.17 2.63
C HIS D 441 62.18 77.14 1.20
N VAL D 442 62.99 76.69 0.24
CA VAL D 442 62.60 76.76 -1.16
C VAL D 442 61.34 75.95 -1.41
N ILE D 443 61.20 74.81 -0.74
CA ILE D 443 60.00 74.00 -0.93
C ILE D 443 58.84 74.57 -0.11
N SER D 444 59.12 75.27 0.99
CA SER D 444 58.05 75.84 1.81
C SER D 444 57.48 77.11 1.23
N ILE D 445 58.21 77.78 0.34
CA ILE D 445 57.73 79.00 -0.29
C ILE D 445 57.25 78.76 -1.71
N GLY D 446 57.80 77.77 -2.42
CA GLY D 446 57.35 77.50 -3.77
C GLY D 446 56.13 76.59 -3.88
N SER D 447 55.91 75.76 -2.86
CA SER D 447 54.75 74.88 -2.89
C SER D 447 53.44 75.65 -2.82
N PRO D 448 53.22 76.58 -1.88
CA PRO D 448 51.95 77.32 -1.88
C PRO D 448 51.79 78.24 -3.08
N THR D 449 52.88 78.83 -3.57
CA THR D 449 52.80 79.69 -4.74
C THR D 449 52.34 78.91 -5.96
N LEU D 450 52.97 77.75 -6.21
CA LEU D 450 52.57 76.92 -7.33
C LEU D 450 51.16 76.38 -7.15
N SER D 451 50.78 76.04 -5.93
CA SER D 451 49.45 75.49 -5.68
C SER D 451 48.35 76.46 -6.04
N SER D 452 48.59 77.76 -5.87
CA SER D 452 47.55 78.75 -6.15
C SER D 452 47.45 79.06 -7.63
N LEU D 453 48.58 79.07 -8.34
CA LEU D 453 48.58 79.34 -9.77
C LEU D 453 48.40 78.09 -10.61
N THR D 454 48.23 76.92 -9.98
CA THR D 454 48.14 75.68 -10.76
C THR D 454 46.88 75.61 -11.62
N PRO D 455 45.67 75.87 -11.09
CA PRO D 455 44.49 75.81 -11.97
C PRO D 455 44.57 76.73 -13.17
N TYR D 456 45.28 77.85 -13.05
CA TYR D 456 45.42 78.77 -14.18
C TYR D 456 46.47 78.26 -15.17
N CYS D 457 47.57 77.69 -14.67
CA CYS D 457 48.60 77.17 -15.56
C CYS D 457 48.15 75.89 -16.25
N GLU D 458 47.30 75.09 -15.59
CA GLU D 458 46.72 73.91 -16.24
C GLU D 458 45.76 74.30 -17.36
N ALA D 459 45.21 75.51 -17.32
CA ALA D 459 44.32 76.00 -18.36
C ALA D 459 45.08 76.54 -19.57
N GLY D 460 46.39 76.39 -19.61
CA GLY D 460 47.18 76.79 -20.76
C GLY D 460 47.99 78.05 -20.59
N LYS D 461 47.85 78.75 -19.47
CA LYS D 461 48.54 80.01 -19.25
C LYS D 461 49.93 79.84 -18.65
N ASN D 462 50.41 78.60 -18.51
CA ASN D 462 51.77 78.39 -18.03
C ASN D 462 52.80 78.96 -18.99
N SER D 463 52.52 78.91 -20.30
CA SER D 463 53.43 79.48 -21.28
C SER D 463 53.45 81.00 -21.25
N LYS D 464 52.46 81.63 -20.63
CA LYS D 464 52.43 83.08 -20.51
C LYS D 464 53.34 83.61 -19.41
N LEU D 465 54.04 82.73 -18.69
CA LEU D 465 54.97 83.13 -17.66
C LEU D 465 56.37 83.30 -18.24
N SER D 466 57.19 84.10 -17.55
CA SER D 466 58.56 84.30 -17.98
C SER D 466 59.35 83.00 -17.85
N TYR D 467 60.49 82.96 -18.53
CA TYR D 467 61.34 81.78 -18.47
C TYR D 467 61.99 81.59 -17.10
N ASP D 468 62.13 82.67 -16.33
CA ASP D 468 62.62 82.53 -14.96
C ASP D 468 61.61 81.81 -14.08
N THR D 469 60.34 82.21 -14.17
CA THR D 469 59.30 81.57 -13.39
C THR D 469 59.08 80.13 -13.83
N ARG D 470 59.05 79.89 -15.15
CA ARG D 470 58.85 78.55 -15.66
C ARG D 470 60.01 77.63 -15.27
N THR D 471 61.21 78.19 -15.07
CA THR D 471 62.32 77.39 -14.57
C THR D 471 62.11 77.03 -13.10
N SER D 472 61.65 77.98 -12.29
CA SER D 472 61.38 77.69 -10.88
C SER D 472 60.18 76.75 -10.74
N PHE D 473 59.14 76.96 -11.55
CA PHE D 473 57.98 76.08 -11.48
C PHE D 473 58.34 74.65 -11.92
N ALA D 474 59.33 74.51 -12.80
CA ALA D 474 59.75 73.17 -13.21
C ALA D 474 60.33 72.39 -12.04
N ILE D 475 61.08 73.06 -11.17
CA ILE D 475 61.62 72.40 -9.98
C ILE D 475 60.54 72.23 -8.92
N PHE D 476 59.62 73.21 -8.81
CA PHE D 476 58.59 73.14 -7.79
C PHE D 476 57.62 71.98 -8.03
N ARG D 477 57.39 71.62 -9.30
CA ARG D 477 56.51 70.49 -9.58
C ARG D 477 57.17 69.16 -9.28
N SER D 478 58.50 69.13 -9.14
CA SER D 478 59.22 67.92 -8.79
C SER D 478 59.28 67.68 -7.28
N PHE D 479 58.84 68.64 -6.47
CA PHE D 479 58.77 68.45 -5.03
C PHE D 479 57.55 67.60 -4.70
N SER D 480 57.78 66.42 -4.12
CA SER D 480 56.69 65.53 -3.77
C SER D 480 56.03 65.99 -2.47
N ALA D 481 54.87 65.39 -2.18
CA ALA D 481 54.18 65.70 -0.93
C ALA D 481 54.96 65.23 0.28
N SER D 482 55.70 64.13 0.15
CA SER D 482 56.53 63.66 1.25
C SER D 482 57.75 64.55 1.46
N ASP D 483 58.27 65.15 0.38
CA ASP D 483 59.38 66.08 0.52
C ASP D 483 58.98 67.31 1.33
N TYR D 484 57.72 67.72 1.22
CA TYR D 484 57.26 68.87 2.00
C TYR D 484 57.16 68.51 3.49
N ILE D 485 56.75 67.29 3.80
CA ILE D 485 56.60 66.88 5.20
C ILE D 485 57.96 66.88 5.88
N ALA D 486 58.99 66.36 5.22
CA ALA D 486 60.32 66.33 5.82
C ALA D 486 60.89 67.72 5.99
N ALA D 487 60.51 68.66 5.12
CA ALA D 487 60.99 70.03 5.25
C ALA D 487 60.39 70.71 6.48
N GLN D 488 59.12 70.42 6.78
CA GLN D 488 58.52 70.95 8.00
C GLN D 488 59.14 70.34 9.24
N CYS D 489 59.68 69.12 9.13
CA CYS D 489 60.46 68.56 10.22
C CYS D 489 61.79 69.30 10.39
N LEU D 490 62.37 69.77 9.29
CA LEU D 490 63.60 70.56 9.38
C LEU D 490 63.33 71.93 9.96
N ARG D 491 62.11 72.45 9.82
CA ARG D 491 61.79 73.74 10.39
C ARG D 491 61.83 73.71 11.92
N ARG D 492 61.33 72.63 12.51
CA ARG D 492 61.35 72.51 13.97
C ARG D 492 62.78 72.46 14.49
N ARG D 493 63.66 71.74 13.79
CA ARG D 493 65.06 71.71 14.18
C ARG D 493 65.66 73.11 14.21
N LEU D 494 65.53 73.84 13.10
CA LEU D 494 66.06 75.19 13.02
C LEU D 494 65.36 76.12 14.02
N MET D 495 64.07 75.90 14.26
CA MET D 495 63.37 76.68 15.27
C MET D 495 63.91 76.41 16.66
N GLU D 496 64.35 75.17 16.91
CA GLU D 496 64.93 74.87 18.22
C GLU D 496 66.31 75.47 18.37
N TYR D 497 67.09 75.51 17.28
CA TYR D 497 68.42 76.11 17.34
C TYR D 497 68.34 77.61 17.61
N HIS D 498 67.47 78.32 16.88
CA HIS D 498 67.38 79.76 17.01
C HIS D 498 66.75 80.18 18.34
N LEU D 499 65.74 79.43 18.80
CA LEU D 499 65.14 79.75 20.08
C LEU D 499 66.13 79.52 21.22
N ASN D 500 66.96 78.49 21.11
CA ASN D 500 68.04 78.32 22.09
C ASN D 500 69.07 79.43 21.97
N ILE D 501 69.31 79.93 20.75
CA ILE D 501 70.21 81.06 20.58
C ILE D 501 69.61 82.31 21.22
N PHE D 502 68.30 82.51 21.05
CA PHE D 502 67.62 83.67 21.63
C PHE D 502 67.50 83.59 23.15
N LYS D 503 68.08 82.57 23.78
CA LYS D 503 68.24 82.55 25.22
C LYS D 503 69.52 83.25 25.67
N ASP D 504 70.51 83.36 24.78
CA ASP D 504 71.78 84.00 25.10
C ASP D 504 71.92 85.40 24.52
N VAL D 505 71.27 85.67 23.39
CA VAL D 505 71.40 86.95 22.70
C VAL D 505 70.02 87.56 22.48
N ASP D 506 70.00 88.88 22.32
CA ASP D 506 68.76 89.63 22.11
C ASP D 506 68.42 89.76 20.63
N VAL D 507 69.44 89.90 19.78
CA VAL D 507 69.26 89.95 18.33
C VAL D 507 70.41 89.20 17.67
N ILE D 508 70.22 88.88 16.40
CA ILE D 508 71.27 88.28 15.57
C ILE D 508 71.59 89.28 14.47
N VAL D 509 72.85 89.73 14.42
CA VAL D 509 73.29 90.73 13.47
C VAL D 509 74.11 90.05 12.38
N THR D 510 73.76 90.34 11.13
CA THR D 510 74.45 89.81 9.96
C THR D 510 74.26 90.80 8.81
N PRO D 511 75.16 90.81 7.84
CA PRO D 511 74.89 91.58 6.61
C PRO D 511 73.66 91.04 5.90
N THR D 512 72.92 91.94 5.25
CA THR D 512 71.69 91.53 4.60
C THR D 512 71.98 90.65 3.39
N THR D 513 72.97 91.03 2.58
CA THR D 513 73.34 90.29 1.39
C THR D 513 74.84 90.01 1.41
N GLY D 514 75.25 88.99 0.66
CA GLY D 514 76.66 88.69 0.49
C GLY D 514 77.36 89.47 -0.60
N MET D 515 76.60 90.25 -1.38
CA MET D 515 77.16 91.06 -2.45
C MET D 515 76.38 92.37 -2.54
N THR D 516 77.04 93.37 -3.11
CA THR D 516 76.39 94.65 -3.39
C THR D 516 75.53 94.51 -4.64
N ALA D 517 75.01 95.64 -5.14
CA ALA D 517 74.12 95.64 -6.29
C ALA D 517 74.81 95.01 -7.50
N PRO D 518 74.34 93.85 -7.96
CA PRO D 518 74.99 93.17 -9.08
C PRO D 518 74.66 93.83 -10.41
N VAL D 519 75.64 93.78 -11.32
CA VAL D 519 75.47 94.38 -12.64
C VAL D 519 74.49 93.56 -13.46
N ILE D 520 73.61 94.24 -14.18
CA ILE D 520 72.64 93.57 -15.04
C ILE D 520 73.34 93.14 -16.33
N PRO D 521 73.38 91.84 -16.64
CA PRO D 521 73.94 91.41 -17.92
C PRO D 521 73.04 91.84 -19.06
N PRO D 522 73.60 92.41 -20.13
CA PRO D 522 72.76 92.87 -21.24
C PRO D 522 71.97 91.75 -21.90
N ASP D 523 72.47 90.52 -21.88
CA ASP D 523 71.72 89.40 -22.44
C ASP D 523 70.55 89.00 -21.57
N ALA D 524 70.58 89.34 -20.28
CA ALA D 524 69.48 89.04 -19.37
C ALA D 524 68.29 89.96 -19.57
N LEU D 525 68.39 90.94 -20.46
CA LEU D 525 67.34 91.94 -20.63
C LEU D 525 66.33 91.56 -21.70
N LYS D 526 66.37 90.34 -22.21
CA LYS D 526 65.37 89.92 -23.19
C LYS D 526 64.33 89.00 -22.57
N ASN D 527 64.66 87.71 -22.45
CA ASN D 527 63.75 86.73 -21.86
C ASN D 527 64.10 86.40 -20.42
N GLY D 528 65.18 86.95 -19.89
CA GLY D 528 65.59 86.70 -18.52
C GLY D 528 66.87 85.90 -18.45
N GLU D 529 67.18 85.45 -17.24
CA GLU D 529 68.38 84.67 -16.99
C GLU D 529 68.08 83.63 -15.92
N THR D 530 69.11 82.91 -15.49
CA THR D 530 68.99 81.90 -14.43
C THR D 530 70.35 81.72 -13.76
N ASN D 531 70.92 82.83 -13.28
CA ASN D 531 72.20 82.81 -12.58
C ASN D 531 71.94 82.53 -11.11
N ILE D 532 72.30 81.33 -10.65
CA ILE D 532 71.99 80.92 -9.29
C ILE D 532 73.03 81.44 -8.31
N GLN D 533 74.31 81.46 -8.71
CA GLN D 533 75.36 81.95 -7.81
C GLN D 533 75.12 83.40 -7.39
N VAL D 534 74.39 84.18 -8.18
CA VAL D 534 74.02 85.53 -7.77
C VAL D 534 72.91 85.49 -6.73
N THR D 535 71.86 84.71 -6.99
CA THR D 535 70.80 84.55 -6.00
C THR D 535 71.29 83.83 -4.76
N THR D 536 72.40 83.08 -4.86
CA THR D 536 72.98 82.43 -3.69
C THR D 536 73.59 83.45 -2.74
N ASP D 537 74.35 84.40 -3.28
CA ASP D 537 74.96 85.44 -2.44
C ASP D 537 73.92 86.41 -1.88
N LEU D 538 72.72 86.46 -2.46
CA LEU D 538 71.72 87.43 -2.03
C LEU D 538 70.80 86.90 -0.94
N MET D 539 70.56 85.59 -0.89
CA MET D 539 69.68 84.99 0.10
C MET D 539 70.45 84.31 1.23
N ARG D 540 71.74 84.62 1.39
CA ARG D 540 72.57 83.89 2.34
C ARG D 540 72.13 84.12 3.79
N PHE D 541 71.58 85.30 4.09
CA PHE D 541 71.35 85.70 5.47
C PHE D 541 69.89 85.96 5.82
N VAL D 542 68.97 85.93 4.85
CA VAL D 542 67.60 86.37 5.09
C VAL D 542 66.62 85.22 5.26
N LEU D 543 67.06 83.98 5.09
CA LEU D 543 66.13 82.85 5.11
C LEU D 543 65.64 82.52 6.51
N ALA D 544 66.44 82.83 7.54
CA ALA D 544 66.05 82.46 8.90
C ALA D 544 64.81 83.21 9.35
N ALA D 545 64.72 84.50 9.02
CA ALA D 545 63.56 85.30 9.43
C ALA D 545 62.30 84.91 8.68
N ASN D 546 62.43 84.21 7.55
CA ASN D 546 61.27 83.82 6.75
C ASN D 546 60.76 82.43 7.12
N LEU D 547 61.64 81.44 7.15
CA LEU D 547 61.22 80.08 7.48
C LEU D 547 60.79 79.95 8.94
N LEU D 548 61.42 80.72 9.83
CA LEU D 548 61.10 80.63 11.25
C LEU D 548 60.15 81.71 11.72
N GLY D 549 60.07 82.84 11.01
CA GLY D 549 59.07 83.86 11.29
C GLY D 549 59.54 85.05 12.10
N PHE D 550 60.78 85.04 12.57
CA PHE D 550 61.27 86.14 13.40
C PHE D 550 61.27 87.45 12.59
N PRO D 551 61.09 88.59 13.26
CA PRO D 551 61.20 89.87 12.55
C PRO D 551 62.64 90.21 12.23
N ALA D 552 62.80 91.04 11.21
CA ALA D 552 64.13 91.48 10.79
C ALA D 552 64.01 92.84 10.13
N ILE D 553 65.15 93.55 10.10
CA ILE D 553 65.23 94.85 9.45
C ILE D 553 66.58 94.98 8.78
N SER D 554 66.63 95.76 7.71
CA SER D 554 67.86 96.06 7.00
C SER D 554 68.06 97.56 7.00
N VAL D 555 69.13 98.02 7.65
CA VAL D 555 69.42 99.43 7.81
C VAL D 555 70.71 99.72 7.07
N PRO D 556 70.79 100.80 6.28
CA PRO D 556 72.05 101.13 5.61
C PRO D 556 73.13 101.48 6.60
N VAL D 557 74.34 100.96 6.37
CA VAL D 557 75.45 101.13 7.30
C VAL D 557 76.68 101.65 6.58
N GLY D 558 76.51 102.15 5.37
CA GLY D 558 77.61 102.72 4.62
C GLY D 558 77.60 102.26 3.18
N TYR D 559 78.75 102.43 2.53
CA TYR D 559 78.90 102.12 1.11
C TYR D 559 80.23 101.42 0.89
N ASP D 560 80.30 100.66 -0.20
CA ASP D 560 81.48 99.88 -0.51
C ASP D 560 82.45 100.73 -1.34
N LYS D 561 83.42 100.08 -1.99
CA LYS D 561 84.45 100.78 -2.75
C LYS D 561 83.97 101.32 -4.08
N GLU D 562 82.68 101.19 -4.40
CA GLU D 562 82.14 101.69 -5.66
C GLU D 562 80.92 102.59 -5.43
N GLY D 563 80.71 103.04 -4.20
CA GLY D 563 79.55 103.86 -3.89
C GLY D 563 78.24 103.10 -3.80
N LEU D 564 78.28 101.78 -3.76
CA LEU D 564 77.09 100.94 -3.67
C LEU D 564 76.73 100.69 -2.20
N PRO D 565 75.44 100.70 -1.87
CA PRO D 565 75.03 100.61 -0.46
C PRO D 565 75.25 99.21 0.11
N ILE D 566 75.60 99.19 1.40
CA ILE D 566 75.76 97.96 2.16
C ILE D 566 74.71 97.96 3.27
N GLY D 567 74.09 96.80 3.50
CA GLY D 567 73.05 96.67 4.49
C GLY D 567 73.46 95.78 5.64
N LEU D 568 72.87 96.04 6.81
CA LEU D 568 73.08 95.23 8.01
C LEU D 568 71.72 94.74 8.51
N GLN D 569 71.60 93.44 8.70
CA GLN D 569 70.34 92.85 9.13
C GLN D 569 70.33 92.68 10.65
N ILE D 570 69.19 93.01 11.25
CA ILE D 570 68.98 92.86 12.69
C ILE D 570 67.74 92.00 12.87
N MET D 571 67.94 90.74 13.27
CA MET D 571 66.86 89.79 13.50
C MET D 571 66.66 89.61 14.99
N GLY D 572 65.44 89.85 15.46
CA GLY D 572 65.13 89.80 16.87
C GLY D 572 64.17 88.68 17.23
N ARG D 573 63.80 88.66 18.52
CA ARG D 573 62.92 87.64 19.04
C ARG D 573 61.52 87.77 18.44
N PRO D 574 60.70 86.73 18.54
CA PRO D 574 59.33 86.81 18.05
C PRO D 574 58.58 87.99 18.66
N TRP D 575 57.84 88.71 17.81
CA TRP D 575 57.04 89.88 18.17
C TRP D 575 57.87 91.03 18.71
N ALA D 576 59.19 90.96 18.61
CA ALA D 576 60.07 92.01 19.15
C ALA D 576 60.41 93.05 18.08
N GLU D 577 59.40 93.55 17.38
CA GLU D 577 59.63 94.60 16.40
C GLU D 577 60.18 95.86 17.05
N ALA D 578 59.71 96.17 18.26
CA ALA D 578 60.19 97.35 18.96
C ALA D 578 61.67 97.25 19.28
N THR D 579 62.14 96.05 19.64
CA THR D 579 63.57 95.88 19.90
C THR D 579 64.36 96.04 18.61
N VAL D 580 63.90 95.43 17.52
CA VAL D 580 64.61 95.52 16.24
C VAL D 580 64.60 96.96 15.73
N LEU D 581 63.47 97.66 15.88
CA LEU D 581 63.41 99.04 15.42
C LEU D 581 64.31 99.95 16.24
N GLY D 582 64.32 99.77 17.57
CA GLY D 582 65.12 100.65 18.41
C GLY D 582 66.60 100.53 18.16
N LEU D 583 67.09 99.29 17.99
CA LEU D 583 68.50 99.10 17.70
C LEU D 583 68.87 99.70 16.34
N ALA D 584 67.98 99.55 15.36
CA ALA D 584 68.23 100.14 14.04
C ALA D 584 68.28 101.66 14.12
N ALA D 585 67.51 102.25 15.04
CA ALA D 585 67.55 103.71 15.23
C ALA D 585 68.92 104.17 15.70
N ALA D 586 69.54 103.44 16.62
CA ALA D 586 70.88 103.78 17.07
C ALA D 586 71.93 103.54 15.99
N VAL D 587 71.66 102.65 15.04
CA VAL D 587 72.62 102.38 13.98
C VAL D 587 72.66 103.53 12.99
N GLU D 588 71.49 103.97 12.52
CA GLU D 588 71.42 105.07 11.56
C GLU D 588 71.88 106.39 12.16
N GLU D 589 71.98 106.48 13.49
CA GLU D 589 72.61 107.63 14.12
C GLU D 589 74.14 107.50 14.14
N LEU D 590 74.65 106.28 13.97
CA LEU D 590 76.09 106.06 13.88
C LEU D 590 76.62 106.11 12.46
N ALA D 591 75.81 105.69 11.49
CA ALA D 591 76.18 105.76 10.08
C ALA D 591 74.99 106.28 9.29
N PRO D 592 74.82 107.60 9.23
CA PRO D 592 73.66 108.16 8.53
C PRO D 592 73.82 108.05 7.01
N VAL D 593 72.68 108.03 6.33
CA VAL D 593 72.67 108.01 4.87
C VAL D 593 73.15 109.37 4.36
N THR D 594 74.40 109.41 3.88
CA THR D 594 75.03 110.66 3.47
C THR D 594 75.19 110.81 1.96
N LYS D 595 75.32 109.71 1.23
CA LYS D 595 75.55 109.79 -0.21
C LYS D 595 74.22 109.94 -0.95
N LYS D 596 74.18 110.86 -1.91
CA LYS D 596 73.01 111.10 -2.75
C LYS D 596 73.02 110.14 -3.93
N PRO D 597 71.93 109.40 -4.18
CA PRO D 597 71.91 108.46 -5.30
C PRO D 597 72.02 109.18 -6.63
N ALA D 598 72.48 108.43 -7.64
CA ALA D 598 72.61 108.99 -8.98
C ALA D 598 71.26 109.47 -9.51
N ILE D 599 70.20 108.70 -9.25
CA ILE D 599 68.86 109.09 -9.67
C ILE D 599 68.07 109.52 -8.45
N PHE D 600 68.09 110.82 -8.16
CA PHE D 600 67.37 111.38 -7.02
C PHE D 600 66.46 112.51 -7.49
N TYR D 601 65.34 112.66 -6.79
CA TYR D 601 64.38 113.73 -7.08
C TYR D 601 63.99 114.40 -5.77
N ASP D 602 64.02 115.73 -5.76
CA ASP D 602 63.76 116.53 -4.57
C ASP D 602 62.39 117.17 -4.69
N ILE D 603 61.38 116.51 -4.13
CA ILE D 603 60.07 117.12 -3.98
C ILE D 603 60.07 118.04 -2.77
N LEU D 604 59.17 119.03 -2.77
CA LEU D 604 58.97 120.12 -1.81
C LEU D 604 59.81 121.34 -2.20
N ASN D 605 60.52 121.30 -3.33
CA ASN D 605 61.29 122.44 -3.81
C ASN D 605 61.16 122.58 -5.32
N TYR E 4 43.30 -25.58 21.02
CA TYR E 4 42.77 -26.70 20.25
C TYR E 4 41.63 -26.27 19.33
N GLN E 5 40.78 -25.36 19.81
CA GLN E 5 39.72 -24.79 18.99
C GLN E 5 39.25 -23.48 19.63
N VAL E 6 38.97 -22.50 18.79
CA VAL E 6 38.50 -21.19 19.23
C VAL E 6 37.10 -20.97 18.67
N MET E 7 36.36 -20.06 19.28
CA MET E 7 35.00 -19.77 18.86
C MET E 7 34.68 -18.30 19.14
N LYS E 8 33.58 -17.84 18.55
CA LYS E 8 33.14 -16.46 18.66
C LYS E 8 31.72 -16.31 18.16
N ARG E 9 31.29 -15.09 17.88
CA ARG E 9 30.02 -14.86 17.20
C ARG E 9 30.09 -13.50 16.50
N ALA E 10 28.93 -12.93 16.17
CA ALA E 10 28.87 -11.66 15.46
C ALA E 10 27.83 -10.74 16.09
N SER E 11 26.60 -11.24 16.24
CA SER E 11 25.55 -10.45 16.87
C SER E 11 25.88 -10.12 18.32
N GLU E 12 26.43 -11.10 19.05
CA GLU E 12 26.80 -10.91 20.45
C GLU E 12 28.32 -10.74 20.55
N VAL E 13 28.79 -9.60 20.06
CA VAL E 13 30.20 -9.23 20.14
C VAL E 13 30.30 -7.81 20.66
N ASP E 14 31.07 -7.62 21.72
CA ASP E 14 31.30 -6.29 22.28
C ASP E 14 32.13 -5.48 21.29
N LEU E 15 31.49 -4.53 20.60
CA LEU E 15 32.17 -3.66 19.64
C LEU E 15 32.99 -2.57 20.33
N SER E 16 33.37 -2.78 21.59
CA SER E 16 34.28 -1.89 22.31
C SER E 16 35.67 -2.47 22.48
N THR E 17 35.78 -3.80 22.56
CA THR E 17 37.06 -4.48 22.69
C THR E 17 37.51 -5.11 21.37
N VAL E 18 36.99 -4.62 20.24
CA VAL E 18 37.41 -5.12 18.93
C VAL E 18 38.80 -4.58 18.64
N LYS E 19 39.80 -5.46 18.62
CA LYS E 19 41.18 -5.07 18.47
C LYS E 19 41.57 -5.06 17.00
N TYR E 20 41.98 -3.90 16.50
CA TYR E 20 42.47 -3.81 15.13
C TYR E 20 43.78 -4.57 14.99
N LYS E 21 43.90 -5.34 13.90
CA LYS E 21 45.05 -6.21 13.67
C LYS E 21 45.84 -5.66 12.50
N ALA E 22 47.06 -5.19 12.77
CA ALA E 22 47.94 -4.61 11.77
C ALA E 22 49.13 -5.55 11.59
N GLU E 23 48.97 -6.53 10.71
CA GLU E 23 50.04 -7.48 10.39
C GLU E 23 49.97 -7.81 8.91
N THR E 24 51.02 -7.45 8.17
CA THR E 24 51.06 -7.70 6.74
C THR E 24 51.40 -9.16 6.46
N MET E 25 50.86 -9.68 5.36
CA MET E 25 51.16 -11.04 4.94
C MET E 25 52.61 -11.14 4.50
N LYS E 26 53.49 -11.55 5.41
CA LYS E 26 54.92 -11.62 5.12
C LYS E 26 55.19 -12.76 4.13
N ALA E 27 55.71 -12.41 2.95
CA ALA E 27 56.04 -13.37 1.92
C ALA E 27 57.17 -12.82 1.08
N PRO E 28 58.13 -13.64 0.68
CA PRO E 28 59.26 -13.14 -0.13
C PRO E 28 58.81 -12.68 -1.50
N HIS E 29 59.71 -11.93 -2.14
CA HIS E 29 59.48 -11.37 -3.47
C HIS E 29 60.52 -11.96 -4.41
N LEU E 30 60.12 -12.93 -5.24
CA LEU E 30 61.01 -13.62 -6.15
C LEU E 30 60.69 -13.23 -7.59
N THR E 31 61.74 -13.13 -8.41
CA THR E 31 61.60 -12.76 -9.81
C THR E 31 62.60 -13.56 -10.63
N GLY E 32 62.37 -13.58 -11.95
CA GLY E 32 63.30 -14.23 -12.85
C GLY E 32 63.35 -15.73 -12.62
N LEU E 33 64.57 -16.25 -12.45
CA LEU E 33 64.74 -17.68 -12.24
C LEU E 33 64.28 -18.09 -10.84
N SER E 34 64.36 -17.18 -9.86
CA SER E 34 63.89 -17.49 -8.53
C SER E 34 62.38 -17.73 -8.53
N PHE E 35 61.63 -16.85 -9.20
CA PHE E 35 60.19 -17.05 -9.30
C PHE E 35 59.84 -18.20 -10.24
N LYS E 36 60.66 -18.42 -11.28
CA LYS E 36 60.42 -19.55 -12.17
C LYS E 36 60.58 -20.88 -11.45
N LEU E 37 61.65 -21.03 -10.68
CA LEU E 37 61.86 -22.26 -9.93
C LEU E 37 60.85 -22.41 -8.80
N PHE E 38 60.42 -21.29 -8.22
CA PHE E 38 59.43 -21.35 -7.14
C PHE E 38 58.09 -21.88 -7.65
N VAL E 39 57.71 -21.52 -8.88
CA VAL E 39 56.46 -22.01 -9.45
C VAL E 39 56.53 -23.52 -9.67
N ASN E 40 57.68 -24.02 -10.14
CA ASN E 40 57.84 -25.45 -10.32
C ASN E 40 57.81 -26.19 -8.99
N LEU E 41 58.26 -25.53 -7.91
CA LEU E 41 58.21 -26.16 -6.60
C LEU E 41 56.79 -26.20 -6.05
N LEU E 42 55.95 -25.24 -6.43
CA LEU E 42 54.55 -25.27 -6.00
C LEU E 42 53.77 -26.35 -6.73
N GLU E 43 54.13 -26.64 -7.97
CA GLU E 43 53.45 -27.65 -8.78
C GLU E 43 54.07 -29.04 -8.61
N ALA E 44 54.96 -29.22 -7.63
CA ALA E 44 55.57 -30.52 -7.41
C ALA E 44 54.54 -31.52 -6.91
N PRO E 45 54.73 -32.81 -7.22
CA PRO E 45 53.75 -33.82 -6.76
C PRO E 45 53.62 -33.90 -5.25
N LEU E 46 54.72 -34.09 -4.54
CA LEU E 46 54.71 -34.20 -3.08
C LEU E 46 55.20 -32.93 -2.40
N ILE E 47 56.28 -32.32 -2.90
CA ILE E 47 56.80 -31.11 -2.29
C ILE E 47 55.83 -29.95 -2.48
N GLY E 48 55.07 -29.96 -3.57
CA GLY E 48 54.16 -28.85 -3.83
C GLY E 48 53.07 -28.73 -2.79
N SER E 49 52.48 -29.86 -2.37
CA SER E 49 51.43 -29.82 -1.37
C SER E 49 51.93 -29.42 0.01
N LEU E 50 53.24 -29.55 0.26
CA LEU E 50 53.78 -29.17 1.55
C LEU E 50 54.04 -27.67 1.63
N ILE E 51 54.48 -27.06 0.52
CA ILE E 51 54.79 -25.63 0.52
C ILE E 51 53.51 -24.82 0.62
N VAL E 52 52.46 -25.24 -0.09
CA VAL E 52 51.20 -24.50 -0.04
C VAL E 52 50.56 -24.60 1.35
N ASP E 53 50.66 -25.77 1.98
CA ASP E 53 50.12 -25.92 3.32
C ASP E 53 50.88 -25.06 4.33
N TYR E 54 52.18 -24.85 4.12
CA TYR E 54 52.95 -24.00 5.02
C TYR E 54 52.59 -22.54 4.82
N LEU E 55 52.31 -22.13 3.59
CA LEU E 55 51.93 -20.74 3.33
C LEU E 55 50.60 -20.40 3.98
N LYS E 56 49.63 -21.32 3.91
CA LYS E 56 48.33 -21.07 4.54
C LYS E 56 48.41 -21.12 6.05
N LYS E 57 49.35 -21.90 6.60
CA LYS E 57 49.53 -21.95 8.04
C LYS E 57 50.25 -20.72 8.58
N ASP E 58 51.09 -20.09 7.75
CA ASP E 58 51.89 -18.96 8.21
C ASP E 58 51.04 -17.70 8.35
N ASN E 59 50.36 -17.30 7.28
CA ASN E 59 49.54 -16.08 7.31
C ASN E 59 48.31 -16.21 8.19
N GLY E 60 47.95 -17.42 8.61
CA GLY E 60 46.83 -17.61 9.50
C GLY E 60 45.52 -17.99 8.84
N MET E 61 45.55 -18.45 7.59
CA MET E 61 44.32 -18.82 6.91
C MET E 61 43.81 -20.19 7.35
N THR E 62 44.71 -21.12 7.66
CA THR E 62 44.27 -22.43 8.12
C THR E 62 43.64 -22.37 9.51
N LYS E 63 44.09 -21.43 10.35
CA LYS E 63 43.49 -21.28 11.67
C LYS E 63 42.06 -20.79 11.59
N ILE E 64 41.75 -19.94 10.60
CA ILE E 64 40.40 -19.41 10.47
C ILE E 64 39.47 -20.44 9.84
N PHE E 65 39.95 -21.18 8.85
CA PHE E 65 39.08 -22.08 8.11
C PHE E 65 38.90 -23.41 8.83
N ARG E 66 39.97 -23.98 9.38
CA ARG E 66 39.94 -25.34 9.89
C ARG E 66 40.21 -25.45 11.39
N ASN E 67 40.54 -24.34 12.06
CA ASN E 67 40.82 -24.37 13.50
C ASN E 67 40.04 -23.28 14.22
N THR E 68 38.81 -23.02 13.75
CA THR E 68 37.97 -22.00 14.36
C THR E 68 36.51 -22.38 14.15
N VAL E 69 35.74 -22.35 15.23
CA VAL E 69 34.32 -22.67 15.17
C VAL E 69 33.53 -21.40 14.85
N ILE E 70 32.72 -21.45 13.80
CA ILE E 70 31.95 -20.32 13.33
C ILE E 70 30.47 -20.66 13.47
N PRO E 71 29.71 -19.94 14.28
CA PRO E 71 28.30 -20.30 14.48
C PRO E 71 27.36 -19.79 13.39
N GLU E 72 27.77 -18.80 12.60
CA GLU E 72 26.90 -18.26 11.59
C GLU E 72 26.66 -19.27 10.46
N GLU E 73 25.52 -19.10 9.77
CA GLU E 73 25.13 -19.92 8.64
C GLU E 73 25.66 -19.30 7.34
N PRO E 74 25.99 -20.13 6.35
CA PRO E 74 26.68 -19.61 5.17
C PRO E 74 25.79 -18.69 4.34
N MET E 75 26.32 -17.51 4.03
CA MET E 75 25.71 -16.58 3.09
C MET E 75 26.54 -16.65 1.81
N PHE E 76 25.99 -17.33 0.80
CA PHE E 76 26.77 -17.62 -0.40
C PHE E 76 26.89 -16.41 -1.32
N ARG E 77 25.81 -15.66 -1.50
CA ARG E 77 25.78 -14.45 -2.29
C ARG E 77 25.39 -13.27 -1.42
N PRO E 78 25.75 -12.04 -1.81
CA PRO E 78 25.36 -10.87 -1.03
C PRO E 78 23.85 -10.76 -0.89
N GLU E 79 23.38 -10.76 0.35
CA GLU E 79 21.96 -10.67 0.67
C GLU E 79 21.68 -9.33 1.33
N PHE E 80 20.90 -8.49 0.66
CA PHE E 80 20.64 -7.14 1.12
C PHE E 80 19.21 -7.01 1.63
N PRO E 81 19.01 -6.41 2.79
CA PRO E 81 17.65 -6.11 3.25
C PRO E 81 17.09 -4.89 2.54
N SER E 82 15.78 -4.69 2.72
CA SER E 82 15.11 -3.55 2.10
C SER E 82 15.65 -2.24 2.67
N GLN E 83 16.26 -1.43 1.81
CA GLN E 83 16.91 -0.20 2.22
C GLN E 83 15.92 0.97 2.23
N GLU E 84 16.31 2.05 2.92
CA GLU E 84 15.53 3.26 2.95
C GLU E 84 15.73 4.06 1.67
N PRO E 85 14.71 4.77 1.20
CA PRO E 85 14.85 5.51 -0.07
C PRO E 85 15.87 6.63 0.05
N GLU E 86 16.58 6.86 -1.06
CA GLU E 86 17.60 7.90 -1.10
C GLU E 86 16.96 9.29 -1.12
N HIS E 87 17.77 10.29 -0.79
CA HIS E 87 17.30 11.67 -0.68
C HIS E 87 17.70 12.46 -1.92
N ASP E 88 16.74 13.18 -2.50
CA ASP E 88 16.97 14.08 -3.63
C ASP E 88 17.56 13.34 -4.82
N VAL E 89 16.84 12.30 -5.26
CA VAL E 89 17.20 11.53 -6.44
C VAL E 89 15.97 11.38 -7.32
N VAL E 90 16.22 11.11 -8.60
CA VAL E 90 15.15 10.90 -9.58
C VAL E 90 15.06 9.40 -9.87
N ILE E 91 13.85 8.88 -9.84
CA ILE E 91 13.64 7.45 -10.10
C ILE E 91 13.53 7.25 -11.61
N VAL E 92 14.38 6.38 -12.15
CA VAL E 92 14.35 6.02 -13.56
C VAL E 92 13.92 4.55 -13.66
N GLY E 93 13.15 4.24 -14.70
CA GLY E 93 12.63 2.90 -14.86
C GLY E 93 13.72 1.86 -15.04
N GLU E 94 13.39 0.63 -14.66
CA GLU E 94 14.36 -0.47 -14.77
C GLU E 94 14.45 -1.00 -16.20
N ASP E 95 13.30 -1.16 -16.86
CA ASP E 95 13.25 -1.74 -18.20
C ASP E 95 13.37 -0.71 -19.30
N GLU E 96 13.74 0.53 -18.98
CA GLU E 96 13.91 1.55 -20.01
C GLU E 96 15.11 1.24 -20.88
N SER E 97 15.13 1.82 -22.07
CA SER E 97 16.23 1.62 -22.98
C SER E 97 17.43 2.48 -22.57
N PRO E 98 18.64 2.05 -22.91
CA PRO E 98 19.82 2.88 -22.56
C PRO E 98 19.79 4.26 -23.19
N ILE E 99 19.14 4.41 -24.35
CA ILE E 99 18.97 5.74 -24.93
C ILE E 99 18.03 6.58 -24.06
N ASP E 100 16.98 5.96 -23.54
CA ASP E 100 16.03 6.68 -22.70
C ASP E 100 16.68 7.11 -21.38
N ARG E 101 17.51 6.25 -20.81
CA ARG E 101 18.16 6.58 -19.53
C ARG E 101 19.29 7.59 -19.70
N LEU E 102 19.80 7.76 -20.92
CA LEU E 102 20.80 8.79 -21.16
C LEU E 102 20.17 10.18 -21.19
N GLU E 103 18.94 10.29 -21.69
CA GLU E 103 18.24 11.57 -21.71
C GLU E 103 17.97 12.05 -20.29
N THR E 104 17.50 11.16 -19.42
CA THR E 104 17.23 11.54 -18.04
C THR E 104 18.52 11.91 -17.31
N ALA E 105 19.61 11.21 -17.62
CA ALA E 105 20.88 11.51 -16.96
C ALA E 105 21.40 12.89 -17.33
N LEU E 106 21.09 13.37 -18.54
CA LEU E 106 21.52 14.71 -18.93
C LEU E 106 20.81 15.78 -18.13
N LYS E 107 19.55 15.55 -17.75
CA LYS E 107 18.82 16.53 -16.96
C LYS E 107 19.40 16.67 -15.56
N CYS E 108 20.00 15.60 -15.02
CA CYS E 108 20.62 15.67 -13.71
C CYS E 108 21.89 16.50 -13.71
N LEU E 109 22.51 16.69 -14.86
CA LEU E 109 23.74 17.45 -14.99
C LEU E 109 23.45 18.93 -15.13
N PRO E 110 24.35 19.79 -14.66
CA PRO E 110 24.18 21.23 -14.92
C PRO E 110 24.28 21.52 -16.41
N GLN E 111 23.74 22.67 -16.80
CA GLN E 111 23.72 23.02 -18.21
C GLN E 111 25.14 23.22 -18.73
N TYR E 112 25.39 22.71 -19.94
CA TYR E 112 26.73 22.72 -20.51
C TYR E 112 27.20 24.13 -20.78
N ASP E 113 28.45 24.41 -20.42
CA ASP E 113 29.05 25.71 -20.64
C ASP E 113 29.98 25.64 -21.83
N PRO E 114 29.67 26.28 -22.96
CA PRO E 114 30.59 26.25 -24.12
C PRO E 114 31.90 26.98 -23.89
N SER E 115 32.13 27.55 -22.71
CA SER E 115 33.39 28.23 -22.40
C SER E 115 34.54 27.26 -22.15
N ARG E 116 34.27 25.96 -22.08
CA ARG E 116 35.30 24.96 -21.86
C ARG E 116 35.78 24.29 -23.14
N SER E 117 35.07 24.47 -24.25
CA SER E 117 35.46 23.92 -25.54
C SER E 117 35.79 25.00 -26.56
N LEU E 118 34.91 25.97 -26.74
CA LEU E 118 35.18 27.11 -27.61
C LEU E 118 35.57 28.32 -26.77
N HIS E 119 36.39 29.18 -27.37
CA HIS E 119 36.93 30.36 -26.69
C HIS E 119 37.66 29.98 -25.40
N ALA E 120 38.56 29.01 -25.52
CA ALA E 120 39.37 28.60 -24.37
C ALA E 120 40.44 29.66 -24.09
N ASP E 121 40.48 30.13 -22.85
CA ASP E 121 41.43 31.17 -22.49
C ASP E 121 42.85 30.61 -22.55
N PRO E 122 43.81 31.37 -23.11
CA PRO E 122 45.18 30.86 -23.21
C PRO E 122 45.81 30.52 -21.87
N VAL E 123 45.66 31.38 -20.87
CA VAL E 123 46.22 31.15 -19.54
C VAL E 123 45.11 30.52 -18.70
N SER E 124 45.07 29.19 -18.68
CA SER E 124 44.07 28.45 -17.92
C SER E 124 44.69 27.16 -17.42
N SER E 125 43.97 26.49 -16.52
CA SER E 125 44.45 25.25 -15.92
C SER E 125 44.19 24.08 -16.88
N PHE E 126 44.60 22.89 -16.46
CA PHE E 126 44.44 21.68 -17.24
C PHE E 126 43.18 20.94 -16.82
N ARG E 127 42.42 20.46 -17.79
CA ARG E 127 41.21 19.70 -17.53
C ARG E 127 41.03 18.66 -18.62
N TYR E 128 40.44 17.52 -18.23
CA TYR E 128 40.15 16.46 -19.18
C TYR E 128 38.94 16.82 -20.03
N TRP E 129 38.89 16.27 -21.23
CA TRP E 129 37.76 16.48 -22.12
C TRP E 129 36.60 15.60 -21.68
N LYS E 130 35.49 16.23 -21.33
CA LYS E 130 34.31 15.48 -20.89
C LYS E 130 33.57 14.92 -22.10
N ILE E 131 32.62 14.02 -21.83
CA ILE E 131 31.81 13.44 -22.89
C ILE E 131 30.98 14.51 -23.57
N ARG E 132 30.47 15.47 -22.79
CA ARG E 132 29.67 16.55 -23.37
C ARG E 132 30.51 17.45 -24.27
N ASP E 133 31.82 17.52 -24.04
CA ASP E 133 32.69 18.25 -24.96
C ASP E 133 32.72 17.57 -26.33
N TYR E 134 32.74 16.24 -26.34
CA TYR E 134 32.74 15.50 -27.61
C TYR E 134 31.38 15.59 -28.29
N ALA E 135 30.30 15.39 -27.54
CA ALA E 135 28.97 15.40 -28.13
C ALA E 135 28.56 16.80 -28.60
N TYR E 136 29.05 17.84 -27.94
CA TYR E 136 28.72 19.19 -28.38
C TYR E 136 29.50 19.58 -29.63
N ALA E 137 30.73 19.07 -29.78
CA ALA E 137 31.51 19.37 -30.98
C ALA E 137 30.93 18.71 -32.22
N TYR E 138 30.30 17.55 -32.07
CA TYR E 138 29.70 16.88 -33.22
C TYR E 138 28.48 17.63 -33.73
N ARG E 139 27.71 18.23 -32.83
CA ARG E 139 26.53 19.00 -33.24
C ARG E 139 26.88 20.43 -33.62
N SER E 140 28.06 20.91 -33.24
CA SER E 140 28.53 22.25 -33.60
C SER E 140 29.54 22.22 -34.73
N LYS E 141 29.58 21.12 -35.50
CA LYS E 141 30.48 20.92 -36.64
C LYS E 141 31.89 21.45 -36.37
N LEU E 142 32.44 21.04 -35.24
CA LEU E 142 33.83 21.36 -34.90
C LEU E 142 34.78 20.23 -35.27
N THR E 143 34.39 18.98 -35.00
CA THR E 143 35.18 17.81 -35.39
C THR E 143 34.22 16.66 -35.64
N THR E 144 34.55 15.83 -36.61
CA THR E 144 33.69 14.67 -36.87
C THR E 144 34.29 13.43 -36.22
N PRO E 145 33.44 12.47 -35.82
CA PRO E 145 33.96 11.22 -35.25
C PRO E 145 34.94 10.50 -36.14
N LEU E 146 34.83 10.67 -37.47
CA LEU E 146 35.83 10.10 -38.37
C LEU E 146 37.20 10.73 -38.14
N GLN E 147 37.24 12.06 -37.98
CA GLN E 147 38.52 12.72 -37.75
C GLN E 147 39.09 12.40 -36.38
N VAL E 148 38.23 12.19 -35.38
CA VAL E 148 38.71 11.78 -34.06
C VAL E 148 39.34 10.40 -34.15
N ALA E 149 38.65 9.46 -34.82
CA ALA E 149 39.17 8.10 -34.95
C ALA E 149 40.48 8.09 -35.72
N LYS E 150 40.60 8.96 -36.73
CA LYS E 150 41.84 9.03 -37.50
C LYS E 150 43.01 9.50 -36.63
N ARG E 151 42.73 10.34 -35.63
CA ARG E 151 43.80 10.81 -34.76
C ARG E 151 44.25 9.74 -33.77
N ILE E 152 43.29 8.99 -33.22
CA ILE E 152 43.64 7.97 -32.22
C ILE E 152 44.51 6.88 -32.85
N ILE E 153 44.09 6.35 -34.00
CA ILE E 153 44.83 5.27 -34.64
C ILE E 153 46.27 5.70 -34.92
N SER E 154 46.48 6.97 -35.25
CA SER E 154 47.84 7.46 -35.46
C SER E 154 48.64 7.42 -34.16
N ILE E 155 48.01 7.77 -33.04
CA ILE E 155 48.72 7.73 -31.76
C ILE E 155 48.98 6.30 -31.32
N ILE E 156 48.07 5.38 -31.62
CA ILE E 156 48.30 3.98 -31.27
C ILE E 156 49.38 3.38 -32.16
N GLU E 157 49.37 3.70 -33.46
CA GLU E 157 50.34 3.13 -34.38
C GLU E 157 51.73 3.71 -34.16
N GLU E 158 51.81 5.02 -33.91
CA GLU E 158 53.10 5.68 -33.74
C GLU E 158 53.81 5.16 -32.50
N PHE E 159 53.16 5.28 -31.34
CA PHE E 159 53.77 4.87 -30.08
C PHE E 159 53.66 3.37 -29.82
N GLY E 160 53.00 2.62 -30.69
CA GLY E 160 52.87 1.19 -30.51
C GLY E 160 52.03 0.79 -29.31
N TYR E 161 50.90 1.46 -29.09
CA TYR E 161 50.07 1.15 -27.95
C TYR E 161 49.30 -0.15 -28.12
N ASP E 162 49.20 -0.65 -29.34
CA ASP E 162 48.61 -1.96 -29.60
C ASP E 162 49.68 -3.03 -29.81
N LYS E 163 50.92 -2.74 -29.43
CA LYS E 163 52.06 -3.62 -29.65
C LYS E 163 52.90 -3.67 -28.38
N PRO E 164 53.68 -4.74 -28.21
CA PRO E 164 54.61 -4.81 -27.06
C PRO E 164 55.65 -3.72 -27.13
N PRO E 165 56.38 -3.46 -26.03
CA PRO E 165 56.29 -4.10 -24.72
C PRO E 165 55.45 -3.33 -23.70
N THR E 166 54.89 -2.20 -24.12
CA THR E 166 54.09 -1.34 -23.25
C THR E 166 52.75 -1.07 -23.94
N PRO E 167 51.89 -2.08 -24.04
CA PRO E 167 50.65 -1.92 -24.81
C PRO E 167 49.50 -1.37 -23.97
N PHE E 168 48.68 -0.54 -24.62
CA PHE E 168 47.43 -0.08 -24.03
C PHE E 168 46.26 -0.96 -24.43
N LEU E 169 46.33 -1.58 -25.60
CA LEU E 169 45.33 -2.52 -26.08
C LEU E 169 46.04 -3.77 -26.61
N ILE E 170 45.31 -4.88 -26.63
CA ILE E 170 45.85 -6.15 -27.15
C ILE E 170 45.05 -6.70 -28.31
N ARG E 171 43.90 -6.12 -28.63
CA ARG E 171 43.12 -6.52 -29.81
C ARG E 171 42.53 -5.24 -30.40
N PHE E 172 43.11 -4.77 -31.49
CA PHE E 172 42.73 -3.50 -32.12
C PHE E 172 42.57 -3.70 -33.61
N ASP E 173 41.40 -3.35 -34.13
CA ASP E 173 41.11 -3.42 -35.57
C ASP E 173 40.85 -1.99 -36.05
N ALA E 174 41.84 -1.41 -36.76
CA ALA E 174 41.72 -0.03 -37.19
C ALA E 174 40.60 0.17 -38.21
N ASN E 175 40.37 -0.82 -39.06
CA ASN E 175 39.28 -0.71 -40.03
C ASN E 175 37.91 -0.75 -39.35
N GLU E 176 37.78 -1.55 -38.30
CA GLU E 176 36.51 -1.61 -37.57
C GLU E 176 36.22 -0.29 -36.86
N VAL E 177 37.26 0.35 -36.31
CA VAL E 177 37.06 1.63 -35.64
C VAL E 177 36.67 2.72 -36.64
N ILE E 178 37.28 2.70 -37.82
CA ILE E 178 36.93 3.69 -38.85
C ILE E 178 35.53 3.44 -39.36
N LYS E 179 35.14 2.17 -39.54
CA LYS E 179 33.80 1.87 -40.02
C LYS E 179 32.73 2.32 -39.03
N GLN E 180 33.02 2.21 -37.73
CA GLN E 180 32.08 2.69 -36.73
C GLN E 180 31.99 4.22 -36.76
N ALA E 181 33.15 4.89 -36.81
CA ALA E 181 33.15 6.34 -36.87
C ALA E 181 32.56 6.84 -38.19
N GLU E 182 32.63 6.04 -39.24
CA GLU E 182 32.00 6.42 -40.51
C GLU E 182 30.48 6.41 -40.40
N ALA E 183 29.93 5.37 -39.76
CA ALA E 183 28.48 5.31 -39.58
C ALA E 183 28.00 6.38 -38.61
N SER E 184 28.77 6.65 -37.56
CA SER E 184 28.39 7.69 -36.62
C SER E 184 28.46 9.08 -37.24
N THR E 185 29.39 9.28 -38.18
CA THR E 185 29.50 10.58 -38.84
C THR E 185 28.27 10.90 -39.68
N ARG E 186 27.79 9.93 -40.45
CA ARG E 186 26.60 10.16 -41.26
C ARG E 186 25.39 10.51 -40.40
N ARG E 187 25.31 9.95 -39.19
CA ARG E 187 24.20 10.28 -38.30
C ARG E 187 24.23 11.75 -37.88
N PHE E 188 25.43 12.33 -37.78
CA PHE E 188 25.53 13.75 -37.48
C PHE E 188 25.33 14.60 -38.72
N GLU E 189 25.64 14.07 -39.89
CA GLU E 189 25.38 14.81 -41.14
C GLU E 189 23.89 14.88 -41.42
N GLN E 190 23.17 13.78 -41.21
CA GLN E 190 21.73 13.75 -41.39
C GLN E 190 20.98 14.42 -40.24
N GLY E 191 21.69 14.81 -39.18
CA GLY E 191 21.06 15.56 -38.11
C GLY E 191 20.22 14.76 -37.15
N ASN E 192 20.55 13.49 -36.93
CA ASN E 192 19.82 12.63 -35.99
C ASN E 192 20.80 11.72 -35.27
N PRO E 193 21.52 12.24 -34.28
CA PRO E 193 22.37 11.38 -33.46
C PRO E 193 21.53 10.48 -32.56
N ILE E 194 22.12 9.35 -32.19
CA ILE E 194 21.39 8.38 -31.36
C ILE E 194 21.18 8.94 -29.95
N SER E 195 22.26 9.35 -29.30
CA SER E 195 22.19 9.88 -27.95
C SER E 195 23.44 10.72 -27.69
N VAL E 196 23.68 11.03 -26.41
CA VAL E 196 24.84 11.85 -26.07
C VAL E 196 26.14 11.07 -26.22
N LEU E 197 26.08 9.75 -26.23
CA LEU E 197 27.27 8.93 -26.40
C LEU E 197 27.61 8.66 -27.85
N ASP E 198 26.82 9.18 -28.79
CA ASP E 198 27.09 8.97 -30.21
C ASP E 198 28.41 9.63 -30.59
N GLY E 199 29.36 8.82 -31.06
CA GLY E 199 30.67 9.29 -31.40
C GLY E 199 31.68 9.26 -30.27
N ILE E 200 31.30 8.75 -29.10
CA ILE E 200 32.20 8.67 -27.95
C ILE E 200 32.91 7.33 -27.99
N PHE E 201 34.23 7.36 -27.83
CA PHE E 201 35.06 6.16 -27.89
C PHE E 201 35.17 5.53 -26.51
N VAL E 202 34.75 4.28 -26.40
CA VAL E 202 34.80 3.53 -25.15
C VAL E 202 35.69 2.32 -25.35
N THR E 203 36.52 2.03 -24.34
CA THR E 203 37.42 0.88 -24.38
C THR E 203 36.86 -0.23 -23.50
N ILE E 204 36.91 -1.46 -24.02
CA ILE E 204 36.39 -2.63 -23.31
C ILE E 204 37.56 -3.46 -22.82
N LYS E 205 37.48 -3.91 -21.57
CA LYS E 205 38.51 -4.76 -21.00
C LYS E 205 38.47 -6.14 -21.63
N ASP E 206 39.65 -6.78 -21.68
CA ASP E 206 39.80 -8.06 -22.38
C ASP E 206 39.07 -9.21 -21.70
N ASP E 207 38.46 -9.00 -20.53
CA ASP E 207 37.68 -10.04 -19.88
C ASP E 207 36.18 -9.89 -20.14
N ILE E 208 35.79 -9.01 -21.06
CA ILE E 208 34.40 -8.80 -21.44
C ILE E 208 34.28 -9.06 -22.94
N ASP E 209 33.18 -9.69 -23.35
CA ASP E 209 32.99 -10.02 -24.75
C ASP E 209 32.59 -8.79 -25.55
N CYS E 210 33.25 -8.59 -26.68
CA CYS E 210 32.97 -7.45 -27.55
C CYS E 210 33.30 -7.83 -28.99
N LEU E 211 32.29 -7.88 -29.84
CA LEU E 211 32.50 -8.23 -31.24
C LEU E 211 33.25 -7.12 -31.96
N PRO E 212 34.08 -7.47 -32.97
CA PRO E 212 34.35 -8.84 -33.41
C PRO E 212 35.59 -9.44 -32.76
N HIS E 213 36.17 -8.74 -31.79
CA HIS E 213 37.41 -9.19 -31.18
C HIS E 213 37.16 -10.38 -30.25
N PRO E 214 38.10 -11.31 -30.18
CA PRO E 214 37.96 -12.44 -29.26
C PRO E 214 38.30 -12.04 -27.83
N THR E 215 37.77 -12.82 -26.89
CA THR E 215 37.97 -12.58 -25.46
C THR E 215 39.04 -13.54 -24.95
N ASN E 216 40.25 -13.01 -24.75
CA ASN E 216 41.37 -13.82 -24.26
C ASN E 216 41.63 -13.65 -22.77
N GLY E 217 41.20 -12.54 -22.18
CA GLY E 217 41.42 -12.32 -20.76
C GLY E 217 42.87 -12.24 -20.36
N GLY E 218 43.70 -11.58 -21.17
CA GLY E 218 45.11 -11.47 -20.90
C GLY E 218 45.94 -12.68 -21.28
N THR E 219 45.31 -13.81 -21.61
CA THR E 219 46.03 -15.00 -22.01
C THR E 219 46.27 -14.99 -23.52
N THR E 220 47.00 -15.99 -24.00
CA THR E 220 47.30 -16.13 -25.42
C THR E 220 46.61 -17.35 -26.04
N TRP E 221 45.67 -17.97 -25.33
CA TRP E 221 45.06 -19.20 -25.79
C TRP E 221 43.58 -19.33 -25.46
N LEU E 222 42.99 -18.40 -24.71
CA LEU E 222 41.59 -18.54 -24.32
C LEU E 222 40.64 -18.50 -25.52
N HIS E 223 41.07 -17.89 -26.64
CA HIS E 223 40.24 -17.88 -27.83
C HIS E 223 40.13 -19.26 -28.49
N GLU E 224 41.02 -20.18 -28.13
CA GLU E 224 40.92 -21.54 -28.65
C GLU E 224 39.80 -22.33 -27.98
N ASP E 225 39.48 -22.02 -26.73
CA ASP E 225 38.54 -22.78 -25.94
C ASP E 225 37.26 -22.02 -25.61
N ARG E 226 37.18 -20.74 -25.93
CA ARG E 226 36.00 -19.94 -25.64
C ARG E 226 35.80 -18.95 -26.79
N SER E 227 34.77 -19.18 -27.60
CA SER E 227 34.46 -18.30 -28.72
C SER E 227 33.47 -17.22 -28.30
N VAL E 228 33.38 -16.18 -29.12
CA VAL E 228 32.50 -15.04 -28.86
C VAL E 228 31.60 -14.88 -30.07
N GLU E 229 30.29 -15.09 -29.88
CA GLU E 229 29.31 -14.94 -30.95
C GLU E 229 28.33 -13.80 -30.70
N LYS E 230 28.28 -13.24 -29.50
CA LYS E 230 27.38 -12.15 -29.18
C LYS E 230 28.12 -11.09 -28.38
N ASP E 231 27.64 -9.85 -28.48
CA ASP E 231 28.15 -8.79 -27.63
C ASP E 231 27.67 -9.01 -26.20
N SER E 232 28.46 -8.53 -25.25
CA SER E 232 28.10 -8.65 -23.85
C SER E 232 26.92 -7.72 -23.54
N ALA E 233 26.37 -7.87 -22.34
CA ALA E 233 25.21 -7.07 -21.95
C ALA E 233 25.56 -5.59 -21.87
N VAL E 234 26.82 -5.26 -21.60
CA VAL E 234 27.22 -3.85 -21.51
C VAL E 234 27.63 -3.31 -22.89
N VAL E 235 28.27 -4.13 -23.72
CA VAL E 235 28.67 -3.67 -25.04
C VAL E 235 27.45 -3.48 -25.93
N SER E 236 26.47 -4.38 -25.84
CA SER E 236 25.25 -4.25 -26.62
C SER E 236 24.49 -2.99 -26.25
N LYS E 237 24.63 -2.52 -25.01
CA LYS E 237 23.96 -1.29 -24.60
C LYS E 237 24.76 -0.06 -25.03
N LEU E 238 26.09 -0.14 -24.97
CA LEU E 238 26.91 0.97 -25.46
C LEU E 238 26.81 1.11 -26.97
N ARG E 239 26.80 -0.02 -27.68
CA ARG E 239 26.68 0.02 -29.14
C ARG E 239 25.32 0.56 -29.58
N SER E 240 24.27 0.28 -28.80
CA SER E 240 22.94 0.81 -29.14
C SER E 240 22.84 2.31 -28.91
N CYS E 241 23.68 2.87 -28.04
CA CYS E 241 23.70 4.30 -27.79
C CYS E 241 24.46 5.08 -28.85
N GLY E 242 25.22 4.40 -29.71
CA GLY E 242 26.03 5.05 -30.70
C GLY E 242 27.49 5.16 -30.37
N ALA E 243 27.92 4.64 -29.22
CA ALA E 243 29.31 4.72 -28.82
C ALA E 243 30.18 3.87 -29.75
N ILE E 244 31.44 4.28 -29.88
CA ILE E 244 32.40 3.61 -30.75
C ILE E 244 33.31 2.75 -29.89
N LEU E 245 33.13 1.44 -29.96
CA LEU E 245 34.02 0.53 -29.25
C LEU E 245 35.40 0.56 -29.89
N LEU E 246 36.43 0.73 -29.06
CA LEU E 246 37.80 0.83 -29.56
C LEU E 246 38.43 -0.55 -29.73
N GLY E 247 38.90 -1.13 -28.63
CA GLY E 247 39.51 -2.44 -28.67
C GLY E 247 39.59 -3.05 -27.29
N LYS E 248 40.17 -4.24 -27.23
CA LYS E 248 40.32 -4.97 -25.97
C LYS E 248 41.59 -4.49 -25.27
N ALA E 249 41.42 -3.84 -24.12
CA ALA E 249 42.55 -3.25 -23.42
C ALA E 249 43.38 -4.32 -22.73
N ASN E 250 44.61 -3.94 -22.37
CA ASN E 250 45.49 -4.83 -21.64
C ASN E 250 44.96 -5.03 -20.21
N MET E 251 45.30 -6.18 -19.64
CA MET E 251 44.82 -6.53 -18.31
C MET E 251 45.78 -7.52 -17.68
N HIS E 252 45.70 -7.62 -16.36
CA HIS E 252 46.39 -8.69 -15.65
C HIS E 252 45.73 -10.02 -15.98
N GLU E 253 46.55 -11.06 -16.15
CA GLU E 253 46.08 -12.33 -16.69
C GLU E 253 44.94 -12.92 -15.86
N LEU E 254 43.74 -12.99 -16.45
CA LEU E 254 42.55 -13.57 -15.84
C LEU E 254 42.15 -12.86 -14.55
N GLY E 255 42.55 -11.60 -14.39
CA GLY E 255 42.19 -10.86 -13.19
C GLY E 255 42.84 -11.34 -11.92
N MET E 256 43.91 -12.13 -12.01
CA MET E 256 44.58 -12.68 -10.83
C MET E 256 45.79 -11.83 -10.46
N GLY E 257 45.51 -10.57 -10.13
CA GLY E 257 46.56 -9.66 -9.73
C GLY E 257 45.99 -8.27 -9.51
N THR E 258 46.80 -7.44 -8.85
CA THR E 258 46.40 -6.07 -8.55
C THR E 258 47.48 -5.05 -8.93
N THR E 259 48.41 -5.43 -9.81
CA THR E 259 49.47 -4.54 -10.26
C THR E 259 49.37 -4.18 -11.73
N GLY E 260 49.02 -5.13 -12.59
CA GLY E 260 48.99 -4.91 -14.03
C GLY E 260 50.07 -5.63 -14.81
N ASN E 261 50.85 -6.49 -14.16
CA ASN E 261 51.91 -7.22 -14.84
C ASN E 261 51.31 -8.25 -15.80
N ASN E 262 51.79 -8.23 -17.04
CA ASN E 262 51.33 -9.18 -18.07
C ASN E 262 52.55 -9.58 -18.88
N SER E 263 53.14 -10.73 -18.55
CA SER E 263 54.34 -11.21 -19.22
C SER E 263 54.06 -11.80 -20.60
N ASN E 264 52.81 -11.76 -21.07
CA ASN E 264 52.45 -12.28 -22.38
C ASN E 264 52.39 -11.20 -23.44
N TYR E 265 51.72 -10.08 -23.17
CA TYR E 265 51.62 -8.98 -24.11
C TYR E 265 52.42 -7.75 -23.70
N GLY E 266 52.79 -7.63 -22.42
CA GLY E 266 53.48 -6.45 -21.94
C GLY E 266 52.76 -5.81 -20.78
N THR E 267 53.47 -5.01 -20.00
CA THR E 267 52.90 -4.35 -18.83
C THR E 267 52.58 -2.90 -19.18
N THR E 268 51.31 -2.53 -19.05
CA THR E 268 50.88 -1.17 -19.33
C THR E 268 51.45 -0.21 -18.29
N ARG E 269 51.96 0.92 -18.76
CA ARG E 269 52.65 1.88 -17.92
C ARG E 269 51.71 3.01 -17.49
N ASN E 270 51.95 3.53 -16.30
CA ASN E 270 51.13 4.61 -15.77
C ASN E 270 51.40 5.89 -16.55
N PRO E 271 50.36 6.61 -16.98
CA PRO E 271 50.61 7.86 -17.73
C PRO E 271 51.34 8.92 -16.93
N HIS E 272 51.18 8.93 -15.61
CA HIS E 272 51.87 9.92 -14.78
C HIS E 272 53.35 9.60 -14.63
N ASP E 273 53.70 8.31 -14.66
CA ASP E 273 55.09 7.88 -14.56
C ASP E 273 55.25 6.52 -15.23
N PRO E 274 55.77 6.48 -16.47
CA PRO E 274 55.84 5.21 -17.20
C PRO E 274 56.74 4.16 -16.59
N LYS E 275 57.45 4.46 -15.52
CA LYS E 275 58.27 3.47 -14.83
C LYS E 275 57.54 2.78 -13.70
N ARG E 276 56.26 3.09 -13.48
CA ARG E 276 55.48 2.54 -12.39
C ARG E 276 54.28 1.77 -12.92
N TYR E 277 53.58 1.10 -12.01
CA TYR E 277 52.46 0.24 -12.37
C TYR E 277 51.19 1.05 -12.53
N THR E 278 50.27 0.51 -13.34
CA THR E 278 48.96 1.13 -13.52
C THR E 278 47.98 0.69 -12.43
N GLY E 279 48.08 -0.55 -11.98
CA GLY E 279 47.13 -1.14 -11.05
C GLY E 279 46.36 -2.22 -11.76
N GLY E 280 46.07 -3.31 -11.04
CA GLY E 280 45.37 -4.44 -11.60
C GLY E 280 43.94 -4.54 -11.13
N SER E 281 43.12 -5.28 -11.88
CA SER E 281 43.57 -5.95 -13.08
C SER E 281 43.26 -5.16 -14.34
N SER E 282 42.52 -4.06 -14.18
CA SER E 282 42.17 -3.18 -15.31
C SER E 282 43.33 -2.23 -15.62
N SER E 283 44.46 -2.84 -16.00
CA SER E 283 45.67 -2.05 -16.27
C SER E 283 45.50 -1.20 -17.51
N GLY E 284 45.26 -1.83 -18.66
CA GLY E 284 45.11 -1.07 -19.89
C GLY E 284 43.86 -0.21 -19.94
N SER E 285 42.80 -0.65 -19.25
CA SER E 285 41.55 0.11 -19.27
C SER E 285 41.66 1.40 -18.48
N ALA E 286 42.59 1.50 -17.54
CA ALA E 286 42.73 2.70 -16.73
C ALA E 286 43.75 3.68 -17.30
N ALA E 287 44.80 3.18 -17.95
CA ALA E 287 45.82 4.08 -18.48
C ALA E 287 45.34 4.82 -19.72
N ILE E 288 44.62 4.13 -20.60
CA ILE E 288 44.12 4.77 -21.81
C ILE E 288 43.08 5.84 -21.49
N VAL E 289 42.41 5.74 -20.34
CA VAL E 289 41.51 6.80 -19.92
C VAL E 289 42.29 7.95 -19.32
N ALA E 290 43.28 7.66 -18.48
CA ALA E 290 44.12 8.70 -17.90
C ALA E 290 44.95 9.40 -18.96
N ALA E 291 45.33 8.70 -20.02
CA ALA E 291 46.06 9.31 -21.13
C ALA E 291 45.17 10.19 -21.99
N GLY E 292 43.86 10.17 -21.78
CA GLY E 292 42.94 11.00 -22.52
C GLY E 292 42.60 10.51 -23.92
N LEU E 293 43.11 9.35 -24.32
CA LEU E 293 42.86 8.85 -25.67
C LEU E 293 41.38 8.58 -25.91
N CYS E 294 40.63 8.28 -24.86
CA CYS E 294 39.20 8.01 -24.98
C CYS E 294 38.49 8.60 -23.76
N SER E 295 37.16 8.65 -23.85
CA SER E 295 36.37 9.27 -22.78
C SER E 295 36.30 8.37 -21.55
N ALA E 296 35.90 7.13 -21.74
CA ALA E 296 35.72 6.22 -20.61
C ALA E 296 36.01 4.79 -21.06
N ALA E 297 36.00 3.88 -20.08
CA ALA E 297 36.25 2.47 -20.33
C ALA E 297 35.56 1.64 -19.27
N LEU E 298 35.34 0.36 -19.58
CA LEU E 298 34.70 -0.58 -18.67
C LEU E 298 35.71 -1.61 -18.21
N GLY E 299 35.48 -2.14 -17.00
CA GLY E 299 36.36 -3.13 -16.43
C GLY E 299 35.67 -3.89 -15.32
N THR E 300 36.14 -5.12 -15.09
CA THR E 300 35.59 -5.95 -14.02
C THR E 300 36.28 -5.61 -12.71
N ASP E 301 35.51 -5.66 -11.61
CA ASP E 301 36.01 -5.38 -10.27
C ASP E 301 35.69 -6.59 -9.40
N GLY E 302 36.64 -7.51 -9.29
CA GLY E 302 36.47 -8.68 -8.45
C GLY E 302 37.12 -8.50 -7.09
N GLY E 303 38.27 -7.84 -7.07
CA GLY E 303 38.95 -7.52 -5.83
C GLY E 303 39.54 -6.13 -5.89
N GLY E 304 38.70 -5.13 -6.14
CA GLY E 304 39.18 -3.79 -6.36
C GLY E 304 39.90 -3.61 -7.68
N ALA E 305 39.58 -4.45 -8.68
CA ALA E 305 40.27 -4.38 -9.96
C ALA E 305 39.91 -3.15 -10.78
N VAL E 306 38.94 -2.36 -10.33
CA VAL E 306 38.57 -1.13 -11.00
C VAL E 306 38.98 0.10 -10.19
N ARG E 307 38.81 0.05 -8.86
CA ARG E 307 39.14 1.19 -8.03
C ARG E 307 40.64 1.34 -7.82
N ILE E 308 41.37 0.22 -7.74
CA ILE E 308 42.82 0.30 -7.53
C ILE E 308 43.54 0.96 -8.70
N PRO E 309 43.35 0.53 -9.96
CA PRO E 309 44.03 1.24 -11.06
C PRO E 309 43.46 2.63 -11.32
N SER E 310 42.26 2.93 -10.83
CA SER E 310 41.70 4.26 -11.00
C SER E 310 42.31 5.27 -10.04
N ALA E 311 42.79 4.82 -8.89
CA ALA E 311 43.42 5.73 -7.95
C ALA E 311 44.90 5.93 -8.28
N LEU E 312 45.57 4.89 -8.78
CA LEU E 312 46.99 5.01 -9.11
C LEU E 312 47.20 5.86 -10.36
N CYS E 313 46.22 5.87 -11.27
CA CYS E 313 46.33 6.63 -12.50
C CYS E 313 45.66 8.00 -12.43
N GLY E 314 44.80 8.23 -11.44
CA GLY E 314 44.18 9.54 -11.27
C GLY E 314 42.89 9.72 -12.03
N ILE E 315 42.02 8.71 -12.01
CA ILE E 315 40.73 8.77 -12.67
C ILE E 315 39.66 8.27 -11.70
N THR E 316 38.44 8.17 -12.21
CA THR E 316 37.28 7.77 -11.41
C THR E 316 36.88 6.35 -11.79
N GLY E 317 36.92 5.45 -10.81
CA GLY E 317 36.49 4.08 -11.02
C GLY E 317 35.28 3.72 -10.19
N LEU E 318 34.14 3.51 -10.85
CA LEU E 318 32.88 3.25 -10.17
C LEU E 318 32.65 1.75 -10.07
N LYS E 319 32.47 1.27 -8.83
CA LYS E 319 32.15 -0.12 -8.55
C LYS E 319 30.69 -0.18 -8.12
N THR E 320 29.84 -0.70 -9.00
CA THR E 320 28.40 -0.73 -8.75
C THR E 320 28.04 -1.85 -7.78
N THR E 321 26.78 -1.85 -7.35
CA THR E 321 26.27 -2.90 -6.48
C THR E 321 26.29 -4.24 -7.19
N TYR E 322 26.40 -5.31 -6.41
CA TYR E 322 26.39 -6.65 -6.97
C TYR E 322 25.06 -6.93 -7.65
N GLY E 323 25.11 -7.13 -8.97
CA GLY E 323 23.92 -7.41 -9.75
C GLY E 323 23.31 -6.20 -10.44
N ARG E 324 23.77 -4.99 -10.12
CA ARG E 324 23.21 -3.80 -10.74
C ARG E 324 23.47 -3.77 -12.24
N THR E 325 24.66 -4.23 -12.65
CA THR E 325 25.07 -4.24 -14.05
C THR E 325 25.15 -5.67 -14.53
N ASP E 326 24.36 -6.00 -15.56
CA ASP E 326 24.32 -7.36 -16.10
C ASP E 326 25.68 -7.79 -16.62
N MET E 327 26.29 -8.78 -15.98
CA MET E 327 27.59 -9.29 -16.38
C MET E 327 27.50 -10.38 -17.44
N THR E 328 26.33 -10.56 -18.07
CA THR E 328 26.18 -11.58 -19.09
C THR E 328 27.12 -11.28 -20.27
N GLY E 329 28.00 -12.23 -20.56
CA GLY E 329 28.98 -12.07 -21.60
C GLY E 329 30.36 -11.67 -21.12
N SER E 330 30.76 -12.08 -19.92
CA SER E 330 32.07 -11.77 -19.39
C SER E 330 32.70 -13.04 -18.85
N LEU E 331 34.00 -12.96 -18.54
CA LEU E 331 34.73 -14.10 -18.02
C LEU E 331 34.44 -14.40 -16.56
N CYS E 332 33.74 -13.49 -15.86
CA CYS E 332 33.49 -13.64 -14.43
C CYS E 332 31.99 -13.69 -14.12
N GLU E 333 31.17 -14.10 -15.07
CA GLU E 333 29.74 -14.24 -14.81
C GLU E 333 29.49 -15.42 -13.89
N GLY E 334 28.52 -15.26 -12.99
CA GLY E 334 28.22 -16.28 -12.01
C GLY E 334 28.99 -16.16 -10.71
N GLY E 335 30.01 -15.31 -10.65
CA GLY E 335 30.72 -15.09 -9.41
C GLY E 335 29.87 -14.32 -8.41
N THR E 336 30.42 -14.19 -7.20
CA THR E 336 29.73 -13.53 -6.10
C THR E 336 30.42 -12.26 -5.62
N VAL E 337 31.54 -11.88 -6.23
CA VAL E 337 32.25 -10.67 -5.84
C VAL E 337 32.50 -9.72 -7.02
N GLU E 338 32.34 -10.17 -8.25
CA GLU E 338 32.68 -9.38 -9.43
C GLU E 338 31.48 -8.57 -9.91
N ILE E 339 31.78 -7.37 -10.44
CA ILE E 339 30.81 -6.52 -11.10
C ILE E 339 31.48 -5.94 -12.35
N ILE E 340 30.74 -5.11 -13.07
CA ILE E 340 31.26 -4.41 -14.25
C ILE E 340 30.97 -2.93 -14.08
N GLY E 341 32.02 -2.13 -13.95
CA GLY E 341 31.86 -0.71 -13.73
C GLY E 341 32.68 0.13 -14.70
N PRO E 342 32.35 1.41 -14.78
CA PRO E 342 33.06 2.31 -15.70
C PRO E 342 34.30 2.96 -15.08
N LEU E 343 35.25 3.27 -15.94
CA LEU E 343 36.46 4.01 -15.57
C LEU E 343 36.52 5.23 -16.48
N ALA E 344 36.17 6.39 -15.95
CA ALA E 344 36.12 7.62 -16.72
C ALA E 344 37.12 8.63 -16.17
N SER E 345 37.36 9.69 -16.94
CA SER E 345 38.31 10.72 -16.55
C SER E 345 37.72 11.64 -15.49
N SER E 346 36.43 11.95 -15.58
CA SER E 346 35.75 12.82 -14.65
C SER E 346 34.51 12.12 -14.11
N LEU E 347 33.92 12.72 -13.08
CA LEU E 347 32.71 12.16 -12.48
C LEU E 347 31.50 12.31 -13.41
N GLU E 348 31.49 13.36 -14.22
CA GLU E 348 30.36 13.57 -15.14
C GLU E 348 30.30 12.47 -16.20
N ASP E 349 31.47 12.04 -16.69
CA ASP E 349 31.48 11.02 -17.73
C ASP E 349 31.15 9.65 -17.17
N ALA E 350 31.63 9.34 -15.95
CA ALA E 350 31.33 8.05 -15.34
C ALA E 350 29.84 7.91 -15.03
N PHE E 351 29.17 9.02 -14.71
CA PHE E 351 27.74 8.97 -14.45
C PHE E 351 26.95 8.72 -15.73
N LEU E 352 27.42 9.24 -16.87
CA LEU E 352 26.73 9.01 -18.13
C LEU E 352 26.93 7.59 -18.63
N VAL E 353 28.14 7.07 -18.50
CA VAL E 353 28.40 5.69 -18.92
C VAL E 353 27.64 4.72 -18.05
N TYR E 354 27.60 4.97 -16.73
CA TYR E 354 26.82 4.13 -15.82
C TYR E 354 25.34 4.15 -16.21
N ALA E 355 24.82 5.32 -16.58
CA ALA E 355 23.41 5.44 -16.94
C ALA E 355 23.05 4.60 -18.17
N ALA E 356 24.03 4.28 -19.02
CA ALA E 356 23.75 3.55 -20.25
C ALA E 356 24.01 2.05 -20.12
N ILE E 357 24.72 1.61 -19.08
CA ILE E 357 25.04 0.20 -18.92
C ILE E 357 24.48 -0.37 -17.62
N LEU E 358 23.67 0.40 -16.90
CA LEU E 358 23.02 -0.14 -15.71
C LEU E 358 21.83 -0.99 -16.14
N GLY E 359 21.79 -2.24 -15.69
CA GLY E 359 20.73 -3.15 -16.06
C GLY E 359 20.88 -4.49 -15.38
N SER E 360 19.84 -4.90 -14.66
CA SER E 360 19.86 -6.16 -13.93
C SER E 360 19.47 -7.30 -14.85
N SER E 361 20.23 -8.40 -14.79
CA SER E 361 19.89 -9.57 -15.58
C SER E 361 18.56 -10.16 -15.14
N SER E 362 17.99 -10.99 -16.01
CA SER E 362 16.70 -11.60 -15.70
C SER E 362 16.80 -12.53 -14.50
N ALA E 363 17.97 -13.12 -14.27
CA ALA E 363 18.16 -13.99 -13.12
C ALA E 363 18.35 -13.19 -11.84
N ASP E 364 19.25 -12.20 -11.86
CA ASP E 364 19.52 -11.40 -10.68
C ASP E 364 18.39 -10.44 -10.35
N ARG E 365 17.39 -10.30 -11.22
CA ARG E 365 16.25 -9.45 -10.90
C ARG E 365 15.36 -10.10 -9.84
N TYR E 366 15.21 -11.42 -9.91
CA TYR E 366 14.40 -12.12 -8.92
C TYR E 366 15.19 -12.43 -7.66
N ASN E 367 16.46 -12.82 -7.82
CA ASN E 367 17.22 -13.32 -6.68
C ASN E 367 17.65 -12.18 -5.75
N LEU E 368 18.21 -11.11 -6.31
CA LEU E 368 18.71 -10.00 -5.52
C LEU E 368 17.65 -8.94 -5.22
N LYS E 369 16.57 -8.90 -6.02
CA LYS E 369 15.48 -7.94 -5.87
C LYS E 369 16.01 -6.51 -5.78
N PRO E 370 16.57 -5.97 -6.87
CA PRO E 370 17.13 -4.62 -6.80
C PRO E 370 16.06 -3.55 -6.92
N SER E 371 16.21 -2.50 -6.10
CA SER E 371 15.34 -1.35 -6.20
C SER E 371 15.56 -0.64 -7.53
N PRO E 372 14.56 0.10 -8.02
CA PRO E 372 14.72 0.82 -9.28
C PRO E 372 15.92 1.76 -9.22
N PRO E 373 16.68 1.87 -10.31
CA PRO E 373 17.89 2.70 -10.29
C PRO E 373 17.55 4.17 -10.10
N CYS E 374 18.55 4.91 -9.60
CA CYS E 374 18.40 6.32 -9.31
C CYS E 374 19.57 7.11 -9.89
N PHE E 375 19.28 8.34 -10.29
CA PHE E 375 20.31 9.26 -10.78
C PHE E 375 20.43 10.42 -9.81
N PRO E 376 21.63 10.71 -9.32
CA PRO E 376 21.79 11.83 -8.39
C PRO E 376 21.61 13.16 -9.11
N LYS E 377 20.85 14.06 -8.49
CA LYS E 377 20.69 15.41 -9.04
C LYS E 377 21.98 16.19 -8.86
N LEU E 378 22.84 16.17 -9.87
CA LEU E 378 24.13 16.86 -9.82
C LEU E 378 24.03 18.36 -10.04
N LEU E 379 22.95 18.97 -9.58
CA LEU E 379 22.75 20.42 -9.70
C LEU E 379 23.07 21.10 -8.38
N SER E 380 23.64 22.30 -8.47
CA SER E 380 23.99 23.05 -7.27
C SER E 380 22.75 23.58 -6.56
N HIS E 381 21.85 24.22 -7.31
CA HIS E 381 20.63 24.79 -6.77
C HIS E 381 19.43 24.05 -7.37
N ASN E 382 18.49 23.67 -6.51
CA ASN E 382 18.58 23.91 -5.08
C ASN E 382 18.97 22.64 -4.34
N GLY E 383 20.22 22.59 -3.86
CA GLY E 383 20.71 21.41 -3.17
C GLY E 383 21.64 21.73 -2.02
N SER E 384 22.76 21.00 -1.94
CA SER E 384 23.77 21.16 -0.91
C SER E 384 23.23 20.83 0.48
N ASN E 385 21.98 20.38 0.56
CA ASN E 385 21.37 19.97 1.81
C ASN E 385 21.31 18.46 1.98
N ALA E 386 21.06 17.72 0.90
CA ALA E 386 21.10 16.27 0.96
C ALA E 386 22.53 15.76 1.13
N ILE E 387 23.52 16.54 0.69
CA ILE E 387 24.91 16.15 0.84
C ILE E 387 25.39 16.43 2.26
N GLY E 388 25.05 17.59 2.81
CA GLY E 388 25.45 17.93 4.16
C GLY E 388 24.81 17.08 5.24
N SER E 389 23.68 16.46 4.93
CA SER E 389 23.00 15.59 5.89
C SER E 389 23.59 14.18 5.94
N LEU E 390 24.64 13.92 5.18
CA LEU E 390 25.24 12.60 5.17
C LEU E 390 26.13 12.39 6.40
N ARG E 391 26.37 11.13 6.71
CA ARG E 391 27.22 10.73 7.82
C ARG E 391 28.34 9.86 7.28
N LEU E 392 29.56 10.41 7.25
CA LEU E 392 30.72 9.72 6.70
C LEU E 392 31.39 8.92 7.81
N GLY E 393 31.38 7.60 7.68
CA GLY E 393 31.98 6.74 8.69
C GLY E 393 33.47 6.57 8.45
N LYS E 394 34.27 6.74 9.51
CA LYS E 394 35.72 6.66 9.43
C LYS E 394 36.24 5.77 10.55
N TYR E 395 36.97 4.73 10.19
CA TYR E 395 37.68 3.88 11.13
C TYR E 395 39.12 4.39 11.18
N THR E 396 39.43 5.19 12.20
CA THR E 396 40.71 5.89 12.25
C THR E 396 41.88 4.93 12.28
N LYS E 397 41.78 3.87 13.10
CA LYS E 397 42.84 2.87 13.13
C LYS E 397 43.01 2.18 11.78
N TRP E 398 41.95 2.11 10.99
CA TRP E 398 41.99 1.58 9.64
C TRP E 398 42.24 2.67 8.59
N PHE E 399 41.76 3.88 8.85
CA PHE E 399 41.91 4.97 7.88
C PHE E 399 43.37 5.35 7.68
N ASN E 400 44.16 5.34 8.75
CA ASN E 400 45.54 5.82 8.71
C ASN E 400 46.54 4.68 8.56
N ASP E 401 46.09 3.46 8.26
CA ASP E 401 47.00 2.33 8.06
C ASP E 401 47.45 2.30 6.61
N VAL E 402 48.35 3.23 6.28
CA VAL E 402 48.88 3.38 4.93
C VAL E 402 50.40 3.41 5.01
N SER E 403 51.05 3.02 3.91
CA SER E 403 52.50 3.00 3.86
C SER E 403 53.11 4.39 3.63
N SER E 404 52.33 5.33 3.11
CA SER E 404 52.79 6.68 2.86
C SER E 404 51.89 7.66 3.62
N SER E 405 52.51 8.59 4.33
CA SER E 405 51.74 9.54 5.14
C SER E 405 51.00 10.57 4.30
N ASP E 406 51.35 10.71 3.02
CA ASP E 406 50.66 11.68 2.17
C ASP E 406 49.23 11.27 1.90
N ILE E 407 48.93 9.97 1.92
CA ILE E 407 47.58 9.51 1.61
C ILE E 407 46.62 9.85 2.75
N SER E 408 46.98 9.49 3.98
CA SER E 408 46.10 9.73 5.12
C SER E 408 45.96 11.21 5.43
N ASP E 409 46.88 12.05 4.97
CA ASP E 409 46.78 13.49 5.18
C ASP E 409 45.91 14.17 4.12
N LYS E 410 46.10 13.82 2.84
CA LYS E 410 45.29 14.40 1.79
C LYS E 410 43.86 13.90 1.84
N CYS E 411 43.65 12.64 2.26
CA CYS E 411 42.30 12.14 2.42
C CYS E 411 41.58 12.79 3.59
N GLU E 412 42.33 13.15 4.64
CA GLU E 412 41.71 13.84 5.78
C GLU E 412 41.36 15.28 5.44
N ASP E 413 42.12 15.90 4.53
CA ASP E 413 41.78 17.26 4.10
C ASP E 413 40.45 17.27 3.35
N ILE E 414 40.16 16.21 2.59
CA ILE E 414 38.88 16.12 1.89
C ILE E 414 37.74 15.98 2.90
N LEU E 415 37.94 15.18 3.95
CA LEU E 415 36.92 15.06 4.98
C LEU E 415 36.73 16.37 5.72
N LYS E 416 37.80 17.12 5.93
CA LYS E 416 37.68 18.43 6.58
C LYS E 416 37.04 19.45 5.65
N LEU E 417 37.38 19.40 4.36
CA LEU E 417 36.76 20.32 3.40
C LEU E 417 35.29 19.99 3.20
N LEU E 418 34.94 18.70 3.22
CA LEU E 418 33.54 18.31 3.12
C LEU E 418 32.76 18.72 4.36
N SER E 419 33.36 18.54 5.54
CA SER E 419 32.68 18.89 6.77
C SER E 419 32.52 20.40 6.93
N ASN E 420 33.43 21.18 6.35
CA ASN E 420 33.39 22.63 6.51
C ASN E 420 32.45 23.28 5.51
N ASN E 421 32.49 22.83 4.25
CA ASN E 421 31.74 23.47 3.18
C ASN E 421 30.34 22.89 3.00
N HIS E 422 30.03 21.75 3.62
CA HIS E 422 28.72 21.13 3.45
C HIS E 422 28.10 20.77 4.79
N GLY E 423 28.92 20.49 5.79
CA GLY E 423 28.45 20.12 7.09
C GLY E 423 28.36 18.64 7.36
N CYS E 424 29.14 17.81 6.66
CA CYS E 424 29.11 16.37 6.88
C CYS E 424 29.78 16.05 8.22
N LYS E 425 29.13 15.22 9.02
CA LYS E 425 29.65 14.82 10.33
C LYS E 425 30.37 13.49 10.19
N VAL E 426 31.68 13.49 10.46
CA VAL E 426 32.46 12.26 10.43
C VAL E 426 32.22 11.50 11.72
N VAL E 427 31.70 10.28 11.60
CA VAL E 427 31.36 9.44 12.74
C VAL E 427 32.36 8.29 12.80
N GLU E 428 33.03 8.14 13.95
CA GLU E 428 34.01 7.09 14.12
C GLU E 428 33.33 5.72 14.18
N ILE E 429 33.76 4.81 13.31
CA ILE E 429 33.19 3.46 13.25
C ILE E 429 34.30 2.44 13.47
N VAL E 430 33.92 1.16 13.51
CA VAL E 430 34.88 0.07 13.67
C VAL E 430 34.41 -1.11 12.83
N VAL E 431 35.34 -1.73 12.12
CA VAL E 431 35.06 -2.84 11.22
C VAL E 431 35.77 -4.09 11.75
N PRO E 432 35.06 -4.93 12.49
CA PRO E 432 35.70 -6.12 13.06
C PRO E 432 36.04 -7.16 12.00
N GLU E 433 36.96 -8.05 12.37
CA GLU E 433 37.28 -9.24 11.57
C GLU E 433 37.76 -8.87 10.17
N LEU E 434 38.71 -7.94 10.10
CA LEU E 434 39.28 -7.55 8.82
C LEU E 434 40.17 -8.64 8.25
N GLU E 435 40.82 -9.44 9.10
CA GLU E 435 41.66 -10.52 8.62
C GLU E 435 40.82 -11.64 8.02
N GLU E 436 39.66 -11.92 8.62
CA GLU E 436 38.75 -12.91 8.05
C GLU E 436 38.20 -12.43 6.71
N MET E 437 38.09 -11.12 6.51
CA MET E 437 37.60 -10.59 5.25
C MET E 437 38.58 -10.90 4.11
N ARG E 438 39.88 -10.78 4.38
CA ARG E 438 40.87 -11.13 3.35
C ARG E 438 40.87 -12.62 3.07
N ALA E 439 40.76 -13.45 4.11
CA ALA E 439 40.80 -14.89 3.92
C ALA E 439 39.53 -15.40 3.23
N ALA E 440 38.38 -14.83 3.59
CA ALA E 440 37.14 -15.24 2.95
C ALA E 440 37.03 -14.73 1.52
N HIS E 441 37.70 -13.61 1.22
CA HIS E 441 37.62 -13.05 -0.13
C HIS E 441 38.51 -13.81 -1.10
N VAL E 442 39.75 -14.12 -0.71
CA VAL E 442 40.69 -14.76 -1.63
C VAL E 442 40.16 -16.10 -2.09
N ILE E 443 39.37 -16.79 -1.28
CA ILE E 443 38.77 -18.05 -1.68
C ILE E 443 37.45 -17.84 -2.41
N SER E 444 36.74 -16.73 -2.14
CA SER E 444 35.46 -16.48 -2.80
C SER E 444 35.63 -16.04 -4.24
N ILE E 445 36.81 -15.54 -4.63
CA ILE E 445 37.02 -15.07 -5.99
C ILE E 445 37.85 -16.10 -6.75
N GLY E 446 38.76 -16.78 -6.05
CA GLY E 446 39.60 -17.77 -6.69
C GLY E 446 38.90 -19.08 -7.01
N SER E 447 37.91 -19.45 -6.18
CA SER E 447 37.23 -20.73 -6.41
C SER E 447 36.38 -20.71 -7.68
N PRO E 448 35.53 -19.71 -7.93
CA PRO E 448 34.77 -19.72 -9.20
C PRO E 448 35.67 -19.53 -10.41
N THR E 449 36.73 -18.74 -10.30
CA THR E 449 37.63 -18.54 -11.43
C THR E 449 38.36 -19.82 -11.78
N LEU E 450 38.94 -20.50 -10.78
CA LEU E 450 39.65 -21.74 -11.04
C LEU E 450 38.72 -22.82 -11.56
N SER E 451 37.48 -22.85 -11.06
CA SER E 451 36.53 -23.87 -11.50
C SER E 451 36.20 -23.72 -12.98
N SER E 452 36.11 -22.48 -13.47
CA SER E 452 35.81 -22.27 -14.87
C SER E 452 37.00 -22.61 -15.76
N LEU E 453 38.20 -22.27 -15.32
CA LEU E 453 39.41 -22.54 -16.09
C LEU E 453 39.96 -23.95 -15.88
N THR E 454 39.29 -24.77 -15.07
CA THR E 454 39.83 -26.10 -14.78
C THR E 454 39.76 -27.05 -15.97
N PRO E 455 38.63 -27.17 -16.70
CA PRO E 455 38.62 -28.08 -17.85
C PRO E 455 39.66 -27.73 -18.90
N TYR E 456 40.06 -26.46 -18.98
CA TYR E 456 41.14 -26.09 -19.89
C TYR E 456 42.51 -26.42 -19.30
N CYS E 457 42.68 -26.19 -18.00
CA CYS E 457 43.96 -26.51 -17.35
C CYS E 457 44.20 -28.01 -17.31
N GLU E 458 43.16 -28.79 -17.04
CA GLU E 458 43.28 -30.25 -17.10
C GLU E 458 43.56 -30.73 -18.52
N ALA E 459 43.32 -29.90 -19.52
CA ALA E 459 43.53 -30.25 -20.92
C ALA E 459 44.94 -29.92 -21.41
N GLY E 460 45.93 -29.95 -20.52
CA GLY E 460 47.29 -29.67 -20.92
C GLY E 460 47.58 -28.23 -21.27
N LYS E 461 46.74 -27.30 -20.80
CA LYS E 461 46.95 -25.88 -21.07
C LYS E 461 47.21 -25.08 -19.81
N ASN E 462 47.53 -25.73 -18.69
CA ASN E 462 47.90 -24.99 -17.49
C ASN E 462 49.28 -24.36 -17.61
N SER E 463 50.15 -24.96 -18.44
CA SER E 463 51.48 -24.41 -18.66
C SER E 463 51.47 -23.18 -19.56
N LYS E 464 50.37 -22.95 -20.29
CA LYS E 464 50.25 -21.78 -21.14
C LYS E 464 49.89 -20.51 -20.38
N LEU E 465 49.83 -20.58 -19.06
CA LEU E 465 49.53 -19.42 -18.22
C LEU E 465 50.82 -18.78 -17.74
N SER E 466 50.70 -17.54 -17.26
CA SER E 466 51.85 -16.84 -16.69
C SER E 466 52.18 -17.40 -15.31
N TYR E 467 53.40 -17.12 -14.86
CA TYR E 467 53.82 -17.60 -13.55
C TYR E 467 53.12 -16.88 -12.41
N ASP E 468 52.59 -15.68 -12.66
CA ASP E 468 51.83 -14.98 -11.64
C ASP E 468 50.52 -15.71 -11.35
N THR E 469 49.80 -16.12 -12.41
CA THR E 469 48.54 -16.82 -12.22
C THR E 469 48.77 -18.25 -11.75
N ARG E 470 49.81 -18.91 -12.28
CA ARG E 470 50.10 -20.28 -11.87
C ARG E 470 50.45 -20.39 -10.40
N THR E 471 50.94 -19.31 -9.79
CA THR E 471 51.20 -19.31 -8.35
C THR E 471 49.90 -19.20 -7.56
N SER E 472 48.98 -18.36 -8.01
CA SER E 472 47.70 -18.22 -7.31
C SER E 472 46.83 -19.46 -7.49
N PHE E 473 46.89 -20.08 -8.67
CA PHE E 473 46.09 -21.29 -8.90
C PHE E 473 46.57 -22.45 -8.05
N ALA E 474 47.87 -22.49 -7.72
CA ALA E 474 48.37 -23.54 -6.83
C ALA E 474 47.80 -23.39 -5.42
N ILE E 475 47.62 -22.14 -4.96
CA ILE E 475 47.02 -21.91 -3.66
C ILE E 475 45.53 -22.21 -3.70
N PHE E 476 44.87 -21.87 -4.82
CA PHE E 476 43.43 -22.10 -4.93
C PHE E 476 43.09 -23.58 -4.97
N ARG E 477 43.96 -24.40 -5.57
CA ARG E 477 43.70 -25.84 -5.65
C ARG E 477 43.73 -26.50 -4.28
N SER E 478 44.39 -25.91 -3.29
CA SER E 478 44.45 -26.48 -1.95
C SER E 478 43.24 -26.11 -1.10
N PHE E 479 42.40 -25.21 -1.57
CA PHE E 479 41.18 -24.83 -0.84
C PHE E 479 40.16 -25.96 -0.97
N SER E 480 39.89 -26.65 0.12
CA SER E 480 38.91 -27.73 0.10
C SER E 480 37.50 -27.16 0.07
N ALA E 481 36.54 -28.01 -0.28
CA ALA E 481 35.14 -27.58 -0.34
C ALA E 481 34.63 -27.16 1.03
N SER E 482 35.15 -27.78 2.09
CA SER E 482 34.78 -27.36 3.44
C SER E 482 35.31 -25.97 3.76
N ASP E 483 36.45 -25.59 3.17
CA ASP E 483 36.98 -24.25 3.36
C ASP E 483 36.10 -23.20 2.71
N TYR E 484 35.42 -23.57 1.62
CA TYR E 484 34.51 -22.62 0.97
C TYR E 484 33.26 -22.39 1.81
N ILE E 485 32.75 -23.45 2.45
CA ILE E 485 31.56 -23.30 3.28
C ILE E 485 31.84 -22.38 4.46
N ALA E 486 32.99 -22.58 5.12
CA ALA E 486 33.35 -21.75 6.25
C ALA E 486 33.55 -20.29 5.85
N ALA E 487 34.05 -20.06 4.63
CA ALA E 487 34.25 -18.70 4.16
C ALA E 487 32.93 -17.97 3.98
N GLN E 488 31.91 -18.65 3.42
CA GLN E 488 30.60 -18.05 3.27
C GLN E 488 29.98 -17.73 4.63
N CYS E 489 30.24 -18.56 5.64
CA CYS E 489 29.80 -18.23 7.00
C CYS E 489 30.46 -16.95 7.50
N LEU E 490 31.72 -16.73 7.11
CA LEU E 490 32.38 -15.48 7.46
C LEU E 490 31.79 -14.29 6.72
N ARG E 491 31.29 -14.51 5.50
CA ARG E 491 30.68 -13.42 4.76
C ARG E 491 29.41 -12.90 5.44
N ARG E 492 28.61 -13.81 6.01
CA ARG E 492 27.43 -13.39 6.74
C ARG E 492 27.82 -12.57 7.97
N ARG E 493 28.91 -12.96 8.64
CA ARG E 493 29.37 -12.21 9.80
C ARG E 493 29.72 -10.78 9.43
N LEU E 494 30.58 -10.60 8.43
CA LEU E 494 30.96 -9.26 8.00
C LEU E 494 29.78 -8.51 7.40
N MET E 495 28.82 -9.23 6.83
CA MET E 495 27.61 -8.57 6.35
C MET E 495 26.82 -7.97 7.49
N GLU E 496 26.74 -8.67 8.62
CA GLU E 496 26.00 -8.15 9.77
C GLU E 496 26.69 -6.94 10.37
N TYR E 497 28.02 -6.93 10.40
CA TYR E 497 28.74 -5.78 10.91
C TYR E 497 28.51 -4.55 10.03
N HIS E 498 28.69 -4.71 8.72
CA HIS E 498 28.57 -3.57 7.82
C HIS E 498 27.13 -3.07 7.74
N LEU E 499 26.16 -3.97 7.79
CA LEU E 499 24.77 -3.55 7.74
C LEU E 499 24.38 -2.77 8.99
N ASN E 500 24.97 -3.11 10.14
CA ASN E 500 24.73 -2.33 11.35
C ASN E 500 25.52 -1.01 11.35
N ILE E 501 26.66 -0.98 10.65
CA ILE E 501 27.39 0.27 10.48
C ILE E 501 26.58 1.24 9.64
N PHE E 502 25.95 0.76 8.56
CA PHE E 502 25.15 1.61 7.69
C PHE E 502 23.85 2.08 8.35
N LYS E 503 23.53 1.56 9.54
CA LYS E 503 22.40 2.10 10.28
C LYS E 503 22.74 3.43 10.95
N ASP E 504 24.00 3.61 11.33
CA ASP E 504 24.45 4.85 11.98
C ASP E 504 25.10 5.83 11.02
N VAL E 505 25.66 5.36 9.90
CA VAL E 505 26.29 6.21 8.91
C VAL E 505 25.70 5.91 7.54
N ASP E 506 25.95 6.81 6.60
CA ASP E 506 25.46 6.64 5.24
C ASP E 506 26.50 5.96 4.35
N VAL E 507 27.73 6.46 4.35
CA VAL E 507 28.81 5.89 3.56
C VAL E 507 30.00 5.64 4.47
N ILE E 508 31.02 5.00 3.91
CA ILE E 508 32.27 4.71 4.61
C ILE E 508 33.41 5.27 3.77
N VAL E 509 34.12 6.26 4.31
CA VAL E 509 35.19 6.94 3.60
C VAL E 509 36.53 6.38 4.07
N THR E 510 37.27 5.79 3.15
CA THR E 510 38.59 5.25 3.40
C THR E 510 39.45 5.51 2.18
N PRO E 511 40.78 5.54 2.34
CA PRO E 511 41.65 5.63 1.16
C PRO E 511 41.46 4.43 0.25
N THR E 512 41.61 4.66 -1.05
CA THR E 512 41.40 3.58 -2.02
C THR E 512 42.45 2.50 -1.86
N THR E 513 43.73 2.89 -1.81
CA THR E 513 44.83 1.97 -1.63
C THR E 513 45.72 2.46 -0.50
N GLY E 514 46.62 1.59 -0.06
CA GLY E 514 47.58 1.92 0.98
C GLY E 514 48.90 2.45 0.49
N MET E 515 49.07 2.59 -0.82
CA MET E 515 50.31 3.12 -1.38
C MET E 515 50.00 3.78 -2.71
N THR E 516 50.94 4.60 -3.18
CA THR E 516 50.80 5.26 -4.48
C THR E 516 51.22 4.31 -5.60
N ALA E 517 51.60 4.86 -6.74
CA ALA E 517 52.01 4.03 -7.86
C ALA E 517 53.35 3.36 -7.55
N PRO E 518 53.42 2.04 -7.50
CA PRO E 518 54.70 1.37 -7.20
C PRO E 518 55.56 1.21 -8.44
N VAL E 519 56.87 1.33 -8.23
CA VAL E 519 57.82 1.22 -9.33
C VAL E 519 57.91 -0.23 -9.78
N ILE E 520 57.95 -0.43 -11.09
CA ILE E 520 58.00 -1.77 -11.68
C ILE E 520 59.42 -2.33 -11.55
N PRO E 521 59.61 -3.47 -10.90
CA PRO E 521 60.93 -4.09 -10.84
C PRO E 521 61.37 -4.57 -12.21
N PRO E 522 62.61 -4.29 -12.61
CA PRO E 522 63.07 -4.75 -13.92
C PRO E 522 63.10 -6.26 -14.06
N ASP E 523 63.34 -6.98 -12.96
CA ASP E 523 63.40 -8.43 -13.01
C ASP E 523 62.02 -9.09 -13.10
N ALA E 524 60.95 -8.33 -12.88
CA ALA E 524 59.60 -8.88 -12.95
C ALA E 524 59.01 -8.82 -14.36
N LEU E 525 59.57 -8.00 -15.24
CA LEU E 525 59.06 -7.89 -16.60
C LEU E 525 59.37 -9.12 -17.45
N LYS E 526 60.29 -9.99 -17.00
CA LYS E 526 60.64 -11.16 -17.78
C LYS E 526 59.52 -12.20 -17.75
N ASN E 527 58.96 -12.48 -16.55
CA ASN E 527 57.94 -13.52 -16.45
C ASN E 527 57.03 -13.32 -15.24
N GLY E 528 56.92 -12.13 -14.68
CA GLY E 528 56.05 -11.87 -13.56
C GLY E 528 56.81 -11.82 -12.24
N GLU E 529 56.04 -11.76 -11.17
CA GLU E 529 56.60 -11.69 -9.82
C GLU E 529 55.56 -12.23 -8.84
N THR E 530 55.83 -12.06 -7.55
CA THR E 530 54.93 -12.54 -6.51
C THR E 530 55.08 -11.71 -5.24
N ASN E 531 55.20 -10.39 -5.40
CA ASN E 531 55.37 -9.49 -4.27
C ASN E 531 54.04 -9.35 -3.54
N ILE E 532 53.89 -10.10 -2.44
CA ILE E 532 52.65 -10.08 -1.69
C ILE E 532 52.51 -8.79 -0.88
N GLN E 533 53.63 -8.24 -0.40
CA GLN E 533 53.57 -7.02 0.40
C GLN E 533 52.99 -5.85 -0.38
N VAL E 534 53.26 -5.79 -1.69
CA VAL E 534 52.70 -4.71 -2.50
C VAL E 534 51.20 -4.94 -2.72
N THR E 535 50.82 -6.17 -3.05
CA THR E 535 49.40 -6.48 -3.25
C THR E 535 48.62 -6.43 -1.95
N THR E 536 49.29 -6.50 -0.80
CA THR E 536 48.59 -6.38 0.48
C THR E 536 48.15 -4.95 0.73
N ASP E 537 49.05 -3.99 0.48
CA ASP E 537 48.71 -2.59 0.69
C ASP E 537 47.64 -2.09 -0.27
N LEU E 538 47.47 -2.76 -1.42
CA LEU E 538 46.44 -2.35 -2.38
C LEU E 538 45.09 -2.93 -2.05
N MET E 539 45.04 -4.21 -1.68
CA MET E 539 43.80 -4.91 -1.34
C MET E 539 43.40 -4.70 0.12
N ARG E 540 43.70 -3.55 0.71
CA ARG E 540 43.37 -3.32 2.10
C ARG E 540 41.99 -2.72 2.31
N PHE E 541 41.53 -1.86 1.39
CA PHE E 541 40.28 -1.13 1.59
C PHE E 541 39.22 -1.46 0.55
N VAL E 542 39.50 -2.31 -0.44
CA VAL E 542 38.55 -2.58 -1.50
C VAL E 542 37.83 -3.92 -1.34
N LEU E 543 38.30 -4.78 -0.44
CA LEU E 543 37.70 -6.11 -0.31
C LEU E 543 36.30 -6.06 0.27
N ALA E 544 35.91 -4.96 0.91
CA ALA E 544 34.59 -4.89 1.53
C ALA E 544 33.48 -4.74 0.49
N ALA E 545 33.70 -3.89 -0.51
CA ALA E 545 32.67 -3.69 -1.54
C ALA E 545 32.52 -4.89 -2.45
N ASN E 546 33.52 -5.77 -2.51
CA ASN E 546 33.45 -6.95 -3.37
C ASN E 546 32.87 -8.15 -2.65
N LEU E 547 33.36 -8.46 -1.45
CA LEU E 547 32.86 -9.62 -0.72
C LEU E 547 31.43 -9.42 -0.26
N LEU E 548 31.03 -8.18 0.06
CA LEU E 548 29.69 -7.90 0.51
C LEU E 548 28.80 -7.30 -0.57
N GLY E 549 29.37 -6.82 -1.67
CA GLY E 549 28.60 -6.36 -2.80
C GLY E 549 28.15 -4.91 -2.76
N PHE E 550 28.63 -4.13 -1.80
CA PHE E 550 28.21 -2.74 -1.70
C PHE E 550 28.84 -1.91 -2.82
N PRO E 551 28.20 -0.83 -3.24
CA PRO E 551 28.79 0.04 -4.26
C PRO E 551 29.86 0.94 -3.67
N ALA E 552 30.92 1.16 -4.44
CA ALA E 552 32.01 2.02 -4.02
C ALA E 552 32.56 2.77 -5.22
N ILE E 553 33.04 3.98 -4.98
CA ILE E 553 33.65 4.81 -6.02
C ILE E 553 35.03 5.23 -5.55
N SER E 554 35.92 5.52 -6.51
CA SER E 554 37.26 6.02 -6.23
C SER E 554 37.42 7.33 -6.99
N VAL E 555 37.49 8.43 -6.27
CA VAL E 555 37.59 9.77 -6.85
C VAL E 555 38.99 10.31 -6.57
N PRO E 556 39.68 10.87 -7.56
CA PRO E 556 41.00 11.46 -7.31
C PRO E 556 40.90 12.66 -6.37
N VAL E 557 41.74 12.67 -5.34
CA VAL E 557 41.70 13.70 -4.31
C VAL E 557 43.01 14.47 -4.20
N GLY E 558 43.90 14.33 -5.18
CA GLY E 558 45.13 15.08 -5.18
C GLY E 558 46.31 14.20 -5.50
N TYR E 559 47.51 14.71 -5.21
CA TYR E 559 48.75 14.03 -5.52
C TYR E 559 49.69 14.10 -4.32
N ASP E 560 50.57 13.10 -4.21
CA ASP E 560 51.50 13.01 -3.10
C ASP E 560 52.74 13.87 -3.36
N LYS E 561 53.86 13.53 -2.72
CA LYS E 561 55.09 14.30 -2.87
C LYS E 561 55.87 13.97 -4.14
N GLU E 562 55.43 12.99 -4.93
CA GLU E 562 56.06 12.67 -6.19
C GLU E 562 55.15 12.89 -7.38
N GLY E 563 54.05 13.62 -7.20
CA GLY E 563 53.12 13.85 -8.29
C GLY E 563 52.23 12.67 -8.64
N LEU E 564 52.30 11.58 -7.88
CA LEU E 564 51.49 10.41 -8.15
C LEU E 564 50.09 10.60 -7.56
N PRO E 565 49.05 10.15 -8.27
CA PRO E 565 47.68 10.39 -7.80
C PRO E 565 47.36 9.61 -6.53
N ILE E 566 46.37 10.12 -5.80
CA ILE E 566 45.88 9.52 -4.58
C ILE E 566 44.36 9.42 -4.68
N GLY E 567 43.81 8.29 -4.24
CA GLY E 567 42.38 8.08 -4.34
C GLY E 567 41.65 7.98 -3.02
N LEU E 568 40.33 8.14 -3.05
CA LEU E 568 39.47 8.02 -1.88
C LEU E 568 38.27 7.16 -2.21
N GLN E 569 37.93 6.23 -1.32
CA GLN E 569 36.84 5.30 -1.53
C GLN E 569 35.61 5.75 -0.75
N ILE E 570 34.45 5.66 -1.40
CA ILE E 570 33.16 6.00 -0.81
C ILE E 570 32.24 4.79 -1.02
N MET E 571 32.07 3.98 0.02
CA MET E 571 31.27 2.76 -0.05
C MET E 571 29.96 2.99 0.69
N GLY E 572 28.85 2.95 -0.05
CA GLY E 572 27.55 3.26 0.49
C GLY E 572 26.64 2.06 0.62
N ARG E 573 25.36 2.33 0.87
CA ARG E 573 24.37 1.29 1.07
C ARG E 573 24.13 0.51 -0.21
N PRO E 574 23.57 -0.69 -0.11
CA PRO E 574 23.22 -1.46 -1.32
C PRO E 574 22.23 -0.69 -2.19
N TRP E 575 22.40 -0.83 -3.50
CA TRP E 575 21.57 -0.16 -4.51
C TRP E 575 21.57 1.36 -4.36
N ALA E 576 22.61 1.91 -3.74
CA ALA E 576 22.67 3.35 -3.52
C ALA E 576 23.82 3.96 -4.30
N GLU E 577 23.79 3.85 -5.62
CA GLU E 577 24.83 4.47 -6.44
C GLU E 577 24.64 5.98 -6.52
N ALA E 578 23.39 6.45 -6.43
CA ALA E 578 23.14 7.89 -6.51
C ALA E 578 23.76 8.62 -5.33
N THR E 579 23.69 8.03 -4.13
CA THR E 579 24.35 8.64 -2.99
C THR E 579 25.86 8.64 -3.16
N VAL E 580 26.42 7.55 -3.67
CA VAL E 580 27.87 7.46 -3.85
C VAL E 580 28.32 8.37 -4.98
N LEU E 581 27.53 8.47 -6.06
CA LEU E 581 27.89 9.34 -7.16
C LEU E 581 27.66 10.81 -6.81
N GLY E 582 26.63 11.10 -6.03
CA GLY E 582 26.37 12.49 -5.66
C GLY E 582 27.43 13.05 -4.72
N LEU E 583 27.89 12.23 -3.77
CA LEU E 583 28.93 12.68 -2.85
C LEU E 583 30.26 12.86 -3.56
N ALA E 584 30.58 11.96 -4.50
CA ALA E 584 31.82 12.08 -5.26
C ALA E 584 31.83 13.33 -6.12
N ALA E 585 30.66 13.81 -6.54
CA ALA E 585 30.61 15.05 -7.31
C ALA E 585 31.03 16.24 -6.47
N ALA E 586 30.68 16.24 -5.17
CA ALA E 586 31.11 17.30 -4.27
C ALA E 586 32.57 17.16 -3.86
N VAL E 587 33.16 15.98 -4.02
CA VAL E 587 34.56 15.79 -3.68
C VAL E 587 35.47 16.34 -4.76
N GLU E 588 35.16 16.02 -6.03
CA GLU E 588 35.98 16.52 -7.13
C GLU E 588 35.84 18.01 -7.34
N GLU E 589 34.78 18.62 -6.81
CA GLU E 589 34.67 20.08 -6.85
C GLU E 589 35.61 20.74 -5.85
N LEU E 590 35.97 20.02 -4.79
CA LEU E 590 36.90 20.53 -3.79
C LEU E 590 38.36 20.27 -4.14
N ALA E 591 38.64 19.25 -4.94
CA ALA E 591 40.00 18.91 -5.35
C ALA E 591 39.98 18.45 -6.79
N PRO E 592 39.93 19.37 -7.75
CA PRO E 592 39.89 18.99 -9.16
C PRO E 592 41.22 18.44 -9.64
N VAL E 593 41.16 17.68 -10.73
CA VAL E 593 42.36 17.14 -11.35
C VAL E 593 43.12 18.27 -12.01
N THR E 594 44.37 18.48 -11.61
CA THR E 594 45.17 19.60 -12.08
C THR E 594 46.45 19.15 -12.78
N LYS E 595 47.20 18.22 -12.20
CA LYS E 595 48.47 17.80 -12.78
C LYS E 595 48.23 17.00 -14.04
N LYS E 596 48.70 17.51 -15.17
CA LYS E 596 48.62 16.77 -16.42
C LYS E 596 49.63 15.62 -16.41
N PRO E 597 49.23 14.39 -16.71
CA PRO E 597 50.17 13.27 -16.70
C PRO E 597 51.25 13.44 -17.75
N ALA E 598 52.34 12.68 -17.57
CA ALA E 598 53.46 12.76 -18.50
C ALA E 598 53.07 12.26 -19.89
N ILE E 599 52.21 11.25 -19.94
CA ILE E 599 51.76 10.69 -21.21
C ILE E 599 50.30 11.08 -21.44
N PHE E 600 50.08 12.21 -22.10
CA PHE E 600 48.75 12.72 -22.39
C PHE E 600 48.64 13.06 -23.86
N TYR E 601 47.44 12.88 -24.41
CA TYR E 601 47.15 13.17 -25.82
C TYR E 601 45.85 13.93 -25.90
N ASP E 602 45.93 15.20 -26.30
CA ASP E 602 44.76 16.07 -26.40
C ASP E 602 44.22 15.99 -27.82
N ILE E 603 43.16 15.22 -28.00
CA ILE E 603 42.49 15.10 -29.29
C ILE E 603 41.47 16.22 -29.41
N LEU E 604 41.06 16.50 -30.65
CA LEU E 604 40.14 17.59 -31.00
C LEU E 604 40.76 18.95 -30.65
N ASN E 605 41.82 19.26 -31.40
CA ASN E 605 42.54 20.51 -31.23
C ASN E 605 43.37 20.83 -32.47
N MET F 1 31.13 -34.29 -28.42
CA MET F 1 32.28 -33.50 -28.01
C MET F 1 32.96 -34.11 -26.80
N GLY F 2 33.05 -35.44 -26.76
CA GLY F 2 33.63 -36.12 -25.63
C GLY F 2 34.97 -36.76 -25.92
N LYS F 3 35.95 -35.96 -26.35
CA LYS F 3 37.28 -36.45 -26.65
C LYS F 3 38.36 -35.78 -25.83
N TYR F 4 38.32 -34.45 -25.71
CA TYR F 4 39.30 -33.72 -24.90
C TYR F 4 38.63 -33.17 -23.66
N GLN F 5 37.86 -32.10 -23.82
CA GLN F 5 37.00 -31.57 -22.78
C GLN F 5 35.55 -31.68 -23.23
N VAL F 6 34.63 -31.70 -22.27
CA VAL F 6 33.21 -31.89 -22.55
C VAL F 6 32.45 -30.63 -22.19
N MET F 7 31.41 -30.34 -22.98
CA MET F 7 30.55 -29.18 -22.79
C MET F 7 29.10 -29.63 -22.67
N LYS F 8 28.23 -28.68 -22.34
CA LYS F 8 26.80 -28.96 -22.17
C LYS F 8 26.04 -27.64 -22.11
N ARG F 9 24.72 -27.75 -22.07
CA ARG F 9 23.82 -26.62 -21.85
C ARG F 9 22.46 -27.18 -21.45
N ALA F 10 21.72 -26.40 -20.65
CA ALA F 10 20.49 -26.91 -20.04
C ALA F 10 19.30 -26.83 -21.00
N SER F 11 18.80 -25.61 -21.25
CA SER F 11 17.56 -25.45 -21.99
C SER F 11 17.69 -25.76 -23.48
N GLU F 12 18.89 -26.04 -23.97
CA GLU F 12 19.11 -26.40 -25.37
C GLU F 12 19.30 -27.90 -25.55
N VAL F 13 18.66 -28.71 -24.71
CA VAL F 13 18.77 -30.16 -24.75
C VAL F 13 17.48 -30.75 -25.28
N ASP F 14 17.59 -31.62 -26.28
CA ASP F 14 16.46 -32.41 -26.74
C ASP F 14 16.06 -33.39 -25.65
N LEU F 15 14.91 -33.15 -25.02
CA LEU F 15 14.44 -34.07 -23.99
C LEU F 15 14.08 -35.44 -24.54
N SER F 16 13.99 -35.58 -25.87
CA SER F 16 13.71 -36.87 -26.48
C SER F 16 14.96 -37.68 -26.78
N THR F 17 16.13 -37.04 -26.84
CA THR F 17 17.38 -37.74 -27.09
C THR F 17 18.06 -38.23 -25.82
N VAL F 18 17.50 -37.92 -24.65
CA VAL F 18 18.09 -38.34 -23.38
C VAL F 18 17.80 -39.83 -23.17
N LYS F 19 18.84 -40.60 -22.91
CA LYS F 19 18.74 -42.02 -22.63
C LYS F 19 19.12 -42.29 -21.18
N TYR F 20 18.50 -43.33 -20.62
CA TYR F 20 18.75 -43.67 -19.22
C TYR F 20 20.11 -44.33 -19.08
N LYS F 21 20.92 -43.83 -18.15
CA LYS F 21 22.25 -44.36 -17.87
C LYS F 21 22.21 -45.12 -16.55
N ALA F 22 22.78 -46.33 -16.56
CA ALA F 22 22.69 -47.24 -15.43
C ALA F 22 23.57 -46.75 -14.28
N GLU F 23 23.70 -47.56 -13.25
CA GLU F 23 24.45 -47.20 -12.05
C GLU F 23 25.91 -47.59 -12.22
N THR F 24 26.79 -46.58 -12.24
CA THR F 24 28.23 -46.79 -12.40
C THR F 24 28.97 -46.66 -11.08
N MET F 25 28.38 -47.13 -9.99
CA MET F 25 28.98 -47.05 -8.66
C MET F 25 29.59 -48.42 -8.32
N LYS F 26 30.83 -48.62 -8.72
CA LYS F 26 31.56 -49.86 -8.46
C LYS F 26 32.52 -49.65 -7.29
N ALA F 27 32.40 -50.50 -6.26
CA ALA F 27 33.27 -50.41 -5.10
C ALA F 27 33.24 -51.74 -4.37
N PRO F 28 34.36 -52.18 -3.79
CA PRO F 28 34.37 -53.45 -3.06
C PRO F 28 33.63 -53.33 -1.74
N HIS F 29 33.38 -54.49 -1.14
CA HIS F 29 32.72 -54.61 0.16
C HIS F 29 33.74 -55.10 1.18
N LEU F 30 34.11 -54.23 2.11
CA LEU F 30 35.11 -54.54 3.13
C LEU F 30 34.49 -54.43 4.51
N THR F 31 34.73 -55.45 5.34
CA THR F 31 34.19 -55.51 6.68
C THR F 31 35.26 -56.00 7.65
N GLY F 32 35.13 -55.60 8.92
CA GLY F 32 35.98 -56.09 9.97
C GLY F 32 37.43 -55.65 9.88
N LEU F 33 38.36 -56.61 9.87
CA LEU F 33 39.77 -56.30 9.84
C LEU F 33 40.19 -55.70 8.51
N SER F 34 39.63 -56.22 7.40
CA SER F 34 39.96 -55.68 6.09
C SER F 34 39.48 -54.24 5.94
N PHE F 35 38.36 -53.90 6.56
CA PHE F 35 37.88 -52.52 6.50
C PHE F 35 38.70 -51.60 7.40
N LYS F 36 39.32 -52.15 8.44
CA LYS F 36 40.15 -51.33 9.33
C LYS F 36 41.41 -50.87 8.61
N LEU F 37 42.10 -51.78 7.94
CA LEU F 37 43.31 -51.42 7.20
C LEU F 37 43.00 -50.51 6.02
N PHE F 38 41.84 -50.69 5.39
CA PHE F 38 41.48 -49.86 4.25
C PHE F 38 41.25 -48.41 4.66
N VAL F 39 40.70 -48.19 5.86
CA VAL F 39 40.50 -46.82 6.31
C VAL F 39 41.83 -46.15 6.62
N ASN F 40 42.75 -46.88 7.25
CA ASN F 40 44.07 -46.33 7.52
C ASN F 40 44.84 -46.05 6.23
N LEU F 41 44.58 -46.82 5.18
CA LEU F 41 45.19 -46.53 3.89
C LEU F 41 44.63 -45.26 3.28
N LEU F 42 43.37 -44.94 3.54
CA LEU F 42 42.79 -43.69 3.06
C LEU F 42 43.34 -42.49 3.81
N GLU F 43 43.80 -42.69 5.04
CA GLU F 43 44.41 -41.65 5.84
C GLU F 43 45.93 -41.68 5.78
N ALA F 44 46.50 -42.50 4.89
CA ALA F 44 47.95 -42.60 4.76
C ALA F 44 48.52 -41.27 4.26
N PRO F 45 49.80 -41.01 4.54
CA PRO F 45 50.43 -39.75 4.09
C PRO F 45 50.33 -39.55 2.58
N LEU F 46 51.14 -40.30 1.83
CA LEU F 46 51.11 -40.18 0.37
C LEU F 46 50.12 -41.14 -0.27
N ILE F 47 49.92 -42.31 0.33
CA ILE F 47 49.00 -43.29 -0.25
C ILE F 47 47.53 -42.91 -0.02
N GLY F 48 47.26 -42.00 0.92
CA GLY F 48 45.88 -41.65 1.20
C GLY F 48 45.20 -40.97 0.04
N SER F 49 45.83 -39.94 -0.53
CA SER F 49 45.21 -39.21 -1.63
C SER F 49 45.30 -40.00 -2.93
N LEU F 50 46.32 -40.84 -3.09
CA LEU F 50 46.46 -41.62 -4.31
C LEU F 50 45.39 -42.68 -4.44
N ILE F 51 44.77 -43.10 -3.34
CA ILE F 51 43.67 -44.06 -3.40
C ILE F 51 42.33 -43.36 -3.57
N VAL F 52 42.15 -42.20 -2.93
CA VAL F 52 40.92 -41.44 -3.09
C VAL F 52 40.81 -40.88 -4.50
N ASP F 53 41.93 -40.44 -5.08
CA ASP F 53 41.91 -39.91 -6.44
C ASP F 53 41.54 -40.99 -7.45
N TYR F 54 41.97 -42.23 -7.20
CA TYR F 54 41.57 -43.33 -8.09
C TYR F 54 40.09 -43.65 -7.96
N LEU F 55 39.52 -43.47 -6.76
CA LEU F 55 38.10 -43.74 -6.58
C LEU F 55 37.25 -42.77 -7.37
N LYS F 56 37.59 -41.48 -7.34
CA LYS F 56 36.82 -40.47 -8.06
C LYS F 56 37.10 -40.48 -9.56
N LYS F 57 38.11 -41.21 -10.03
CA LYS F 57 38.36 -41.36 -11.45
C LYS F 57 37.63 -42.56 -12.04
N ASP F 58 37.50 -43.63 -11.26
CA ASP F 58 36.88 -44.87 -11.74
C ASP F 58 35.36 -44.78 -11.81
N ASN F 59 34.74 -43.75 -11.22
CA ASN F 59 33.29 -43.62 -11.21
C ASN F 59 32.81 -42.33 -11.87
N GLY F 60 33.68 -41.61 -12.57
CA GLY F 60 33.28 -40.44 -13.32
C GLY F 60 33.04 -39.19 -12.50
N MET F 61 33.47 -39.16 -11.24
CA MET F 61 33.28 -37.96 -10.42
C MET F 61 34.27 -36.86 -10.79
N THR F 62 35.53 -37.23 -11.07
CA THR F 62 36.51 -36.24 -11.49
C THR F 62 36.17 -35.67 -12.87
N LYS F 63 35.56 -36.47 -13.74
CA LYS F 63 35.17 -35.99 -15.05
C LYS F 63 34.09 -34.91 -14.95
N ILE F 64 33.24 -34.98 -13.92
CA ILE F 64 32.13 -34.05 -13.82
C ILE F 64 32.58 -32.72 -13.21
N PHE F 65 33.48 -32.76 -12.24
CA PHE F 65 33.88 -31.56 -11.52
C PHE F 65 35.01 -30.79 -12.19
N ARG F 66 35.95 -31.48 -12.84
CA ARG F 66 37.15 -30.84 -13.33
C ARG F 66 37.42 -31.03 -14.83
N ASN F 67 36.61 -31.82 -15.54
CA ASN F 67 36.84 -32.05 -16.96
C ASN F 67 35.67 -31.63 -17.83
N THR F 68 34.64 -31.01 -17.27
CA THR F 68 33.44 -30.68 -18.01
C THR F 68 33.10 -29.21 -17.84
N VAL F 69 32.93 -28.50 -18.95
CA VAL F 69 32.58 -27.08 -18.92
C VAL F 69 31.08 -26.94 -18.72
N ILE F 70 30.71 -26.14 -17.73
CA ILE F 70 29.30 -25.90 -17.40
C ILE F 70 29.00 -24.43 -17.65
N PRO F 71 27.99 -24.10 -18.47
CA PRO F 71 27.71 -22.69 -18.78
C PRO F 71 26.80 -22.01 -17.76
N GLU F 72 26.01 -22.80 -17.03
CA GLU F 72 25.04 -22.22 -16.10
C GLU F 72 25.75 -21.49 -14.96
N GLU F 73 25.09 -20.45 -14.46
CA GLU F 73 25.58 -19.78 -13.26
C GLU F 73 25.27 -20.64 -12.04
N PRO F 74 26.16 -20.70 -11.06
CA PRO F 74 25.92 -21.57 -9.91
C PRO F 74 24.82 -21.05 -9.00
N MET F 75 23.93 -21.95 -8.59
CA MET F 75 23.00 -21.69 -7.50
C MET F 75 23.40 -22.56 -6.32
N PHE F 76 23.81 -21.91 -5.23
CA PHE F 76 24.24 -22.61 -4.03
C PHE F 76 23.10 -22.93 -3.08
N ARG F 77 21.95 -22.30 -3.27
CA ARG F 77 20.78 -22.48 -2.44
C ARG F 77 19.56 -22.67 -3.33
N PRO F 78 18.68 -23.63 -3.02
CA PRO F 78 17.48 -23.83 -3.83
C PRO F 78 16.69 -22.55 -4.08
N GLU F 79 16.57 -22.17 -5.34
CA GLU F 79 15.88 -20.94 -5.74
C GLU F 79 14.50 -21.29 -6.28
N PHE F 80 13.47 -20.63 -5.75
CA PHE F 80 12.09 -20.95 -6.08
C PHE F 80 11.38 -19.71 -6.64
N PRO F 81 10.86 -19.75 -7.85
CA PRO F 81 10.04 -18.65 -8.36
C PRO F 81 8.62 -18.74 -7.80
N SER F 82 7.79 -17.79 -8.21
CA SER F 82 6.41 -17.74 -7.73
C SER F 82 5.62 -18.93 -8.26
N GLN F 83 5.17 -19.80 -7.37
CA GLN F 83 4.42 -20.99 -7.74
C GLN F 83 2.92 -20.69 -7.76
N GLU F 84 2.22 -21.30 -8.71
CA GLU F 84 0.78 -21.14 -8.78
C GLU F 84 0.13 -21.86 -7.59
N PRO F 85 -0.91 -21.28 -6.99
CA PRO F 85 -1.51 -21.88 -5.81
C PRO F 85 -2.19 -23.21 -6.10
N GLU F 86 -2.28 -24.03 -5.06
CA GLU F 86 -2.91 -25.34 -5.17
C GLU F 86 -4.42 -25.22 -5.00
N HIS F 87 -5.12 -26.30 -5.37
CA HIS F 87 -6.57 -26.32 -5.38
C HIS F 87 -7.11 -27.16 -4.24
N ASP F 88 -8.27 -26.75 -3.72
CA ASP F 88 -8.96 -27.44 -2.63
C ASP F 88 -8.07 -27.58 -1.41
N VAL F 89 -7.65 -26.44 -0.88
CA VAL F 89 -6.84 -26.37 0.33
C VAL F 89 -7.40 -25.26 1.22
N VAL F 90 -6.96 -25.24 2.47
CA VAL F 90 -7.30 -24.18 3.40
C VAL F 90 -6.06 -23.32 3.59
N ILE F 91 -6.28 -22.03 3.88
CA ILE F 91 -5.21 -21.07 4.08
C ILE F 91 -4.96 -20.96 5.57
N VAL F 92 -3.72 -21.27 5.98
CA VAL F 92 -3.29 -21.13 7.36
C VAL F 92 -2.19 -20.08 7.41
N GLY F 93 -2.35 -19.11 8.30
CA GLY F 93 -1.42 -18.00 8.34
C GLY F 93 -0.02 -18.42 8.74
N GLU F 94 0.97 -17.70 8.21
CA GLU F 94 2.36 -17.94 8.59
C GLU F 94 2.61 -17.59 10.06
N ASP F 95 1.92 -16.57 10.56
CA ASP F 95 2.11 -16.10 11.93
C ASP F 95 1.01 -16.66 12.83
N GLU F 96 1.08 -17.97 13.03
CA GLU F 96 0.12 -18.68 13.88
C GLU F 96 0.87 -19.69 14.75
N SER F 97 0.36 -19.90 15.95
CA SER F 97 0.99 -20.82 16.88
C SER F 97 0.72 -22.27 16.47
N PRO F 98 1.59 -23.21 16.84
CA PRO F 98 1.33 -24.62 16.53
C PRO F 98 0.08 -25.16 17.21
N ILE F 99 -0.38 -24.55 18.30
CA ILE F 99 -1.63 -24.96 18.92
C ILE F 99 -2.81 -24.55 18.06
N ASP F 100 -2.74 -23.36 17.45
CA ASP F 100 -3.81 -22.89 16.59
C ASP F 100 -3.81 -23.56 15.22
N ARG F 101 -2.63 -23.93 14.71
CA ARG F 101 -2.56 -24.67 13.45
C ARG F 101 -3.15 -26.07 13.60
N LEU F 102 -3.00 -26.67 14.79
CA LEU F 102 -3.56 -28.00 15.01
C LEU F 102 -5.09 -27.97 15.01
N GLU F 103 -5.68 -26.90 15.54
CA GLU F 103 -7.14 -26.78 15.56
C GLU F 103 -7.70 -26.72 14.14
N THR F 104 -6.98 -26.04 13.23
CA THR F 104 -7.40 -26.02 11.84
C THR F 104 -7.13 -27.35 11.16
N ALA F 105 -6.04 -28.03 11.53
CA ALA F 105 -5.74 -29.34 10.96
C ALA F 105 -6.77 -30.38 11.40
N LEU F 106 -7.33 -30.23 12.60
CA LEU F 106 -8.38 -31.15 13.04
C LEU F 106 -9.65 -30.97 12.23
N LYS F 107 -9.88 -29.76 11.70
CA LYS F 107 -11.03 -29.52 10.85
C LYS F 107 -10.88 -30.12 9.46
N CYS F 108 -9.64 -30.31 8.99
CA CYS F 108 -9.40 -30.93 7.69
C CYS F 108 -9.59 -32.43 7.71
N LEU F 109 -9.47 -33.07 8.88
CA LEU F 109 -9.67 -34.50 8.98
C LEU F 109 -11.16 -34.83 9.08
N PRO F 110 -11.57 -36.00 8.60
CA PRO F 110 -12.96 -36.43 8.81
C PRO F 110 -13.24 -36.60 10.30
N GLN F 111 -14.53 -36.61 10.62
CA GLN F 111 -14.93 -36.77 12.02
C GLN F 111 -14.48 -38.12 12.56
N TYR F 112 -13.91 -38.11 13.76
CA TYR F 112 -13.33 -39.32 14.34
C TYR F 112 -14.41 -40.36 14.57
N ASP F 113 -14.14 -41.59 14.13
CA ASP F 113 -15.07 -42.70 14.31
C ASP F 113 -14.66 -43.49 15.54
N PRO F 114 -15.37 -43.40 16.66
CA PRO F 114 -14.96 -44.13 17.87
C PRO F 114 -15.09 -45.63 17.77
N SER F 115 -15.51 -46.18 16.62
CA SER F 115 -15.61 -47.62 16.47
C SER F 115 -14.27 -48.32 16.42
N ARG F 116 -13.17 -47.57 16.27
CA ARG F 116 -11.85 -48.17 16.24
C ARG F 116 -11.32 -48.41 17.66
N SER F 117 -11.27 -47.36 18.47
CA SER F 117 -10.80 -47.47 19.85
C SER F 117 -11.76 -48.30 20.68
N LEU F 118 -12.97 -47.80 20.90
CA LEU F 118 -13.98 -48.50 21.68
C LEU F 118 -14.78 -49.43 20.78
N HIS F 119 -15.18 -50.57 21.36
CA HIS F 119 -15.96 -51.60 20.67
C HIS F 119 -15.22 -52.08 19.41
N ALA F 120 -14.09 -52.71 19.66
CA ALA F 120 -13.29 -53.32 18.60
C ALA F 120 -13.73 -54.76 18.39
N ASP F 121 -14.04 -55.10 17.14
CA ASP F 121 -14.53 -56.44 16.84
C ASP F 121 -13.42 -57.47 17.07
N PRO F 122 -13.73 -58.61 17.70
CA PRO F 122 -12.70 -59.63 17.93
C PRO F 122 -12.02 -60.13 16.66
N VAL F 123 -12.73 -60.16 15.53
CA VAL F 123 -12.18 -60.58 14.26
C VAL F 123 -12.14 -59.36 13.34
N SER F 124 -10.95 -58.82 13.12
CA SER F 124 -10.77 -57.66 12.26
C SER F 124 -9.32 -57.62 11.80
N SER F 125 -8.99 -56.64 10.96
CA SER F 125 -7.66 -56.51 10.40
C SER F 125 -6.70 -55.93 11.44
N PHE F 126 -5.46 -55.71 11.03
CA PHE F 126 -4.43 -55.10 11.87
C PHE F 126 -4.27 -53.65 11.46
N ARG F 127 -4.57 -52.74 12.39
CA ARG F 127 -4.48 -51.31 12.13
C ARG F 127 -3.59 -50.66 13.19
N TYR F 128 -2.83 -49.64 12.77
CA TYR F 128 -2.04 -48.87 13.70
C TYR F 128 -2.94 -47.97 14.53
N TRP F 129 -2.42 -47.54 15.68
CA TRP F 129 -3.16 -46.65 16.57
C TRP F 129 -2.81 -45.21 16.23
N LYS F 130 -3.81 -44.43 15.82
CA LYS F 130 -3.61 -43.08 15.36
C LYS F 130 -3.46 -42.11 16.53
N ILE F 131 -3.08 -40.88 16.22
CA ILE F 131 -2.97 -39.84 17.24
C ILE F 131 -4.35 -39.53 17.82
N ARG F 132 -5.37 -39.51 16.98
CA ARG F 132 -6.73 -39.24 17.45
C ARG F 132 -7.27 -40.37 18.31
N ASP F 133 -6.75 -41.60 18.16
CA ASP F 133 -7.11 -42.67 19.07
C ASP F 133 -6.62 -42.36 20.49
N TYR F 134 -5.35 -41.94 20.61
CA TYR F 134 -4.83 -41.53 21.91
C TYR F 134 -5.60 -40.33 22.45
N ALA F 135 -5.80 -39.31 21.60
CA ALA F 135 -6.52 -38.12 22.02
C ALA F 135 -7.95 -38.44 22.43
N TYR F 136 -8.54 -39.49 21.87
CA TYR F 136 -9.90 -39.88 22.24
C TYR F 136 -9.93 -40.55 23.61
N ALA F 137 -9.02 -41.50 23.83
CA ALA F 137 -9.02 -42.24 25.09
C ALA F 137 -8.49 -41.40 26.24
N TYR F 138 -7.63 -40.43 25.96
CA TYR F 138 -7.14 -39.55 27.01
C TYR F 138 -8.26 -38.72 27.62
N ARG F 139 -9.11 -38.14 26.76
CA ARG F 139 -10.16 -37.25 27.23
C ARG F 139 -11.39 -38.02 27.72
N SER F 140 -11.68 -39.17 27.13
CA SER F 140 -12.78 -40.02 27.59
C SER F 140 -12.42 -40.83 28.82
N LYS F 141 -11.26 -40.58 29.42
CA LYS F 141 -10.79 -41.22 30.65
C LYS F 141 -10.64 -42.74 30.50
N LEU F 142 -10.56 -43.24 29.27
CA LEU F 142 -10.30 -44.66 29.07
C LEU F 142 -8.89 -45.04 29.53
N THR F 143 -7.95 -44.10 29.42
CA THR F 143 -6.60 -44.28 29.92
C THR F 143 -6.08 -42.92 30.34
N THR F 144 -4.77 -42.83 30.59
CA THR F 144 -4.14 -41.57 30.95
C THR F 144 -2.69 -41.60 30.51
N PRO F 145 -2.11 -40.47 30.11
CA PRO F 145 -0.71 -40.47 29.67
C PRO F 145 0.26 -40.99 30.70
N LEU F 146 -0.10 -40.99 31.99
CA LEU F 146 0.77 -41.58 33.00
C LEU F 146 0.80 -43.09 32.87
N GLN F 147 -0.35 -43.71 32.58
CA GLN F 147 -0.40 -45.14 32.35
C GLN F 147 0.32 -45.53 31.06
N VAL F 148 0.14 -44.72 30.00
CA VAL F 148 0.79 -45.01 28.73
C VAL F 148 2.31 -44.85 28.86
N ALA F 149 2.78 -43.97 29.74
CA ALA F 149 4.21 -43.80 29.95
C ALA F 149 4.78 -44.96 30.77
N LYS F 150 4.04 -45.42 31.78
CA LYS F 150 4.53 -46.53 32.59
C LYS F 150 4.65 -47.81 31.79
N ARG F 151 3.84 -47.96 30.73
CA ARG F 151 3.91 -49.16 29.89
C ARG F 151 5.09 -49.10 28.93
N ILE F 152 5.33 -47.95 28.31
CA ILE F 152 6.42 -47.83 27.34
C ILE F 152 7.78 -48.00 28.03
N ILE F 153 7.94 -47.37 29.19
CA ILE F 153 9.21 -47.49 29.93
C ILE F 153 9.47 -48.95 30.29
N SER F 154 8.42 -49.73 30.53
CA SER F 154 8.59 -51.13 30.86
C SER F 154 9.13 -51.93 29.68
N ILE F 155 8.60 -51.67 28.48
CA ILE F 155 9.06 -52.38 27.29
C ILE F 155 10.53 -52.09 27.02
N ILE F 156 10.92 -50.83 27.15
CA ILE F 156 12.31 -50.45 26.90
C ILE F 156 13.24 -51.06 27.95
N GLU F 157 12.84 -50.99 29.22
CA GLU F 157 13.68 -51.53 30.28
C GLU F 157 13.70 -53.06 30.28
N GLU F 158 12.73 -53.70 29.64
CA GLU F 158 12.69 -55.16 29.59
C GLU F 158 13.43 -55.71 28.38
N PHE F 159 13.26 -55.10 27.21
CA PHE F 159 13.88 -55.58 25.98
C PHE F 159 15.21 -54.90 25.69
N GLY F 160 15.62 -53.92 26.50
CA GLY F 160 16.89 -53.27 26.31
C GLY F 160 16.98 -52.42 25.05
N TYR F 161 16.13 -51.40 24.96
CA TYR F 161 16.12 -50.51 23.82
C TYR F 161 16.94 -49.24 24.05
N ASP F 162 17.44 -49.02 25.26
CA ASP F 162 18.42 -47.97 25.52
C ASP F 162 19.79 -48.55 25.85
N LYS F 163 19.98 -49.85 25.64
CA LYS F 163 21.23 -50.55 25.88
C LYS F 163 21.62 -51.33 24.64
N PRO F 164 22.93 -51.51 24.41
CA PRO F 164 23.38 -52.35 23.29
C PRO F 164 22.91 -53.78 23.44
N PRO F 165 23.01 -54.61 22.38
CA PRO F 165 23.58 -54.35 21.05
C PRO F 165 22.58 -53.82 20.01
N THR F 166 21.29 -53.97 20.28
CA THR F 166 20.23 -53.53 19.36
C THR F 166 19.29 -52.59 20.10
N PRO F 167 19.66 -51.32 20.24
CA PRO F 167 18.78 -50.37 20.93
C PRO F 167 17.98 -49.50 19.98
N PHE F 168 16.79 -49.08 20.41
CA PHE F 168 16.05 -48.06 19.69
C PHE F 168 16.57 -46.66 20.00
N LEU F 169 16.80 -46.39 21.29
CA LEU F 169 17.22 -45.07 21.76
C LEU F 169 18.62 -45.15 22.35
N ILE F 170 19.34 -44.03 22.27
CA ILE F 170 20.64 -43.88 22.90
C ILE F 170 20.62 -42.90 24.06
N ARG F 171 19.49 -42.22 24.30
CA ARG F 171 19.29 -41.38 25.47
C ARG F 171 17.88 -41.63 25.98
N PHE F 172 17.76 -42.12 27.21
CA PHE F 172 16.47 -42.45 27.79
C PHE F 172 16.46 -42.03 29.25
N ASP F 173 15.66 -41.03 29.58
CA ASP F 173 15.49 -40.54 30.95
C ASP F 173 14.09 -40.93 31.42
N ALA F 174 14.00 -42.06 32.13
CA ALA F 174 12.70 -42.51 32.62
C ALA F 174 12.16 -41.58 33.70
N ASN F 175 13.04 -40.93 34.45
CA ASN F 175 12.59 -39.98 35.46
C ASN F 175 12.13 -38.66 34.85
N GLU F 176 12.53 -38.36 33.63
CA GLU F 176 12.07 -37.17 32.91
C GLU F 176 10.83 -37.46 32.08
N VAL F 177 10.75 -38.66 31.49
CA VAL F 177 9.56 -39.02 30.70
C VAL F 177 8.34 -39.07 31.60
N ILE F 178 8.47 -39.64 32.79
CA ILE F 178 7.35 -39.69 33.74
C ILE F 178 7.00 -38.28 34.20
N LYS F 179 8.01 -37.43 34.38
CA LYS F 179 7.76 -36.04 34.79
C LYS F 179 6.87 -35.33 33.78
N GLN F 180 7.11 -35.53 32.49
CA GLN F 180 6.29 -34.90 31.46
C GLN F 180 4.90 -35.52 31.39
N ALA F 181 4.79 -36.82 31.65
CA ALA F 181 3.50 -37.49 31.61
C ALA F 181 2.63 -37.17 32.82
N GLU F 182 3.23 -36.73 33.93
CA GLU F 182 2.45 -36.39 35.11
C GLU F 182 1.90 -34.97 35.02
N ALA F 183 2.54 -34.10 34.25
CA ALA F 183 1.98 -32.76 34.04
C ALA F 183 0.85 -32.81 33.02
N SER F 184 0.97 -33.66 32.00
CA SER F 184 -0.12 -33.83 31.04
C SER F 184 -1.30 -34.55 31.67
N THR F 185 -1.05 -35.43 32.65
CA THR F 185 -2.15 -36.10 33.34
C THR F 185 -2.96 -35.11 34.17
N ARG F 186 -2.30 -34.15 34.81
CA ARG F 186 -3.01 -33.13 35.56
C ARG F 186 -3.85 -32.24 34.66
N ARG F 187 -3.45 -32.09 33.39
CA ARG F 187 -4.21 -31.26 32.48
C ARG F 187 -5.51 -31.95 32.04
N PHE F 188 -5.49 -33.27 31.91
CA PHE F 188 -6.72 -33.99 31.57
C PHE F 188 -7.65 -34.09 32.77
N GLU F 189 -7.11 -34.11 33.99
CA GLU F 189 -7.95 -34.17 35.18
C GLU F 189 -8.65 -32.85 35.45
N GLN F 190 -8.04 -31.73 35.05
CA GLN F 190 -8.66 -30.43 35.25
C GLN F 190 -9.69 -30.12 34.17
N GLY F 191 -9.53 -30.70 32.98
CA GLY F 191 -10.48 -30.51 31.90
C GLY F 191 -10.09 -29.40 30.93
N ASN F 192 -8.80 -29.30 30.62
CA ASN F 192 -8.29 -28.29 29.69
C ASN F 192 -6.98 -28.76 29.10
N PRO F 193 -7.04 -29.67 28.12
CA PRO F 193 -5.81 -30.09 27.44
C PRO F 193 -5.28 -28.99 26.54
N ILE F 194 -3.96 -29.01 26.33
CA ILE F 194 -3.32 -27.98 25.53
C ILE F 194 -3.79 -28.03 24.09
N SER F 195 -3.63 -29.19 23.45
CA SER F 195 -4.03 -29.36 22.06
C SER F 195 -4.29 -30.85 21.82
N VAL F 196 -4.36 -31.25 20.55
CA VAL F 196 -4.58 -32.66 20.22
C VAL F 196 -3.32 -33.47 20.46
N LEU F 197 -2.15 -32.85 20.37
CA LEU F 197 -0.88 -33.54 20.59
C LEU F 197 -0.49 -33.62 22.06
N ASP F 198 -1.37 -33.22 22.97
CA ASP F 198 -1.07 -33.29 24.39
C ASP F 198 -1.05 -34.74 24.84
N GLY F 199 0.07 -35.17 25.41
CA GLY F 199 0.21 -36.53 25.87
C GLY F 199 0.67 -37.53 24.84
N ILE F 200 1.05 -37.07 23.65
CA ILE F 200 1.51 -37.94 22.58
C ILE F 200 3.02 -38.05 22.62
N PHE F 201 3.54 -39.25 22.39
CA PHE F 201 4.97 -39.50 22.45
C PHE F 201 5.62 -39.31 21.09
N VAL F 202 6.77 -38.64 21.10
CA VAL F 202 7.53 -38.36 19.89
C VAL F 202 9.00 -38.63 20.19
N THR F 203 9.66 -39.37 19.29
CA THR F 203 11.06 -39.74 19.45
C THR F 203 11.92 -38.84 18.56
N ILE F 204 12.82 -38.09 19.18
CA ILE F 204 13.67 -37.13 18.47
C ILE F 204 14.93 -37.83 18.00
N LYS F 205 15.33 -37.56 16.76
CA LYS F 205 16.59 -38.08 16.25
C LYS F 205 17.76 -37.37 16.93
N ASP F 206 18.86 -38.11 17.10
CA ASP F 206 19.97 -37.61 17.92
C ASP F 206 20.74 -36.45 17.28
N ASP F 207 20.44 -36.09 16.03
CA ASP F 207 21.05 -34.92 15.43
C ASP F 207 20.26 -33.64 15.69
N ILE F 208 19.25 -33.70 16.54
CA ILE F 208 18.40 -32.56 16.87
C ILE F 208 18.51 -32.29 18.36
N ASP F 209 18.48 -31.01 18.73
CA ASP F 209 18.52 -30.64 20.15
C ASP F 209 17.18 -30.96 20.80
N CYS F 210 17.25 -31.54 22.00
CA CYS F 210 16.04 -31.87 22.74
C CYS F 210 16.41 -31.98 24.21
N LEU F 211 15.92 -31.04 25.03
CA LEU F 211 16.24 -31.04 26.45
C LEU F 211 15.50 -32.17 27.16
N PRO F 212 16.07 -32.71 28.25
CA PRO F 212 17.37 -32.32 28.82
C PRO F 212 18.54 -33.14 28.29
N HIS F 213 18.28 -33.97 27.28
CA HIS F 213 19.31 -34.85 26.75
C HIS F 213 20.31 -34.07 25.90
N PRO F 214 21.56 -34.52 25.84
CA PRO F 214 22.55 -33.90 24.95
C PRO F 214 22.31 -34.31 23.50
N THR F 215 23.15 -33.78 22.62
CA THR F 215 23.09 -34.07 21.19
C THR F 215 24.44 -34.61 20.75
N ASN F 216 24.50 -35.91 20.47
CA ASN F 216 25.73 -36.57 20.06
C ASN F 216 25.76 -36.91 18.57
N GLY F 217 24.61 -37.02 17.92
CA GLY F 217 24.58 -37.33 16.50
C GLY F 217 25.12 -38.71 16.15
N GLY F 218 24.87 -39.69 17.00
CA GLY F 218 25.42 -41.01 16.85
C GLY F 218 26.83 -41.19 17.38
N THR F 219 27.59 -40.11 17.48
CA THR F 219 28.95 -40.19 18.01
C THR F 219 28.90 -40.42 19.52
N THR F 220 30.08 -40.54 20.13
CA THR F 220 30.21 -40.71 21.56
C THR F 220 30.95 -39.55 22.22
N TRP F 221 31.25 -38.50 21.47
CA TRP F 221 32.07 -37.40 21.99
C TRP F 221 31.55 -36.02 21.65
N LEU F 222 30.46 -35.89 20.90
CA LEU F 222 30.00 -34.57 20.47
C LEU F 222 29.56 -33.71 21.65
N HIS F 223 29.12 -34.33 22.74
CA HIS F 223 28.74 -33.57 23.93
C HIS F 223 29.95 -32.95 24.64
N GLU F 224 31.15 -33.50 24.42
CA GLU F 224 32.35 -32.96 25.06
C GLU F 224 32.68 -31.56 24.61
N ASP F 225 32.09 -31.11 23.50
CA ASP F 225 32.41 -29.79 22.96
C ASP F 225 31.22 -29.10 22.31
N ARG F 226 30.06 -29.76 22.19
CA ARG F 226 28.88 -29.15 21.60
C ARG F 226 27.69 -29.38 22.53
N SER F 227 27.76 -28.82 23.74
CA SER F 227 26.69 -28.96 24.70
C SER F 227 25.46 -28.17 24.26
N VAL F 228 24.30 -28.60 24.75
CA VAL F 228 23.02 -28.00 24.40
C VAL F 228 22.39 -27.39 25.64
N GLU F 229 21.77 -26.22 25.48
CA GLU F 229 21.10 -25.55 26.58
C GLU F 229 19.73 -25.00 26.17
N LYS F 230 19.29 -25.27 24.93
CA LYS F 230 17.98 -24.82 24.47
C LYS F 230 17.37 -25.89 23.58
N ASP F 231 16.05 -26.06 23.69
CA ASP F 231 15.34 -26.95 22.79
C ASP F 231 15.38 -26.41 21.37
N SER F 232 15.40 -27.32 20.40
CA SER F 232 15.36 -26.93 19.01
C SER F 232 14.00 -26.31 18.68
N ALA F 233 13.92 -25.69 17.51
CA ALA F 233 12.67 -25.07 17.09
C ALA F 233 11.56 -26.10 16.93
N VAL F 234 11.91 -27.33 16.52
CA VAL F 234 10.90 -28.36 16.32
C VAL F 234 10.46 -28.98 17.65
N VAL F 235 11.32 -28.96 18.66
CA VAL F 235 10.96 -29.48 19.97
C VAL F 235 10.24 -28.42 20.81
N SER F 236 10.68 -27.16 20.72
CA SER F 236 10.00 -26.09 21.42
C SER F 236 8.55 -25.96 20.97
N LYS F 237 8.27 -26.22 19.69
CA LYS F 237 6.90 -26.19 19.21
C LYS F 237 6.10 -27.38 19.72
N LEU F 238 6.69 -28.59 19.64
CA LEU F 238 5.99 -29.78 20.10
C LEU F 238 5.72 -29.72 21.59
N ARG F 239 6.71 -29.28 22.37
CA ARG F 239 6.52 -29.19 23.82
C ARG F 239 5.48 -28.14 24.18
N SER F 240 5.35 -27.10 23.36
CA SER F 240 4.30 -26.11 23.59
C SER F 240 2.90 -26.66 23.34
N CYS F 241 2.79 -27.72 22.53
CA CYS F 241 1.52 -28.38 22.27
C CYS F 241 1.19 -29.44 23.32
N GLY F 242 2.00 -29.58 24.36
CA GLY F 242 1.77 -30.57 25.38
C GLY F 242 2.27 -31.95 25.08
N ALA F 243 3.04 -32.11 24.01
CA ALA F 243 3.55 -33.43 23.65
C ALA F 243 4.62 -33.89 24.64
N ILE F 244 4.81 -35.20 24.72
CA ILE F 244 5.79 -35.82 25.60
C ILE F 244 6.96 -36.28 24.73
N LEU F 245 8.14 -35.73 24.99
CA LEU F 245 9.35 -36.10 24.27
C LEU F 245 9.99 -37.29 24.96
N LEU F 246 10.19 -38.37 24.21
CA LEU F 246 10.71 -39.61 24.76
C LEU F 246 12.20 -39.54 25.01
N GLY F 247 13.00 -39.63 23.94
CA GLY F 247 14.43 -39.54 24.07
C GLY F 247 15.08 -39.23 22.74
N LYS F 248 16.36 -39.57 22.65
CA LYS F 248 17.13 -39.38 21.43
C LYS F 248 17.31 -40.72 20.72
N ALA F 249 16.92 -40.76 19.45
CA ALA F 249 16.89 -42.01 18.71
C ALA F 249 18.27 -42.37 18.19
N ASN F 250 18.51 -43.68 18.09
CA ASN F 250 19.71 -44.20 17.45
C ASN F 250 19.75 -43.77 15.98
N MET F 251 20.95 -43.64 15.44
CA MET F 251 21.11 -43.13 14.08
C MET F 251 22.48 -43.56 13.54
N HIS F 252 22.66 -43.35 12.25
CA HIS F 252 23.97 -43.52 11.63
C HIS F 252 24.86 -42.34 12.01
N GLU F 253 26.14 -42.62 12.25
CA GLU F 253 27.04 -41.62 12.82
C GLU F 253 27.12 -40.39 11.93
N LEU F 254 26.72 -39.24 12.49
CA LEU F 254 26.70 -37.96 11.80
C LEU F 254 25.90 -37.99 10.50
N GLY F 255 24.96 -38.93 10.38
CA GLY F 255 24.14 -39.07 9.20
C GLY F 255 24.84 -39.64 7.98
N MET F 256 26.17 -39.78 8.01
CA MET F 256 26.91 -40.27 6.85
C MET F 256 26.69 -41.76 6.64
N GLY F 257 25.48 -42.13 6.24
CA GLY F 257 25.12 -43.51 6.00
C GLY F 257 23.64 -43.66 5.75
N THR F 258 23.26 -44.66 4.94
CA THR F 258 21.86 -44.90 4.61
C THR F 258 21.44 -46.32 4.95
N THR F 259 22.12 -46.95 5.91
CA THR F 259 21.75 -48.29 6.38
C THR F 259 21.39 -48.34 7.85
N GLY F 260 21.87 -47.40 8.67
CA GLY F 260 21.63 -47.46 10.09
C GLY F 260 22.62 -48.29 10.87
N ASN F 261 23.84 -48.44 10.37
CA ASN F 261 24.89 -49.20 11.03
C ASN F 261 25.65 -48.26 11.96
N ASN F 262 25.49 -48.46 13.27
CA ASN F 262 26.15 -47.63 14.28
C ASN F 262 26.98 -48.55 15.18
N SER F 263 28.29 -48.57 14.97
CA SER F 263 29.20 -49.41 15.74
C SER F 263 29.59 -48.82 17.09
N ASN F 264 28.83 -47.84 17.57
CA ASN F 264 29.06 -47.23 18.87
C ASN F 264 28.00 -47.61 19.89
N TYR F 265 26.72 -47.41 19.56
CA TYR F 265 25.62 -47.78 20.43
C TYR F 265 24.93 -49.07 19.99
N GLY F 266 24.93 -49.38 18.70
CA GLY F 266 24.30 -50.59 18.20
C GLY F 266 23.46 -50.34 16.97
N THR F 267 23.35 -51.39 16.14
CA THR F 267 22.55 -51.31 14.91
C THR F 267 21.10 -51.60 15.23
N THR F 268 20.24 -50.60 15.05
CA THR F 268 18.82 -50.77 15.32
C THR F 268 18.20 -51.70 14.27
N ARG F 269 17.58 -52.78 14.73
CA ARG F 269 17.06 -53.82 13.85
C ARG F 269 15.67 -53.46 13.35
N ASN F 270 15.27 -54.12 12.25
CA ASN F 270 13.98 -53.87 11.62
C ASN F 270 12.88 -54.59 12.39
N PRO F 271 11.81 -53.89 12.77
CA PRO F 271 10.68 -54.59 13.41
C PRO F 271 10.04 -55.64 12.52
N HIS F 272 10.21 -55.57 11.20
CA HIS F 272 9.67 -56.59 10.31
C HIS F 272 10.58 -57.81 10.25
N ASP F 273 11.88 -57.64 10.45
CA ASP F 273 12.87 -58.70 10.39
C ASP F 273 14.12 -58.27 11.13
N PRO F 274 14.36 -58.79 12.33
CA PRO F 274 15.51 -58.31 13.14
C PRO F 274 16.86 -58.51 12.48
N LYS F 275 16.98 -59.44 11.52
CA LYS F 275 18.26 -59.65 10.86
C LYS F 275 18.54 -58.65 9.75
N ARG F 276 17.58 -57.77 9.44
CA ARG F 276 17.69 -56.85 8.32
C ARG F 276 17.83 -55.41 8.82
N TYR F 277 18.39 -54.57 7.96
CA TYR F 277 18.59 -53.16 8.30
C TYR F 277 17.28 -52.40 8.27
N THR F 278 17.24 -51.32 9.06
CA THR F 278 16.10 -50.40 9.03
C THR F 278 16.25 -49.36 7.93
N GLY F 279 17.47 -49.02 7.57
CA GLY F 279 17.72 -47.91 6.69
C GLY F 279 18.20 -46.69 7.46
N GLY F 280 18.99 -45.85 6.78
CA GLY F 280 19.59 -44.69 7.40
C GLY F 280 19.09 -43.39 6.80
N SER F 281 19.45 -42.29 7.46
CA SER F 281 20.26 -42.35 8.67
C SER F 281 19.39 -42.39 9.93
N SER F 282 18.10 -42.09 9.77
CA SER F 282 17.16 -42.13 10.88
C SER F 282 16.69 -43.57 11.11
N SER F 283 17.62 -44.39 11.62
CA SER F 283 17.32 -45.79 11.85
C SER F 283 16.45 -45.99 13.08
N GLY F 284 16.86 -45.42 14.21
CA GLY F 284 16.11 -45.61 15.44
C GLY F 284 14.80 -44.83 15.48
N SER F 285 14.74 -43.72 14.76
CA SER F 285 13.51 -42.93 14.74
C SER F 285 12.38 -43.66 14.00
N ALA F 286 12.72 -44.45 12.98
CA ALA F 286 11.72 -45.15 12.19
C ALA F 286 11.33 -46.49 12.79
N ALA F 287 12.24 -47.16 13.48
CA ALA F 287 11.92 -48.46 14.07
C ALA F 287 11.05 -48.33 15.31
N ILE F 288 11.20 -47.25 16.07
CA ILE F 288 10.36 -47.04 17.23
C ILE F 288 8.95 -46.63 16.83
N VAL F 289 8.78 -46.09 15.63
CA VAL F 289 7.44 -45.79 15.13
C VAL F 289 6.80 -47.04 14.52
N ALA F 290 7.58 -47.81 13.76
CA ALA F 290 7.03 -49.01 13.13
C ALA F 290 6.69 -50.09 14.16
N ALA F 291 7.44 -50.16 15.26
CA ALA F 291 7.15 -51.12 16.31
C ALA F 291 5.94 -50.71 17.15
N GLY F 292 5.50 -49.45 17.07
CA GLY F 292 4.32 -49.00 17.77
C GLY F 292 4.57 -48.36 19.12
N LEU F 293 5.83 -48.24 19.55
CA LEU F 293 6.11 -47.69 20.87
C LEU F 293 5.70 -46.22 20.98
N CYS F 294 5.79 -45.48 19.88
CA CYS F 294 5.43 -44.06 19.88
C CYS F 294 4.64 -43.75 18.62
N SER F 295 3.84 -42.68 18.70
CA SER F 295 2.93 -42.35 17.60
C SER F 295 3.66 -41.73 16.41
N ALA F 296 4.71 -40.95 16.67
CA ALA F 296 5.46 -40.30 15.61
C ALA F 296 6.90 -40.07 16.08
N ALA F 297 7.72 -39.55 15.18
CA ALA F 297 9.12 -39.30 15.47
C ALA F 297 9.65 -38.23 14.53
N LEU F 298 10.67 -37.50 14.98
CA LEU F 298 11.32 -36.48 14.18
C LEU F 298 12.69 -36.97 13.72
N GLY F 299 13.10 -36.50 12.55
CA GLY F 299 14.38 -36.85 11.99
C GLY F 299 14.74 -35.97 10.81
N THR F 300 16.02 -35.68 10.64
CA THR F 300 16.45 -34.84 9.54
C THR F 300 16.48 -35.66 8.24
N ASP F 301 16.63 -34.95 7.12
CA ASP F 301 16.64 -35.59 5.81
C ASP F 301 17.58 -34.80 4.90
N GLY F 302 18.80 -35.31 4.74
CA GLY F 302 19.76 -34.69 3.84
C GLY F 302 19.94 -35.49 2.57
N GLY F 303 19.83 -36.82 2.68
CA GLY F 303 19.94 -37.68 1.53
C GLY F 303 18.88 -38.77 1.53
N GLY F 304 17.78 -38.50 2.22
CA GLY F 304 16.69 -39.44 2.34
C GLY F 304 16.56 -40.14 3.69
N ALA F 305 17.06 -39.54 4.77
CA ALA F 305 17.03 -40.20 6.07
C ALA F 305 15.61 -40.37 6.61
N VAL F 306 14.64 -39.66 6.06
CA VAL F 306 13.25 -39.80 6.48
C VAL F 306 12.49 -40.75 5.57
N ARG F 307 12.80 -40.74 4.28
CA ARG F 307 12.06 -41.55 3.31
C ARG F 307 12.63 -42.96 3.16
N ILE F 308 13.96 -43.11 3.21
CA ILE F 308 14.56 -44.43 3.04
C ILE F 308 14.12 -45.41 4.13
N PRO F 309 14.26 -45.11 5.43
CA PRO F 309 13.83 -46.10 6.43
C PRO F 309 12.33 -46.25 6.52
N SER F 310 11.57 -45.21 6.19
CA SER F 310 10.12 -45.33 6.23
C SER F 310 9.60 -46.33 5.21
N ALA F 311 10.30 -46.47 4.07
CA ALA F 311 9.89 -47.44 3.07
C ALA F 311 10.26 -48.86 3.51
N LEU F 312 11.43 -49.03 4.11
CA LEU F 312 11.87 -50.35 4.55
C LEU F 312 11.11 -50.83 5.79
N CYS F 313 10.58 -49.91 6.59
CA CYS F 313 9.84 -50.27 7.80
C CYS F 313 8.33 -50.24 7.60
N GLY F 314 7.84 -49.61 6.54
CA GLY F 314 6.42 -49.55 6.28
C GLY F 314 5.69 -48.43 6.98
N ILE F 315 6.34 -47.30 7.21
CA ILE F 315 5.71 -46.13 7.80
C ILE F 315 5.79 -44.98 6.80
N THR F 316 5.11 -43.89 7.13
CA THR F 316 5.01 -42.72 6.26
C THR F 316 5.97 -41.65 6.75
N GLY F 317 6.93 -41.27 5.90
CA GLY F 317 7.85 -40.21 6.22
C GLY F 317 7.72 -39.03 5.28
N LEU F 318 7.50 -37.84 5.83
CA LEU F 318 7.25 -36.64 5.04
C LEU F 318 8.50 -35.78 5.02
N LYS F 319 9.13 -35.68 3.85
CA LYS F 319 10.25 -34.76 3.63
C LYS F 319 9.68 -33.44 3.14
N THR F 320 9.74 -32.41 3.98
CA THR F 320 9.14 -31.13 3.62
C THR F 320 10.09 -30.32 2.74
N THR F 321 9.55 -29.22 2.20
CA THR F 321 10.33 -28.34 1.35
C THR F 321 11.48 -27.70 2.13
N TYR F 322 12.54 -27.36 1.40
CA TYR F 322 13.69 -26.71 2.02
C TYR F 322 13.30 -25.36 2.59
N GLY F 323 13.49 -25.18 3.89
CA GLY F 323 13.16 -23.95 4.58
C GLY F 323 11.77 -23.91 5.16
N ARG F 324 10.91 -24.89 4.86
CA ARG F 324 9.55 -24.88 5.39
C ARG F 324 9.53 -25.04 6.90
N THR F 325 10.36 -25.93 7.42
CA THR F 325 10.43 -26.22 8.85
C THR F 325 11.74 -25.66 9.43
N ASP F 326 11.61 -24.84 10.47
CA ASP F 326 12.78 -24.24 11.09
C ASP F 326 13.69 -25.32 11.68
N MET F 327 14.98 -25.22 11.38
CA MET F 327 15.98 -26.19 11.83
C MET F 327 16.92 -25.61 12.88
N THR F 328 16.54 -24.50 13.51
CA THR F 328 17.41 -23.85 14.50
C THR F 328 17.63 -24.76 15.70
N GLY F 329 18.86 -25.25 15.85
CA GLY F 329 19.19 -26.10 16.97
C GLY F 329 19.36 -27.55 16.57
N SER F 330 20.12 -27.80 15.51
CA SER F 330 20.37 -29.15 15.03
C SER F 330 21.81 -29.25 14.54
N LEU F 331 22.23 -30.48 14.21
CA LEU F 331 23.57 -30.69 13.68
C LEU F 331 23.73 -30.16 12.26
N CYS F 332 22.68 -30.25 11.44
CA CYS F 332 22.77 -29.90 10.03
C CYS F 332 22.06 -28.58 9.71
N GLU F 333 22.05 -27.65 10.66
CA GLU F 333 21.51 -26.32 10.39
C GLU F 333 22.51 -25.51 9.58
N GLY F 334 22.01 -24.71 8.65
CA GLY F 334 22.83 -23.96 7.74
C GLY F 334 23.17 -24.68 6.45
N GLY F 335 22.81 -25.94 6.32
CA GLY F 335 23.06 -26.68 5.11
C GLY F 335 22.13 -26.26 3.98
N THR F 336 22.26 -26.97 2.86
CA THR F 336 21.50 -26.65 1.65
C THR F 336 20.66 -27.81 1.14
N VAL F 337 20.75 -28.99 1.75
CA VAL F 337 19.97 -30.14 1.32
C VAL F 337 19.22 -30.80 2.46
N GLU F 338 19.28 -30.26 3.68
CA GLU F 338 18.70 -30.89 4.85
C GLU F 338 17.40 -30.22 5.24
N ILE F 339 16.45 -31.03 5.70
CA ILE F 339 15.21 -30.58 6.30
C ILE F 339 14.99 -31.37 7.59
N ILE F 340 13.87 -31.09 8.26
CA ILE F 340 13.43 -31.85 9.41
C ILE F 340 12.01 -32.32 9.12
N GLY F 341 11.83 -33.62 8.93
CA GLY F 341 10.55 -34.18 8.56
C GLY F 341 10.09 -35.26 9.53
N PRO F 342 8.78 -35.36 9.73
CA PRO F 342 8.24 -36.32 10.69
C PRO F 342 7.95 -37.69 10.09
N LEU F 343 8.30 -38.73 10.85
CA LEU F 343 7.95 -40.10 10.52
C LEU F 343 6.81 -40.55 11.42
N ALA F 344 5.73 -41.03 10.82
CA ALA F 344 4.54 -41.40 11.56
C ALA F 344 4.03 -42.75 11.09
N SER F 345 3.11 -43.31 11.88
CA SER F 345 2.52 -44.61 11.57
C SER F 345 1.51 -44.56 10.43
N SER F 346 0.99 -43.37 10.11
CA SER F 346 0.03 -43.22 9.04
C SER F 346 0.14 -41.81 8.47
N LEU F 347 -0.71 -41.50 7.49
CA LEU F 347 -0.71 -40.17 6.90
C LEU F 347 -1.40 -39.15 7.79
N GLU F 348 -2.45 -39.57 8.51
CA GLU F 348 -3.15 -38.64 9.39
C GLU F 348 -2.25 -38.17 10.52
N ASP F 349 -1.37 -39.04 11.01
CA ASP F 349 -0.48 -38.67 12.10
C ASP F 349 0.66 -37.78 11.62
N ALA F 350 1.21 -38.06 10.44
CA ALA F 350 2.29 -37.23 9.92
C ALA F 350 1.79 -35.84 9.56
N PHE F 351 0.52 -35.70 9.17
CA PHE F 351 -0.04 -34.39 8.89
C PHE F 351 -0.28 -33.60 10.17
N LEU F 352 -0.65 -34.27 11.25
CA LEU F 352 -0.83 -33.58 12.53
C LEU F 352 0.50 -33.10 13.10
N VAL F 353 1.55 -33.89 12.94
CA VAL F 353 2.86 -33.50 13.45
C VAL F 353 3.46 -32.41 12.57
N TYR F 354 3.22 -32.48 11.25
CA TYR F 354 3.73 -31.46 10.35
C TYR F 354 3.11 -30.10 10.65
N ALA F 355 1.84 -30.09 11.03
CA ALA F 355 1.16 -28.83 11.34
C ALA F 355 1.70 -28.17 12.61
N ALA F 356 2.44 -28.91 13.43
CA ALA F 356 2.97 -28.37 14.67
C ALA F 356 4.44 -27.97 14.58
N ILE F 357 5.20 -28.60 13.69
CA ILE F 357 6.63 -28.31 13.57
C ILE F 357 6.95 -27.36 12.41
N LEU F 358 6.00 -27.12 11.50
CA LEU F 358 6.27 -26.22 10.39
C LEU F 358 6.44 -24.79 10.88
N GLY F 359 6.88 -23.92 9.97
CA GLY F 359 7.13 -22.54 10.31
C GLY F 359 8.56 -22.14 9.98
N SER F 360 8.72 -21.38 8.89
CA SER F 360 10.06 -21.01 8.45
C SER F 360 10.71 -20.03 9.43
N SER F 361 12.02 -20.16 9.56
CA SER F 361 12.79 -19.26 10.40
C SER F 361 12.79 -17.86 9.79
N SER F 362 13.14 -16.87 10.63
CA SER F 362 13.16 -15.49 10.17
C SER F 362 14.20 -15.27 9.07
N ALA F 363 15.30 -16.05 9.10
CA ALA F 363 16.31 -15.92 8.06
C ALA F 363 15.82 -16.50 6.75
N ASP F 364 15.22 -17.69 6.78
CA ASP F 364 14.69 -18.30 5.57
C ASP F 364 13.41 -17.63 5.10
N ARG F 365 12.69 -16.94 5.98
CA ARG F 365 11.46 -16.27 5.59
C ARG F 365 11.74 -15.16 4.58
N TYR F 366 12.79 -14.38 4.81
CA TYR F 366 13.11 -13.27 3.93
C TYR F 366 13.81 -13.75 2.66
N ASN F 367 14.71 -14.74 2.78
CA ASN F 367 15.48 -15.18 1.64
C ASN F 367 14.69 -16.11 0.73
N LEU F 368 14.21 -17.23 1.27
CA LEU F 368 13.48 -18.19 0.46
C LEU F 368 12.08 -17.71 0.09
N LYS F 369 11.50 -16.80 0.87
CA LYS F 369 10.18 -16.23 0.65
C LYS F 369 9.14 -17.33 0.41
N PRO F 370 8.83 -18.14 1.42
CA PRO F 370 7.83 -19.21 1.21
C PRO F 370 6.42 -18.66 1.28
N SER F 371 5.57 -19.18 0.41
CA SER F 371 4.15 -18.88 0.48
C SER F 371 3.57 -19.44 1.78
N PRO F 372 2.48 -18.87 2.29
CA PRO F 372 1.89 -19.38 3.52
C PRO F 372 1.54 -20.84 3.37
N PRO F 373 1.66 -21.63 4.45
CA PRO F 373 1.39 -23.07 4.36
C PRO F 373 -0.06 -23.35 3.98
N CYS F 374 -0.30 -24.63 3.67
CA CYS F 374 -1.62 -25.07 3.24
C CYS F 374 -1.89 -26.46 3.80
N PHE F 375 -3.07 -26.64 4.37
CA PHE F 375 -3.49 -27.95 4.87
C PHE F 375 -4.45 -28.59 3.87
N PRO F 376 -4.20 -29.83 3.45
CA PRO F 376 -5.11 -30.47 2.49
C PRO F 376 -6.45 -30.80 3.14
N LYS F 377 -7.51 -30.69 2.34
CA LYS F 377 -8.86 -31.00 2.81
C LYS F 377 -9.06 -32.52 2.70
N LEU F 378 -8.68 -33.22 3.77
CA LEU F 378 -8.79 -34.68 3.81
C LEU F 378 -10.24 -35.15 3.93
N LEU F 379 -11.19 -34.23 4.09
CA LEU F 379 -12.61 -34.57 4.01
C LEU F 379 -12.94 -34.89 2.56
N SER F 380 -13.03 -36.19 2.24
CA SER F 380 -13.24 -36.61 0.86
C SER F 380 -14.58 -36.13 0.33
N HIS F 381 -15.66 -36.52 0.99
CA HIS F 381 -16.99 -36.05 0.62
C HIS F 381 -17.05 -34.53 0.78
N ASN F 382 -17.76 -33.86 -0.13
CA ASN F 382 -18.61 -34.49 -1.14
C ASN F 382 -17.92 -34.74 -2.49
N GLY F 383 -17.32 -33.70 -3.04
CA GLY F 383 -16.77 -33.76 -4.38
C GLY F 383 -15.63 -34.74 -4.57
N SER F 384 -14.48 -34.45 -3.93
CA SER F 384 -13.26 -35.25 -4.07
C SER F 384 -12.76 -35.27 -5.51
N ASN F 385 -13.12 -34.24 -6.29
CA ASN F 385 -12.65 -34.14 -7.67
C ASN F 385 -11.26 -33.50 -7.77
N ALA F 386 -10.67 -33.08 -6.66
CA ALA F 386 -9.37 -32.42 -6.71
C ALA F 386 -8.25 -33.44 -6.92
N ILE F 387 -8.40 -34.65 -6.38
CA ILE F 387 -7.35 -35.66 -6.52
C ILE F 387 -7.26 -36.12 -7.97
N GLY F 388 -8.41 -36.33 -8.62
CA GLY F 388 -8.41 -36.80 -10.00
C GLY F 388 -7.85 -35.82 -11.00
N SER F 389 -7.77 -34.54 -10.63
CA SER F 389 -7.21 -33.51 -11.52
C SER F 389 -5.69 -33.43 -11.45
N LEU F 390 -5.04 -34.34 -10.72
CA LEU F 390 -3.59 -34.33 -10.60
C LEU F 390 -2.96 -35.19 -11.69
N ARG F 391 -1.88 -34.67 -12.26
CA ARG F 391 -1.15 -35.36 -13.33
C ARG F 391 0.11 -35.97 -12.74
N LEU F 392 0.25 -37.29 -12.86
CA LEU F 392 1.37 -38.01 -12.28
C LEU F 392 2.47 -38.20 -13.32
N GLY F 393 3.70 -37.88 -12.94
CA GLY F 393 4.85 -38.01 -13.82
C GLY F 393 5.67 -39.24 -13.45
N LYS F 394 5.94 -40.06 -14.46
CA LYS F 394 6.63 -41.34 -14.26
C LYS F 394 7.72 -41.49 -15.31
N TYR F 395 8.96 -41.58 -14.85
CA TYR F 395 10.11 -41.92 -15.71
C TYR F 395 10.19 -43.44 -15.72
N THR F 396 9.75 -44.06 -16.82
CA THR F 396 9.62 -45.51 -16.87
C THR F 396 10.97 -46.21 -16.68
N LYS F 397 12.01 -45.71 -17.35
CA LYS F 397 13.34 -46.29 -17.18
C LYS F 397 13.83 -46.13 -15.75
N TRP F 398 13.53 -44.99 -15.12
CA TRP F 398 13.92 -44.78 -13.74
C TRP F 398 13.04 -45.59 -12.78
N PHE F 399 11.75 -45.72 -13.11
CA PHE F 399 10.81 -46.37 -12.21
C PHE F 399 11.13 -47.85 -12.04
N ASN F 400 11.68 -48.50 -13.06
CA ASN F 400 11.89 -49.94 -13.06
C ASN F 400 13.34 -50.34 -12.77
N ASP F 401 14.25 -49.37 -12.64
CA ASP F 401 15.63 -49.68 -12.31
C ASP F 401 15.73 -50.11 -10.85
N VAL F 402 15.24 -51.31 -10.53
CA VAL F 402 15.23 -51.81 -9.17
C VAL F 402 15.77 -53.23 -9.17
N SER F 403 16.42 -53.59 -8.06
CA SER F 403 16.92 -54.96 -7.89
C SER F 403 15.77 -55.92 -7.66
N SER F 404 14.95 -55.66 -6.65
CA SER F 404 13.77 -56.49 -6.39
C SER F 404 12.68 -56.13 -7.40
N SER F 405 12.31 -57.11 -8.24
CA SER F 405 11.31 -56.88 -9.29
C SER F 405 9.90 -56.68 -8.73
N ASP F 406 9.71 -56.75 -7.42
CA ASP F 406 8.41 -56.53 -6.82
C ASP F 406 8.15 -55.06 -6.49
N ILE F 407 9.20 -54.28 -6.29
CA ILE F 407 9.03 -52.86 -5.99
C ILE F 407 8.45 -52.13 -7.19
N SER F 408 9.00 -52.37 -8.39
CA SER F 408 8.44 -51.80 -9.60
C SER F 408 7.09 -52.39 -9.96
N ASP F 409 6.75 -53.56 -9.39
CA ASP F 409 5.46 -54.18 -9.64
C ASP F 409 4.39 -53.60 -8.73
N LYS F 410 4.59 -53.69 -7.41
CA LYS F 410 3.60 -53.27 -6.45
C LYS F 410 3.41 -51.76 -6.39
N CYS F 411 4.33 -50.99 -6.97
CA CYS F 411 4.15 -49.54 -7.05
C CYS F 411 3.36 -49.15 -8.30
N GLU F 412 3.59 -49.85 -9.42
CA GLU F 412 2.79 -49.60 -10.62
C GLU F 412 1.34 -50.06 -10.44
N ASP F 413 1.09 -50.99 -9.52
CA ASP F 413 -0.29 -51.36 -9.22
C ASP F 413 -1.05 -50.22 -8.54
N ILE F 414 -0.34 -49.35 -7.83
CA ILE F 414 -0.99 -48.21 -7.22
C ILE F 414 -1.22 -47.09 -8.24
N LEU F 415 -0.34 -46.99 -9.23
CA LEU F 415 -0.56 -46.03 -10.31
C LEU F 415 -1.78 -46.41 -11.14
N LYS F 416 -2.08 -47.70 -11.26
CA LYS F 416 -3.31 -48.12 -11.92
C LYS F 416 -4.51 -47.89 -11.02
N LEU F 417 -4.37 -48.14 -9.72
CA LEU F 417 -5.48 -47.90 -8.80
C LEU F 417 -5.74 -46.41 -8.62
N LEU F 418 -4.71 -45.57 -8.69
CA LEU F 418 -4.92 -44.13 -8.66
C LEU F 418 -5.60 -43.65 -9.93
N SER F 419 -5.25 -44.25 -11.08
CA SER F 419 -5.86 -43.86 -12.34
C SER F 419 -7.27 -44.39 -12.48
N ASN F 420 -7.59 -45.52 -11.84
CA ASN F 420 -8.90 -46.13 -11.97
C ASN F 420 -9.91 -45.51 -10.99
N ASN F 421 -9.59 -45.53 -9.69
CA ASN F 421 -10.53 -45.10 -8.66
C ASN F 421 -10.63 -43.59 -8.53
N HIS F 422 -9.83 -42.82 -9.27
CA HIS F 422 -9.90 -41.36 -9.17
C HIS F 422 -9.81 -40.65 -10.52
N GLY F 423 -9.19 -41.24 -11.54
CA GLY F 423 -9.07 -40.59 -12.83
C GLY F 423 -7.77 -39.84 -13.05
N CYS F 424 -6.78 -40.02 -12.17
CA CYS F 424 -5.49 -39.38 -12.36
C CYS F 424 -4.81 -39.94 -13.61
N LYS F 425 -4.01 -39.10 -14.26
CA LYS F 425 -3.33 -39.46 -15.48
C LYS F 425 -1.84 -39.66 -15.22
N VAL F 426 -1.28 -40.70 -15.80
CA VAL F 426 0.16 -40.98 -15.73
C VAL F 426 0.82 -40.38 -16.96
N VAL F 427 1.73 -39.43 -16.74
CA VAL F 427 2.42 -38.72 -17.81
C VAL F 427 3.87 -39.19 -17.84
N GLU F 428 4.34 -39.52 -19.04
CA GLU F 428 5.72 -39.98 -19.23
C GLU F 428 6.65 -38.79 -19.18
N ILE F 429 7.50 -38.73 -18.15
CA ILE F 429 8.47 -37.67 -17.98
C ILE F 429 9.88 -38.27 -18.06
N VAL F 430 10.86 -37.38 -18.17
CA VAL F 430 12.26 -37.77 -18.26
C VAL F 430 13.08 -36.83 -17.37
N VAL F 431 14.01 -37.41 -16.62
CA VAL F 431 14.86 -36.67 -15.71
C VAL F 431 16.31 -36.84 -16.18
N PRO F 432 16.82 -35.90 -16.96
CA PRO F 432 18.18 -36.02 -17.48
C PRO F 432 19.23 -35.74 -16.41
N GLU F 433 20.44 -36.25 -16.68
CA GLU F 433 21.62 -36.00 -15.86
C GLU F 433 21.41 -36.49 -14.42
N LEU F 434 21.17 -37.79 -14.30
CA LEU F 434 21.03 -38.40 -12.99
C LEU F 434 22.38 -38.65 -12.33
N GLU F 435 23.42 -38.93 -13.13
CA GLU F 435 24.75 -39.06 -12.56
C GLU F 435 25.29 -37.72 -12.08
N GLU F 436 24.90 -36.62 -12.73
CA GLU F 436 25.30 -35.30 -12.25
C GLU F 436 24.64 -34.96 -10.92
N MET F 437 23.46 -35.52 -10.66
CA MET F 437 22.77 -35.21 -9.41
C MET F 437 23.42 -35.89 -8.21
N ARG F 438 23.96 -37.10 -8.41
CA ARG F 438 24.64 -37.78 -7.32
C ARG F 438 25.93 -37.06 -6.94
N ALA F 439 26.75 -36.69 -7.93
CA ALA F 439 28.00 -36.03 -7.66
C ALA F 439 27.79 -34.66 -7.04
N ALA F 440 26.80 -33.91 -7.53
CA ALA F 440 26.54 -32.58 -7.00
C ALA F 440 25.97 -32.64 -5.59
N HIS F 441 25.27 -33.73 -5.24
CA HIS F 441 24.65 -33.83 -3.94
C HIS F 441 25.66 -34.22 -2.86
N VAL F 442 26.50 -35.21 -3.15
CA VAL F 442 27.41 -35.75 -2.14
C VAL F 442 28.38 -34.67 -1.65
N ILE F 443 28.74 -33.73 -2.51
CA ILE F 443 29.61 -32.64 -2.08
C ILE F 443 28.80 -31.52 -1.43
N SER F 444 27.56 -31.31 -1.86
CA SER F 444 26.71 -30.30 -1.26
C SER F 444 26.27 -30.70 0.15
N ILE F 445 26.36 -31.98 0.49
CA ILE F 445 25.99 -32.44 1.83
C ILE F 445 27.21 -32.84 2.66
N GLY F 446 28.27 -33.38 2.04
CA GLY F 446 29.46 -33.73 2.78
C GLY F 446 30.34 -32.57 3.16
N SER F 447 30.26 -31.45 2.42
CA SER F 447 31.06 -30.28 2.77
C SER F 447 30.59 -29.61 4.05
N PRO F 448 29.30 -29.31 4.24
CA PRO F 448 28.88 -28.72 5.53
C PRO F 448 29.10 -29.64 6.71
N THR F 449 28.96 -30.97 6.52
CA THR F 449 29.23 -31.89 7.61
C THR F 449 30.72 -31.93 7.95
N LEU F 450 31.57 -31.65 6.98
CA LEU F 450 33.02 -31.59 7.21
C LEU F 450 33.50 -30.19 7.58
N SER F 451 32.65 -29.18 7.47
CA SER F 451 33.02 -27.82 7.86
C SER F 451 32.74 -27.54 9.32
N SER F 452 31.66 -28.10 9.86
CA SER F 452 31.32 -27.89 11.27
C SER F 452 32.06 -28.85 12.20
N LEU F 453 32.59 -29.96 11.67
CA LEU F 453 33.30 -30.94 12.47
C LEU F 453 34.81 -30.85 12.30
N THR F 454 35.31 -29.94 11.45
CA THR F 454 36.76 -29.85 11.25
C THR F 454 37.49 -29.33 12.48
N PRO F 455 37.08 -28.24 13.12
CA PRO F 455 37.80 -27.79 14.33
C PRO F 455 37.82 -28.83 15.44
N TYR F 456 36.92 -29.81 15.40
CA TYR F 456 36.89 -30.87 16.40
C TYR F 456 37.73 -32.07 16.02
N CYS F 457 37.81 -32.40 14.73
CA CYS F 457 38.68 -33.48 14.29
C CYS F 457 40.15 -33.05 14.24
N GLU F 458 40.41 -31.77 13.98
CA GLU F 458 41.77 -31.27 14.03
C GLU F 458 42.31 -31.23 15.45
N ALA F 459 41.43 -31.25 16.45
CA ALA F 459 41.84 -31.30 17.85
C ALA F 459 42.21 -32.72 18.30
N GLY F 460 42.17 -33.69 17.39
CA GLY F 460 42.56 -35.05 17.71
C GLY F 460 41.41 -36.03 17.88
N LYS F 461 40.18 -35.63 17.57
CA LYS F 461 39.01 -36.49 17.74
C LYS F 461 38.57 -37.13 16.44
N ASN F 462 39.38 -37.06 15.39
CA ASN F 462 39.03 -37.72 14.13
C ASN F 462 39.04 -39.24 14.26
N SER F 463 39.93 -39.77 15.11
CA SER F 463 39.99 -41.21 15.32
C SER F 463 38.83 -41.71 16.19
N LYS F 464 38.14 -40.82 16.89
CA LYS F 464 36.98 -41.20 17.70
C LYS F 464 35.74 -41.46 16.87
N LEU F 465 35.80 -41.26 15.56
CA LEU F 465 34.68 -41.56 14.66
C LEU F 465 34.78 -42.98 14.13
N SER F 466 33.64 -43.52 13.74
CA SER F 466 33.61 -44.87 13.20
C SER F 466 34.31 -44.90 11.84
N TYR F 467 34.68 -46.11 11.41
CA TYR F 467 35.39 -46.28 10.15
C TYR F 467 34.52 -45.96 8.94
N ASP F 468 33.20 -46.01 9.08
CA ASP F 468 32.33 -45.60 7.98
C ASP F 468 32.35 -44.08 7.82
N THR F 469 32.36 -43.34 8.94
CA THR F 469 32.44 -41.89 8.86
C THR F 469 33.82 -41.44 8.37
N ARG F 470 34.88 -42.09 8.84
CA ARG F 470 36.22 -41.72 8.40
C ARG F 470 36.43 -42.03 6.93
N THR F 471 35.74 -43.04 6.39
CA THR F 471 35.84 -43.33 4.96
C THR F 471 35.19 -42.22 4.15
N SER F 472 34.00 -41.78 4.55
CA SER F 472 33.35 -40.67 3.85
C SER F 472 34.08 -39.36 4.09
N PHE F 473 34.61 -39.16 5.30
CA PHE F 473 35.36 -37.94 5.59
C PHE F 473 36.66 -37.88 4.80
N ALA F 474 37.29 -39.04 4.55
CA ALA F 474 38.48 -39.06 3.71
C ALA F 474 38.17 -38.63 2.28
N ILE F 475 36.99 -38.97 1.78
CA ILE F 475 36.60 -38.55 0.44
C ILE F 475 36.17 -37.08 0.44
N PHE F 476 35.42 -36.66 1.48
CA PHE F 476 34.95 -35.28 1.55
C PHE F 476 36.10 -34.29 1.68
N ARG F 477 37.25 -34.72 2.22
CA ARG F 477 38.40 -33.83 2.30
C ARG F 477 38.99 -33.55 0.93
N SER F 478 38.89 -34.51 0.01
CA SER F 478 39.45 -34.35 -1.33
C SER F 478 38.63 -33.43 -2.22
N PHE F 479 37.42 -33.06 -1.80
CA PHE F 479 36.60 -32.12 -2.57
C PHE F 479 37.17 -30.71 -2.39
N SER F 480 37.60 -30.11 -3.49
CA SER F 480 38.17 -28.77 -3.45
C SER F 480 37.06 -27.72 -3.54
N ALA F 481 37.44 -26.46 -3.29
CA ALA F 481 36.46 -25.38 -3.34
C ALA F 481 35.98 -25.14 -4.77
N SER F 482 36.82 -25.41 -5.77
CA SER F 482 36.36 -25.29 -7.14
C SER F 482 35.41 -26.43 -7.52
N ASP F 483 35.57 -27.60 -6.89
CA ASP F 483 34.62 -28.68 -7.11
C ASP F 483 33.26 -28.36 -6.52
N TYR F 484 33.21 -27.49 -5.50
CA TYR F 484 31.94 -27.10 -4.91
C TYR F 484 31.21 -26.10 -5.80
N ILE F 485 31.95 -25.20 -6.46
CA ILE F 485 31.32 -24.23 -7.34
C ILE F 485 30.71 -24.93 -8.56
N ALA F 486 31.48 -25.83 -9.17
CA ALA F 486 30.98 -26.55 -10.33
C ALA F 486 29.77 -27.41 -10.00
N ALA F 487 29.69 -27.91 -8.77
CA ALA F 487 28.55 -28.71 -8.35
C ALA F 487 27.30 -27.85 -8.18
N GLN F 488 27.46 -26.61 -7.73
CA GLN F 488 26.31 -25.71 -7.64
C GLN F 488 25.88 -25.22 -9.01
N CYS F 489 26.79 -25.17 -9.97
CA CYS F 489 26.39 -24.97 -11.36
C CYS F 489 25.51 -26.12 -11.84
N LEU F 490 25.75 -27.33 -11.33
CA LEU F 490 24.91 -28.47 -11.66
C LEU F 490 23.57 -28.43 -10.94
N ARG F 491 23.47 -27.67 -9.84
CA ARG F 491 22.19 -27.57 -9.15
C ARG F 491 21.20 -26.71 -9.95
N ARG F 492 21.70 -25.72 -10.69
CA ARG F 492 20.81 -24.90 -11.50
C ARG F 492 20.28 -25.68 -12.70
N ARG F 493 21.15 -26.47 -13.34
CA ARG F 493 20.71 -27.29 -14.47
C ARG F 493 19.57 -28.22 -14.06
N LEU F 494 19.80 -29.01 -13.00
CA LEU F 494 18.76 -29.92 -12.52
C LEU F 494 17.56 -29.18 -11.95
N MET F 495 17.74 -27.93 -11.49
CA MET F 495 16.60 -27.13 -11.10
C MET F 495 15.79 -26.69 -12.31
N GLU F 496 16.48 -26.40 -13.42
CA GLU F 496 15.77 -26.03 -14.64
C GLU F 496 15.06 -27.23 -15.28
N TYR F 497 15.63 -28.43 -15.14
CA TYR F 497 14.98 -29.62 -15.68
C TYR F 497 13.70 -29.91 -14.93
N HIS F 498 13.75 -29.88 -13.59
CA HIS F 498 12.59 -30.27 -12.80
C HIS F 498 11.50 -29.20 -12.78
N LEU F 499 11.89 -27.93 -12.76
CA LEU F 499 10.89 -26.87 -12.80
C LEU F 499 10.16 -26.85 -14.15
N ASN F 500 10.83 -27.24 -15.22
CA ASN F 500 10.14 -27.42 -16.50
C ASN F 500 9.27 -28.66 -16.49
N ILE F 501 9.65 -29.69 -15.73
CA ILE F 501 8.79 -30.86 -15.58
C ILE F 501 7.52 -30.48 -14.83
N PHE F 502 7.64 -29.62 -13.82
CA PHE F 502 6.49 -29.20 -13.01
C PHE F 502 5.55 -28.25 -13.74
N LYS F 503 5.76 -28.04 -15.04
CA LYS F 503 4.78 -27.36 -15.87
C LYS F 503 3.82 -28.32 -16.56
N ASP F 504 4.19 -29.60 -16.64
CA ASP F 504 3.34 -30.64 -17.24
C ASP F 504 2.66 -31.51 -16.20
N VAL F 505 3.36 -31.88 -15.12
CA VAL F 505 2.83 -32.76 -14.09
C VAL F 505 2.80 -32.00 -12.77
N ASP F 506 1.98 -32.52 -11.85
CA ASP F 506 1.85 -31.92 -10.53
C ASP F 506 2.76 -32.57 -9.49
N VAL F 507 2.97 -33.89 -9.61
CA VAL F 507 3.85 -34.64 -8.73
C VAL F 507 4.65 -35.63 -9.56
N ILE F 508 5.79 -36.03 -9.02
CA ILE F 508 6.65 -37.05 -9.62
C ILE F 508 6.61 -38.28 -8.72
N VAL F 509 6.08 -39.39 -9.25
CA VAL F 509 5.90 -40.61 -8.48
C VAL F 509 7.01 -41.59 -8.85
N THR F 510 7.67 -42.13 -7.84
CA THR F 510 8.74 -43.11 -7.99
C THR F 510 8.77 -43.97 -6.73
N PRO F 511 9.32 -45.17 -6.82
CA PRO F 511 9.56 -45.95 -5.59
C PRO F 511 10.60 -45.24 -4.72
N THR F 512 10.42 -45.33 -3.41
CA THR F 512 11.32 -44.61 -2.50
C THR F 512 12.72 -45.21 -2.53
N THR F 513 12.85 -46.53 -2.60
CA THR F 513 14.13 -47.20 -2.67
C THR F 513 14.13 -48.20 -3.80
N GLY F 514 15.33 -48.61 -4.21
CA GLY F 514 15.48 -49.56 -5.29
C GLY F 514 15.53 -51.00 -4.79
N MET F 515 15.75 -51.16 -3.49
CA MET F 515 15.78 -52.47 -2.87
C MET F 515 14.99 -52.44 -1.58
N THR F 516 14.53 -53.61 -1.14
CA THR F 516 13.86 -53.73 0.14
C THR F 516 14.91 -53.79 1.24
N ALA F 517 14.47 -54.04 2.48
CA ALA F 517 15.35 -54.07 3.65
C ALA F 517 16.46 -55.10 3.46
N PRO F 518 17.71 -54.66 3.33
CA PRO F 518 18.81 -55.61 3.11
C PRO F 518 19.23 -56.30 4.39
N VAL F 519 19.78 -57.50 4.23
CA VAL F 519 20.21 -58.31 5.36
C VAL F 519 21.51 -57.75 5.92
N ILE F 520 21.60 -57.72 7.25
CA ILE F 520 22.79 -57.21 7.93
C ILE F 520 23.88 -58.28 7.87
N PRO F 521 25.03 -57.99 7.26
CA PRO F 521 26.14 -58.95 7.27
C PRO F 521 26.70 -59.08 8.68
N PRO F 522 26.90 -60.31 9.16
CA PRO F 522 27.42 -60.48 10.53
C PRO F 522 28.79 -59.86 10.73
N ASP F 523 29.58 -59.70 9.68
CA ASP F 523 30.88 -59.06 9.81
C ASP F 523 30.78 -57.54 9.90
N ALA F 524 29.65 -56.97 9.48
CA ALA F 524 29.44 -55.53 9.57
C ALA F 524 29.07 -55.08 10.98
N LEU F 525 28.73 -56.00 11.87
CA LEU F 525 28.35 -55.67 13.24
C LEU F 525 29.55 -55.43 14.14
N LYS F 526 30.74 -55.22 13.56
CA LYS F 526 31.93 -54.96 14.37
C LYS F 526 32.31 -53.50 14.31
N ASN F 527 33.05 -53.10 13.27
CA ASN F 527 33.46 -51.71 13.08
C ASN F 527 32.82 -51.08 11.86
N GLY F 528 31.73 -51.65 11.36
CA GLY F 528 31.04 -51.11 10.22
C GLY F 528 31.41 -51.83 8.93
N GLU F 529 31.01 -51.20 7.83
CA GLU F 529 31.26 -51.75 6.50
C GLU F 529 31.41 -50.59 5.52
N THR F 530 31.44 -50.91 4.23
CA THR F 530 31.58 -49.89 3.19
C THR F 530 30.97 -50.38 1.88
N ASN F 531 29.84 -51.07 1.96
CA ASN F 531 29.17 -51.60 0.78
C ASN F 531 28.46 -50.45 0.06
N ILE F 532 29.03 -50.04 -1.08
CA ILE F 532 28.46 -48.91 -1.81
C ILE F 532 27.26 -49.35 -2.64
N GLN F 533 27.32 -50.53 -3.25
CA GLN F 533 26.22 -50.99 -4.10
C GLN F 533 24.91 -51.14 -3.33
N VAL F 534 24.96 -51.32 -2.02
CA VAL F 534 23.74 -51.32 -1.22
C VAL F 534 23.24 -49.89 -1.01
N THR F 535 24.15 -48.97 -0.65
CA THR F 535 23.77 -47.57 -0.54
C THR F 535 23.39 -46.97 -1.89
N THR F 536 23.87 -47.55 -2.99
CA THR F 536 23.47 -47.08 -4.31
C THR F 536 21.99 -47.35 -4.58
N ASP F 537 21.53 -48.56 -4.26
CA ASP F 537 20.13 -48.89 -4.45
C ASP F 537 19.21 -48.14 -3.51
N LEU F 538 19.73 -47.64 -2.39
CA LEU F 538 18.89 -46.98 -1.39
C LEU F 538 18.77 -45.47 -1.60
N MET F 539 19.75 -44.85 -2.28
CA MET F 539 19.69 -43.42 -2.58
C MET F 539 19.41 -43.16 -4.06
N ARG F 540 18.71 -44.09 -4.72
CA ARG F 540 18.51 -43.95 -6.17
C ARG F 540 17.48 -42.87 -6.49
N PHE F 541 16.44 -42.75 -5.66
CA PHE F 541 15.29 -41.92 -5.99
C PHE F 541 15.13 -40.68 -5.13
N VAL F 542 15.78 -40.63 -3.95
CA VAL F 542 15.51 -39.57 -2.99
C VAL F 542 16.40 -38.35 -3.17
N LEU F 543 17.30 -38.36 -4.14
CA LEU F 543 18.27 -37.27 -4.28
C LEU F 543 17.70 -36.01 -4.91
N ALA F 544 16.57 -36.12 -5.62
CA ALA F 544 16.02 -34.95 -6.28
C ALA F 544 15.39 -33.98 -5.28
N ALA F 545 14.70 -34.51 -4.26
CA ALA F 545 14.00 -33.67 -3.31
C ALA F 545 14.94 -32.93 -2.36
N ASN F 546 16.19 -33.39 -2.23
CA ASN F 546 17.13 -32.77 -1.30
C ASN F 546 17.98 -31.69 -1.98
N LEU F 547 18.55 -32.00 -3.14
CA LEU F 547 19.40 -31.04 -3.83
C LEU F 547 18.59 -29.83 -4.31
N LEU F 548 17.37 -30.07 -4.80
CA LEU F 548 16.53 -29.00 -5.31
C LEU F 548 15.57 -28.45 -4.26
N GLY F 549 15.25 -29.22 -3.23
CA GLY F 549 14.44 -28.75 -2.13
C GLY F 549 12.97 -29.11 -2.19
N PHE F 550 12.53 -29.84 -3.22
CA PHE F 550 11.12 -30.15 -3.36
C PHE F 550 10.66 -31.04 -2.20
N PRO F 551 9.39 -30.93 -1.80
CA PRO F 551 8.87 -31.83 -0.77
C PRO F 551 8.53 -33.19 -1.35
N ALA F 552 8.75 -34.23 -0.55
CA ALA F 552 8.46 -35.60 -0.95
C ALA F 552 7.99 -36.38 0.26
N ILE F 553 7.22 -37.43 -0.01
CA ILE F 553 6.69 -38.30 1.03
C ILE F 553 6.85 -39.75 0.58
N SER F 554 6.99 -40.65 1.56
CA SER F 554 7.09 -42.07 1.31
C SER F 554 5.90 -42.75 1.98
N VAL F 555 5.00 -43.30 1.18
CA VAL F 555 3.77 -43.91 1.66
C VAL F 555 3.87 -45.41 1.44
N PRO F 556 3.50 -46.24 2.43
CA PRO F 556 3.50 -47.69 2.20
C PRO F 556 2.44 -48.08 1.18
N VAL F 557 2.82 -48.96 0.26
CA VAL F 557 1.95 -49.35 -0.84
C VAL F 557 1.85 -50.87 -0.95
N GLY F 558 2.32 -51.59 0.07
CA GLY F 558 2.24 -53.02 0.07
C GLY F 558 3.56 -53.64 0.48
N TYR F 559 3.71 -54.92 0.16
CA TYR F 559 4.89 -55.69 0.56
C TYR F 559 5.38 -56.52 -0.62
N ASP F 560 6.59 -57.05 -0.49
CA ASP F 560 7.20 -57.86 -1.54
C ASP F 560 7.04 -59.35 -1.20
N LYS F 561 7.87 -60.20 -1.82
CA LYS F 561 7.73 -61.64 -1.69
C LYS F 561 8.25 -62.19 -0.37
N GLU F 562 8.90 -61.36 0.46
CA GLU F 562 9.44 -61.80 1.74
C GLU F 562 8.80 -61.08 2.91
N GLY F 563 7.63 -60.49 2.71
CA GLY F 563 6.98 -59.74 3.76
C GLY F 563 7.64 -58.43 4.12
N LEU F 564 8.55 -57.93 3.27
CA LEU F 564 9.20 -56.66 3.56
C LEU F 564 8.40 -55.51 2.95
N PRO F 565 8.30 -54.39 3.66
CA PRO F 565 7.49 -53.27 3.16
C PRO F 565 8.11 -52.62 1.93
N ILE F 566 7.24 -52.06 1.10
CA ILE F 566 7.62 -51.34 -0.10
C ILE F 566 7.07 -49.93 0.00
N GLY F 567 7.90 -48.94 -0.33
CA GLY F 567 7.48 -47.55 -0.27
C GLY F 567 7.29 -46.92 -1.63
N LEU F 568 6.56 -45.81 -1.69
CA LEU F 568 6.35 -45.05 -2.91
C LEU F 568 6.58 -43.58 -2.62
N GLN F 569 7.41 -42.93 -3.43
CA GLN F 569 7.75 -41.53 -3.25
C GLN F 569 6.87 -40.64 -4.11
N ILE F 570 6.37 -39.57 -3.52
CA ILE F 570 5.54 -38.58 -4.21
C ILE F 570 6.18 -37.22 -4.01
N MET F 571 6.83 -36.70 -5.05
CA MET F 571 7.54 -35.42 -4.98
C MET F 571 6.76 -34.39 -5.77
N GLY F 572 6.37 -33.30 -5.10
CA GLY F 572 5.57 -32.26 -5.69
C GLY F 572 6.31 -30.96 -5.87
N ARG F 573 5.54 -29.93 -6.22
CA ARG F 573 6.10 -28.60 -6.46
C ARG F 573 6.57 -27.96 -5.16
N PRO F 574 7.40 -26.92 -5.25
CA PRO F 574 7.82 -26.21 -4.03
C PRO F 574 6.63 -25.72 -3.23
N TRP F 575 6.75 -25.82 -1.90
CA TRP F 575 5.74 -25.40 -0.93
C TRP F 575 4.41 -26.14 -1.08
N ALA F 576 4.35 -27.13 -1.96
CA ALA F 576 3.11 -27.87 -2.20
C ALA F 576 3.05 -29.12 -1.30
N GLU F 577 3.07 -28.87 0.01
CA GLU F 577 2.94 -29.96 0.96
C GLU F 577 1.52 -30.50 1.03
N ALA F 578 0.52 -29.63 0.87
CA ALA F 578 -0.86 -30.08 0.90
C ALA F 578 -1.18 -31.02 -0.27
N THR F 579 -0.56 -30.80 -1.42
CA THR F 579 -0.77 -31.71 -2.55
C THR F 579 -0.12 -33.07 -2.29
N VAL F 580 1.12 -33.06 -1.79
CA VAL F 580 1.80 -34.32 -1.49
C VAL F 580 1.10 -35.05 -0.36
N LEU F 581 0.58 -34.30 0.63
CA LEU F 581 -0.14 -34.94 1.73
C LEU F 581 -1.50 -35.47 1.28
N GLY F 582 -2.23 -34.71 0.47
CA GLY F 582 -3.54 -35.14 0.03
C GLY F 582 -3.50 -36.37 -0.85
N LEU F 583 -2.56 -36.41 -1.79
CA LEU F 583 -2.44 -37.59 -2.66
C LEU F 583 -2.04 -38.82 -1.86
N ALA F 584 -1.14 -38.66 -0.89
CA ALA F 584 -0.74 -39.79 -0.06
C ALA F 584 -1.89 -40.34 0.75
N ALA F 585 -2.83 -39.48 1.14
CA ALA F 585 -4.02 -39.95 1.85
C ALA F 585 -4.87 -40.84 0.94
N ALA F 586 -4.92 -40.53 -0.35
CA ALA F 586 -5.64 -41.36 -1.30
C ALA F 586 -4.91 -42.66 -1.59
N VAL F 587 -3.61 -42.73 -1.31
CA VAL F 587 -2.87 -43.97 -1.55
C VAL F 587 -3.05 -44.94 -0.40
N GLU F 588 -2.98 -44.45 0.85
CA GLU F 588 -3.13 -45.33 1.99
C GLU F 588 -4.55 -45.86 2.13
N GLU F 589 -5.52 -45.24 1.44
CA GLU F 589 -6.87 -45.80 1.41
C GLU F 589 -6.99 -46.93 0.40
N LEU F 590 -6.17 -46.90 -0.65
CA LEU F 590 -6.17 -47.97 -1.65
C LEU F 590 -5.26 -49.12 -1.27
N ALA F 591 -4.18 -48.86 -0.54
CA ALA F 591 -3.24 -49.89 -0.09
C ALA F 591 -2.98 -49.72 1.39
N PRO F 592 -3.92 -50.14 2.25
CA PRO F 592 -3.74 -49.99 3.69
C PRO F 592 -2.71 -50.97 4.23
N VAL F 593 -2.18 -50.63 5.40
CA VAL F 593 -1.21 -51.49 6.08
C VAL F 593 -1.94 -52.68 6.68
N THR F 594 -1.59 -53.88 6.22
CA THR F 594 -2.30 -55.10 6.62
C THR F 594 -1.42 -56.12 7.33
N LYS F 595 -0.11 -56.12 7.10
CA LYS F 595 0.78 -57.12 7.67
C LYS F 595 1.33 -56.66 9.01
N LYS F 596 1.23 -57.52 10.01
CA LYS F 596 1.78 -57.22 11.33
C LYS F 596 3.25 -57.60 11.38
N PRO F 597 4.17 -56.69 11.72
CA PRO F 597 5.59 -57.02 11.72
C PRO F 597 5.98 -58.01 12.82
N ALA F 598 7.24 -58.39 12.85
CA ALA F 598 7.73 -59.30 13.88
C ALA F 598 7.72 -58.63 15.25
N ILE F 599 8.48 -57.56 15.39
CA ILE F 599 8.52 -56.79 16.64
C ILE F 599 7.45 -55.71 16.55
N PHE F 600 6.46 -55.79 17.45
CA PHE F 600 5.35 -54.85 17.45
C PHE F 600 4.71 -54.88 18.83
N TYR F 601 4.32 -53.70 19.32
CA TYR F 601 3.80 -53.56 20.67
C TYR F 601 2.48 -52.81 20.64
N ASP F 602 1.53 -53.27 21.45
CA ASP F 602 0.18 -52.72 21.51
C ASP F 602 0.00 -52.02 22.86
N ILE F 603 0.19 -50.71 22.87
CA ILE F 603 -0.08 -49.91 24.06
C ILE F 603 -1.53 -49.46 24.03
N LEU F 604 -2.05 -49.06 25.19
CA LEU F 604 -3.44 -48.71 25.49
C LEU F 604 -4.25 -49.96 25.81
N ASN F 605 -3.61 -51.12 25.93
CA ASN F 605 -4.31 -52.35 26.30
C ASN F 605 -3.46 -53.18 27.24
N TYR G 4 -12.65 -59.83 -7.11
CA TYR G 4 -13.08 -60.98 -7.90
C TYR G 4 -14.09 -60.56 -8.97
N GLN G 5 -15.03 -59.69 -8.61
CA GLN G 5 -16.01 -59.19 -9.54
C GLN G 5 -16.49 -57.83 -9.04
N VAL G 6 -17.02 -57.03 -9.96
CA VAL G 6 -17.47 -55.68 -9.67
C VAL G 6 -18.99 -55.63 -9.78
N MET G 7 -19.60 -54.71 -9.05
CA MET G 7 -21.04 -54.48 -9.06
C MET G 7 -21.33 -53.02 -9.36
N LYS G 8 -22.55 -52.75 -9.80
CA LYS G 8 -22.96 -51.40 -10.17
C LYS G 8 -24.46 -51.37 -10.36
N ARG G 9 -24.99 -50.16 -10.53
CA ARG G 9 -26.33 -49.91 -11.07
C ARG G 9 -26.30 -48.55 -11.77
N ALA G 10 -27.48 -48.07 -12.16
CA ALA G 10 -27.58 -46.82 -12.91
C ALA G 10 -28.52 -45.81 -12.24
N SER G 11 -29.81 -46.15 -12.11
CA SER G 11 -30.79 -45.22 -11.56
C SER G 11 -30.59 -44.94 -10.07
N GLU G 12 -29.63 -45.58 -9.42
CA GLU G 12 -29.38 -45.39 -8.00
C GLU G 12 -27.98 -44.85 -7.73
N VAL G 13 -27.35 -44.23 -8.72
CA VAL G 13 -25.97 -43.77 -8.60
C VAL G 13 -25.94 -42.32 -8.15
N ASP G 14 -25.16 -42.04 -7.11
CA ASP G 14 -24.89 -40.67 -6.71
C ASP G 14 -24.11 -39.97 -7.80
N LEU G 15 -24.69 -38.92 -8.38
CA LEU G 15 -24.04 -38.22 -9.48
C LEU G 15 -22.92 -37.29 -9.01
N SER G 16 -22.93 -36.91 -7.73
CA SER G 16 -21.88 -36.04 -7.20
C SER G 16 -20.59 -36.78 -6.91
N THR G 17 -20.64 -38.11 -6.75
CA THR G 17 -19.45 -38.91 -6.53
C THR G 17 -18.86 -39.46 -7.81
N VAL G 18 -19.40 -39.06 -8.97
CA VAL G 18 -18.87 -39.51 -10.25
C VAL G 18 -17.54 -38.80 -10.51
N LYS G 19 -16.47 -39.57 -10.63
CA LYS G 19 -15.14 -39.03 -10.89
C LYS G 19 -14.79 -39.20 -12.35
N TYR G 20 -14.38 -38.10 -12.99
CA TYR G 20 -14.03 -38.11 -14.41
C TYR G 20 -12.73 -38.87 -14.60
N LYS G 21 -12.81 -40.05 -15.22
CA LYS G 21 -11.64 -40.86 -15.52
C LYS G 21 -11.25 -40.66 -16.97
N ALA G 22 -9.95 -40.41 -17.20
CA ALA G 22 -9.47 -40.17 -18.56
C ALA G 22 -7.97 -40.48 -18.59
N GLU G 23 -7.64 -41.70 -18.99
CA GLU G 23 -6.25 -42.13 -19.19
C GLU G 23 -6.10 -42.59 -20.64
N THR G 24 -4.99 -42.20 -21.26
CA THR G 24 -4.75 -42.54 -22.65
C THR G 24 -4.62 -44.06 -22.81
N MET G 25 -5.40 -44.62 -23.74
CA MET G 25 -5.28 -46.02 -24.08
C MET G 25 -3.94 -46.26 -24.76
N LYS G 26 -2.90 -46.48 -23.95
CA LYS G 26 -1.54 -46.52 -24.47
C LYS G 26 -1.34 -47.70 -25.41
N ALA G 27 -0.63 -47.45 -26.51
CA ALA G 27 -0.33 -48.46 -27.51
C ALA G 27 0.86 -47.98 -28.33
N PRO G 28 1.78 -48.86 -28.73
CA PRO G 28 2.95 -48.41 -29.49
C PRO G 28 2.56 -47.94 -30.88
N HIS G 29 3.26 -46.91 -31.35
CA HIS G 29 3.06 -46.35 -32.69
C HIS G 29 3.96 -47.09 -33.66
N LEU G 30 3.36 -47.89 -34.54
CA LEU G 30 4.10 -48.70 -35.50
C LEU G 30 3.79 -48.22 -36.91
N THR G 31 4.83 -48.05 -37.72
CA THR G 31 4.70 -47.61 -39.10
C THR G 31 5.63 -48.42 -39.99
N GLY G 32 5.28 -48.50 -41.27
CA GLY G 32 6.14 -49.16 -42.23
C GLY G 32 6.26 -50.65 -41.97
N LEU G 33 7.50 -51.14 -42.05
CA LEU G 33 7.75 -52.57 -41.90
C LEU G 33 7.52 -53.04 -40.46
N SER G 34 7.70 -52.15 -39.49
CA SER G 34 7.40 -52.51 -38.10
C SER G 34 5.92 -52.82 -37.93
N PHE G 35 5.06 -52.07 -38.64
CA PHE G 35 3.63 -52.36 -38.62
C PHE G 35 3.32 -53.68 -39.33
N LYS G 36 4.05 -53.97 -40.41
CA LYS G 36 3.74 -55.13 -41.23
C LYS G 36 3.95 -56.44 -40.48
N LEU G 37 5.05 -56.56 -39.74
CA LEU G 37 5.33 -57.81 -39.04
C LEU G 37 4.43 -57.98 -37.82
N PHE G 38 4.09 -56.88 -37.13
CA PHE G 38 3.18 -56.96 -35.99
C PHE G 38 1.81 -57.43 -36.42
N VAL G 39 1.36 -57.01 -37.60
CA VAL G 39 0.09 -57.51 -38.14
C VAL G 39 0.20 -59.00 -38.43
N ASN G 40 1.35 -59.44 -38.95
CA ASN G 40 1.55 -60.86 -39.22
C ASN G 40 1.52 -61.67 -37.93
N LEU G 41 2.05 -61.10 -36.84
CA LEU G 41 1.97 -61.78 -35.55
C LEU G 41 0.54 -61.84 -35.06
N LEU G 42 -0.25 -60.79 -35.31
CA LEU G 42 -1.64 -60.78 -34.87
C LEU G 42 -2.47 -61.83 -35.59
N GLU G 43 -2.15 -62.11 -36.85
CA GLU G 43 -2.90 -63.09 -37.63
C GLU G 43 -2.44 -64.52 -37.37
N ALA G 44 -1.44 -64.72 -36.52
CA ALA G 44 -1.03 -66.07 -36.18
C ALA G 44 -2.11 -66.77 -35.37
N PRO G 45 -2.42 -68.03 -35.67
CA PRO G 45 -3.50 -68.71 -34.94
C PRO G 45 -3.19 -68.93 -33.48
N LEU G 46 -1.94 -69.24 -33.15
CA LEU G 46 -1.55 -69.51 -31.77
C LEU G 46 -1.05 -68.26 -31.06
N ILE G 47 -0.10 -67.55 -31.68
CA ILE G 47 0.50 -66.38 -31.03
C ILE G 47 -0.44 -65.19 -31.06
N GLY G 48 -1.20 -65.04 -32.15
CA GLY G 48 -2.01 -63.85 -32.32
C GLY G 48 -3.10 -63.70 -31.27
N SER G 49 -3.77 -64.80 -30.92
CA SER G 49 -4.83 -64.74 -29.92
C SER G 49 -4.28 -64.28 -28.57
N LEU G 50 -3.04 -64.64 -28.25
CA LEU G 50 -2.44 -64.18 -27.00
C LEU G 50 -2.16 -62.68 -27.02
N ILE G 51 -1.86 -62.12 -28.18
CA ILE G 51 -1.54 -60.71 -28.28
C ILE G 51 -2.80 -59.86 -28.18
N VAL G 52 -3.91 -60.31 -28.79
CA VAL G 52 -5.16 -59.56 -28.68
C VAL G 52 -5.70 -59.62 -27.26
N ASP G 53 -5.52 -60.76 -26.59
CA ASP G 53 -5.98 -60.88 -25.20
C ASP G 53 -5.23 -59.94 -24.28
N TYR G 54 -3.94 -59.69 -24.57
CA TYR G 54 -3.17 -58.76 -23.74
C TYR G 54 -3.61 -57.32 -23.98
N LEU G 55 -3.97 -56.98 -25.22
CA LEU G 55 -4.38 -55.62 -25.53
C LEU G 55 -5.70 -55.27 -24.85
N LYS G 56 -6.69 -56.16 -24.96
CA LYS G 56 -7.97 -55.93 -24.30
C LYS G 56 -7.86 -55.98 -22.78
N LYS G 57 -6.84 -56.68 -22.26
CA LYS G 57 -6.64 -56.73 -20.81
C LYS G 57 -5.94 -55.47 -20.29
N ASP G 58 -5.04 -54.90 -21.09
CA ASP G 58 -4.25 -53.77 -20.63
C ASP G 58 -5.09 -52.50 -20.53
N ASN G 59 -5.85 -52.18 -21.59
CA ASN G 59 -6.64 -50.96 -21.57
C ASN G 59 -7.86 -51.07 -20.66
N GLY G 60 -8.26 -52.28 -20.29
CA GLY G 60 -9.35 -52.45 -19.35
C GLY G 60 -10.70 -52.73 -19.99
N MET G 61 -10.70 -53.53 -21.05
CA MET G 61 -11.93 -53.91 -21.73
C MET G 61 -12.46 -55.27 -21.27
N THR G 62 -11.58 -56.23 -21.01
CA THR G 62 -12.02 -57.51 -20.47
C THR G 62 -12.60 -57.34 -19.07
N LYS G 63 -12.14 -56.34 -18.33
CA LYS G 63 -12.71 -56.08 -17.00
C LYS G 63 -14.15 -55.56 -17.12
N ILE G 64 -14.44 -54.77 -18.15
CA ILE G 64 -15.79 -54.24 -18.31
C ILE G 64 -16.73 -55.28 -18.90
N PHE G 65 -16.22 -56.14 -19.79
CA PHE G 65 -17.08 -57.10 -20.47
C PHE G 65 -17.29 -58.37 -19.64
N ARG G 66 -16.20 -58.99 -19.18
CA ARG G 66 -16.27 -60.32 -18.58
C ARG G 66 -16.01 -60.33 -17.08
N ASN G 67 -15.63 -59.21 -16.48
CA ASN G 67 -15.31 -59.15 -15.06
C ASN G 67 -16.18 -58.13 -14.33
N THR G 68 -17.39 -57.87 -14.84
CA THR G 68 -18.24 -56.84 -14.27
C THR G 68 -19.70 -57.25 -14.41
N VAL G 69 -20.45 -57.19 -13.31
CA VAL G 69 -21.87 -57.52 -13.30
C VAL G 69 -22.66 -56.26 -13.58
N ILE G 70 -23.48 -56.30 -14.63
CA ILE G 70 -24.28 -55.16 -15.08
C ILE G 70 -25.75 -55.51 -14.85
N PRO G 71 -26.49 -54.73 -14.07
CA PRO G 71 -27.90 -55.06 -13.79
C PRO G 71 -28.87 -54.61 -14.88
N GLU G 72 -28.43 -53.79 -15.84
CA GLU G 72 -29.34 -53.29 -16.85
C GLU G 72 -29.57 -54.31 -17.95
N GLU G 73 -30.75 -54.25 -18.55
CA GLU G 73 -31.10 -55.10 -19.67
C GLU G 73 -30.54 -54.52 -20.96
N PRO G 74 -30.28 -55.36 -21.96
CA PRO G 74 -29.66 -54.86 -23.19
C PRO G 74 -30.58 -53.92 -23.97
N MET G 75 -30.00 -52.83 -24.47
CA MET G 75 -30.65 -51.93 -25.41
C MET G 75 -29.88 -52.05 -26.72
N PHE G 76 -30.42 -52.84 -27.66
CA PHE G 76 -29.67 -53.17 -28.87
C PHE G 76 -29.63 -51.99 -29.83
N ARG G 77 -30.71 -51.22 -29.91
CA ARG G 77 -30.78 -50.05 -30.77
C ARG G 77 -31.29 -48.86 -29.96
N PRO G 78 -30.93 -47.64 -30.37
CA PRO G 78 -31.38 -46.45 -29.63
C PRO G 78 -32.89 -46.38 -29.41
N GLU G 79 -33.31 -46.55 -28.17
CA GLU G 79 -34.73 -46.51 -27.79
C GLU G 79 -35.02 -45.13 -27.23
N PHE G 80 -35.80 -44.34 -27.96
CA PHE G 80 -36.10 -42.98 -27.54
C PHE G 80 -37.49 -42.89 -26.97
N PRO G 81 -37.67 -42.28 -25.80
CA PRO G 81 -39.01 -41.99 -25.29
C PRO G 81 -39.62 -40.81 -26.04
N SER G 82 -40.87 -40.49 -25.69
CA SER G 82 -41.56 -39.37 -26.30
C SER G 82 -40.94 -38.06 -25.83
N GLN G 83 -40.47 -37.26 -26.78
CA GLN G 83 -39.80 -36.00 -26.49
C GLN G 83 -40.78 -34.84 -26.56
N GLU G 84 -40.46 -33.78 -25.83
CA GLU G 84 -41.27 -32.58 -25.88
C GLU G 84 -41.07 -31.86 -27.23
N PRO G 85 -42.08 -31.15 -27.70
CA PRO G 85 -41.94 -30.43 -28.97
C PRO G 85 -40.93 -29.30 -28.86
N GLU G 86 -40.27 -29.01 -29.98
CA GLU G 86 -39.26 -27.96 -30.02
C GLU G 86 -39.92 -26.58 -30.02
N HIS G 87 -39.09 -25.55 -29.92
CA HIS G 87 -39.54 -24.17 -29.80
C HIS G 87 -39.21 -23.41 -31.09
N ASP G 88 -40.22 -22.72 -31.63
CA ASP G 88 -40.04 -21.85 -32.79
C ASP G 88 -39.50 -22.63 -34.00
N VAL G 89 -40.16 -23.74 -34.32
CA VAL G 89 -39.82 -24.55 -35.49
C VAL G 89 -41.08 -24.70 -36.34
N VAL G 90 -40.88 -25.23 -37.55
CA VAL G 90 -41.97 -25.50 -38.48
C VAL G 90 -41.98 -26.99 -38.79
N ILE G 91 -43.14 -27.62 -38.65
CA ILE G 91 -43.28 -29.07 -38.79
C ILE G 91 -43.42 -29.36 -40.29
N VAL G 92 -42.32 -29.74 -40.92
CA VAL G 92 -42.35 -30.15 -42.33
C VAL G 92 -42.83 -31.60 -42.39
N GLY G 93 -43.64 -31.90 -43.40
CA GLY G 93 -44.21 -33.23 -43.51
C GLY G 93 -43.16 -34.32 -43.63
N GLU G 94 -43.56 -35.52 -43.23
CA GLU G 94 -42.63 -36.66 -43.22
C GLU G 94 -42.41 -37.20 -44.63
N ASP G 95 -43.48 -37.58 -45.33
CA ASP G 95 -43.39 -38.18 -46.64
C ASP G 95 -43.49 -37.16 -47.77
N GLU G 96 -43.14 -35.91 -47.51
CA GLU G 96 -43.09 -34.91 -48.57
C GLU G 96 -41.98 -35.24 -49.56
N SER G 97 -42.11 -34.71 -50.76
CA SER G 97 -41.05 -34.86 -51.75
C SER G 97 -39.85 -34.00 -51.37
N PRO G 98 -38.63 -34.44 -51.70
CA PRO G 98 -37.46 -33.61 -51.38
C PRO G 98 -37.52 -32.22 -52.01
N ILE G 99 -38.21 -32.08 -53.14
CA ILE G 99 -38.40 -30.77 -53.73
C ILE G 99 -39.33 -29.92 -52.87
N ASP G 100 -40.33 -30.56 -52.25
CA ASP G 100 -41.27 -29.81 -51.40
C ASP G 100 -40.63 -29.38 -50.09
N ARG G 101 -39.68 -30.15 -49.58
CA ARG G 101 -39.03 -29.75 -48.33
C ARG G 101 -38.04 -28.61 -48.57
N LEU G 102 -37.43 -28.56 -49.75
CA LEU G 102 -36.53 -27.45 -50.08
C LEU G 102 -37.28 -26.14 -50.23
N GLU G 103 -38.52 -26.20 -50.72
CA GLU G 103 -39.31 -24.98 -50.85
C GLU G 103 -39.59 -24.35 -49.49
N THR G 104 -39.87 -25.18 -48.48
CA THR G 104 -40.08 -24.68 -47.13
C THR G 104 -38.77 -24.34 -46.44
N ALA G 105 -37.69 -25.08 -46.76
CA ALA G 105 -36.39 -24.80 -46.16
C ALA G 105 -35.91 -23.40 -46.51
N LEU G 106 -36.21 -22.93 -47.73
CA LEU G 106 -35.81 -21.58 -48.11
C LEU G 106 -36.56 -20.53 -47.29
N LYS G 107 -37.82 -20.80 -46.97
CA LYS G 107 -38.61 -19.83 -46.19
C LYS G 107 -38.09 -19.66 -44.77
N CYS G 108 -37.29 -20.61 -44.28
CA CYS G 108 -36.71 -20.49 -42.94
C CYS G 108 -35.42 -19.67 -42.93
N LEU G 109 -34.77 -19.49 -44.08
CA LEU G 109 -33.56 -18.72 -44.26
C LEU G 109 -33.89 -17.25 -44.48
N PRO G 110 -33.01 -16.34 -44.05
CA PRO G 110 -33.21 -14.92 -44.38
C PRO G 110 -33.16 -14.71 -45.88
N GLN G 111 -33.79 -13.62 -46.32
CA GLN G 111 -33.83 -13.32 -47.75
C GLN G 111 -32.42 -13.16 -48.30
N TYR G 112 -32.18 -13.76 -49.46
CA TYR G 112 -30.85 -13.78 -50.04
C TYR G 112 -30.41 -12.36 -50.41
N ASP G 113 -29.22 -11.97 -49.94
CA ASP G 113 -28.65 -10.68 -50.27
C ASP G 113 -27.92 -10.79 -51.60
N PRO G 114 -28.41 -10.19 -52.68
CA PRO G 114 -27.75 -10.34 -53.99
C PRO G 114 -26.40 -9.64 -54.07
N SER G 115 -26.03 -8.83 -53.07
CA SER G 115 -24.76 -8.12 -53.09
C SER G 115 -23.58 -9.01 -52.69
N ARG G 116 -23.83 -10.26 -52.32
CA ARG G 116 -22.73 -11.16 -51.96
C ARG G 116 -21.96 -11.60 -53.20
N SER G 117 -22.69 -12.00 -54.25
CA SER G 117 -22.03 -12.40 -55.49
C SER G 117 -21.69 -11.18 -56.35
N LEU G 118 -22.72 -10.54 -56.92
CA LEU G 118 -22.50 -9.36 -57.74
C LEU G 118 -22.08 -8.17 -56.90
N HIS G 119 -21.28 -7.29 -57.50
CA HIS G 119 -20.77 -6.08 -56.84
C HIS G 119 -20.02 -6.43 -55.55
N ALA G 120 -19.17 -7.45 -55.62
CA ALA G 120 -18.34 -7.82 -54.48
C ALA G 120 -17.27 -6.75 -54.27
N ASP G 121 -17.21 -6.22 -53.05
CA ASP G 121 -16.27 -5.16 -52.74
C ASP G 121 -14.84 -5.68 -52.83
N PRO G 122 -13.92 -4.91 -53.43
CA PRO G 122 -12.53 -5.38 -53.53
C PRO G 122 -11.89 -5.69 -52.19
N VAL G 123 -12.00 -4.77 -51.22
CA VAL G 123 -11.44 -4.97 -49.90
C VAL G 123 -12.52 -5.60 -49.02
N SER G 124 -12.42 -6.91 -48.81
CA SER G 124 -13.39 -7.63 -48.00
C SER G 124 -12.74 -8.91 -47.49
N SER G 125 -13.40 -9.52 -46.51
CA SER G 125 -12.92 -10.76 -45.92
C SER G 125 -13.22 -11.94 -46.84
N PHE G 126 -12.82 -13.13 -46.41
CA PHE G 126 -13.00 -14.35 -47.17
C PHE G 126 -14.23 -15.09 -46.67
N ARG G 127 -15.02 -15.63 -47.61
CA ARG G 127 -16.18 -16.42 -47.27
C ARG G 127 -16.37 -17.50 -48.35
N TYR G 128 -16.91 -18.64 -47.93
CA TYR G 128 -17.20 -19.71 -48.87
C TYR G 128 -18.44 -19.36 -49.69
N TRP G 129 -18.54 -19.98 -50.86
CA TRP G 129 -19.69 -19.77 -51.73
C TRP G 129 -20.84 -20.64 -51.26
N LYS G 130 -21.93 -19.99 -50.86
CA LYS G 130 -23.10 -20.72 -50.39
C LYS G 130 -23.84 -21.34 -51.56
N ILE G 131 -24.79 -22.23 -51.24
CA ILE G 131 -25.61 -22.86 -52.28
C ILE G 131 -26.46 -21.81 -52.98
N ARG G 132 -26.92 -20.80 -52.23
CA ARG G 132 -27.76 -19.75 -52.81
C ARG G 132 -26.96 -18.82 -53.71
N ASP G 133 -25.64 -18.93 -53.77
CA ASP G 133 -24.86 -18.15 -54.73
C ASP G 133 -24.86 -18.82 -56.10
N TYR G 134 -24.78 -20.14 -56.15
CA TYR G 134 -24.88 -20.84 -57.43
C TYR G 134 -26.30 -20.75 -57.99
N ALA G 135 -27.31 -20.95 -57.13
CA ALA G 135 -28.69 -20.89 -57.59
C ALA G 135 -29.05 -19.50 -58.10
N TYR G 136 -28.44 -18.46 -57.55
CA TYR G 136 -28.67 -17.11 -58.06
C TYR G 136 -27.89 -16.87 -59.35
N ALA G 137 -26.69 -17.43 -59.46
CA ALA G 137 -25.91 -17.24 -60.67
C ALA G 137 -26.49 -18.02 -61.84
N TYR G 138 -27.02 -19.22 -61.56
CA TYR G 138 -27.62 -20.02 -62.63
C TYR G 138 -28.88 -19.36 -63.16
N ARG G 139 -29.71 -18.80 -62.27
CA ARG G 139 -30.99 -18.24 -62.68
C ARG G 139 -30.85 -16.86 -63.31
N SER G 140 -29.83 -16.10 -62.92
CA SER G 140 -29.58 -14.78 -63.49
C SER G 140 -28.60 -14.83 -64.65
N LYS G 141 -28.50 -15.97 -65.33
CA LYS G 141 -27.63 -16.23 -66.49
C LYS G 141 -26.22 -15.65 -66.33
N LEU G 142 -25.76 -15.50 -65.07
CA LEU G 142 -24.38 -15.10 -64.86
C LEU G 142 -23.42 -16.18 -65.30
N THR G 143 -23.69 -17.43 -64.91
CA THR G 143 -22.95 -18.59 -65.37
C THR G 143 -23.95 -19.70 -65.64
N THR G 144 -23.45 -20.92 -65.78
CA THR G 144 -24.30 -22.07 -66.07
C THR G 144 -23.62 -23.32 -65.53
N PRO G 145 -24.39 -24.32 -65.08
CA PRO G 145 -23.76 -25.54 -64.54
C PRO G 145 -22.77 -26.20 -65.50
N LEU G 146 -22.95 -26.03 -66.81
CA LEU G 146 -21.99 -26.57 -67.77
C LEU G 146 -20.63 -25.89 -67.60
N GLN G 147 -20.63 -24.56 -67.49
CA GLN G 147 -19.37 -23.84 -67.32
C GLN G 147 -18.76 -24.07 -65.95
N VAL G 148 -19.59 -24.31 -64.93
CA VAL G 148 -19.04 -24.63 -63.61
C VAL G 148 -18.46 -26.03 -63.61
N ALA G 149 -19.04 -26.95 -64.38
CA ALA G 149 -18.51 -28.31 -64.45
C ALA G 149 -17.15 -28.34 -65.14
N LYS G 150 -17.01 -27.61 -66.25
CA LYS G 150 -15.75 -27.60 -66.97
C LYS G 150 -14.62 -26.98 -66.15
N ARG G 151 -14.95 -26.08 -65.22
CA ARG G 151 -13.94 -25.51 -64.34
C ARG G 151 -13.57 -26.46 -63.20
N ILE G 152 -14.53 -27.23 -62.70
CA ILE G 152 -14.22 -28.21 -61.66
C ILE G 152 -13.43 -29.36 -62.25
N ILE G 153 -13.78 -29.82 -63.45
CA ILE G 153 -13.05 -30.89 -64.11
C ILE G 153 -11.62 -30.47 -64.38
N SER G 154 -11.42 -29.19 -64.74
CA SER G 154 -10.07 -28.70 -65.01
C SER G 154 -9.20 -28.76 -63.77
N ILE G 155 -9.75 -28.39 -62.61
CA ILE G 155 -8.96 -28.38 -61.38
C ILE G 155 -8.63 -29.81 -60.96
N ILE G 156 -9.56 -30.74 -61.15
CA ILE G 156 -9.30 -32.12 -60.75
C ILE G 156 -8.23 -32.74 -61.64
N GLU G 157 -8.28 -32.47 -62.95
CA GLU G 157 -7.32 -33.07 -63.85
C GLU G 157 -5.96 -32.37 -63.81
N GLU G 158 -5.93 -31.08 -63.44
CA GLU G 158 -4.66 -30.36 -63.37
C GLU G 158 -3.84 -30.82 -62.18
N PHE G 159 -4.44 -30.81 -60.98
CA PHE G 159 -3.74 -31.15 -59.76
C PHE G 159 -3.82 -32.63 -59.41
N GLY G 160 -4.47 -33.44 -60.25
CA GLY G 160 -4.56 -34.86 -60.01
C GLY G 160 -5.34 -35.21 -58.76
N TYR G 161 -6.51 -34.61 -58.59
CA TYR G 161 -7.33 -34.88 -57.42
C TYR G 161 -8.16 -36.15 -57.57
N ASP G 162 -8.07 -36.83 -58.71
CA ASP G 162 -8.64 -38.15 -58.89
C ASP G 162 -7.57 -39.22 -59.11
N LYS G 163 -6.31 -38.85 -58.96
CA LYS G 163 -5.16 -39.73 -59.16
C LYS G 163 -4.29 -39.69 -57.91
N PRO G 164 -3.52 -40.75 -57.67
CA PRO G 164 -2.57 -40.73 -56.55
C PRO G 164 -1.52 -39.65 -56.74
N PRO G 165 -0.78 -39.28 -55.68
CA PRO G 165 -0.79 -39.82 -54.32
C PRO G 165 -1.76 -39.12 -53.36
N THR G 166 -2.31 -37.97 -53.77
CA THR G 166 -3.19 -37.18 -52.93
C THR G 166 -4.49 -36.92 -53.67
N PRO G 167 -5.38 -37.91 -53.74
CA PRO G 167 -6.64 -37.72 -54.47
C PRO G 167 -7.79 -37.30 -53.57
N PHE G 168 -8.55 -36.31 -54.05
CA PHE G 168 -9.83 -35.99 -53.41
C PHE G 168 -10.85 -37.09 -53.66
N LEU G 169 -10.88 -37.62 -54.88
CA LEU G 169 -11.81 -38.66 -55.29
C LEU G 169 -11.06 -39.91 -55.71
N ILE G 170 -11.76 -41.05 -55.65
CA ILE G 170 -11.20 -42.32 -56.09
C ILE G 170 -11.98 -42.93 -57.25
N ARG G 171 -13.19 -42.43 -57.53
CA ARG G 171 -13.93 -42.83 -58.72
C ARG G 171 -14.54 -41.57 -59.33
N PHE G 172 -14.12 -41.22 -60.54
CA PHE G 172 -14.55 -39.97 -61.17
C PHE G 172 -14.67 -40.19 -62.67
N ASP G 173 -15.82 -39.80 -63.24
CA ASP G 173 -16.08 -39.89 -64.67
C ASP G 173 -16.36 -38.49 -65.18
N ALA G 174 -15.43 -37.93 -65.95
CA ALA G 174 -15.58 -36.56 -66.45
C ALA G 174 -16.75 -36.45 -67.41
N ASN G 175 -16.98 -37.48 -68.23
CA ASN G 175 -18.08 -37.42 -69.19
C ASN G 175 -19.44 -37.56 -68.52
N GLU G 176 -19.51 -38.15 -67.32
CA GLU G 176 -20.76 -38.26 -66.60
C GLU G 176 -21.14 -36.93 -65.94
N VAL G 177 -20.16 -36.20 -65.42
CA VAL G 177 -20.43 -34.90 -64.83
C VAL G 177 -20.82 -33.90 -65.93
N ILE G 178 -20.17 -33.98 -67.09
CA ILE G 178 -20.51 -33.11 -68.20
C ILE G 178 -21.94 -33.37 -68.66
N LYS G 179 -22.33 -34.65 -68.72
CA LYS G 179 -23.69 -35.00 -69.13
C LYS G 179 -24.73 -34.41 -68.18
N GLN G 180 -24.47 -34.49 -66.87
CA GLN G 180 -25.44 -33.99 -65.89
C GLN G 180 -25.56 -32.48 -65.96
N ALA G 181 -24.43 -31.76 -65.94
CA ALA G 181 -24.46 -30.31 -66.09
C ALA G 181 -25.02 -29.90 -67.44
N GLU G 182 -24.92 -30.76 -68.46
CA GLU G 182 -25.51 -30.46 -69.75
C GLU G 182 -27.03 -30.47 -69.68
N ALA G 183 -27.60 -31.46 -68.98
CA ALA G 183 -29.05 -31.52 -68.84
C ALA G 183 -29.56 -30.47 -67.84
N SER G 184 -28.74 -30.12 -66.84
CA SER G 184 -29.13 -29.06 -65.92
C SER G 184 -29.06 -27.69 -66.58
N THR G 185 -28.20 -27.54 -67.60
CA THR G 185 -28.09 -26.27 -68.30
C THR G 185 -29.37 -25.96 -69.07
N ARG G 186 -29.87 -26.93 -69.83
CA ARG G 186 -31.09 -26.72 -70.61
C ARG G 186 -32.28 -26.40 -69.71
N ARG G 187 -32.30 -26.93 -68.49
CA ARG G 187 -33.39 -26.63 -67.57
C ARG G 187 -33.39 -25.16 -67.16
N PHE G 188 -32.21 -24.58 -66.97
CA PHE G 188 -32.13 -23.16 -66.68
C PHE G 188 -32.36 -22.31 -67.93
N GLU G 189 -32.07 -22.86 -69.11
CA GLU G 189 -32.31 -22.12 -70.34
C GLU G 189 -33.80 -22.08 -70.67
N GLN G 190 -34.52 -23.15 -70.37
CA GLN G 190 -35.96 -23.17 -70.55
C GLN G 190 -36.72 -22.58 -69.36
N GLY G 191 -36.01 -22.16 -68.32
CA GLY G 191 -36.62 -21.42 -67.24
C GLY G 191 -37.40 -22.22 -66.23
N ASN G 192 -37.14 -23.52 -66.10
CA ASN G 192 -37.83 -24.38 -65.14
C ASN G 192 -36.82 -25.23 -64.38
N PRO G 193 -36.08 -24.64 -63.45
CA PRO G 193 -35.19 -25.44 -62.61
C PRO G 193 -35.97 -26.31 -61.65
N ILE G 194 -35.37 -27.44 -61.27
CA ILE G 194 -36.06 -28.40 -60.42
C ILE G 194 -36.25 -27.85 -59.02
N SER G 195 -35.17 -27.41 -58.39
CA SER G 195 -35.25 -26.89 -57.03
C SER G 195 -34.06 -25.96 -56.79
N VAL G 196 -33.77 -25.67 -55.52
CA VAL G 196 -32.64 -24.82 -55.18
C VAL G 196 -31.32 -25.56 -55.34
N LEU G 197 -31.36 -26.89 -55.43
CA LEU G 197 -30.16 -27.70 -55.56
C LEU G 197 -29.84 -28.06 -57.00
N ASP G 198 -30.66 -27.63 -57.96
CA ASP G 198 -30.41 -27.94 -59.37
C ASP G 198 -29.15 -27.23 -59.83
N GLY G 199 -28.18 -28.01 -60.31
CA GLY G 199 -26.90 -27.48 -60.71
C GLY G 199 -25.86 -27.42 -59.61
N ILE G 200 -26.22 -27.77 -58.39
CA ILE G 200 -25.28 -27.76 -57.26
C ILE G 200 -24.55 -29.10 -57.24
N PHE G 201 -23.23 -29.05 -57.11
CA PHE G 201 -22.39 -30.24 -57.17
C PHE G 201 -22.24 -30.85 -55.79
N VAL G 202 -22.48 -32.16 -55.69
CA VAL G 202 -22.41 -32.89 -54.44
C VAL G 202 -21.48 -34.10 -54.64
N THR G 203 -20.63 -34.35 -53.65
CA THR G 203 -19.71 -35.48 -53.67
C THR G 203 -20.20 -36.55 -52.71
N ILE G 204 -20.18 -37.79 -53.16
CA ILE G 204 -20.68 -38.93 -52.39
C ILE G 204 -19.50 -39.70 -51.83
N LYS G 205 -19.58 -40.08 -50.57
CA LYS G 205 -18.55 -40.91 -49.95
C LYS G 205 -18.57 -42.31 -50.57
N ASP G 206 -17.41 -42.96 -50.56
CA ASP G 206 -17.25 -44.21 -51.31
C ASP G 206 -17.98 -45.39 -50.68
N ASP G 207 -18.54 -45.24 -49.47
CA ASP G 207 -19.33 -46.30 -48.86
C ASP G 207 -20.83 -46.10 -49.06
N ILE G 208 -21.21 -45.25 -50.00
CA ILE G 208 -22.61 -44.99 -50.34
C ILE G 208 -22.80 -45.27 -51.83
N ASP G 209 -23.90 -45.92 -52.17
CA ASP G 209 -24.16 -46.29 -53.56
C ASP G 209 -24.59 -45.07 -54.37
N CYS G 210 -23.91 -44.84 -55.49
CA CYS G 210 -24.22 -43.71 -56.37
C CYS G 210 -23.90 -44.11 -57.80
N LEU G 211 -24.95 -44.27 -58.61
CA LEU G 211 -24.76 -44.71 -59.99
C LEU G 211 -24.09 -43.60 -60.81
N PRO G 212 -23.30 -43.97 -61.84
CA PRO G 212 -22.99 -45.35 -62.23
C PRO G 212 -21.69 -45.87 -61.63
N HIS G 213 -21.23 -45.24 -60.55
CA HIS G 213 -19.94 -45.60 -59.97
C HIS G 213 -20.09 -46.79 -59.03
N PRO G 214 -19.12 -47.70 -59.01
CA PRO G 214 -19.16 -48.81 -58.05
C PRO G 214 -18.89 -48.30 -56.64
N THR G 215 -19.31 -49.11 -55.66
CA THR G 215 -19.15 -48.79 -54.25
C THR G 215 -18.06 -49.70 -53.68
N ASN G 216 -16.89 -49.12 -53.41
CA ASN G 216 -15.76 -49.88 -52.87
C ASN G 216 -15.48 -49.61 -51.40
N GLY G 217 -15.88 -48.46 -50.87
CA GLY G 217 -15.67 -48.17 -49.47
C GLY G 217 -14.21 -48.01 -49.08
N GLY G 218 -13.37 -47.53 -50.00
CA GLY G 218 -11.96 -47.38 -49.75
C GLY G 218 -11.10 -48.58 -50.08
N THR G 219 -11.71 -49.73 -50.34
CA THR G 219 -10.96 -50.92 -50.72
C THR G 219 -10.69 -50.92 -52.22
N THR G 220 -10.00 -51.95 -52.68
CA THR G 220 -9.68 -52.13 -54.09
C THR G 220 -10.34 -53.36 -54.68
N TRP G 221 -11.27 -53.99 -53.95
CA TRP G 221 -11.84 -55.26 -54.38
C TRP G 221 -13.31 -55.42 -54.06
N LEU G 222 -13.93 -54.51 -53.32
CA LEU G 222 -15.32 -54.71 -52.90
C LEU G 222 -16.26 -54.74 -54.09
N HIS G 223 -15.91 -54.08 -55.19
CA HIS G 223 -16.76 -54.08 -56.37
C HIS G 223 -16.87 -55.47 -57.00
N GLU G 224 -15.92 -56.37 -56.72
CA GLU G 224 -15.98 -57.72 -57.24
C GLU G 224 -17.01 -58.59 -56.52
N ASP G 225 -17.45 -58.17 -55.33
CA ASP G 225 -18.37 -58.97 -54.53
C ASP G 225 -19.68 -58.26 -54.21
N ARG G 226 -19.78 -56.95 -54.45
CA ARG G 226 -21.00 -56.20 -54.17
C ARG G 226 -21.21 -55.22 -55.32
N SER G 227 -22.12 -55.56 -56.23
CA SER G 227 -22.45 -54.69 -57.35
C SER G 227 -23.58 -53.74 -56.96
N VAL G 228 -23.69 -52.65 -57.71
CA VAL G 228 -24.69 -51.62 -57.47
C VAL G 228 -25.57 -51.50 -58.71
N GLU G 229 -26.88 -51.67 -58.52
CA GLU G 229 -27.84 -51.48 -59.60
C GLU G 229 -28.83 -50.36 -59.35
N LYS G 230 -28.83 -49.77 -58.16
CA LYS G 230 -29.72 -48.66 -57.84
C LYS G 230 -28.94 -47.60 -57.08
N ASP G 231 -29.46 -46.38 -57.10
CA ASP G 231 -28.92 -45.33 -56.25
C ASP G 231 -29.26 -45.63 -54.79
N SER G 232 -28.49 -45.01 -53.90
CA SER G 232 -28.86 -45.04 -52.49
C SER G 232 -30.06 -44.15 -52.25
N ALA G 233 -30.70 -44.33 -51.09
CA ALA G 233 -31.86 -43.51 -50.75
C ALA G 233 -31.51 -42.03 -50.70
N VAL G 234 -30.28 -41.69 -50.31
CA VAL G 234 -29.90 -40.29 -50.24
C VAL G 234 -29.56 -39.75 -51.62
N VAL G 235 -28.85 -40.53 -52.44
CA VAL G 235 -28.51 -40.08 -53.79
C VAL G 235 -29.77 -39.95 -54.65
N SER G 236 -30.70 -40.89 -54.49
CA SER G 236 -31.96 -40.81 -55.21
C SER G 236 -32.72 -39.53 -54.88
N LYS G 237 -32.59 -39.03 -53.64
CA LYS G 237 -33.25 -37.79 -53.26
C LYS G 237 -32.50 -36.57 -53.80
N LEU G 238 -31.16 -36.60 -53.76
CA LEU G 238 -30.39 -35.48 -54.28
C LEU G 238 -30.51 -35.37 -55.80
N ARG G 239 -30.42 -36.51 -56.50
CA ARG G 239 -30.56 -36.48 -57.95
C ARG G 239 -31.95 -36.03 -58.39
N SER G 240 -32.97 -36.31 -57.57
CA SER G 240 -34.33 -35.88 -57.89
C SER G 240 -34.52 -34.39 -57.72
N CYS G 241 -33.62 -33.71 -57.01
CA CYS G 241 -33.68 -32.27 -56.82
C CYS G 241 -32.84 -31.52 -57.85
N GLY G 242 -32.16 -32.21 -58.75
CA GLY G 242 -31.34 -31.59 -59.76
C GLY G 242 -29.87 -31.47 -59.44
N ALA G 243 -29.41 -32.08 -58.34
CA ALA G 243 -28.01 -32.00 -57.98
C ALA G 243 -27.16 -32.78 -58.97
N ILE G 244 -25.88 -32.42 -59.04
CA ILE G 244 -24.92 -33.04 -59.95
C ILE G 244 -23.93 -33.80 -59.09
N LEU G 245 -24.05 -35.13 -59.08
CA LEU G 245 -23.16 -35.97 -58.29
C LEU G 245 -21.76 -35.97 -58.91
N LEU G 246 -20.78 -35.52 -58.14
CA LEU G 246 -19.43 -35.38 -58.65
C LEU G 246 -18.72 -36.74 -58.79
N GLY G 247 -18.67 -37.50 -57.70
CA GLY G 247 -18.02 -38.80 -57.76
C GLY G 247 -17.95 -39.42 -56.38
N LYS G 248 -17.01 -40.35 -56.23
CA LYS G 248 -16.80 -41.08 -54.98
C LYS G 248 -15.52 -40.56 -54.32
N ALA G 249 -15.66 -40.02 -53.12
CA ALA G 249 -14.54 -39.40 -52.43
C ALA G 249 -13.69 -40.44 -51.71
N ASN G 250 -12.41 -40.09 -51.51
CA ASN G 250 -11.50 -40.96 -50.78
C ASN G 250 -11.92 -41.03 -49.31
N MET G 251 -11.61 -42.17 -48.69
CA MET G 251 -12.00 -42.40 -47.30
C MET G 251 -11.05 -43.40 -46.67
N HIS G 252 -11.03 -43.42 -45.35
CA HIS G 252 -10.31 -44.46 -44.61
C HIS G 252 -10.98 -45.80 -44.89
N GLU G 253 -10.16 -46.82 -45.17
CA GLU G 253 -10.67 -48.08 -45.71
C GLU G 253 -11.71 -48.69 -44.78
N LEU G 254 -12.92 -48.90 -45.31
CA LEU G 254 -14.05 -49.50 -44.60
C LEU G 254 -14.41 -48.75 -43.32
N GLY G 255 -14.08 -47.46 -43.25
CA GLY G 255 -14.41 -46.67 -42.07
C GLY G 255 -13.74 -47.13 -40.80
N MET G 256 -12.62 -47.85 -40.90
CA MET G 256 -11.93 -48.38 -39.73
C MET G 256 -10.73 -47.48 -39.40
N GLY G 257 -11.06 -46.28 -38.94
CA GLY G 257 -10.05 -45.30 -38.59
C GLY G 257 -10.63 -43.91 -38.55
N THR G 258 -9.90 -43.01 -37.87
CA THR G 258 -10.36 -41.64 -37.69
C THR G 258 -9.32 -40.62 -38.14
N THR G 259 -8.43 -40.99 -39.05
CA THR G 259 -7.44 -40.07 -39.59
C THR G 259 -7.58 -39.82 -41.09
N GLY G 260 -8.01 -40.82 -41.85
CA GLY G 260 -8.08 -40.70 -43.29
C GLY G 260 -6.94 -41.35 -44.04
N ASN G 261 -6.09 -42.11 -43.36
CA ASN G 261 -4.96 -42.77 -44.02
C ASN G 261 -5.48 -43.89 -44.91
N ASN G 262 -5.18 -43.81 -46.20
CA ASN G 262 -5.55 -44.83 -47.16
C ASN G 262 -4.30 -45.22 -47.95
N SER G 263 -3.80 -46.43 -47.71
CA SER G 263 -2.59 -46.89 -48.38
C SER G 263 -2.84 -47.39 -49.80
N ASN G 264 -4.09 -47.51 -50.22
CA ASN G 264 -4.42 -48.00 -51.56
C ASN G 264 -4.47 -46.88 -52.58
N TYR G 265 -5.29 -45.85 -52.32
CA TYR G 265 -5.43 -44.73 -53.23
C TYR G 265 -4.58 -43.52 -52.84
N GLY G 266 -4.15 -43.44 -51.60
CA GLY G 266 -3.36 -42.31 -51.14
C GLY G 266 -4.15 -41.53 -50.10
N THR G 267 -3.43 -40.99 -49.12
CA THR G 267 -4.07 -40.27 -48.02
C THR G 267 -4.39 -38.84 -48.47
N THR G 268 -5.66 -38.45 -48.31
CA THR G 268 -6.07 -37.10 -48.65
C THR G 268 -5.49 -36.10 -47.66
N ARG G 269 -5.04 -34.97 -48.18
CA ARG G 269 -4.35 -33.95 -47.39
C ARG G 269 -5.30 -32.82 -47.00
N ASN G 270 -5.05 -32.24 -45.84
CA ASN G 270 -5.90 -31.16 -45.33
C ASN G 270 -5.70 -29.90 -46.18
N PRO G 271 -6.78 -29.24 -46.60
CA PRO G 271 -6.61 -28.00 -47.38
C PRO G 271 -5.94 -26.88 -46.60
N HIS G 272 -6.01 -26.89 -45.27
CA HIS G 272 -5.34 -25.87 -44.47
C HIS G 272 -3.84 -26.15 -44.34
N ASP G 273 -3.45 -27.42 -44.33
CA ASP G 273 -2.04 -27.80 -44.29
C ASP G 273 -1.88 -29.16 -44.96
N PRO G 274 -1.34 -29.21 -46.19
CA PRO G 274 -1.26 -30.50 -46.89
C PRO G 274 -0.37 -31.53 -46.23
N LYS G 275 0.45 -31.14 -45.25
CA LYS G 275 1.27 -32.09 -44.53
C LYS G 275 0.56 -32.68 -43.31
N ARG G 276 -0.70 -32.34 -43.09
CA ARG G 276 -1.46 -32.83 -41.96
C ARG G 276 -2.63 -33.68 -42.43
N TYR G 277 -3.26 -34.35 -41.48
CA TYR G 277 -4.37 -35.26 -41.78
C TYR G 277 -5.67 -34.48 -42.01
N THR G 278 -6.64 -35.17 -42.59
CA THR G 278 -7.96 -34.62 -42.85
C THR G 278 -8.97 -34.97 -41.76
N GLY G 279 -8.88 -36.16 -41.20
CA GLY G 279 -9.86 -36.65 -40.26
C GLY G 279 -10.67 -37.76 -40.92
N GLY G 280 -10.91 -38.82 -40.16
CA GLY G 280 -11.60 -39.98 -40.67
C GLY G 280 -13.06 -40.03 -40.25
N SER G 281 -13.83 -40.83 -40.98
CA SER G 281 -13.31 -41.57 -42.11
C SER G 281 -13.62 -40.86 -43.43
N SER G 282 -14.46 -39.81 -43.35
CA SER G 282 -14.83 -39.02 -44.52
C SER G 282 -13.70 -38.05 -44.85
N SER G 283 -12.57 -38.61 -45.27
CA SER G 283 -11.41 -37.79 -45.58
C SER G 283 -11.62 -36.96 -46.83
N GLY G 284 -11.99 -37.62 -47.94
CA GLY G 284 -12.19 -36.89 -49.18
C GLY G 284 -13.41 -35.99 -49.16
N SER G 285 -14.44 -36.38 -48.40
CA SER G 285 -15.67 -35.58 -48.37
C SER G 285 -15.43 -34.22 -47.72
N ALA G 286 -14.70 -34.19 -46.60
CA ALA G 286 -14.44 -32.94 -45.90
C ALA G 286 -13.41 -32.09 -46.62
N ALA G 287 -12.43 -32.72 -47.28
CA ALA G 287 -11.38 -31.96 -47.93
C ALA G 287 -11.89 -31.27 -49.21
N ILE G 288 -12.69 -31.98 -50.01
CA ILE G 288 -13.19 -31.41 -51.24
C ILE G 288 -14.18 -30.27 -50.98
N VAL G 289 -14.81 -30.25 -49.81
CA VAL G 289 -15.69 -29.14 -49.45
C VAL G 289 -14.90 -27.97 -48.86
N ALA G 290 -13.91 -28.27 -48.02
CA ALA G 290 -13.06 -27.22 -47.48
C ALA G 290 -12.22 -26.55 -48.57
N ALA G 291 -11.90 -27.28 -49.64
CA ALA G 291 -11.17 -26.71 -50.77
C ALA G 291 -12.06 -25.90 -51.70
N GLY G 292 -13.37 -25.86 -51.45
CA GLY G 292 -14.27 -25.09 -52.29
C GLY G 292 -14.58 -25.68 -53.64
N LEU G 293 -14.24 -26.96 -53.87
CA LEU G 293 -14.51 -27.56 -55.17
C LEU G 293 -16.00 -27.79 -55.38
N CYS G 294 -16.72 -28.17 -54.33
CA CYS G 294 -18.15 -28.40 -54.41
C CYS G 294 -18.83 -27.80 -53.19
N SER G 295 -20.15 -27.61 -53.29
CA SER G 295 -20.90 -26.95 -52.23
C SER G 295 -20.95 -27.82 -50.98
N ALA G 296 -21.37 -29.07 -51.11
CA ALA G 296 -21.47 -29.98 -49.98
C ALA G 296 -21.15 -31.38 -50.44
N ALA G 297 -21.06 -32.29 -49.47
CA ALA G 297 -20.76 -33.69 -49.73
C ALA G 297 -21.34 -34.53 -48.61
N LEU G 298 -21.82 -35.73 -48.96
CA LEU G 298 -22.38 -36.65 -47.99
C LEU G 298 -21.29 -37.47 -47.33
N GLY G 299 -21.64 -38.15 -46.24
CA GLY G 299 -20.71 -38.98 -45.53
C GLY G 299 -21.35 -39.78 -44.42
N THR G 300 -20.77 -40.92 -44.09
CA THR G 300 -21.24 -41.76 -42.99
C THR G 300 -20.58 -41.34 -41.69
N ASP G 301 -21.30 -41.54 -40.58
CA ASP G 301 -20.82 -41.21 -39.24
C ASP G 301 -21.13 -42.40 -38.33
N GLY G 302 -20.16 -43.31 -38.18
CA GLY G 302 -20.31 -44.42 -37.27
C GLY G 302 -19.64 -44.15 -35.95
N GLY G 303 -18.52 -43.44 -35.98
CA GLY G 303 -17.81 -43.05 -34.77
C GLY G 303 -17.20 -41.68 -34.90
N GLY G 304 -18.02 -40.72 -35.31
CA GLY G 304 -17.53 -39.37 -35.57
C GLY G 304 -16.94 -39.18 -36.94
N ALA G 305 -17.21 -40.08 -37.88
CA ALA G 305 -16.62 -40.02 -39.22
C ALA G 305 -17.10 -38.83 -40.05
N VAL G 306 -18.01 -38.02 -39.52
CA VAL G 306 -18.45 -36.80 -40.19
C VAL G 306 -18.06 -35.56 -39.39
N ARG G 307 -18.19 -35.62 -38.06
CA ARG G 307 -17.85 -34.47 -37.24
C ARG G 307 -16.35 -34.28 -37.08
N ILE G 308 -15.58 -35.37 -37.07
CA ILE G 308 -14.14 -35.29 -36.90
C ILE G 308 -13.48 -34.66 -38.12
N PRO G 309 -13.73 -35.14 -39.36
CA PRO G 309 -13.08 -34.48 -40.50
C PRO G 309 -13.61 -33.09 -40.78
N SER G 310 -14.79 -32.72 -40.26
CA SER G 310 -15.29 -31.37 -40.44
C SER G 310 -14.62 -30.38 -39.50
N ALA G 311 -14.22 -30.82 -38.32
CA ALA G 311 -13.56 -29.93 -37.37
C ALA G 311 -12.08 -29.74 -37.70
N LEU G 312 -11.44 -30.74 -38.31
CA LEU G 312 -10.03 -30.62 -38.67
C LEU G 312 -9.85 -29.79 -39.94
N CYS G 313 -10.85 -29.76 -40.81
CA CYS G 313 -10.77 -29.00 -42.05
C CYS G 313 -11.41 -27.62 -41.97
N GLY G 314 -12.32 -27.41 -41.02
CA GLY G 314 -12.93 -26.11 -40.83
C GLY G 314 -14.25 -25.92 -41.54
N ILE G 315 -15.11 -26.94 -41.48
CA ILE G 315 -16.43 -26.86 -42.11
C ILE G 315 -17.47 -27.38 -41.14
N THR G 316 -18.71 -27.50 -41.61
CA THR G 316 -19.83 -27.95 -40.79
C THR G 316 -20.12 -29.42 -41.06
N GLY G 317 -20.20 -30.21 -40.00
CA GLY G 317 -20.56 -31.61 -40.12
C GLY G 317 -21.80 -31.94 -39.31
N LEU G 318 -22.89 -32.31 -39.99
CA LEU G 318 -24.18 -32.56 -39.35
C LEU G 318 -24.38 -34.06 -39.20
N LYS G 319 -24.43 -34.53 -37.95
CA LYS G 319 -24.79 -35.90 -37.63
C LYS G 319 -26.23 -35.88 -37.11
N THR G 320 -27.13 -36.51 -37.85
CA THR G 320 -28.55 -36.49 -37.51
C THR G 320 -28.88 -37.63 -36.54
N THR G 321 -30.13 -37.64 -36.08
CA THR G 321 -30.60 -38.70 -35.20
C THR G 321 -30.53 -40.05 -35.91
N TYR G 322 -30.33 -41.11 -35.14
CA TYR G 322 -30.29 -42.45 -35.69
C TYR G 322 -31.63 -42.79 -36.34
N GLY G 323 -31.60 -43.08 -37.64
CA GLY G 323 -32.80 -43.39 -38.38
C GLY G 323 -33.49 -42.21 -39.04
N ARG G 324 -33.03 -40.99 -38.78
CA ARG G 324 -33.64 -39.83 -39.41
C ARG G 324 -33.47 -39.85 -40.92
N THR G 325 -32.28 -40.23 -41.40
CA THR G 325 -31.97 -40.27 -42.81
C THR G 325 -31.82 -41.70 -43.26
N ASP G 326 -32.51 -42.06 -44.34
CA ASP G 326 -32.53 -43.43 -44.83
C ASP G 326 -31.16 -43.85 -45.33
N MET G 327 -30.66 -44.96 -44.80
CA MET G 327 -29.36 -45.50 -45.19
C MET G 327 -29.46 -46.68 -46.16
N THR G 328 -30.63 -46.90 -46.75
CA THR G 328 -30.80 -48.01 -47.68
C THR G 328 -29.92 -47.80 -48.90
N GLY G 329 -28.97 -48.72 -49.12
CA GLY G 329 -28.06 -48.60 -50.23
C GLY G 329 -26.72 -48.02 -49.82
N SER G 330 -26.23 -48.41 -48.64
CA SER G 330 -24.91 -48.00 -48.18
C SER G 330 -24.24 -49.19 -47.50
N LEU G 331 -22.93 -49.06 -47.28
CA LEU G 331 -22.18 -50.15 -46.69
C LEU G 331 -22.47 -50.35 -45.21
N CYS G 332 -22.96 -49.31 -44.53
CA CYS G 332 -23.18 -49.36 -43.09
C CYS G 332 -24.65 -49.47 -42.71
N GLU G 333 -25.51 -49.89 -43.64
CA GLU G 333 -26.91 -50.09 -43.31
C GLU G 333 -27.06 -51.32 -42.42
N GLY G 334 -28.03 -51.25 -41.50
CA GLY G 334 -28.23 -52.31 -40.53
C GLY G 334 -27.45 -52.17 -39.25
N GLY G 335 -26.51 -51.23 -39.18
CA GLY G 335 -25.77 -50.99 -37.96
C GLY G 335 -26.61 -50.28 -36.92
N THR G 336 -25.97 -49.96 -35.79
CA THR G 336 -26.67 -49.33 -34.68
C THR G 336 -25.99 -48.04 -34.22
N VAL G 337 -24.99 -47.54 -34.95
CA VAL G 337 -24.29 -46.32 -34.55
C VAL G 337 -24.09 -45.43 -35.76
N GLU G 338 -24.34 -45.95 -36.96
CA GLU G 338 -24.04 -45.25 -38.20
C GLU G 338 -25.25 -44.46 -38.70
N ILE G 339 -24.98 -43.27 -39.24
CA ILE G 339 -25.95 -42.45 -39.95
C ILE G 339 -25.29 -41.89 -41.20
N ILE G 340 -26.04 -41.09 -41.94
CA ILE G 340 -25.52 -40.42 -43.14
C ILE G 340 -25.84 -38.94 -43.03
N GLY G 341 -24.79 -38.11 -42.95
CA GLY G 341 -24.95 -36.69 -42.78
C GLY G 341 -24.15 -35.88 -43.79
N PRO G 342 -24.52 -34.62 -43.97
CA PRO G 342 -23.82 -33.77 -44.93
C PRO G 342 -22.64 -33.04 -44.33
N LEU G 343 -21.68 -32.72 -45.21
CA LEU G 343 -20.52 -31.90 -44.88
C LEU G 343 -20.53 -30.70 -45.83
N ALA G 344 -20.85 -29.53 -45.29
CA ALA G 344 -20.99 -28.32 -46.09
C ALA G 344 -20.07 -27.22 -45.58
N SER G 345 -19.83 -26.24 -46.45
CA SER G 345 -18.93 -25.14 -46.13
C SER G 345 -19.55 -24.17 -45.12
N SER G 346 -20.86 -24.22 -44.92
CA SER G 346 -21.52 -23.30 -44.00
C SER G 346 -22.79 -23.97 -43.47
N LEU G 347 -23.35 -23.36 -42.42
CA LEU G 347 -24.57 -23.90 -41.82
C LEU G 347 -25.75 -23.80 -42.78
N GLU G 348 -25.79 -22.76 -43.61
CA GLU G 348 -26.91 -22.59 -44.53
C GLU G 348 -26.94 -23.69 -45.59
N ASP G 349 -25.76 -24.15 -46.03
CA ASP G 349 -25.70 -25.20 -47.03
C ASP G 349 -25.94 -26.59 -46.43
N ALA G 350 -25.49 -26.81 -45.19
CA ALA G 350 -25.75 -28.09 -44.53
C ALA G 350 -27.23 -28.25 -44.19
N PHE G 351 -27.91 -27.15 -43.90
CA PHE G 351 -29.33 -27.22 -43.60
C PHE G 351 -30.16 -27.54 -44.85
N LEU G 352 -29.68 -27.14 -46.02
CA LEU G 352 -30.41 -27.41 -47.26
C LEU G 352 -30.23 -28.86 -47.70
N VAL G 353 -29.02 -29.40 -47.59
CA VAL G 353 -28.79 -30.79 -47.97
C VAL G 353 -29.49 -31.73 -47.01
N TYR G 354 -29.55 -31.35 -45.73
CA TYR G 354 -30.29 -32.15 -44.76
C TYR G 354 -31.78 -32.19 -45.11
N ALA G 355 -32.33 -31.06 -45.56
CA ALA G 355 -33.74 -31.00 -45.91
C ALA G 355 -34.08 -31.91 -47.10
N ALA G 356 -33.09 -32.23 -47.94
CA ALA G 356 -33.35 -33.04 -49.12
C ALA G 356 -33.13 -34.53 -48.90
N ILE G 357 -32.19 -34.89 -48.01
CA ILE G 357 -31.88 -36.30 -47.80
C ILE G 357 -32.64 -36.93 -46.64
N LEU G 358 -33.25 -36.13 -45.76
CA LEU G 358 -33.93 -36.68 -44.60
C LEU G 358 -35.13 -37.50 -45.03
N GLY G 359 -35.59 -38.37 -44.13
CA GLY G 359 -36.69 -39.27 -44.41
C GLY G 359 -36.40 -40.69 -43.99
N SER G 360 -37.03 -41.14 -42.92
CA SER G 360 -36.79 -42.48 -42.40
C SER G 360 -37.30 -43.54 -43.38
N SER G 361 -36.63 -44.69 -43.38
CA SER G 361 -37.05 -45.79 -44.23
C SER G 361 -38.34 -46.40 -43.68
N SER G 362 -38.92 -47.30 -44.48
CA SER G 362 -40.18 -47.93 -44.07
C SER G 362 -40.00 -48.79 -42.83
N ALA G 363 -38.83 -49.40 -42.68
CA ALA G 363 -38.58 -50.26 -41.52
C ALA G 363 -38.35 -49.43 -40.26
N ASP G 364 -37.51 -48.40 -40.35
CA ASP G 364 -37.23 -47.55 -39.20
C ASP G 364 -38.40 -46.65 -38.81
N ARG G 365 -39.43 -46.56 -39.66
CA ARG G 365 -40.57 -45.72 -39.31
C ARG G 365 -41.39 -46.36 -38.19
N TYR G 366 -41.56 -47.68 -38.23
CA TYR G 366 -42.33 -48.35 -37.19
C TYR G 366 -41.48 -48.68 -35.97
N ASN G 367 -40.18 -48.93 -36.16
CA ASN G 367 -39.32 -49.36 -35.07
C ASN G 367 -38.95 -48.19 -34.15
N LEU G 368 -38.34 -47.15 -34.73
CA LEU G 368 -37.90 -46.01 -33.93
C LEU G 368 -39.01 -45.01 -33.66
N LYS G 369 -40.08 -45.02 -34.47
CA LYS G 369 -41.18 -44.07 -34.37
C LYS G 369 -40.65 -42.64 -34.33
N PRO G 370 -40.07 -42.14 -35.42
CA PRO G 370 -39.51 -40.78 -35.40
C PRO G 370 -40.60 -39.72 -35.52
N SER G 371 -40.48 -38.67 -34.71
CA SER G 371 -41.36 -37.53 -34.81
C SER G 371 -41.16 -36.83 -36.17
N PRO G 372 -42.18 -36.12 -36.65
CA PRO G 372 -42.05 -35.43 -37.94
C PRO G 372 -40.86 -34.49 -37.95
N PRO G 373 -40.15 -34.38 -39.08
CA PRO G 373 -38.98 -33.50 -39.12
C PRO G 373 -39.36 -32.04 -38.95
N CYS G 374 -38.39 -31.24 -38.54
CA CYS G 374 -38.60 -29.82 -38.29
C CYS G 374 -37.42 -29.02 -38.83
N PHE G 375 -37.69 -27.78 -39.19
CA PHE G 375 -36.67 -26.86 -39.65
C PHE G 375 -36.58 -25.68 -38.69
N PRO G 376 -35.37 -25.27 -38.30
CA PRO G 376 -35.25 -24.10 -37.42
C PRO G 376 -35.52 -22.82 -38.20
N LYS G 377 -36.38 -21.97 -37.64
CA LYS G 377 -36.64 -20.65 -38.22
C LYS G 377 -35.39 -19.81 -38.07
N LEU G 378 -34.44 -20.00 -39.01
CA LEU G 378 -33.19 -19.27 -38.97
C LEU G 378 -33.38 -17.76 -39.10
N LEU G 379 -34.59 -17.31 -39.46
CA LEU G 379 -34.96 -15.90 -39.36
C LEU G 379 -34.77 -15.42 -37.93
N SER G 380 -33.70 -14.64 -37.70
CA SER G 380 -33.39 -14.20 -36.34
C SER G 380 -34.47 -13.29 -35.78
N HIS G 381 -35.19 -12.58 -36.65
CA HIS G 381 -36.29 -11.71 -36.25
C HIS G 381 -37.58 -12.25 -36.84
N ASN G 382 -38.57 -12.50 -35.98
CA ASN G 382 -38.45 -12.27 -34.55
C ASN G 382 -38.28 -13.59 -33.80
N GLY G 383 -37.04 -14.07 -33.71
CA GLY G 383 -36.78 -15.35 -33.07
C GLY G 383 -35.45 -15.43 -32.35
N SER G 384 -35.13 -14.40 -31.56
CA SER G 384 -33.93 -14.41 -30.73
C SER G 384 -34.19 -14.89 -29.32
N ASN G 385 -35.46 -14.99 -28.90
CA ASN G 385 -35.77 -15.45 -27.56
C ASN G 385 -35.71 -16.96 -27.45
N ALA G 386 -36.05 -17.69 -28.53
CA ALA G 386 -35.96 -19.14 -28.52
C ALA G 386 -34.51 -19.62 -28.43
N ILE G 387 -33.55 -18.78 -28.83
CA ILE G 387 -32.15 -19.15 -28.72
C ILE G 387 -31.63 -18.87 -27.32
N GLY G 388 -32.08 -17.78 -26.71
CA GLY G 388 -31.65 -17.44 -25.35
C GLY G 388 -32.21 -18.35 -24.29
N SER G 389 -33.35 -18.99 -24.53
CA SER G 389 -33.97 -19.88 -23.56
C SER G 389 -33.29 -21.25 -23.51
N LEU G 390 -32.27 -21.48 -24.32
CA LEU G 390 -31.58 -22.77 -24.32
C LEU G 390 -30.67 -22.89 -23.11
N ARG G 391 -30.52 -24.13 -22.63
CA ARG G 391 -29.63 -24.43 -21.51
C ARG G 391 -28.50 -25.32 -22.04
N LEU G 392 -27.28 -24.80 -21.99
CA LEU G 392 -26.11 -25.51 -22.52
C LEU G 392 -25.48 -26.34 -21.42
N GLY G 393 -25.48 -27.66 -21.58
CA GLY G 393 -24.85 -28.54 -20.62
C GLY G 393 -23.36 -28.67 -20.92
N LYS G 394 -22.54 -28.50 -19.89
CA LYS G 394 -21.08 -28.51 -20.06
C LYS G 394 -20.45 -29.28 -18.91
N TYR G 395 -19.77 -30.38 -19.24
CA TYR G 395 -18.97 -31.13 -18.27
C TYR G 395 -17.57 -30.51 -18.26
N THR G 396 -17.29 -29.69 -17.24
CA THR G 396 -16.08 -28.87 -17.24
C THR G 396 -14.82 -29.71 -17.30
N LYS G 397 -14.76 -30.77 -16.48
CA LYS G 397 -13.60 -31.66 -16.52
C LYS G 397 -13.46 -32.34 -17.87
N TRP G 398 -14.57 -32.78 -18.45
CA TRP G 398 -14.54 -33.35 -19.79
C TRP G 398 -14.30 -32.29 -20.85
N PHE G 399 -14.73 -31.06 -20.59
CA PHE G 399 -14.59 -29.97 -21.57
C PHE G 399 -13.14 -29.59 -21.76
N ASN G 400 -12.35 -29.59 -20.68
CA ASN G 400 -10.98 -29.11 -20.70
C ASN G 400 -9.96 -30.19 -21.02
N ASP G 401 -10.38 -31.45 -21.14
CA ASP G 401 -9.46 -32.56 -21.40
C ASP G 401 -9.12 -32.58 -22.90
N VAL G 402 -8.25 -31.66 -23.29
CA VAL G 402 -7.78 -31.55 -24.66
C VAL G 402 -6.26 -31.49 -24.65
N SER G 403 -5.66 -31.93 -25.76
CA SER G 403 -4.20 -31.93 -25.86
C SER G 403 -3.63 -30.54 -26.10
N SER G 404 -4.46 -29.60 -26.57
CA SER G 404 -4.03 -28.23 -26.82
C SER G 404 -4.95 -27.28 -26.07
N SER G 405 -4.35 -26.32 -25.35
CA SER G 405 -5.14 -25.38 -24.57
C SER G 405 -5.96 -24.43 -25.43
N ASP G 406 -5.60 -24.28 -26.70
CA ASP G 406 -6.34 -23.38 -27.59
C ASP G 406 -7.77 -23.87 -27.82
N ILE G 407 -7.99 -25.18 -27.71
CA ILE G 407 -9.32 -25.74 -27.99
C ILE G 407 -10.30 -25.37 -26.88
N SER G 408 -9.94 -25.67 -25.63
CA SER G 408 -10.83 -25.39 -24.51
C SER G 408 -11.04 -23.89 -24.30
N ASP G 409 -10.08 -23.06 -24.73
CA ASP G 409 -10.21 -21.62 -24.54
C ASP G 409 -11.08 -21.00 -25.63
N LYS G 410 -10.84 -21.38 -26.90
CA LYS G 410 -11.62 -20.82 -27.99
C LYS G 410 -13.07 -21.33 -27.97
N CYS G 411 -13.30 -22.50 -27.38
CA CYS G 411 -14.66 -23.01 -27.25
C CYS G 411 -15.39 -22.35 -26.09
N GLU G 412 -14.67 -22.00 -25.02
CA GLU G 412 -15.30 -21.28 -23.92
C GLU G 412 -15.69 -19.86 -24.32
N ASP G 413 -14.92 -19.25 -25.24
CA ASP G 413 -15.27 -17.91 -25.72
C ASP G 413 -16.61 -17.93 -26.44
N ILE G 414 -16.89 -18.98 -27.19
CA ILE G 414 -18.18 -19.11 -27.87
C ILE G 414 -19.29 -19.24 -26.84
N LEU G 415 -19.08 -20.04 -25.79
CA LEU G 415 -20.08 -20.18 -24.74
C LEU G 415 -20.31 -18.85 -24.03
N LYS G 416 -19.24 -18.08 -23.82
CA LYS G 416 -19.39 -16.76 -23.19
C LYS G 416 -20.09 -15.79 -24.12
N LEU G 417 -19.74 -15.81 -25.41
CA LEU G 417 -20.42 -14.94 -26.37
C LEU G 417 -21.88 -15.32 -26.53
N LEU G 418 -22.18 -16.63 -26.55
CA LEU G 418 -23.56 -17.07 -26.60
C LEU G 418 -24.32 -16.64 -25.36
N SER G 419 -23.66 -16.70 -24.19
CA SER G 419 -24.31 -16.31 -22.95
C SER G 419 -24.47 -14.79 -22.85
N ASN G 420 -23.59 -14.03 -23.49
CA ASN G 420 -23.62 -12.58 -23.40
C ASN G 420 -24.47 -11.94 -24.49
N ASN G 421 -24.46 -12.49 -25.70
CA ASN G 421 -25.19 -11.92 -26.82
C ASN G 421 -26.63 -12.41 -26.94
N HIS G 422 -26.93 -13.58 -26.37
CA HIS G 422 -28.27 -14.15 -26.47
C HIS G 422 -28.92 -14.43 -25.13
N GLY G 423 -28.15 -14.76 -24.10
CA GLY G 423 -28.68 -15.05 -22.79
C GLY G 423 -28.72 -16.52 -22.38
N CYS G 424 -27.99 -17.39 -23.08
CA CYS G 424 -27.97 -18.80 -22.72
C CYS G 424 -27.25 -19.02 -21.40
N LYS G 425 -27.73 -19.99 -20.63
CA LYS G 425 -27.16 -20.32 -19.33
C LYS G 425 -26.42 -21.64 -19.43
N VAL G 426 -25.11 -21.62 -19.21
CA VAL G 426 -24.29 -22.83 -19.24
C VAL G 426 -24.47 -23.54 -17.91
N VAL G 427 -25.11 -24.71 -17.94
CA VAL G 427 -25.36 -25.51 -16.75
C VAL G 427 -24.30 -26.59 -16.65
N GLU G 428 -23.68 -26.70 -15.47
CA GLU G 428 -22.66 -27.71 -15.25
C GLU G 428 -23.31 -29.09 -15.13
N ILE G 429 -22.88 -30.03 -15.96
CA ILE G 429 -23.44 -31.38 -15.96
C ILE G 429 -22.34 -32.38 -15.66
N VAL G 430 -22.66 -33.66 -15.73
CA VAL G 430 -21.68 -34.74 -15.53
C VAL G 430 -22.13 -35.94 -16.34
N VAL G 431 -21.20 -36.49 -17.14
CA VAL G 431 -21.48 -37.63 -17.99
C VAL G 431 -20.74 -38.84 -17.45
N PRO G 432 -21.42 -39.74 -16.74
CA PRO G 432 -20.73 -40.87 -16.12
C PRO G 432 -20.38 -41.96 -17.14
N GLU G 433 -19.49 -42.85 -16.69
CA GLU G 433 -19.16 -44.08 -17.43
C GLU G 433 -18.69 -43.79 -18.85
N LEU G 434 -17.80 -42.80 -18.98
CA LEU G 434 -17.25 -42.49 -20.29
C LEU G 434 -16.33 -43.59 -20.79
N GLU G 435 -15.67 -44.32 -19.89
CA GLU G 435 -14.82 -45.43 -20.32
C GLU G 435 -15.67 -46.60 -20.82
N GLU G 436 -16.84 -46.81 -20.22
CA GLU G 436 -17.75 -47.83 -20.72
C GLU G 436 -18.30 -47.47 -22.09
N MET G 437 -18.41 -46.17 -22.39
CA MET G 437 -18.93 -45.75 -23.68
C MET G 437 -17.97 -46.08 -24.82
N ARG G 438 -16.67 -46.11 -24.53
CA ARG G 438 -15.69 -46.48 -25.56
C ARG G 438 -15.69 -47.98 -25.80
N ALA G 439 -15.74 -48.78 -24.72
CA ALA G 439 -15.72 -50.23 -24.87
C ALA G 439 -17.03 -50.73 -25.50
N ALA G 440 -18.15 -50.12 -25.12
CA ALA G 440 -19.44 -50.52 -25.68
C ALA G 440 -19.65 -50.05 -27.10
N HIS G 441 -18.89 -49.05 -27.55
CA HIS G 441 -19.03 -48.54 -28.91
C HIS G 441 -18.10 -49.26 -29.90
N VAL G 442 -16.86 -49.53 -29.50
CA VAL G 442 -15.90 -50.16 -30.40
C VAL G 442 -16.40 -51.55 -30.83
N ILE G 443 -17.17 -52.21 -29.97
CA ILE G 443 -17.75 -53.50 -30.32
C ILE G 443 -19.08 -53.34 -31.04
N SER G 444 -19.82 -52.26 -30.77
CA SER G 444 -21.08 -52.02 -31.45
C SER G 444 -20.92 -51.54 -32.89
N ILE G 445 -19.72 -51.10 -33.28
CA ILE G 445 -19.50 -50.56 -34.62
C ILE G 445 -18.70 -51.55 -35.45
N GLY G 446 -17.82 -52.30 -34.78
CA GLY G 446 -16.93 -53.20 -35.46
C GLY G 446 -17.56 -54.55 -35.74
N SER G 447 -18.51 -54.97 -34.89
CA SER G 447 -19.12 -56.28 -35.05
C SER G 447 -19.98 -56.37 -36.29
N PRO G 448 -20.89 -55.43 -36.59
CA PRO G 448 -21.61 -55.51 -37.86
C PRO G 448 -20.73 -55.22 -39.07
N THR G 449 -19.68 -54.42 -38.91
CA THR G 449 -18.77 -54.17 -40.03
C THR G 449 -18.01 -55.44 -40.39
N LEU G 450 -17.47 -56.14 -39.40
CA LEU G 450 -16.76 -57.39 -39.66
C LEU G 450 -17.71 -58.48 -40.14
N SER G 451 -18.95 -58.47 -39.66
CA SER G 451 -19.89 -59.54 -40.01
C SER G 451 -20.18 -59.55 -41.51
N SER G 452 -20.39 -58.39 -42.10
CA SER G 452 -20.73 -58.33 -43.52
C SER G 452 -19.50 -58.65 -44.39
N LEU G 453 -18.33 -58.18 -43.97
CA LEU G 453 -17.10 -58.44 -44.72
C LEU G 453 -16.54 -59.84 -44.49
N THR G 454 -17.16 -60.63 -43.60
CA THR G 454 -16.59 -61.93 -43.25
C THR G 454 -16.70 -62.94 -44.39
N PRO G 455 -17.83 -63.10 -45.08
CA PRO G 455 -17.85 -64.04 -46.22
C PRO G 455 -16.82 -63.72 -47.28
N TYR G 456 -16.45 -62.44 -47.43
CA TYR G 456 -15.42 -62.07 -48.39
C TYR G 456 -14.03 -62.37 -47.84
N CYS G 457 -13.79 -62.05 -46.58
CA CYS G 457 -12.49 -62.33 -45.96
C CYS G 457 -12.22 -63.83 -45.91
N GLU G 458 -13.24 -64.62 -45.57
CA GLU G 458 -13.09 -66.07 -45.56
C GLU G 458 -12.85 -66.63 -46.96
N ALA G 459 -13.21 -65.88 -48.00
CA ALA G 459 -13.00 -66.29 -49.39
C ALA G 459 -11.61 -65.96 -49.89
N GLY G 460 -10.66 -65.67 -49.00
CA GLY G 460 -9.30 -65.39 -49.41
C GLY G 460 -9.02 -63.97 -49.83
N LYS G 461 -9.80 -63.00 -49.35
CA LYS G 461 -9.60 -61.60 -49.68
C LYS G 461 -9.25 -60.75 -48.46
N ASN G 462 -8.96 -61.38 -47.31
CA ASN G 462 -8.53 -60.63 -46.15
C ASN G 462 -7.17 -59.98 -46.38
N SER G 463 -6.32 -60.61 -47.21
CA SER G 463 -5.01 -60.04 -47.51
C SER G 463 -5.12 -58.80 -48.36
N LYS G 464 -6.19 -58.68 -49.15
CA LYS G 464 -6.39 -57.50 -49.99
C LYS G 464 -6.70 -56.24 -49.19
N LEU G 465 -6.97 -56.37 -47.89
CA LEU G 465 -7.22 -55.22 -47.05
C LEU G 465 -5.91 -54.59 -46.60
N SER G 466 -6.02 -53.37 -46.05
CA SER G 466 -4.86 -52.70 -45.52
C SER G 466 -4.54 -53.21 -44.11
N TYR G 467 -3.29 -53.02 -43.70
CA TYR G 467 -2.86 -53.47 -42.38
C TYR G 467 -3.55 -52.70 -41.27
N ASP G 468 -4.06 -51.50 -41.55
CA ASP G 468 -4.83 -50.76 -40.54
C ASP G 468 -6.15 -51.47 -40.26
N THR G 469 -6.87 -51.87 -41.32
CA THR G 469 -8.13 -52.58 -41.13
C THR G 469 -7.90 -53.98 -40.61
N ARG G 470 -6.83 -54.65 -41.07
CA ARG G 470 -6.55 -56.01 -40.61
C ARG G 470 -6.19 -56.04 -39.13
N THR G 471 -5.58 -54.96 -38.62
CA THR G 471 -5.32 -54.88 -37.19
C THR G 471 -6.63 -54.71 -36.41
N SER G 472 -7.56 -53.93 -36.95
CA SER G 472 -8.84 -53.73 -36.29
C SER G 472 -9.69 -55.00 -36.33
N PHE G 473 -9.66 -55.72 -37.45
CA PHE G 473 -10.45 -56.94 -37.56
C PHE G 473 -9.91 -58.03 -36.64
N ALA G 474 -8.59 -58.08 -36.44
CA ALA G 474 -8.03 -59.07 -35.51
C ALA G 474 -8.57 -58.85 -34.09
N ILE G 475 -8.77 -57.59 -33.70
CA ILE G 475 -9.36 -57.30 -32.40
C ILE G 475 -10.87 -57.56 -32.42
N PHE G 476 -11.53 -57.30 -33.54
CA PHE G 476 -12.98 -57.52 -33.60
C PHE G 476 -13.31 -59.00 -33.57
N ARG G 477 -12.47 -59.84 -34.21
CA ARG G 477 -12.70 -61.28 -34.18
C ARG G 477 -12.61 -61.85 -32.78
N SER G 478 -11.96 -61.15 -31.85
CA SER G 478 -11.85 -61.59 -30.47
C SER G 478 -13.04 -61.18 -29.62
N PHE G 479 -13.90 -60.29 -30.12
CA PHE G 479 -15.12 -59.94 -29.40
C PHE G 479 -16.12 -61.09 -29.50
N SER G 480 -16.51 -61.63 -28.35
CA SER G 480 -17.40 -62.78 -28.32
C SER G 480 -18.86 -62.34 -28.30
N ALA G 481 -19.74 -63.31 -28.56
CA ALA G 481 -21.18 -63.01 -28.55
C ALA G 481 -21.65 -62.58 -27.17
N SER G 482 -21.01 -63.08 -26.12
CA SER G 482 -21.36 -62.65 -24.77
C SER G 482 -20.92 -61.21 -24.50
N ASP G 483 -19.87 -60.74 -25.20
CA ASP G 483 -19.41 -59.38 -25.00
C ASP G 483 -20.41 -58.37 -25.57
N TYR G 484 -20.96 -58.65 -26.76
CA TYR G 484 -21.92 -57.74 -27.36
C TYR G 484 -23.17 -57.59 -26.50
N ILE G 485 -23.62 -58.69 -25.87
CA ILE G 485 -24.79 -58.62 -25.02
C ILE G 485 -24.52 -57.71 -23.82
N ALA G 486 -23.35 -57.86 -23.20
CA ALA G 486 -23.00 -56.97 -22.10
C ALA G 486 -22.81 -55.53 -22.57
N ALA G 487 -22.40 -55.34 -23.83
CA ALA G 487 -22.23 -54.00 -24.36
C ALA G 487 -23.56 -53.28 -24.48
N GLN G 488 -24.59 -53.99 -24.97
CA GLN G 488 -25.91 -53.37 -25.08
C GLN G 488 -26.50 -53.02 -23.73
N CYS G 489 -26.10 -53.76 -22.68
CA CYS G 489 -26.51 -53.38 -21.33
C CYS G 489 -25.86 -52.07 -20.90
N LEU G 490 -24.64 -51.81 -21.39
CA LEU G 490 -24.00 -50.53 -21.11
C LEU G 490 -24.64 -49.41 -21.92
N ARG G 491 -25.17 -49.73 -23.10
CA ARG G 491 -25.84 -48.70 -23.90
C ARG G 491 -27.10 -48.20 -23.19
N ARG G 492 -27.85 -49.09 -22.55
CA ARG G 492 -29.02 -48.66 -21.80
C ARG G 492 -28.63 -47.79 -20.62
N ARG G 493 -27.48 -48.08 -19.98
CA ARG G 493 -27.04 -47.27 -18.85
C ARG G 493 -26.76 -45.85 -19.28
N LEU G 494 -25.94 -45.66 -20.31
CA LEU G 494 -25.61 -44.32 -20.78
C LEU G 494 -26.84 -43.60 -21.32
N MET G 495 -27.78 -44.35 -21.92
CA MET G 495 -29.02 -43.73 -22.38
C MET G 495 -29.80 -43.13 -21.22
N GLU G 496 -29.81 -43.81 -20.07
CA GLU G 496 -30.51 -43.31 -18.90
C GLU G 496 -29.82 -42.06 -18.34
N TYR G 497 -28.49 -42.03 -18.39
CA TYR G 497 -27.77 -40.84 -17.92
C TYR G 497 -28.03 -39.65 -18.84
N HIS G 498 -27.93 -39.87 -20.15
CA HIS G 498 -28.09 -38.76 -21.09
C HIS G 498 -29.54 -38.29 -21.17
N LEU G 499 -30.51 -39.17 -20.91
CA LEU G 499 -31.90 -38.75 -20.90
C LEU G 499 -32.24 -37.99 -19.63
N ASN G 500 -31.55 -38.25 -18.53
CA ASN G 500 -31.70 -37.46 -17.32
C ASN G 500 -30.92 -36.15 -17.39
N ILE G 501 -29.90 -36.07 -18.25
CA ILE G 501 -29.20 -34.81 -18.47
C ILE G 501 -30.07 -33.85 -19.28
N PHE G 502 -30.73 -34.37 -20.33
CA PHE G 502 -31.58 -33.55 -21.18
C PHE G 502 -32.85 -33.07 -20.47
N LYS G 503 -33.10 -33.51 -19.23
CA LYS G 503 -34.20 -32.97 -18.46
C LYS G 503 -33.86 -31.61 -17.87
N ASP G 504 -32.57 -31.34 -17.63
CA ASP G 504 -32.13 -30.08 -17.05
C ASP G 504 -31.49 -29.13 -18.06
N VAL G 505 -30.99 -29.65 -19.18
CA VAL G 505 -30.39 -28.84 -20.23
C VAL G 505 -31.07 -29.18 -21.55
N ASP G 506 -30.74 -28.40 -22.58
CA ASP G 506 -31.26 -28.60 -23.92
C ASP G 506 -30.25 -29.27 -24.84
N VAL G 507 -29.00 -28.80 -24.84
CA VAL G 507 -27.94 -29.37 -25.64
C VAL G 507 -26.72 -29.59 -24.75
N ILE G 508 -25.79 -30.41 -25.24
CA ILE G 508 -24.54 -30.70 -24.57
C ILE G 508 -23.41 -30.16 -25.45
N VAL G 509 -22.74 -29.11 -24.98
CA VAL G 509 -21.70 -28.42 -25.75
C VAL G 509 -20.34 -28.93 -25.31
N THR G 510 -19.55 -29.39 -26.28
CA THR G 510 -18.19 -29.86 -26.07
C THR G 510 -17.39 -29.56 -27.32
N PRO G 511 -16.07 -29.48 -27.21
CA PRO G 511 -15.24 -29.46 -28.43
C PRO G 511 -15.46 -30.73 -29.24
N THR G 512 -15.34 -30.61 -30.55
CA THR G 512 -15.57 -31.77 -31.42
C THR G 512 -14.48 -32.80 -31.25
N THR G 513 -13.22 -32.37 -31.28
CA THR G 513 -12.08 -33.26 -31.10
C THR G 513 -11.20 -32.73 -29.98
N GLY G 514 -10.27 -33.57 -29.54
CA GLY G 514 -9.30 -33.20 -28.53
C GLY G 514 -7.98 -32.67 -29.04
N MET G 515 -7.82 -32.58 -30.36
CA MET G 515 -6.59 -32.09 -30.95
C MET G 515 -6.93 -31.38 -32.25
N THR G 516 -5.93 -30.68 -32.80
CA THR G 516 -6.08 -30.03 -34.10
C THR G 516 -5.72 -31.03 -35.19
N ALA G 517 -5.33 -30.55 -36.37
CA ALA G 517 -4.94 -31.44 -37.45
C ALA G 517 -3.60 -32.08 -37.14
N PRO G 518 -3.53 -33.40 -37.00
CA PRO G 518 -2.24 -34.05 -36.73
C PRO G 518 -1.38 -34.16 -37.98
N VAL G 519 -0.07 -34.07 -37.77
CA VAL G 519 0.87 -34.18 -38.88
C VAL G 519 0.97 -35.63 -39.32
N ILE G 520 1.00 -35.84 -40.63
CA ILE G 520 1.08 -37.20 -41.19
C ILE G 520 2.50 -37.73 -41.04
N PRO G 521 2.70 -38.85 -40.36
CA PRO G 521 4.04 -39.44 -40.28
C PRO G 521 4.50 -39.94 -41.64
N PRO G 522 5.73 -39.60 -42.05
CA PRO G 522 6.18 -40.02 -43.39
C PRO G 522 6.23 -41.53 -43.56
N ASP G 523 6.62 -42.27 -42.52
CA ASP G 523 6.68 -43.72 -42.62
C ASP G 523 5.29 -44.34 -42.67
N ALA G 524 4.25 -43.59 -42.31
CA ALA G 524 2.89 -44.11 -42.32
C ALA G 524 2.23 -44.03 -43.69
N LEU G 525 2.82 -43.33 -44.65
CA LEU G 525 2.24 -43.22 -45.98
C LEU G 525 2.46 -44.46 -46.83
N LYS G 526 3.27 -45.42 -46.37
CA LYS G 526 3.56 -46.60 -47.16
C LYS G 526 2.46 -47.66 -47.02
N ASN G 527 2.22 -48.11 -45.78
CA ASN G 527 1.21 -49.14 -45.56
C ASN G 527 0.37 -48.89 -44.31
N GLY G 528 0.33 -47.65 -43.83
CA GLY G 528 -0.52 -47.31 -42.70
C GLY G 528 0.23 -47.21 -41.39
N GLU G 529 -0.53 -47.06 -40.32
CA GLU G 529 0.02 -46.95 -38.98
C GLU G 529 -1.02 -47.45 -37.98
N THR G 530 -0.65 -47.43 -36.71
CA THR G 530 -1.53 -47.89 -35.64
C THR G 530 -1.30 -47.05 -34.38
N ASN G 531 -1.41 -45.73 -34.52
CA ASN G 531 -1.22 -44.81 -33.40
C ASN G 531 -2.56 -44.67 -32.68
N ILE G 532 -2.75 -45.46 -31.63
CA ILE G 532 -4.01 -45.42 -30.88
C ILE G 532 -4.10 -44.14 -30.06
N GLN G 533 -2.96 -43.59 -29.63
CA GLN G 533 -2.99 -42.37 -28.83
C GLN G 533 -3.56 -41.20 -29.62
N VAL G 534 -3.38 -41.19 -30.95
CA VAL G 534 -3.93 -40.12 -31.78
C VAL G 534 -5.43 -40.34 -31.99
N THR G 535 -5.82 -41.57 -32.33
CA THR G 535 -7.24 -41.89 -32.48
C THR G 535 -7.99 -41.80 -31.16
N THR G 536 -7.30 -41.76 -30.03
CA THR G 536 -7.96 -41.58 -28.74
C THR G 536 -8.47 -40.16 -28.58
N ASP G 537 -7.62 -39.17 -28.87
CA ASP G 537 -8.00 -37.77 -28.69
C ASP G 537 -9.04 -37.32 -29.70
N LEU G 538 -9.21 -38.05 -30.81
CA LEU G 538 -10.19 -37.67 -31.81
C LEU G 538 -11.59 -38.18 -31.48
N MET G 539 -11.69 -39.36 -30.87
CA MET G 539 -12.96 -39.97 -30.52
C MET G 539 -13.41 -39.63 -29.10
N ARG G 540 -12.88 -38.55 -28.51
CA ARG G 540 -13.16 -38.27 -27.11
C ARG G 540 -14.59 -37.76 -26.90
N PHE G 541 -15.12 -37.00 -27.85
CA PHE G 541 -16.40 -36.34 -27.67
C PHE G 541 -17.50 -36.81 -28.60
N VAL G 542 -17.20 -37.61 -29.61
CA VAL G 542 -18.18 -37.94 -30.64
C VAL G 542 -18.89 -39.27 -30.39
N LEU G 543 -18.42 -40.08 -29.46
CA LEU G 543 -19.02 -41.41 -29.25
C LEU G 543 -20.41 -41.32 -28.63
N ALA G 544 -20.73 -40.23 -27.93
CA ALA G 544 -22.02 -40.12 -27.27
C ALA G 544 -23.17 -40.08 -28.27
N ALA G 545 -22.99 -39.37 -29.38
CA ALA G 545 -24.05 -39.26 -30.37
C ALA G 545 -24.21 -40.55 -31.19
N ASN G 546 -23.18 -41.37 -31.29
CA ASN G 546 -23.27 -42.58 -32.10
C ASN G 546 -23.93 -43.72 -31.32
N LEU G 547 -23.40 -44.02 -30.14
CA LEU G 547 -23.91 -45.16 -29.37
C LEU G 547 -25.34 -44.94 -28.90
N LEU G 548 -25.71 -43.69 -28.61
CA LEU G 548 -27.05 -43.38 -28.13
C LEU G 548 -27.98 -42.82 -29.20
N GLY G 549 -27.43 -42.40 -30.34
CA GLY G 549 -28.25 -41.98 -31.46
C GLY G 549 -28.70 -40.52 -31.44
N PHE G 550 -28.06 -39.67 -30.64
CA PHE G 550 -28.46 -38.27 -30.60
C PHE G 550 -27.96 -37.53 -31.83
N PRO G 551 -28.62 -36.44 -32.22
CA PRO G 551 -28.07 -35.58 -33.27
C PRO G 551 -27.00 -34.66 -32.71
N ALA G 552 -25.90 -34.54 -33.44
CA ALA G 552 -24.81 -33.67 -33.06
C ALA G 552 -24.24 -33.00 -34.30
N ILE G 553 -23.75 -31.78 -34.13
CA ILE G 553 -23.18 -31.01 -35.23
C ILE G 553 -21.81 -30.49 -34.80
N SER G 554 -20.97 -30.23 -35.80
CA SER G 554 -19.62 -29.71 -35.57
C SER G 554 -19.47 -28.43 -36.38
N VAL G 555 -19.57 -27.29 -35.70
CA VAL G 555 -19.50 -25.98 -36.34
C VAL G 555 -18.13 -25.38 -36.05
N PRO G 556 -17.44 -24.81 -37.04
CA PRO G 556 -16.15 -24.15 -36.76
C PRO G 556 -16.34 -22.94 -35.88
N VAL G 557 -15.37 -22.72 -34.98
CA VAL G 557 -15.42 -21.63 -34.02
C VAL G 557 -14.17 -20.78 -34.01
N GLY G 558 -13.18 -21.09 -34.84
CA GLY G 558 -11.96 -20.30 -34.89
C GLY G 558 -10.78 -21.17 -35.27
N TYR G 559 -9.60 -20.64 -35.01
CA TYR G 559 -8.34 -21.29 -35.35
C TYR G 559 -7.38 -21.20 -34.17
N ASP G 560 -6.51 -22.20 -34.05
CA ASP G 560 -5.52 -22.23 -32.98
C ASP G 560 -4.30 -21.39 -33.34
N LYS G 561 -3.18 -21.61 -32.63
CA LYS G 561 -1.98 -20.80 -32.84
C LYS G 561 -1.20 -21.20 -34.08
N GLU G 562 -1.69 -22.15 -34.87
CA GLU G 562 -1.03 -22.54 -36.11
C GLU G 562 -1.88 -22.27 -37.34
N GLY G 563 -3.04 -21.66 -37.20
CA GLY G 563 -3.93 -21.43 -38.32
C GLY G 563 -4.80 -22.60 -38.69
N LEU G 564 -4.83 -23.66 -37.87
CA LEU G 564 -5.61 -24.87 -38.03
C LEU G 564 -7.00 -24.68 -37.39
N PRO G 565 -8.05 -25.18 -38.04
CA PRO G 565 -9.40 -24.93 -37.55
C PRO G 565 -9.71 -25.68 -36.26
N ILE G 566 -10.69 -25.14 -35.53
CA ILE G 566 -11.16 -25.71 -34.28
C ILE G 566 -12.68 -25.85 -34.38
N GLY G 567 -13.20 -27.00 -33.98
CA GLY G 567 -14.62 -27.30 -34.07
C GLY G 567 -15.26 -27.41 -32.70
N LEU G 568 -16.53 -27.00 -32.63
CA LEU G 568 -17.34 -27.12 -31.42
C LEU G 568 -18.52 -28.03 -31.72
N GLN G 569 -18.82 -28.93 -30.79
CA GLN G 569 -19.90 -29.91 -30.98
C GLN G 569 -21.13 -29.49 -30.18
N ILE G 570 -22.28 -29.55 -30.84
CA ILE G 570 -23.57 -29.27 -30.22
C ILE G 570 -24.42 -30.51 -30.41
N MET G 571 -24.62 -31.28 -29.33
CA MET G 571 -25.45 -32.48 -29.36
C MET G 571 -26.75 -32.20 -28.64
N GLY G 572 -27.87 -32.55 -29.28
CA GLY G 572 -29.17 -32.24 -28.72
C GLY G 572 -30.05 -33.44 -28.44
N ARG G 573 -31.31 -33.18 -28.11
CA ARG G 573 -32.26 -34.23 -27.80
C ARG G 573 -32.56 -35.07 -29.05
N PRO G 574 -33.07 -36.28 -28.88
CA PRO G 574 -33.45 -37.09 -30.04
C PRO G 574 -34.47 -36.37 -30.92
N TRP G 575 -34.33 -36.57 -32.24
CA TRP G 575 -35.22 -35.99 -33.24
C TRP G 575 -35.28 -34.46 -33.15
N ALA G 576 -34.21 -33.84 -32.65
CA ALA G 576 -34.19 -32.40 -32.49
C ALA G 576 -33.04 -31.76 -33.25
N GLU G 577 -32.94 -32.07 -34.55
CA GLU G 577 -31.91 -31.43 -35.36
C GLU G 577 -32.20 -29.95 -35.57
N ALA G 578 -33.48 -29.54 -35.50
CA ALA G 578 -33.82 -28.14 -35.63
C ALA G 578 -33.25 -27.32 -34.48
N THR G 579 -33.30 -27.86 -33.26
CA THR G 579 -32.67 -27.18 -32.14
C THR G 579 -31.16 -27.13 -32.31
N VAL G 580 -30.57 -28.22 -32.84
CA VAL G 580 -29.13 -28.26 -33.01
C VAL G 580 -28.68 -27.32 -34.13
N LEU G 581 -29.39 -27.31 -35.26
CA LEU G 581 -29.03 -26.43 -36.35
C LEU G 581 -29.25 -24.96 -35.98
N GLY G 582 -30.30 -24.67 -35.24
CA GLY G 582 -30.59 -23.29 -34.87
C GLY G 582 -29.52 -22.66 -34.00
N LEU G 583 -28.99 -23.44 -33.06
CA LEU G 583 -27.91 -22.94 -32.21
C LEU G 583 -26.61 -22.82 -32.99
N ALA G 584 -26.33 -23.78 -33.87
CA ALA G 584 -25.12 -23.73 -34.68
C ALA G 584 -25.12 -22.52 -35.61
N ALA G 585 -26.30 -22.09 -36.07
CA ALA G 585 -26.39 -20.88 -36.87
C ALA G 585 -26.09 -19.64 -36.05
N ALA G 586 -26.38 -19.68 -34.75
CA ALA G 586 -26.02 -18.58 -33.87
C ALA G 586 -24.56 -18.64 -33.45
N VAL G 587 -23.90 -19.79 -33.60
CA VAL G 587 -22.48 -19.91 -33.26
C VAL G 587 -21.62 -19.35 -34.38
N GLU G 588 -21.91 -19.75 -35.63
CA GLU G 588 -21.13 -19.25 -36.76
C GLU G 588 -21.36 -17.77 -37.00
N GLU G 589 -22.43 -17.20 -36.45
CA GLU G 589 -22.64 -15.75 -36.53
C GLU G 589 -21.73 -14.99 -35.59
N LEU G 590 -21.27 -15.63 -34.51
CA LEU G 590 -20.36 -15.01 -33.56
C LEU G 590 -18.89 -15.35 -33.83
N ALA G 591 -18.61 -16.23 -34.78
CA ALA G 591 -17.24 -16.59 -35.13
C ALA G 591 -17.23 -17.13 -36.55
N PRO G 592 -17.37 -16.26 -37.55
CA PRO G 592 -17.42 -16.73 -38.94
C PRO G 592 -16.08 -17.23 -39.43
N VAL G 593 -16.14 -18.11 -40.43
CA VAL G 593 -14.94 -18.64 -41.06
C VAL G 593 -14.28 -17.51 -41.85
N THR G 594 -13.10 -17.09 -41.41
CA THR G 594 -12.42 -15.94 -41.99
C THR G 594 -11.14 -16.29 -42.74
N LYS G 595 -10.38 -17.28 -42.28
CA LYS G 595 -9.12 -17.64 -42.92
C LYS G 595 -9.37 -18.51 -44.16
N LYS G 596 -8.67 -18.18 -45.24
CA LYS G 596 -8.74 -18.96 -46.46
C LYS G 596 -7.73 -20.10 -46.40
N PRO G 597 -8.13 -21.34 -46.68
CA PRO G 597 -7.18 -22.46 -46.62
C PRO G 597 -6.09 -22.32 -47.68
N ALA G 598 -4.99 -23.03 -47.43
CA ALA G 598 -3.88 -23.01 -48.38
C ALA G 598 -4.28 -23.59 -49.73
N ILE G 599 -5.12 -24.62 -49.72
CA ILE G 599 -5.59 -25.24 -50.96
C ILE G 599 -7.06 -24.88 -51.16
N PHE G 600 -7.30 -23.72 -51.76
CA PHE G 600 -8.66 -23.24 -52.01
C PHE G 600 -8.82 -22.91 -53.48
N TYR G 601 -9.99 -23.24 -54.03
CA TYR G 601 -10.30 -23.01 -55.45
C TYR G 601 -11.62 -22.26 -55.53
N ASP G 602 -11.54 -20.94 -55.72
CA ASP G 602 -12.73 -20.10 -55.89
C ASP G 602 -13.24 -20.28 -57.31
N ILE G 603 -14.31 -21.07 -57.47
CA ILE G 603 -14.87 -21.32 -58.80
C ILE G 603 -15.87 -20.22 -59.14
N LEU G 604 -16.74 -20.50 -60.12
CA LEU G 604 -17.66 -19.52 -60.72
C LEU G 604 -17.00 -18.18 -60.97
N ASN G 605 -15.72 -18.18 -61.32
CA ASN G 605 -15.00 -16.94 -61.64
C ASN G 605 -14.35 -17.02 -63.01
N MET H 1 -24.97 -69.18 -57.10
CA MET H 1 -24.19 -68.87 -55.90
C MET H 1 -24.14 -70.06 -54.95
N GLY H 2 -22.93 -70.45 -54.55
CA GLY H 2 -22.76 -71.58 -53.66
C GLY H 2 -21.53 -72.40 -53.97
N LYS H 3 -20.40 -71.72 -54.16
CA LYS H 3 -19.13 -72.41 -54.40
C LYS H 3 -18.00 -71.72 -53.66
N TYR H 4 -18.02 -70.39 -53.61
CA TYR H 4 -17.04 -69.60 -52.89
C TYR H 4 -17.65 -68.80 -51.74
N GLN H 5 -18.86 -68.30 -51.93
CA GLN H 5 -19.63 -67.64 -50.88
C GLN H 5 -21.11 -67.77 -51.23
N VAL H 6 -21.94 -67.98 -50.23
CA VAL H 6 -23.35 -68.27 -50.44
C VAL H 6 -24.16 -66.99 -50.31
N MET H 7 -25.20 -66.86 -51.13
CA MET H 7 -26.09 -65.71 -51.14
C MET H 7 -27.52 -66.16 -50.88
N LYS H 8 -28.40 -65.19 -50.65
CA LYS H 8 -29.80 -65.46 -50.32
C LYS H 8 -30.57 -64.15 -50.28
N ARG H 9 -31.89 -64.26 -50.32
CA ARG H 9 -32.79 -63.18 -49.95
C ARG H 9 -34.03 -63.78 -49.30
N ALA H 10 -35.08 -62.98 -49.13
CA ALA H 10 -36.26 -63.43 -48.39
C ALA H 10 -37.55 -63.15 -49.14
N SER H 11 -37.89 -61.87 -49.32
CA SER H 11 -39.15 -61.53 -49.98
C SER H 11 -39.19 -61.97 -51.43
N GLU H 12 -38.03 -62.16 -52.07
CA GLU H 12 -37.95 -62.62 -53.45
C GLU H 12 -37.74 -64.13 -53.54
N VAL H 13 -37.99 -64.86 -52.46
CA VAL H 13 -37.78 -66.30 -52.45
C VAL H 13 -38.96 -67.00 -53.09
N ASP H 14 -38.69 -67.86 -54.06
CA ASP H 14 -39.72 -68.72 -54.64
C ASP H 14 -40.14 -69.76 -53.61
N LEU H 15 -41.32 -69.59 -53.01
CA LEU H 15 -41.76 -70.50 -51.98
C LEU H 15 -42.16 -71.86 -52.52
N SER H 16 -42.24 -72.02 -53.84
CA SER H 16 -42.63 -73.29 -54.45
C SER H 16 -41.44 -74.21 -54.71
N THR H 17 -40.21 -73.76 -54.43
CA THR H 17 -39.02 -74.58 -54.63
C THR H 17 -38.26 -74.82 -53.34
N VAL H 18 -38.87 -74.55 -52.19
CA VAL H 18 -38.21 -74.76 -50.90
C VAL H 18 -38.33 -76.24 -50.54
N LYS H 19 -37.19 -76.90 -50.35
CA LYS H 19 -37.14 -78.30 -49.99
C LYS H 19 -36.82 -78.46 -48.51
N TYR H 20 -37.48 -79.42 -47.87
CA TYR H 20 -37.26 -79.68 -46.45
C TYR H 20 -35.94 -80.42 -46.25
N LYS H 21 -35.03 -79.83 -45.49
CA LYS H 21 -33.73 -80.44 -45.22
C LYS H 21 -33.81 -81.29 -43.97
N ALA H 22 -33.15 -82.45 -44.02
CA ALA H 22 -33.19 -83.41 -42.92
C ALA H 22 -32.35 -82.90 -41.75
N GLU H 23 -32.17 -83.74 -40.74
CA GLU H 23 -31.43 -83.38 -39.54
C GLU H 23 -29.97 -83.77 -39.71
N THR H 24 -29.08 -82.78 -39.75
CA THR H 24 -27.64 -83.00 -39.90
C THR H 24 -26.89 -82.73 -38.61
N MET H 25 -27.54 -82.97 -37.46
CA MET H 25 -26.92 -82.74 -36.15
C MET H 25 -26.25 -84.04 -35.71
N LYS H 26 -25.08 -84.30 -36.27
CA LYS H 26 -24.32 -85.50 -35.95
C LYS H 26 -23.33 -85.20 -34.82
N ALA H 27 -23.43 -85.96 -33.73
CA ALA H 27 -22.54 -85.81 -32.59
C ALA H 27 -22.61 -87.06 -31.74
N PRO H 28 -21.48 -87.60 -31.28
CA PRO H 28 -21.51 -88.83 -30.49
C PRO H 28 -22.16 -88.59 -29.12
N HIS H 29 -22.41 -89.69 -28.42
CA HIS H 29 -23.02 -89.69 -27.10
C HIS H 29 -21.97 -90.12 -26.09
N LEU H 30 -21.60 -89.21 -25.19
CA LEU H 30 -20.56 -89.46 -24.20
C LEU H 30 -21.17 -89.34 -22.81
N THR H 31 -20.89 -90.32 -21.95
CA THR H 31 -21.42 -90.36 -20.60
C THR H 31 -20.33 -90.78 -19.62
N GLY H 32 -20.50 -90.37 -18.36
CA GLY H 32 -19.63 -90.87 -17.31
C GLY H 32 -18.21 -90.36 -17.45
N LEU H 33 -17.25 -91.28 -17.36
CA LEU H 33 -15.84 -90.91 -17.41
C LEU H 33 -15.46 -90.38 -18.79
N SER H 34 -15.94 -91.02 -19.85
CA SER H 34 -15.62 -90.57 -21.20
C SER H 34 -16.17 -89.17 -21.47
N PHE H 35 -17.28 -88.80 -20.82
CA PHE H 35 -17.79 -87.44 -20.94
C PHE H 35 -16.98 -86.46 -20.11
N LYS H 36 -16.45 -86.91 -18.97
CA LYS H 36 -15.59 -86.04 -18.16
C LYS H 36 -14.32 -85.68 -18.92
N LEU H 37 -13.71 -86.65 -19.60
CA LEU H 37 -12.49 -86.39 -20.36
C LEU H 37 -12.76 -85.45 -21.53
N PHE H 38 -13.96 -85.53 -22.12
CA PHE H 38 -14.29 -84.67 -23.25
C PHE H 38 -14.49 -83.23 -22.81
N VAL H 39 -15.02 -83.00 -21.62
CA VAL H 39 -15.21 -81.64 -21.13
C VAL H 39 -13.87 -80.97 -20.87
N ASN H 40 -12.94 -81.70 -20.24
CA ASN H 40 -11.60 -81.16 -20.03
C ASN H 40 -10.85 -80.98 -21.35
N LEU H 41 -11.23 -81.71 -22.40
CA LEU H 41 -10.63 -81.50 -23.71
C LEU H 41 -11.15 -80.20 -24.34
N LEU H 42 -12.44 -79.92 -24.16
CA LEU H 42 -13.00 -78.69 -24.72
C LEU H 42 -12.46 -77.45 -24.03
N GLU H 43 -12.06 -77.57 -22.77
CA GLU H 43 -11.51 -76.45 -22.01
C GLU H 43 -10.00 -76.38 -22.08
N ALA H 44 -9.37 -77.18 -22.94
CA ALA H 44 -7.92 -77.14 -23.09
C ALA H 44 -7.49 -75.80 -23.68
N PRO H 45 -6.27 -75.35 -23.37
CA PRO H 45 -5.83 -74.05 -23.90
C PRO H 45 -5.75 -74.01 -25.42
N LEU H 46 -5.14 -75.00 -26.05
CA LEU H 46 -5.00 -75.06 -27.50
C LEU H 46 -5.88 -76.14 -28.14
N ILE H 47 -5.97 -77.31 -27.52
CA ILE H 47 -6.79 -78.38 -28.09
C ILE H 47 -8.28 -78.04 -27.98
N GLY H 48 -8.66 -77.26 -26.97
CA GLY H 48 -10.06 -76.96 -26.76
C GLY H 48 -10.67 -76.12 -27.87
N SER H 49 -9.94 -75.09 -28.32
CA SER H 49 -10.46 -74.24 -29.37
C SER H 49 -10.57 -74.95 -30.71
N LEU H 50 -9.82 -76.04 -30.92
CA LEU H 50 -9.84 -76.76 -32.18
C LEU H 50 -10.97 -77.77 -32.27
N ILE H 51 -11.42 -78.31 -31.14
CA ILE H 51 -12.53 -79.27 -31.16
C ILE H 51 -13.85 -78.56 -31.39
N VAL H 52 -14.04 -77.39 -30.78
CA VAL H 52 -15.27 -76.64 -30.99
C VAL H 52 -15.36 -76.12 -32.41
N ASP H 53 -14.22 -75.71 -32.98
CA ASP H 53 -14.23 -75.20 -34.35
C ASP H 53 -14.57 -76.29 -35.36
N TYR H 54 -14.27 -77.55 -35.05
CA TYR H 54 -14.67 -78.64 -35.93
C TYR H 54 -16.16 -78.92 -35.83
N LEU H 55 -16.71 -78.88 -34.61
CA LEU H 55 -18.13 -79.13 -34.43
C LEU H 55 -18.97 -78.07 -35.14
N LYS H 56 -18.61 -76.81 -35.00
CA LYS H 56 -19.32 -75.74 -35.70
C LYS H 56 -19.15 -75.84 -37.22
N LYS H 57 -18.11 -76.52 -37.69
CA LYS H 57 -17.89 -76.73 -39.11
C LYS H 57 -18.56 -78.01 -39.61
N ASP H 58 -18.65 -79.04 -38.77
CA ASP H 58 -19.18 -80.32 -39.23
C ASP H 58 -20.69 -80.27 -39.41
N ASN H 59 -21.42 -79.65 -38.48
CA ASN H 59 -22.87 -79.57 -38.59
C ASN H 59 -23.30 -78.50 -39.58
N GLY H 60 -22.51 -77.45 -39.75
CA GLY H 60 -22.79 -76.40 -40.70
C GLY H 60 -23.07 -75.02 -40.12
N MET H 61 -22.73 -74.78 -38.85
CA MET H 61 -22.99 -73.47 -38.26
C MET H 61 -22.01 -72.41 -38.72
N THR H 62 -20.76 -72.78 -38.98
CA THR H 62 -19.78 -71.81 -39.45
C THR H 62 -20.11 -71.32 -40.85
N LYS H 63 -20.63 -72.20 -41.70
CA LYS H 63 -21.03 -71.80 -43.05
C LYS H 63 -22.18 -70.79 -43.00
N ILE H 64 -23.09 -70.96 -42.05
CA ILE H 64 -24.23 -70.05 -41.94
C ILE H 64 -23.80 -68.70 -41.38
N PHE H 65 -22.90 -68.71 -40.40
CA PHE H 65 -22.53 -67.47 -39.72
C PHE H 65 -21.50 -66.69 -40.50
N ARG H 66 -20.47 -67.35 -41.04
CA ARG H 66 -19.30 -66.67 -41.56
C ARG H 66 -19.07 -66.86 -43.06
N ASN H 67 -19.72 -67.82 -43.70
CA ASN H 67 -19.55 -68.04 -45.13
C ASN H 67 -20.81 -67.73 -45.92
N THR H 68 -21.70 -66.91 -45.38
CA THR H 68 -22.99 -66.64 -45.99
C THR H 68 -23.27 -65.15 -45.95
N VAL H 69 -23.66 -64.59 -47.10
CA VAL H 69 -24.04 -63.18 -47.20
C VAL H 69 -25.53 -63.07 -46.96
N ILE H 70 -25.91 -62.31 -45.95
CA ILE H 70 -27.31 -62.12 -45.57
C ILE H 70 -27.69 -60.67 -45.88
N PRO H 71 -28.66 -60.42 -46.75
CA PRO H 71 -29.02 -59.04 -47.09
C PRO H 71 -29.96 -58.37 -46.09
N GLU H 72 -30.59 -59.14 -45.20
CA GLU H 72 -31.56 -58.57 -44.27
C GLU H 72 -30.87 -57.83 -43.14
N GLU H 73 -31.48 -56.72 -42.71
CA GLU H 73 -30.99 -56.00 -41.55
C GLU H 73 -31.28 -56.81 -40.29
N PRO H 74 -30.48 -56.63 -39.24
CA PRO H 74 -30.68 -57.44 -38.03
C PRO H 74 -31.95 -57.07 -37.29
N MET H 75 -32.63 -58.08 -36.76
CA MET H 75 -33.75 -57.90 -35.85
C MET H 75 -33.33 -58.47 -34.50
N PHE H 76 -33.02 -57.57 -33.55
CA PHE H 76 -32.46 -58.00 -32.28
C PHE H 76 -33.50 -58.57 -31.33
N ARG H 77 -34.73 -58.05 -31.37
CA ARG H 77 -35.83 -58.51 -30.55
C ARG H 77 -37.07 -58.68 -31.42
N PRO H 78 -38.02 -59.53 -31.02
CA PRO H 78 -39.24 -59.71 -31.82
C PRO H 78 -39.96 -58.40 -32.11
N GLU H 79 -40.07 -58.05 -33.39
CA GLU H 79 -40.74 -56.82 -33.82
C GLU H 79 -42.05 -57.20 -34.48
N PHE H 80 -43.16 -56.97 -33.78
CA PHE H 80 -44.45 -57.37 -34.32
C PHE H 80 -45.17 -56.18 -34.92
N PRO H 81 -45.72 -56.31 -36.12
CA PRO H 81 -46.62 -55.26 -36.64
C PRO H 81 -47.99 -55.33 -35.97
N SER H 82 -48.96 -54.59 -36.51
CA SER H 82 -50.31 -54.63 -35.97
C SER H 82 -51.02 -55.90 -36.40
N GLN H 83 -51.74 -56.51 -35.47
CA GLN H 83 -52.51 -57.72 -35.72
C GLN H 83 -54.00 -57.37 -35.73
N GLU H 84 -54.72 -57.87 -36.73
CA GLU H 84 -56.16 -57.69 -36.76
C GLU H 84 -56.77 -58.44 -35.57
N PRO H 85 -57.88 -57.94 -35.02
CA PRO H 85 -58.38 -58.45 -33.74
C PRO H 85 -58.84 -59.90 -33.83
N GLU H 86 -59.18 -60.44 -32.65
CA GLU H 86 -59.59 -61.83 -32.51
C GLU H 86 -61.11 -61.96 -32.59
N HIS H 87 -61.56 -63.20 -32.70
CA HIS H 87 -62.98 -63.51 -32.87
C HIS H 87 -63.51 -64.17 -31.61
N ASP H 88 -64.61 -63.61 -31.07
CA ASP H 88 -65.31 -64.17 -29.91
C ASP H 88 -64.39 -64.25 -28.68
N VAL H 89 -63.75 -63.12 -28.37
CA VAL H 89 -62.93 -63.00 -27.18
C VAL H 89 -63.39 -61.77 -26.40
N VAL H 90 -63.04 -61.75 -25.11
CA VAL H 90 -63.39 -60.65 -24.22
C VAL H 90 -62.14 -59.85 -23.92
N ILE H 91 -62.25 -58.53 -23.99
CA ILE H 91 -61.13 -57.63 -23.74
C ILE H 91 -61.08 -57.30 -22.26
N VAL H 92 -59.90 -57.43 -21.66
CA VAL H 92 -59.67 -57.07 -20.27
C VAL H 92 -58.64 -55.95 -20.23
N GLY H 93 -58.87 -54.97 -19.36
CA GLY H 93 -57.96 -53.83 -19.28
C GLY H 93 -56.56 -54.27 -18.88
N GLU H 94 -55.57 -53.58 -19.43
CA GLU H 94 -54.18 -53.93 -19.16
C GLU H 94 -53.80 -53.64 -17.72
N ASP H 95 -54.33 -52.55 -17.15
CA ASP H 95 -53.98 -52.11 -15.80
C ASP H 95 -54.96 -52.61 -14.75
N GLU H 96 -55.37 -53.87 -14.83
CA GLU H 96 -56.23 -54.47 -13.82
C GLU H 96 -55.43 -55.41 -12.93
N SER H 97 -55.93 -55.62 -11.73
CA SER H 97 -55.26 -56.47 -10.76
C SER H 97 -55.48 -57.94 -11.09
N PRO H 98 -54.58 -58.82 -10.65
CA PRO H 98 -54.77 -60.26 -10.89
C PRO H 98 -56.06 -60.79 -10.28
N ILE H 99 -56.55 -60.17 -9.21
CA ILE H 99 -57.82 -60.59 -8.62
C ILE H 99 -58.98 -60.22 -9.55
N ASP H 100 -58.87 -59.08 -10.24
CA ASP H 100 -59.94 -58.65 -11.14
C ASP H 100 -59.95 -59.47 -12.42
N ARG H 101 -58.77 -59.87 -12.90
CA ARG H 101 -58.72 -60.69 -14.11
C ARG H 101 -59.24 -62.10 -13.85
N LEU H 102 -59.09 -62.60 -12.62
CA LEU H 102 -59.63 -63.92 -12.30
C LEU H 102 -61.15 -63.92 -12.32
N GLU H 103 -61.77 -62.83 -11.84
CA GLU H 103 -63.22 -62.74 -11.88
C GLU H 103 -63.74 -62.77 -13.31
N THR H 104 -63.07 -62.05 -14.21
CA THR H 104 -63.45 -62.08 -15.62
C THR H 104 -63.14 -63.43 -16.26
N ALA H 105 -62.07 -64.10 -15.81
CA ALA H 105 -61.72 -65.40 -16.36
C ALA H 105 -62.76 -66.46 -16.01
N LEU H 106 -63.40 -66.34 -14.85
CA LEU H 106 -64.42 -67.32 -14.45
C LEU H 106 -65.67 -67.19 -15.30
N LYS H 107 -65.96 -65.98 -15.81
CA LYS H 107 -67.12 -65.79 -16.67
C LYS H 107 -66.92 -66.41 -18.05
N CYS H 108 -65.67 -66.67 -18.44
CA CYS H 108 -65.41 -67.31 -19.73
C CYS H 108 -65.60 -68.80 -19.68
N LEU H 109 -65.40 -69.42 -18.52
CA LEU H 109 -65.49 -70.86 -18.40
C LEU H 109 -66.95 -71.31 -18.41
N PRO H 110 -67.23 -72.50 -18.94
CA PRO H 110 -68.58 -73.06 -18.79
C PRO H 110 -68.90 -73.33 -17.33
N GLN H 111 -70.19 -73.34 -17.03
CA GLN H 111 -70.63 -73.51 -15.65
C GLN H 111 -70.10 -74.82 -15.08
N TYR H 112 -69.49 -74.74 -13.90
CA TYR H 112 -68.83 -75.89 -13.29
C TYR H 112 -69.87 -76.92 -12.87
N ASP H 113 -69.69 -78.15 -13.34
CA ASP H 113 -70.56 -79.27 -12.98
C ASP H 113 -70.10 -79.86 -11.66
N PRO H 114 -70.84 -79.66 -10.56
CA PRO H 114 -70.35 -80.08 -9.25
C PRO H 114 -70.57 -81.56 -8.95
N SER H 115 -70.71 -82.37 -10.00
CA SER H 115 -70.91 -83.80 -9.85
C SER H 115 -69.61 -84.59 -9.91
N ARG H 116 -68.48 -83.93 -10.14
CA ARG H 116 -67.21 -84.61 -10.30
C ARG H 116 -66.31 -84.54 -9.06
N SER H 117 -66.66 -83.71 -8.08
CA SER H 117 -65.94 -83.69 -6.80
C SER H 117 -66.56 -84.71 -5.85
N LEU H 118 -67.78 -84.42 -5.39
CA LEU H 118 -68.58 -85.36 -4.65
C LEU H 118 -69.59 -86.03 -5.57
N HIS H 119 -70.11 -87.17 -5.12
CA HIS H 119 -71.11 -87.95 -5.86
C HIS H 119 -70.58 -88.37 -7.24
N ALA H 120 -69.36 -88.90 -7.24
CA ALA H 120 -68.76 -89.46 -8.45
C ALA H 120 -69.04 -90.96 -8.48
N ASP H 121 -69.42 -91.46 -9.65
CA ASP H 121 -69.82 -92.85 -9.79
C ASP H 121 -68.63 -93.77 -9.47
N PRO H 122 -68.86 -94.91 -8.81
CA PRO H 122 -67.74 -95.80 -8.46
C PRO H 122 -66.92 -96.24 -9.67
N VAL H 123 -67.56 -96.49 -10.81
CA VAL H 123 -66.84 -96.90 -12.02
C VAL H 123 -66.94 -95.80 -13.06
N SER H 124 -65.97 -94.88 -13.05
CA SER H 124 -65.91 -93.78 -14.01
C SER H 124 -64.47 -93.58 -14.45
N SER H 125 -64.30 -92.77 -15.48
CA SER H 125 -62.97 -92.51 -16.03
C SER H 125 -62.13 -91.68 -15.06
N PHE H 126 -60.86 -91.54 -15.38
CA PHE H 126 -59.91 -90.80 -14.57
C PHE H 126 -59.79 -89.37 -15.07
N ARG H 127 -59.67 -88.43 -14.14
CA ARG H 127 -59.50 -87.02 -14.48
C ARG H 127 -58.67 -86.35 -13.39
N TYR H 128 -57.98 -85.28 -13.76
CA TYR H 128 -57.22 -84.50 -12.80
C TYR H 128 -58.14 -83.55 -12.04
N TRP H 129 -57.74 -83.20 -10.82
CA TRP H 129 -58.49 -82.25 -10.02
C TRP H 129 -58.28 -80.84 -10.58
N LYS H 130 -59.34 -80.24 -11.12
CA LYS H 130 -59.26 -78.88 -11.63
C LYS H 130 -59.18 -77.89 -10.48
N ILE H 131 -58.86 -76.64 -10.83
CA ILE H 131 -58.75 -75.60 -9.81
C ILE H 131 -60.12 -75.29 -9.22
N ARG H 132 -61.18 -75.41 -10.02
CA ARG H 132 -62.53 -75.19 -9.49
C ARG H 132 -63.03 -76.34 -8.63
N ASP H 133 -62.32 -77.48 -8.61
CA ASP H 133 -62.65 -78.53 -7.65
C ASP H 133 -62.09 -78.20 -6.27
N TYR H 134 -60.92 -77.57 -6.21
CA TYR H 134 -60.39 -77.11 -4.93
C TYR H 134 -61.23 -75.98 -4.35
N ALA H 135 -61.52 -74.97 -5.18
CA ALA H 135 -62.24 -73.79 -4.71
C ALA H 135 -63.66 -74.13 -4.27
N TYR H 136 -64.27 -75.15 -4.89
CA TYR H 136 -65.59 -75.57 -4.45
C TYR H 136 -65.53 -76.40 -3.17
N ALA H 137 -64.44 -77.13 -2.95
CA ALA H 137 -64.30 -77.89 -1.73
C ALA H 137 -63.98 -76.99 -0.54
N TYR H 138 -63.23 -75.92 -0.76
CA TYR H 138 -62.91 -75.00 0.32
C TYR H 138 -64.14 -74.25 0.79
N ARG H 139 -64.89 -73.66 -0.16
CA ARG H 139 -65.98 -72.77 0.21
C ARG H 139 -67.18 -73.53 0.76
N SER H 140 -67.38 -74.77 0.32
CA SER H 140 -68.46 -75.61 0.84
C SER H 140 -67.99 -76.54 1.95
N LYS H 141 -66.74 -76.37 2.41
CA LYS H 141 -66.24 -77.00 3.63
C LYS H 141 -66.19 -78.53 3.53
N LEU H 142 -65.69 -79.04 2.41
CA LEU H 142 -65.29 -80.44 2.36
C LEU H 142 -63.88 -80.63 2.93
N THR H 143 -62.97 -79.74 2.58
CA THR H 143 -61.60 -79.78 3.07
C THR H 143 -61.19 -78.34 3.39
N THR H 144 -59.90 -78.15 3.65
CA THR H 144 -59.36 -76.83 3.96
C THR H 144 -57.94 -76.78 3.45
N PRO H 145 -57.44 -75.58 3.08
CA PRO H 145 -56.05 -75.49 2.59
C PRO H 145 -55.02 -76.05 3.55
N LEU H 146 -55.32 -76.08 4.86
CA LEU H 146 -54.40 -76.69 5.81
C LEU H 146 -54.38 -78.21 5.67
N GLN H 147 -55.55 -78.82 5.51
CA GLN H 147 -55.60 -80.27 5.32
C GLN H 147 -54.93 -80.68 4.01
N VAL H 148 -55.03 -79.83 2.98
CA VAL H 148 -54.39 -80.14 1.71
C VAL H 148 -52.88 -80.01 1.82
N ALA H 149 -52.41 -79.02 2.58
CA ALA H 149 -50.97 -78.82 2.74
C ALA H 149 -50.35 -79.95 3.54
N LYS H 150 -50.99 -80.38 4.62
CA LYS H 150 -50.46 -81.50 5.40
C LYS H 150 -50.43 -82.78 4.59
N ARG H 151 -51.30 -82.90 3.59
CA ARG H 151 -51.30 -84.08 2.74
C ARG H 151 -50.15 -84.03 1.74
N ILE H 152 -49.81 -82.84 1.24
CA ILE H 152 -48.70 -82.70 0.30
C ILE H 152 -47.36 -82.90 1.02
N ILE H 153 -47.21 -82.28 2.19
CA ILE H 153 -45.96 -82.41 2.94
C ILE H 153 -45.73 -83.85 3.37
N SER H 154 -46.81 -84.59 3.66
CA SER H 154 -46.66 -85.99 4.03
C SER H 154 -46.12 -86.81 2.87
N ILE H 155 -46.55 -86.50 1.64
CA ILE H 155 -46.10 -87.26 0.48
C ILE H 155 -44.66 -86.91 0.14
N ILE H 156 -44.29 -85.63 0.27
CA ILE H 156 -42.93 -85.21 -0.07
C ILE H 156 -41.92 -85.82 0.91
N GLU H 157 -42.24 -85.78 2.21
CA GLU H 157 -41.31 -86.33 3.19
C GLU H 157 -41.22 -87.85 3.08
N GLU H 158 -42.29 -88.52 2.67
CA GLU H 158 -42.29 -89.97 2.59
C GLU H 158 -41.46 -90.46 1.40
N PHE H 159 -41.81 -90.01 0.20
CA PHE H 159 -41.12 -90.46 -1.01
C PHE H 159 -39.83 -89.71 -1.27
N GLY H 160 -39.44 -88.78 -0.41
CA GLY H 160 -38.21 -88.03 -0.60
C GLY H 160 -38.20 -87.15 -1.83
N TYR H 161 -39.32 -86.45 -2.11
CA TYR H 161 -39.40 -85.59 -3.27
C TYR H 161 -38.69 -84.25 -3.06
N ASP H 162 -38.20 -83.99 -1.85
CA ASP H 162 -37.36 -82.83 -1.59
C ASP H 162 -35.91 -83.21 -1.31
N LYS H 163 -35.53 -84.44 -1.63
CA LYS H 163 -34.21 -84.98 -1.38
C LYS H 163 -33.76 -85.75 -2.61
N PRO H 164 -32.46 -85.93 -2.80
CA PRO H 164 -31.97 -86.78 -3.89
C PRO H 164 -32.44 -88.21 -3.71
N PRO H 165 -32.37 -89.05 -4.76
CA PRO H 165 -31.85 -88.77 -6.11
C PRO H 165 -32.93 -88.46 -7.15
N THR H 166 -34.21 -88.46 -6.75
CA THR H 166 -35.32 -88.20 -7.65
C THR H 166 -36.25 -87.17 -7.03
N PRO H 167 -35.82 -85.90 -6.96
CA PRO H 167 -36.64 -84.89 -6.29
C PRO H 167 -37.52 -84.09 -7.25
N PHE H 168 -38.71 -83.75 -6.75
CA PHE H 168 -39.55 -82.79 -7.46
C PHE H 168 -39.15 -81.36 -7.11
N LEU H 169 -38.77 -81.13 -5.85
CA LEU H 169 -38.37 -79.82 -5.37
C LEU H 169 -36.93 -79.86 -4.89
N ILE H 170 -36.23 -78.73 -5.02
CA ILE H 170 -34.88 -78.60 -4.52
C ILE H 170 -34.76 -77.57 -3.40
N ARG H 171 -35.83 -76.82 -3.12
CA ARG H 171 -35.89 -75.92 -1.97
C ARG H 171 -37.31 -76.01 -1.41
N PHE H 172 -37.48 -76.72 -0.29
CA PHE H 172 -38.79 -76.96 0.30
C PHE H 172 -38.72 -76.66 1.78
N ASP H 173 -39.53 -75.70 2.24
CA ASP H 173 -39.67 -75.36 3.64
C ASP H 173 -41.08 -75.77 4.08
N ALA H 174 -41.17 -76.87 4.83
CA ALA H 174 -42.48 -77.40 5.19
C ALA H 174 -43.26 -76.45 6.08
N ASN H 175 -42.57 -75.71 6.96
CA ASN H 175 -43.25 -74.79 7.87
C ASN H 175 -43.74 -73.53 7.17
N GLU H 176 -43.14 -73.16 6.04
CA GLU H 176 -43.65 -72.03 5.26
C GLU H 176 -44.92 -72.42 4.51
N VAL H 177 -44.99 -73.67 4.03
CA VAL H 177 -46.19 -74.14 3.35
C VAL H 177 -47.37 -74.20 4.32
N ILE H 178 -47.12 -74.60 5.56
CA ILE H 178 -48.18 -74.63 6.56
C ILE H 178 -48.61 -73.21 6.92
N LYS H 179 -47.64 -72.32 7.14
CA LYS H 179 -47.96 -70.95 7.51
C LYS H 179 -48.81 -70.26 6.45
N GLN H 180 -48.58 -70.59 5.17
CA GLN H 180 -49.42 -70.03 4.11
C GLN H 180 -50.81 -70.67 4.11
N ALA H 181 -50.88 -71.97 4.37
CA ALA H 181 -52.18 -72.64 4.38
C ALA H 181 -52.99 -72.30 5.62
N GLU H 182 -52.32 -71.92 6.72
CA GLU H 182 -53.04 -71.50 7.91
C GLU H 182 -53.67 -70.13 7.73
N ALA H 183 -52.98 -69.24 7.00
CA ALA H 183 -53.56 -67.93 6.69
C ALA H 183 -54.69 -68.05 5.68
N SER H 184 -54.58 -68.99 4.74
CA SER H 184 -55.67 -69.20 3.79
C SER H 184 -56.86 -69.89 4.45
N THR H 185 -56.60 -70.75 5.44
CA THR H 185 -57.68 -71.45 6.13
C THR H 185 -58.55 -70.48 6.92
N ARG H 186 -57.93 -69.54 7.64
CA ARG H 186 -58.69 -68.57 8.41
C ARG H 186 -59.56 -67.70 7.51
N ARG H 187 -59.11 -67.42 6.27
CA ARG H 187 -59.91 -66.64 5.36
C ARG H 187 -61.19 -67.37 4.96
N PHE H 188 -61.13 -68.71 4.85
CA PHE H 188 -62.34 -69.48 4.58
C PHE H 188 -63.20 -69.64 5.82
N GLU H 189 -62.59 -69.59 7.01
CA GLU H 189 -63.35 -69.72 8.24
C GLU H 189 -64.19 -68.46 8.50
N GLN H 190 -63.63 -67.29 8.21
CA GLN H 190 -64.38 -66.05 8.38
C GLN H 190 -65.36 -65.80 7.24
N GLY H 191 -65.07 -66.33 6.05
CA GLY H 191 -65.97 -66.23 4.94
C GLY H 191 -65.62 -65.16 3.93
N ASN H 192 -64.34 -65.05 3.57
CA ASN H 192 -63.92 -64.09 2.56
C ASN H 192 -62.62 -64.54 1.89
N PRO H 193 -62.69 -65.48 0.95
CA PRO H 193 -61.48 -65.83 0.19
C PRO H 193 -61.07 -64.71 -0.75
N ILE H 194 -59.78 -64.67 -1.06
CA ILE H 194 -59.24 -63.58 -1.88
C ILE H 194 -59.73 -63.69 -3.32
N SER H 195 -59.58 -64.87 -3.92
CA SER H 195 -60.00 -65.08 -5.30
C SER H 195 -60.20 -66.58 -5.52
N VAL H 196 -60.15 -67.01 -6.78
CA VAL H 196 -60.31 -68.43 -7.09
C VAL H 196 -59.01 -69.18 -6.86
N LEU H 197 -57.88 -68.50 -6.75
CA LEU H 197 -56.60 -69.14 -6.49
C LEU H 197 -56.26 -69.20 -5.01
N ASP H 198 -57.14 -68.73 -4.14
CA ASP H 198 -56.88 -68.76 -2.69
C ASP H 198 -56.88 -70.20 -2.21
N GLY H 199 -55.75 -70.62 -1.62
CA GLY H 199 -55.58 -71.99 -1.20
C GLY H 199 -55.06 -72.93 -2.27
N ILE H 200 -54.81 -72.43 -3.48
CA ILE H 200 -54.31 -73.25 -4.58
C ILE H 200 -52.79 -73.28 -4.51
N PHE H 201 -52.22 -74.48 -4.61
CA PHE H 201 -50.79 -74.68 -4.47
C PHE H 201 -50.11 -74.57 -5.83
N VAL H 202 -49.06 -73.75 -5.90
CA VAL H 202 -48.32 -73.52 -7.13
C VAL H 202 -46.84 -73.76 -6.85
N THR H 203 -46.16 -74.43 -7.78
CA THR H 203 -44.74 -74.70 -7.68
C THR H 203 -43.98 -73.77 -8.61
N ILE H 204 -42.91 -73.17 -8.10
CA ILE H 204 -42.12 -72.19 -8.84
C ILE H 204 -40.83 -72.82 -9.31
N LYS H 205 -40.47 -72.58 -10.57
CA LYS H 205 -39.19 -73.05 -11.08
C LYS H 205 -38.04 -72.33 -10.37
N ASP H 206 -36.92 -73.04 -10.20
CA ASP H 206 -35.82 -72.54 -9.38
C ASP H 206 -35.10 -71.34 -10.00
N ASP H 207 -35.37 -71.02 -11.26
CA ASP H 207 -34.79 -69.82 -11.87
C ASP H 207 -35.69 -68.60 -11.72
N ILE H 208 -36.79 -68.72 -10.98
CA ILE H 208 -37.70 -67.61 -10.71
C ILE H 208 -37.67 -67.31 -9.22
N ASP H 209 -37.63 -66.02 -8.88
CA ASP H 209 -37.50 -65.62 -7.49
C ASP H 209 -38.80 -65.83 -6.74
N CYS H 210 -38.72 -66.47 -5.57
CA CYS H 210 -39.88 -66.75 -4.75
C CYS H 210 -39.43 -66.78 -3.29
N LEU H 211 -39.85 -65.79 -2.51
CA LEU H 211 -39.47 -65.72 -1.11
C LEU H 211 -40.15 -66.84 -0.32
N PRO H 212 -39.49 -67.36 0.73
CA PRO H 212 -38.15 -66.98 1.17
C PRO H 212 -37.05 -67.85 0.59
N HIS H 213 -37.39 -68.68 -0.38
CA HIS H 213 -36.43 -69.63 -0.92
C HIS H 213 -35.39 -68.89 -1.78
N PRO H 214 -34.14 -69.34 -1.78
CA PRO H 214 -33.13 -68.74 -2.66
C PRO H 214 -33.26 -69.24 -4.09
N THR H 215 -32.78 -68.41 -5.01
CA THR H 215 -32.82 -68.71 -6.44
C THR H 215 -31.46 -69.25 -6.87
N ASN H 216 -31.44 -70.51 -7.28
CA ASN H 216 -30.21 -71.17 -7.70
C ASN H 216 -30.24 -71.64 -9.15
N GLY H 217 -31.40 -71.96 -9.70
CA GLY H 217 -31.49 -72.40 -11.09
C GLY H 217 -30.82 -73.73 -11.37
N GLY H 218 -31.01 -74.72 -10.49
CA GLY H 218 -30.38 -76.01 -10.67
C GLY H 218 -28.94 -76.09 -10.22
N THR H 219 -28.29 -74.95 -9.96
CA THR H 219 -26.91 -74.95 -9.50
C THR H 219 -26.87 -75.10 -7.99
N THR H 220 -25.66 -75.20 -7.44
CA THR H 220 -25.45 -75.32 -6.01
C THR H 220 -24.70 -74.13 -5.43
N TRP H 221 -24.54 -73.05 -6.19
CA TRP H 221 -23.71 -71.94 -5.76
C TRP H 221 -24.22 -70.56 -6.17
N LEU H 222 -25.26 -70.46 -6.99
CA LEU H 222 -25.70 -69.15 -7.47
C LEU H 222 -26.27 -68.28 -6.34
N HIS H 223 -26.76 -68.88 -5.27
CA HIS H 223 -27.25 -68.10 -4.14
C HIS H 223 -26.13 -67.35 -3.43
N GLU H 224 -24.88 -67.81 -3.56
CA GLU H 224 -23.75 -67.10 -2.98
C GLU H 224 -23.47 -65.78 -3.67
N ASP H 225 -23.89 -65.63 -4.93
CA ASP H 225 -23.63 -64.43 -5.72
C ASP H 225 -24.88 -63.60 -5.97
N ARG H 226 -26.02 -64.23 -6.21
CA ARG H 226 -27.27 -63.54 -6.52
C ARG H 226 -28.30 -63.90 -5.44
N SER H 227 -28.47 -63.02 -4.47
CA SER H 227 -29.45 -63.23 -3.42
C SER H 227 -30.83 -62.77 -3.86
N VAL H 228 -31.83 -63.04 -3.02
CA VAL H 228 -33.21 -62.69 -3.30
C VAL H 228 -33.77 -61.93 -2.11
N GLU H 229 -34.33 -60.74 -2.37
CA GLU H 229 -34.99 -59.95 -1.35
C GLU H 229 -36.42 -59.59 -1.70
N LYS H 230 -36.86 -59.83 -2.93
CA LYS H 230 -38.23 -59.58 -3.35
C LYS H 230 -38.74 -60.78 -4.14
N ASP H 231 -40.06 -60.91 -4.19
CA ASP H 231 -40.68 -61.90 -5.05
C ASP H 231 -40.58 -61.45 -6.51
N SER H 232 -40.61 -62.42 -7.41
CA SER H 232 -40.62 -62.11 -8.83
C SER H 232 -41.96 -61.48 -9.22
N ALA H 233 -42.03 -61.02 -10.47
CA ALA H 233 -43.27 -60.43 -10.95
C ALA H 233 -44.40 -61.44 -10.98
N VAL H 234 -44.10 -62.70 -11.29
CA VAL H 234 -45.13 -63.72 -11.38
C VAL H 234 -45.56 -64.22 -10.01
N VAL H 235 -44.63 -64.25 -9.04
CA VAL H 235 -44.97 -64.73 -7.70
C VAL H 235 -45.77 -63.69 -6.93
N SER H 236 -45.39 -62.41 -7.07
CA SER H 236 -46.11 -61.35 -6.38
C SER H 236 -47.55 -61.23 -6.89
N LYS H 237 -47.81 -61.64 -8.12
CA LYS H 237 -49.17 -61.66 -8.64
C LYS H 237 -49.95 -62.86 -8.13
N LEU H 238 -49.33 -64.04 -8.09
CA LEU H 238 -49.99 -65.22 -7.57
C LEU H 238 -50.20 -65.11 -6.06
N ARG H 239 -49.25 -64.51 -5.35
CA ARG H 239 -49.39 -64.39 -3.90
C ARG H 239 -50.50 -63.42 -3.52
N SER H 240 -50.76 -62.42 -4.36
CA SER H 240 -51.85 -61.49 -4.09
C SER H 240 -53.22 -62.14 -4.28
N CYS H 241 -53.29 -63.26 -4.97
CA CYS H 241 -54.54 -63.98 -5.18
C CYS H 241 -54.81 -65.00 -4.08
N GLY H 242 -53.92 -65.14 -3.11
CA GLY H 242 -54.09 -66.11 -2.06
C GLY H 242 -53.50 -67.47 -2.35
N ALA H 243 -52.74 -67.61 -3.43
CA ALA H 243 -52.13 -68.90 -3.76
C ALA H 243 -51.02 -69.23 -2.75
N ILE H 244 -50.72 -70.51 -2.66
CA ILE H 244 -49.74 -71.03 -1.71
C ILE H 244 -48.54 -71.53 -2.52
N LEU H 245 -47.43 -70.81 -2.44
CA LEU H 245 -46.22 -71.20 -3.15
C LEU H 245 -45.60 -72.42 -2.48
N LEU H 246 -45.54 -73.53 -3.21
CA LEU H 246 -45.07 -74.78 -2.62
C LEU H 246 -43.56 -74.74 -2.39
N GLY H 247 -42.78 -74.56 -3.45
CA GLY H 247 -41.34 -74.50 -3.31
C GLY H 247 -40.68 -74.23 -4.64
N LYS H 248 -39.40 -74.58 -4.72
CA LYS H 248 -38.61 -74.42 -5.94
C LYS H 248 -38.42 -75.78 -6.58
N ALA H 249 -38.91 -75.94 -7.81
CA ALA H 249 -38.87 -77.22 -8.49
C ALA H 249 -37.47 -77.51 -9.03
N ASN H 250 -37.23 -78.79 -9.29
CA ASN H 250 -35.98 -79.21 -9.90
C ASN H 250 -35.97 -78.83 -11.38
N MET H 251 -34.79 -78.48 -11.88
CA MET H 251 -34.67 -78.03 -13.26
C MET H 251 -33.28 -78.38 -13.78
N HIS H 252 -33.18 -78.49 -15.11
CA HIS H 252 -31.88 -78.63 -15.74
C HIS H 252 -31.05 -77.39 -15.45
N GLU H 253 -29.76 -77.62 -15.17
CA GLU H 253 -28.90 -76.56 -14.66
C GLU H 253 -28.84 -75.38 -15.62
N LEU H 254 -29.26 -74.21 -15.13
CA LEU H 254 -29.28 -72.96 -15.88
C LEU H 254 -30.07 -73.06 -17.18
N GLY H 255 -31.00 -74.00 -17.26
CA GLY H 255 -31.80 -74.18 -18.46
C GLY H 255 -31.00 -74.56 -19.68
N MET H 256 -29.87 -75.23 -19.50
CA MET H 256 -28.98 -75.58 -20.61
C MET H 256 -29.18 -77.01 -21.06
N GLY H 257 -30.43 -77.38 -21.35
CA GLY H 257 -30.74 -78.71 -21.81
C GLY H 257 -32.22 -78.87 -22.02
N THR H 258 -32.58 -79.99 -22.64
CA THR H 258 -33.98 -80.30 -22.95
C THR H 258 -34.39 -81.67 -22.41
N THR H 259 -33.63 -82.23 -21.47
CA THR H 259 -33.97 -83.51 -20.86
C THR H 259 -34.27 -83.40 -19.37
N GLY H 260 -33.70 -82.42 -18.67
CA GLY H 260 -33.89 -82.30 -17.23
C GLY H 260 -32.84 -83.00 -16.40
N ASN H 261 -31.76 -83.47 -17.01
CA ASN H 261 -30.70 -84.16 -16.29
C ASN H 261 -29.95 -83.18 -15.39
N ASN H 262 -30.04 -83.39 -14.08
CA ASN H 262 -29.34 -82.54 -13.11
C ASN H 262 -28.51 -83.44 -12.19
N SER H 263 -27.19 -83.38 -12.34
CA SER H 263 -26.28 -84.19 -11.56
C SER H 263 -25.85 -83.50 -10.26
N ASN H 264 -26.60 -82.51 -9.80
CA ASN H 264 -26.36 -81.86 -8.52
C ASN H 264 -27.41 -82.21 -7.48
N TYR H 265 -28.69 -82.21 -7.86
CA TYR H 265 -29.77 -82.58 -6.97
C TYR H 265 -30.43 -83.91 -7.33
N GLY H 266 -30.17 -84.42 -8.52
CA GLY H 266 -30.80 -85.64 -8.97
C GLY H 266 -31.76 -85.37 -10.12
N THR H 267 -31.88 -86.36 -11.01
CA THR H 267 -32.72 -86.21 -12.19
C THR H 267 -34.17 -86.55 -11.85
N THR H 268 -35.07 -85.61 -12.13
CA THR H 268 -36.49 -85.85 -11.91
C THR H 268 -37.03 -86.86 -12.92
N ARG H 269 -37.84 -87.79 -12.44
CA ARG H 269 -38.32 -88.88 -13.28
C ARG H 269 -39.72 -88.59 -13.81
N ASN H 270 -40.00 -89.12 -14.99
CA ASN H 270 -41.32 -88.94 -15.60
C ASN H 270 -42.38 -89.70 -14.82
N PRO H 271 -43.51 -89.06 -14.48
CA PRO H 271 -44.55 -89.78 -13.72
C PRO H 271 -45.13 -90.97 -14.47
N HIS H 272 -45.16 -90.92 -15.81
CA HIS H 272 -45.69 -92.03 -16.58
C HIS H 272 -44.71 -93.18 -16.71
N ASP H 273 -43.44 -92.96 -16.41
CA ASP H 273 -42.42 -94.00 -16.42
C ASP H 273 -41.19 -93.48 -15.67
N PRO H 274 -40.95 -93.94 -14.44
CA PRO H 274 -39.83 -93.40 -13.66
C PRO H 274 -38.46 -93.67 -14.26
N LYS H 275 -38.34 -94.61 -15.19
CA LYS H 275 -37.06 -94.85 -15.85
C LYS H 275 -36.78 -93.86 -16.96
N ARG H 276 -37.73 -92.98 -17.29
CA ARG H 276 -37.64 -92.09 -18.43
C ARG H 276 -37.53 -90.64 -17.96
N TYR H 277 -37.15 -89.77 -18.90
CA TYR H 277 -36.95 -88.35 -18.63
C TYR H 277 -38.27 -87.61 -18.57
N THR H 278 -38.25 -86.49 -17.84
CA THR H 278 -39.41 -85.59 -17.82
C THR H 278 -39.41 -84.66 -19.02
N GLY H 279 -38.23 -84.18 -19.41
CA GLY H 279 -38.12 -83.11 -20.37
C GLY H 279 -37.55 -81.86 -19.75
N GLY H 280 -36.74 -81.12 -20.49
CA GLY H 280 -36.09 -79.95 -19.95
C GLY H 280 -36.68 -78.65 -20.45
N SER H 281 -36.45 -77.56 -19.71
CA SER H 281 -35.66 -77.62 -18.49
C SER H 281 -36.55 -77.65 -17.25
N SER H 282 -37.86 -77.45 -17.45
CA SER H 282 -38.82 -77.48 -16.34
C SER H 282 -39.16 -78.92 -15.95
N SER H 283 -38.13 -79.65 -15.53
CA SER H 283 -38.28 -81.05 -15.20
C SER H 283 -39.21 -81.23 -14.01
N GLY H 284 -38.86 -80.64 -12.86
CA GLY H 284 -39.70 -80.76 -11.69
C GLY H 284 -40.99 -79.98 -11.78
N SER H 285 -40.99 -78.86 -12.51
CA SER H 285 -42.21 -78.06 -12.63
C SER H 285 -43.29 -78.81 -13.41
N ALA H 286 -42.90 -79.74 -14.27
CA ALA H 286 -43.87 -80.52 -15.04
C ALA H 286 -44.23 -81.83 -14.36
N ALA H 287 -43.28 -82.46 -13.66
CA ALA H 287 -43.56 -83.75 -13.04
C ALA H 287 -44.48 -83.61 -11.84
N ILE H 288 -44.29 -82.56 -11.03
CA ILE H 288 -45.12 -82.37 -9.85
C ILE H 288 -46.54 -81.98 -10.23
N VAL H 289 -46.75 -81.45 -11.44
CA VAL H 289 -48.10 -81.19 -11.92
C VAL H 289 -48.73 -82.45 -12.48
N ALA H 290 -47.94 -83.25 -13.22
CA ALA H 290 -48.46 -84.50 -13.76
C ALA H 290 -48.75 -85.52 -12.67
N ALA H 291 -47.98 -85.50 -11.58
CA ALA H 291 -48.21 -86.40 -10.45
C ALA H 291 -49.44 -86.03 -9.64
N GLY H 292 -50.01 -84.84 -9.85
CA GLY H 292 -51.19 -84.41 -9.15
C GLY H 292 -50.95 -83.72 -7.83
N LEU H 293 -49.70 -83.60 -7.39
CA LEU H 293 -49.42 -83.05 -6.07
C LEU H 293 -49.83 -81.59 -5.94
N CYS H 294 -49.90 -80.84 -7.04
CA CYS H 294 -50.30 -79.45 -6.97
C CYS H 294 -51.09 -79.11 -8.23
N SER H 295 -51.86 -78.01 -8.14
CA SER H 295 -52.76 -77.64 -9.22
C SER H 295 -51.98 -77.26 -10.49
N ALA H 296 -50.96 -76.41 -10.35
CA ALA H 296 -50.20 -75.94 -11.48
C ALA H 296 -48.80 -75.55 -11.02
N ALA H 297 -47.97 -75.15 -11.98
CA ALA H 297 -46.61 -74.70 -11.70
C ALA H 297 -46.17 -73.74 -12.79
N LEU H 298 -45.20 -72.91 -12.46
CA LEU H 298 -44.63 -71.95 -13.39
C LEU H 298 -43.27 -72.42 -13.89
N GLY H 299 -42.91 -71.99 -15.10
CA GLY H 299 -41.62 -72.33 -15.67
C GLY H 299 -41.26 -71.34 -16.75
N THR H 300 -39.98 -71.29 -17.06
CA THR H 300 -39.44 -70.38 -18.08
C THR H 300 -39.21 -71.17 -19.37
N ASP H 301 -39.71 -70.63 -20.48
CA ASP H 301 -39.60 -71.27 -21.79
C ASP H 301 -38.61 -70.47 -22.64
N GLY H 302 -37.42 -71.02 -22.85
CA GLY H 302 -36.44 -70.41 -23.72
C GLY H 302 -36.24 -71.19 -25.00
N GLY H 303 -36.40 -72.51 -24.93
CA GLY H 303 -36.32 -73.36 -26.10
C GLY H 303 -37.35 -74.47 -26.06
N GLY H 304 -38.46 -74.21 -25.38
CA GLY H 304 -39.51 -75.18 -25.19
C GLY H 304 -39.61 -75.77 -23.79
N ALA H 305 -39.00 -75.13 -22.79
CA ALA H 305 -38.95 -75.70 -21.45
C ALA H 305 -40.32 -75.77 -20.78
N VAL H 306 -41.30 -75.01 -21.27
CA VAL H 306 -42.66 -75.17 -20.77
C VAL H 306 -43.44 -76.18 -21.61
N ARG H 307 -43.13 -76.27 -22.91
CA ARG H 307 -43.89 -77.11 -23.83
C ARG H 307 -43.35 -78.51 -23.98
N ILE H 308 -42.03 -78.68 -23.95
CA ILE H 308 -41.41 -79.99 -24.19
C ILE H 308 -41.70 -80.96 -23.06
N PRO H 309 -41.44 -80.63 -21.78
CA PRO H 309 -41.78 -81.60 -20.72
C PRO H 309 -43.28 -81.74 -20.51
N SER H 310 -44.06 -80.70 -20.82
CA SER H 310 -45.51 -80.82 -20.74
C SER H 310 -46.03 -81.83 -21.75
N ALA H 311 -45.39 -81.94 -22.91
CA ALA H 311 -45.78 -82.94 -23.89
C ALA H 311 -45.30 -84.33 -23.51
N LEU H 312 -44.21 -84.42 -22.75
CA LEU H 312 -43.70 -85.73 -22.34
C LEU H 312 -44.41 -86.23 -21.08
N CYS H 313 -44.68 -85.35 -20.12
CA CYS H 313 -45.38 -85.74 -18.91
C CYS H 313 -46.89 -85.81 -19.09
N GLY H 314 -47.43 -85.18 -20.14
CA GLY H 314 -48.84 -85.26 -20.42
C GLY H 314 -49.69 -84.17 -19.81
N ILE H 315 -49.14 -82.97 -19.65
CA ILE H 315 -49.90 -81.85 -19.09
C ILE H 315 -49.96 -80.72 -20.11
N THR H 316 -50.49 -79.58 -19.70
CA THR H 316 -50.65 -78.42 -20.56
C THR H 316 -49.55 -77.41 -20.26
N GLY H 317 -48.83 -77.00 -21.30
CA GLY H 317 -47.80 -75.97 -21.17
C GLY H 317 -48.02 -74.82 -22.12
N LEU H 318 -48.29 -73.63 -21.57
CA LEU H 318 -48.59 -72.45 -22.36
C LEU H 318 -47.35 -71.57 -22.45
N LYS H 319 -46.81 -71.44 -23.65
CA LYS H 319 -45.74 -70.48 -23.92
C LYS H 319 -46.39 -69.20 -24.43
N THR H 320 -46.43 -68.19 -23.58
CA THR H 320 -47.11 -66.94 -23.93
C THR H 320 -46.25 -66.10 -24.88
N THR H 321 -46.83 -65.02 -25.36
CA THR H 321 -46.12 -64.13 -26.26
C THR H 321 -44.95 -63.46 -25.54
N TYR H 322 -43.88 -63.21 -26.28
CA TYR H 322 -42.70 -62.57 -25.72
C TYR H 322 -43.06 -61.19 -25.18
N GLY H 323 -42.89 -61.02 -23.87
CA GLY H 323 -43.20 -59.77 -23.21
C GLY H 323 -44.60 -59.68 -22.63
N ARG H 324 -45.41 -60.73 -22.76
CA ARG H 324 -46.76 -60.69 -22.20
C ARG H 324 -46.73 -60.80 -20.69
N THR H 325 -45.91 -61.71 -20.16
CA THR H 325 -45.79 -61.94 -18.72
C THR H 325 -44.48 -61.34 -18.24
N ASP H 326 -44.56 -60.39 -17.31
CA ASP H 326 -43.38 -59.72 -16.80
C ASP H 326 -42.42 -60.72 -16.16
N MET H 327 -41.16 -60.69 -16.61
CA MET H 327 -40.13 -61.60 -16.14
C MET H 327 -39.23 -60.98 -15.08
N THR H 328 -39.65 -59.85 -14.48
CA THR H 328 -38.85 -59.21 -13.46
C THR H 328 -38.69 -60.15 -12.25
N GLY H 329 -37.45 -60.45 -11.93
CA GLY H 329 -37.14 -61.38 -10.87
C GLY H 329 -36.89 -62.80 -11.31
N SER H 330 -36.33 -63.01 -12.50
CA SER H 330 -36.01 -64.33 -13.00
C SER H 330 -34.58 -64.34 -13.52
N LEU H 331 -34.01 -65.54 -13.64
CA LEU H 331 -32.64 -65.68 -14.10
C LEU H 331 -32.48 -65.41 -15.59
N CYS H 332 -33.59 -65.28 -16.33
CA CYS H 332 -33.54 -65.10 -17.78
C CYS H 332 -34.14 -63.77 -18.21
N GLU H 333 -34.11 -62.77 -17.33
CA GLU H 333 -34.55 -61.45 -17.72
C GLU H 333 -33.50 -60.79 -18.61
N GLY H 334 -33.96 -59.95 -19.52
CA GLY H 334 -33.09 -59.33 -20.50
C GLY H 334 -32.86 -60.14 -21.76
N GLY H 335 -33.22 -61.42 -21.75
CA GLY H 335 -33.11 -62.24 -22.94
C GLY H 335 -34.16 -61.86 -23.98
N THR H 336 -34.06 -62.52 -25.13
CA THR H 336 -34.95 -62.23 -26.25
C THR H 336 -35.77 -63.42 -26.71
N VAL H 337 -35.62 -64.59 -26.09
CA VAL H 337 -36.33 -65.78 -26.52
C VAL H 337 -36.95 -66.49 -25.32
N GLU H 338 -37.01 -65.80 -24.18
CA GLU H 338 -37.47 -66.40 -22.94
C GLU H 338 -38.79 -65.77 -22.49
N ILE H 339 -39.63 -66.60 -21.88
CA ILE H 339 -40.88 -66.17 -21.25
C ILE H 339 -41.05 -66.94 -19.95
N ILE H 340 -42.19 -66.73 -19.30
CA ILE H 340 -42.59 -67.48 -18.11
C ILE H 340 -44.01 -67.96 -18.34
N GLY H 341 -44.17 -69.27 -18.54
CA GLY H 341 -45.46 -69.84 -18.81
C GLY H 341 -45.93 -70.79 -17.74
N PRO H 342 -47.24 -70.98 -17.64
CA PRO H 342 -47.79 -71.92 -16.66
C PRO H 342 -47.87 -73.36 -17.19
N LEU H 343 -47.58 -74.30 -16.29
CA LEU H 343 -47.75 -75.72 -16.55
C LEU H 343 -48.85 -76.24 -15.64
N ALA H 344 -49.95 -76.69 -16.23
CA ALA H 344 -51.11 -77.14 -15.48
C ALA H 344 -51.58 -78.48 -15.99
N SER H 345 -52.38 -79.15 -15.16
CA SER H 345 -52.87 -80.49 -15.49
C SER H 345 -53.94 -80.46 -16.57
N SER H 346 -54.70 -79.38 -16.65
CA SER H 346 -55.77 -79.25 -17.64
C SER H 346 -55.71 -77.86 -18.27
N LEU H 347 -56.44 -77.68 -19.36
CA LEU H 347 -56.48 -76.39 -20.04
C LEU H 347 -57.17 -75.33 -19.18
N GLU H 348 -58.18 -75.73 -18.41
CA GLU H 348 -58.89 -74.78 -17.57
C GLU H 348 -57.97 -74.19 -16.50
N ASP H 349 -57.06 -75.00 -15.96
CA ASP H 349 -56.18 -74.53 -14.89
C ASP H 349 -55.09 -73.61 -15.44
N ALA H 350 -54.54 -73.94 -16.61
CA ALA H 350 -53.50 -73.09 -17.19
C ALA H 350 -54.04 -71.71 -17.55
N PHE H 351 -55.29 -71.65 -18.02
CA PHE H 351 -55.89 -70.36 -18.35
C PHE H 351 -56.10 -69.52 -17.10
N LEU H 352 -56.47 -70.15 -15.98
CA LEU H 352 -56.70 -69.40 -14.75
C LEU H 352 -55.39 -68.88 -14.16
N VAL H 353 -54.30 -69.65 -14.30
CA VAL H 353 -53.01 -69.17 -13.81
C VAL H 353 -52.46 -68.11 -14.75
N TYR H 354 -52.69 -68.26 -16.05
CA TYR H 354 -52.25 -67.24 -17.00
C TYR H 354 -52.92 -65.91 -16.72
N ALA H 355 -54.20 -65.93 -16.34
CA ALA H 355 -54.93 -64.70 -16.08
C ALA H 355 -54.33 -63.93 -14.91
N ALA H 356 -53.67 -64.62 -13.98
CA ALA H 356 -53.13 -63.97 -12.80
C ALA H 356 -51.70 -63.49 -12.99
N ILE H 357 -50.91 -64.18 -13.82
CA ILE H 357 -49.49 -63.83 -13.98
C ILE H 357 -49.23 -62.84 -15.11
N LEU H 358 -50.16 -62.68 -16.04
CA LEU H 358 -49.93 -61.82 -17.20
C LEU H 358 -49.78 -60.36 -16.76
N GLY H 359 -49.21 -59.56 -17.65
CA GLY H 359 -48.96 -58.17 -17.37
C GLY H 359 -47.59 -57.73 -17.86
N SER H 360 -47.56 -56.94 -18.92
CA SER H 360 -46.30 -56.48 -19.50
C SER H 360 -45.59 -55.54 -18.54
N SER H 361 -44.26 -55.60 -18.57
CA SER H 361 -43.46 -54.72 -17.73
C SER H 361 -43.49 -53.29 -18.25
N SER H 362 -42.93 -52.37 -17.45
CA SER H 362 -42.91 -50.97 -17.85
C SER H 362 -42.05 -50.75 -19.08
N ALA H 363 -40.93 -51.47 -19.19
CA ALA H 363 -40.04 -51.30 -20.33
C ALA H 363 -40.56 -52.03 -21.56
N ASP H 364 -41.24 -53.16 -21.39
CA ASP H 364 -41.78 -53.90 -22.53
C ASP H 364 -43.08 -53.30 -23.05
N ARG H 365 -43.82 -52.57 -22.22
CA ARG H 365 -45.06 -51.96 -22.69
C ARG H 365 -44.79 -50.86 -23.71
N TYR H 366 -43.68 -50.14 -23.56
CA TYR H 366 -43.35 -49.06 -24.49
C TYR H 366 -42.55 -49.55 -25.70
N ASN H 367 -41.84 -50.67 -25.57
CA ASN H 367 -41.01 -51.16 -26.67
C ASN H 367 -41.74 -52.17 -27.55
N LEU H 368 -42.52 -53.07 -26.96
CA LEU H 368 -43.25 -54.07 -27.73
C LEU H 368 -44.66 -53.63 -28.09
N LYS H 369 -45.22 -52.66 -27.37
CA LYS H 369 -46.58 -52.17 -27.55
C LYS H 369 -47.55 -53.34 -27.67
N PRO H 370 -47.79 -54.07 -26.59
CA PRO H 370 -48.70 -55.21 -26.67
C PRO H 370 -50.15 -54.77 -26.74
N SER H 371 -50.94 -55.48 -27.55
CA SER H 371 -52.38 -55.29 -27.53
C SER H 371 -52.94 -55.74 -26.18
N PRO H 372 -54.05 -55.15 -25.74
CA PRO H 372 -54.59 -55.52 -24.43
C PRO H 372 -54.85 -57.00 -24.35
N PRO H 373 -54.75 -57.59 -23.16
CA PRO H 373 -54.97 -59.03 -23.02
C PRO H 373 -56.41 -59.41 -23.33
N CYS H 374 -56.58 -60.65 -23.81
CA CYS H 374 -57.89 -61.15 -24.20
C CYS H 374 -58.06 -62.57 -23.66
N PHE H 375 -59.27 -62.88 -23.21
CA PHE H 375 -59.57 -64.23 -22.78
C PHE H 375 -60.57 -64.87 -23.74
N PRO H 376 -60.35 -66.12 -24.13
CA PRO H 376 -61.31 -66.76 -25.04
C PRO H 376 -62.59 -67.15 -24.33
N LYS H 377 -63.72 -66.90 -24.99
CA LYS H 377 -65.01 -67.31 -24.47
C LYS H 377 -65.13 -68.83 -24.53
N LEU H 378 -64.70 -69.52 -23.47
CA LEU H 378 -64.70 -70.98 -23.47
C LEU H 378 -66.10 -71.57 -23.51
N LEU H 379 -67.14 -70.75 -23.41
CA LEU H 379 -68.51 -71.22 -23.54
C LEU H 379 -68.75 -71.75 -24.95
N SER H 380 -68.95 -73.06 -25.09
CA SER H 380 -69.07 -73.67 -26.41
C SER H 380 -70.42 -73.36 -27.05
N HIS H 381 -71.50 -73.45 -26.27
CA HIS H 381 -72.84 -73.20 -26.76
C HIS H 381 -73.49 -72.09 -25.92
N ASN H 382 -74.19 -71.18 -26.58
CA ASN H 382 -74.37 -71.21 -28.03
C ASN H 382 -73.26 -70.45 -28.75
N GLY H 383 -72.81 -71.00 -29.87
CA GLY H 383 -71.78 -70.35 -30.67
C GLY H 383 -70.49 -71.14 -30.78
N SER H 384 -70.44 -72.06 -31.74
CA SER H 384 -69.24 -72.83 -32.03
C SER H 384 -68.68 -72.54 -33.42
N ASN H 385 -69.04 -71.38 -33.99
CA ASN H 385 -68.63 -71.04 -35.35
C ASN H 385 -67.30 -70.33 -35.42
N ALA H 386 -66.84 -69.72 -34.32
CA ALA H 386 -65.57 -69.02 -34.33
C ALA H 386 -64.40 -69.99 -34.47
N ILE H 387 -64.50 -71.18 -33.88
CA ILE H 387 -63.42 -72.16 -33.99
C ILE H 387 -63.35 -72.71 -35.41
N GLY H 388 -64.50 -73.00 -36.00
CA GLY H 388 -64.53 -73.55 -37.35
C GLY H 388 -64.00 -72.61 -38.41
N SER H 389 -63.93 -71.31 -38.12
CA SER H 389 -63.41 -70.34 -39.06
C SER H 389 -61.89 -70.30 -39.09
N LEU H 390 -61.22 -70.98 -38.17
CA LEU H 390 -59.76 -70.96 -38.13
C LEU H 390 -59.18 -71.76 -39.29
N ARG H 391 -57.97 -71.38 -39.69
CA ARG H 391 -57.24 -72.04 -40.77
C ARG H 391 -55.95 -72.60 -40.20
N LEU H 392 -55.84 -73.93 -40.18
CA LEU H 392 -54.70 -74.61 -39.58
C LEU H 392 -53.60 -74.79 -40.63
N GLY H 393 -52.43 -74.21 -40.36
CA GLY H 393 -51.30 -74.32 -41.27
C GLY H 393 -50.41 -75.48 -40.88
N LYS H 394 -50.15 -76.37 -41.83
CA LYS H 394 -49.41 -77.60 -41.58
C LYS H 394 -48.36 -77.81 -42.65
N TYR H 395 -47.10 -77.89 -42.24
CA TYR H 395 -45.98 -78.25 -43.11
C TYR H 395 -45.85 -79.77 -43.09
N THR H 396 -46.21 -80.41 -44.21
CA THR H 396 -46.36 -81.87 -44.22
C THR H 396 -45.04 -82.57 -43.93
N LYS H 397 -43.99 -82.26 -44.69
CA LYS H 397 -42.70 -82.91 -44.48
C LYS H 397 -42.15 -82.61 -43.09
N TRP H 398 -42.42 -81.41 -42.57
CA TRP H 398 -41.99 -81.06 -41.22
C TRP H 398 -42.85 -81.76 -40.17
N PHE H 399 -44.15 -81.85 -40.42
CA PHE H 399 -45.06 -82.48 -39.46
C PHE H 399 -44.71 -83.94 -39.24
N ASN H 400 -44.36 -84.65 -40.31
CA ASN H 400 -44.11 -86.09 -40.25
C ASN H 400 -42.65 -86.44 -40.01
N ASP H 401 -41.83 -85.47 -39.58
CA ASP H 401 -40.43 -85.74 -39.27
C ASP H 401 -40.27 -86.05 -37.78
N VAL H 402 -40.88 -87.16 -37.37
CA VAL H 402 -40.84 -87.61 -35.99
C VAL H 402 -40.16 -88.98 -35.95
N SER H 403 -39.49 -89.27 -34.83
CA SER H 403 -38.79 -90.54 -34.69
C SER H 403 -39.77 -91.70 -34.50
N SER H 404 -40.93 -91.42 -33.91
CA SER H 404 -41.97 -92.44 -33.69
C SER H 404 -43.19 -92.07 -34.51
N SER H 405 -43.62 -92.99 -35.37
CA SER H 405 -44.78 -92.75 -36.22
C SER H 405 -46.06 -92.56 -35.42
N ASP H 406 -46.07 -92.99 -34.15
CA ASP H 406 -47.26 -92.84 -33.32
C ASP H 406 -47.60 -91.37 -33.07
N ILE H 407 -46.58 -90.50 -33.03
CA ILE H 407 -46.82 -89.09 -32.75
C ILE H 407 -47.45 -88.41 -33.95
N SER H 408 -47.00 -88.75 -35.16
CA SER H 408 -47.57 -88.13 -36.35
C SER H 408 -49.01 -88.56 -36.57
N ASP H 409 -49.30 -89.85 -36.36
CA ASP H 409 -50.65 -90.34 -36.61
C ASP H 409 -51.64 -89.84 -35.56
N LYS H 410 -51.24 -89.87 -34.28
CA LYS H 410 -52.14 -89.42 -33.23
C LYS H 410 -52.43 -87.93 -33.32
N CYS H 411 -51.47 -87.15 -33.83
CA CYS H 411 -51.71 -85.73 -34.06
C CYS H 411 -52.52 -85.49 -35.32
N GLU H 412 -52.36 -86.35 -36.33
CA GLU H 412 -53.21 -86.25 -37.52
C GLU H 412 -54.65 -86.60 -37.21
N ASP H 413 -54.88 -87.46 -36.21
CA ASP H 413 -56.24 -87.78 -35.80
C ASP H 413 -56.95 -86.57 -35.21
N ILE H 414 -56.20 -85.66 -34.58
CA ILE H 414 -56.80 -84.48 -33.98
C ILE H 414 -57.19 -83.47 -35.06
N LEU H 415 -56.35 -83.32 -36.08
CA LEU H 415 -56.66 -82.38 -37.16
C LEU H 415 -57.89 -82.81 -37.94
N LYS H 416 -58.02 -84.12 -38.20
CA LYS H 416 -59.21 -84.63 -38.86
C LYS H 416 -60.44 -84.46 -37.98
N LEU H 417 -60.29 -84.66 -36.66
CA LEU H 417 -61.40 -84.45 -35.74
C LEU H 417 -61.78 -82.98 -35.67
N LEU H 418 -60.79 -82.08 -35.71
CA LEU H 418 -61.10 -80.66 -35.74
C LEU H 418 -61.73 -80.26 -37.07
N SER H 419 -61.31 -80.91 -38.16
CA SER H 419 -61.85 -80.58 -39.47
C SER H 419 -63.26 -81.13 -39.66
N ASN H 420 -63.60 -82.20 -38.94
CA ASN H 420 -64.91 -82.82 -39.08
C ASN H 420 -65.92 -82.21 -38.11
N ASN H 421 -65.58 -82.18 -36.81
CA ASN H 421 -66.51 -81.72 -35.79
C ASN H 421 -66.65 -80.21 -35.73
N HIS H 422 -65.82 -79.46 -36.43
CA HIS H 422 -65.91 -78.01 -36.38
C HIS H 422 -65.89 -77.39 -37.77
N GLY H 423 -65.16 -78.01 -38.69
CA GLY H 423 -65.04 -77.51 -40.04
C GLY H 423 -63.78 -76.73 -40.34
N CYS H 424 -62.74 -76.85 -39.51
CA CYS H 424 -61.50 -76.15 -39.75
C CYS H 424 -60.81 -76.70 -41.00
N LYS H 425 -60.32 -75.80 -41.84
CA LYS H 425 -59.61 -76.18 -43.06
C LYS H 425 -58.11 -76.17 -42.79
N VAL H 426 -57.45 -77.29 -43.09
CA VAL H 426 -56.02 -77.41 -42.91
C VAL H 426 -55.34 -77.02 -44.22
N VAL H 427 -54.50 -76.00 -44.15
CA VAL H 427 -53.79 -75.45 -45.31
C VAL H 427 -52.36 -75.95 -45.29
N GLU H 428 -51.86 -76.42 -46.43
CA GLU H 428 -50.49 -76.89 -46.54
C GLU H 428 -49.55 -75.70 -46.66
N ILE H 429 -48.74 -75.47 -45.64
CA ILE H 429 -47.79 -74.36 -45.63
C ILE H 429 -46.38 -74.91 -45.79
N VAL H 430 -45.41 -74.01 -45.88
CA VAL H 430 -44.00 -74.38 -46.00
C VAL H 430 -43.18 -73.34 -45.24
N VAL H 431 -42.30 -73.80 -44.36
CA VAL H 431 -41.49 -72.92 -43.52
C VAL H 431 -40.03 -73.07 -43.97
N PRO H 432 -39.48 -72.09 -44.68
CA PRO H 432 -38.11 -72.22 -45.19
C PRO H 432 -37.08 -71.93 -44.11
N GLU H 433 -35.84 -72.37 -44.40
CA GLU H 433 -34.68 -72.05 -43.59
C GLU H 433 -34.86 -72.49 -42.13
N LEU H 434 -35.31 -73.73 -41.97
CA LEU H 434 -35.41 -74.31 -40.63
C LEU H 434 -34.03 -74.56 -40.03
N GLU H 435 -33.05 -74.93 -40.87
CA GLU H 435 -31.69 -75.13 -40.37
C GLU H 435 -31.09 -73.82 -39.89
N GLU H 436 -31.40 -72.71 -40.59
CA GLU H 436 -30.94 -71.40 -40.14
C GLU H 436 -31.59 -70.99 -38.82
N MET H 437 -32.77 -71.53 -38.50
CA MET H 437 -33.43 -71.17 -37.25
C MET H 437 -32.72 -71.80 -36.06
N ARG H 438 -32.22 -73.03 -36.21
CA ARG H 438 -31.48 -73.65 -35.12
C ARG H 438 -30.23 -72.87 -34.79
N ALA H 439 -29.42 -72.55 -35.82
CA ALA H 439 -28.18 -71.82 -35.59
C ALA H 439 -28.45 -70.44 -35.01
N ALA H 440 -29.53 -69.79 -35.45
CA ALA H 440 -29.86 -68.47 -34.92
C ALA H 440 -30.33 -68.56 -33.47
N HIS H 441 -31.00 -69.65 -33.10
CA HIS H 441 -31.57 -69.75 -31.76
C HIS H 441 -30.52 -70.11 -30.71
N VAL H 442 -29.65 -71.07 -31.03
CA VAL H 442 -28.69 -71.55 -30.03
C VAL H 442 -27.78 -70.40 -29.56
N ILE H 443 -27.46 -69.47 -30.44
CA ILE H 443 -26.60 -68.35 -30.05
C ILE H 443 -27.43 -67.24 -29.41
N SER H 444 -28.69 -67.07 -29.82
CA SER H 444 -29.54 -66.04 -29.22
C SER H 444 -29.98 -66.39 -27.81
N ILE H 445 -29.79 -67.63 -27.37
CA ILE H 445 -30.14 -68.02 -26.01
C ILE H 445 -28.92 -68.34 -25.17
N GLY H 446 -27.80 -68.75 -25.78
CA GLY H 446 -26.60 -69.00 -25.01
C GLY H 446 -25.78 -67.76 -24.72
N SER H 447 -25.84 -66.76 -25.61
CA SER H 447 -25.05 -65.55 -25.40
C SER H 447 -25.51 -64.77 -24.19
N PRO H 448 -26.79 -64.41 -24.02
CA PRO H 448 -27.18 -63.68 -22.81
C PRO H 448 -27.07 -64.51 -21.54
N THR H 449 -27.23 -65.84 -21.64
CA THR H 449 -27.03 -66.68 -20.46
C THR H 449 -25.55 -66.71 -20.07
N LEU H 450 -24.66 -66.86 -21.04
CA LEU H 450 -23.23 -66.86 -20.74
C LEU H 450 -22.75 -65.49 -20.29
N SER H 451 -23.36 -64.41 -20.81
CA SER H 451 -22.91 -63.07 -20.46
C SER H 451 -23.13 -62.76 -18.98
N SER H 452 -24.29 -63.15 -18.45
CA SER H 452 -24.61 -62.84 -17.06
C SER H 452 -23.90 -63.74 -16.07
N LEU H 453 -23.51 -64.95 -16.49
CA LEU H 453 -22.79 -65.88 -15.62
C LEU H 453 -21.27 -65.76 -15.75
N THR H 454 -20.78 -64.93 -16.67
CA THR H 454 -19.34 -64.88 -16.90
C THR H 454 -18.57 -64.26 -15.73
N PRO H 455 -18.98 -63.12 -15.16
CA PRO H 455 -18.24 -62.60 -14.00
C PRO H 455 -18.17 -63.58 -12.84
N TYR H 456 -19.16 -64.46 -12.70
CA TYR H 456 -19.10 -65.48 -11.65
C TYR H 456 -18.16 -66.61 -12.03
N CYS H 457 -18.12 -66.97 -13.32
CA CYS H 457 -17.20 -68.01 -13.78
C CYS H 457 -15.76 -67.52 -13.85
N GLU H 458 -15.56 -66.25 -14.18
CA GLU H 458 -14.21 -65.68 -14.14
C GLU H 458 -13.65 -65.65 -12.72
N ALA H 459 -14.53 -65.65 -11.72
CA ALA H 459 -14.14 -65.72 -10.32
C ALA H 459 -13.82 -67.14 -9.86
N GLY H 460 -13.58 -68.06 -10.80
CA GLY H 460 -13.19 -69.41 -10.46
C GLY H 460 -14.33 -70.35 -10.14
N LYS H 461 -15.57 -69.99 -10.44
CA LYS H 461 -16.72 -70.84 -10.18
C LYS H 461 -17.22 -71.55 -11.44
N ASN H 462 -16.44 -71.52 -12.53
CA ASN H 462 -16.84 -72.23 -13.73
C ASN H 462 -16.73 -73.74 -13.54
N SER H 463 -15.83 -74.19 -12.68
CA SER H 463 -15.72 -75.60 -12.38
C SER H 463 -16.86 -76.11 -11.51
N LYS H 464 -17.60 -75.21 -10.87
CA LYS H 464 -18.75 -75.58 -10.05
C LYS H 464 -19.99 -75.87 -10.88
N LEU H 465 -19.91 -75.81 -12.20
CA LEU H 465 -21.02 -76.14 -13.07
C LEU H 465 -20.94 -77.60 -13.51
N SER H 466 -22.10 -78.15 -13.87
CA SER H 466 -22.14 -79.51 -14.37
C SER H 466 -21.42 -79.61 -15.71
N TYR H 467 -21.01 -80.84 -16.06
CA TYR H 467 -20.32 -81.05 -17.32
C TYR H 467 -21.22 -80.82 -18.52
N ASP H 468 -22.54 -80.83 -18.32
CA ASP H 468 -23.45 -80.48 -19.41
C ASP H 468 -23.39 -79.00 -19.74
N THR H 469 -23.40 -78.15 -18.70
CA THR H 469 -23.35 -76.70 -18.93
C THR H 469 -21.99 -76.27 -19.44
N ARG H 470 -20.92 -76.84 -18.88
CA ARG H 470 -19.56 -76.50 -19.31
C ARG H 470 -19.29 -76.94 -20.75
N THR H 471 -20.02 -77.92 -21.25
CA THR H 471 -19.93 -78.26 -22.67
C THR H 471 -20.67 -77.25 -23.52
N SER H 472 -21.87 -76.85 -23.09
CA SER H 472 -22.59 -75.80 -23.80
C SER H 472 -21.86 -74.47 -23.71
N PHE H 473 -21.33 -74.14 -22.53
CA PHE H 473 -20.59 -72.89 -22.38
C PHE H 473 -19.30 -72.91 -23.21
N ALA H 474 -18.73 -74.09 -23.46
CA ALA H 474 -17.54 -74.17 -24.29
C ALA H 474 -17.85 -73.77 -25.73
N ILE H 475 -19.01 -74.17 -26.24
CA ILE H 475 -19.41 -73.75 -27.58
C ILE H 475 -19.90 -72.30 -27.57
N PHE H 476 -20.53 -71.86 -26.48
CA PHE H 476 -21.01 -70.48 -26.41
C PHE H 476 -19.87 -69.49 -26.42
N ARG H 477 -18.75 -69.82 -25.76
CA ARG H 477 -17.61 -68.91 -25.73
C ARG H 477 -16.95 -68.78 -27.10
N SER H 478 -17.23 -69.71 -28.02
CA SER H 478 -16.68 -69.66 -29.37
C SER H 478 -17.53 -68.85 -30.33
N PHE H 479 -18.70 -68.38 -29.90
CA PHE H 479 -19.57 -67.56 -30.74
C PHE H 479 -19.04 -66.13 -30.76
N SER H 480 -18.57 -65.68 -31.92
CA SER H 480 -18.03 -64.34 -32.03
C SER H 480 -19.17 -63.32 -32.00
N ALA H 481 -18.79 -62.05 -31.78
CA ALA H 481 -19.79 -60.98 -31.81
C ALA H 481 -20.42 -60.83 -33.18
N SER H 482 -19.65 -61.08 -34.25
CA SER H 482 -20.21 -61.01 -35.59
C SER H 482 -21.17 -62.16 -35.85
N ASP H 483 -20.95 -63.31 -35.22
CA ASP H 483 -21.91 -64.42 -35.36
C ASP H 483 -23.27 -64.05 -34.77
N TYR H 484 -23.27 -63.22 -33.72
CA TYR H 484 -24.55 -62.81 -33.14
C TYR H 484 -25.25 -61.80 -34.02
N ILE H 485 -24.50 -60.87 -34.63
CA ILE H 485 -25.10 -59.88 -35.51
C ILE H 485 -25.70 -60.57 -36.74
N ALA H 486 -25.01 -61.60 -37.26
CA ALA H 486 -25.57 -62.35 -38.37
C ALA H 486 -26.79 -63.16 -37.95
N ALA H 487 -26.82 -63.63 -36.71
CA ALA H 487 -27.95 -64.42 -36.23
C ALA H 487 -29.21 -63.57 -36.08
N GLN H 488 -29.06 -62.28 -35.79
CA GLN H 488 -30.21 -61.39 -35.72
C GLN H 488 -30.76 -61.03 -37.09
N CYS H 489 -29.92 -61.12 -38.14
CA CYS H 489 -30.42 -60.92 -39.49
C CYS H 489 -31.25 -62.11 -39.95
N LEU H 490 -30.90 -63.32 -39.51
CA LEU H 490 -31.71 -64.49 -39.83
C LEU H 490 -33.04 -64.48 -39.08
N ARG H 491 -33.08 -63.80 -37.92
CA ARG H 491 -34.34 -63.69 -37.19
C ARG H 491 -35.35 -62.84 -37.96
N ARG H 492 -34.88 -61.79 -38.64
CA ARG H 492 -35.77 -60.99 -39.47
C ARG H 492 -36.30 -61.81 -40.64
N ARG H 493 -35.45 -62.63 -41.26
CA ARG H 493 -35.90 -63.47 -42.37
C ARG H 493 -37.01 -64.41 -41.94
N LEU H 494 -36.77 -65.18 -40.87
CA LEU H 494 -37.79 -66.10 -40.39
C LEU H 494 -39.03 -65.37 -39.90
N MET H 495 -38.87 -64.17 -39.35
CA MET H 495 -40.03 -63.38 -38.97
C MET H 495 -40.84 -62.99 -40.20
N GLU H 496 -40.16 -62.68 -41.31
CA GLU H 496 -40.86 -62.33 -42.54
C GLU H 496 -41.55 -63.55 -43.16
N TYR H 497 -40.95 -64.74 -43.03
CA TYR H 497 -41.60 -65.94 -43.52
C TYR H 497 -42.87 -66.24 -42.71
N HIS H 498 -42.77 -66.16 -41.38
CA HIS H 498 -43.90 -66.51 -40.54
C HIS H 498 -45.00 -65.48 -40.62
N LEU H 499 -44.65 -64.19 -40.65
CA LEU H 499 -45.67 -63.17 -40.78
C LEU H 499 -46.40 -63.27 -42.12
N ASN H 500 -45.72 -63.76 -43.15
CA ASN H 500 -46.39 -64.03 -44.43
C ASN H 500 -47.21 -65.31 -44.37
N ILE H 501 -46.80 -66.27 -43.55
CA ILE H 501 -47.61 -67.46 -43.34
C ILE H 501 -48.90 -67.11 -42.61
N PHE H 502 -48.79 -66.29 -41.55
CA PHE H 502 -49.95 -65.92 -40.75
C PHE H 502 -50.96 -65.07 -41.52
N LYS H 503 -50.62 -64.62 -42.73
CA LYS H 503 -51.62 -63.97 -43.57
C LYS H 503 -52.59 -64.97 -44.17
N ASP H 504 -52.19 -66.23 -44.31
CA ASP H 504 -53.02 -67.28 -44.88
C ASP H 504 -53.66 -68.18 -43.83
N VAL H 505 -52.97 -68.46 -42.73
CA VAL H 505 -53.47 -69.34 -41.69
C VAL H 505 -53.49 -68.58 -40.37
N ASP H 506 -54.30 -69.09 -39.44
CA ASP H 506 -54.43 -68.48 -38.11
C ASP H 506 -53.47 -69.09 -37.10
N VAL H 507 -53.23 -70.40 -37.19
CA VAL H 507 -52.33 -71.10 -36.29
C VAL H 507 -51.46 -72.04 -37.12
N ILE H 508 -50.41 -72.56 -36.48
CA ILE H 508 -49.53 -73.56 -37.06
C ILE H 508 -49.51 -74.75 -36.12
N VAL H 509 -50.03 -75.89 -36.58
CA VAL H 509 -50.18 -77.08 -35.75
C VAL H 509 -49.04 -78.05 -36.07
N THR H 510 -48.35 -78.50 -35.04
CA THR H 510 -47.27 -79.47 -35.14
C THR H 510 -47.26 -80.32 -33.88
N PRO H 511 -46.71 -81.53 -33.94
CA PRO H 511 -46.40 -82.24 -32.69
C PRO H 511 -45.34 -81.45 -31.91
N THR H 512 -45.52 -81.38 -30.59
CA THR H 512 -44.61 -80.58 -29.78
C THR H 512 -43.18 -81.11 -29.88
N THR H 513 -43.02 -82.42 -29.83
CA THR H 513 -41.71 -83.05 -29.91
C THR H 513 -41.72 -84.13 -30.98
N GLY H 514 -40.53 -84.49 -31.45
CA GLY H 514 -40.37 -85.56 -32.40
C GLY H 514 -40.19 -86.93 -31.79
N MET H 515 -40.26 -87.04 -30.47
CA MET H 515 -40.13 -88.31 -29.78
C MET H 515 -40.88 -88.23 -28.46
N THR H 516 -41.25 -89.40 -27.93
CA THR H 516 -41.89 -89.47 -26.62
C THR H 516 -40.82 -89.31 -25.53
N ALA H 517 -41.19 -89.58 -24.29
CA ALA H 517 -40.25 -89.46 -23.17
C ALA H 517 -39.09 -90.43 -23.35
N PRO H 518 -37.86 -89.96 -23.51
CA PRO H 518 -36.73 -90.86 -23.73
C PRO H 518 -36.29 -91.53 -22.43
N VAL H 519 -35.66 -92.69 -22.60
CA VAL H 519 -35.16 -93.46 -21.46
C VAL H 519 -33.87 -92.83 -20.96
N ILE H 520 -33.74 -92.70 -19.64
CA ILE H 520 -32.55 -92.12 -19.04
C ILE H 520 -31.42 -93.15 -19.10
N PRO H 521 -30.30 -92.84 -19.74
CA PRO H 521 -29.15 -93.74 -19.72
C PRO H 521 -28.57 -93.85 -18.32
N PRO H 522 -28.35 -95.06 -17.82
CA PRO H 522 -27.82 -95.20 -16.46
C PRO H 522 -26.47 -94.54 -16.27
N ASP H 523 -25.64 -94.50 -17.31
CA ASP H 523 -24.32 -93.88 -17.19
C ASP H 523 -24.42 -92.37 -17.12
N ALA H 524 -25.55 -91.78 -17.50
CA ALA H 524 -25.74 -90.35 -17.50
C ALA H 524 -26.25 -89.80 -16.17
N LEU H 525 -26.45 -90.66 -15.18
CA LEU H 525 -26.99 -90.23 -13.89
C LEU H 525 -25.91 -89.81 -12.90
N LYS H 526 -24.63 -89.95 -13.24
CA LYS H 526 -23.56 -89.57 -12.33
C LYS H 526 -23.06 -88.15 -12.59
N ASN H 527 -22.76 -87.83 -13.85
CA ASN H 527 -22.23 -86.51 -14.17
C ASN H 527 -22.80 -85.93 -15.46
N GLY H 528 -23.88 -86.49 -15.99
CA GLY H 528 -24.52 -85.93 -17.17
C GLY H 528 -24.24 -86.70 -18.44
N GLU H 529 -24.63 -86.09 -19.56
CA GLU H 529 -24.47 -86.69 -20.88
C GLU H 529 -24.46 -85.57 -21.91
N THR H 530 -24.31 -85.95 -23.17
CA THR H 530 -24.27 -84.99 -24.27
C THR H 530 -24.78 -85.65 -25.55
N ASN H 531 -25.97 -86.25 -25.49
CA ASN H 531 -26.58 -86.87 -26.66
C ASN H 531 -27.33 -85.80 -27.43
N ILE H 532 -26.76 -85.35 -28.55
CA ILE H 532 -27.34 -84.26 -29.31
C ILE H 532 -28.53 -84.74 -30.14
N GLN H 533 -28.46 -85.97 -30.65
CA GLN H 533 -29.55 -86.50 -31.47
C GLN H 533 -30.87 -86.56 -30.68
N VAL H 534 -30.79 -86.75 -29.36
CA VAL H 534 -32.00 -86.75 -28.55
C VAL H 534 -32.52 -85.34 -28.34
N THR H 535 -31.64 -84.39 -28.04
CA THR H 535 -32.04 -82.98 -27.95
C THR H 535 -32.42 -82.40 -29.30
N THR H 536 -32.07 -83.07 -30.40
CA THR H 536 -32.49 -82.63 -31.72
C THR H 536 -33.97 -82.92 -31.96
N ASP H 537 -34.38 -84.16 -31.70
CA ASP H 537 -35.78 -84.55 -31.88
C ASP H 537 -36.73 -83.83 -30.93
N LEU H 538 -36.21 -83.18 -29.88
CA LEU H 538 -37.06 -82.50 -28.91
C LEU H 538 -37.25 -81.03 -29.22
N MET H 539 -36.30 -80.39 -29.88
CA MET H 539 -36.39 -78.97 -30.23
C MET H 539 -36.83 -78.75 -31.67
N ARG H 540 -37.37 -79.78 -32.33
CA ARG H 540 -37.63 -79.67 -33.77
C ARG H 540 -38.78 -78.71 -34.08
N PHE H 541 -39.75 -78.58 -33.18
CA PHE H 541 -40.96 -77.84 -33.48
C PHE H 541 -41.21 -76.66 -32.56
N VAL H 542 -40.36 -76.41 -31.57
CA VAL H 542 -40.62 -75.39 -30.55
C VAL H 542 -39.75 -74.16 -30.68
N LEU H 543 -38.78 -74.16 -31.60
CA LEU H 543 -37.84 -73.04 -31.69
C LEU H 543 -38.47 -71.80 -32.32
N ALA H 544 -39.48 -71.98 -33.17
CA ALA H 544 -40.05 -70.85 -33.88
C ALA H 544 -40.76 -69.89 -32.93
N ALA H 545 -41.43 -70.42 -31.90
CA ALA H 545 -42.13 -69.57 -30.95
C ALA H 545 -41.18 -68.79 -30.05
N ASN H 546 -39.95 -69.26 -29.88
CA ASN H 546 -38.97 -68.58 -29.02
C ASN H 546 -38.21 -67.50 -29.78
N LEU H 547 -37.59 -67.86 -30.91
CA LEU H 547 -36.80 -66.89 -31.67
C LEU H 547 -37.65 -65.75 -32.21
N LEU H 548 -38.92 -66.03 -32.54
CA LEU H 548 -39.80 -65.03 -33.10
C LEU H 548 -40.79 -64.45 -32.08
N GLY H 549 -41.03 -65.16 -30.97
CA GLY H 549 -41.84 -64.62 -29.89
C GLY H 549 -43.31 -65.00 -29.93
N PHE H 550 -43.73 -65.83 -30.89
CA PHE H 550 -45.13 -66.19 -30.99
C PHE H 550 -45.57 -66.99 -29.77
N PRO H 551 -46.85 -66.90 -29.41
CA PRO H 551 -47.38 -67.80 -28.37
C PRO H 551 -47.65 -69.19 -28.91
N ALA H 552 -47.49 -70.18 -28.04
CA ALA H 552 -47.70 -71.57 -28.43
C ALA H 552 -48.03 -72.38 -27.18
N ILE H 553 -48.92 -73.36 -27.34
CA ILE H 553 -49.36 -74.21 -26.24
C ILE H 553 -49.10 -75.66 -26.62
N SER H 554 -48.91 -76.49 -25.60
CA SER H 554 -48.67 -77.93 -25.79
C SER H 554 -49.75 -78.70 -25.05
N VAL H 555 -50.78 -79.11 -25.77
CA VAL H 555 -51.92 -79.83 -25.21
C VAL H 555 -51.77 -81.31 -25.51
N PRO H 556 -52.00 -82.20 -24.53
CA PRO H 556 -51.91 -83.64 -24.82
C PRO H 556 -53.02 -84.10 -25.74
N VAL H 557 -52.66 -84.96 -26.70
CA VAL H 557 -53.62 -85.42 -27.70
C VAL H 557 -53.65 -86.95 -27.74
N GLY H 558 -53.20 -87.58 -26.66
CA GLY H 558 -53.25 -89.02 -26.56
C GLY H 558 -51.92 -89.60 -26.14
N TYR H 559 -51.74 -90.88 -26.42
CA TYR H 559 -50.56 -91.63 -26.01
C TYR H 559 -50.04 -92.46 -27.17
N ASP H 560 -48.85 -93.00 -27.01
CA ASP H 560 -48.21 -93.81 -28.04
C ASP H 560 -48.41 -95.29 -27.74
N LYS H 561 -47.69 -96.14 -28.47
CA LYS H 561 -47.83 -97.59 -28.31
C LYS H 561 -47.29 -98.09 -26.98
N GLU H 562 -46.55 -97.27 -26.23
CA GLU H 562 -46.03 -97.65 -24.93
C GLU H 562 -46.71 -96.93 -23.78
N GLY H 563 -47.81 -96.22 -24.05
CA GLY H 563 -48.52 -95.50 -23.02
C GLY H 563 -47.91 -94.17 -22.62
N LEU H 564 -46.93 -93.68 -23.38
CA LEU H 564 -46.29 -92.39 -23.12
C LEU H 564 -47.06 -91.26 -23.79
N PRO H 565 -47.21 -90.13 -23.10
CA PRO H 565 -48.03 -89.04 -23.63
C PRO H 565 -47.45 -88.46 -24.91
N ILE H 566 -48.35 -88.02 -25.79
CA ILE H 566 -48.00 -87.38 -27.06
C ILE H 566 -48.57 -85.97 -27.03
N GLY H 567 -47.74 -84.99 -27.39
CA GLY H 567 -48.16 -83.61 -27.36
C GLY H 567 -48.40 -82.99 -28.72
N LEU H 568 -49.21 -81.92 -28.75
CA LEU H 568 -49.46 -81.16 -29.96
C LEU H 568 -49.25 -79.68 -29.66
N GLN H 569 -48.69 -78.96 -30.62
CA GLN H 569 -48.39 -77.55 -30.47
C GLN H 569 -49.28 -76.72 -31.38
N ILE H 570 -49.87 -75.67 -30.83
CA ILE H 570 -50.72 -74.74 -31.57
C ILE H 570 -50.11 -73.36 -31.39
N MET H 571 -49.33 -72.91 -32.37
CA MET H 571 -48.66 -71.62 -32.32
C MET H 571 -49.48 -70.60 -33.12
N GLY H 572 -49.81 -69.48 -32.48
CA GLY H 572 -50.67 -68.48 -33.07
C GLY H 572 -49.97 -67.16 -33.33
N ARG H 573 -50.77 -66.17 -33.74
CA ARG H 573 -50.26 -64.86 -34.07
C ARG H 573 -49.71 -64.16 -32.84
N PRO H 574 -48.91 -63.10 -33.02
CA PRO H 574 -48.46 -62.32 -31.86
C PRO H 574 -49.62 -61.84 -31.00
N TRP H 575 -49.44 -61.94 -29.69
CA TRP H 575 -50.42 -61.53 -28.68
C TRP H 575 -51.74 -62.29 -28.81
N ALA H 576 -51.75 -63.42 -29.49
CA ALA H 576 -52.98 -64.19 -29.71
C ALA H 576 -53.06 -65.38 -28.76
N GLU H 577 -53.03 -65.07 -27.46
CA GLU H 577 -53.22 -66.12 -26.47
C GLU H 577 -54.65 -66.64 -26.46
N ALA H 578 -55.63 -65.76 -26.72
CA ALA H 578 -57.02 -66.19 -26.72
C ALA H 578 -57.32 -67.12 -27.89
N THR H 579 -56.67 -66.91 -29.03
CA THR H 579 -56.86 -67.81 -30.16
C THR H 579 -56.22 -69.17 -29.90
N VAL H 580 -55.05 -69.16 -29.25
CA VAL H 580 -54.34 -70.40 -28.99
C VAL H 580 -55.04 -71.21 -27.89
N LEU H 581 -55.42 -70.55 -26.80
CA LEU H 581 -56.10 -71.23 -25.71
C LEU H 581 -57.48 -71.73 -26.14
N GLY H 582 -58.12 -71.06 -27.09
CA GLY H 582 -59.45 -71.47 -27.52
C GLY H 582 -59.42 -72.76 -28.33
N LEU H 583 -58.47 -72.89 -29.25
CA LEU H 583 -58.36 -74.12 -30.02
C LEU H 583 -57.87 -75.27 -29.16
N ALA H 584 -56.94 -75.00 -28.23
CA ALA H 584 -56.46 -76.04 -27.33
C ALA H 584 -57.59 -76.58 -26.44
N ALA H 585 -58.57 -75.75 -26.12
CA ALA H 585 -59.73 -76.22 -25.38
C ALA H 585 -60.57 -77.18 -26.21
N ALA H 586 -60.77 -76.85 -27.49
CA ALA H 586 -61.50 -77.74 -28.39
C ALA H 586 -60.72 -79.01 -28.70
N VAL H 587 -59.40 -79.01 -28.49
CA VAL H 587 -58.61 -80.21 -28.73
C VAL H 587 -58.74 -81.19 -27.56
N GLU H 588 -58.61 -80.69 -26.33
CA GLU H 588 -58.73 -81.56 -25.17
C GLU H 588 -60.17 -82.03 -24.96
N GLU H 589 -61.15 -81.35 -25.54
CA GLU H 589 -62.52 -81.87 -25.56
C GLU H 589 -62.66 -83.02 -26.55
N LEU H 590 -61.75 -83.13 -27.52
CA LEU H 590 -61.72 -84.25 -28.45
C LEU H 590 -60.75 -85.34 -28.03
N ALA H 591 -59.88 -85.07 -27.07
CA ALA H 591 -58.93 -86.07 -26.56
C ALA H 591 -58.61 -85.77 -25.11
N PRO H 592 -59.50 -86.15 -24.19
CA PRO H 592 -59.27 -85.88 -22.77
C PRO H 592 -58.19 -86.77 -22.19
N VAL H 593 -57.55 -86.27 -21.14
CA VAL H 593 -56.52 -87.03 -20.44
C VAL H 593 -57.19 -88.13 -19.63
N THR H 594 -57.11 -89.36 -20.12
CA THR H 594 -57.82 -90.48 -19.51
C THR H 594 -56.92 -91.46 -18.76
N LYS H 595 -55.65 -91.59 -19.16
CA LYS H 595 -54.75 -92.54 -18.54
C LYS H 595 -54.14 -91.93 -17.28
N LYS H 596 -54.16 -92.68 -16.18
CA LYS H 596 -53.57 -92.22 -14.93
C LYS H 596 -52.08 -92.50 -14.91
N PRO H 597 -51.25 -91.54 -14.50
CA PRO H 597 -49.81 -91.77 -14.46
C PRO H 597 -49.44 -92.84 -13.44
N ALA H 598 -48.30 -93.49 -13.69
CA ALA H 598 -47.81 -94.51 -12.76
C ALA H 598 -47.47 -93.92 -11.39
N ILE H 599 -47.18 -92.62 -11.32
CA ILE H 599 -46.88 -91.94 -10.06
C ILE H 599 -47.90 -90.82 -9.93
N PHE H 600 -49.06 -91.13 -9.36
CA PHE H 600 -50.12 -90.14 -9.15
C PHE H 600 -50.47 -90.07 -7.67
N TYR H 601 -50.89 -88.89 -7.23
CA TYR H 601 -51.28 -88.64 -5.85
C TYR H 601 -52.58 -87.87 -5.84
N ASP H 602 -53.60 -88.41 -5.19
CA ASP H 602 -54.94 -87.85 -5.20
C ASP H 602 -55.20 -87.20 -3.84
N ILE H 603 -55.10 -85.86 -3.80
CA ILE H 603 -55.41 -85.09 -2.61
C ILE H 603 -56.90 -84.78 -2.63
N LEU H 604 -57.38 -84.07 -1.61
CA LEU H 604 -58.81 -83.85 -1.35
C LEU H 604 -59.61 -85.14 -1.55
N ASN H 605 -59.27 -86.13 -0.75
CA ASN H 605 -59.93 -87.43 -0.81
C ASN H 605 -61.40 -87.29 -0.45
N THR H 606 -62.22 -86.85 -1.42
CA THR H 606 -63.65 -86.71 -1.19
C THR H 606 -64.43 -87.94 -1.61
N ASN H 607 -63.91 -88.74 -2.54
CA ASN H 607 -64.56 -89.94 -3.01
C ASN H 607 -64.01 -91.20 -2.34
N LYS H 608 -62.70 -91.40 -2.37
CA LYS H 608 -62.08 -92.57 -1.78
C LYS H 608 -60.93 -92.14 -0.88
N GLY H 609 -60.73 -92.86 0.21
CA GLY H 609 -59.70 -92.58 1.19
C GLY H 609 -58.46 -93.42 0.98
N GLU H 610 -57.87 -93.86 2.09
CA GLU H 610 -56.63 -94.61 2.04
C GLU H 610 -56.80 -96.06 1.60
N PHE H 611 -58.03 -96.58 1.59
CA PHE H 611 -58.26 -97.94 1.15
C PHE H 611 -58.08 -98.05 -0.35
N GLU H 612 -56.86 -98.34 -0.79
CA GLU H 612 -56.50 -98.45 -2.20
C GLU H 612 -56.03 -99.88 -2.46
N ALA H 613 -56.97 -100.74 -2.86
CA ALA H 613 -56.69 -102.14 -3.12
C ALA H 613 -57.12 -102.47 -4.55
N TYR H 614 -56.14 -102.67 -5.43
CA TYR H 614 -56.42 -102.99 -6.82
C TYR H 614 -56.07 -104.45 -7.13
N TYR I 4 8.47 -27.50 68.87
CA TYR I 4 9.92 -27.29 68.90
C TYR I 4 10.44 -27.23 70.34
N GLN I 5 9.67 -26.61 71.22
CA GLN I 5 10.02 -26.56 72.63
C GLN I 5 8.74 -26.38 73.43
N VAL I 6 8.80 -26.74 74.72
CA VAL I 6 7.65 -26.68 75.60
C VAL I 6 7.99 -25.78 76.79
N MET I 7 6.96 -25.12 77.32
CA MET I 7 7.11 -24.24 78.48
C MET I 7 6.17 -24.71 79.59
N LYS I 8 6.55 -24.40 80.84
CA LYS I 8 5.77 -24.80 82.01
C LYS I 8 5.82 -23.69 83.06
N ARG I 9 5.22 -23.98 84.21
CA ARG I 9 5.52 -23.31 85.47
C ARG I 9 5.01 -24.21 86.60
N ALA I 10 4.87 -23.66 87.80
CA ALA I 10 4.48 -24.48 88.95
C ALA I 10 3.47 -23.75 89.83
N SER I 11 3.84 -22.57 90.33
CA SER I 11 2.94 -21.81 91.19
C SER I 11 1.71 -21.31 90.44
N GLU I 12 1.78 -21.21 89.11
CA GLU I 12 0.67 -20.74 88.30
C GLU I 12 -0.08 -21.88 87.62
N VAL I 13 0.16 -23.13 88.03
CA VAL I 13 -0.45 -24.28 87.37
C VAL I 13 -1.83 -24.51 87.97
N ASP I 14 -2.84 -24.60 87.10
CA ASP I 14 -4.19 -24.92 87.53
C ASP I 14 -4.24 -26.38 87.97
N LEU I 15 -4.40 -26.60 89.27
CA LEU I 15 -4.45 -27.97 89.78
C LEU I 15 -5.68 -28.73 89.30
N SER I 16 -6.76 -28.02 88.94
CA SER I 16 -7.97 -28.69 88.51
C SER I 16 -7.84 -29.31 87.13
N THR I 17 -6.88 -28.85 86.32
CA THR I 17 -6.67 -29.36 84.97
C THR I 17 -5.54 -30.39 84.90
N VAL I 18 -4.87 -30.66 86.01
CA VAL I 18 -3.80 -31.66 86.02
C VAL I 18 -4.43 -33.04 85.79
N LYS I 19 -4.06 -33.68 84.69
CA LYS I 19 -4.61 -34.97 84.31
C LYS I 19 -3.57 -36.06 84.53
N TYR I 20 -4.01 -37.17 85.13
CA TYR I 20 -3.11 -38.24 85.51
C TYR I 20 -2.66 -39.02 84.27
N LYS I 21 -1.35 -39.05 84.04
CA LYS I 21 -0.76 -39.80 82.94
C LYS I 21 -0.15 -41.08 83.48
N ALA I 22 -0.63 -42.22 82.99
CA ALA I 22 -0.21 -43.54 83.46
C ALA I 22 0.28 -44.36 82.27
N GLU I 23 1.54 -44.19 81.91
CA GLU I 23 2.18 -44.97 80.86
C GLU I 23 3.42 -45.64 81.41
N THR I 24 3.50 -46.96 81.28
CA THR I 24 4.64 -47.71 81.77
C THR I 24 5.81 -47.61 80.81
N MET I 25 7.02 -47.57 81.35
CA MET I 25 8.23 -47.51 80.55
C MET I 25 8.41 -48.82 79.79
N LYS I 26 7.88 -48.89 78.58
CA LYS I 26 7.94 -50.12 77.79
C LYS I 26 9.39 -50.43 77.42
N ALA I 27 9.86 -51.60 77.86
CA ALA I 27 11.21 -52.06 77.58
C ALA I 27 11.19 -53.59 77.56
N PRO I 28 11.84 -54.22 76.60
CA PRO I 28 11.78 -55.68 76.51
C PRO I 28 12.47 -56.37 77.68
N HIS I 29 11.99 -57.56 78.01
CA HIS I 29 12.54 -58.36 79.09
C HIS I 29 13.58 -59.32 78.51
N LEU I 30 14.80 -59.27 79.06
CA LEU I 30 15.90 -60.09 78.58
C LEU I 30 16.52 -60.84 79.75
N THR I 31 16.79 -62.13 79.55
CA THR I 31 17.41 -62.97 80.56
C THR I 31 18.47 -63.85 79.92
N GLY I 32 19.49 -64.18 80.71
CA GLY I 32 20.47 -65.16 80.27
C GLY I 32 21.38 -64.65 79.17
N LEU I 33 21.54 -65.46 78.12
CA LEU I 33 22.50 -65.16 77.07
C LEU I 33 22.06 -63.95 76.24
N SER I 34 20.75 -63.81 76.00
CA SER I 34 20.27 -62.64 75.29
C SER I 34 20.50 -61.37 76.09
N PHE I 35 20.46 -61.46 77.42
CA PHE I 35 20.79 -60.31 78.26
C PHE I 35 22.28 -59.98 78.17
N LYS I 36 23.13 -61.00 78.14
CA LYS I 36 24.57 -60.77 78.04
C LYS I 36 24.92 -60.02 76.75
N LEU I 37 24.35 -60.45 75.62
CA LEU I 37 24.65 -59.82 74.34
C LEU I 37 24.18 -58.38 74.32
N PHE I 38 23.04 -58.09 74.97
CA PHE I 38 22.54 -56.73 75.01
C PHE I 38 23.45 -55.81 75.81
N VAL I 39 24.08 -56.33 76.86
CA VAL I 39 24.97 -55.50 77.68
C VAL I 39 26.23 -55.14 76.89
N ASN I 40 26.79 -56.10 76.15
CA ASN I 40 27.96 -55.80 75.34
C ASN I 40 27.62 -54.83 74.22
N LEU I 41 26.38 -54.82 73.74
CA LEU I 41 25.98 -53.83 72.74
C LEU I 41 25.86 -52.44 73.35
N LEU I 42 25.44 -52.35 74.62
CA LEU I 42 25.41 -51.04 75.28
C LEU I 42 26.81 -50.51 75.55
N GLU I 43 27.75 -51.40 75.86
CA GLU I 43 29.13 -51.01 76.09
C GLU I 43 29.95 -50.92 74.82
N ALA I 44 29.32 -51.08 73.65
CA ALA I 44 30.02 -50.96 72.39
C ALA I 44 30.48 -49.51 72.17
N PRO I 45 31.54 -49.31 71.39
CA PRO I 45 32.01 -47.94 71.11
C PRO I 45 30.96 -47.08 70.42
N LEU I 46 30.71 -47.34 69.14
CA LEU I 46 29.78 -46.51 68.39
C LEU I 46 28.33 -46.95 68.59
N ILE I 47 28.07 -48.26 68.50
CA ILE I 47 26.71 -48.75 68.65
C ILE I 47 26.20 -48.56 70.07
N GLY I 48 27.10 -48.45 71.04
CA GLY I 48 26.67 -48.36 72.43
C GLY I 48 25.88 -47.09 72.72
N SER I 49 26.42 -45.94 72.31
CA SER I 49 25.74 -44.68 72.58
C SER I 49 24.47 -44.52 71.76
N LEU I 50 24.36 -45.20 70.61
CA LEU I 50 23.17 -45.07 69.77
C LEU I 50 21.97 -45.77 70.40
N ILE I 51 22.20 -46.86 71.14
CA ILE I 51 21.09 -47.60 71.73
C ILE I 51 20.56 -46.90 72.98
N VAL I 52 21.46 -46.31 73.79
CA VAL I 52 21.02 -45.62 74.99
C VAL I 52 20.23 -44.37 74.64
N ASP I 53 20.59 -43.69 73.54
CA ASP I 53 19.85 -42.51 73.13
C ASP I 53 18.44 -42.87 72.68
N TYR I 54 18.27 -44.03 72.04
CA TYR I 54 16.94 -44.47 71.65
C TYR I 54 16.10 -44.83 72.87
N LEU I 55 16.73 -45.41 73.90
CA LEU I 55 16.00 -45.76 75.11
C LEU I 55 15.52 -44.52 75.85
N LYS I 56 16.34 -43.48 75.90
CA LYS I 56 15.96 -42.24 76.58
C LYS I 56 14.99 -41.39 75.75
N LYS I 57 14.90 -41.64 74.44
CA LYS I 57 13.94 -40.94 73.60
C LYS I 57 12.58 -41.61 73.60
N ASP I 58 12.54 -42.94 73.72
CA ASP I 58 11.28 -43.67 73.63
C ASP I 58 10.44 -43.45 74.88
N ASN I 59 11.03 -43.60 76.06
CA ASN I 59 10.27 -43.42 77.30
C ASN I 59 9.89 -41.97 77.52
N GLY I 60 10.68 -41.03 77.01
CA GLY I 60 10.34 -39.63 77.09
C GLY I 60 11.18 -38.82 78.08
N MET I 61 12.45 -39.19 78.21
CA MET I 61 13.34 -38.46 79.12
C MET I 61 14.12 -37.36 78.43
N THR I 62 14.38 -37.50 77.12
CA THR I 62 15.07 -36.44 76.40
C THR I 62 14.17 -35.22 76.22
N LYS I 63 12.87 -35.45 76.00
CA LYS I 63 11.94 -34.33 75.89
C LYS I 63 11.83 -33.56 77.20
N ILE I 64 12.01 -34.25 78.32
CA ILE I 64 11.91 -33.59 79.63
C ILE I 64 13.19 -32.82 79.96
N PHE I 65 14.34 -33.39 79.62
CA PHE I 65 15.62 -32.78 79.96
C PHE I 65 16.05 -31.73 78.95
N ARG I 66 16.07 -32.07 77.67
CA ARG I 66 16.70 -31.25 76.64
C ARG I 66 15.71 -30.60 75.67
N ASN I 67 14.41 -30.86 75.81
CA ASN I 67 13.43 -30.26 74.92
C ASN I 67 12.33 -29.56 75.72
N THR I 68 12.68 -29.00 76.87
CA THR I 68 11.68 -28.43 77.76
C THR I 68 12.30 -27.29 78.56
N VAL I 69 11.67 -26.13 78.54
CA VAL I 69 12.11 -24.98 79.32
C VAL I 69 11.50 -25.07 80.71
N ILE I 70 12.35 -25.00 81.74
CA ILE I 70 11.91 -25.13 83.13
C ILE I 70 12.20 -23.83 83.87
N PRO I 71 11.19 -23.04 84.22
CA PRO I 71 11.44 -21.72 84.82
C PRO I 71 11.98 -21.76 86.24
N GLU I 72 11.93 -22.90 86.92
CA GLU I 72 12.36 -22.96 88.32
C GLU I 72 13.88 -23.00 88.41
N GLU I 73 14.39 -22.52 89.54
CA GLU I 73 15.80 -22.61 89.86
C GLU I 73 16.10 -23.96 90.50
N PRO I 74 17.32 -24.48 90.30
CA PRO I 74 17.62 -25.82 90.83
C PRO I 74 17.59 -25.86 92.34
N MET I 75 16.98 -26.94 92.86
CA MET I 75 17.02 -27.28 94.28
C MET I 75 17.81 -28.57 94.41
N PHE I 76 19.10 -28.45 94.74
CA PHE I 76 20.00 -29.60 94.67
C PHE I 76 19.73 -30.60 95.79
N ARG I 77 19.39 -30.11 96.98
CA ARG I 77 19.05 -30.94 98.11
C ARG I 77 17.69 -30.54 98.66
N PRO I 78 16.97 -31.46 99.31
CA PRO I 78 15.67 -31.11 99.89
C PRO I 78 15.72 -29.92 100.82
N GLU I 79 15.08 -28.82 100.41
CA GLU I 79 15.03 -27.59 101.18
C GLU I 79 13.66 -27.49 101.85
N PHE I 80 13.64 -27.66 103.17
CA PHE I 80 12.39 -27.69 103.91
C PHE I 80 12.15 -26.36 104.62
N PRO I 81 10.96 -25.77 104.49
CA PRO I 81 10.62 -24.62 105.31
C PRO I 81 10.27 -25.06 106.72
N SER I 82 10.13 -24.07 107.61
CA SER I 82 9.75 -24.36 108.99
C SER I 82 8.36 -24.98 109.04
N GLN I 83 8.24 -26.08 109.77
CA GLN I 83 6.99 -26.82 109.86
C GLN I 83 6.26 -26.51 111.16
N GLU I 84 4.95 -26.71 111.13
CA GLU I 84 4.16 -26.60 112.34
C GLU I 84 4.48 -27.76 113.27
N PRO I 85 4.46 -27.53 114.59
CA PRO I 85 4.78 -28.62 115.52
C PRO I 85 3.75 -29.74 115.46
N GLU I 86 4.21 -30.94 115.81
CA GLU I 86 3.33 -32.10 115.82
C GLU I 86 2.47 -32.11 117.08
N HIS I 87 1.37 -32.83 117.00
CA HIS I 87 0.38 -32.89 118.08
C HIS I 87 0.61 -34.14 118.93
N ASP I 88 0.64 -33.96 120.24
CA ASP I 88 0.71 -35.05 121.22
C ASP I 88 1.95 -35.91 121.02
N VAL I 89 3.11 -35.25 121.04
CA VAL I 89 4.40 -35.91 120.95
C VAL I 89 5.26 -35.46 122.12
N VAL I 90 6.41 -36.11 122.27
CA VAL I 90 7.38 -35.80 123.31
C VAL I 90 8.70 -35.42 122.65
N ILE I 91 9.20 -34.23 122.99
CA ILE I 91 10.41 -33.68 122.36
C ILE I 91 11.62 -34.32 123.04
N VAL I 92 12.23 -35.28 122.38
CA VAL I 92 13.46 -35.90 122.87
C VAL I 92 14.64 -35.09 122.36
N GLY I 93 15.66 -34.95 123.21
CA GLY I 93 16.81 -34.13 122.85
C GLY I 93 17.55 -34.69 121.65
N GLU I 94 18.16 -33.78 120.89
CA GLU I 94 18.90 -34.18 119.68
C GLU I 94 20.20 -34.88 120.03
N ASP I 95 20.94 -34.34 121.01
CA ASP I 95 22.25 -34.86 121.38
C ASP I 95 22.19 -35.87 122.53
N GLU I 96 21.00 -36.38 122.85
CA GLU I 96 20.90 -37.42 123.87
C GLU I 96 21.62 -38.68 123.42
N SER I 97 22.03 -39.48 124.40
CA SER I 97 22.63 -40.76 124.07
C SER I 97 21.55 -41.72 123.56
N PRO I 98 21.90 -42.65 122.68
CA PRO I 98 20.90 -43.63 122.22
C PRO I 98 20.32 -44.45 123.35
N ILE I 99 21.07 -44.66 124.44
CA ILE I 99 20.51 -45.30 125.61
C ILE I 99 19.44 -44.42 126.25
N ASP I 100 19.66 -43.10 126.24
CA ASP I 100 18.70 -42.18 126.85
C ASP I 100 17.42 -42.09 126.02
N ARG I 101 17.53 -42.07 124.70
CA ARG I 101 16.33 -42.01 123.87
C ARG I 101 15.50 -43.29 123.99
N LEU I 102 16.16 -44.43 124.18
CA LEU I 102 15.41 -45.68 124.38
C LEU I 102 14.67 -45.68 125.71
N GLU I 103 15.24 -45.05 126.74
CA GLU I 103 14.55 -44.95 128.02
C GLU I 103 13.24 -44.20 127.86
N THR I 104 13.24 -43.10 127.10
CA THR I 104 12.01 -42.36 126.84
C THR I 104 11.14 -43.08 125.83
N ALA I 105 11.75 -43.84 124.91
CA ALA I 105 10.96 -44.57 123.93
C ALA I 105 10.07 -45.60 124.60
N LEU I 106 10.58 -46.27 125.63
CA LEU I 106 9.78 -47.25 126.36
C LEU I 106 8.59 -46.58 127.05
N LYS I 107 8.73 -45.31 127.44
CA LYS I 107 7.63 -44.61 128.11
C LYS I 107 6.50 -44.30 127.14
N CYS I 108 6.78 -44.18 125.85
CA CYS I 108 5.75 -43.89 124.87
C CYS I 108 4.94 -45.12 124.49
N LEU I 109 5.37 -46.30 124.88
CA LEU I 109 4.73 -47.56 124.56
C LEU I 109 3.75 -47.96 125.67
N PRO I 110 2.66 -48.65 125.33
CA PRO I 110 1.82 -49.25 126.37
C PRO I 110 2.63 -50.25 127.18
N GLN I 111 2.26 -50.40 128.45
CA GLN I 111 3.03 -51.25 129.33
C GLN I 111 3.06 -52.69 128.82
N TYR I 112 4.18 -53.36 129.06
CA TYR I 112 4.38 -54.70 128.54
C TYR I 112 3.46 -55.68 129.25
N ASP I 113 2.75 -56.50 128.47
CA ASP I 113 1.88 -57.53 129.01
C ASP I 113 2.56 -58.87 128.90
N PRO I 114 3.09 -59.43 129.99
CA PRO I 114 3.78 -60.73 129.92
C PRO I 114 2.89 -61.90 129.51
N SER I 115 1.59 -61.67 129.29
CA SER I 115 0.69 -62.73 128.86
C SER I 115 1.00 -63.21 127.44
N ARG I 116 1.88 -62.53 126.71
CA ARG I 116 2.26 -62.99 125.38
C ARG I 116 3.38 -64.03 125.47
N SER I 117 4.49 -63.68 126.12
CA SER I 117 5.61 -64.60 126.24
C SER I 117 5.25 -65.79 127.13
N LEU I 118 4.99 -65.53 128.39
CA LEU I 118 4.64 -66.58 129.34
C LEU I 118 3.14 -66.83 129.32
N HIS I 119 2.77 -68.07 129.64
CA HIS I 119 1.36 -68.50 129.64
C HIS I 119 0.68 -68.23 128.31
N ALA I 120 1.39 -68.54 127.23
CA ALA I 120 0.82 -68.39 125.90
C ALA I 120 -0.25 -69.45 125.66
N ASP I 121 -1.44 -69.00 125.27
CA ASP I 121 -2.55 -69.93 125.08
C ASP I 121 -2.27 -70.85 123.89
N PRO I 122 -2.57 -72.15 124.02
CA PRO I 122 -2.30 -73.06 122.90
C PRO I 122 -3.06 -72.71 121.63
N VAL I 123 -4.35 -72.40 121.75
CA VAL I 123 -5.15 -72.02 120.58
C VAL I 123 -5.13 -70.49 120.51
N SER I 124 -4.19 -69.97 119.72
CA SER I 124 -4.05 -68.53 119.55
C SER I 124 -3.56 -68.26 118.14
N SER I 125 -3.64 -66.99 117.75
CA SER I 125 -3.18 -66.56 116.43
C SER I 125 -1.66 -66.46 116.40
N PHE I 126 -1.12 -66.16 115.23
CA PHE I 126 0.32 -66.03 115.03
C PHE I 126 0.73 -64.57 115.14
N ARG I 127 1.89 -64.35 115.75
CA ARG I 127 2.43 -63.00 115.90
C ARG I 127 3.95 -63.08 116.02
N TYR I 128 4.63 -62.09 115.46
CA TYR I 128 6.08 -62.04 115.54
C TYR I 128 6.53 -61.69 116.96
N TRP I 129 7.66 -62.25 117.37
CA TRP I 129 8.23 -61.92 118.67
C TRP I 129 8.72 -60.48 118.66
N LYS I 130 8.25 -59.68 119.62
CA LYS I 130 8.66 -58.29 119.71
C LYS I 130 10.00 -58.18 120.45
N ILE I 131 10.59 -56.99 120.36
CA ILE I 131 11.85 -56.75 121.06
C ILE I 131 11.65 -56.88 122.56
N ARG I 132 10.52 -56.40 123.06
CA ARG I 132 10.24 -56.49 124.49
C ARG I 132 9.96 -57.93 124.95
N ASP I 133 9.67 -58.83 124.01
CA ASP I 133 9.57 -60.24 124.37
C ASP I 133 10.94 -60.84 124.62
N TYR I 134 11.92 -60.49 123.79
CA TYR I 134 13.29 -60.92 124.04
C TYR I 134 13.84 -60.32 125.32
N ALA I 135 13.63 -59.01 125.51
CA ALA I 135 14.18 -58.33 126.67
C ALA I 135 13.57 -58.83 127.97
N TYR I 136 12.28 -59.16 127.95
CA TYR I 136 11.66 -59.73 129.14
C TYR I 136 12.20 -61.12 129.43
N ALA I 137 12.41 -61.92 128.38
CA ALA I 137 12.97 -63.26 128.57
C ALA I 137 14.40 -63.19 129.08
N TYR I 138 15.17 -62.22 128.58
CA TYR I 138 16.54 -62.05 129.06
C TYR I 138 16.57 -61.68 130.54
N ARG I 139 15.74 -60.71 130.93
CA ARG I 139 15.78 -60.18 132.29
C ARG I 139 15.15 -61.13 133.31
N SER I 140 14.19 -61.94 132.87
CA SER I 140 13.54 -62.91 133.76
C SER I 140 14.24 -64.27 133.74
N LYS I 141 15.52 -64.31 133.35
CA LYS I 141 16.35 -65.51 133.28
C LYS I 141 15.64 -66.69 132.59
N LEU I 142 14.63 -66.41 131.78
CA LEU I 142 13.98 -67.43 130.97
C LEU I 142 14.99 -68.06 130.02
N THR I 143 15.48 -67.27 129.08
CA THR I 143 16.57 -67.64 128.18
C THR I 143 17.71 -66.66 128.36
N THR I 144 18.79 -66.87 127.62
CA THR I 144 19.94 -66.00 127.67
C THR I 144 20.38 -65.65 126.25
N PRO I 145 20.96 -64.46 126.04
CA PRO I 145 21.42 -64.11 124.69
C PRO I 145 22.42 -65.12 124.11
N LEU I 146 23.18 -65.81 124.96
CA LEU I 146 24.07 -66.85 124.47
C LEU I 146 23.28 -67.99 123.83
N GLN I 147 22.16 -68.37 124.45
CA GLN I 147 21.36 -69.47 123.92
C GLN I 147 20.56 -69.05 122.68
N VAL I 148 20.21 -67.77 122.58
CA VAL I 148 19.50 -67.31 121.38
C VAL I 148 20.45 -67.26 120.19
N ALA I 149 21.71 -66.90 120.43
CA ALA I 149 22.68 -66.86 119.34
C ALA I 149 23.03 -68.26 118.85
N LYS I 150 23.11 -69.23 119.76
CA LYS I 150 23.39 -70.60 119.36
C LYS I 150 22.26 -71.18 118.52
N ARG I 151 21.03 -70.70 118.71
CA ARG I 151 19.91 -71.18 117.92
C ARG I 151 19.85 -70.49 116.57
N ILE I 152 20.19 -69.21 116.52
CA ILE I 152 20.25 -68.50 115.24
C ILE I 152 21.35 -69.07 114.37
N ILE I 153 22.54 -69.29 114.95
CA ILE I 153 23.65 -69.86 114.20
C ILE I 153 23.29 -71.25 113.70
N SER I 154 22.55 -72.01 114.50
CA SER I 154 22.14 -73.35 114.08
C SER I 154 21.24 -73.29 112.85
N ILE I 155 20.34 -72.31 112.79
CA ILE I 155 19.42 -72.22 111.66
C ILE I 155 20.15 -71.73 110.41
N ILE I 156 21.17 -70.89 110.58
CA ILE I 156 21.94 -70.41 109.42
C ILE I 156 22.80 -71.53 108.87
N GLU I 157 23.49 -72.27 109.75
CA GLU I 157 24.35 -73.35 109.31
C GLU I 157 23.59 -74.57 108.82
N GLU I 158 22.35 -74.78 109.28
CA GLU I 158 21.59 -75.93 108.82
C GLU I 158 21.04 -75.70 107.41
N PHE I 159 20.38 -74.58 107.20
CA PHE I 159 19.74 -74.28 105.92
C PHE I 159 20.65 -73.51 104.96
N GLY I 160 21.89 -73.21 105.37
CA GLY I 160 22.81 -72.51 104.50
C GLY I 160 22.41 -71.09 104.18
N TYR I 161 21.94 -70.35 105.18
CA TYR I 161 21.51 -68.97 104.96
C TYR I 161 22.67 -67.99 104.87
N ASP I 162 23.92 -68.48 104.95
CA ASP I 162 25.09 -67.66 104.69
C ASP I 162 25.86 -68.17 103.47
N LYS I 163 25.31 -69.13 102.74
CA LYS I 163 25.93 -69.73 101.57
C LYS I 163 24.96 -69.73 100.40
N PRO I 164 25.45 -69.73 99.18
CA PRO I 164 24.57 -69.78 98.00
C PRO I 164 23.81 -71.10 97.96
N PRO I 165 22.74 -71.19 97.15
CA PRO I 165 22.20 -70.20 96.21
C PRO I 165 21.18 -69.23 96.81
N THR I 166 20.72 -69.50 98.02
CA THR I 166 19.70 -68.70 98.69
C THR I 166 20.21 -68.26 100.05
N PRO I 167 21.02 -67.21 100.10
CA PRO I 167 21.55 -66.76 101.39
C PRO I 167 20.78 -65.59 101.97
N PHE I 168 20.62 -65.56 103.30
CA PHE I 168 20.13 -64.36 103.96
C PHE I 168 21.27 -63.37 104.17
N LEU I 169 22.45 -63.86 104.55
CA LEU I 169 23.62 -63.03 104.78
C LEU I 169 24.71 -63.37 103.78
N ILE I 170 25.59 -62.41 103.53
CA ILE I 170 26.74 -62.63 102.66
C ILE I 170 28.06 -62.45 103.38
N ARG I 171 28.06 -61.98 104.63
CA ARG I 171 29.25 -61.98 105.48
C ARG I 171 28.79 -62.33 106.89
N PHE I 172 29.19 -63.51 107.37
CA PHE I 172 28.75 -64.00 108.67
C PHE I 172 29.96 -64.58 109.39
N ASP I 173 30.07 -64.28 110.69
CA ASP I 173 31.15 -64.79 111.53
C ASP I 173 30.53 -65.35 112.80
N ALA I 174 30.34 -66.67 112.84
CA ALA I 174 29.70 -67.30 113.99
C ALA I 174 30.49 -67.08 115.27
N ASN I 175 31.82 -66.99 115.17
CA ASN I 175 32.63 -66.76 116.36
C ASN I 175 32.49 -65.33 116.88
N GLU I 176 32.21 -64.38 115.98
CA GLU I 176 32.00 -63.00 116.42
C GLU I 176 30.62 -62.83 117.05
N VAL I 177 29.59 -63.49 116.51
CA VAL I 177 28.26 -63.40 117.07
C VAL I 177 28.21 -64.03 118.46
N ILE I 178 28.93 -65.15 118.65
CA ILE I 178 28.97 -65.78 119.95
C ILE I 178 29.70 -64.88 120.96
N LYS I 179 30.78 -64.23 120.53
CA LYS I 179 31.53 -63.37 121.43
C LYS I 179 30.69 -62.20 121.92
N GLN I 180 29.80 -61.68 121.06
CA GLN I 180 28.91 -60.59 121.48
C GLN I 180 27.85 -61.08 122.46
N ALA I 181 27.20 -62.20 122.13
CA ALA I 181 26.21 -62.76 123.04
C ALA I 181 26.81 -63.21 124.37
N GLU I 182 28.12 -63.51 124.39
CA GLU I 182 28.78 -63.85 125.64
C GLU I 182 28.92 -62.61 126.53
N ALA I 183 29.26 -61.47 125.93
CA ALA I 183 29.38 -60.23 126.71
C ALA I 183 28.02 -59.74 127.18
N SER I 184 27.00 -59.87 126.34
CA SER I 184 25.65 -59.50 126.75
C SER I 184 25.12 -60.42 127.85
N THR I 185 25.55 -61.68 127.84
CA THR I 185 25.06 -62.64 128.83
C THR I 185 25.53 -62.27 130.23
N ARG I 186 26.83 -61.96 130.38
CA ARG I 186 27.34 -61.58 131.69
C ARG I 186 26.70 -60.30 132.19
N ARG I 187 26.26 -59.42 131.29
CA ARG I 187 25.59 -58.21 131.71
C ARG I 187 24.22 -58.53 132.33
N PHE I 188 23.54 -59.54 131.81
CA PHE I 188 22.29 -59.98 132.43
C PHE I 188 22.52 -60.80 133.69
N GLU I 189 23.69 -61.43 133.82
CA GLU I 189 24.01 -62.17 135.04
C GLU I 189 24.43 -61.23 136.16
N GLN I 190 25.10 -60.13 135.83
CA GLN I 190 25.47 -59.13 136.83
C GLN I 190 24.37 -58.11 137.08
N GLY I 191 23.23 -58.24 136.42
CA GLY I 191 22.07 -57.44 136.73
C GLY I 191 22.12 -55.99 136.29
N ASN I 192 22.75 -55.71 135.15
CA ASN I 192 22.80 -54.35 134.60
C ASN I 192 22.94 -54.42 133.09
N PRO I 193 21.84 -54.70 132.38
CA PRO I 193 21.87 -54.61 130.93
C PRO I 193 21.98 -53.16 130.49
N ILE I 194 22.53 -52.96 129.29
CA ILE I 194 22.82 -51.62 128.82
C ILE I 194 21.52 -50.86 128.53
N SER I 195 20.63 -51.46 127.75
CA SER I 195 19.37 -50.82 127.38
C SER I 195 18.36 -51.91 127.03
N VAL I 196 17.23 -51.50 126.45
CA VAL I 196 16.23 -52.45 126.01
C VAL I 196 16.67 -53.22 124.77
N LEU I 197 17.71 -52.76 124.10
CA LEU I 197 18.23 -53.43 122.91
C LEU I 197 19.40 -54.37 123.20
N ASP I 198 19.80 -54.49 124.47
CA ASP I 198 20.89 -55.39 124.83
C ASP I 198 20.46 -56.83 124.65
N GLY I 199 21.18 -57.56 123.79
CA GLY I 199 20.83 -58.92 123.46
C GLY I 199 19.92 -59.08 122.26
N ILE I 200 19.42 -57.99 121.70
CA ILE I 200 18.55 -58.05 120.52
C ILE I 200 19.43 -58.14 119.28
N PHE I 201 19.05 -59.03 118.36
CA PHE I 201 19.87 -59.32 117.20
C PHE I 201 19.44 -58.45 116.02
N VAL I 202 20.41 -57.73 115.44
CA VAL I 202 20.17 -56.80 114.35
C VAL I 202 21.08 -57.15 113.18
N THR I 203 20.52 -57.11 111.98
CA THR I 203 21.25 -57.39 110.75
C THR I 203 21.53 -56.10 109.99
N ILE I 204 22.75 -55.97 109.48
CA ILE I 204 23.19 -54.75 108.80
C ILE I 204 23.28 -55.04 107.30
N LYS I 205 22.77 -54.11 106.50
CA LYS I 205 22.84 -54.24 105.05
C LYS I 205 24.29 -54.08 104.59
N ASP I 206 24.62 -54.73 103.46
CA ASP I 206 26.01 -54.82 103.03
C ASP I 206 26.58 -53.52 102.49
N ASP I 207 25.77 -52.47 102.34
CA ASP I 207 26.28 -51.17 101.95
C ASP I 207 26.50 -50.25 103.14
N ILE I 208 26.47 -50.79 104.36
CA ILE I 208 26.70 -50.03 105.59
C ILE I 208 27.88 -50.66 106.31
N ASP I 209 28.80 -49.83 106.80
CA ASP I 209 29.99 -50.33 107.46
C ASP I 209 29.64 -50.90 108.84
N CYS I 210 30.17 -52.09 109.13
CA CYS I 210 29.93 -52.75 110.41
C CYS I 210 31.12 -53.64 110.71
N LEU I 211 31.93 -53.25 111.69
CA LEU I 211 33.10 -54.03 112.06
C LEU I 211 32.67 -55.39 112.61
N PRO I 212 33.50 -56.43 112.39
CA PRO I 212 34.76 -56.39 111.66
C PRO I 212 34.63 -56.75 110.18
N HIS I 213 33.39 -56.87 109.71
CA HIS I 213 33.15 -57.32 108.34
C HIS I 213 33.52 -56.21 107.35
N PRO I 214 33.92 -56.57 106.14
CA PRO I 214 34.12 -55.56 105.09
C PRO I 214 32.81 -55.18 104.42
N THR I 215 32.83 -54.02 103.78
CA THR I 215 31.66 -53.47 103.10
C THR I 215 31.82 -53.68 101.60
N ASN I 216 31.03 -54.59 101.04
CA ASN I 216 31.09 -54.90 99.62
C ASN I 216 29.93 -54.33 98.81
N GLY I 217 28.78 -54.11 99.44
CA GLY I 217 27.64 -53.57 98.73
C GLY I 217 27.07 -54.46 97.65
N GLY I 218 27.06 -55.77 97.88
CA GLY I 218 26.57 -56.73 96.91
C GLY I 218 27.59 -57.18 95.89
N THR I 219 28.69 -56.44 95.73
CA THR I 219 29.73 -56.83 94.79
C THR I 219 30.70 -57.81 95.45
N THR I 220 31.60 -58.35 94.63
CA THR I 220 32.58 -59.31 95.09
C THR I 220 33.99 -58.73 95.15
N TRP I 221 34.15 -57.44 94.87
CA TRP I 221 35.47 -56.84 94.74
C TRP I 221 35.64 -55.53 95.50
N LEU I 222 34.57 -54.94 96.03
CA LEU I 222 34.67 -53.60 96.59
C LEU I 222 35.60 -53.55 97.79
N HIS I 223 35.76 -54.66 98.52
CA HIS I 223 36.61 -54.66 99.69
C HIS I 223 38.08 -54.43 99.33
N GLU I 224 38.47 -54.67 98.08
CA GLU I 224 39.84 -54.43 97.66
C GLU I 224 40.15 -52.95 97.47
N ASP I 225 39.12 -52.11 97.29
CA ASP I 225 39.31 -50.70 97.02
C ASP I 225 38.75 -49.79 98.11
N ARG I 226 37.98 -50.32 99.06
CA ARG I 226 37.39 -49.52 100.13
C ARG I 226 37.42 -50.34 101.42
N SER I 227 38.27 -49.93 102.36
CA SER I 227 38.42 -50.62 103.63
C SER I 227 37.56 -49.97 104.72
N VAL I 228 37.37 -50.70 105.80
CA VAL I 228 36.56 -50.24 106.92
C VAL I 228 37.43 -50.28 108.18
N GLU I 229 37.65 -49.12 108.77
CA GLU I 229 38.38 -49.02 110.03
C GLU I 229 37.51 -48.61 111.21
N LYS I 230 36.28 -48.16 110.96
CA LYS I 230 35.37 -47.74 112.02
C LYS I 230 33.98 -48.26 111.72
N ASP I 231 33.17 -48.37 112.77
CA ASP I 231 31.75 -48.66 112.58
C ASP I 231 31.06 -47.45 111.96
N SER I 232 29.98 -47.72 111.23
CA SER I 232 29.16 -46.64 110.73
C SER I 232 28.45 -45.95 111.88
N ALA I 233 27.92 -44.76 111.61
CA ALA I 233 27.22 -44.01 112.64
C ALA I 233 26.03 -44.80 113.18
N VAL I 234 25.29 -45.48 112.30
CA VAL I 234 24.12 -46.22 112.75
C VAL I 234 24.53 -47.44 113.56
N VAL I 235 25.61 -48.11 113.17
CA VAL I 235 26.04 -49.31 113.88
C VAL I 235 26.70 -48.93 115.20
N SER I 236 27.46 -47.83 115.20
CA SER I 236 28.09 -47.36 116.45
C SER I 236 27.04 -47.09 117.52
N LYS I 237 25.87 -46.59 117.12
CA LYS I 237 24.81 -46.34 118.10
C LYS I 237 24.15 -47.65 118.55
N LEU I 238 23.86 -48.55 117.60
CA LEU I 238 23.27 -49.82 117.97
C LEU I 238 24.21 -50.64 118.84
N ARG I 239 25.51 -50.61 118.55
CA ARG I 239 26.47 -51.34 119.36
C ARG I 239 26.58 -50.74 120.76
N SER I 240 26.41 -49.42 120.89
CA SER I 240 26.49 -48.79 122.19
C SER I 240 25.28 -49.11 123.06
N CYS I 241 24.17 -49.51 122.45
CA CYS I 241 22.98 -49.88 123.21
C CYS I 241 23.00 -51.33 123.67
N GLY I 242 23.96 -52.12 123.20
CA GLY I 242 24.05 -53.52 123.56
C GLY I 242 23.52 -54.49 122.52
N ALA I 243 23.18 -54.01 121.32
CA ALA I 243 22.68 -54.89 120.28
C ALA I 243 23.76 -55.87 119.82
N ILE I 244 23.31 -56.96 119.22
CA ILE I 244 24.20 -57.98 118.68
C ILE I 244 24.08 -57.97 117.17
N LEU I 245 25.09 -57.43 116.50
CA LEU I 245 25.08 -57.34 115.04
C LEU I 245 25.32 -58.72 114.44
N LEU I 246 24.37 -59.20 113.63
CA LEU I 246 24.45 -60.56 113.11
C LEU I 246 25.45 -60.67 111.97
N GLY I 247 25.37 -59.77 111.00
CA GLY I 247 26.30 -59.80 109.88
C GLY I 247 25.85 -58.86 108.78
N LYS I 248 26.33 -59.14 107.57
CA LYS I 248 26.02 -58.34 106.39
C LYS I 248 25.01 -59.06 105.52
N ALA I 249 23.90 -58.40 105.23
CA ALA I 249 22.79 -59.02 104.52
C ALA I 249 22.96 -58.91 103.00
N ASN I 250 22.42 -59.89 102.30
CA ASN I 250 22.43 -59.87 100.84
C ASN I 250 21.61 -58.69 100.32
N MET I 251 21.97 -58.22 99.13
CA MET I 251 21.31 -57.05 98.56
C MET I 251 21.47 -57.08 97.05
N HIS I 252 20.63 -56.30 96.37
CA HIS I 252 20.84 -56.05 94.95
C HIS I 252 22.12 -55.25 94.77
N GLU I 253 22.93 -55.66 93.78
CA GLU I 253 24.28 -55.15 93.65
C GLU I 253 24.30 -53.63 93.57
N LEU I 254 24.97 -53.00 94.53
CA LEU I 254 25.12 -51.55 94.63
C LEU I 254 23.79 -50.81 94.63
N GLY I 255 22.72 -51.47 95.06
CA GLY I 255 21.42 -50.84 95.13
C GLY I 255 20.84 -50.44 93.79
N MET I 256 21.32 -51.03 92.70
CA MET I 256 20.85 -50.69 91.36
C MET I 256 19.79 -51.69 90.89
N GLY I 257 18.67 -51.69 91.61
CA GLY I 257 17.57 -52.59 91.29
C GLY I 257 16.53 -52.62 92.38
N THR I 258 15.31 -53.06 92.04
CA THR I 258 14.21 -53.09 93.00
C THR I 258 13.58 -54.47 93.12
N THR I 259 14.30 -55.52 92.74
CA THR I 259 13.83 -56.89 92.92
C THR I 259 14.68 -57.70 93.88
N GLY I 260 15.96 -57.38 94.02
CA GLY I 260 16.85 -58.12 94.89
C GLY I 260 17.64 -59.21 94.21
N ASN I 261 17.60 -59.28 92.88
CA ASN I 261 18.34 -60.29 92.14
C ASN I 261 19.85 -60.05 92.30
N ASN I 262 20.57 -61.08 92.72
CA ASN I 262 22.01 -61.03 92.86
C ASN I 262 22.61 -62.26 92.20
N SER I 263 23.40 -62.05 91.15
CA SER I 263 24.01 -63.17 90.44
C SER I 263 25.35 -63.59 91.03
N ASN I 264 25.91 -62.81 91.96
CA ASN I 264 27.21 -63.10 92.55
C ASN I 264 27.09 -63.98 93.80
N TYR I 265 26.15 -63.66 94.69
CA TYR I 265 25.95 -64.43 95.90
C TYR I 265 24.66 -65.26 95.87
N GLY I 266 23.74 -64.96 94.99
CA GLY I 266 22.47 -65.64 94.94
C GLY I 266 21.34 -64.70 95.30
N THR I 267 20.16 -64.96 94.72
CA THR I 267 18.98 -64.15 94.96
C THR I 267 18.27 -64.63 96.23
N THR I 268 18.10 -63.73 97.19
CA THR I 268 17.38 -64.07 98.41
C THR I 268 15.90 -64.26 98.10
N ARG I 269 15.32 -65.31 98.69
CA ARG I 269 13.95 -65.70 98.40
C ARG I 269 12.98 -65.11 99.43
N ASN I 270 11.74 -64.94 99.00
CA ASN I 270 10.72 -64.39 99.88
C ASN I 270 10.28 -65.44 100.89
N PRO I 271 10.26 -65.12 102.19
CA PRO I 271 9.81 -66.10 103.18
C PRO I 271 8.36 -66.52 103.01
N HIS I 272 7.54 -65.73 102.31
CA HIS I 272 6.15 -66.11 102.07
C HIS I 272 6.02 -67.06 100.90
N ASP I 273 6.93 -66.98 99.93
CA ASP I 273 6.95 -67.86 98.78
C ASP I 273 8.35 -67.86 98.18
N PRO I 274 9.14 -68.90 98.43
CA PRO I 274 10.55 -68.88 97.99
C PRO I 274 10.73 -68.76 96.50
N LYS I 275 9.71 -69.06 95.69
CA LYS I 275 9.81 -68.90 94.24
C LYS I 275 9.50 -67.49 93.78
N ARG I 276 9.46 -66.52 94.69
CA ARG I 276 9.14 -65.14 94.36
C ARG I 276 10.24 -64.22 94.88
N TYR I 277 10.25 -63.00 94.37
CA TYR I 277 11.26 -62.01 94.73
C TYR I 277 10.97 -61.43 96.11
N THR I 278 12.02 -60.90 96.73
CA THR I 278 11.89 -60.20 98.01
C THR I 278 11.61 -58.72 97.83
N GLY I 279 12.06 -58.13 96.72
CA GLY I 279 12.04 -56.70 96.56
C GLY I 279 13.41 -56.12 96.84
N GLY I 280 13.77 -55.07 96.10
CA GLY I 280 15.09 -54.48 96.25
C GLY I 280 15.06 -53.13 96.93
N SER I 281 16.23 -52.68 97.40
CA SER I 281 17.45 -53.43 97.25
C SER I 281 17.83 -54.14 98.56
N SER I 282 17.04 -53.91 99.61
CA SER I 282 17.28 -54.53 100.91
C SER I 282 16.65 -55.92 100.95
N SER I 283 17.12 -56.78 100.04
CA SER I 283 16.54 -58.10 99.90
C SER I 283 16.83 -58.98 101.11
N GLY I 284 18.11 -59.06 101.52
CA GLY I 284 18.46 -59.89 102.65
C GLY I 284 17.93 -59.36 103.97
N SER I 285 17.87 -58.04 104.12
CA SER I 285 17.41 -57.46 105.39
C SER I 285 15.92 -57.73 105.60
N ALA I 286 15.11 -57.53 104.56
CA ALA I 286 13.67 -57.74 104.70
C ALA I 286 13.32 -59.20 104.87
N ALA I 287 14.07 -60.11 104.24
CA ALA I 287 13.74 -61.52 104.31
C ALA I 287 14.13 -62.13 105.66
N ILE I 288 15.31 -61.79 106.17
CA ILE I 288 15.75 -62.34 107.44
C ILE I 288 14.88 -61.84 108.59
N VAL I 289 14.23 -60.69 108.44
CA VAL I 289 13.31 -60.21 109.45
C VAL I 289 11.94 -60.87 109.30
N ALA I 290 11.46 -60.99 108.05
CA ALA I 290 10.19 -61.65 107.81
C ALA I 290 10.24 -63.12 108.21
N ALA I 291 11.40 -63.76 108.03
CA ALA I 291 11.56 -65.15 108.44
C ALA I 291 11.63 -65.31 109.95
N GLY I 292 11.83 -64.22 110.69
CA GLY I 292 11.84 -64.27 112.13
C GLY I 292 13.20 -64.45 112.77
N LEU I 293 14.26 -64.62 111.98
CA LEU I 293 15.58 -64.92 112.53
C LEU I 293 16.13 -63.80 113.40
N CYS I 294 15.70 -62.56 113.20
CA CYS I 294 16.17 -61.46 114.03
C CYS I 294 15.05 -60.44 114.19
N SER I 295 15.24 -59.54 115.16
CA SER I 295 14.17 -58.62 115.54
C SER I 295 14.01 -57.50 114.52
N ALA I 296 15.11 -56.91 114.09
CA ALA I 296 15.05 -55.82 113.13
C ALA I 296 16.37 -55.75 112.39
N ALA I 297 16.34 -55.09 111.23
CA ALA I 297 17.52 -54.91 110.40
C ALA I 297 17.53 -53.50 109.84
N LEU I 298 18.72 -53.01 109.52
CA LEU I 298 18.90 -51.72 108.90
C LEU I 298 19.04 -51.87 107.39
N GLY I 299 18.74 -50.79 106.68
CA GLY I 299 18.84 -50.81 105.24
C GLY I 299 18.76 -49.40 104.69
N THR I 300 19.31 -49.24 103.48
CA THR I 300 19.27 -47.96 102.79
C THR I 300 18.02 -47.88 101.93
N ASP I 301 17.52 -46.66 101.75
CA ASP I 301 16.33 -46.38 100.95
C ASP I 301 16.66 -45.21 100.03
N GLY I 302 17.20 -45.51 98.86
CA GLY I 302 17.50 -44.47 97.89
C GLY I 302 16.34 -44.25 96.93
N GLY I 303 15.63 -45.33 96.62
CA GLY I 303 14.49 -45.27 95.74
C GLY I 303 13.46 -46.32 96.09
N GLY I 304 12.99 -46.28 97.34
CA GLY I 304 12.10 -47.31 97.84
C GLY I 304 12.80 -48.61 98.19
N ALA I 305 14.12 -48.57 98.39
CA ALA I 305 14.86 -49.79 98.68
C ALA I 305 14.56 -50.38 100.05
N VAL I 306 13.75 -49.71 100.86
CA VAL I 306 13.32 -50.23 102.15
C VAL I 306 11.82 -50.48 102.16
N ARG I 307 11.04 -49.59 101.58
CA ARG I 307 9.59 -49.75 101.59
C ARG I 307 9.13 -50.85 100.65
N ILE I 308 9.81 -51.02 99.52
CA ILE I 308 9.43 -52.02 98.53
C ILE I 308 9.64 -53.43 99.09
N PRO I 309 10.82 -53.78 99.61
CA PRO I 309 10.97 -55.15 100.15
C PRO I 309 10.18 -55.38 101.43
N SER I 310 9.91 -54.33 102.21
CA SER I 310 9.09 -54.49 103.40
C SER I 310 7.64 -54.77 103.06
N ALA I 311 7.16 -54.24 101.94
CA ALA I 311 5.77 -54.48 101.53
C ALA I 311 5.60 -55.87 100.93
N LEU I 312 6.59 -56.33 100.16
CA LEU I 312 6.49 -57.62 99.49
C LEU I 312 6.71 -58.79 100.44
N CYS I 313 7.37 -58.56 101.59
CA CYS I 313 7.62 -59.62 102.55
C CYS I 313 6.64 -59.61 103.72
N GLY I 314 5.98 -58.50 103.99
CA GLY I 314 5.01 -58.42 105.05
C GLY I 314 5.50 -57.87 106.37
N ILE I 315 6.44 -56.93 106.35
CA ILE I 315 6.98 -56.34 107.57
C ILE I 315 6.88 -54.83 107.46
N THR I 316 7.40 -54.14 108.47
CA THR I 316 7.34 -52.70 108.57
C THR I 316 8.67 -52.09 108.16
N GLY I 317 8.64 -51.17 107.19
CA GLY I 317 9.83 -50.46 106.78
C GLY I 317 9.66 -48.96 106.94
N LEU I 318 10.54 -48.33 107.71
CA LEU I 318 10.43 -46.91 108.04
C LEU I 318 11.50 -46.13 107.27
N LYS I 319 11.06 -45.33 106.32
CA LYS I 319 11.94 -44.38 105.62
C LYS I 319 11.84 -43.05 106.34
N THR I 320 12.92 -42.65 107.02
CA THR I 320 12.89 -41.42 107.77
C THR I 320 13.17 -40.22 106.87
N THR I 321 13.05 -39.02 107.46
CA THR I 321 13.31 -37.78 106.73
C THR I 321 14.77 -37.74 106.29
N TYR I 322 15.02 -37.03 105.19
CA TYR I 322 16.38 -36.87 104.70
C TYR I 322 17.23 -36.13 105.71
N GLY I 323 18.26 -36.79 106.22
CA GLY I 323 19.15 -36.20 107.20
C GLY I 323 18.87 -36.57 108.63
N ARG I 324 17.76 -37.24 108.91
CA ARG I 324 17.41 -37.58 110.29
C ARG I 324 18.43 -38.52 110.91
N THR I 325 18.80 -39.57 110.18
CA THR I 325 19.74 -40.59 110.67
C THR I 325 21.07 -40.42 109.96
N ASP I 326 22.15 -40.35 110.75
CA ASP I 326 23.48 -40.09 110.21
C ASP I 326 23.92 -41.22 109.29
N MET I 327 24.28 -40.87 108.06
CA MET I 327 24.71 -41.84 107.06
C MET I 327 26.23 -41.96 106.94
N THR I 328 26.99 -41.34 107.85
CA THR I 328 28.43 -41.43 107.82
C THR I 328 28.87 -42.88 108.01
N GLY I 329 29.61 -43.40 107.06
CA GLY I 329 30.05 -44.78 107.09
C GLY I 329 29.25 -45.73 106.23
N SER I 330 28.71 -45.26 105.10
CA SER I 330 27.95 -46.12 104.20
C SER I 330 28.34 -45.79 102.77
N LEU I 331 27.91 -46.67 101.85
CA LEU I 331 28.27 -46.49 100.45
C LEU I 331 27.53 -45.33 99.80
N CYS I 332 26.41 -44.90 100.37
CA CYS I 332 25.57 -43.88 99.75
C CYS I 332 25.56 -42.56 100.52
N GLU I 333 26.56 -42.35 101.38
CA GLU I 333 26.67 -41.06 102.04
C GLU I 333 27.00 -39.97 101.03
N GLY I 334 26.44 -38.77 101.24
CA GLY I 334 26.61 -37.68 100.31
C GLY I 334 25.56 -37.60 99.22
N GLY I 335 24.76 -38.65 99.03
CA GLY I 335 23.69 -38.60 98.07
C GLY I 335 22.58 -37.66 98.48
N THR I 336 21.61 -37.48 97.59
CA THR I 336 20.52 -36.55 97.83
C THR I 336 19.15 -37.23 97.86
N VAL I 337 19.10 -38.56 97.95
CA VAL I 337 17.83 -39.26 97.98
C VAL I 337 17.87 -40.39 99.01
N GLU I 338 19.07 -40.83 99.38
CA GLU I 338 19.24 -42.00 100.22
C GLU I 338 19.14 -41.65 101.69
N ILE I 339 18.63 -42.60 102.48
CA ILE I 339 18.61 -42.54 103.93
C ILE I 339 18.94 -43.93 104.48
N ILE I 340 18.92 -44.05 105.80
CA ILE I 340 19.13 -45.33 106.48
C ILE I 340 17.98 -45.53 107.46
N GLY I 341 17.10 -46.48 107.16
CA GLY I 341 15.95 -46.73 107.99
C GLY I 341 15.87 -48.18 108.45
N PRO I 342 15.05 -48.44 109.46
CA PRO I 342 14.93 -49.79 109.99
C PRO I 342 13.82 -50.60 109.34
N LEU I 343 14.06 -51.92 109.28
CA LEU I 343 13.07 -52.90 108.87
C LEU I 343 12.81 -53.82 110.04
N ALA I 344 11.58 -53.82 110.55
CA ALA I 344 11.23 -54.59 111.73
C ALA I 344 9.94 -55.37 111.48
N SER I 345 9.70 -56.36 112.35
CA SER I 345 8.53 -57.21 112.25
C SER I 345 7.26 -56.52 112.70
N SER I 346 7.37 -55.43 113.45
CA SER I 346 6.20 -54.72 113.95
C SER I 346 6.56 -53.26 114.14
N LEU I 347 5.52 -52.41 114.17
CA LEU I 347 5.73 -50.98 114.36
C LEU I 347 6.41 -50.69 115.68
N GLU I 348 6.14 -51.49 116.71
CA GLU I 348 6.76 -51.28 118.01
C GLU I 348 8.27 -51.43 117.93
N ASP I 349 8.74 -52.46 117.21
CA ASP I 349 10.18 -52.67 117.09
C ASP I 349 10.82 -51.64 116.17
N ALA I 350 10.11 -51.24 115.11
CA ALA I 350 10.66 -50.25 114.20
C ALA I 350 10.78 -48.88 114.87
N PHE I 351 9.93 -48.59 115.84
CA PHE I 351 10.03 -47.34 116.57
C PHE I 351 11.17 -47.35 117.58
N LEU I 352 11.54 -48.53 118.08
CA LEU I 352 12.63 -48.61 119.03
C LEU I 352 13.99 -48.50 118.34
N VAL I 353 14.13 -49.11 117.17
CA VAL I 353 15.39 -49.03 116.43
C VAL I 353 15.60 -47.63 115.88
N TYR I 354 14.52 -46.99 115.42
CA TYR I 354 14.61 -45.61 114.98
C TYR I 354 15.06 -44.70 116.11
N ALA I 355 14.57 -44.95 117.32
CA ALA I 355 14.96 -44.14 118.48
C ALA I 355 16.43 -44.28 118.83
N ALA I 356 17.10 -45.34 118.38
CA ALA I 356 18.47 -45.58 118.75
C ALA I 356 19.48 -45.11 117.71
N ILE I 357 19.09 -45.06 116.43
CA ILE I 357 20.02 -44.67 115.38
C ILE I 357 19.86 -43.21 114.94
N LEU I 358 18.74 -42.56 115.27
CA LEU I 358 18.50 -41.21 114.78
C LEU I 358 19.56 -40.24 115.34
N GLY I 359 19.69 -39.11 114.65
CA GLY I 359 20.69 -38.13 115.02
C GLY I 359 21.47 -37.64 113.81
N SER I 360 21.18 -36.42 113.36
CA SER I 360 21.80 -35.88 112.16
C SER I 360 23.30 -35.73 112.35
N SER I 361 24.03 -35.78 111.23
CA SER I 361 25.47 -35.55 111.26
C SER I 361 25.76 -34.07 111.52
N SER I 362 27.03 -33.78 111.79
CA SER I 362 27.42 -32.41 112.11
C SER I 362 27.18 -31.48 110.93
N ALA I 363 27.27 -31.99 109.71
CA ALA I 363 27.05 -31.15 108.52
C ALA I 363 25.57 -31.00 108.20
N ASP I 364 24.80 -32.09 108.29
CA ASP I 364 23.37 -32.01 108.04
C ASP I 364 22.64 -31.20 109.11
N ARG I 365 23.25 -31.02 110.29
CA ARG I 365 22.62 -30.21 111.32
C ARG I 365 22.56 -28.74 110.91
N TYR I 366 23.66 -28.21 110.36
CA TYR I 366 23.67 -26.82 109.94
C TYR I 366 22.94 -26.62 108.61
N ASN I 367 23.04 -27.59 107.70
CA ASN I 367 22.53 -27.41 106.35
C ASN I 367 21.03 -27.64 106.28
N LEU I 368 20.56 -28.78 106.79
CA LEU I 368 19.14 -29.08 106.72
C LEU I 368 18.35 -28.45 107.87
N LYS I 369 19.00 -28.10 108.97
CA LYS I 369 18.36 -27.54 110.16
C LYS I 369 17.18 -28.39 110.58
N PRO I 370 17.41 -29.61 111.08
CA PRO I 370 16.28 -30.46 111.46
C PRO I 370 15.71 -30.05 112.82
N SER I 371 14.38 -30.09 112.91
CA SER I 371 13.73 -29.87 114.18
C SER I 371 14.06 -31.03 115.14
N PRO I 372 14.00 -30.78 116.44
CA PRO I 372 14.32 -31.85 117.41
C PRO I 372 13.46 -33.07 117.18
N PRO I 373 14.02 -34.26 117.36
CA PRO I 373 13.25 -35.49 117.11
C PRO I 373 12.11 -35.65 118.09
N CYS I 374 11.12 -36.43 117.69
CA CYS I 374 9.90 -36.63 118.49
C CYS I 374 9.49 -38.09 118.45
N PHE I 375 8.84 -38.52 119.52
CA PHE I 375 8.25 -39.84 119.61
C PHE I 375 6.73 -39.74 119.73
N PRO I 376 5.98 -40.56 119.01
CA PRO I 376 4.53 -40.55 119.18
C PRO I 376 4.12 -41.29 120.45
N LYS I 377 3.19 -40.69 121.19
CA LYS I 377 2.67 -41.31 122.40
C LYS I 377 1.77 -42.47 121.99
N LEU I 378 2.40 -43.61 121.73
CA LEU I 378 1.68 -44.81 121.30
C LEU I 378 0.77 -45.37 122.39
N LEU I 379 0.70 -44.73 123.56
CA LEU I 379 -0.18 -45.16 124.62
C LEU I 379 -1.64 -45.13 124.15
N SER I 380 -2.45 -46.04 124.71
CA SER I 380 -3.85 -46.12 124.33
C SER I 380 -4.60 -44.84 124.72
N HIS I 381 -4.45 -44.42 125.97
CA HIS I 381 -5.13 -43.24 126.49
C HIS I 381 -4.12 -42.34 127.19
N ASN I 382 -4.35 -41.03 127.13
CA ASN I 382 -5.52 -40.44 126.47
C ASN I 382 -5.11 -39.69 125.21
N GLY I 383 -4.94 -40.44 124.11
CA GLY I 383 -4.49 -39.83 122.86
C GLY I 383 -5.07 -40.45 121.61
N SER I 384 -6.40 -40.56 121.56
CA SER I 384 -7.09 -41.02 120.36
C SER I 384 -7.60 -39.87 119.50
N ASN I 385 -7.65 -38.65 120.04
CA ASN I 385 -8.11 -37.51 119.28
C ASN I 385 -7.07 -37.00 118.31
N ALA I 386 -5.78 -37.20 118.62
CA ALA I 386 -4.72 -36.74 117.73
C ALA I 386 -4.70 -37.53 116.43
N ILE I 387 -5.12 -38.80 116.47
CA ILE I 387 -5.14 -39.60 115.26
C ILE I 387 -6.33 -39.22 114.38
N GLY I 388 -7.48 -38.94 114.99
CA GLY I 388 -8.65 -38.57 114.21
C GLY I 388 -8.51 -37.20 113.56
N SER I 389 -7.68 -36.33 114.15
CA SER I 389 -7.49 -35.00 113.59
C SER I 389 -6.68 -35.00 112.30
N LEU I 390 -6.11 -36.15 111.91
CA LEU I 390 -5.30 -36.21 110.72
C LEU I 390 -6.17 -36.16 109.47
N ARG I 391 -5.60 -35.60 108.40
CA ARG I 391 -6.26 -35.53 107.10
C ARG I 391 -5.44 -36.35 106.12
N LEU I 392 -6.06 -37.40 105.56
CA LEU I 392 -5.36 -38.33 104.68
C LEU I 392 -5.57 -37.90 103.23
N GLY I 393 -4.48 -37.63 102.53
CA GLY I 393 -4.54 -37.24 101.13
C GLY I 393 -4.51 -38.44 100.22
N LYS I 394 -5.47 -38.52 99.31
CA LYS I 394 -5.61 -39.68 98.43
C LYS I 394 -5.81 -39.20 97.00
N TYR I 395 -4.86 -39.54 96.12
CA TYR I 395 -4.99 -39.32 94.69
C TYR I 395 -5.66 -40.56 94.10
N THR I 396 -6.97 -40.48 93.87
CA THR I 396 -7.75 -41.66 93.52
C THR I 396 -7.24 -42.32 92.24
N LYS I 397 -6.99 -41.53 91.20
CA LYS I 397 -6.45 -42.09 89.96
C LYS I 397 -5.09 -42.73 90.20
N TRP I 398 -4.26 -42.10 91.04
CA TRP I 398 -2.97 -42.68 91.41
C TRP I 398 -3.15 -43.84 92.37
N PHE I 399 -4.09 -43.73 93.31
CA PHE I 399 -4.31 -44.76 94.30
C PHE I 399 -4.73 -46.08 93.67
N ASN I 400 -5.50 -46.03 92.57
CA ASN I 400 -6.05 -47.23 91.96
C ASN I 400 -5.18 -47.78 90.83
N ASP I 401 -4.12 -47.07 90.43
CA ASP I 401 -3.26 -47.50 89.31
C ASP I 401 -2.33 -48.62 89.79
N VAL I 402 -2.93 -49.79 90.00
CA VAL I 402 -2.21 -50.97 90.43
C VAL I 402 -2.55 -52.13 89.50
N SER I 403 -1.64 -53.10 89.44
CA SER I 403 -1.85 -54.25 88.58
C SER I 403 -2.87 -55.20 89.17
N SER I 404 -2.77 -55.49 90.46
CA SER I 404 -3.70 -56.38 91.14
C SER I 404 -4.81 -55.56 91.79
N SER I 405 -6.06 -55.90 91.47
CA SER I 405 -7.20 -55.20 92.05
C SER I 405 -7.29 -55.39 93.56
N ASP I 406 -6.64 -56.42 94.11
CA ASP I 406 -6.66 -56.65 95.55
C ASP I 406 -5.93 -55.56 96.32
N ILE I 407 -4.99 -54.86 95.68
CA ILE I 407 -4.17 -53.88 96.40
C ILE I 407 -4.93 -52.59 96.63
N SER I 408 -5.58 -52.06 95.59
CA SER I 408 -6.36 -50.85 95.75
C SER I 408 -7.60 -51.06 96.61
N ASP I 409 -8.06 -52.31 96.74
CA ASP I 409 -9.23 -52.59 97.56
C ASP I 409 -8.86 -52.74 99.03
N LYS I 410 -7.85 -53.56 99.32
CA LYS I 410 -7.46 -53.79 100.71
C LYS I 410 -6.84 -52.55 101.34
N CYS I 411 -6.26 -51.67 100.53
CA CYS I 411 -5.73 -50.42 101.07
C CYS I 411 -6.84 -49.42 101.33
N GLU I 412 -7.86 -49.39 100.47
CA GLU I 412 -8.99 -48.49 100.69
C GLU I 412 -9.82 -48.94 101.88
N ASP I 413 -9.83 -50.24 102.17
CA ASP I 413 -10.52 -50.73 103.36
C ASP I 413 -9.85 -50.21 104.63
N ILE I 414 -8.52 -50.09 104.62
CA ILE I 414 -7.82 -49.50 105.75
C ILE I 414 -8.24 -48.03 105.92
N LEU I 415 -8.35 -47.31 104.81
CA LEU I 415 -8.80 -45.91 104.88
C LEU I 415 -10.22 -45.82 105.43
N LYS I 416 -11.09 -46.75 105.05
CA LYS I 416 -12.44 -46.77 105.59
C LYS I 416 -12.42 -47.07 107.09
N LEU I 417 -11.68 -48.11 107.50
CA LEU I 417 -11.60 -48.45 108.91
C LEU I 417 -10.97 -47.33 109.72
N LEU I 418 -9.93 -46.69 109.17
CA LEU I 418 -9.34 -45.52 109.84
C LEU I 418 -10.34 -44.39 109.94
N SER I 419 -11.09 -44.13 108.86
CA SER I 419 -12.06 -43.05 108.87
C SER I 419 -13.24 -43.36 109.78
N ASN I 420 -13.58 -44.63 109.93
CA ASN I 420 -14.74 -45.02 110.72
C ASN I 420 -14.42 -45.19 112.20
N ASN I 421 -13.24 -45.73 112.52
CA ASN I 421 -12.89 -46.02 113.91
C ASN I 421 -12.29 -44.82 114.63
N HIS I 422 -11.60 -43.94 113.91
CA HIS I 422 -10.93 -42.81 114.54
C HIS I 422 -11.47 -41.45 114.09
N GLY I 423 -12.04 -41.37 112.90
CA GLY I 423 -12.57 -40.12 112.39
C GLY I 423 -11.69 -39.40 111.38
N CYS I 424 -10.70 -40.06 110.82
CA CYS I 424 -9.82 -39.43 109.85
C CYS I 424 -10.59 -39.09 108.58
N LYS I 425 -10.36 -37.87 108.07
CA LYS I 425 -11.00 -37.43 106.84
C LYS I 425 -10.06 -37.65 105.66
N VAL I 426 -10.56 -38.33 104.64
CA VAL I 426 -9.80 -38.59 103.42
C VAL I 426 -10.06 -37.43 102.46
N VAL I 427 -9.02 -36.65 102.18
CA VAL I 427 -9.11 -35.49 101.29
C VAL I 427 -8.54 -35.88 99.93
N GLU I 428 -9.31 -35.63 98.88
CA GLU I 428 -8.85 -35.93 97.52
C GLU I 428 -7.80 -34.92 97.10
N ILE I 429 -6.61 -35.42 96.74
CA ILE I 429 -5.51 -34.55 96.33
C ILE I 429 -5.09 -34.89 94.90
N VAL I 430 -4.12 -34.16 94.38
CA VAL I 430 -3.59 -34.40 93.05
C VAL I 430 -2.09 -34.07 93.05
N VAL I 431 -1.29 -35.01 92.55
CA VAL I 431 0.16 -34.84 92.52
C VAL I 431 0.61 -34.66 91.07
N PRO I 432 0.88 -33.44 90.63
CA PRO I 432 1.22 -33.23 89.21
C PRO I 432 2.64 -33.68 88.90
N GLU I 433 2.88 -33.87 87.61
CA GLU I 433 4.22 -34.12 87.06
C GLU I 433 4.87 -35.34 87.70
N LEU I 434 4.17 -36.48 87.63
CA LEU I 434 4.74 -37.74 88.11
C LEU I 434 5.76 -38.30 87.14
N GLU I 435 5.59 -38.04 85.83
CA GLU I 435 6.58 -38.49 84.85
C GLU I 435 7.89 -37.71 85.01
N GLU I 436 7.81 -36.44 85.38
CA GLU I 436 9.03 -35.68 85.67
C GLU I 436 9.70 -36.20 86.93
N MET I 437 8.93 -36.73 87.88
CA MET I 437 9.52 -37.23 89.12
C MET I 437 10.37 -38.47 88.86
N ARG I 438 9.91 -39.37 87.99
CA ARG I 438 10.71 -40.56 87.67
C ARG I 438 11.98 -40.19 86.94
N ALA I 439 11.90 -39.24 86.00
CA ALA I 439 13.07 -38.85 85.22
C ALA I 439 14.07 -38.07 86.06
N ALA I 440 13.57 -37.21 86.96
CA ALA I 440 14.46 -36.45 87.82
C ALA I 440 15.06 -37.28 88.93
N HIS I 441 14.42 -38.40 89.31
CA HIS I 441 14.94 -39.22 90.38
C HIS I 441 16.02 -40.19 89.90
N VAL I 442 15.81 -40.83 88.75
CA VAL I 442 16.77 -41.81 88.26
C VAL I 442 18.13 -41.16 88.02
N ILE I 443 18.15 -39.90 87.60
CA ILE I 443 19.42 -39.22 87.39
C ILE I 443 19.98 -38.72 88.72
N SER I 444 19.13 -38.34 89.67
CA SER I 444 19.60 -37.86 90.96
C SER I 444 20.15 -38.96 91.85
N ILE I 445 19.80 -40.23 91.57
CA ILE I 445 20.23 -41.34 92.41
C ILE I 445 21.41 -42.04 91.75
N GLY I 446 21.42 -42.07 90.42
CA GLY I 446 22.49 -42.78 89.71
C GLY I 446 23.75 -41.96 89.51
N SER I 447 23.63 -40.63 89.50
CA SER I 447 24.81 -39.80 89.24
C SER I 447 25.82 -39.85 90.38
N PRO I 448 25.44 -39.69 91.66
CA PRO I 448 26.44 -39.86 92.72
C PRO I 448 26.88 -41.30 92.90
N THR I 449 26.04 -42.28 92.56
CA THR I 449 26.46 -43.68 92.66
C THR I 449 27.51 -44.01 91.61
N LEU I 450 27.27 -43.61 90.35
CA LEU I 450 28.24 -43.86 89.30
C LEU I 450 29.53 -43.08 89.50
N SER I 451 29.44 -41.87 90.07
CA SER I 451 30.63 -41.06 90.29
C SER I 451 31.57 -41.70 91.29
N SER I 452 31.03 -42.24 92.38
CA SER I 452 31.88 -42.84 93.40
C SER I 452 32.51 -44.14 92.92
N LEU I 453 31.87 -44.84 91.99
CA LEU I 453 32.37 -46.11 91.47
C LEU I 453 33.23 -45.95 90.22
N THR I 454 33.30 -44.74 89.66
CA THR I 454 33.99 -44.51 88.39
C THR I 454 35.50 -44.69 88.49
N PRO I 455 36.18 -44.19 89.53
CA PRO I 455 37.63 -44.47 89.64
C PRO I 455 37.95 -45.95 89.70
N TYR I 456 37.04 -46.78 90.23
CA TYR I 456 37.28 -48.21 90.25
C TYR I 456 36.99 -48.84 88.90
N CYS I 457 35.88 -48.47 88.27
CA CYS I 457 35.52 -49.02 86.96
C CYS I 457 36.54 -48.63 85.90
N GLU I 458 37.07 -47.40 85.99
CA GLU I 458 38.10 -46.98 85.05
C GLU I 458 39.41 -47.74 85.25
N ALA I 459 39.60 -48.36 86.41
CA ALA I 459 40.80 -49.14 86.71
C ALA I 459 40.66 -50.61 86.34
N GLY I 460 39.77 -50.93 85.39
CA GLY I 460 39.61 -52.30 84.96
C GLY I 460 38.81 -53.18 85.89
N LYS I 461 37.78 -52.63 86.54
CA LYS I 461 36.91 -53.41 87.42
C LYS I 461 35.45 -53.27 87.03
N ASN I 462 35.14 -52.64 85.89
CA ASN I 462 33.75 -52.53 85.46
C ASN I 462 33.17 -53.87 85.05
N SER I 463 34.02 -54.78 84.54
CA SER I 463 33.55 -56.10 84.12
C SER I 463 33.16 -56.97 85.31
N LYS I 464 33.72 -56.70 86.49
CA LYS I 464 33.38 -57.50 87.66
C LYS I 464 31.96 -57.26 88.14
N LEU I 465 31.32 -56.18 87.70
CA LEU I 465 29.94 -55.91 88.07
C LEU I 465 29.00 -56.84 87.31
N SER I 466 27.79 -56.96 87.83
CA SER I 466 26.76 -57.77 87.17
C SER I 466 26.20 -57.05 85.96
N TYR I 467 25.60 -57.82 85.05
CA TYR I 467 25.00 -57.25 83.86
C TYR I 467 23.79 -56.38 84.17
N ASP I 468 23.18 -56.58 85.34
CA ASP I 468 22.10 -55.68 85.77
C ASP I 468 22.66 -54.29 86.06
N THR I 469 23.75 -54.23 86.83
CA THR I 469 24.35 -52.94 87.17
C THR I 469 25.00 -52.29 85.96
N ARG I 470 25.59 -53.09 85.07
CA ARG I 470 26.29 -52.55 83.92
C ARG I 470 25.32 -51.94 82.91
N THR I 471 24.10 -52.49 82.81
CA THR I 471 23.09 -51.85 81.97
C THR I 471 22.68 -50.50 82.53
N SER I 472 22.56 -50.41 83.85
CA SER I 472 22.20 -49.13 84.47
C SER I 472 23.33 -48.11 84.31
N PHE I 473 24.57 -48.52 84.55
CA PHE I 473 25.69 -47.61 84.38
C PHE I 473 25.82 -47.17 82.92
N ALA I 474 25.44 -48.03 81.98
CA ALA I 474 25.43 -47.63 80.58
C ALA I 474 24.43 -46.50 80.33
N ILE I 475 23.31 -46.51 81.05
CA ILE I 475 22.34 -45.42 80.94
C ILE I 475 22.80 -44.22 81.76
N PHE I 476 23.37 -44.45 82.94
CA PHE I 476 23.80 -43.35 83.80
C PHE I 476 24.94 -42.57 83.18
N ARG I 477 25.83 -43.24 82.45
CA ARG I 477 26.93 -42.54 81.81
C ARG I 477 26.46 -41.63 80.69
N SER I 478 25.24 -41.82 80.18
CA SER I 478 24.69 -40.98 79.13
C SER I 478 23.99 -39.74 79.68
N PHE I 479 23.90 -39.59 80.99
CA PHE I 479 23.33 -38.39 81.58
C PHE I 479 24.40 -37.31 81.64
N SER I 480 24.14 -36.17 81.01
CA SER I 480 25.10 -35.08 80.96
C SER I 480 24.95 -34.18 82.17
N ALA I 481 25.98 -33.34 82.39
CA ALA I 481 25.94 -32.41 83.51
C ALA I 481 24.84 -31.38 83.35
N SER I 482 24.44 -31.10 82.11
CA SER I 482 23.32 -30.18 81.89
C SER I 482 21.98 -30.84 82.20
N ASP I 483 21.88 -32.16 82.02
CA ASP I 483 20.64 -32.86 82.38
C ASP I 483 20.43 -32.84 83.89
N TYR I 484 21.51 -32.96 84.67
CA TYR I 484 21.38 -32.97 86.11
C TYR I 484 20.83 -31.65 86.63
N ILE I 485 21.29 -30.53 86.07
CA ILE I 485 20.83 -29.22 86.51
C ILE I 485 19.35 -29.06 86.24
N ALA I 486 18.89 -29.46 85.05
CA ALA I 486 17.47 -29.37 84.73
C ALA I 486 16.66 -30.31 85.61
N ALA I 487 17.25 -31.41 86.05
CA ALA I 487 16.55 -32.31 86.96
C ALA I 487 16.32 -31.65 88.32
N GLN I 488 17.34 -30.99 88.86
CA GLN I 488 17.19 -30.27 90.12
C GLN I 488 16.17 -29.15 90.01
N CYS I 489 15.93 -28.61 88.81
CA CYS I 489 14.86 -27.65 88.63
C CYS I 489 13.50 -28.31 88.70
N LEU I 490 13.42 -29.59 88.28
CA LEU I 490 12.19 -30.34 88.45
C LEU I 490 11.96 -30.73 89.90
N ARG I 491 13.04 -30.88 90.67
CA ARG I 491 12.89 -31.23 92.08
C ARG I 491 12.23 -30.10 92.86
N ARG I 492 12.58 -28.86 92.54
CA ARG I 492 11.94 -27.72 93.19
C ARG I 492 10.47 -27.61 92.80
N ARG I 493 10.14 -27.97 91.56
CA ARG I 493 8.74 -27.93 91.12
C ARG I 493 7.89 -28.89 91.94
N LEU I 494 8.34 -30.14 92.07
CA LEU I 494 7.58 -31.12 92.84
C LEU I 494 7.57 -30.78 94.33
N MET I 495 8.67 -30.22 94.84
CA MET I 495 8.68 -29.81 96.24
C MET I 495 7.62 -28.75 96.50
N GLU I 496 7.42 -27.84 95.55
CA GLU I 496 6.39 -26.82 95.72
C GLU I 496 4.99 -27.42 95.68
N TYR I 497 4.78 -28.42 94.82
CA TYR I 497 3.48 -29.10 94.78
C TYR I 497 3.22 -29.83 96.08
N HIS I 498 4.19 -30.61 96.55
CA HIS I 498 3.98 -31.42 97.74
C HIS I 498 3.85 -30.58 99.01
N LEU I 499 4.52 -29.43 99.07
CA LEU I 499 4.40 -28.57 100.24
C LEU I 499 3.10 -27.78 100.24
N ASN I 500 2.46 -27.60 99.08
CA ASN I 500 1.11 -27.05 99.05
C ASN I 500 0.05 -28.13 99.30
N ILE I 501 0.37 -29.39 99.06
CA ILE I 501 -0.53 -30.48 99.45
C ILE I 501 -0.55 -30.62 100.96
N PHE I 502 0.61 -30.53 101.60
CA PHE I 502 0.70 -30.67 103.05
C PHE I 502 0.10 -29.49 103.81
N LYS I 503 -0.42 -28.49 103.12
CA LYS I 503 -1.18 -27.44 103.80
C LYS I 503 -2.61 -27.86 104.06
N ASP I 504 -3.16 -28.74 103.22
CA ASP I 504 -4.54 -29.22 103.36
C ASP I 504 -4.64 -30.59 104.00
N VAL I 505 -3.59 -31.41 103.91
CA VAL I 505 -3.58 -32.75 104.49
C VAL I 505 -2.36 -32.90 105.39
N ASP I 506 -2.38 -33.96 106.20
CA ASP I 506 -1.28 -34.28 107.11
C ASP I 506 -0.39 -35.40 106.60
N VAL I 507 -0.94 -36.36 105.87
CA VAL I 507 -0.19 -37.45 105.27
C VAL I 507 -0.71 -37.70 103.87
N ILE I 508 0.01 -38.53 103.13
CA ILE I 508 -0.38 -38.95 101.78
C ILE I 508 -0.38 -40.47 101.77
N VAL I 509 -1.56 -41.07 101.72
CA VAL I 509 -1.73 -42.51 101.81
C VAL I 509 -1.84 -43.09 100.41
N THR I 510 -1.00 -44.09 100.12
CA THR I 510 -0.98 -44.79 98.86
C THR I 510 -0.54 -46.22 99.11
N PRO I 511 -0.89 -47.15 98.22
CA PRO I 511 -0.26 -48.47 98.27
C PRO I 511 1.25 -48.33 98.10
N THR I 512 2.00 -49.17 98.83
CA THR I 512 3.46 -49.07 98.77
C THR I 512 3.99 -49.46 97.39
N THR I 513 3.50 -50.56 96.85
CA THR I 513 3.90 -51.03 95.52
C THR I 513 2.66 -51.21 94.64
N GLY I 514 2.89 -51.21 93.34
CA GLY I 514 1.84 -51.44 92.37
C GLY I 514 1.57 -52.90 92.05
N MET I 515 2.24 -53.82 92.73
CA MET I 515 2.05 -55.25 92.52
C MET I 515 2.46 -55.98 93.79
N THR I 516 2.08 -57.26 93.86
CA THR I 516 2.50 -58.12 94.95
C THR I 516 3.89 -58.69 94.67
N ALA I 517 4.26 -59.74 95.37
CA ALA I 517 5.58 -60.33 95.18
C ALA I 517 5.64 -61.00 93.81
N PRO I 518 6.55 -60.59 92.92
CA PRO I 518 6.62 -61.20 91.60
C PRO I 518 7.41 -62.50 91.60
N VAL I 519 7.05 -63.39 90.67
CA VAL I 519 7.73 -64.67 90.55
C VAL I 519 9.10 -64.46 89.90
N ILE I 520 10.11 -65.16 90.44
CA ILE I 520 11.46 -65.08 89.90
C ILE I 520 11.53 -65.86 88.59
N PRO I 521 11.88 -65.22 87.48
CA PRO I 521 12.09 -65.97 86.24
C PRO I 521 13.27 -66.90 86.37
N PRO I 522 13.10 -68.18 86.02
CA PRO I 522 14.21 -69.14 86.20
C PRO I 522 15.45 -68.79 85.40
N ASP I 523 15.29 -68.22 84.21
CA ASP I 523 16.46 -67.83 83.41
C ASP I 523 17.18 -66.62 83.98
N ALA I 524 16.54 -65.87 84.88
CA ALA I 524 17.15 -64.68 85.45
C ALA I 524 18.10 -64.98 86.60
N LEU I 525 18.18 -66.24 87.04
CA LEU I 525 19.07 -66.60 88.13
C LEU I 525 20.51 -66.85 87.68
N LYS I 526 20.77 -66.84 86.37
CA LYS I 526 22.10 -67.14 85.86
C LYS I 526 23.00 -65.91 85.89
N ASN I 527 22.59 -64.83 85.21
CA ASN I 527 23.40 -63.62 85.17
C ASN I 527 22.58 -62.33 85.33
N GLY I 528 21.29 -62.41 85.60
CA GLY I 528 20.47 -61.24 85.85
C GLY I 528 19.35 -61.12 84.82
N GLU I 529 18.67 -59.98 84.88
CA GLU I 529 17.58 -59.69 83.96
C GLU I 529 17.40 -58.18 83.87
N THR I 530 16.56 -57.75 82.93
CA THR I 530 16.26 -56.33 82.71
C THR I 530 14.78 -56.18 82.36
N ASN I 531 13.92 -56.45 83.34
CA ASN I 531 12.48 -56.32 83.18
C ASN I 531 12.07 -54.97 83.76
N ILE I 532 12.05 -53.94 82.90
CA ILE I 532 11.70 -52.60 83.35
C ILE I 532 10.22 -52.51 83.71
N GLN I 533 9.37 -53.29 83.03
CA GLN I 533 7.94 -53.25 83.31
C GLN I 533 7.65 -53.68 84.75
N VAL I 534 8.50 -54.53 85.32
CA VAL I 534 8.32 -54.94 86.71
C VAL I 534 8.84 -53.86 87.66
N THR I 535 10.05 -53.36 87.40
CA THR I 535 10.60 -52.31 88.24
C THR I 535 9.80 -51.02 88.15
N THR I 536 9.05 -50.82 87.06
CA THR I 536 8.19 -49.65 86.96
C THR I 536 7.04 -49.73 87.98
N ASP I 537 6.35 -50.87 88.02
CA ASP I 537 5.22 -51.01 88.94
C ASP I 537 5.68 -51.00 90.39
N LEU I 538 6.92 -51.38 90.66
CA LEU I 538 7.40 -51.43 92.03
C LEU I 538 7.77 -50.07 92.59
N MET I 539 8.10 -49.10 91.74
CA MET I 539 8.52 -47.78 92.16
C MET I 539 7.44 -46.72 91.99
N ARG I 540 6.20 -47.13 91.69
CA ARG I 540 5.17 -46.16 91.32
C ARG I 540 4.85 -45.20 92.45
N PHE I 541 5.06 -45.59 93.70
CA PHE I 541 4.61 -44.79 94.83
C PHE I 541 5.72 -44.41 95.81
N VAL I 542 6.94 -44.91 95.64
CA VAL I 542 7.99 -44.67 96.64
C VAL I 542 8.90 -43.51 96.29
N LEU I 543 8.79 -42.94 95.09
CA LEU I 543 9.77 -41.97 94.62
C LEU I 543 9.64 -40.60 95.31
N ALA I 544 8.42 -40.18 95.63
CA ALA I 544 8.23 -38.83 96.16
C ALA I 544 8.95 -38.63 97.49
N ALA I 545 9.02 -39.68 98.32
CA ALA I 545 9.72 -39.54 99.60
C ALA I 545 11.23 -39.45 99.43
N ASN I 546 11.76 -40.01 98.34
CA ASN I 546 13.21 -39.98 98.13
C ASN I 546 13.65 -38.66 97.50
N LEU I 547 13.01 -38.26 96.40
CA LEU I 547 13.43 -37.08 95.66
C LEU I 547 13.24 -35.80 96.49
N LEU I 548 12.19 -35.75 97.30
CA LEU I 548 11.90 -34.57 98.10
C LEU I 548 12.32 -34.68 99.55
N GLY I 549 12.59 -35.90 100.03
CA GLY I 549 13.12 -36.09 101.37
C GLY I 549 12.09 -36.29 102.46
N PHE I 550 10.83 -36.53 102.11
CA PHE I 550 9.80 -36.72 103.12
C PHE I 550 9.95 -38.07 103.81
N PRO I 551 9.47 -38.19 105.05
CA PRO I 551 9.45 -39.51 105.70
C PRO I 551 8.21 -40.29 105.30
N ALA I 552 8.40 -41.58 105.10
CA ALA I 552 7.31 -42.47 104.73
C ALA I 552 7.52 -43.83 105.36
N ILE I 553 6.42 -44.51 105.67
CA ILE I 553 6.47 -45.84 106.26
C ILE I 553 5.65 -46.79 105.40
N SER I 554 6.00 -48.06 105.44
CA SER I 554 5.27 -49.12 104.76
C SER I 554 4.84 -50.13 105.81
N VAL I 555 3.56 -50.14 106.14
CA VAL I 555 2.99 -51.00 107.16
C VAL I 555 2.14 -52.07 106.48
N PRO I 556 2.25 -53.33 106.87
CA PRO I 556 1.43 -54.38 106.25
C PRO I 556 -0.05 -54.18 106.57
N VAL I 557 -0.90 -54.40 105.58
CA VAL I 557 -2.33 -54.19 105.73
C VAL I 557 -3.12 -55.38 105.20
N GLY I 558 -2.49 -56.56 105.17
CA GLY I 558 -3.20 -57.75 104.78
C GLY I 558 -2.50 -58.48 103.67
N TYR I 559 -3.26 -59.34 102.98
CA TYR I 559 -2.73 -60.21 101.94
C TYR I 559 -3.70 -60.24 100.78
N ASP I 560 -3.18 -60.59 99.60
CA ASP I 560 -3.97 -60.62 98.38
C ASP I 560 -4.58 -62.02 98.20
N LYS I 561 -5.03 -62.34 96.99
CA LYS I 561 -5.72 -63.61 96.75
C LYS I 561 -4.79 -64.81 96.72
N GLU I 562 -3.47 -64.60 96.79
CA GLU I 562 -2.52 -65.70 96.83
C GLU I 562 -1.74 -65.73 98.15
N GLY I 563 -2.24 -65.07 99.19
CA GLY I 563 -1.58 -65.08 100.47
C GLY I 563 -0.30 -64.29 100.53
N LEU I 564 -0.05 -63.42 99.55
CA LEU I 564 1.13 -62.57 99.48
C LEU I 564 0.84 -61.22 100.16
N PRO I 565 1.79 -60.69 100.91
CA PRO I 565 1.54 -59.46 101.67
C PRO I 565 1.32 -58.26 100.76
N ILE I 566 0.60 -57.28 101.31
CA ILE I 566 0.35 -55.99 100.67
C ILE I 566 0.68 -54.90 101.67
N GLY I 567 1.41 -53.88 101.20
CA GLY I 567 1.81 -52.79 102.06
C GLY I 567 1.01 -51.52 101.82
N LEU I 568 1.02 -50.64 102.81
CA LEU I 568 0.39 -49.33 102.72
C LEU I 568 1.42 -48.28 103.08
N GLN I 569 1.58 -47.28 102.22
CA GLN I 569 2.56 -46.22 102.42
C GLN I 569 1.89 -45.01 103.04
N ILE I 570 2.49 -44.49 104.11
CA ILE I 570 2.04 -43.27 104.77
C ILE I 570 3.21 -42.30 104.76
N MET I 571 3.16 -41.33 103.86
CA MET I 571 4.20 -40.31 103.75
C MET I 571 3.73 -39.03 104.43
N GLY I 572 4.62 -38.42 105.22
CA GLY I 572 4.23 -37.27 106.01
C GLY I 572 5.04 -36.01 105.76
N ARG I 573 4.82 -35.00 106.60
CA ARG I 573 5.54 -33.75 106.49
C ARG I 573 7.02 -33.94 106.86
N PRO I 574 7.88 -33.01 106.47
CA PRO I 574 9.28 -33.11 106.86
C PRO I 574 9.46 -33.17 108.38
N TRP I 575 10.41 -33.98 108.81
CA TRP I 575 10.76 -34.16 110.22
C TRP I 575 9.58 -34.65 111.06
N ALA I 576 8.56 -35.23 110.42
CA ALA I 576 7.37 -35.68 111.13
C ALA I 576 7.30 -37.19 111.20
N GLU I 577 8.36 -37.83 111.69
CA GLU I 577 8.32 -39.28 111.85
C GLU I 577 7.33 -39.69 112.93
N ALA I 578 7.16 -38.86 113.97
CA ALA I 578 6.21 -39.18 115.02
C ALA I 578 4.79 -39.24 114.47
N THR I 579 4.45 -38.34 113.54
CA THR I 579 3.12 -38.39 112.93
C THR I 579 2.95 -39.63 112.08
N VAL I 580 4.02 -40.04 111.38
CA VAL I 580 3.94 -41.20 110.50
C VAL I 580 3.88 -42.49 111.31
N LEU I 581 4.71 -42.59 112.36
CA LEU I 581 4.73 -43.80 113.18
C LEU I 581 3.43 -43.97 113.95
N GLY I 582 2.87 -42.89 114.47
CA GLY I 582 1.64 -42.98 115.23
C GLY I 582 0.46 -43.47 114.39
N LEU I 583 0.33 -42.93 113.18
CA LEU I 583 -0.74 -43.38 112.30
C LEU I 583 -0.54 -44.81 111.85
N ALA I 584 0.71 -45.24 111.67
CA ALA I 584 0.97 -46.62 111.29
C ALA I 584 0.65 -47.58 112.42
N ALA I 585 0.85 -47.15 113.67
CA ALA I 585 0.44 -47.98 114.80
C ALA I 585 -1.07 -48.17 114.84
N ALA I 586 -1.82 -47.14 114.42
CA ALA I 586 -3.27 -47.27 114.36
C ALA I 586 -3.70 -48.17 113.21
N VAL I 587 -2.87 -48.27 112.17
CA VAL I 587 -3.23 -49.11 111.03
C VAL I 587 -3.05 -50.58 111.36
N GLU I 588 -1.89 -50.94 111.91
CA GLU I 588 -1.64 -52.35 112.25
C GLU I 588 -2.54 -52.84 113.36
N GLU I 589 -3.14 -51.94 114.14
CA GLU I 589 -4.16 -52.35 115.11
C GLU I 589 -5.46 -52.72 114.42
N LEU I 590 -5.68 -52.23 113.20
CA LEU I 590 -6.89 -52.54 112.43
C LEU I 590 -6.68 -53.69 111.45
N ALA I 591 -5.43 -54.13 111.25
CA ALA I 591 -5.14 -55.25 110.36
C ALA I 591 -3.80 -55.87 110.76
N PRO I 592 -3.74 -56.59 111.86
CA PRO I 592 -2.46 -57.13 112.33
C PRO I 592 -2.00 -58.29 111.47
N VAL I 593 -0.69 -58.57 111.55
CA VAL I 593 -0.10 -59.68 110.81
C VAL I 593 -0.68 -60.98 111.35
N THR I 594 -1.33 -61.75 110.48
CA THR I 594 -2.03 -62.95 110.88
C THR I 594 -1.53 -64.23 110.22
N LYS I 595 -0.94 -64.14 109.03
CA LYS I 595 -0.43 -65.33 108.33
C LYS I 595 1.04 -65.54 108.67
N LYS I 596 1.39 -66.78 109.00
CA LYS I 596 2.78 -67.14 109.23
C LYS I 596 3.45 -67.50 107.91
N PRO I 597 4.59 -66.89 107.57
CA PRO I 597 5.23 -67.19 106.29
C PRO I 597 5.69 -68.64 106.22
N ALA I 598 5.84 -69.12 104.99
CA ALA I 598 6.26 -70.51 104.78
C ALA I 598 7.64 -70.77 105.37
N ILE I 599 8.51 -69.77 105.36
CA ILE I 599 9.85 -69.91 105.94
C ILE I 599 9.93 -69.08 107.21
N PHE I 600 9.43 -69.62 108.32
CA PHE I 600 9.45 -68.94 109.60
C PHE I 600 10.26 -69.76 110.61
N TYR I 601 10.92 -69.05 111.52
CA TYR I 601 11.73 -69.67 112.57
C TYR I 601 11.37 -69.04 113.90
N ASP I 602 10.80 -69.84 114.79
CA ASP I 602 10.38 -69.37 116.11
C ASP I 602 11.51 -69.64 117.10
N ILE I 603 12.25 -68.58 117.45
CA ILE I 603 13.26 -68.69 118.49
C ILE I 603 12.55 -68.51 119.83
N LEU I 604 13.32 -68.40 120.91
CA LEU I 604 12.78 -68.40 122.27
C LEU I 604 12.05 -69.70 122.57
N ASN I 605 12.50 -70.80 121.97
CA ASN I 605 11.90 -72.10 122.19
C ASN I 605 12.97 -73.16 122.47
N MET J 1 49.98 -43.27 96.22
CA MET J 1 48.61 -43.48 95.76
C MET J 1 48.42 -42.96 94.34
N GLY J 2 49.52 -42.66 93.64
CA GLY J 2 49.41 -42.07 92.33
C GLY J 2 49.82 -42.99 91.20
N LYS J 3 49.14 -44.13 91.08
CA LYS J 3 49.45 -45.07 90.00
C LYS J 3 48.19 -45.59 89.31
N TYR J 4 47.39 -46.41 90.01
CA TYR J 4 46.19 -46.98 89.42
C TYR J 4 44.98 -46.07 89.57
N GLN J 5 44.78 -45.52 90.77
CA GLN J 5 43.75 -44.53 91.04
C GLN J 5 44.23 -43.69 92.21
N VAL J 6 43.93 -42.40 92.17
CA VAL J 6 44.49 -41.46 93.13
C VAL J 6 43.48 -41.18 94.22
N MET J 7 43.97 -40.83 95.41
CA MET J 7 43.14 -40.55 96.58
C MET J 7 43.48 -39.18 97.13
N LYS J 8 42.56 -38.63 97.93
CA LYS J 8 42.74 -37.33 98.56
C LYS J 8 42.10 -37.33 99.94
N ARG J 9 42.39 -36.27 100.70
CA ARG J 9 41.51 -35.76 101.75
C ARG J 9 41.76 -34.27 101.86
N ALA J 10 41.23 -33.64 102.92
CA ALA J 10 41.32 -32.19 103.03
C ALA J 10 41.74 -31.75 104.43
N SER J 11 40.94 -32.11 105.44
CA SER J 11 41.23 -31.67 106.79
C SER J 11 42.52 -32.27 107.33
N GLU J 12 42.97 -33.40 106.78
CA GLU J 12 44.21 -34.03 107.21
C GLU J 12 45.39 -33.67 106.33
N VAL J 13 45.22 -32.79 105.36
CA VAL J 13 46.30 -32.46 104.44
C VAL J 13 47.35 -31.63 105.16
N ASP J 14 48.62 -32.04 105.03
CA ASP J 14 49.73 -31.26 105.54
C ASP J 14 49.92 -30.03 104.65
N LEU J 15 49.57 -28.85 105.17
CA LEU J 15 49.67 -27.64 104.36
C LEU J 15 51.11 -27.23 104.12
N SER J 16 52.05 -27.76 104.90
CA SER J 16 53.46 -27.43 104.71
C SER J 16 54.12 -28.24 103.61
N THR J 17 53.40 -29.16 102.97
CA THR J 17 53.94 -29.96 101.88
C THR J 17 53.25 -29.68 100.55
N VAL J 18 52.35 -28.70 100.50
CA VAL J 18 51.62 -28.38 99.28
C VAL J 18 52.53 -27.58 98.36
N LYS J 19 52.75 -28.10 97.16
CA LYS J 19 53.61 -27.46 96.16
C LYS J 19 52.76 -26.85 95.06
N TYR J 20 53.17 -25.67 94.60
CA TYR J 20 52.43 -24.94 93.58
C TYR J 20 52.66 -25.56 92.21
N LYS J 21 51.56 -25.89 91.52
CA LYS J 21 51.61 -26.46 90.18
C LYS J 21 51.36 -25.38 89.14
N ALA J 22 52.22 -25.32 88.13
CA ALA J 22 52.16 -24.29 87.12
C ALA J 22 50.98 -24.53 86.16
N GLU J 23 50.89 -23.71 85.12
CA GLU J 23 49.77 -23.76 84.19
C GLU J 23 50.03 -24.83 83.13
N THR J 24 49.25 -25.90 83.16
CA THR J 24 49.34 -26.99 82.19
C THR J 24 48.23 -26.91 81.13
N MET J 25 47.72 -25.72 80.87
CA MET J 25 46.64 -25.54 79.89
C MET J 25 47.26 -25.26 78.53
N LYS J 26 47.59 -26.32 77.81
CA LYS J 26 48.15 -26.21 76.47
C LYS J 26 47.04 -26.45 75.44
N ALA J 27 46.96 -25.56 74.44
CA ALA J 27 45.99 -25.68 73.37
C ALA J 27 46.42 -24.77 72.23
N PRO J 28 46.27 -25.20 70.98
CA PRO J 28 46.64 -24.34 69.86
C PRO J 28 45.72 -23.13 69.75
N HIS J 29 46.19 -22.11 69.04
CA HIS J 29 45.47 -20.87 68.83
C HIS J 29 44.96 -20.87 67.38
N LEU J 30 43.67 -21.15 67.21
CA LEU J 30 43.04 -21.24 65.90
C LEU J 30 42.17 -20.01 65.67
N THR J 31 42.27 -19.42 64.49
CA THR J 31 41.51 -18.23 64.14
C THR J 31 41.00 -18.35 62.71
N GLY J 32 39.91 -17.64 62.43
CA GLY J 32 39.46 -17.49 61.05
C GLY J 32 38.94 -18.77 60.45
N LEU J 33 39.42 -19.08 59.23
CA LEU J 33 38.95 -20.27 58.53
C LEU J 33 39.37 -21.54 59.26
N SER J 34 40.60 -21.56 59.78
CA SER J 34 41.07 -22.74 60.51
C SER J 34 40.22 -23.01 61.74
N PHE J 35 39.79 -21.94 62.44
CA PHE J 35 38.91 -22.11 63.58
C PHE J 35 37.54 -22.60 63.15
N LYS J 36 37.06 -22.18 61.99
CA LYS J 36 35.77 -22.64 61.49
C LYS J 36 35.78 -24.14 61.25
N LEU J 37 36.83 -24.65 60.60
CA LEU J 37 36.92 -26.08 60.34
C LEU J 37 37.06 -26.87 61.64
N PHE J 38 37.64 -26.26 62.68
CA PHE J 38 37.81 -26.96 63.95
C PHE J 38 36.49 -27.09 64.70
N VAL J 39 35.63 -26.07 64.61
CA VAL J 39 34.34 -26.15 65.29
C VAL J 39 33.45 -27.20 64.64
N ASN J 40 33.46 -27.27 63.31
CA ASN J 40 32.68 -28.31 62.62
C ASN J 40 33.24 -29.70 62.92
N LEU J 41 34.53 -29.79 63.27
CA LEU J 41 35.08 -31.09 63.65
C LEU J 41 34.63 -31.50 65.05
N LEU J 42 34.48 -30.53 65.95
CA LEU J 42 34.00 -30.84 67.30
C LEU J 42 32.55 -31.29 67.28
N GLU J 43 31.76 -30.81 66.32
CA GLU J 43 30.36 -31.17 66.20
C GLU J 43 30.12 -32.37 65.29
N ALA J 44 31.19 -33.01 64.82
CA ALA J 44 31.04 -34.17 63.96
C ALA J 44 30.42 -35.32 64.76
N PRO J 45 29.68 -36.22 64.08
CA PRO J 45 29.02 -37.31 64.82
C PRO J 45 30.00 -38.25 65.50
N LEU J 46 31.02 -38.72 64.79
CA LEU J 46 31.98 -39.67 65.35
C LEU J 46 33.31 -39.03 65.71
N ILE J 47 33.81 -38.10 64.88
CA ILE J 47 35.09 -37.47 65.17
C ILE J 47 34.95 -36.44 66.29
N GLY J 48 33.76 -35.88 66.47
CA GLY J 48 33.60 -34.80 67.43
C GLY J 48 33.84 -35.24 68.86
N SER J 49 33.29 -36.40 69.24
CA SER J 49 33.46 -36.87 70.61
C SER J 49 34.90 -37.29 70.89
N LEU J 50 35.63 -37.74 69.87
CA LEU J 50 37.00 -38.18 70.07
C LEU J 50 37.92 -37.01 70.37
N ILE J 51 37.67 -35.86 69.74
CA ILE J 51 38.54 -34.70 69.94
C ILE J 51 38.32 -34.09 71.32
N VAL J 52 37.07 -34.05 71.78
CA VAL J 52 36.78 -33.50 73.10
C VAL J 52 37.36 -34.38 74.20
N ASP J 53 37.30 -35.71 74.01
CA ASP J 53 37.83 -36.62 75.02
C ASP J 53 39.34 -36.50 75.13
N TYR J 54 40.03 -36.23 74.03
CA TYR J 54 41.47 -36.03 74.10
C TYR J 54 41.81 -34.74 74.85
N LEU J 55 41.06 -33.67 74.56
CA LEU J 55 41.33 -32.38 75.22
C LEU J 55 41.16 -32.49 76.73
N LYS J 56 40.09 -33.16 77.17
CA LYS J 56 39.89 -33.37 78.60
C LYS J 56 40.90 -34.34 79.20
N LYS J 57 41.47 -35.22 78.37
CA LYS J 57 42.52 -36.12 78.86
C LYS J 57 43.88 -35.45 78.84
N ASP J 58 44.14 -34.57 77.87
CA ASP J 58 45.47 -33.97 77.73
C ASP J 58 45.74 -32.96 78.82
N ASN J 59 44.78 -32.09 79.12
CA ASN J 59 45.01 -31.08 80.15
C ASN J 59 44.97 -31.68 81.56
N GLY J 60 44.13 -32.70 81.77
CA GLY J 60 44.07 -33.36 83.06
C GLY J 60 42.71 -33.34 83.70
N MET J 61 41.68 -33.01 82.92
CA MET J 61 40.32 -32.93 83.45
C MET J 61 39.69 -34.30 83.66
N THR J 62 40.01 -35.28 82.81
CA THR J 62 39.43 -36.61 82.98
C THR J 62 39.98 -37.31 84.22
N LYS J 63 41.26 -37.07 84.54
CA LYS J 63 41.85 -37.68 85.73
C LYS J 63 41.19 -37.15 87.00
N ILE J 64 40.88 -35.86 87.04
CA ILE J 64 40.30 -35.27 88.24
C ILE J 64 38.87 -35.76 88.44
N PHE J 65 38.09 -35.84 87.36
CA PHE J 65 36.69 -36.17 87.48
C PHE J 65 36.47 -37.68 87.59
N ARG J 66 37.15 -38.47 86.76
CA ARG J 66 36.82 -39.87 86.60
C ARG J 66 37.89 -40.84 87.12
N ASN J 67 39.09 -40.36 87.43
CA ASN J 67 40.16 -41.23 87.89
C ASN J 67 40.67 -40.82 89.27
N THR J 68 39.79 -40.28 90.10
CA THR J 68 40.22 -39.78 91.40
C THR J 68 39.12 -40.01 92.43
N VAL J 69 39.47 -40.63 93.54
CA VAL J 69 38.54 -40.86 94.64
C VAL J 69 38.54 -39.64 95.54
N ILE J 70 37.36 -39.08 95.79
CA ILE J 70 37.21 -37.90 96.63
C ILE J 70 36.38 -38.28 97.84
N PRO J 71 36.89 -38.14 99.07
CA PRO J 71 36.11 -38.54 100.24
C PRO J 71 35.07 -37.53 100.67
N GLU J 72 35.21 -36.25 100.30
CA GLU J 72 34.28 -35.24 100.75
C GLU J 72 32.93 -35.40 100.08
N GLU J 73 31.92 -34.88 100.72
CA GLU J 73 30.55 -34.91 100.22
C GLU J 73 30.28 -33.69 99.34
N PRO J 74 29.41 -33.82 98.35
CA PRO J 74 29.18 -32.71 97.42
C PRO J 74 28.62 -31.48 98.11
N MET J 75 29.17 -30.32 97.75
CA MET J 75 28.66 -29.02 98.17
C MET J 75 28.13 -28.34 96.91
N PHE J 76 26.80 -28.34 96.75
CA PHE J 76 26.20 -27.88 95.50
C PHE J 76 26.12 -26.37 95.40
N ARG J 77 26.06 -25.67 96.53
CA ARG J 77 26.04 -24.22 96.57
C ARG J 77 26.91 -23.77 97.74
N PRO J 78 27.43 -22.55 97.69
CA PRO J 78 28.25 -22.05 98.79
C PRO J 78 27.54 -22.16 100.14
N GLU J 79 28.20 -22.81 101.09
CA GLU J 79 27.66 -23.01 102.44
C GLU J 79 28.55 -22.24 103.41
N PHE J 80 28.07 -21.09 103.87
CA PHE J 80 28.86 -20.26 104.76
C PHE J 80 28.44 -20.47 106.20
N PRO J 81 29.37 -20.75 107.10
CA PRO J 81 29.05 -20.75 108.53
C PRO J 81 28.97 -19.32 109.05
N SER J 82 28.66 -19.20 110.34
CA SER J 82 28.55 -17.88 110.95
C SER J 82 29.92 -17.20 110.98
N GLN J 83 29.93 -15.92 110.65
CA GLN J 83 31.16 -15.14 110.56
C GLN J 83 31.25 -14.17 111.74
N GLU J 84 32.49 -13.89 112.14
CA GLU J 84 32.70 -12.87 113.16
C GLU J 84 32.32 -11.50 112.59
N PRO J 85 31.69 -10.63 113.38
CA PRO J 85 31.26 -9.34 112.85
C PRO J 85 32.44 -8.48 112.43
N GLU J 86 32.16 -7.53 111.55
CA GLU J 86 33.20 -6.65 111.05
C GLU J 86 33.44 -5.49 112.02
N HIS J 87 34.64 -4.93 111.95
CA HIS J 87 35.07 -3.88 112.86
C HIS J 87 34.90 -2.52 112.20
N ASP J 88 34.33 -1.57 112.95
CA ASP J 88 34.19 -0.18 112.52
C ASP J 88 33.34 -0.08 111.24
N VAL J 89 32.15 -0.68 111.29
CA VAL J 89 31.18 -0.62 110.20
C VAL J 89 29.84 -0.18 110.77
N VAL J 90 28.95 0.22 109.87
CA VAL J 90 27.59 0.63 110.23
C VAL J 90 26.62 -0.40 109.69
N ILE J 91 25.69 -0.84 110.53
CA ILE J 91 24.72 -1.87 110.18
C ILE J 91 23.49 -1.20 109.58
N VAL J 92 23.12 -1.61 108.38
CA VAL J 92 21.91 -1.12 107.72
C VAL J 92 20.89 -2.26 107.73
N GLY J 93 19.62 -1.90 107.98
CA GLY J 93 18.58 -2.90 108.04
C GLY J 93 18.42 -3.64 106.72
N GLU J 94 17.99 -4.90 106.82
CA GLU J 94 17.85 -5.73 105.63
C GLU J 94 16.71 -5.22 104.74
N ASP J 95 15.55 -4.96 105.32
CA ASP J 95 14.36 -4.58 104.56
C ASP J 95 14.22 -3.07 104.40
N GLU J 96 15.30 -2.37 104.11
CA GLU J 96 15.26 -0.94 103.82
C GLU J 96 15.25 -0.71 102.32
N SER J 97 14.60 0.37 101.91
CA SER J 97 14.53 0.70 100.49
C SER J 97 15.87 1.21 100.00
N PRO J 98 16.16 1.05 98.70
CA PRO J 98 17.42 1.60 98.17
C PRO J 98 17.59 3.09 98.39
N ILE J 99 16.50 3.85 98.41
CA ILE J 99 16.59 5.28 98.72
C ILE J 99 17.10 5.48 100.14
N ASP J 100 16.64 4.63 101.07
CA ASP J 100 17.07 4.76 102.47
C ASP J 100 18.53 4.36 102.63
N ARG J 101 18.97 3.32 101.91
CA ARG J 101 20.36 2.89 102.03
C ARG J 101 21.32 3.93 101.47
N LEU J 102 20.93 4.62 100.40
CA LEU J 102 21.79 5.64 99.83
C LEU J 102 22.04 6.77 100.81
N GLU J 103 21.02 7.14 101.60
CA GLU J 103 21.21 8.19 102.58
C GLU J 103 22.22 7.79 103.64
N THR J 104 22.13 6.55 104.13
CA THR J 104 23.09 6.06 105.12
C THR J 104 24.48 5.90 104.50
N ALA J 105 24.56 5.55 103.21
CA ALA J 105 25.85 5.40 102.56
C ALA J 105 26.55 6.73 102.37
N LEU J 106 25.79 7.82 102.25
CA LEU J 106 26.41 9.14 102.10
C LEU J 106 27.07 9.59 103.39
N LYS J 107 26.55 9.17 104.55
CA LYS J 107 27.15 9.54 105.82
C LYS J 107 28.49 8.86 106.05
N CYS J 108 28.76 7.77 105.33
CA CYS J 108 30.04 7.09 105.49
C CYS J 108 31.15 7.77 104.71
N LEU J 109 30.84 8.34 103.54
CA LEU J 109 31.86 8.99 102.73
C LEU J 109 32.39 10.23 103.43
N PRO J 110 33.65 10.57 103.20
CA PRO J 110 34.16 11.86 103.69
C PRO J 110 33.37 13.00 103.07
N GLN J 111 33.31 14.13 103.78
CA GLN J 111 32.49 15.24 103.33
C GLN J 111 32.95 15.72 101.96
N TYR J 112 31.99 16.05 101.11
CA TYR J 112 32.29 16.38 99.72
C TYR J 112 33.05 17.71 99.63
N ASP J 113 34.02 17.75 98.73
CA ASP J 113 34.84 18.94 98.52
C ASP J 113 34.43 19.61 97.21
N PRO J 114 33.76 20.76 97.23
CA PRO J 114 33.34 21.40 95.97
C PRO J 114 34.49 21.91 95.11
N SER J 115 35.72 21.88 95.61
CA SER J 115 36.87 22.37 94.85
C SER J 115 37.22 21.49 93.66
N ARG J 116 36.64 20.29 93.56
CA ARG J 116 36.92 19.42 92.42
C ARG J 116 36.10 19.82 91.20
N SER J 117 34.80 20.00 91.38
CA SER J 117 33.93 20.41 90.29
C SER J 117 34.19 21.86 89.89
N LEU J 118 33.89 22.79 90.78
CA LEU J 118 34.16 24.20 90.55
C LEU J 118 35.54 24.56 91.09
N HIS J 119 36.10 25.64 90.53
CA HIS J 119 37.42 26.14 90.90
C HIS J 119 38.50 25.08 90.72
N ALA J 120 38.42 24.34 89.60
CA ALA J 120 39.45 23.38 89.28
C ALA J 120 40.70 24.12 88.81
N ASP J 121 41.83 23.84 89.45
CA ASP J 121 43.06 24.52 89.11
C ASP J 121 43.48 24.18 87.68
N PRO J 122 43.90 25.16 86.89
CA PRO J 122 44.30 24.86 85.50
C PRO J 122 45.41 23.84 85.39
N VAL J 123 46.35 23.82 86.33
CA VAL J 123 47.43 22.84 86.31
C VAL J 123 47.20 21.80 87.40
N SER J 124 46.32 20.85 87.14
CA SER J 124 46.01 19.79 88.09
C SER J 124 46.02 18.44 87.37
N SER J 125 46.14 17.37 88.17
CA SER J 125 46.14 16.03 87.62
C SER J 125 44.75 15.65 87.12
N PHE J 126 44.69 14.53 86.42
CA PHE J 126 43.43 14.03 85.87
C PHE J 126 42.71 13.16 86.89
N ARG J 127 41.39 13.33 86.97
CA ARG J 127 40.55 12.51 87.83
C ARG J 127 39.22 12.26 87.13
N TYR J 128 38.63 11.10 87.43
CA TYR J 128 37.31 10.82 86.91
C TYR J 128 36.25 11.63 87.65
N TRP J 129 35.09 11.75 87.04
CA TRP J 129 33.97 12.45 87.67
C TRP J 129 33.25 11.49 88.61
N LYS J 130 33.24 11.82 89.90
CA LYS J 130 32.53 11.00 90.89
C LYS J 130 31.03 11.26 90.80
N ILE J 131 30.26 10.34 91.40
CA ILE J 131 28.81 10.50 91.44
C ILE J 131 28.43 11.75 92.20
N ARG J 132 29.19 12.09 93.25
CA ARG J 132 28.90 13.29 94.02
C ARG J 132 29.24 14.58 93.27
N ASP J 133 30.02 14.49 92.19
CA ASP J 133 30.21 15.66 91.33
C ASP J 133 28.97 15.93 90.49
N TYR J 134 28.37 14.87 89.94
CA TYR J 134 27.14 15.01 89.17
C TYR J 134 26.02 15.57 90.05
N ALA J 135 25.81 14.97 91.22
CA ALA J 135 24.71 15.39 92.09
C ALA J 135 24.91 16.82 92.58
N TYR J 136 26.16 17.27 92.70
CA TYR J 136 26.40 18.65 93.10
C TYR J 136 26.14 19.61 91.95
N ALA J 137 26.51 19.22 90.73
CA ALA J 137 26.26 20.09 89.58
C ALA J 137 24.78 20.20 89.28
N TYR J 138 24.00 19.17 89.58
CA TYR J 138 22.56 19.23 89.36
C TYR J 138 21.90 20.20 90.34
N ARG J 139 22.24 20.08 91.63
CA ARG J 139 21.57 20.86 92.65
C ARG J 139 22.04 22.32 92.67
N SER J 140 23.32 22.56 92.39
CA SER J 140 23.82 23.91 92.24
C SER J 140 23.45 24.54 90.90
N LYS J 141 22.69 23.81 90.07
CA LYS J 141 22.21 24.30 88.79
C LYS J 141 23.35 24.72 87.87
N LEU J 142 24.44 23.95 87.90
CA LEU J 142 25.52 24.14 86.95
C LEU J 142 25.23 23.41 85.64
N THR J 143 24.64 22.22 85.73
CA THR J 143 24.19 21.48 84.57
C THR J 143 22.91 20.75 84.94
N THR J 144 22.30 20.12 83.94
CA THR J 144 21.07 19.38 84.16
C THR J 144 21.19 18.01 83.51
N PRO J 145 20.52 16.99 84.07
CA PRO J 145 20.57 15.65 83.46
C PRO J 145 20.18 15.63 81.99
N LEU J 146 19.32 16.57 81.56
CA LEU J 146 18.99 16.66 80.14
C LEU J 146 20.21 17.08 79.33
N GLN J 147 20.98 18.05 79.84
CA GLN J 147 22.19 18.46 79.15
C GLN J 147 23.22 17.34 79.09
N VAL J 148 23.27 16.51 80.15
CA VAL J 148 24.23 15.40 80.17
C VAL J 148 23.81 14.31 79.19
N ALA J 149 22.50 14.07 79.07
CA ALA J 149 22.02 13.06 78.15
C ALA J 149 22.30 13.45 76.70
N LYS J 150 21.99 14.70 76.33
CA LYS J 150 22.29 15.18 74.99
C LYS J 150 23.79 15.19 74.70
N ARG J 151 24.62 15.22 75.74
CA ARG J 151 26.06 15.14 75.55
C ARG J 151 26.52 13.70 75.34
N ILE J 152 25.85 12.73 75.97
CA ILE J 152 26.21 11.33 75.77
C ILE J 152 25.68 10.82 74.43
N ILE J 153 24.43 11.18 74.08
CA ILE J 153 23.87 10.75 72.82
C ILE J 153 24.64 11.34 71.65
N SER J 154 25.19 12.54 71.82
CA SER J 154 26.03 13.13 70.77
C SER J 154 27.26 12.28 70.51
N ILE J 155 27.95 11.86 71.56
CA ILE J 155 29.20 11.13 71.39
C ILE J 155 28.93 9.73 70.85
N ILE J 156 27.82 9.11 71.27
CA ILE J 156 27.50 7.76 70.80
C ILE J 156 27.19 7.77 69.31
N GLU J 157 26.36 8.71 68.87
CA GLU J 157 25.98 8.77 67.46
C GLU J 157 27.16 9.19 66.58
N GLU J 158 28.09 9.98 67.12
CA GLU J 158 29.22 10.45 66.31
C GLU J 158 30.23 9.34 66.09
N PHE J 159 30.71 8.72 67.17
CA PHE J 159 31.74 7.70 67.08
C PHE J 159 31.18 6.32 66.77
N GLY J 160 29.86 6.17 66.72
CA GLY J 160 29.26 4.88 66.42
C GLY J 160 29.47 3.86 67.51
N TYR J 161 29.20 4.25 68.76
CA TYR J 161 29.31 3.33 69.88
C TYR J 161 28.07 2.49 70.08
N ASP J 162 27.00 2.73 69.32
CA ASP J 162 25.83 1.88 69.32
C ASP J 162 25.67 1.12 68.01
N LYS J 163 26.71 1.08 67.18
CA LYS J 163 26.72 0.41 65.90
C LYS J 163 28.05 -0.31 65.76
N PRO J 164 28.10 -1.35 64.93
CA PRO J 164 29.38 -2.03 64.66
C PRO J 164 30.37 -1.07 64.04
N PRO J 165 31.67 -1.41 64.01
CA PRO J 165 32.29 -2.66 64.46
C PRO J 165 32.96 -2.62 65.85
N THR J 166 32.89 -1.50 66.56
CA THR J 166 33.50 -1.38 67.89
C THR J 166 32.54 -0.63 68.81
N PRO J 167 31.41 -1.23 69.16
CA PRO J 167 30.39 -0.52 69.94
C PRO J 167 30.60 -0.67 71.45
N PHE J 168 30.01 0.28 72.18
CA PHE J 168 29.84 0.15 73.62
C PHE J 168 28.51 -0.49 73.98
N LEU J 169 27.45 -0.12 73.25
CA LEU J 169 26.11 -0.61 73.51
C LEU J 169 25.61 -1.38 72.30
N ILE J 170 24.71 -2.33 72.54
CA ILE J 170 24.07 -3.09 71.48
C ILE J 170 22.56 -2.88 71.42
N ARG J 171 21.98 -2.17 72.38
CA ARG J 171 20.57 -1.78 72.34
C ARG J 171 20.49 -0.39 72.98
N PHE J 172 20.47 0.65 72.14
CA PHE J 172 20.47 2.03 72.60
C PHE J 172 19.28 2.75 71.99
N ASP J 173 18.34 3.18 72.84
CA ASP J 173 17.17 3.96 72.43
C ASP J 173 17.39 5.39 72.89
N ALA J 174 17.86 6.25 71.98
CA ALA J 174 18.22 7.61 72.35
C ALA J 174 17.02 8.40 72.85
N ASN J 175 15.81 8.05 72.41
CA ASN J 175 14.62 8.73 72.89
C ASN J 175 14.22 8.29 74.29
N GLU J 176 14.47 7.01 74.62
CA GLU J 176 14.21 6.55 75.98
C GLU J 176 15.19 7.19 76.97
N VAL J 177 16.42 7.46 76.54
CA VAL J 177 17.38 8.12 77.42
C VAL J 177 16.99 9.57 77.66
N ILE J 178 16.47 10.24 76.63
CA ILE J 178 16.04 11.62 76.81
C ILE J 178 14.78 11.67 77.67
N LYS J 179 13.85 10.73 77.46
CA LYS J 179 12.61 10.72 78.23
C LYS J 179 12.89 10.55 79.72
N GLN J 180 13.95 9.82 80.08
CA GLN J 180 14.31 9.68 81.48
C GLN J 180 14.97 10.94 82.02
N ALA J 181 15.89 11.53 81.26
CA ALA J 181 16.56 12.75 81.69
C ALA J 181 15.62 13.95 81.75
N GLU J 182 14.50 13.90 81.01
CA GLU J 182 13.52 14.97 81.12
C GLU J 182 12.75 14.88 82.43
N ALA J 183 12.38 13.65 82.84
CA ALA J 183 11.68 13.48 84.10
C ALA J 183 12.59 13.80 85.29
N SER J 184 13.87 13.46 85.17
CA SER J 184 14.82 13.80 86.22
C SER J 184 15.08 15.30 86.30
N THR J 185 15.03 15.98 85.15
CA THR J 185 15.27 17.42 85.13
C THR J 185 14.14 18.19 85.80
N ARG J 186 12.90 17.80 85.55
CA ARG J 186 11.78 18.45 86.22
C ARG J 186 11.84 18.24 87.73
N ARG J 187 12.36 17.09 88.18
CA ARG J 187 12.49 16.87 89.62
C ARG J 187 13.50 17.82 90.24
N PHE J 188 14.56 18.18 89.51
CA PHE J 188 15.49 19.18 90.01
C PHE J 188 14.95 20.60 89.84
N GLU J 189 14.15 20.84 88.80
CA GLU J 189 13.55 22.16 88.63
C GLU J 189 12.57 22.49 89.75
N GLN J 190 11.87 21.48 90.27
CA GLN J 190 10.96 21.68 91.39
C GLN J 190 11.65 21.53 92.75
N GLY J 191 12.91 21.13 92.77
CA GLY J 191 13.66 21.08 94.01
C GLY J 191 13.41 19.88 94.89
N ASN J 192 13.14 18.72 94.30
CA ASN J 192 12.97 17.48 95.07
C ASN J 192 13.51 16.31 94.27
N PRO J 193 14.84 16.13 94.26
CA PRO J 193 15.42 14.93 93.66
C PRO J 193 15.13 13.71 94.53
N ILE J 194 15.20 12.54 93.89
CA ILE J 194 14.84 11.30 94.56
C ILE J 194 15.93 10.90 95.56
N SER J 195 17.18 10.86 95.10
CA SER J 195 18.29 10.43 95.94
C SER J 195 19.58 11.00 95.34
N VAL J 196 20.71 10.37 95.67
CA VAL J 196 22.00 10.80 95.12
C VAL J 196 22.28 10.18 93.76
N LEU J 197 21.46 9.23 93.32
CA LEU J 197 21.59 8.64 91.99
C LEU J 197 20.60 9.24 91.00
N ASP J 198 19.85 10.27 91.40
CA ASP J 198 18.88 10.91 90.53
C ASP J 198 19.62 11.72 89.47
N GLY J 199 19.53 11.28 88.22
CA GLY J 199 20.26 11.89 87.13
C GLY J 199 21.60 11.24 86.83
N ILE J 200 21.93 10.12 87.47
CA ILE J 200 23.18 9.41 87.23
C ILE J 200 22.93 8.33 86.19
N PHE J 201 23.83 8.23 85.23
CA PHE J 201 23.68 7.30 84.11
C PHE J 201 24.35 5.98 84.42
N VAL J 202 23.61 4.89 84.24
CA VAL J 202 24.09 3.54 84.50
C VAL J 202 23.86 2.71 83.25
N THR J 203 24.85 1.91 82.88
CA THR J 203 24.75 0.98 81.77
C THR J 203 24.51 -0.43 82.30
N ILE J 204 23.61 -1.16 81.64
CA ILE J 204 23.22 -2.50 82.07
C ILE J 204 23.81 -3.50 81.09
N LYS J 205 24.41 -4.56 81.62
CA LYS J 205 24.93 -5.63 80.78
C LYS J 205 23.78 -6.34 80.07
N ASP J 206 24.07 -6.88 78.88
CA ASP J 206 23.01 -7.39 78.02
C ASP J 206 22.37 -8.68 78.54
N ASP J 207 22.99 -9.35 79.52
CA ASP J 207 22.38 -10.52 80.13
C ASP J 207 21.49 -10.16 81.31
N ILE J 208 21.26 -8.88 81.57
CA ILE J 208 20.39 -8.41 82.64
C ILE J 208 19.20 -7.70 82.01
N ASP J 209 18.00 -7.98 82.52
CA ASP J 209 16.80 -7.37 81.97
C ASP J 209 16.70 -5.91 82.34
N CYS J 210 16.32 -5.09 81.36
CA CYS J 210 16.18 -3.65 81.58
C CYS J 210 15.22 -3.11 80.53
N LEU J 211 14.02 -2.71 80.97
CA LEU J 211 13.02 -2.20 80.05
C LEU J 211 13.45 -0.85 79.49
N PRO J 212 13.05 -0.54 78.23
CA PRO J 212 12.25 -1.38 77.35
C PRO J 212 13.09 -2.20 76.38
N HIS J 213 14.37 -2.36 76.69
CA HIS J 213 15.26 -3.08 75.80
C HIS J 213 15.06 -4.58 75.94
N PRO J 214 15.36 -5.35 74.89
CA PRO J 214 15.35 -6.81 75.00
C PRO J 214 16.67 -7.35 75.55
N THR J 215 16.58 -8.54 76.13
CA THR J 215 17.74 -9.23 76.69
C THR J 215 18.22 -10.27 75.68
N ASN J 216 19.41 -10.03 75.11
CA ASN J 216 19.98 -10.94 74.12
C ASN J 216 21.25 -11.63 74.58
N GLY J 217 21.93 -11.10 75.60
CA GLY J 217 23.14 -11.75 76.10
C GLY J 217 24.25 -11.85 75.08
N GLY J 218 24.37 -10.86 74.21
CA GLY J 218 25.38 -10.87 73.16
C GLY J 218 25.00 -11.63 71.92
N THR J 219 23.91 -12.40 71.94
CA THR J 219 23.45 -13.15 70.79
C THR J 219 22.58 -12.26 69.91
N THR J 220 22.10 -12.84 68.80
CA THR J 220 21.23 -12.13 67.86
C THR J 220 19.82 -12.71 67.82
N TRP J 221 19.54 -13.74 68.61
CA TRP J 221 18.27 -14.45 68.51
C TRP J 221 17.60 -14.73 69.85
N LEU J 222 18.23 -14.39 70.98
CA LEU J 222 17.66 -14.78 72.27
C LEU J 222 16.35 -14.07 72.54
N HIS J 223 16.18 -12.84 72.05
CA HIS J 223 14.92 -12.12 72.24
C HIS J 223 13.77 -12.82 71.53
N GLU J 224 14.05 -13.66 70.54
CA GLU J 224 12.99 -14.39 69.87
C GLU J 224 12.34 -15.42 70.78
N ASP J 225 13.12 -15.97 71.72
CA ASP J 225 12.64 -17.04 72.60
C ASP J 225 12.35 -16.60 74.03
N ARG J 226 13.09 -15.61 74.54
CA ARG J 226 12.95 -15.15 75.92
C ARG J 226 12.66 -13.66 75.90
N SER J 227 11.38 -13.30 76.02
CA SER J 227 10.98 -11.90 76.02
C SER J 227 11.28 -11.26 77.38
N VAL J 228 10.94 -9.97 77.49
CA VAL J 228 11.16 -9.23 78.73
C VAL J 228 9.97 -8.30 78.93
N GLU J 229 9.28 -8.44 80.07
CA GLU J 229 8.17 -7.57 80.41
C GLU J 229 8.35 -6.90 81.76
N LYS J 230 9.42 -7.19 82.48
CA LYS J 230 9.69 -6.57 83.76
C LYS J 230 11.18 -6.26 83.85
N ASP J 231 11.50 -5.20 84.58
CA ASP J 231 12.89 -4.89 84.86
C ASP J 231 13.47 -5.94 85.82
N SER J 232 14.79 -6.14 85.73
CA SER J 232 15.46 -7.03 86.64
C SER J 232 15.44 -6.46 88.06
N ALA J 233 15.89 -7.27 89.02
CA ALA J 233 15.89 -6.82 90.40
C ALA J 233 16.85 -5.65 90.60
N VAL J 234 17.98 -5.66 89.89
CA VAL J 234 18.97 -4.60 90.05
C VAL J 234 18.51 -3.32 89.36
N VAL J 235 17.87 -3.45 88.20
CA VAL J 235 17.41 -2.27 87.48
C VAL J 235 16.24 -1.62 88.20
N SER J 236 15.31 -2.45 88.70
CA SER J 236 14.17 -1.92 89.44
C SER J 236 14.60 -1.15 90.69
N LYS J 237 15.71 -1.57 91.32
CA LYS J 237 16.23 -0.83 92.47
C LYS J 237 16.90 0.46 92.04
N LEU J 238 17.71 0.41 90.97
CA LEU J 238 18.37 1.61 90.48
C LEU J 238 17.37 2.62 89.96
N ARG J 239 16.36 2.16 89.22
CA ARG J 239 15.37 3.07 88.64
C ARG J 239 14.57 3.78 89.73
N SER J 240 14.39 3.14 90.89
CA SER J 240 13.65 3.76 91.98
C SER J 240 14.42 4.91 92.63
N CYS J 241 15.74 4.94 92.46
CA CYS J 241 16.57 6.02 92.98
C CYS J 241 16.70 7.19 92.02
N GLY J 242 16.03 7.14 90.87
CA GLY J 242 16.14 8.19 89.88
C GLY J 242 17.27 8.03 88.90
N ALA J 243 17.93 6.87 88.86
CA ALA J 243 19.01 6.66 87.90
C ALA J 243 18.45 6.59 86.49
N ILE J 244 19.35 6.79 85.53
CA ILE J 244 19.00 6.80 84.11
C ILE J 244 19.71 5.63 83.44
N LEU J 245 18.93 4.68 82.92
CA LEU J 245 19.48 3.49 82.29
C LEU J 245 19.86 3.82 80.86
N LEU J 246 21.16 3.79 80.56
CA LEU J 246 21.64 4.21 79.25
C LEU J 246 21.25 3.20 78.17
N GLY J 247 21.67 1.95 78.32
CA GLY J 247 21.33 0.94 77.34
C GLY J 247 21.87 -0.41 77.75
N LYS J 248 21.97 -1.30 76.77
CA LYS J 248 22.52 -2.63 76.97
C LYS J 248 23.93 -2.68 76.39
N ALA J 249 24.91 -2.95 77.26
CA ALA J 249 26.31 -2.92 76.84
C ALA J 249 26.69 -4.19 76.10
N ASN J 250 27.69 -4.06 75.23
CA ASN J 250 28.24 -5.21 74.52
C ASN J 250 28.86 -6.19 75.51
N MET J 251 28.88 -7.46 75.13
CA MET J 251 29.42 -8.49 75.99
C MET J 251 29.84 -9.69 75.15
N HIS J 252 30.73 -10.50 75.71
CA HIS J 252 31.05 -11.78 75.11
C HIS J 252 29.81 -12.67 75.11
N GLU J 253 29.61 -13.40 74.02
CA GLU J 253 28.35 -14.10 73.80
C GLU J 253 28.05 -15.05 74.94
N LEU J 254 26.93 -14.79 75.64
CA LEU J 254 26.45 -15.62 76.74
C LEU J 254 27.51 -15.79 77.83
N GLY J 255 28.38 -14.80 77.97
CA GLY J 255 29.40 -14.82 79.01
C GLY J 255 30.41 -15.95 78.87
N MET J 256 30.53 -16.53 77.68
CA MET J 256 31.43 -17.66 77.46
C MET J 256 32.80 -17.21 76.99
N GLY J 257 33.42 -16.32 77.75
CA GLY J 257 34.76 -15.85 77.41
C GLY J 257 35.24 -14.84 78.42
N THR J 258 36.56 -14.57 78.36
CA THR J 258 37.19 -13.60 79.25
C THR J 258 37.98 -12.56 78.48
N THR J 259 37.69 -12.35 77.20
CA THR J 259 38.36 -11.32 76.42
C THR J 259 37.44 -10.23 75.91
N GLY J 260 36.18 -10.55 75.60
CA GLY J 260 35.26 -9.58 75.05
C GLY J 260 34.97 -9.73 73.58
N ASN J 261 35.52 -10.74 72.93
CA ASN J 261 35.33 -10.95 71.50
C ASN J 261 33.87 -11.26 71.21
N ASN J 262 33.28 -10.47 70.32
CA ASN J 262 31.91 -10.69 69.87
C ASN J 262 31.87 -10.49 68.36
N SER J 263 31.64 -11.58 67.62
CA SER J 263 31.58 -11.53 66.16
C SER J 263 30.17 -11.36 65.64
N ASN J 264 29.30 -10.70 66.39
CA ASN J 264 27.93 -10.41 65.96
C ASN J 264 27.62 -8.92 65.97
N TYR J 265 28.01 -8.21 67.02
CA TYR J 265 27.84 -6.76 67.09
C TYR J 265 29.16 -6.00 67.01
N GLY J 266 30.29 -6.67 67.22
CA GLY J 266 31.57 -6.00 67.22
C GLY J 266 32.30 -6.12 68.54
N THR J 267 33.63 -6.18 68.49
CA THR J 267 34.45 -6.36 69.68
C THR J 267 34.77 -5.00 70.28
N THR J 268 34.23 -4.72 71.46
CA THR J 268 34.54 -3.48 72.15
C THR J 268 36.03 -3.38 72.43
N ARG J 269 36.59 -2.19 72.23
CA ARG J 269 38.02 -1.98 72.36
C ARG J 269 38.36 -1.31 73.70
N ASN J 270 39.59 -1.52 74.13
CA ASN J 270 40.06 -0.96 75.40
C ASN J 270 40.23 0.55 75.27
N PRO J 271 39.64 1.35 76.17
CA PRO J 271 39.83 2.80 76.08
C PRO J 271 41.27 3.25 76.25
N HIS J 272 42.14 2.40 76.81
CA HIS J 272 43.56 2.74 76.93
C HIS J 272 44.34 2.40 75.67
N ASP J 273 43.82 1.51 74.83
CA ASP J 273 44.48 1.12 73.60
C ASP J 273 43.47 0.40 72.71
N PRO J 274 42.95 1.07 71.68
CA PRO J 274 41.88 0.46 70.87
C PRO J 274 42.30 -0.78 70.11
N LYS J 275 43.58 -1.09 70.03
CA LYS J 275 44.02 -2.32 69.39
C LYS J 275 44.00 -3.52 70.33
N ARG J 276 43.70 -3.31 71.62
CA ARG J 276 43.73 -4.35 72.63
C ARG J 276 42.33 -4.62 73.15
N TYR J 277 42.19 -5.77 73.80
CA TYR J 277 40.90 -6.18 74.35
C TYR J 277 40.54 -5.40 75.60
N THR J 278 39.26 -5.43 75.95
CA THR J 278 38.80 -4.90 77.24
C THR J 278 38.82 -5.94 78.34
N GLY J 279 38.69 -7.21 77.99
CA GLY J 279 38.44 -8.25 78.96
C GLY J 279 36.98 -8.66 78.96
N GLY J 280 36.73 -9.92 79.32
CA GLY J 280 35.38 -10.45 79.27
C GLY J 280 34.82 -10.79 80.64
N SER J 281 33.50 -10.97 80.71
CA SER J 281 32.65 -10.83 79.55
C SER J 281 32.00 -9.45 79.49
N SER J 282 31.97 -8.76 80.62
CA SER J 282 31.38 -7.43 80.68
C SER J 282 32.25 -6.42 79.95
N SER J 283 32.46 -6.64 78.65
CA SER J 283 33.37 -5.80 77.89
C SER J 283 32.84 -4.38 77.75
N GLY J 284 31.63 -4.23 77.18
CA GLY J 284 31.07 -2.91 77.01
C GLY J 284 30.80 -2.20 78.32
N SER J 285 30.48 -2.97 79.38
CA SER J 285 30.18 -2.35 80.66
C SER J 285 31.42 -1.67 81.24
N ALA J 286 32.58 -2.29 81.12
CA ALA J 286 33.80 -1.69 81.66
C ALA J 286 34.30 -0.57 80.77
N ALA J 287 34.23 -0.76 79.44
CA ALA J 287 34.77 0.23 78.52
C ALA J 287 33.98 1.53 78.57
N ILE J 288 32.65 1.45 78.60
CA ILE J 288 31.84 2.66 78.63
C ILE J 288 32.00 3.41 79.95
N VAL J 289 32.44 2.74 81.00
CA VAL J 289 32.70 3.38 82.28
C VAL J 289 34.12 3.95 82.33
N ALA J 290 35.10 3.18 81.84
CA ALA J 290 36.47 3.68 81.79
C ALA J 290 36.62 4.83 80.81
N ALA J 291 35.81 4.85 79.76
CA ALA J 291 35.84 5.94 78.78
C ALA J 291 35.22 7.22 79.31
N GLY J 292 34.64 7.21 80.51
CA GLY J 292 34.08 8.40 81.11
C GLY J 292 32.65 8.69 80.76
N LEU J 293 32.07 7.97 79.80
CA LEU J 293 30.76 8.34 79.26
C LEU J 293 29.66 8.28 80.32
N CYS J 294 29.76 7.37 81.27
CA CYS J 294 28.74 7.25 82.31
C CYS J 294 29.40 6.93 83.64
N SER J 295 28.68 7.23 84.72
CA SER J 295 29.26 7.16 86.06
C SER J 295 29.57 5.72 86.46
N ALA J 296 28.67 4.79 86.18
CA ALA J 296 28.85 3.40 86.58
C ALA J 296 28.09 2.49 85.63
N ALA J 297 28.24 1.18 85.83
CA ALA J 297 27.55 0.19 85.03
C ALA J 297 27.43 -1.10 85.82
N LEU J 298 26.51 -1.95 85.40
CA LEU J 298 26.30 -3.24 86.01
C LEU J 298 26.75 -4.36 85.07
N GLY J 299 27.00 -5.52 85.66
CA GLY J 299 27.40 -6.67 84.90
C GLY J 299 27.43 -7.90 85.78
N THR J 300 27.30 -9.06 85.14
CA THR J 300 27.35 -10.33 85.84
C THR J 300 28.78 -10.85 85.88
N ASP J 301 29.11 -11.53 86.98
CA ASP J 301 30.45 -12.08 87.21
C ASP J 301 30.33 -13.58 87.43
N GLY J 302 30.86 -14.37 86.49
CA GLY J 302 30.86 -15.81 86.64
C GLY J 302 32.26 -16.39 86.76
N GLY J 303 33.20 -15.76 86.07
CA GLY J 303 34.61 -16.14 86.18
C GLY J 303 35.49 -14.91 86.17
N GLY J 304 35.07 -13.87 86.86
CA GLY J 304 35.77 -12.61 86.87
C GLY J 304 35.26 -11.59 85.89
N ALA J 305 34.07 -11.79 85.31
CA ALA J 305 33.58 -10.92 84.25
C ALA J 305 33.38 -9.49 84.70
N VAL J 306 33.36 -9.23 86.01
CA VAL J 306 33.35 -7.88 86.54
C VAL J 306 34.75 -7.43 86.92
N ARG J 307 35.55 -8.34 87.49
CA ARG J 307 36.87 -7.97 87.98
C ARG J 307 37.91 -7.95 86.87
N ILE J 308 37.84 -8.89 85.92
CA ILE J 308 38.86 -8.97 84.87
C ILE J 308 38.87 -7.72 84.00
N PRO J 309 37.76 -7.29 83.39
CA PRO J 309 37.84 -6.08 82.56
C PRO J 309 38.05 -4.82 83.37
N SER J 310 37.55 -4.77 84.60
CA SER J 310 37.80 -3.60 85.45
C SER J 310 39.28 -3.43 85.72
N ALA J 311 40.03 -4.53 85.80
CA ALA J 311 41.47 -4.44 86.00
C ALA J 311 42.18 -4.09 84.69
N LEU J 312 41.67 -4.59 83.56
CA LEU J 312 42.31 -4.31 82.28
C LEU J 312 42.03 -2.88 81.82
N CYS J 313 40.82 -2.37 82.07
CA CYS J 313 40.45 -1.02 81.68
C CYS J 313 40.84 0.04 82.72
N GLY J 314 41.12 -0.36 83.95
CA GLY J 314 41.54 0.57 84.96
C GLY J 314 40.40 1.22 85.71
N ILE J 315 39.41 0.42 86.11
CA ILE J 315 38.30 0.89 86.93
C ILE J 315 38.09 -0.11 88.07
N THR J 316 37.10 0.20 88.91
CA THR J 316 36.81 -0.60 90.10
C THR J 316 35.63 -1.51 89.81
N GLY J 317 35.83 -2.82 89.98
CA GLY J 317 34.77 -3.78 89.84
C GLY J 317 34.56 -4.58 91.10
N LEU J 318 33.34 -4.57 91.64
CA LEU J 318 33.01 -5.22 92.91
C LEU J 318 32.24 -6.50 92.66
N LYS J 319 32.84 -7.64 92.98
CA LYS J 319 32.16 -8.92 92.97
C LYS J 319 31.64 -9.18 94.38
N THR J 320 30.33 -9.06 94.56
CA THR J 320 29.75 -9.21 95.89
C THR J 320 29.59 -10.69 96.24
N THR J 321 29.20 -10.94 97.49
CA THR J 321 29.01 -12.31 97.96
C THR J 321 27.89 -12.99 97.18
N TYR J 322 27.98 -14.31 97.09
CA TYR J 322 26.97 -15.09 96.39
C TYR J 322 25.62 -14.92 97.04
N GLY J 323 24.66 -14.35 96.31
CA GLY J 323 23.32 -14.13 96.81
C GLY J 323 23.11 -12.82 97.52
N ARG J 324 24.13 -11.96 97.61
CA ARG J 324 23.97 -10.67 98.26
C ARG J 324 23.08 -9.75 97.43
N THR J 325 23.23 -9.79 96.12
CA THR J 325 22.44 -8.95 95.21
C THR J 325 21.49 -9.85 94.42
N ASP J 326 20.20 -9.57 94.52
CA ASP J 326 19.18 -10.36 93.85
C ASP J 326 19.42 -10.37 92.34
N MET J 327 19.55 -11.56 91.77
CA MET J 327 19.81 -11.73 90.35
C MET J 327 18.55 -11.99 89.54
N THR J 328 17.37 -11.77 90.12
CA THR J 328 16.13 -12.00 89.40
C THR J 328 16.04 -11.09 88.18
N GLY J 329 15.78 -11.69 87.03
CA GLY J 329 15.75 -10.94 85.79
C GLY J 329 17.04 -10.94 85.02
N SER J 330 17.83 -12.01 85.11
CA SER J 330 19.09 -12.11 84.39
C SER J 330 19.18 -13.48 83.74
N LEU J 331 20.14 -13.61 82.83
CA LEU J 331 20.34 -14.86 82.11
C LEU J 331 21.12 -15.89 82.93
N CYS J 332 21.61 -15.52 84.10
CA CYS J 332 22.41 -16.41 84.94
C CYS J 332 21.81 -16.54 86.34
N GLU J 333 20.48 -16.55 86.43
CA GLU J 333 19.82 -16.88 87.67
C GLU J 333 19.75 -18.39 87.83
N GLY J 334 19.73 -18.84 89.08
CA GLY J 334 19.80 -20.25 89.38
C GLY J 334 21.20 -20.84 89.34
N GLY J 335 22.17 -20.12 88.80
CA GLY J 335 23.54 -20.57 88.85
C GLY J 335 24.09 -20.59 90.26
N THR J 336 25.31 -21.11 90.39
CA THR J 336 25.94 -21.27 91.69
C THR J 336 27.26 -20.52 91.80
N VAL J 337 27.65 -19.75 90.78
CA VAL J 337 28.92 -19.03 90.80
C VAL J 337 28.71 -17.57 90.41
N GLU J 338 27.54 -17.25 89.88
CA GLU J 338 27.32 -15.93 89.29
C GLU J 338 26.76 -14.95 90.31
N ILE J 339 27.12 -13.67 90.12
CA ILE J 339 26.56 -12.55 90.86
C ILE J 339 26.35 -11.39 89.90
N ILE J 340 25.82 -10.29 90.42
CA ILE J 340 25.65 -9.05 89.66
C ILE J 340 26.32 -7.95 90.47
N GLY J 341 27.43 -7.44 89.96
CA GLY J 341 28.19 -6.43 90.66
C GLY J 341 28.37 -5.17 89.84
N PRO J 342 28.69 -4.06 90.51
CA PRO J 342 28.85 -2.79 89.81
C PRO J 342 30.28 -2.53 89.37
N LEU J 343 30.42 -1.89 88.22
CA LEU J 343 31.68 -1.38 87.71
C LEU J 343 31.62 0.13 87.71
N ALA J 344 32.62 0.78 88.30
CA ALA J 344 32.60 2.23 88.45
C ALA J 344 33.98 2.80 88.23
N SER J 345 34.01 4.12 87.97
CA SER J 345 35.27 4.81 87.71
C SER J 345 36.08 5.02 88.98
N SER J 346 35.47 4.88 90.15
CA SER J 346 36.15 5.07 91.42
C SER J 346 35.50 4.21 92.47
N LEU J 347 36.21 4.02 93.59
CA LEU J 347 35.66 3.22 94.68
C LEU J 347 34.41 3.87 95.28
N GLU J 348 34.37 5.19 95.31
CA GLU J 348 33.23 5.90 95.88
C GLU J 348 31.95 5.62 95.09
N ASP J 349 32.07 5.51 93.76
CA ASP J 349 30.89 5.27 92.94
C ASP J 349 30.43 3.82 93.02
N ALA J 350 31.37 2.87 93.04
CA ALA J 350 31.00 1.47 93.15
C ALA J 350 30.32 1.18 94.48
N PHE J 351 30.71 1.90 95.53
CA PHE J 351 30.04 1.73 96.82
C PHE J 351 28.63 2.29 96.79
N LEU J 352 28.43 3.43 96.11
CA LEU J 352 27.10 4.02 96.05
C LEU J 352 26.15 3.20 95.18
N VAL J 353 26.67 2.56 94.13
CA VAL J 353 25.82 1.70 93.32
C VAL J 353 25.54 0.39 94.04
N TYR J 354 26.53 -0.13 94.76
CA TYR J 354 26.31 -1.36 95.53
C TYR J 354 25.23 -1.17 96.58
N ALA J 355 25.20 0.00 97.22
CA ALA J 355 24.19 0.27 98.24
C ALA J 355 22.79 0.26 97.64
N ALA J 356 22.65 0.61 96.36
CA ALA J 356 21.33 0.71 95.75
C ALA J 356 20.83 -0.61 95.17
N ILE J 357 21.74 -1.50 94.76
CA ILE J 357 21.34 -2.74 94.12
C ILE J 357 21.31 -3.94 95.06
N LEU J 358 21.92 -3.85 96.23
CA LEU J 358 22.01 -5.00 97.12
C LEU J 358 20.63 -5.37 97.66
N GLY J 359 20.55 -6.56 98.24
CA GLY J 359 19.30 -7.09 98.72
C GLY J 359 19.09 -8.52 98.27
N SER J 360 19.09 -9.45 99.22
CA SER J 360 18.95 -10.86 98.87
C SER J 360 17.51 -11.17 98.46
N SER J 361 17.36 -12.13 97.56
CA SER J 361 16.03 -12.55 97.13
C SER J 361 15.33 -13.30 98.26
N SER J 362 14.04 -13.57 98.05
CA SER J 362 13.26 -14.26 99.07
C SER J 362 13.74 -15.70 99.25
N ALA J 363 14.13 -16.36 98.16
CA ALA J 363 14.59 -17.74 98.25
C ALA J 363 16.01 -17.82 98.79
N ASP J 364 16.88 -16.89 98.40
CA ASP J 364 18.26 -16.91 98.89
C ASP J 364 18.35 -16.46 100.34
N ARG J 365 17.37 -15.69 100.82
CA ARG J 365 17.42 -15.23 102.22
C ARG J 365 17.27 -16.40 103.17
N TYR J 366 16.41 -17.37 102.83
CA TYR J 366 16.20 -18.51 103.72
C TYR J 366 17.26 -19.58 103.55
N ASN J 367 17.84 -19.70 102.35
CA ASN J 367 18.79 -20.76 102.07
C ASN J 367 20.21 -20.38 102.48
N LEU J 368 20.64 -19.17 102.14
CA LEU J 368 22.00 -18.74 102.47
C LEU J 368 22.07 -18.05 103.83
N LYS J 369 20.96 -17.48 104.29
CA LYS J 369 20.88 -16.74 105.56
C LYS J 369 21.99 -15.71 105.64
N PRO J 370 21.95 -14.65 104.84
CA PRO J 370 23.00 -13.64 104.88
C PRO J 370 22.85 -12.73 106.08
N SER J 371 23.99 -12.36 106.67
CA SER J 371 23.99 -11.34 107.70
C SER J 371 23.57 -9.99 107.10
N PRO J 372 22.98 -9.11 107.90
CA PRO J 372 22.54 -7.82 107.37
C PRO J 372 23.70 -7.09 106.70
N PRO J 373 23.42 -6.31 105.66
CA PRO J 373 24.50 -5.61 104.97
C PRO J 373 25.17 -4.58 105.87
N CYS J 374 26.41 -4.24 105.52
CA CYS J 374 27.19 -3.28 106.28
C CYS J 374 27.91 -2.34 105.33
N PHE J 375 28.09 -1.10 105.78
CA PHE J 375 28.84 -0.13 105.02
C PHE J 375 30.10 0.27 105.78
N PRO J 376 31.25 0.36 105.10
CA PRO J 376 32.46 0.79 105.80
C PRO J 376 32.41 2.28 106.11
N LYS J 377 32.95 2.64 107.27
CA LYS J 377 33.07 4.05 107.65
C LYS J 377 34.23 4.66 106.87
N LEU J 378 33.93 5.02 105.62
CA LEU J 378 34.96 5.52 104.72
C LEU J 378 35.60 6.82 105.20
N LEU J 379 34.99 7.51 106.17
CA LEU J 379 35.66 8.64 106.80
C LEU J 379 36.94 8.17 107.48
N SER J 380 38.09 8.62 106.97
CA SER J 380 39.37 8.11 107.45
C SER J 380 39.71 8.70 108.82
N HIS J 381 39.43 9.98 109.02
CA HIS J 381 39.74 10.67 110.27
C HIS J 381 38.49 11.37 110.77
N ASN J 382 38.14 11.15 112.04
CA ASN J 382 38.92 10.30 112.93
C ASN J 382 38.46 8.84 112.85
N GLY J 383 39.32 7.93 113.29
CA GLY J 383 39.00 6.52 113.28
C GLY J 383 39.94 5.70 112.41
N SER J 384 41.20 6.11 112.34
CA SER J 384 42.21 5.41 111.54
C SER J 384 42.88 4.28 112.30
N ASN J 385 42.10 3.48 113.04
CA ASN J 385 42.63 2.39 113.84
C ASN J 385 41.92 1.08 113.55
N ALA J 386 41.44 0.90 112.33
CA ALA J 386 40.72 -0.30 111.93
C ALA J 386 41.34 -1.03 110.76
N ILE J 387 41.83 -0.29 109.75
CA ILE J 387 42.45 -0.93 108.59
C ILE J 387 43.77 -1.58 109.00
N GLY J 388 44.52 -0.95 109.91
CA GLY J 388 45.77 -1.50 110.37
C GLY J 388 45.64 -2.83 111.08
N SER J 389 44.45 -3.14 111.58
CA SER J 389 44.21 -4.41 112.26
C SER J 389 43.87 -5.54 111.29
N LEU J 390 43.93 -5.29 109.98
CA LEU J 390 43.66 -6.35 109.01
C LEU J 390 44.91 -7.21 108.79
N ARG J 391 44.66 -8.43 108.33
CA ARG J 391 45.73 -9.38 108.03
C ARG J 391 45.60 -9.81 106.58
N LEU J 392 46.60 -9.48 105.77
CA LEU J 392 46.57 -9.70 104.33
C LEU J 392 47.30 -11.01 104.01
N GLY J 393 46.56 -12.01 103.56
CA GLY J 393 47.16 -13.27 103.18
C GLY J 393 47.68 -13.24 101.75
N LYS J 394 48.89 -13.75 101.56
CA LYS J 394 49.55 -13.71 100.25
C LYS J 394 50.21 -15.05 99.98
N TYR J 395 49.79 -15.71 98.91
CA TYR J 395 50.43 -16.93 98.42
C TYR J 395 51.50 -16.50 97.43
N THR J 396 52.77 -16.56 97.86
CA THR J 396 53.84 -15.93 97.09
C THR J 396 54.02 -16.59 95.72
N LYS J 397 54.07 -17.92 95.69
CA LYS J 397 54.20 -18.62 94.41
C LYS J 397 53.03 -18.27 93.48
N TRP J 398 51.83 -18.15 94.04
CA TRP J 398 50.67 -17.78 93.24
C TRP J 398 50.71 -16.31 92.86
N PHE J 399 51.16 -15.46 93.78
CA PHE J 399 51.18 -14.03 93.55
C PHE J 399 52.06 -13.66 92.35
N ASN J 400 53.23 -14.29 92.24
CA ASN J 400 54.21 -13.92 91.22
C ASN J 400 54.10 -14.77 89.96
N ASP J 401 53.02 -15.52 89.79
CA ASP J 401 52.82 -16.33 88.58
C ASP J 401 52.10 -15.51 87.51
N VAL J 402 52.73 -14.42 87.12
CA VAL J 402 52.19 -13.51 86.12
C VAL J 402 53.09 -13.50 84.91
N SER J 403 52.50 -13.26 83.73
CA SER J 403 53.26 -13.21 82.49
C SER J 403 54.05 -11.92 82.33
N SER J 404 53.67 -10.87 83.05
CA SER J 404 54.36 -9.59 83.02
C SER J 404 54.88 -9.31 84.43
N SER J 405 56.21 -9.21 84.57
CA SER J 405 56.79 -8.95 85.87
C SER J 405 56.31 -7.63 86.47
N ASP J 406 55.80 -6.70 85.64
CA ASP J 406 55.33 -5.43 86.16
C ASP J 406 54.11 -5.60 87.06
N ILE J 407 53.27 -6.60 86.77
CA ILE J 407 52.03 -6.76 87.53
C ILE J 407 52.34 -7.17 88.97
N SER J 408 53.15 -8.21 89.14
CA SER J 408 53.51 -8.63 90.49
C SER J 408 54.31 -7.56 91.22
N ASP J 409 55.15 -6.83 90.49
CA ASP J 409 55.96 -5.79 91.12
C ASP J 409 55.10 -4.63 91.62
N LYS J 410 54.22 -4.12 90.76
CA LYS J 410 53.41 -2.97 91.13
C LYS J 410 52.44 -3.29 92.26
N CYS J 411 51.93 -4.52 92.30
CA CYS J 411 51.02 -4.90 93.39
C CYS J 411 51.76 -5.08 94.69
N GLU J 412 52.99 -5.60 94.64
CA GLU J 412 53.81 -5.71 95.84
C GLU J 412 54.12 -4.34 96.43
N ASP J 413 54.22 -3.31 95.59
CA ASP J 413 54.42 -1.96 96.10
C ASP J 413 53.20 -1.50 96.92
N ILE J 414 52.01 -1.90 96.50
CA ILE J 414 50.80 -1.52 97.23
C ILE J 414 50.75 -2.22 98.58
N LEU J 415 51.15 -3.50 98.62
CA LEU J 415 51.18 -4.22 99.88
C LEU J 415 52.18 -3.60 100.85
N LYS J 416 53.37 -3.25 100.35
CA LYS J 416 54.35 -2.58 101.20
C LYS J 416 53.84 -1.23 101.67
N LEU J 417 53.16 -0.48 100.79
CA LEU J 417 52.59 0.80 101.19
C LEU J 417 51.49 0.61 102.23
N LEU J 418 50.67 -0.42 102.06
CA LEU J 418 49.63 -0.71 103.05
C LEU J 418 50.25 -1.12 104.38
N SER J 419 51.36 -1.86 104.33
CA SER J 419 52.00 -2.31 105.55
C SER J 419 52.77 -1.19 106.26
N ASN J 420 53.29 -0.24 105.49
CA ASN J 420 54.07 0.85 106.06
C ASN J 420 53.22 2.02 106.51
N ASN J 421 52.20 2.38 105.73
CA ASN J 421 51.37 3.54 106.02
C ASN J 421 50.21 3.24 106.97
N HIS J 422 49.88 1.97 107.19
CA HIS J 422 48.76 1.64 108.05
C HIS J 422 49.15 0.63 109.12
N GLY J 423 50.08 -0.26 108.79
CA GLY J 423 50.51 -1.29 109.71
C GLY J 423 49.93 -2.67 109.45
N CYS J 424 49.35 -2.91 108.28
CA CYS J 424 48.83 -4.23 107.96
C CYS J 424 49.96 -5.24 107.87
N LYS J 425 49.71 -6.45 108.36
CA LYS J 425 50.70 -7.52 108.33
C LYS J 425 50.38 -8.47 107.18
N VAL J 426 51.37 -8.72 106.34
CA VAL J 426 51.23 -9.65 105.23
C VAL J 426 51.60 -11.04 105.74
N VAL J 427 50.62 -11.92 105.81
CA VAL J 427 50.80 -13.27 106.33
C VAL J 427 50.88 -14.23 105.15
N GLU J 428 52.00 -14.95 105.05
CA GLU J 428 52.17 -15.92 103.98
C GLU J 428 51.18 -17.06 104.15
N ILE J 429 50.42 -17.35 103.09
CA ILE J 429 49.44 -18.43 103.11
C ILE J 429 49.72 -19.35 101.93
N VAL J 430 48.97 -20.44 101.87
CA VAL J 430 49.06 -21.41 100.79
C VAL J 430 47.65 -21.87 100.44
N VAL J 431 47.35 -21.92 99.16
CA VAL J 431 46.03 -22.30 98.65
C VAL J 431 46.18 -23.57 97.82
N PRO J 432 45.90 -24.73 98.39
CA PRO J 432 46.11 -25.99 97.68
C PRO J 432 45.03 -26.23 96.62
N GLU J 433 45.33 -27.20 95.76
CA GLU J 433 44.37 -27.73 94.79
C GLU J 433 43.80 -26.63 93.88
N LEU J 434 44.70 -25.79 93.36
CA LEU J 434 44.27 -24.77 92.42
C LEU J 434 43.86 -25.38 91.08
N GLU J 435 44.44 -26.53 90.73
CA GLU J 435 44.06 -27.20 89.48
C GLU J 435 42.66 -27.79 89.58
N GLU J 436 42.32 -28.35 90.75
CA GLU J 436 40.97 -28.88 90.95
C GLU J 436 39.92 -27.79 90.93
N MET J 437 40.30 -26.55 91.29
CA MET J 437 39.34 -25.46 91.31
C MET J 437 38.97 -25.03 89.89
N ARG J 438 39.92 -25.07 88.96
CA ARG J 438 39.60 -24.73 87.58
C ARG J 438 38.62 -25.74 86.99
N ALA J 439 38.92 -27.04 87.16
CA ALA J 439 38.05 -28.07 86.61
C ALA J 439 36.68 -28.04 87.28
N ALA J 440 36.63 -27.75 88.58
CA ALA J 440 35.35 -27.66 89.26
C ALA J 440 34.56 -26.42 88.85
N HIS J 441 35.23 -25.39 88.35
CA HIS J 441 34.54 -24.15 87.99
C HIS J 441 34.01 -24.19 86.55
N VAL J 442 34.78 -24.72 85.61
CA VAL J 442 34.34 -24.72 84.21
C VAL J 442 33.07 -25.55 84.06
N ILE J 443 32.92 -26.61 84.84
CA ILE J 443 31.71 -27.43 84.78
C ILE J 443 30.59 -26.88 85.65
N SER J 444 30.92 -26.08 86.67
CA SER J 444 29.89 -25.46 87.49
C SER J 444 29.28 -24.22 86.85
N ILE J 445 29.97 -23.63 85.87
CA ILE J 445 29.45 -22.44 85.20
C ILE J 445 28.93 -22.75 83.80
N GLY J 446 29.40 -23.83 83.17
CA GLY J 446 28.95 -24.18 81.84
C GLY J 446 27.74 -25.08 81.83
N SER J 447 27.59 -25.90 82.88
CA SER J 447 26.47 -26.84 82.92
C SER J 447 25.13 -26.13 83.07
N PRO J 448 24.95 -25.17 83.99
CA PRO J 448 23.66 -24.47 84.05
C PRO J 448 23.41 -23.58 82.84
N THR J 449 24.47 -23.02 82.24
CA THR J 449 24.29 -22.22 81.03
C THR J 449 23.83 -23.09 79.86
N LEU J 450 24.49 -24.24 79.67
CA LEU J 450 24.09 -25.15 78.60
C LEU J 450 22.68 -25.68 78.82
N SER J 451 22.30 -25.93 80.07
CA SER J 451 20.99 -26.48 80.36
C SER J 451 19.87 -25.52 79.98
N SER J 452 20.06 -24.22 80.25
CA SER J 452 19.01 -23.25 79.97
C SER J 452 18.91 -22.93 78.49
N LEU J 453 19.99 -23.10 77.73
CA LEU J 453 19.99 -22.83 76.30
C LEU J 453 19.75 -24.07 75.45
N THR J 454 19.66 -25.25 76.07
CA THR J 454 19.55 -26.49 75.29
C THR J 454 18.22 -26.59 74.56
N PRO J 455 17.06 -26.35 75.19
CA PRO J 455 15.81 -26.44 74.41
C PRO J 455 15.78 -25.51 73.21
N TYR J 456 16.46 -24.36 73.27
CA TYR J 456 16.54 -23.47 72.13
C TYR J 456 17.53 -23.96 71.09
N CYS J 457 18.63 -24.58 71.52
CA CYS J 457 19.59 -25.13 70.56
C CYS J 457 19.03 -26.38 69.88
N GLU J 458 18.32 -27.22 70.63
CA GLU J 458 17.69 -28.39 70.03
C GLU J 458 16.68 -27.99 68.97
N ALA J 459 16.10 -26.80 69.08
CA ALA J 459 15.19 -26.26 68.07
C ALA J 459 15.91 -25.72 66.85
N GLY J 460 17.19 -26.02 66.69
CA GLY J 460 17.94 -25.64 65.50
C GLY J 460 18.64 -24.30 65.57
N LYS J 461 18.64 -23.63 66.73
CA LYS J 461 19.30 -22.35 66.87
C LYS J 461 20.70 -22.48 67.44
N ASN J 462 21.27 -23.69 67.42
CA ASN J 462 22.65 -23.86 67.87
C ASN J 462 23.63 -23.32 66.86
N SER J 463 23.27 -23.33 65.57
CA SER J 463 24.15 -22.79 64.54
C SER J 463 24.14 -21.27 64.53
N LYS J 464 23.17 -20.64 65.17
CA LYS J 464 23.11 -19.20 65.28
C LYS J 464 24.04 -18.64 66.35
N LEU J 465 24.83 -19.49 67.00
CA LEU J 465 25.79 -19.05 68.01
C LEU J 465 27.17 -18.89 67.39
N SER J 466 28.00 -18.09 68.05
CA SER J 466 29.36 -17.88 67.58
C SER J 466 30.18 -19.16 67.74
N TYR J 467 31.32 -19.20 67.04
CA TYR J 467 32.19 -20.37 67.11
C TYR J 467 32.87 -20.50 68.46
N ASP J 468 33.05 -19.38 69.18
CA ASP J 468 33.61 -19.45 70.53
C ASP J 468 32.63 -20.13 71.49
N THR J 469 31.34 -19.85 71.35
CA THR J 469 30.35 -20.49 72.21
C THR J 469 30.13 -21.94 71.80
N ARG J 470 30.09 -22.22 70.50
CA ARG J 470 29.91 -23.59 70.02
C ARG J 470 31.10 -24.47 70.35
N THR J 471 32.25 -23.88 70.69
CA THR J 471 33.39 -24.68 71.13
C THR J 471 33.30 -25.00 72.61
N SER J 472 32.84 -24.04 73.42
CA SER J 472 32.62 -24.32 74.84
C SER J 472 31.46 -25.27 75.05
N PHE J 473 30.36 -25.08 74.30
CA PHE J 473 29.24 -26.00 74.39
C PHE J 473 29.63 -27.40 73.94
N ALA J 474 30.59 -27.52 73.02
CA ALA J 474 31.05 -28.83 72.61
C ALA J 474 31.76 -29.55 73.74
N ILE J 475 32.44 -28.80 74.62
CA ILE J 475 33.06 -29.42 75.78
C ILE J 475 32.06 -29.57 76.91
N PHE J 476 31.15 -28.61 77.06
CA PHE J 476 30.14 -28.69 78.12
C PHE J 476 29.20 -29.87 77.91
N ARG J 477 28.90 -30.21 76.65
CA ARG J 477 28.05 -31.36 76.38
C ARG J 477 28.73 -32.67 76.73
N SER J 478 30.05 -32.68 76.87
CA SER J 478 30.78 -33.88 77.22
C SER J 478 30.87 -34.11 78.73
N PHE J 479 30.55 -33.10 79.54
CA PHE J 479 30.57 -33.27 80.98
C PHE J 479 29.40 -34.13 81.42
N SER J 480 29.70 -35.29 82.00
CA SER J 480 28.65 -36.20 82.43
C SER J 480 28.02 -35.70 83.73
N ALA J 481 26.89 -36.30 84.08
CA ALA J 481 26.25 -35.94 85.35
C ALA J 481 27.13 -36.35 86.54
N SER J 482 27.81 -37.49 86.43
CA SER J 482 28.72 -37.90 87.49
C SER J 482 29.90 -36.95 87.59
N ASP J 483 30.35 -36.39 86.46
CA ASP J 483 31.40 -35.39 86.51
C ASP J 483 30.98 -34.18 87.32
N TYR J 484 29.71 -33.79 87.22
CA TYR J 484 29.21 -32.65 87.99
C TYR J 484 29.20 -32.96 89.48
N ILE J 485 28.80 -34.17 89.85
CA ILE J 485 28.74 -34.55 91.26
C ILE J 485 30.14 -34.53 91.86
N ALA J 486 31.13 -35.06 91.13
CA ALA J 486 32.49 -35.08 91.64
C ALA J 486 33.03 -33.66 91.81
N ALA J 487 32.69 -32.76 90.88
CA ALA J 487 33.19 -31.39 90.96
C ALA J 487 32.60 -30.64 92.15
N GLN J 488 31.38 -30.98 92.56
CA GLN J 488 30.82 -30.37 93.76
C GLN J 488 31.52 -30.87 95.02
N CYS J 489 31.98 -32.12 95.01
CA CYS J 489 32.78 -32.61 96.14
C CYS J 489 34.09 -31.85 96.25
N LEU J 490 34.66 -31.42 95.12
CA LEU J 490 35.85 -30.59 95.16
C LEU J 490 35.55 -29.18 95.63
N ARG J 491 34.32 -28.71 95.45
CA ARG J 491 33.97 -27.39 95.94
C ARG J 491 33.96 -27.35 97.47
N ARG J 492 33.65 -28.49 98.11
CA ARG J 492 33.67 -28.54 99.57
C ARG J 492 35.10 -28.53 100.10
N ARG J 493 36.00 -29.25 99.43
CA ARG J 493 37.41 -29.25 99.83
C ARG J 493 37.98 -27.83 99.77
N LEU J 494 37.79 -27.16 98.64
CA LEU J 494 38.30 -25.80 98.50
C LEU J 494 37.63 -24.84 99.48
N MET J 495 36.36 -25.09 99.82
CA MET J 495 35.70 -24.28 100.83
C MET J 495 36.35 -24.49 102.19
N GLU J 496 36.78 -25.71 102.48
CA GLU J 496 37.42 -25.97 103.77
C GLU J 496 38.83 -25.40 103.81
N TYR J 497 39.55 -25.41 102.68
CA TYR J 497 40.87 -24.80 102.64
C TYR J 497 40.77 -23.29 102.84
N HIS J 498 39.81 -22.65 102.19
CA HIS J 498 39.70 -21.20 102.26
C HIS J 498 39.13 -20.73 103.59
N LEU J 499 38.15 -21.45 104.14
CA LEU J 499 37.59 -21.05 105.43
C LEU J 499 38.62 -21.19 106.54
N ASN J 500 39.58 -22.10 106.40
CA ASN J 500 40.68 -22.17 107.35
C ASN J 500 41.69 -21.06 107.14
N ILE J 501 41.88 -20.62 105.90
CA ILE J 501 42.74 -19.48 105.63
C ILE J 501 42.15 -18.23 106.30
N PHE J 502 40.84 -18.07 106.22
CA PHE J 502 40.17 -16.91 106.81
C PHE J 502 40.15 -16.94 108.33
N LYS J 503 40.68 -17.98 108.96
CA LYS J 503 40.91 -17.93 110.40
C LYS J 503 42.20 -17.19 110.74
N ASP J 504 43.15 -17.17 109.82
CA ASP J 504 44.44 -16.52 110.02
C ASP J 504 44.50 -15.11 109.42
N VAL J 505 43.84 -14.89 108.29
CA VAL J 505 43.88 -13.61 107.60
C VAL J 505 42.47 -13.11 107.33
N ASP J 506 42.35 -11.81 107.11
CA ASP J 506 41.06 -11.18 106.86
C ASP J 506 40.74 -11.10 105.37
N VAL J 507 41.74 -10.84 104.53
CA VAL J 507 41.57 -10.76 103.09
C VAL J 507 42.68 -11.58 102.43
N ILE J 508 42.52 -11.82 101.13
CA ILE J 508 43.52 -12.50 100.33
C ILE J 508 43.84 -11.58 99.16
N VAL J 509 45.06 -11.06 99.13
CA VAL J 509 45.46 -10.05 98.15
C VAL J 509 46.24 -10.73 97.03
N THR J 510 45.79 -10.54 95.80
CA THR J 510 46.44 -11.04 94.60
C THR J 510 46.19 -10.07 93.47
N PRO J 511 47.05 -10.06 92.46
CA PRO J 511 46.71 -9.36 91.22
C PRO J 511 45.49 -10.01 90.57
N THR J 512 44.64 -9.18 89.97
CA THR J 512 43.39 -9.70 89.41
C THR J 512 43.67 -10.61 88.21
N THR J 513 44.60 -10.21 87.34
CA THR J 513 44.92 -10.97 86.14
C THR J 513 46.42 -11.20 86.03
N GLY J 514 46.78 -12.24 85.30
CA GLY J 514 48.17 -12.57 85.04
C GLY J 514 48.79 -11.85 83.87
N MET J 515 48.03 -11.00 83.18
CA MET J 515 48.55 -10.22 82.07
C MET J 515 47.76 -8.94 81.96
N THR J 516 48.35 -7.93 81.34
CA THR J 516 47.66 -6.69 81.04
C THR J 516 46.76 -6.91 79.82
N ALA J 517 46.14 -5.85 79.33
CA ALA J 517 45.21 -5.95 78.22
C ALA J 517 45.88 -6.60 77.02
N PRO J 518 45.42 -7.77 76.58
CA PRO J 518 46.08 -8.47 75.47
C PRO J 518 45.73 -7.85 74.12
N VAL J 519 46.64 -8.04 73.17
CA VAL J 519 46.47 -7.49 71.83
C VAL J 519 45.45 -8.34 71.07
N ILE J 520 44.52 -7.67 70.39
CA ILE J 520 43.48 -8.35 69.61
C ILE J 520 44.10 -8.89 68.32
N PRO J 521 44.05 -10.19 68.10
CA PRO J 521 44.48 -10.74 66.81
C PRO J 521 43.52 -10.31 65.70
N PRO J 522 44.04 -9.72 64.63
CA PRO J 522 43.15 -9.31 63.54
C PRO J 522 42.39 -10.46 62.91
N ASP J 523 42.97 -11.66 62.88
CA ASP J 523 42.27 -12.83 62.35
C ASP J 523 41.17 -13.33 63.27
N ALA J 524 41.03 -12.74 64.46
CA ALA J 524 40.01 -13.13 65.41
C ALA J 524 38.79 -12.22 65.39
N LEU J 525 38.80 -11.19 64.54
CA LEU J 525 37.68 -10.26 64.50
C LEU J 525 36.52 -10.76 63.64
N LYS J 526 36.80 -11.62 62.66
CA LYS J 526 35.75 -12.08 61.75
C LYS J 526 34.81 -13.04 62.46
N ASN J 527 35.34 -14.13 63.02
CA ASN J 527 34.48 -15.14 63.65
C ASN J 527 35.04 -15.63 64.98
N GLY J 528 35.83 -14.83 65.68
CA GLY J 528 36.34 -15.23 66.98
C GLY J 528 37.67 -15.94 66.92
N GLU J 529 38.05 -16.49 68.07
CA GLU J 529 39.30 -17.23 68.21
C GLU J 529 39.11 -18.30 69.29
N THR J 530 40.21 -18.95 69.67
CA THR J 530 40.16 -19.95 70.73
C THR J 530 41.53 -20.10 71.40
N ASN J 531 42.12 -18.98 71.79
CA ASN J 531 43.43 -19.00 72.47
C ASN J 531 43.21 -19.28 73.95
N ILE J 532 43.57 -20.49 74.39
CA ILE J 532 43.33 -20.89 75.77
C ILE J 532 44.40 -20.34 76.70
N GLN J 533 45.66 -20.30 76.24
CA GLN J 533 46.73 -19.77 77.08
C GLN J 533 46.52 -18.32 77.47
N VAL J 534 45.73 -17.56 76.71
CA VAL J 534 45.43 -16.19 77.07
C VAL J 534 44.31 -16.13 78.11
N THR J 535 43.24 -16.90 77.90
CA THR J 535 42.19 -17.00 78.91
C THR J 535 42.67 -17.72 80.17
N THR J 536 43.79 -18.45 80.08
CA THR J 536 44.37 -19.07 81.26
C THR J 536 44.98 -18.02 82.18
N ASP J 537 45.81 -17.13 81.62
CA ASP J 537 46.42 -16.08 82.42
C ASP J 537 45.40 -15.14 83.04
N LEU J 538 44.18 -15.10 82.51
CA LEU J 538 43.19 -14.13 82.95
C LEU J 538 42.32 -14.64 84.10
N MET J 539 41.96 -15.92 84.09
CA MET J 539 41.15 -16.49 85.16
C MET J 539 41.99 -17.07 86.29
N ARG J 540 43.26 -16.66 86.41
CA ARG J 540 44.17 -17.33 87.32
C ARG J 540 43.85 -17.02 88.78
N PHE J 541 43.32 -15.83 89.08
CA PHE J 541 43.18 -15.38 90.46
C PHE J 541 41.74 -15.12 90.88
N VAL J 542 40.76 -15.21 89.98
CA VAL J 542 39.40 -14.79 90.28
C VAL J 542 38.45 -15.96 90.46
N LEU J 543 38.92 -17.20 90.27
CA LEU J 543 38.03 -18.35 90.31
C LEU J 543 37.57 -18.69 91.72
N ALA J 544 38.36 -18.34 92.73
CA ALA J 544 38.02 -18.74 94.11
C ALA J 544 36.73 -18.07 94.56
N ALA J 545 36.60 -16.76 94.32
CA ALA J 545 35.43 -16.03 94.78
C ALA J 545 34.15 -16.46 94.05
N ASN J 546 34.27 -17.04 92.85
CA ASN J 546 33.10 -17.48 92.11
C ASN J 546 32.62 -18.85 92.58
N LEU J 547 33.52 -19.83 92.60
CA LEU J 547 33.13 -21.18 92.99
C LEU J 547 32.76 -21.25 94.46
N LEU J 548 33.42 -20.48 95.32
CA LEU J 548 33.17 -20.51 96.75
C LEU J 548 32.21 -19.43 97.23
N GLY J 549 32.12 -18.30 96.53
CA GLY J 549 31.13 -17.30 96.83
C GLY J 549 31.61 -16.11 97.61
N PHE J 550 32.91 -16.01 97.89
CA PHE J 550 33.42 -14.90 98.66
C PHE J 550 33.33 -13.61 97.85
N PRO J 551 33.19 -12.46 98.51
CA PRO J 551 33.25 -11.19 97.79
C PRO J 551 34.68 -10.78 97.49
N ALA J 552 34.85 -10.08 96.37
CA ALA J 552 36.16 -9.65 95.95
C ALA J 552 36.02 -8.41 95.07
N ILE J 553 36.97 -7.50 95.22
CA ILE J 553 36.99 -6.27 94.44
C ILE J 553 38.29 -6.22 93.64
N SER J 554 38.27 -5.46 92.56
CA SER J 554 39.44 -5.25 91.71
C SER J 554 39.68 -3.75 91.62
N VAL J 555 40.73 -3.27 92.30
CA VAL J 555 41.02 -1.85 92.38
C VAL J 555 42.26 -1.55 91.53
N PRO J 556 42.25 -0.47 90.75
CA PRO J 556 43.44 -0.15 89.95
C PRO J 556 44.59 0.32 90.85
N VAL J 557 45.78 -0.20 90.58
CA VAL J 557 46.94 0.08 91.44
C VAL J 557 48.11 0.61 90.61
N GLY J 558 47.83 1.11 89.41
CA GLY J 558 48.88 1.70 88.61
C GLY J 558 48.91 1.11 87.22
N TYR J 559 50.02 1.31 86.53
CA TYR J 559 50.16 0.93 85.13
C TYR J 559 51.51 0.27 84.92
N ASP J 560 51.61 -0.50 83.84
CA ASP J 560 52.83 -1.23 83.53
C ASP J 560 53.72 -0.40 82.62
N LYS J 561 54.73 -1.04 82.01
CA LYS J 561 55.68 -0.34 81.18
C LYS J 561 55.09 0.17 79.86
N GLU J 562 53.91 -0.30 79.48
CA GLU J 562 53.24 0.16 78.27
C GLU J 562 52.06 1.08 78.57
N GLY J 563 51.92 1.51 79.82
CA GLY J 563 50.80 2.37 80.20
C GLY J 563 49.48 1.66 80.34
N LEU J 564 49.46 0.32 80.30
CA LEU J 564 48.23 -0.44 80.47
C LEU J 564 47.91 -0.60 81.96
N PRO J 565 46.65 -0.53 82.34
CA PRO J 565 46.30 -0.58 83.77
C PRO J 565 46.54 -1.94 84.39
N ILE J 566 46.88 -1.92 85.68
CA ILE J 566 47.11 -3.11 86.48
C ILE J 566 46.13 -3.10 87.64
N GLY J 567 45.54 -4.26 87.93
CA GLY J 567 44.53 -4.37 88.97
C GLY J 567 44.99 -5.26 90.10
N LEU J 568 44.47 -4.99 91.29
CA LEU J 568 44.72 -5.78 92.50
C LEU J 568 43.39 -6.30 93.04
N GLN J 569 43.38 -7.54 93.48
CA GLN J 569 42.17 -8.19 93.97
C GLN J 569 42.24 -8.35 95.49
N ILE J 570 41.14 -8.01 96.15
CA ILE J 570 41.01 -8.14 97.60
C ILE J 570 39.77 -8.97 97.86
N MET J 571 39.97 -10.26 98.17
CA MET J 571 38.88 -11.17 98.44
C MET J 571 38.72 -11.32 99.95
N GLY J 572 37.49 -11.18 100.44
CA GLY J 572 37.22 -11.17 101.85
C GLY J 572 36.31 -12.31 102.30
N ARG J 573 35.96 -12.26 103.59
CA ARG J 573 35.13 -13.28 104.20
C ARG J 573 33.71 -13.23 103.62
N PRO J 574 32.94 -14.30 103.78
CA PRO J 574 31.54 -14.27 103.33
C PRO J 574 30.78 -13.11 103.95
N TRP J 575 30.00 -12.42 103.11
CA TRP J 575 29.19 -11.27 103.50
C TRP J 575 30.04 -10.10 104.01
N ALA J 576 31.35 -10.13 103.77
CA ALA J 576 32.24 -9.07 104.25
C ALA J 576 32.59 -8.11 103.12
N GLU J 577 31.54 -7.50 102.55
CA GLU J 577 31.77 -6.49 101.53
C GLU J 577 32.28 -5.19 102.14
N ALA J 578 31.91 -4.91 103.39
CA ALA J 578 32.36 -3.68 104.04
C ALA J 578 33.85 -3.71 104.34
N THR J 579 34.39 -4.88 104.63
CA THR J 579 35.83 -5.00 104.82
C THR J 579 36.58 -4.83 103.51
N VAL J 580 36.05 -5.42 102.44
CA VAL J 580 36.71 -5.37 101.14
C VAL J 580 36.68 -3.95 100.58
N LEU J 581 35.53 -3.28 100.67
CA LEU J 581 35.42 -1.93 100.15
C LEU J 581 36.29 -0.96 100.94
N GLY J 582 36.40 -1.18 102.26
CA GLY J 582 37.19 -0.28 103.08
C GLY J 582 38.68 -0.34 102.77
N LEU J 583 39.21 -1.56 102.60
CA LEU J 583 40.61 -1.70 102.24
C LEU J 583 40.88 -1.17 100.83
N ALA J 584 39.97 -1.43 99.90
CA ALA J 584 40.13 -0.93 98.53
C ALA J 584 40.18 0.59 98.50
N ALA J 585 39.45 1.24 99.41
CA ALA J 585 39.52 2.69 99.50
C ALA J 585 40.91 3.15 99.94
N ALA J 586 41.49 2.48 100.93
CA ALA J 586 42.84 2.81 101.36
C ALA J 586 43.86 2.52 100.27
N VAL J 587 43.56 1.56 99.39
CA VAL J 587 44.48 1.24 98.30
C VAL J 587 44.47 2.36 97.25
N GLU J 588 43.28 2.82 96.85
CA GLU J 588 43.21 3.87 95.86
C GLU J 588 43.60 5.23 96.44
N GLU J 589 43.59 5.38 97.77
CA GLU J 589 44.17 6.57 98.38
C GLU J 589 45.68 6.57 98.29
N LEU J 590 46.30 5.41 98.04
CA LEU J 590 47.72 5.29 97.83
C LEU J 590 48.11 5.25 96.36
N ALA J 591 47.20 4.82 95.49
CA ALA J 591 47.46 4.75 94.05
C ALA J 591 46.23 5.27 93.30
N PRO J 592 46.05 6.59 93.27
CA PRO J 592 44.89 7.15 92.56
C PRO J 592 45.03 7.01 91.06
N VAL J 593 43.89 6.89 90.39
CA VAL J 593 43.86 6.82 88.93
C VAL J 593 44.28 8.18 88.38
N THR J 594 45.44 8.24 87.74
CA THR J 594 46.00 9.50 87.27
C THR J 594 46.19 9.58 85.77
N LYS J 595 46.38 8.46 85.08
CA LYS J 595 46.62 8.46 83.64
C LYS J 595 45.30 8.52 82.90
N LYS J 596 45.13 9.50 82.03
CA LYS J 596 43.92 9.64 81.24
C LYS J 596 43.93 8.63 80.09
N PRO J 597 42.86 7.87 79.90
CA PRO J 597 42.84 6.90 78.80
C PRO J 597 42.84 7.58 77.44
N ALA J 598 43.20 6.81 76.42
CA ALA J 598 43.24 7.34 75.06
C ALA J 598 41.84 7.64 74.54
N ILE J 599 40.82 6.97 75.05
CA ILE J 599 39.43 7.19 74.67
C ILE J 599 38.70 7.64 75.93
N PHE J 600 38.69 8.95 76.18
CA PHE J 600 38.02 9.53 77.32
C PHE J 600 37.13 10.67 76.86
N TYR J 601 35.98 10.82 77.52
CA TYR J 601 35.01 11.85 77.18
C TYR J 601 34.59 12.59 78.44
N ASP J 602 34.70 13.92 78.41
CA ASP J 602 34.40 14.76 79.56
C ASP J 602 33.02 15.38 79.37
N ILE J 603 32.07 14.94 80.20
CA ILE J 603 30.71 15.46 80.17
C ILE J 603 30.58 16.55 81.23
N LEU J 604 29.54 17.38 81.08
CA LEU J 604 29.29 18.56 81.90
C LEU J 604 30.58 19.40 82.05
N ASN J 605 31.00 19.93 80.92
CA ASN J 605 32.18 20.77 80.85
C ASN J 605 31.76 21.62 82.03
N THR J 606 32.63 21.74 83.03
CA THR J 606 32.59 22.76 84.06
C THR J 606 33.75 23.70 83.75
N ASN J 607 34.95 23.17 83.53
CA ASN J 607 36.18 23.96 83.50
C ASN J 607 36.94 24.01 82.19
N LYS J 608 36.88 22.93 81.41
CA LYS J 608 37.37 22.88 80.04
C LYS J 608 36.16 22.79 79.10
N GLY J 609 36.02 23.80 78.24
CA GLY J 609 34.89 23.84 77.32
C GLY J 609 35.03 22.91 76.13
N GLU J 610 34.80 23.43 74.93
CA GLU J 610 34.90 22.65 73.71
C GLU J 610 35.90 23.25 72.72
N PHE J 611 36.68 24.24 73.14
CA PHE J 611 37.70 24.83 72.28
C PHE J 611 39.09 24.32 72.60
N GLU J 612 39.30 23.79 73.81
CA GLU J 612 40.65 23.44 74.27
C GLU J 612 41.37 22.53 73.28
N ALA J 613 42.57 22.93 72.90
CA ALA J 613 43.42 22.18 71.97
C ALA J 613 44.80 22.11 72.60
N TYR J 614 45.13 20.93 73.15
CA TYR J 614 46.39 20.72 73.84
C TYR J 614 47.59 21.02 72.94
N TYR K 4 -77.73 -1.17 -76.51
CA TYR K 4 -76.36 -0.68 -76.51
C TYR K 4 -75.88 -0.43 -75.09
N GLN K 5 -76.77 0.10 -74.25
CA GLN K 5 -76.47 0.30 -72.84
C GLN K 5 -77.79 0.55 -72.11
N VAL K 6 -77.83 0.15 -70.84
CA VAL K 6 -79.02 0.28 -70.01
C VAL K 6 -78.69 1.11 -68.79
N MET K 7 -79.70 1.80 -68.26
CA MET K 7 -79.56 2.61 -67.07
C MET K 7 -80.63 2.20 -66.05
N LYS K 8 -80.37 2.50 -64.78
CA LYS K 8 -81.31 2.19 -63.71
C LYS K 8 -80.97 3.05 -62.50
N ARG K 9 -81.79 2.93 -61.46
CA ARG K 9 -81.58 3.63 -60.19
C ARG K 9 -81.88 2.65 -59.06
N ALA K 10 -81.95 3.17 -57.83
CA ALA K 10 -82.23 2.33 -56.67
C ALA K 10 -83.17 3.02 -55.69
N SER K 11 -82.82 4.24 -55.28
CA SER K 11 -83.68 4.98 -54.35
C SER K 11 -84.95 5.48 -55.03
N GLU K 12 -84.91 5.69 -56.34
CA GLU K 12 -86.05 6.15 -57.11
C GLU K 12 -86.74 5.03 -57.87
N VAL K 13 -86.56 3.79 -57.43
CA VAL K 13 -87.16 2.63 -58.10
C VAL K 13 -88.52 2.36 -57.46
N ASP K 14 -89.54 2.24 -58.29
CA ASP K 14 -90.88 1.91 -57.82
C ASP K 14 -90.91 0.46 -57.33
N LEU K 15 -91.17 0.27 -56.05
CA LEU K 15 -91.21 -1.08 -55.49
C LEU K 15 -92.44 -1.86 -55.92
N SER K 16 -93.45 -1.20 -56.49
CA SER K 16 -94.65 -1.88 -56.96
C SER K 16 -94.53 -2.40 -58.38
N THR K 17 -93.51 -1.96 -59.13
CA THR K 17 -93.29 -2.43 -60.49
C THR K 17 -92.18 -3.48 -60.59
N VAL K 18 -91.57 -3.85 -59.46
CA VAL K 18 -90.53 -4.87 -59.47
C VAL K 18 -91.18 -6.23 -59.65
N LYS K 19 -90.80 -6.91 -60.73
CA LYS K 19 -91.40 -8.19 -61.11
C LYS K 19 -90.39 -9.31 -60.90
N TYR K 20 -90.83 -10.39 -60.27
CA TYR K 20 -89.96 -11.51 -59.93
C TYR K 20 -89.51 -12.24 -61.18
N LYS K 21 -88.20 -12.35 -61.38
CA LYS K 21 -87.63 -13.07 -62.52
C LYS K 21 -87.12 -14.42 -62.03
N ALA K 22 -87.69 -15.51 -62.57
CA ALA K 22 -87.34 -16.87 -62.17
C ALA K 22 -86.76 -17.60 -63.37
N GLU K 23 -85.50 -17.28 -63.69
CA GLU K 23 -84.78 -17.93 -64.76
C GLU K 23 -83.55 -18.63 -64.18
N THR K 24 -83.47 -19.94 -64.37
CA THR K 24 -82.36 -20.71 -63.84
C THR K 24 -81.17 -20.67 -64.80
N MET K 25 -79.97 -20.64 -64.23
CA MET K 25 -78.75 -20.65 -65.03
C MET K 25 -78.60 -21.97 -65.75
N LYS K 26 -79.16 -22.06 -66.96
CA LYS K 26 -79.12 -23.31 -67.71
C LYS K 26 -77.69 -23.60 -68.16
N ALA K 27 -77.18 -24.77 -67.77
CA ALA K 27 -75.84 -25.21 -68.11
C ALA K 27 -75.84 -26.73 -68.15
N PRO K 28 -75.12 -27.34 -69.08
CA PRO K 28 -75.12 -28.81 -69.18
C PRO K 28 -74.50 -29.46 -67.96
N HIS K 29 -74.92 -30.71 -67.72
CA HIS K 29 -74.40 -31.51 -66.63
C HIS K 29 -73.41 -32.52 -67.19
N LEU K 30 -72.17 -32.46 -66.72
CA LEU K 30 -71.10 -33.32 -67.20
C LEU K 30 -70.49 -34.08 -66.02
N THR K 31 -70.23 -35.38 -66.24
CA THR K 31 -69.63 -36.24 -65.23
C THR K 31 -68.59 -37.14 -65.88
N GLY K 32 -67.52 -37.41 -65.14
CA GLY K 32 -66.54 -38.39 -65.59
C GLY K 32 -65.65 -37.84 -66.69
N LEU K 33 -65.55 -38.60 -67.79
CA LEU K 33 -64.63 -38.23 -68.86
C LEU K 33 -65.09 -36.99 -69.60
N SER K 34 -66.40 -36.83 -69.77
CA SER K 34 -66.91 -35.61 -70.39
C SER K 34 -66.64 -34.38 -69.52
N PHE K 35 -66.57 -34.57 -68.21
CA PHE K 35 -66.18 -33.47 -67.33
C PHE K 35 -64.68 -33.20 -67.42
N LYS K 36 -63.88 -34.26 -67.54
CA LYS K 36 -62.43 -34.09 -67.65
C LYS K 36 -62.06 -33.35 -68.94
N LEU K 37 -62.66 -33.77 -70.06
CA LEU K 37 -62.36 -33.13 -71.34
C LEU K 37 -62.82 -31.67 -71.36
N PHE K 38 -63.90 -31.35 -70.66
CA PHE K 38 -64.40 -29.98 -70.64
C PHE K 38 -63.50 -29.05 -69.85
N VAL K 39 -62.88 -29.55 -68.78
CA VAL K 39 -62.00 -28.71 -67.98
C VAL K 39 -60.73 -28.38 -68.75
N ASN K 40 -60.20 -29.35 -69.50
CA ASN K 40 -59.02 -29.08 -70.31
C ASN K 40 -59.31 -28.12 -71.45
N LEU K 41 -60.57 -28.06 -71.89
CA LEU K 41 -60.96 -27.06 -72.88
C LEU K 41 -61.06 -25.67 -72.27
N LEU K 42 -61.51 -25.58 -71.02
CA LEU K 42 -61.53 -24.30 -70.33
C LEU K 42 -60.11 -23.80 -70.04
N GLU K 43 -59.17 -24.72 -69.86
CA GLU K 43 -57.78 -24.38 -69.62
C GLU K 43 -56.96 -24.32 -70.90
N ALA K 44 -57.59 -24.50 -72.05
CA ALA K 44 -56.89 -24.37 -73.32
C ALA K 44 -56.48 -22.92 -73.55
N PRO K 45 -55.42 -22.69 -74.33
CA PRO K 45 -54.98 -21.30 -74.60
C PRO K 45 -56.04 -20.44 -75.26
N LEU K 46 -56.23 -20.61 -76.56
CA LEU K 46 -57.17 -19.75 -77.29
C LEU K 46 -58.61 -20.16 -77.02
N ILE K 47 -58.90 -21.46 -77.07
CA ILE K 47 -60.27 -21.94 -76.91
C ILE K 47 -60.79 -21.72 -75.49
N GLY K 48 -59.88 -21.64 -74.50
CA GLY K 48 -60.32 -21.52 -73.12
C GLY K 48 -61.10 -20.25 -72.84
N SER K 49 -60.54 -19.10 -73.24
CA SER K 49 -61.21 -17.83 -72.99
C SER K 49 -62.48 -17.67 -73.82
N LEU K 50 -62.58 -18.35 -74.96
CA LEU K 50 -63.75 -18.22 -75.80
C LEU K 50 -64.96 -18.92 -75.20
N ILE K 51 -64.74 -20.01 -74.45
CA ILE K 51 -65.85 -20.75 -73.86
C ILE K 51 -66.36 -20.03 -72.61
N VAL K 52 -65.46 -19.47 -71.80
CA VAL K 52 -65.88 -18.75 -70.61
C VAL K 52 -66.63 -17.48 -70.98
N ASP K 53 -66.22 -16.83 -72.08
CA ASP K 53 -66.94 -15.63 -72.53
C ASP K 53 -68.37 -15.97 -72.95
N TYR K 54 -68.56 -17.11 -73.61
CA TYR K 54 -69.90 -17.53 -73.99
C TYR K 54 -70.74 -17.90 -72.78
N LEU K 55 -70.12 -18.48 -71.76
CA LEU K 55 -70.85 -18.85 -70.55
C LEU K 55 -71.33 -17.63 -69.79
N LYS K 56 -70.48 -16.60 -69.67
CA LYS K 56 -70.86 -15.38 -68.99
C LYS K 56 -71.79 -14.52 -69.84
N LYS K 57 -71.85 -14.76 -71.15
CA LYS K 57 -72.76 -14.03 -72.02
C LYS K 57 -74.16 -14.66 -72.04
N ASP K 58 -74.24 -15.98 -71.91
CA ASP K 58 -75.53 -16.66 -72.01
C ASP K 58 -76.37 -16.44 -70.75
N ASN K 59 -75.79 -16.67 -69.57
CA ASN K 59 -76.55 -16.53 -68.33
C ASN K 59 -76.85 -15.08 -68.00
N GLY K 60 -76.16 -14.12 -68.62
CA GLY K 60 -76.46 -12.72 -68.43
C GLY K 60 -75.59 -12.03 -67.40
N MET K 61 -74.30 -12.32 -67.42
CA MET K 61 -73.34 -11.70 -66.51
C MET K 61 -72.57 -10.55 -67.15
N THR K 62 -72.22 -10.66 -68.43
CA THR K 62 -71.52 -9.57 -69.10
C THR K 62 -72.43 -8.36 -69.27
N LYS K 63 -73.73 -8.58 -69.45
CA LYS K 63 -74.67 -7.46 -69.55
C LYS K 63 -74.77 -6.69 -68.25
N ILE K 64 -74.65 -7.37 -67.10
CA ILE K 64 -74.73 -6.70 -65.81
C ILE K 64 -73.43 -5.98 -65.48
N PHE K 65 -72.29 -6.58 -65.82
CA PHE K 65 -71.01 -6.02 -65.44
C PHE K 65 -70.53 -4.97 -66.43
N ARG K 66 -70.65 -5.23 -67.73
CA ARG K 66 -70.01 -4.42 -68.75
C ARG K 66 -70.97 -3.71 -69.69
N ASN K 67 -72.27 -4.00 -69.63
CA ASN K 67 -73.24 -3.35 -70.49
C ASN K 67 -74.31 -2.61 -69.71
N THR K 68 -74.03 -2.27 -68.45
CA THR K 68 -75.01 -1.64 -67.58
C THR K 68 -74.36 -0.49 -66.83
N VAL K 69 -75.00 0.68 -66.84
CA VAL K 69 -74.54 1.84 -66.11
C VAL K 69 -75.20 1.83 -64.73
N ILE K 70 -74.38 1.81 -63.68
CA ILE K 70 -74.84 1.75 -62.30
C ILE K 70 -74.52 3.08 -61.62
N PRO K 71 -75.51 3.81 -61.12
CA PRO K 71 -75.22 5.13 -60.52
C PRO K 71 -74.64 5.06 -59.12
N GLU K 72 -74.74 3.93 -58.43
CA GLU K 72 -74.27 3.83 -57.06
C GLU K 72 -72.75 3.74 -57.00
N GLU K 73 -72.20 4.05 -55.81
CA GLU K 73 -70.79 3.98 -55.47
C GLU K 73 -70.46 2.64 -54.84
N PRO K 74 -69.25 2.13 -55.05
CA PRO K 74 -68.92 0.79 -54.54
C PRO K 74 -68.99 0.72 -53.03
N MET K 75 -69.62 -0.35 -52.52
CA MET K 75 -69.63 -0.69 -51.11
C MET K 75 -68.84 -2.01 -50.98
N PHE K 76 -67.56 -1.90 -50.66
CA PHE K 76 -66.67 -3.06 -50.72
C PHE K 76 -66.94 -4.04 -49.58
N ARG K 77 -67.32 -3.54 -48.41
CA ARG K 77 -67.64 -4.39 -47.27
C ARG K 77 -69.00 -4.00 -46.71
N PRO K 78 -69.72 -4.94 -46.10
CA PRO K 78 -71.04 -4.63 -45.55
C PRO K 78 -71.04 -3.45 -44.58
N GLU K 79 -71.58 -2.32 -45.02
CA GLU K 79 -71.65 -1.11 -44.22
C GLU K 79 -73.03 -1.00 -43.59
N PHE K 80 -73.08 -0.95 -42.26
CA PHE K 80 -74.33 -0.93 -41.53
C PHE K 80 -74.52 0.41 -40.81
N PRO K 81 -75.73 0.96 -40.82
CA PRO K 81 -76.04 2.10 -39.96
C PRO K 81 -76.35 1.61 -38.55
N SER K 82 -76.55 2.56 -37.64
CA SER K 82 -76.91 2.21 -36.27
C SER K 82 -78.30 1.57 -36.24
N GLN K 83 -78.41 0.44 -35.55
CA GLN K 83 -79.65 -0.31 -35.48
C GLN K 83 -80.40 -0.03 -34.19
N GLU K 84 -81.71 -0.14 -34.25
CA GLU K 84 -82.52 0.00 -33.04
C GLU K 84 -82.26 -1.16 -32.10
N PRO K 85 -82.27 -0.92 -30.79
CA PRO K 85 -81.98 -2.00 -29.84
C PRO K 85 -83.01 -3.12 -29.92
N GLU K 86 -82.58 -4.32 -29.53
CA GLU K 86 -83.45 -5.47 -29.53
C GLU K 86 -84.31 -5.51 -28.28
N HIS K 87 -85.42 -6.25 -28.37
CA HIS K 87 -86.41 -6.31 -27.30
C HIS K 87 -86.22 -7.58 -26.49
N ASP K 88 -86.23 -7.43 -25.15
CA ASP K 88 -86.16 -8.55 -24.21
C ASP K 88 -84.91 -9.38 -24.42
N VAL K 89 -83.76 -8.71 -24.44
CA VAL K 89 -82.46 -9.36 -24.55
C VAL K 89 -81.56 -8.83 -23.45
N VAL K 90 -80.46 -9.56 -23.20
CA VAL K 90 -79.49 -9.22 -22.17
C VAL K 90 -78.18 -8.84 -22.85
N ILE K 91 -77.65 -7.69 -22.48
CA ILE K 91 -76.40 -7.19 -23.04
C ILE K 91 -75.23 -7.90 -22.37
N VAL K 92 -74.47 -8.66 -23.14
CA VAL K 92 -73.26 -9.32 -22.65
C VAL K 92 -72.05 -8.54 -23.13
N GLY K 93 -71.02 -8.45 -22.30
CA GLY K 93 -69.87 -7.65 -22.64
C GLY K 93 -69.14 -8.16 -23.87
N GLU K 94 -68.57 -7.23 -24.63
CA GLU K 94 -67.87 -7.59 -25.86
C GLU K 94 -66.53 -8.25 -25.55
N ASP K 95 -65.84 -7.80 -24.50
CA ASP K 95 -64.53 -8.30 -24.14
C ASP K 95 -64.56 -9.28 -22.97
N GLU K 96 -65.73 -9.84 -22.66
CA GLU K 96 -65.82 -10.87 -21.65
C GLU K 96 -65.12 -12.15 -22.13
N SER K 97 -64.72 -12.97 -21.18
CA SER K 97 -64.13 -14.26 -21.52
C SER K 97 -65.21 -15.19 -22.05
N PRO K 98 -64.85 -16.14 -22.92
CA PRO K 98 -65.85 -17.11 -23.40
C PRO K 98 -66.46 -17.93 -22.27
N ILE K 99 -65.78 -18.05 -21.14
CA ILE K 99 -66.36 -18.74 -19.99
C ILE K 99 -67.39 -17.85 -19.30
N ASP K 100 -67.15 -16.54 -19.24
CA ASP K 100 -68.10 -15.63 -18.62
C ASP K 100 -69.38 -15.51 -19.45
N ARG K 101 -69.27 -15.56 -20.77
CA ARG K 101 -70.47 -15.50 -21.61
C ARG K 101 -71.30 -16.76 -21.47
N LEU K 102 -70.66 -17.92 -21.29
CA LEU K 102 -71.41 -19.16 -21.12
C LEU K 102 -72.16 -19.19 -19.80
N GLU K 103 -71.62 -18.53 -18.76
CA GLU K 103 -72.31 -18.47 -17.49
C GLU K 103 -73.60 -17.67 -17.59
N THR K 104 -73.59 -16.58 -18.36
CA THR K 104 -74.82 -15.83 -18.62
C THR K 104 -75.68 -16.51 -19.67
N ALA K 105 -75.08 -17.27 -20.58
CA ALA K 105 -75.86 -18.00 -21.58
C ALA K 105 -76.77 -19.02 -20.92
N LEU K 106 -76.29 -19.69 -19.87
CA LEU K 106 -77.11 -20.66 -19.18
C LEU K 106 -78.30 -20.00 -18.49
N LYS K 107 -78.13 -18.75 -18.02
CA LYS K 107 -79.23 -18.04 -17.39
C LYS K 107 -80.34 -17.69 -18.37
N CYS K 108 -80.04 -17.65 -19.66
CA CYS K 108 -81.06 -17.36 -20.66
C CYS K 108 -81.85 -18.59 -21.06
N LEU K 109 -81.33 -19.79 -20.79
CA LEU K 109 -81.98 -21.06 -21.08
C LEU K 109 -82.89 -21.48 -19.94
N PRO K 110 -84.01 -22.14 -20.24
CA PRO K 110 -84.86 -22.67 -19.17
C PRO K 110 -84.09 -23.69 -18.34
N GLN K 111 -84.48 -23.80 -17.07
CA GLN K 111 -83.77 -24.70 -16.16
C GLN K 111 -83.80 -26.13 -16.68
N TYR K 112 -82.69 -26.84 -16.48
CA TYR K 112 -82.54 -28.18 -17.03
C TYR K 112 -83.44 -29.17 -16.30
N ASP K 113 -84.25 -29.89 -17.07
CA ASP K 113 -85.10 -30.93 -16.52
C ASP K 113 -84.42 -32.27 -16.70
N PRO K 114 -83.95 -32.92 -15.64
CA PRO K 114 -83.23 -34.20 -15.80
C PRO K 114 -84.12 -35.35 -16.26
N SER K 115 -85.38 -35.06 -16.56
CA SER K 115 -86.29 -36.10 -17.05
C SER K 115 -85.93 -36.58 -18.45
N ARG K 116 -85.06 -35.87 -19.16
CA ARG K 116 -84.63 -36.29 -20.50
C ARG K 116 -83.47 -37.27 -20.44
N SER K 117 -82.55 -37.09 -19.50
CA SER K 117 -81.42 -38.01 -19.36
C SER K 117 -81.81 -39.21 -18.51
N LEU K 118 -82.00 -39.00 -17.22
CA LEU K 118 -82.38 -40.08 -16.31
C LEU K 118 -83.88 -40.34 -16.38
N HIS K 119 -84.26 -41.59 -16.11
CA HIS K 119 -85.65 -42.02 -16.12
C HIS K 119 -86.32 -41.72 -17.47
N ALA K 120 -85.65 -42.12 -18.55
CA ALA K 120 -86.21 -41.95 -19.88
C ALA K 120 -87.30 -42.99 -20.10
N ASP K 121 -88.48 -42.52 -20.49
CA ASP K 121 -89.61 -43.41 -20.69
C ASP K 121 -89.33 -44.35 -21.86
N PRO K 122 -89.64 -45.65 -21.71
CA PRO K 122 -89.38 -46.59 -22.82
C PRO K 122 -90.11 -46.23 -24.10
N VAL K 123 -91.37 -45.84 -24.01
CA VAL K 123 -92.17 -45.42 -25.17
C VAL K 123 -92.15 -43.90 -25.21
N SER K 124 -91.31 -43.35 -26.10
CA SER K 124 -91.18 -41.91 -26.24
C SER K 124 -90.63 -41.62 -27.63
N SER K 125 -90.67 -40.33 -27.99
CA SER K 125 -90.20 -39.88 -29.29
C SER K 125 -88.67 -39.79 -29.31
N PHE K 126 -88.13 -39.50 -30.48
CA PHE K 126 -86.69 -39.38 -30.67
C PHE K 126 -86.25 -37.93 -30.50
N ARG K 127 -85.13 -37.73 -29.83
CA ARG K 127 -84.56 -36.40 -29.65
C ARG K 127 -83.05 -36.51 -29.57
N TYR K 128 -82.37 -35.48 -30.06
CA TYR K 128 -80.92 -35.43 -29.99
C TYR K 128 -80.47 -35.12 -28.56
N TRP K 129 -79.33 -35.68 -28.18
CA TRP K 129 -78.73 -35.37 -26.89
C TRP K 129 -78.21 -33.94 -26.91
N LYS K 130 -78.64 -33.13 -25.94
CA LYS K 130 -78.21 -31.74 -25.86
C LYS K 130 -76.87 -31.62 -25.14
N ILE K 131 -76.29 -30.43 -25.21
CA ILE K 131 -75.03 -30.17 -24.53
C ILE K 131 -75.22 -30.30 -23.02
N ARG K 132 -76.36 -29.83 -22.50
CA ARG K 132 -76.66 -29.96 -21.09
C ARG K 132 -76.97 -31.40 -20.68
N ASP K 133 -77.19 -32.30 -21.63
CA ASP K 133 -77.31 -33.72 -21.30
C ASP K 133 -75.93 -34.34 -21.07
N TYR K 134 -74.92 -33.91 -21.82
CA TYR K 134 -73.56 -34.34 -21.55
C TYR K 134 -73.02 -33.69 -20.29
N ALA K 135 -73.28 -32.40 -20.09
CA ALA K 135 -72.77 -31.69 -18.93
C ALA K 135 -73.35 -32.24 -17.64
N TYR K 136 -74.63 -32.62 -17.65
CA TYR K 136 -75.22 -33.22 -16.47
C TYR K 136 -74.74 -34.66 -16.26
N ALA K 137 -74.51 -35.38 -17.36
CA ALA K 137 -73.97 -36.73 -17.25
C ALA K 137 -72.54 -36.72 -16.72
N TYR K 138 -71.76 -35.70 -17.07
CA TYR K 138 -70.40 -35.60 -16.57
C TYR K 138 -70.37 -35.26 -15.08
N ARG K 139 -71.21 -34.31 -14.66
CA ARG K 139 -71.18 -33.82 -13.29
C ARG K 139 -71.87 -34.76 -12.30
N SER K 140 -72.77 -35.62 -12.76
CA SER K 140 -73.42 -36.61 -11.90
C SER K 140 -72.75 -37.97 -11.98
N LYS K 141 -71.47 -38.01 -12.38
CA LYS K 141 -70.65 -39.21 -12.56
C LYS K 141 -71.40 -40.35 -13.26
N LEU K 142 -72.42 -40.01 -14.06
CA LEU K 142 -73.07 -41.03 -14.88
C LEU K 142 -72.11 -41.60 -15.91
N THR K 143 -71.51 -40.73 -16.71
CA THR K 143 -70.43 -41.08 -17.62
C THR K 143 -69.30 -40.09 -17.41
N THR K 144 -68.22 -40.29 -18.15
CA THR K 144 -67.05 -39.42 -18.05
C THR K 144 -66.50 -39.19 -19.45
N PRO K 145 -65.93 -38.00 -19.70
CA PRO K 145 -65.45 -37.67 -21.06
C PRO K 145 -64.52 -38.70 -21.66
N LEU K 146 -63.74 -39.42 -20.84
CA LEU K 146 -62.88 -40.46 -21.37
C LEU K 146 -63.71 -41.58 -22.00
N GLN K 147 -64.79 -41.99 -21.33
CA GLN K 147 -65.67 -43.02 -21.88
C GLN K 147 -66.43 -42.53 -23.10
N VAL K 148 -66.78 -41.25 -23.15
CA VAL K 148 -67.44 -40.71 -24.35
C VAL K 148 -66.48 -40.68 -25.52
N ALA K 149 -65.20 -40.39 -25.26
CA ALA K 149 -64.22 -40.37 -26.33
C ALA K 149 -63.94 -41.78 -26.86
N LYS K 150 -63.86 -42.76 -25.97
CA LYS K 150 -63.62 -44.12 -26.41
C LYS K 150 -64.78 -44.66 -27.24
N ARG K 151 -66.00 -44.23 -26.93
CA ARG K 151 -67.15 -44.69 -27.71
C ARG K 151 -67.21 -44.03 -29.07
N ILE K 152 -66.76 -42.77 -29.18
CA ILE K 152 -66.73 -42.10 -30.47
C ILE K 152 -65.65 -42.70 -31.36
N ILE K 153 -64.44 -42.87 -30.80
CA ILE K 153 -63.33 -43.43 -31.57
C ILE K 153 -63.66 -44.86 -32.00
N SER K 154 -64.37 -45.61 -31.16
CA SER K 154 -64.78 -46.96 -31.54
C SER K 154 -65.69 -46.95 -32.75
N ILE K 155 -66.51 -45.91 -32.91
CA ILE K 155 -67.41 -45.83 -34.06
C ILE K 155 -66.66 -45.35 -35.29
N ILE K 156 -65.73 -44.41 -35.13
CA ILE K 156 -64.96 -43.92 -36.26
C ILE K 156 -64.06 -45.03 -36.81
N GLU K 157 -63.43 -45.80 -35.94
CA GLU K 157 -62.53 -46.85 -36.38
C GLU K 157 -63.28 -48.08 -36.89
N GLU K 158 -64.56 -48.23 -36.54
CA GLU K 158 -65.33 -49.36 -37.04
C GLU K 158 -65.90 -49.08 -38.42
N PHE K 159 -66.72 -48.03 -38.53
CA PHE K 159 -67.38 -47.71 -39.79
C PHE K 159 -66.48 -46.95 -40.76
N GLY K 160 -65.23 -46.68 -40.39
CA GLY K 160 -64.31 -45.99 -41.27
C GLY K 160 -64.71 -44.57 -41.58
N TYR K 161 -64.99 -43.79 -40.54
CA TYR K 161 -65.38 -42.39 -40.70
C TYR K 161 -64.17 -41.45 -40.77
N ASP K 162 -62.96 -41.98 -40.65
CA ASP K 162 -61.75 -41.21 -40.90
C ASP K 162 -60.95 -41.76 -42.08
N LYS K 163 -61.61 -42.52 -42.95
CA LYS K 163 -61.00 -43.17 -44.09
C LYS K 163 -61.97 -43.17 -45.26
N PRO K 164 -61.48 -43.21 -46.49
CA PRO K 164 -62.37 -43.21 -47.65
C PRO K 164 -63.22 -44.47 -47.68
N PRO K 165 -64.31 -44.50 -48.49
CA PRO K 165 -64.79 -43.46 -49.40
C PRO K 165 -65.82 -42.50 -48.79
N THR K 166 -66.27 -42.79 -47.57
CA THR K 166 -67.28 -41.99 -46.88
C THR K 166 -66.71 -41.54 -45.53
N PRO K 167 -65.83 -40.53 -45.53
CA PRO K 167 -65.26 -40.08 -44.26
C PRO K 167 -65.97 -38.86 -43.67
N PHE K 168 -66.30 -38.93 -42.37
CA PHE K 168 -66.77 -37.74 -41.68
C PHE K 168 -65.62 -36.76 -41.47
N LEU K 169 -64.46 -37.25 -41.07
CA LEU K 169 -63.27 -36.44 -40.85
C LEU K 169 -62.19 -36.81 -41.85
N ILE K 170 -61.33 -35.84 -42.15
CA ILE K 170 -60.19 -36.08 -43.04
C ILE K 170 -58.86 -35.92 -42.32
N ARG K 171 -58.85 -35.42 -41.09
CA ARG K 171 -57.64 -35.39 -40.25
C ARG K 171 -58.09 -35.72 -38.83
N PHE K 172 -57.84 -36.96 -38.40
CA PHE K 172 -58.29 -37.45 -37.10
C PHE K 172 -57.12 -38.09 -36.38
N ASP K 173 -56.96 -37.76 -35.09
CA ASP K 173 -55.90 -38.31 -34.25
C ASP K 173 -56.54 -38.92 -33.01
N ALA K 174 -56.68 -40.24 -33.01
CA ALA K 174 -57.34 -40.91 -31.88
C ALA K 174 -56.57 -40.71 -30.59
N ASN K 175 -55.23 -40.62 -30.66
CA ASN K 175 -54.44 -40.41 -29.45
C ASN K 175 -54.61 -39.01 -28.90
N GLU K 176 -54.86 -38.02 -29.77
CA GLU K 176 -55.04 -36.65 -29.31
C GLU K 176 -56.39 -36.47 -28.62
N VAL K 177 -57.44 -37.08 -29.16
CA VAL K 177 -58.76 -36.98 -28.55
C VAL K 177 -58.77 -37.69 -27.19
N ILE K 178 -58.06 -38.81 -27.08
CA ILE K 178 -57.94 -39.49 -25.79
C ILE K 178 -57.19 -38.61 -24.79
N LYS K 179 -56.19 -37.87 -25.27
CA LYS K 179 -55.43 -37.01 -24.38
C LYS K 179 -56.26 -35.83 -23.89
N GLN K 180 -57.13 -35.30 -24.76
CA GLN K 180 -57.98 -34.18 -24.35
C GLN K 180 -59.05 -34.65 -23.37
N ALA K 181 -59.71 -35.77 -23.66
CA ALA K 181 -60.73 -36.29 -22.76
C ALA K 181 -60.14 -36.72 -21.43
N GLU K 182 -58.88 -37.17 -21.43
CA GLU K 182 -58.23 -37.51 -20.17
C GLU K 182 -58.03 -36.28 -19.29
N ALA K 183 -57.64 -35.15 -19.89
CA ALA K 183 -57.49 -33.93 -19.11
C ALA K 183 -58.83 -33.37 -18.66
N SER K 184 -59.87 -33.52 -19.48
CA SER K 184 -61.20 -33.10 -19.06
C SER K 184 -61.78 -34.05 -18.01
N THR K 185 -61.37 -35.32 -18.04
CA THR K 185 -61.86 -36.29 -17.06
C THR K 185 -61.41 -35.91 -15.65
N ARG K 186 -60.12 -35.59 -15.50
CA ARG K 186 -59.61 -35.22 -14.19
C ARG K 186 -60.21 -33.92 -13.67
N ARG K 187 -60.68 -33.04 -14.56
CA ARG K 187 -61.31 -31.81 -14.10
C ARG K 187 -62.65 -32.08 -13.44
N PHE K 188 -63.41 -33.06 -13.95
CA PHE K 188 -64.65 -33.45 -13.30
C PHE K 188 -64.40 -34.29 -12.06
N GLU K 189 -63.30 -35.04 -12.02
CA GLU K 189 -62.99 -35.85 -10.85
C GLU K 189 -62.60 -34.96 -9.67
N GLN K 190 -61.84 -33.90 -9.93
CA GLN K 190 -61.46 -32.96 -8.88
C GLN K 190 -62.56 -31.96 -8.55
N GLY K 191 -63.69 -32.02 -9.24
CA GLY K 191 -64.83 -31.18 -8.92
C GLY K 191 -64.71 -29.73 -9.31
N ASN K 192 -64.17 -29.45 -10.49
CA ASN K 192 -64.08 -28.07 -10.96
C ASN K 192 -64.02 -28.01 -12.48
N PRO K 193 -65.13 -28.24 -13.17
CA PRO K 193 -65.13 -28.11 -14.62
C PRO K 193 -65.01 -26.65 -15.04
N ILE K 194 -64.46 -26.45 -16.24
CA ILE K 194 -64.19 -25.10 -16.71
C ILE K 194 -65.50 -24.36 -16.96
N SER K 195 -66.40 -24.95 -17.74
CA SER K 195 -67.65 -24.31 -18.09
C SER K 195 -68.67 -25.38 -18.47
N VAL K 196 -69.74 -24.98 -19.15
CA VAL K 196 -70.74 -25.94 -19.62
C VAL K 196 -70.22 -26.74 -20.80
N LEU K 197 -69.24 -26.22 -21.53
CA LEU K 197 -68.68 -26.89 -22.70
C LEU K 197 -67.53 -27.82 -22.36
N ASP K 198 -67.18 -27.95 -21.07
CA ASP K 198 -66.07 -28.82 -20.68
C ASP K 198 -66.44 -30.27 -20.93
N GLY K 199 -65.68 -30.94 -21.80
CA GLY K 199 -65.97 -32.30 -22.18
C GLY K 199 -66.87 -32.45 -23.39
N ILE K 200 -67.35 -31.35 -23.95
CA ILE K 200 -68.23 -31.42 -25.12
C ILE K 200 -67.38 -31.61 -26.36
N PHE K 201 -67.81 -32.53 -27.24
CA PHE K 201 -67.05 -32.87 -28.42
C PHE K 201 -67.48 -31.97 -29.58
N VAL K 202 -66.53 -31.25 -30.16
CA VAL K 202 -66.77 -30.32 -31.26
C VAL K 202 -65.90 -30.71 -32.43
N THR K 203 -66.44 -30.58 -33.64
CA THR K 203 -65.73 -30.88 -34.87
C THR K 203 -65.42 -29.57 -35.60
N ILE K 204 -64.20 -29.45 -36.11
CA ILE K 204 -63.74 -28.24 -36.80
C ILE K 204 -63.68 -28.53 -38.29
N LYS K 205 -64.15 -27.58 -39.09
CA LYS K 205 -64.06 -27.68 -40.54
C LYS K 205 -62.59 -27.58 -40.97
N ASP K 206 -62.29 -28.17 -42.13
CA ASP K 206 -60.91 -28.28 -42.57
C ASP K 206 -60.32 -26.98 -43.09
N ASP K 207 -61.13 -25.93 -43.23
CA ASP K 207 -60.60 -24.61 -43.59
C ASP K 207 -60.41 -23.70 -42.39
N ILE K 208 -60.42 -24.26 -41.18
CA ILE K 208 -60.22 -23.51 -39.95
C ILE K 208 -59.04 -24.13 -39.21
N ASP K 209 -58.12 -23.28 -38.76
CA ASP K 209 -56.91 -23.77 -38.09
C ASP K 209 -57.25 -24.37 -36.73
N CYS K 210 -56.75 -25.57 -36.46
CA CYS K 210 -56.99 -26.25 -35.19
C CYS K 210 -55.79 -27.16 -34.92
N LEU K 211 -54.99 -26.79 -33.91
CA LEU K 211 -53.81 -27.57 -33.57
C LEU K 211 -54.21 -28.94 -33.03
N PRO K 212 -53.39 -29.98 -33.27
CA PRO K 212 -52.13 -29.91 -34.04
C PRO K 212 -52.32 -30.20 -35.52
N HIS K 213 -53.56 -30.45 -35.95
CA HIS K 213 -53.80 -30.88 -37.31
C HIS K 213 -53.46 -29.76 -38.30
N PRO K 214 -53.04 -30.12 -39.50
CA PRO K 214 -52.83 -29.11 -40.54
C PRO K 214 -54.13 -28.70 -41.21
N THR K 215 -54.12 -27.51 -41.80
CA THR K 215 -55.27 -26.95 -42.48
C THR K 215 -55.09 -27.15 -43.98
N ASN K 216 -55.96 -27.97 -44.58
CA ASN K 216 -55.91 -28.27 -46.00
C ASN K 216 -57.09 -27.74 -46.78
N GLY K 217 -58.25 -27.55 -46.14
CA GLY K 217 -59.43 -27.06 -46.83
C GLY K 217 -60.00 -28.02 -47.85
N GLY K 218 -59.90 -29.33 -47.60
CA GLY K 218 -60.35 -30.32 -48.55
C GLY K 218 -59.36 -30.68 -49.62
N THR K 219 -58.25 -29.95 -49.73
CA THR K 219 -57.21 -30.25 -50.71
C THR K 219 -56.25 -31.29 -50.16
N THR K 220 -55.28 -31.69 -50.99
CA THR K 220 -54.29 -32.68 -50.61
C THR K 220 -52.88 -32.11 -50.54
N TRP K 221 -52.74 -30.79 -50.71
CA TRP K 221 -51.42 -30.18 -50.84
C TRP K 221 -51.25 -28.87 -50.08
N LEU K 222 -52.31 -28.29 -49.52
CA LEU K 222 -52.22 -26.96 -48.93
C LEU K 222 -51.32 -26.93 -47.71
N HIS K 223 -51.11 -28.08 -47.05
CA HIS K 223 -50.18 -28.12 -45.92
C HIS K 223 -48.75 -27.86 -46.36
N GLU K 224 -48.42 -28.18 -47.61
CA GLU K 224 -47.06 -27.97 -48.12
C GLU K 224 -46.74 -26.49 -48.31
N ASP K 225 -47.77 -25.64 -48.40
CA ASP K 225 -47.57 -24.21 -48.65
C ASP K 225 -48.12 -23.31 -47.55
N ARG K 226 -48.94 -23.84 -46.64
CA ARG K 226 -49.51 -23.04 -45.54
C ARG K 226 -49.50 -23.90 -44.28
N SER K 227 -48.55 -23.61 -43.39
CA SER K 227 -48.43 -24.33 -42.13
C SER K 227 -49.24 -23.63 -41.03
N VAL K 228 -49.50 -24.38 -39.96
CA VAL K 228 -50.30 -23.88 -38.85
C VAL K 228 -49.47 -23.99 -37.57
N GLU K 229 -49.23 -22.84 -36.93
CA GLU K 229 -48.51 -22.80 -35.67
C GLU K 229 -49.37 -22.34 -34.49
N LYS K 230 -50.56 -21.81 -34.76
CA LYS K 230 -51.47 -21.37 -33.70
C LYS K 230 -52.88 -21.85 -34.02
N ASP K 231 -53.71 -21.90 -32.98
CA ASP K 231 -55.12 -22.18 -33.18
C ASP K 231 -55.83 -20.94 -33.72
N SER K 232 -56.93 -21.19 -34.42
CA SER K 232 -57.78 -20.08 -34.85
C SER K 232 -58.42 -19.41 -33.64
N ALA K 233 -58.94 -18.20 -33.86
CA ALA K 233 -59.58 -17.47 -32.78
C ALA K 233 -60.78 -18.22 -32.22
N VAL K 234 -61.47 -18.99 -33.06
CA VAL K 234 -62.64 -19.73 -32.61
C VAL K 234 -62.23 -20.99 -31.85
N VAL K 235 -61.14 -21.64 -32.29
CA VAL K 235 -60.67 -22.84 -31.60
C VAL K 235 -60.04 -22.46 -30.27
N SER K 236 -59.29 -21.35 -30.23
CA SER K 236 -58.68 -20.89 -28.99
C SER K 236 -59.74 -20.56 -27.95
N LYS K 237 -60.94 -20.13 -28.39
CA LYS K 237 -62.01 -19.86 -27.44
C LYS K 237 -62.68 -21.15 -26.99
N LEU K 238 -62.89 -22.10 -27.90
CA LEU K 238 -63.50 -23.37 -27.53
C LEU K 238 -62.61 -24.17 -26.61
N ARG K 239 -61.31 -24.23 -26.92
CA ARG K 239 -60.38 -24.98 -26.08
C ARG K 239 -60.24 -24.35 -24.70
N SER K 240 -60.37 -23.02 -24.61
CA SER K 240 -60.31 -22.35 -23.31
C SER K 240 -61.54 -22.62 -22.46
N CYS K 241 -62.65 -23.03 -23.07
CA CYS K 241 -63.85 -23.39 -22.33
C CYS K 241 -63.87 -24.84 -21.91
N GLY K 242 -62.90 -25.64 -22.34
CA GLY K 242 -62.85 -27.04 -22.01
C GLY K 242 -63.39 -27.98 -23.08
N ALA K 243 -63.64 -27.49 -24.29
CA ALA K 243 -64.15 -28.35 -25.35
C ALA K 243 -63.09 -29.35 -25.79
N ILE K 244 -63.55 -30.44 -26.40
CA ILE K 244 -62.68 -31.49 -26.90
C ILE K 244 -62.76 -31.45 -28.42
N LEU K 245 -61.70 -30.95 -29.07
CA LEU K 245 -61.67 -30.87 -30.52
C LEU K 245 -61.46 -32.25 -31.11
N LEU K 246 -62.42 -32.69 -31.95
CA LEU K 246 -62.39 -34.04 -32.48
C LEU K 246 -61.42 -34.16 -33.66
N GLY K 247 -61.56 -33.30 -34.66
CA GLY K 247 -60.68 -33.36 -35.81
C GLY K 247 -61.07 -32.35 -36.86
N LYS K 248 -60.65 -32.62 -38.10
CA LYS K 248 -60.94 -31.76 -39.23
C LYS K 248 -61.94 -32.46 -40.14
N ALA K 249 -63.08 -31.82 -40.37
CA ALA K 249 -64.16 -32.45 -41.12
C ALA K 249 -63.96 -32.29 -42.63
N ASN K 250 -64.52 -33.23 -43.38
CA ASN K 250 -64.48 -33.17 -44.82
C ASN K 250 -65.31 -31.98 -45.33
N MET K 251 -65.00 -31.53 -46.53
CA MET K 251 -65.65 -30.36 -47.09
C MET K 251 -65.47 -30.38 -48.60
N HIS K 252 -66.26 -29.55 -49.28
CA HIS K 252 -66.02 -29.29 -50.70
C HIS K 252 -64.69 -28.58 -50.86
N GLU K 253 -63.91 -29.00 -51.86
CA GLU K 253 -62.53 -28.53 -51.99
C GLU K 253 -62.48 -27.02 -52.10
N LEU K 254 -61.83 -26.38 -51.12
CA LEU K 254 -61.68 -24.94 -51.04
C LEU K 254 -63.00 -24.19 -50.99
N GLY K 255 -64.09 -24.89 -50.65
CA GLY K 255 -65.38 -24.25 -50.56
C GLY K 255 -66.00 -23.88 -51.90
N MET K 256 -65.46 -24.42 -52.99
CA MET K 256 -65.96 -24.08 -54.34
C MET K 256 -67.04 -25.09 -54.74
N GLY K 257 -68.19 -24.95 -54.11
CA GLY K 257 -69.31 -25.83 -54.37
C GLY K 257 -70.27 -25.85 -53.20
N THR K 258 -71.51 -26.26 -53.49
CA THR K 258 -72.56 -26.30 -52.49
C THR K 258 -73.25 -27.66 -52.45
N THR K 259 -72.51 -28.72 -52.72
CA THR K 259 -73.03 -30.09 -52.61
C THR K 259 -72.26 -30.97 -51.64
N GLY K 260 -70.96 -30.77 -51.50
CA GLY K 260 -70.14 -31.62 -50.66
C GLY K 260 -69.33 -32.64 -51.42
N ASN K 261 -69.31 -32.58 -52.76
CA ASN K 261 -68.56 -33.54 -53.55
C ASN K 261 -67.06 -33.31 -53.38
N ASN K 262 -66.33 -34.38 -53.07
CA ASN K 262 -64.88 -34.31 -52.88
C ASN K 262 -64.28 -35.53 -53.54
N SER K 263 -63.55 -35.33 -54.63
CA SER K 263 -62.92 -36.41 -55.37
C SER K 263 -61.56 -36.80 -54.81
N ASN K 264 -61.08 -36.10 -53.78
CA ASN K 264 -59.79 -36.39 -53.16
C ASN K 264 -59.92 -37.27 -51.94
N TYR K 265 -60.83 -36.93 -51.01
CA TYR K 265 -61.05 -37.71 -49.81
C TYR K 265 -62.32 -38.54 -49.86
N GLY K 266 -63.24 -38.23 -50.76
CA GLY K 266 -64.51 -38.92 -50.82
C GLY K 266 -65.66 -37.99 -50.46
N THR K 267 -66.84 -38.32 -50.97
CA THR K 267 -68.04 -37.52 -50.74
C THR K 267 -68.73 -38.00 -49.46
N THR K 268 -68.92 -37.09 -48.51
CA THR K 268 -69.65 -37.43 -47.31
C THR K 268 -71.12 -37.66 -47.62
N ARG K 269 -71.68 -38.72 -47.05
CA ARG K 269 -73.05 -39.12 -47.34
C ARG K 269 -74.01 -38.57 -46.28
N ASN K 270 -75.26 -38.40 -46.68
CA ASN K 270 -76.29 -37.85 -45.79
C ASN K 270 -76.74 -38.91 -44.78
N PRO K 271 -76.77 -38.58 -43.49
CA PRO K 271 -77.24 -39.57 -42.50
C PRO K 271 -78.69 -39.99 -42.72
N HIS K 272 -79.52 -39.13 -43.30
CA HIS K 272 -80.90 -39.50 -43.57
C HIS K 272 -81.01 -40.41 -44.78
N ASP K 273 -80.12 -40.25 -45.77
CA ASP K 273 -80.08 -41.12 -46.93
C ASP K 273 -78.66 -41.16 -47.48
N PRO K 274 -77.95 -42.28 -47.30
CA PRO K 274 -76.54 -42.33 -47.72
C PRO K 274 -76.32 -42.15 -49.21
N LYS K 275 -77.36 -42.33 -50.04
CA LYS K 275 -77.24 -42.15 -51.47
C LYS K 275 -77.48 -40.70 -51.89
N ARG K 276 -77.57 -39.77 -50.95
CA ARG K 276 -77.83 -38.37 -51.24
C ARG K 276 -76.73 -37.49 -50.68
N TYR K 277 -76.60 -36.30 -51.26
CA TYR K 277 -75.59 -35.36 -50.84
C TYR K 277 -75.90 -34.83 -49.44
N THR K 278 -74.88 -34.21 -48.83
CA THR K 278 -75.04 -33.56 -47.53
C THR K 278 -75.30 -32.08 -47.63
N GLY K 279 -74.86 -31.44 -48.71
CA GLY K 279 -74.92 -29.99 -48.82
C GLY K 279 -73.57 -29.37 -48.55
N GLY K 280 -73.17 -28.42 -49.37
CA GLY K 280 -71.87 -27.80 -49.27
C GLY K 280 -71.91 -26.43 -48.59
N SER K 281 -70.74 -25.97 -48.18
CA SER K 281 -69.51 -26.71 -48.38
C SER K 281 -69.09 -27.44 -47.11
N SER K 282 -69.83 -27.21 -46.02
CA SER K 282 -69.56 -27.87 -44.74
C SER K 282 -70.21 -29.26 -44.72
N SER K 283 -69.75 -30.11 -45.63
CA SER K 283 -70.33 -31.44 -45.78
C SER K 283 -70.07 -32.30 -44.55
N GLY K 284 -68.79 -32.49 -44.20
CA GLY K 284 -68.45 -33.33 -43.07
C GLY K 284 -68.92 -32.76 -41.74
N SER K 285 -69.00 -31.43 -41.64
CA SER K 285 -69.37 -30.82 -40.37
C SER K 285 -70.85 -31.04 -40.05
N ALA K 286 -71.70 -31.04 -41.08
CA ALA K 286 -73.13 -31.20 -40.84
C ALA K 286 -73.53 -32.65 -40.69
N ALA K 287 -72.88 -33.56 -41.43
CA ALA K 287 -73.25 -34.97 -41.35
C ALA K 287 -72.85 -35.59 -40.01
N ILE K 288 -71.67 -35.21 -39.50
CA ILE K 288 -71.21 -35.76 -38.22
C ILE K 288 -72.09 -35.30 -37.06
N VAL K 289 -72.79 -34.18 -37.21
CA VAL K 289 -73.70 -33.70 -36.18
C VAL K 289 -75.07 -34.33 -36.31
N ALA K 290 -75.56 -34.49 -37.54
CA ALA K 290 -76.86 -35.13 -37.75
C ALA K 290 -76.82 -36.60 -37.34
N ALA K 291 -75.68 -37.26 -37.48
CA ALA K 291 -75.54 -38.64 -37.04
C ALA K 291 -75.41 -38.79 -35.54
N GLY K 292 -75.20 -37.68 -34.81
CA GLY K 292 -75.13 -37.75 -33.37
C GLY K 292 -73.77 -38.08 -32.79
N LEU K 293 -72.71 -37.98 -33.59
CA LEU K 293 -71.38 -38.32 -33.10
C LEU K 293 -70.81 -37.25 -32.18
N CYS K 294 -71.33 -36.02 -32.23
CA CYS K 294 -70.85 -34.95 -31.38
C CYS K 294 -71.94 -33.91 -31.23
N SER K 295 -71.73 -32.98 -30.29
CA SER K 295 -72.77 -32.02 -29.94
C SER K 295 -72.93 -30.96 -31.02
N ALA K 296 -71.82 -30.39 -31.49
CA ALA K 296 -71.88 -29.34 -32.49
C ALA K 296 -70.57 -29.31 -33.27
N ALA K 297 -70.56 -28.54 -34.35
CA ALA K 297 -69.39 -28.40 -35.20
C ALA K 297 -69.34 -26.99 -35.76
N LEU K 298 -68.12 -26.54 -36.08
CA LEU K 298 -67.92 -25.24 -36.68
C LEU K 298 -67.80 -25.37 -38.19
N GLY K 299 -68.13 -24.30 -38.89
CA GLY K 299 -68.03 -24.28 -40.34
C GLY K 299 -68.09 -22.87 -40.90
N THR K 300 -67.48 -22.67 -42.06
CA THR K 300 -67.54 -21.38 -42.73
C THR K 300 -68.80 -21.29 -43.60
N ASP K 301 -69.30 -20.08 -43.75
CA ASP K 301 -70.50 -19.80 -44.56
C ASP K 301 -70.15 -18.69 -45.53
N GLY K 302 -69.63 -19.06 -46.70
CA GLY K 302 -69.31 -18.07 -47.71
C GLY K 302 -70.51 -17.76 -48.59
N GLY K 303 -71.23 -18.81 -48.99
CA GLY K 303 -72.42 -18.66 -49.79
C GLY K 303 -73.47 -19.67 -49.41
N GLY K 304 -73.89 -19.64 -48.15
CA GLY K 304 -74.79 -20.64 -47.63
C GLY K 304 -74.13 -21.95 -47.26
N ALA K 305 -72.80 -21.96 -47.11
CA ALA K 305 -72.07 -23.18 -46.85
C ALA K 305 -72.37 -23.78 -45.47
N VAL K 306 -73.07 -23.06 -44.60
CA VAL K 306 -73.47 -23.57 -43.30
C VAL K 306 -74.97 -23.87 -43.26
N ARG K 307 -75.79 -23.00 -43.86
CA ARG K 307 -77.23 -23.20 -43.83
C ARG K 307 -77.70 -24.26 -44.82
N ILE K 308 -77.03 -24.38 -45.98
CA ILE K 308 -77.43 -25.40 -46.95
C ILE K 308 -77.26 -26.81 -46.41
N PRO K 309 -76.10 -27.22 -45.87
CA PRO K 309 -76.01 -28.58 -45.32
C PRO K 309 -76.84 -28.77 -44.06
N SER K 310 -77.03 -27.72 -43.28
CA SER K 310 -77.86 -27.83 -42.08
C SER K 310 -79.32 -28.10 -42.43
N ALA K 311 -79.79 -27.57 -43.58
CA ALA K 311 -81.17 -27.80 -43.99
C ALA K 311 -81.34 -29.18 -44.60
N LEU K 312 -80.36 -29.64 -45.39
CA LEU K 312 -80.47 -30.93 -46.05
C LEU K 312 -80.25 -32.10 -45.09
N CYS K 313 -79.63 -31.87 -43.94
CA CYS K 313 -79.38 -32.91 -42.96
C CYS K 313 -80.31 -32.84 -41.75
N GLY K 314 -81.06 -31.76 -41.61
CA GLY K 314 -82.02 -31.66 -40.51
C GLY K 314 -81.45 -31.19 -39.20
N ILE K 315 -80.49 -30.25 -39.24
CA ILE K 315 -79.90 -29.69 -38.04
C ILE K 315 -79.98 -28.17 -38.12
N THR K 316 -79.50 -27.51 -37.07
CA THR K 316 -79.56 -26.06 -36.95
C THR K 316 -78.21 -25.48 -37.36
N GLY K 317 -78.23 -24.56 -38.32
CA GLY K 317 -77.04 -23.88 -38.76
C GLY K 317 -77.16 -22.37 -38.62
N LEU K 318 -76.33 -21.76 -37.77
CA LEU K 318 -76.43 -20.34 -37.47
C LEU K 318 -75.34 -19.59 -38.24
N LYS K 319 -75.75 -18.73 -39.17
CA LYS K 319 -74.86 -17.80 -39.84
C LYS K 319 -75.01 -16.45 -39.14
N THR K 320 -73.94 -16.01 -38.48
CA THR K 320 -73.98 -14.77 -37.71
C THR K 320 -73.66 -13.57 -38.60
N THR K 321 -73.77 -12.38 -38.03
CA THR K 321 -73.47 -11.16 -38.76
C THR K 321 -72.00 -11.15 -39.19
N TYR K 322 -71.73 -10.47 -40.31
CA TYR K 322 -70.36 -10.34 -40.79
C TYR K 322 -69.53 -9.55 -39.78
N GLY K 323 -68.45 -10.17 -39.31
CA GLY K 323 -67.60 -9.55 -38.31
C GLY K 323 -67.94 -9.91 -36.87
N ARG K 324 -69.07 -10.58 -36.63
CA ARG K 324 -69.46 -10.92 -35.28
C ARG K 324 -68.48 -11.89 -34.63
N THR K 325 -68.04 -12.89 -35.38
CA THR K 325 -67.11 -13.91 -34.88
C THR K 325 -65.77 -13.73 -35.57
N ASP K 326 -64.69 -13.77 -34.78
CA ASP K 326 -63.36 -13.55 -35.31
C ASP K 326 -62.94 -14.70 -36.23
N MET K 327 -62.51 -14.36 -37.44
CA MET K 327 -62.11 -15.35 -38.44
C MET K 327 -60.60 -15.50 -38.54
N THR K 328 -59.84 -14.92 -37.61
CA THR K 328 -58.38 -14.98 -37.69
C THR K 328 -57.91 -16.44 -37.61
N GLY K 329 -57.03 -16.81 -38.53
CA GLY K 329 -56.53 -18.17 -38.58
C GLY K 329 -57.43 -19.10 -39.37
N SER K 330 -57.83 -18.68 -40.56
CA SER K 330 -58.70 -19.50 -41.41
C SER K 330 -58.37 -19.20 -42.87
N LEU K 331 -58.84 -20.09 -43.75
CA LEU K 331 -58.56 -19.93 -45.17
C LEU K 331 -59.32 -18.77 -45.80
N CYS K 332 -60.40 -18.31 -45.16
CA CYS K 332 -61.26 -17.29 -45.74
C CYS K 332 -61.26 -16.01 -44.90
N GLU K 333 -60.17 -15.73 -44.19
CA GLU K 333 -60.05 -14.46 -43.50
C GLU K 333 -59.67 -13.36 -44.48
N GLY K 334 -60.31 -12.20 -44.33
CA GLY K 334 -60.12 -11.10 -45.25
C GLY K 334 -61.18 -10.99 -46.33
N GLY K 335 -62.01 -12.01 -46.49
CA GLY K 335 -63.09 -11.94 -47.45
C GLY K 335 -64.21 -11.05 -46.98
N THR K 336 -65.19 -10.83 -47.87
CA THR K 336 -66.28 -9.91 -47.61
C THR K 336 -67.64 -10.60 -47.58
N VAL K 337 -67.69 -11.93 -47.54
CA VAL K 337 -68.95 -12.65 -47.52
C VAL K 337 -68.90 -13.79 -46.52
N GLU K 338 -67.69 -14.24 -46.17
CA GLU K 338 -67.53 -15.43 -45.36
C GLU K 338 -67.62 -15.09 -43.87
N ILE K 339 -68.22 -16.01 -43.11
CA ILE K 339 -68.23 -15.97 -41.66
C ILE K 339 -67.86 -17.36 -41.15
N ILE K 340 -67.87 -17.51 -39.82
CA ILE K 340 -67.65 -18.80 -39.16
C ILE K 340 -68.80 -19.02 -38.19
N GLY K 341 -69.63 -20.02 -38.47
CA GLY K 341 -70.79 -20.30 -37.65
C GLY K 341 -70.87 -21.74 -37.21
N PRO K 342 -71.63 -21.99 -36.13
CA PRO K 342 -71.76 -23.34 -35.62
C PRO K 342 -72.91 -24.12 -36.28
N LEU K 343 -72.76 -25.44 -36.23
CA LEU K 343 -73.80 -26.37 -36.68
C LEU K 343 -74.10 -27.32 -35.53
N ALA K 344 -75.30 -27.21 -34.96
CA ALA K 344 -75.68 -27.99 -33.80
C ALA K 344 -76.96 -28.77 -34.10
N SER K 345 -77.22 -29.78 -33.25
CA SER K 345 -78.40 -30.62 -33.41
C SER K 345 -79.67 -29.92 -32.98
N SER K 346 -79.58 -28.97 -32.03
CA SER K 346 -80.75 -28.25 -31.56
C SER K 346 -80.37 -26.78 -31.38
N LEU K 347 -81.41 -25.94 -31.27
CA LEU K 347 -81.19 -24.50 -31.10
C LEU K 347 -80.49 -24.19 -29.78
N GLU K 348 -80.76 -24.99 -28.74
CA GLU K 348 -80.13 -24.76 -27.45
C GLU K 348 -78.62 -24.92 -27.54
N ASP K 349 -78.15 -25.90 -28.33
CA ASP K 349 -76.72 -26.13 -28.47
C ASP K 349 -76.06 -25.13 -29.41
N ALA K 350 -76.79 -24.66 -30.44
CA ALA K 350 -76.22 -23.68 -31.35
C ALA K 350 -76.00 -22.35 -30.66
N PHE K 351 -76.91 -21.98 -29.75
CA PHE K 351 -76.76 -20.72 -29.02
C PHE K 351 -75.61 -20.78 -28.02
N LEU K 352 -75.35 -21.94 -27.44
CA LEU K 352 -74.26 -22.06 -26.48
C LEU K 352 -72.90 -22.00 -27.16
N VAL K 353 -72.78 -22.59 -28.35
CA VAL K 353 -71.53 -22.52 -29.09
C VAL K 353 -71.31 -21.12 -29.62
N TYR K 354 -72.39 -20.43 -30.02
CA TYR K 354 -72.27 -19.06 -30.49
C TYR K 354 -71.76 -18.14 -29.38
N ALA K 355 -72.20 -18.37 -28.15
CA ALA K 355 -71.75 -17.55 -27.03
C ALA K 355 -70.27 -17.73 -26.72
N ALA K 356 -69.67 -18.83 -27.19
CA ALA K 356 -68.28 -19.12 -26.87
C ALA K 356 -67.31 -18.64 -27.96
N ILE K 357 -67.75 -18.59 -29.22
CA ILE K 357 -66.87 -18.19 -30.31
C ILE K 357 -67.04 -16.74 -30.72
N LEU K 358 -68.13 -16.08 -30.32
CA LEU K 358 -68.35 -14.70 -30.73
C LEU K 358 -67.27 -13.78 -30.15
N GLY K 359 -67.11 -12.64 -30.80
CA GLY K 359 -66.07 -11.70 -30.42
C GLY K 359 -65.29 -11.22 -31.64
N SER K 360 -65.51 -9.97 -32.03
CA SER K 360 -64.91 -9.43 -33.24
C SER K 360 -63.40 -9.23 -33.05
N SER K 361 -62.69 -9.24 -34.17
CA SER K 361 -61.25 -9.03 -34.14
C SER K 361 -60.92 -7.56 -33.86
N SER K 362 -59.63 -7.30 -33.66
CA SER K 362 -59.20 -5.94 -33.33
C SER K 362 -59.47 -4.99 -34.49
N ALA K 363 -59.33 -5.47 -35.72
CA ALA K 363 -59.54 -4.62 -36.89
C ALA K 363 -61.02 -4.41 -37.16
N ASP K 364 -61.82 -5.50 -37.12
CA ASP K 364 -63.24 -5.41 -37.41
C ASP K 364 -64.02 -4.65 -36.35
N ARG K 365 -63.45 -4.49 -35.14
CA ARG K 365 -64.13 -3.71 -34.12
C ARG K 365 -64.14 -2.22 -34.47
N TYR K 366 -63.02 -1.71 -34.99
CA TYR K 366 -62.97 -0.32 -35.41
C TYR K 366 -63.69 -0.09 -36.72
N ASN K 367 -63.54 -1.00 -37.68
CA ASN K 367 -64.08 -0.79 -39.02
C ASN K 367 -65.59 -1.02 -39.06
N LEU K 368 -66.03 -2.22 -38.67
CA LEU K 368 -67.45 -2.54 -38.77
C LEU K 368 -68.27 -1.97 -37.62
N LYS K 369 -67.64 -1.62 -36.50
CA LYS K 369 -68.31 -1.09 -35.31
C LYS K 369 -69.49 -1.98 -34.91
N PRO K 370 -69.24 -3.18 -34.42
CA PRO K 370 -70.36 -4.03 -33.99
C PRO K 370 -70.90 -3.60 -32.64
N SER K 371 -72.23 -3.61 -32.51
CA SER K 371 -72.85 -3.35 -31.23
C SER K 371 -72.55 -4.50 -30.27
N PRO K 372 -72.67 -4.25 -28.96
CA PRO K 372 -72.41 -5.32 -27.98
C PRO K 372 -73.26 -6.54 -28.28
N PRO K 373 -72.72 -7.75 -28.08
CA PRO K 373 -73.49 -8.95 -28.35
C PRO K 373 -74.66 -9.11 -27.38
N CYS K 374 -75.65 -9.88 -27.80
CA CYS K 374 -76.86 -10.07 -27.02
C CYS K 374 -77.27 -11.54 -27.08
N PHE K 375 -77.92 -11.97 -26.01
CA PHE K 375 -78.48 -13.32 -25.92
C PHE K 375 -79.99 -13.22 -25.80
N PRO K 376 -80.75 -14.01 -26.56
CA PRO K 376 -82.21 -13.99 -26.40
C PRO K 376 -82.61 -14.73 -25.13
N LYS K 377 -83.46 -14.08 -24.33
CA LYS K 377 -84.00 -14.70 -23.12
C LYS K 377 -84.91 -15.86 -23.54
N LEU K 378 -84.31 -17.01 -23.79
CA LEU K 378 -85.06 -18.18 -24.22
C LEU K 378 -86.04 -18.67 -23.16
N LEU K 379 -85.98 -18.11 -21.95
CA LEU K 379 -87.04 -18.30 -20.96
C LEU K 379 -88.35 -17.78 -21.55
N SER K 380 -89.25 -18.69 -21.92
CA SER K 380 -90.49 -18.29 -22.57
C SER K 380 -91.34 -17.38 -21.68
N HIS K 381 -91.24 -17.56 -20.36
CA HIS K 381 -91.94 -16.72 -19.39
C HIS K 381 -90.91 -15.91 -18.60
N ASN K 382 -91.12 -14.60 -18.54
CA ASN K 382 -92.27 -13.96 -19.17
C ASN K 382 -91.82 -13.10 -20.35
N GLY K 383 -91.84 -13.68 -21.55
CA GLY K 383 -91.39 -12.98 -22.74
C GLY K 383 -92.02 -13.46 -24.04
N SER K 384 -93.24 -13.98 -23.95
CA SER K 384 -93.97 -14.39 -25.16
C SER K 384 -94.46 -13.20 -25.97
N ASN K 385 -94.45 -11.99 -25.39
CA ASN K 385 -94.90 -10.81 -26.12
C ASN K 385 -93.86 -10.31 -27.11
N ALA K 386 -92.57 -10.47 -26.79
CA ALA K 386 -91.52 -10.03 -27.70
C ALA K 386 -91.47 -10.86 -28.98
N ILE K 387 -91.98 -12.09 -28.94
CA ILE K 387 -91.99 -12.92 -30.15
C ILE K 387 -93.17 -12.53 -31.04
N GLY K 388 -94.33 -12.24 -30.45
CA GLY K 388 -95.48 -11.84 -31.23
C GLY K 388 -95.36 -10.45 -31.84
N SER K 389 -94.46 -9.63 -31.32
CA SER K 389 -94.24 -8.29 -31.86
C SER K 389 -93.36 -8.29 -33.10
N LEU K 390 -92.94 -9.45 -33.59
CA LEU K 390 -92.10 -9.55 -34.77
C LEU K 390 -92.94 -9.53 -36.03
N ARG K 391 -92.40 -8.92 -37.08
CA ARG K 391 -93.04 -8.81 -38.38
C ARG K 391 -92.25 -9.66 -39.37
N LEU K 392 -92.86 -10.74 -39.84
CA LEU K 392 -92.19 -11.70 -40.71
C LEU K 392 -92.36 -11.26 -42.16
N GLY K 393 -91.26 -10.82 -42.77
CA GLY K 393 -91.31 -10.39 -44.16
C GLY K 393 -91.27 -11.60 -45.10
N LYS K 394 -92.19 -11.62 -46.06
CA LYS K 394 -92.31 -12.73 -46.99
C LYS K 394 -92.44 -12.21 -48.42
N TYR K 395 -91.62 -12.74 -49.31
CA TYR K 395 -91.72 -12.49 -50.74
C TYR K 395 -92.37 -13.71 -51.36
N THR K 396 -93.68 -13.62 -51.62
CA THR K 396 -94.46 -14.79 -51.99
C THR K 396 -93.97 -15.42 -53.30
N LYS K 397 -93.71 -14.59 -54.31
CA LYS K 397 -93.18 -15.13 -55.57
C LYS K 397 -91.80 -15.75 -55.35
N TRP K 398 -91.04 -15.23 -54.39
CA TRP K 398 -89.75 -15.82 -54.03
C TRP K 398 -89.93 -17.00 -53.08
N PHE K 399 -90.88 -16.88 -52.15
CA PHE K 399 -91.10 -17.92 -51.15
C PHE K 399 -91.52 -19.24 -51.78
N ASN K 400 -92.29 -19.19 -52.86
CA ASN K 400 -92.85 -20.39 -53.46
C ASN K 400 -92.00 -20.92 -54.61
N ASP K 401 -90.93 -20.24 -54.99
CA ASP K 401 -90.09 -20.66 -56.11
C ASP K 401 -89.18 -21.80 -55.67
N VAL K 402 -89.80 -22.97 -55.48
CA VAL K 402 -89.10 -24.18 -55.05
C VAL K 402 -89.44 -25.30 -56.02
N SER K 403 -88.49 -26.21 -56.21
CA SER K 403 -88.69 -27.33 -57.13
C SER K 403 -89.64 -28.39 -56.57
N SER K 404 -89.76 -28.49 -55.25
CA SER K 404 -90.68 -29.43 -54.62
C SER K 404 -91.79 -28.65 -53.91
N SER K 405 -93.05 -29.01 -54.19
CA SER K 405 -94.17 -28.32 -53.60
C SER K 405 -94.23 -28.50 -52.08
N ASP K 406 -93.57 -29.54 -51.54
CA ASP K 406 -93.60 -29.78 -50.11
C ASP K 406 -92.85 -28.71 -49.32
N ILE K 407 -91.91 -28.00 -49.95
CA ILE K 407 -91.06 -27.05 -49.23
C ILE K 407 -91.82 -25.77 -48.94
N SER K 408 -92.47 -25.20 -49.96
CA SER K 408 -93.24 -23.98 -49.75
C SER K 408 -94.46 -24.21 -48.86
N ASP K 409 -94.96 -25.44 -48.80
CA ASP K 409 -96.13 -25.73 -47.96
C ASP K 409 -95.74 -25.87 -46.49
N LYS K 410 -94.78 -26.73 -46.19
CA LYS K 410 -94.39 -26.94 -44.80
C LYS K 410 -93.77 -25.69 -44.20
N CYS K 411 -93.17 -24.82 -45.02
CA CYS K 411 -92.65 -23.56 -44.53
C CYS K 411 -93.77 -22.57 -44.25
N GLU K 412 -94.82 -22.58 -45.09
CA GLU K 412 -95.97 -21.74 -44.82
C GLU K 412 -96.74 -22.20 -43.59
N ASP K 413 -96.72 -23.51 -43.30
CA ASP K 413 -97.38 -24.00 -42.09
C ASP K 413 -96.70 -23.47 -40.84
N ILE K 414 -95.38 -23.29 -40.87
CA ILE K 414 -94.68 -22.70 -39.73
C ILE K 414 -95.05 -21.24 -39.59
N LEU K 415 -95.19 -20.52 -40.71
CA LEU K 415 -95.60 -19.12 -40.64
C LEU K 415 -97.02 -19.00 -40.10
N LYS K 416 -97.89 -19.95 -40.42
CA LYS K 416 -99.25 -19.92 -39.88
C LYS K 416 -99.25 -20.27 -38.39
N LEU K 417 -98.45 -21.26 -37.99
CA LEU K 417 -98.36 -21.62 -36.58
C LEU K 417 -97.75 -20.49 -35.76
N LEU K 418 -96.72 -19.83 -36.30
CA LEU K 418 -96.15 -18.68 -35.62
C LEU K 418 -97.16 -17.53 -35.53
N SER K 419 -97.97 -17.35 -36.58
CA SER K 419 -98.95 -16.27 -36.57
C SER K 419 -100.13 -16.59 -35.67
N ASN K 420 -100.47 -17.87 -35.52
CA ASN K 420 -101.63 -18.25 -34.72
C ASN K 420 -101.28 -18.35 -33.23
N ASN K 421 -100.14 -18.97 -32.92
CA ASN K 421 -99.81 -19.22 -31.51
C ASN K 421 -99.24 -17.98 -30.82
N HIS K 422 -98.50 -17.15 -31.54
CA HIS K 422 -97.85 -15.99 -30.95
C HIS K 422 -98.40 -14.65 -31.42
N GLY K 423 -99.03 -14.61 -32.59
CA GLY K 423 -99.56 -13.37 -33.11
C GLY K 423 -98.65 -12.63 -34.06
N CYS K 424 -97.65 -13.29 -34.63
CA CYS K 424 -96.74 -12.64 -35.56
C CYS K 424 -97.48 -12.29 -36.85
N LYS K 425 -97.27 -11.07 -37.33
CA LYS K 425 -97.89 -10.60 -38.56
C LYS K 425 -96.92 -10.79 -39.73
N VAL K 426 -97.39 -11.45 -40.77
CA VAL K 426 -96.57 -11.67 -41.96
C VAL K 426 -96.83 -10.52 -42.94
N VAL K 427 -95.78 -9.79 -43.27
CA VAL K 427 -95.86 -8.63 -44.15
C VAL K 427 -95.26 -9.01 -45.49
N GLU K 428 -96.06 -8.85 -46.56
CA GLU K 428 -95.59 -9.17 -47.90
C GLU K 428 -94.53 -8.16 -48.33
N ILE K 429 -93.35 -8.66 -48.71
CA ILE K 429 -92.24 -7.80 -49.11
C ILE K 429 -91.81 -8.14 -50.52
N VAL K 430 -90.83 -7.40 -51.05
CA VAL K 430 -90.29 -7.63 -52.39
C VAL K 430 -88.79 -7.34 -52.35
N VAL K 431 -88.01 -8.25 -52.92
CA VAL K 431 -86.56 -8.12 -52.94
C VAL K 431 -86.11 -7.89 -54.38
N PRO K 432 -85.89 -6.65 -54.79
CA PRO K 432 -85.53 -6.38 -56.19
C PRO K 432 -84.11 -6.82 -56.50
N GLU K 433 -83.85 -6.98 -57.80
CA GLU K 433 -82.50 -7.24 -58.32
C GLU K 433 -81.90 -8.52 -57.72
N LEU K 434 -82.68 -9.61 -57.77
CA LEU K 434 -82.17 -10.89 -57.30
C LEU K 434 -81.16 -11.50 -58.27
N GLU K 435 -81.19 -11.11 -59.55
CA GLU K 435 -80.20 -11.59 -60.50
C GLU K 435 -78.87 -10.85 -60.34
N GLU K 436 -78.92 -9.57 -60.00
CA GLU K 436 -77.68 -8.83 -59.72
C GLU K 436 -76.99 -9.36 -58.47
N MET K 437 -77.76 -9.89 -57.52
CA MET K 437 -77.16 -10.42 -56.30
C MET K 437 -76.35 -11.68 -56.57
N ARG K 438 -76.84 -12.53 -57.48
CA ARG K 438 -76.08 -13.73 -57.84
C ARG K 438 -74.83 -13.39 -58.62
N ALA K 439 -74.90 -12.37 -59.48
CA ALA K 439 -73.73 -11.97 -60.25
C ALA K 439 -72.70 -11.26 -59.38
N ALA K 440 -73.16 -10.42 -58.46
CA ALA K 440 -72.26 -9.70 -57.57
C ALA K 440 -71.74 -10.54 -56.41
N HIS K 441 -72.32 -11.73 -56.19
CA HIS K 441 -71.84 -12.60 -55.13
C HIS K 441 -70.78 -13.57 -55.63
N VAL K 442 -70.95 -14.12 -56.83
CA VAL K 442 -70.00 -15.10 -57.35
C VAL K 442 -68.63 -14.47 -57.58
N ILE K 443 -68.59 -13.17 -57.85
CA ILE K 443 -67.32 -12.49 -58.04
C ILE K 443 -66.75 -12.01 -56.70
N SER K 444 -67.60 -11.64 -55.74
CA SER K 444 -67.12 -11.18 -54.45
C SER K 444 -66.59 -12.31 -53.57
N ILE K 445 -66.94 -13.56 -53.87
CA ILE K 445 -66.50 -14.70 -53.07
C ILE K 445 -65.37 -15.42 -53.80
N GLY K 446 -65.38 -15.35 -55.13
CA GLY K 446 -64.40 -16.08 -55.91
C GLY K 446 -63.09 -15.34 -56.11
N SER K 447 -63.15 -14.00 -56.12
CA SER K 447 -61.94 -13.22 -56.37
C SER K 447 -60.93 -13.30 -55.21
N PRO K 448 -61.32 -13.09 -53.94
CA PRO K 448 -60.33 -13.24 -52.87
C PRO K 448 -59.89 -14.68 -52.66
N THR K 449 -60.75 -15.66 -52.96
CA THR K 449 -60.33 -17.06 -52.84
C THR K 449 -59.30 -17.42 -53.91
N LEU K 450 -59.54 -17.00 -55.15
CA LEU K 450 -58.58 -17.25 -56.22
C LEU K 450 -57.29 -16.46 -56.00
N SER K 451 -57.40 -15.24 -55.47
CA SER K 451 -56.22 -14.41 -55.29
C SER K 451 -55.25 -15.02 -54.28
N SER K 452 -55.78 -15.61 -53.20
CA SER K 452 -54.92 -16.21 -52.19
C SER K 452 -54.29 -17.49 -52.67
N LEU K 453 -54.97 -18.23 -53.56
CA LEU K 453 -54.45 -19.48 -54.09
C LEU K 453 -53.63 -19.29 -55.37
N THR K 454 -53.61 -18.08 -55.93
CA THR K 454 -52.91 -17.85 -57.19
C THR K 454 -51.41 -18.07 -57.09
N PRO K 455 -50.70 -17.56 -56.08
CA PRO K 455 -49.25 -17.87 -55.99
C PRO K 455 -48.96 -19.35 -55.89
N TYR K 456 -49.87 -20.13 -55.31
CA TYR K 456 -49.66 -21.58 -55.23
C TYR K 456 -49.97 -22.26 -56.56
N CYS K 457 -51.05 -21.85 -57.22
CA CYS K 457 -51.40 -22.47 -58.51
C CYS K 457 -50.38 -22.11 -59.59
N GLU K 458 -49.85 -20.89 -59.54
CA GLU K 458 -48.82 -20.50 -60.51
C GLU K 458 -47.53 -21.30 -60.32
N ALA K 459 -47.32 -21.85 -59.13
CA ALA K 459 -46.13 -22.65 -58.84
C ALA K 459 -46.28 -24.11 -59.26
N GLY K 460 -47.17 -24.41 -60.20
CA GLY K 460 -47.34 -25.77 -60.66
C GLY K 460 -48.19 -26.65 -59.78
N LYS K 461 -49.07 -26.07 -58.96
CA LYS K 461 -49.97 -26.84 -58.11
C LYS K 461 -51.43 -26.65 -58.48
N ASN K 462 -51.72 -26.07 -59.64
CA ASN K 462 -53.10 -25.94 -60.08
C ASN K 462 -53.68 -27.30 -60.50
N SER K 463 -52.85 -28.18 -61.05
CA SER K 463 -53.31 -29.50 -61.46
C SER K 463 -53.67 -30.37 -60.26
N LYS K 464 -53.14 -30.07 -59.08
CA LYS K 464 -53.47 -30.82 -57.88
C LYS K 464 -54.89 -30.55 -57.38
N LEU K 465 -55.59 -29.59 -57.98
CA LEU K 465 -56.97 -29.29 -57.62
C LEU K 465 -57.93 -30.18 -58.40
N SER K 466 -59.13 -30.33 -57.85
CA SER K 466 -60.16 -31.10 -58.53
C SER K 466 -60.72 -30.32 -59.72
N TYR K 467 -61.32 -31.08 -60.66
CA TYR K 467 -61.91 -30.44 -61.83
C TYR K 467 -63.11 -29.59 -61.47
N ASP K 468 -63.72 -29.80 -60.30
CA ASP K 468 -64.78 -28.92 -59.85
C ASP K 468 -64.25 -27.54 -59.50
N THR K 469 -63.10 -27.47 -58.83
CA THR K 469 -62.50 -26.19 -58.49
C THR K 469 -61.84 -25.54 -59.69
N ARG K 470 -61.26 -26.35 -60.59
CA ARG K 470 -60.61 -25.80 -61.77
C ARG K 470 -61.62 -25.20 -62.74
N THR K 471 -62.86 -25.71 -62.75
CA THR K 471 -63.89 -25.11 -63.57
C THR K 471 -64.32 -23.76 -63.01
N SER K 472 -64.46 -23.66 -61.70
CA SER K 472 -64.81 -22.39 -61.08
C SER K 472 -63.67 -21.39 -61.22
N PHE K 473 -62.43 -21.85 -61.04
CA PHE K 473 -61.29 -20.96 -61.19
C PHE K 473 -61.14 -20.45 -62.62
N ALA K 474 -61.49 -21.28 -63.61
CA ALA K 474 -61.46 -20.83 -64.99
C ALA K 474 -62.44 -19.69 -65.22
N ILE K 475 -63.60 -19.74 -64.57
CA ILE K 475 -64.55 -18.65 -64.64
C ILE K 475 -64.08 -17.46 -63.81
N PHE K 476 -63.48 -17.73 -62.64
CA PHE K 476 -63.02 -16.64 -61.78
C PHE K 476 -61.87 -15.87 -62.42
N ARG K 477 -60.98 -16.57 -63.12
CA ARG K 477 -59.85 -15.90 -63.76
C ARG K 477 -60.29 -14.94 -64.84
N SER K 478 -61.52 -15.09 -65.36
CA SER K 478 -62.04 -14.18 -66.37
C SER K 478 -62.68 -12.94 -65.77
N PHE K 479 -62.90 -12.89 -64.47
CA PHE K 479 -63.44 -11.70 -63.82
C PHE K 479 -62.35 -10.62 -63.76
N SER K 480 -62.63 -9.47 -64.37
CA SER K 480 -61.64 -8.39 -64.43
C SER K 480 -61.79 -7.47 -63.22
N ALA K 481 -60.78 -6.62 -63.02
CA ALA K 481 -60.79 -5.69 -61.91
C ALA K 481 -61.90 -4.66 -62.04
N SER K 482 -62.31 -4.34 -63.27
CA SER K 482 -63.42 -3.41 -63.45
C SER K 482 -64.75 -4.08 -63.14
N ASP K 483 -64.86 -5.39 -63.36
CA ASP K 483 -66.09 -6.09 -63.00
C ASP K 483 -66.29 -6.11 -61.49
N TYR K 484 -65.21 -6.21 -60.73
CA TYR K 484 -65.33 -6.22 -59.28
C TYR K 484 -65.85 -4.88 -58.76
N ILE K 485 -65.42 -3.78 -59.38
CA ILE K 485 -65.87 -2.45 -58.95
C ILE K 485 -67.37 -2.31 -59.16
N ALA K 486 -67.86 -2.68 -60.35
CA ALA K 486 -69.28 -2.60 -60.63
C ALA K 486 -70.06 -3.57 -59.75
N ALA K 487 -69.45 -4.67 -59.34
CA ALA K 487 -70.12 -5.61 -58.44
C ALA K 487 -70.36 -4.98 -57.07
N GLN K 488 -69.37 -4.26 -56.55
CA GLN K 488 -69.55 -3.61 -55.26
C GLN K 488 -70.59 -2.50 -55.33
N CYS K 489 -70.74 -1.87 -56.51
CA CYS K 489 -71.84 -0.93 -56.68
C CYS K 489 -73.19 -1.62 -56.60
N LEU K 490 -73.26 -2.88 -57.05
CA LEU K 490 -74.49 -3.64 -56.90
C LEU K 490 -74.74 -4.03 -55.44
N ARG K 491 -73.67 -4.19 -54.66
CA ARG K 491 -73.83 -4.53 -53.25
C ARG K 491 -74.46 -3.38 -52.48
N ARG K 492 -74.12 -2.15 -52.84
CA ARG K 492 -74.73 -0.99 -52.18
C ARG K 492 -76.20 -0.88 -52.53
N ARG K 493 -76.57 -1.23 -53.76
CA ARG K 493 -77.98 -1.18 -54.16
C ARG K 493 -78.80 -2.17 -53.35
N LEU K 494 -78.36 -3.42 -53.29
CA LEU K 494 -79.09 -4.44 -52.55
C LEU K 494 -79.08 -4.15 -51.05
N MET K 495 -78.01 -3.52 -50.55
CA MET K 495 -77.99 -3.13 -49.15
C MET K 495 -79.07 -2.09 -48.86
N GLU K 496 -79.31 -1.19 -49.80
CA GLU K 496 -80.34 -0.16 -49.59
C GLU K 496 -81.74 -0.75 -49.61
N TYR K 497 -81.99 -1.71 -50.52
CA TYR K 497 -83.29 -2.35 -50.56
C TYR K 497 -83.56 -3.09 -49.25
N HIS K 498 -82.61 -3.94 -48.83
CA HIS K 498 -82.83 -4.76 -47.64
C HIS K 498 -82.93 -3.90 -46.37
N LEU K 499 -82.25 -2.75 -46.35
CA LEU K 499 -82.33 -1.89 -45.18
C LEU K 499 -83.65 -1.12 -45.12
N ASN K 500 -84.27 -0.88 -46.29
CA ASN K 500 -85.62 -0.33 -46.30
C ASN K 500 -86.65 -1.39 -45.97
N ILE K 501 -86.39 -2.65 -46.35
CA ILE K 501 -87.28 -3.75 -45.97
C ILE K 501 -87.29 -3.91 -44.45
N PHE K 502 -86.12 -3.85 -43.82
CA PHE K 502 -86.01 -4.00 -42.38
C PHE K 502 -86.57 -2.82 -41.61
N LYS K 503 -87.09 -1.79 -42.29
CA LYS K 503 -87.80 -0.73 -41.60
C LYS K 503 -89.24 -1.11 -41.32
N ASP K 504 -89.86 -1.92 -42.18
CA ASP K 504 -91.24 -2.36 -42.02
C ASP K 504 -91.37 -3.74 -41.39
N VAL K 505 -90.32 -4.57 -41.45
CA VAL K 505 -90.34 -5.90 -40.87
C VAL K 505 -89.15 -6.06 -39.95
N ASP K 506 -89.11 -7.19 -39.25
CA ASP K 506 -88.02 -7.53 -38.35
C ASP K 506 -87.12 -8.63 -38.87
N VAL K 507 -87.67 -9.61 -39.60
CA VAL K 507 -86.91 -10.69 -40.19
C VAL K 507 -87.45 -10.95 -41.60
N ILE K 508 -86.76 -11.83 -42.32
CA ILE K 508 -87.17 -12.26 -43.65
C ILE K 508 -87.20 -13.79 -43.65
N VAL K 509 -88.39 -14.36 -43.70
CA VAL K 509 -88.58 -15.80 -43.63
C VAL K 509 -88.66 -16.37 -45.04
N THR K 510 -87.80 -17.34 -45.34
CA THR K 510 -87.77 -18.03 -46.62
C THR K 510 -87.30 -19.45 -46.36
N PRO K 511 -87.65 -20.39 -47.23
CA PRO K 511 -87.00 -21.71 -47.16
C PRO K 511 -85.51 -21.58 -47.37
N THR K 512 -84.74 -22.41 -46.66
CA THR K 512 -83.29 -22.30 -46.74
C THR K 512 -82.78 -22.65 -48.13
N THR K 513 -83.31 -23.71 -48.74
CA THR K 513 -82.91 -24.13 -50.08
C THR K 513 -84.17 -24.30 -50.93
N GLY K 514 -83.95 -24.50 -52.23
CA GLY K 514 -85.02 -24.73 -53.17
C GLY K 514 -85.31 -26.18 -53.48
N MET K 515 -84.63 -27.11 -52.81
CA MET K 515 -84.83 -28.54 -53.04
C MET K 515 -84.36 -29.29 -51.80
N THR K 516 -84.82 -30.53 -51.67
CA THR K 516 -84.37 -31.40 -50.60
C THR K 516 -82.99 -31.97 -50.95
N ALA K 517 -82.53 -32.94 -50.18
CA ALA K 517 -81.21 -33.52 -50.42
C ALA K 517 -81.17 -34.21 -51.77
N PRO K 518 -80.32 -33.76 -52.70
CA PRO K 518 -80.28 -34.38 -54.03
C PRO K 518 -79.51 -35.69 -54.02
N VAL K 519 -79.91 -36.58 -54.92
CA VAL K 519 -79.25 -37.89 -55.03
C VAL K 519 -77.91 -37.70 -55.72
N ILE K 520 -76.89 -38.39 -55.21
CA ILE K 520 -75.53 -38.30 -55.75
C ILE K 520 -75.45 -39.09 -57.05
N PRO K 521 -75.07 -38.48 -58.17
CA PRO K 521 -74.85 -39.23 -59.40
C PRO K 521 -73.66 -40.16 -59.25
N PRO K 522 -73.81 -41.44 -59.60
CA PRO K 522 -72.68 -42.38 -59.42
C PRO K 522 -71.46 -42.02 -60.26
N ASP K 523 -71.67 -41.52 -61.48
CA ASP K 523 -70.53 -41.13 -62.31
C ASP K 523 -69.83 -39.88 -61.78
N ALA K 524 -70.44 -39.14 -60.85
CA ALA K 524 -69.85 -37.95 -60.29
C ALA K 524 -68.90 -38.23 -59.13
N LEU K 525 -68.77 -39.50 -58.72
CA LEU K 525 -67.87 -39.85 -57.63
C LEU K 525 -66.43 -40.03 -58.08
N LYS K 526 -66.18 -40.13 -59.39
CA LYS K 526 -64.83 -40.36 -59.89
C LYS K 526 -63.99 -39.10 -59.82
N ASN K 527 -64.41 -38.03 -60.50
CA ASN K 527 -63.66 -36.79 -60.52
C ASN K 527 -64.53 -35.55 -60.31
N GLY K 528 -65.80 -35.73 -59.99
CA GLY K 528 -66.70 -34.62 -59.72
C GLY K 528 -67.75 -34.46 -60.79
N GLU K 529 -68.42 -33.31 -60.76
CA GLU K 529 -69.47 -32.99 -61.71
C GLU K 529 -69.58 -31.47 -61.83
N THR K 530 -70.47 -31.03 -62.73
CA THR K 530 -70.69 -29.61 -62.95
C THR K 530 -72.18 -29.38 -63.26
N ASN K 531 -73.02 -29.72 -62.28
CA ASN K 531 -74.47 -29.56 -62.41
C ASN K 531 -74.84 -28.19 -61.85
N ILE K 532 -75.01 -27.20 -62.75
CA ILE K 532 -75.32 -25.85 -62.32
C ILE K 532 -76.78 -25.72 -61.91
N GLN K 533 -77.67 -26.50 -62.53
CA GLN K 533 -79.09 -26.42 -62.19
C GLN K 533 -79.35 -26.84 -60.75
N VAL K 534 -78.51 -27.72 -60.20
CA VAL K 534 -78.66 -28.11 -58.80
C VAL K 534 -78.13 -27.03 -57.88
N THR K 535 -76.94 -26.51 -58.17
CA THR K 535 -76.38 -25.44 -57.35
C THR K 535 -77.23 -24.18 -57.41
N THR K 536 -77.98 -23.99 -58.49
CA THR K 536 -78.88 -22.85 -58.59
C THR K 536 -80.00 -22.95 -57.56
N ASP K 537 -80.63 -24.12 -57.45
CA ASP K 537 -81.75 -24.28 -56.53
C ASP K 537 -81.29 -24.23 -55.08
N LEU K 538 -80.03 -24.56 -54.80
CA LEU K 538 -79.55 -24.59 -53.42
C LEU K 538 -79.13 -23.20 -52.94
N MET K 539 -78.75 -22.31 -53.85
CA MET K 539 -78.27 -20.98 -53.51
C MET K 539 -79.34 -19.90 -53.68
N ARG K 540 -80.61 -20.29 -53.78
CA ARG K 540 -81.65 -19.33 -54.11
C ARG K 540 -81.94 -18.37 -52.97
N PHE K 541 -81.78 -18.81 -51.72
CA PHE K 541 -82.23 -18.03 -50.57
C PHE K 541 -81.11 -17.67 -49.59
N VAL K 542 -79.85 -17.93 -49.94
CA VAL K 542 -78.76 -17.76 -48.98
C VAL K 542 -77.85 -16.59 -49.30
N LEU K 543 -77.89 -16.05 -50.53
CA LEU K 543 -76.89 -15.07 -50.92
C LEU K 543 -77.09 -13.73 -50.22
N ALA K 544 -78.33 -13.38 -49.87
CA ALA K 544 -78.60 -12.08 -49.27
C ALA K 544 -77.92 -11.92 -47.91
N ALA K 545 -77.79 -13.02 -47.16
CA ALA K 545 -77.12 -12.93 -45.86
C ALA K 545 -75.61 -12.81 -46.00
N ASN K 546 -75.04 -13.32 -47.09
CA ASN K 546 -73.59 -13.30 -47.26
C ASN K 546 -73.10 -12.00 -47.88
N LEU K 547 -73.69 -11.59 -49.01
CA LEU K 547 -73.24 -10.39 -49.70
C LEU K 547 -73.46 -9.14 -48.87
N LEU K 548 -74.56 -9.10 -48.12
CA LEU K 548 -74.89 -7.94 -47.29
C LEU K 548 -74.50 -8.12 -45.83
N GLY K 549 -74.26 -9.35 -45.38
CA GLY K 549 -73.74 -9.59 -44.05
C GLY K 549 -74.77 -9.77 -42.96
N PHE K 550 -76.03 -10.05 -43.31
CA PHE K 550 -77.06 -10.20 -42.30
C PHE K 550 -76.96 -11.56 -41.62
N PRO K 551 -77.36 -11.66 -40.35
CA PRO K 551 -77.41 -12.96 -39.69
C PRO K 551 -78.64 -13.74 -40.13
N ALA K 552 -78.43 -15.03 -40.40
CA ALA K 552 -79.50 -15.92 -40.83
C ALA K 552 -79.30 -17.29 -40.20
N ILE K 553 -80.39 -17.91 -39.79
CA ILE K 553 -80.36 -19.25 -39.20
C ILE K 553 -81.20 -20.18 -40.04
N SER K 554 -80.83 -21.46 -40.05
CA SER K 554 -81.56 -22.51 -40.76
C SER K 554 -82.05 -23.50 -39.71
N VAL K 555 -83.36 -23.44 -39.43
CA VAL K 555 -83.96 -24.29 -38.40
C VAL K 555 -84.80 -25.36 -39.08
N PRO K 556 -84.73 -26.63 -38.64
CA PRO K 556 -85.57 -27.67 -39.25
C PRO K 556 -87.04 -27.44 -38.92
N VAL K 557 -87.89 -27.70 -39.92
CA VAL K 557 -89.33 -27.44 -39.77
C VAL K 557 -90.13 -28.62 -40.28
N GLY K 558 -89.50 -29.79 -40.38
CA GLY K 558 -90.20 -30.98 -40.79
C GLY K 558 -89.49 -31.67 -41.92
N TYR K 559 -90.24 -32.52 -42.63
CA TYR K 559 -89.69 -33.35 -43.69
C TYR K 559 -90.65 -33.35 -44.88
N ASP K 560 -90.16 -33.82 -46.02
CA ASP K 560 -90.95 -33.86 -47.24
C ASP K 560 -91.59 -35.25 -47.39
N LYS K 561 -92.01 -35.61 -48.60
CA LYS K 561 -92.70 -36.88 -48.82
C LYS K 561 -91.75 -38.08 -48.81
N GLU K 562 -90.44 -37.86 -48.85
CA GLU K 562 -89.46 -38.94 -48.81
C GLU K 562 -88.68 -38.94 -47.49
N GLY K 563 -89.19 -38.26 -46.46
CA GLY K 563 -88.50 -38.23 -45.19
C GLY K 563 -87.28 -37.34 -45.14
N LEU K 564 -87.01 -36.59 -46.20
CA LEU K 564 -85.85 -35.71 -46.22
C LEU K 564 -86.17 -34.40 -45.49
N PRO K 565 -85.25 -33.90 -44.67
CA PRO K 565 -85.55 -32.70 -43.89
C PRO K 565 -85.69 -31.45 -44.75
N ILE K 566 -86.47 -30.50 -44.25
CA ILE K 566 -86.67 -29.20 -44.86
C ILE K 566 -86.29 -28.13 -43.84
N GLY K 567 -85.58 -27.11 -44.31
CA GLY K 567 -85.13 -26.03 -43.45
C GLY K 567 -85.89 -24.74 -43.73
N LEU K 568 -85.97 -23.89 -42.71
CA LEU K 568 -86.58 -22.56 -42.83
C LEU K 568 -85.54 -21.53 -42.42
N GLN K 569 -85.24 -20.60 -43.33
CA GLN K 569 -84.23 -19.59 -43.08
C GLN K 569 -84.88 -18.33 -42.49
N ILE K 570 -84.29 -17.82 -41.41
CA ILE K 570 -84.75 -16.59 -40.77
C ILE K 570 -83.58 -15.62 -40.76
N MET K 571 -83.66 -14.59 -41.60
CA MET K 571 -82.60 -13.60 -41.73
C MET K 571 -83.06 -12.30 -41.07
N GLY K 572 -82.22 -11.76 -40.19
CA GLY K 572 -82.60 -10.59 -39.42
C GLY K 572 -81.70 -9.38 -39.63
N ARG K 573 -81.92 -8.35 -38.82
CA ARG K 573 -81.15 -7.11 -38.91
C ARG K 573 -79.70 -7.36 -38.50
N PRO K 574 -78.78 -6.48 -38.90
CA PRO K 574 -77.38 -6.64 -38.49
C PRO K 574 -77.22 -6.64 -36.98
N TRP K 575 -76.32 -7.50 -36.50
CA TRP K 575 -75.99 -7.66 -35.08
C TRP K 575 -77.20 -8.10 -34.25
N ALA K 576 -78.21 -8.68 -34.89
CA ALA K 576 -79.41 -9.09 -34.18
C ALA K 576 -79.58 -10.60 -34.18
N GLU K 577 -78.50 -11.32 -33.83
CA GLU K 577 -78.61 -12.76 -33.70
C GLU K 577 -79.54 -13.18 -32.58
N ALA K 578 -79.73 -12.31 -31.57
CA ALA K 578 -80.68 -12.63 -30.51
C ALA K 578 -82.11 -12.70 -31.04
N THR K 579 -82.48 -11.79 -31.94
CA THR K 579 -83.80 -11.86 -32.55
C THR K 579 -83.93 -13.08 -33.44
N VAL K 580 -82.86 -13.41 -34.17
CA VAL K 580 -82.90 -14.57 -35.06
C VAL K 580 -82.94 -15.86 -34.27
N LEU K 581 -82.15 -15.96 -33.19
CA LEU K 581 -82.15 -17.16 -32.37
C LEU K 581 -83.45 -17.31 -31.59
N GLY K 582 -83.99 -16.19 -31.09
CA GLY K 582 -85.23 -16.26 -30.33
C GLY K 582 -86.40 -16.74 -31.15
N LEU K 583 -86.50 -16.28 -32.40
CA LEU K 583 -87.58 -16.73 -33.28
C LEU K 583 -87.40 -18.19 -33.66
N ALA K 584 -86.17 -18.60 -33.96
CA ALA K 584 -85.91 -20.00 -34.29
C ALA K 584 -86.17 -20.91 -33.10
N ALA K 585 -86.02 -20.40 -31.88
CA ALA K 585 -86.36 -21.18 -30.70
C ALA K 585 -87.86 -21.46 -30.65
N ALA K 586 -88.68 -20.47 -31.03
CA ALA K 586 -90.13 -20.66 -31.09
C ALA K 586 -90.55 -21.48 -32.31
N VAL K 587 -89.69 -21.60 -33.31
CA VAL K 587 -90.03 -22.39 -34.49
C VAL K 587 -89.84 -23.88 -34.21
N GLU K 588 -88.71 -24.25 -33.61
CA GLU K 588 -88.47 -25.66 -33.30
C GLU K 588 -89.40 -26.18 -32.21
N GLU K 589 -90.00 -25.28 -31.42
CA GLU K 589 -91.02 -25.71 -30.47
C GLU K 589 -92.31 -26.10 -31.19
N LEU K 590 -92.54 -25.53 -32.37
CA LEU K 590 -93.72 -25.86 -33.17
C LEU K 590 -93.48 -27.03 -34.12
N ALA K 591 -92.22 -27.34 -34.44
CA ALA K 591 -91.88 -28.46 -35.32
C ALA K 591 -90.58 -29.09 -34.84
N PRO K 592 -90.64 -29.87 -33.75
CA PRO K 592 -89.41 -30.49 -33.23
C PRO K 592 -88.95 -31.63 -34.11
N VAL K 593 -87.64 -31.85 -34.11
CA VAL K 593 -87.06 -32.95 -34.89
C VAL K 593 -87.55 -34.27 -34.31
N THR K 594 -88.27 -35.04 -35.13
CA THR K 594 -88.89 -36.27 -34.68
C THR K 594 -88.38 -37.52 -35.37
N LYS K 595 -87.91 -37.42 -36.62
CA LYS K 595 -87.42 -38.59 -37.35
C LYS K 595 -85.95 -38.83 -37.01
N LYS K 596 -85.63 -40.07 -36.68
CA LYS K 596 -84.24 -40.47 -36.46
C LYS K 596 -83.57 -40.78 -37.79
N PRO K 597 -82.42 -40.18 -38.09
CA PRO K 597 -81.77 -40.43 -39.39
C PRO K 597 -81.37 -41.88 -39.55
N ALA K 598 -81.20 -42.29 -40.81
CA ALA K 598 -80.85 -43.68 -41.09
C ALA K 598 -79.52 -44.07 -40.46
N ILE K 599 -78.58 -43.13 -40.39
CA ILE K 599 -77.28 -43.36 -39.75
C ILE K 599 -77.25 -42.48 -38.51
N PHE K 600 -77.44 -43.10 -37.35
CA PHE K 600 -77.41 -42.39 -36.07
C PHE K 600 -76.68 -43.25 -35.05
N TYR K 601 -75.90 -42.60 -34.20
CA TYR K 601 -75.12 -43.28 -33.17
C TYR K 601 -75.48 -42.67 -31.82
N ASP K 602 -76.28 -43.40 -31.05
CA ASP K 602 -76.75 -42.94 -29.75
C ASP K 602 -75.63 -43.12 -28.73
N ILE K 603 -74.91 -42.04 -28.46
CA ILE K 603 -73.89 -42.03 -27.42
C ILE K 603 -74.61 -41.97 -26.07
N LEU K 604 -73.87 -42.13 -24.97
CA LEU K 604 -74.45 -42.25 -23.63
C LEU K 604 -75.35 -43.47 -23.52
N ASN K 605 -75.02 -44.53 -24.25
CA ASN K 605 -75.78 -45.79 -24.21
C ASN K 605 -74.85 -46.98 -24.39
N MET L 1 -35.25 -17.14 -49.45
CA MET L 1 -36.62 -17.03 -48.94
C MET L 1 -37.61 -16.86 -50.08
N GLY L 2 -37.19 -16.14 -51.12
CA GLY L 2 -38.04 -15.91 -52.27
C GLY L 2 -37.40 -16.39 -53.57
N LYS L 3 -37.78 -17.59 -54.01
CA LYS L 3 -37.25 -18.15 -55.25
C LYS L 3 -38.34 -18.88 -56.02
N TYR L 4 -39.05 -19.79 -55.36
CA TYR L 4 -40.16 -20.48 -56.01
C TYR L 4 -41.43 -19.61 -55.99
N GLN L 5 -41.86 -19.23 -54.80
CA GLN L 5 -42.94 -18.25 -54.63
C GLN L 5 -42.53 -17.32 -53.50
N VAL L 6 -42.88 -16.05 -53.64
CA VAL L 6 -42.39 -15.02 -52.72
C VAL L 6 -43.39 -14.84 -51.58
N MET L 7 -42.84 -14.55 -50.40
CA MET L 7 -43.62 -14.25 -49.21
C MET L 7 -43.21 -12.87 -48.68
N LYS L 8 -43.93 -12.40 -47.66
CA LYS L 8 -43.63 -11.09 -47.08
C LYS L 8 -44.32 -10.98 -45.73
N ARG L 9 -43.92 -9.94 -44.98
CA ARG L 9 -44.52 -9.59 -43.71
C ARG L 9 -44.65 -8.07 -43.65
N ALA L 10 -45.36 -7.58 -42.62
CA ALA L 10 -45.58 -6.15 -42.51
C ALA L 10 -45.17 -5.61 -41.15
N SER L 11 -45.90 -5.99 -40.11
CA SER L 11 -45.62 -5.49 -38.76
C SER L 11 -44.34 -6.06 -38.17
N GLU L 12 -43.75 -7.08 -38.78
CA GLU L 12 -42.53 -7.70 -38.29
C GLU L 12 -41.34 -7.43 -39.19
N VAL L 13 -41.43 -6.41 -40.04
CA VAL L 13 -40.35 -6.10 -40.98
C VAL L 13 -39.27 -5.31 -40.25
N ASP L 14 -38.02 -5.73 -40.45
CA ASP L 14 -36.87 -4.99 -39.93
C ASP L 14 -36.65 -3.76 -40.80
N LEU L 15 -37.00 -2.58 -40.28
CA LEU L 15 -36.88 -1.35 -41.05
C LEU L 15 -35.43 -0.94 -41.27
N SER L 16 -34.48 -1.56 -40.59
CA SER L 16 -33.07 -1.25 -40.78
C SER L 16 -32.44 -2.01 -41.93
N THR L 17 -33.11 -3.01 -42.48
CA THR L 17 -32.60 -3.78 -43.61
C THR L 17 -33.33 -3.45 -44.91
N VAL L 18 -34.21 -2.46 -44.90
CA VAL L 18 -34.94 -2.06 -46.10
C VAL L 18 -34.01 -1.26 -47.01
N LYS L 19 -33.90 -1.69 -48.27
CA LYS L 19 -33.04 -1.05 -49.24
C LYS L 19 -33.87 -0.39 -50.33
N TYR L 20 -33.43 0.79 -50.77
CA TYR L 20 -34.15 1.55 -51.77
C TYR L 20 -33.90 0.98 -53.16
N LYS L 21 -34.97 0.65 -53.87
CA LYS L 21 -34.90 0.08 -55.21
C LYS L 21 -35.04 1.18 -56.25
N ALA L 22 -34.29 1.06 -57.34
CA ALA L 22 -34.31 2.04 -58.41
C ALA L 22 -35.57 1.89 -59.26
N GLU L 23 -35.70 2.74 -60.27
CA GLU L 23 -36.87 2.72 -61.15
C GLU L 23 -36.67 1.68 -62.24
N THR L 24 -37.50 0.63 -62.22
CA THR L 24 -37.42 -0.46 -63.18
C THR L 24 -38.53 -0.39 -64.22
N MET L 25 -38.94 0.81 -64.60
CA MET L 25 -40.00 1.02 -65.58
C MET L 25 -39.36 1.20 -66.96
N LYS L 26 -39.12 0.09 -67.64
CA LYS L 26 -38.53 0.08 -68.97
C LYS L 26 -39.64 -0.03 -70.01
N ALA L 27 -39.69 0.93 -70.94
CA ALA L 27 -40.69 0.92 -72.00
C ALA L 27 -40.23 1.86 -73.11
N PRO L 28 -40.37 1.48 -74.37
CA PRO L 28 -39.97 2.38 -75.45
C PRO L 28 -40.92 3.56 -75.60
N HIS L 29 -40.43 4.59 -76.31
CA HIS L 29 -41.21 5.80 -76.57
C HIS L 29 -41.70 5.77 -78.01
N LEU L 30 -43.02 5.77 -78.18
CA LEU L 30 -43.65 5.68 -79.50
C LEU L 30 -44.52 6.90 -79.73
N THR L 31 -44.36 7.51 -80.90
CA THR L 31 -45.10 8.72 -81.27
C THR L 31 -45.55 8.62 -82.72
N GLY L 32 -46.66 9.28 -83.02
CA GLY L 32 -47.08 9.40 -84.41
C GLY L 32 -47.62 8.09 -84.95
N LEU L 33 -47.11 7.70 -86.12
CA LEU L 33 -47.60 6.48 -86.77
C LEU L 33 -47.19 5.24 -85.99
N SER L 34 -45.95 5.22 -85.47
CA SER L 34 -45.50 4.06 -84.70
C SER L 34 -46.35 3.86 -83.45
N PHE L 35 -46.85 4.94 -82.86
CA PHE L 35 -47.76 4.81 -81.72
C PHE L 35 -49.13 4.31 -82.17
N LYS L 36 -49.57 4.69 -83.37
CA LYS L 36 -50.87 4.22 -83.87
C LYS L 36 -50.84 2.72 -84.11
N LEU L 37 -49.78 2.21 -84.76
CA LEU L 37 -49.69 0.78 -85.03
C LEU L 37 -49.58 -0.02 -83.74
N PHE L 38 -48.99 0.54 -82.69
CA PHE L 38 -48.86 -0.16 -81.43
C PHE L 38 -50.17 -0.23 -80.66
N VAL L 39 -51.04 0.78 -80.82
CA VAL L 39 -52.35 0.74 -80.15
C VAL L 39 -53.22 -0.35 -80.76
N ASN L 40 -53.22 -0.46 -82.09
CA ASN L 40 -53.99 -1.52 -82.73
C ASN L 40 -53.41 -2.90 -82.43
N LEU L 41 -52.11 -2.98 -82.14
CA LEU L 41 -51.52 -4.24 -81.74
C LEU L 41 -51.97 -4.67 -80.35
N LEU L 42 -52.19 -3.69 -79.45
CA LEU L 42 -52.67 -4.03 -78.11
C LEU L 42 -54.13 -4.42 -78.14
N GLU L 43 -54.90 -3.92 -79.11
CA GLU L 43 -56.31 -4.23 -79.23
C GLU L 43 -56.58 -5.40 -80.18
N ALA L 44 -55.53 -6.09 -80.62
CA ALA L 44 -55.71 -7.26 -81.47
C ALA L 44 -56.36 -8.39 -80.67
N PRO L 45 -57.11 -9.27 -81.34
CA PRO L 45 -57.76 -10.38 -80.62
C PRO L 45 -56.78 -11.32 -79.93
N LEU L 46 -55.84 -11.89 -80.69
CA LEU L 46 -54.87 -12.83 -80.16
C LEU L 46 -53.56 -12.18 -79.78
N ILE L 47 -53.01 -11.33 -80.66
CA ILE L 47 -51.74 -10.68 -80.37
C ILE L 47 -51.88 -9.61 -79.30
N GLY L 48 -53.10 -9.09 -79.10
CA GLY L 48 -53.28 -8.02 -78.12
C GLY L 48 -53.02 -8.46 -76.70
N SER L 49 -53.47 -9.67 -76.33
CA SER L 49 -53.29 -10.15 -74.98
C SER L 49 -51.86 -10.61 -74.69
N LEU L 50 -51.10 -10.98 -75.72
CA LEU L 50 -49.74 -11.45 -75.51
C LEU L 50 -48.78 -10.30 -75.20
N ILE L 51 -49.00 -9.12 -75.79
CA ILE L 51 -48.10 -8.00 -75.55
C ILE L 51 -48.33 -7.41 -74.18
N VAL L 52 -49.58 -7.38 -73.71
CA VAL L 52 -49.88 -6.81 -72.40
C VAL L 52 -49.36 -7.70 -71.29
N ASP L 53 -49.44 -9.02 -71.47
CA ASP L 53 -48.91 -9.94 -70.47
C ASP L 53 -47.39 -9.87 -70.39
N TYR L 54 -46.72 -9.53 -71.49
CA TYR L 54 -45.27 -9.37 -71.45
C TYR L 54 -44.87 -8.09 -70.72
N LEU L 55 -45.62 -7.00 -70.94
CA LEU L 55 -45.31 -5.75 -70.26
C LEU L 55 -45.47 -5.89 -68.75
N LYS L 56 -46.53 -6.57 -68.30
CA LYS L 56 -46.71 -6.81 -66.89
C LYS L 56 -45.72 -7.82 -66.33
N LYS L 57 -45.14 -8.66 -67.18
CA LYS L 57 -44.10 -9.58 -66.75
C LYS L 57 -42.73 -8.93 -66.73
N ASP L 58 -42.48 -7.96 -67.61
CA ASP L 58 -41.17 -7.34 -67.72
C ASP L 58 -40.90 -6.38 -66.57
N ASN L 59 -41.88 -5.52 -66.25
CA ASN L 59 -41.68 -4.56 -65.18
C ASN L 59 -41.84 -5.19 -63.80
N GLY L 60 -42.60 -6.27 -63.70
CA GLY L 60 -42.77 -6.99 -62.46
C GLY L 60 -44.12 -6.86 -61.79
N MET L 61 -45.16 -6.45 -62.52
CA MET L 61 -46.48 -6.33 -61.92
C MET L 61 -47.16 -7.68 -61.77
N THR L 62 -46.86 -8.64 -62.64
CA THR L 62 -47.43 -9.97 -62.52
C THR L 62 -46.83 -10.72 -61.33
N LYS L 63 -45.54 -10.51 -61.06
CA LYS L 63 -44.90 -11.15 -59.92
C LYS L 63 -45.52 -10.69 -58.61
N ILE L 64 -45.88 -9.42 -58.51
CA ILE L 64 -46.43 -8.89 -57.26
C ILE L 64 -47.87 -9.33 -57.07
N PHE L 65 -48.67 -9.29 -58.13
CA PHE L 65 -50.10 -9.61 -58.00
C PHE L 65 -50.34 -11.11 -57.91
N ARG L 66 -49.60 -11.91 -58.68
CA ARG L 66 -49.92 -13.32 -58.86
C ARG L 66 -48.85 -14.29 -58.38
N ASN L 67 -47.63 -13.83 -58.13
CA ASN L 67 -46.55 -14.72 -57.69
C ASN L 67 -46.01 -14.31 -56.32
N THR L 68 -46.86 -13.75 -55.47
CA THR L 68 -46.42 -13.28 -54.17
C THR L 68 -47.54 -13.47 -53.16
N VAL L 69 -47.21 -14.07 -52.02
CA VAL L 69 -48.17 -14.30 -50.95
C VAL L 69 -48.19 -13.07 -50.05
N ILE L 70 -49.38 -12.51 -49.84
CA ILE L 70 -49.57 -11.32 -49.02
C ILE L 70 -50.36 -11.73 -47.78
N PRO L 71 -49.83 -11.56 -46.57
CA PRO L 71 -50.54 -12.00 -45.37
C PRO L 71 -51.57 -11.03 -44.85
N GLU L 72 -51.56 -9.78 -45.32
CA GLU L 72 -52.48 -8.78 -44.80
C GLU L 72 -53.86 -8.94 -45.42
N GLU L 73 -54.86 -8.46 -44.69
CA GLU L 73 -56.23 -8.43 -45.18
C GLU L 73 -56.45 -7.18 -46.02
N PRO L 74 -57.35 -7.23 -47.00
CA PRO L 74 -57.50 -6.10 -47.92
C PRO L 74 -58.07 -4.87 -47.24
N MET L 75 -57.48 -3.71 -47.53
CA MET L 75 -58.00 -2.41 -47.14
C MET L 75 -58.51 -1.74 -48.42
N PHE L 76 -59.83 -1.76 -48.60
CA PHE L 76 -60.43 -1.28 -49.85
C PHE L 76 -60.44 0.24 -49.95
N ARG L 77 -60.63 0.92 -48.84
CA ARG L 77 -60.60 2.38 -48.76
C ARG L 77 -59.72 2.79 -47.59
N PRO L 78 -59.15 3.99 -47.63
CA PRO L 78 -58.29 4.45 -46.53
C PRO L 78 -59.02 4.41 -45.19
N GLU L 79 -58.42 3.69 -44.23
CA GLU L 79 -58.96 3.55 -42.89
C GLU L 79 -58.05 4.31 -41.93
N PHE L 80 -58.56 5.41 -41.38
CA PHE L 80 -57.73 6.26 -40.53
C PHE L 80 -58.10 6.07 -39.07
N PRO L 81 -57.15 5.77 -38.20
CA PRO L 81 -57.41 5.78 -36.76
C PRO L 81 -57.48 7.21 -36.24
N SER L 82 -57.86 7.35 -34.97
CA SER L 82 -57.95 8.67 -34.37
C SER L 82 -56.56 9.32 -34.30
N GLN L 83 -56.51 10.61 -34.63
CA GLN L 83 -55.26 11.35 -34.71
C GLN L 83 -55.16 12.31 -33.54
N GLU L 84 -53.91 12.59 -33.14
CA GLU L 84 -53.68 13.60 -32.12
C GLU L 84 -54.08 14.98 -32.64
N PRO L 85 -54.66 15.83 -31.80
CA PRO L 85 -55.13 17.13 -32.27
C PRO L 85 -53.98 18.00 -32.77
N GLU L 86 -54.30 18.87 -33.72
CA GLU L 86 -53.30 19.76 -34.30
C GLU L 86 -52.98 20.91 -33.35
N HIS L 87 -51.74 21.38 -33.42
CA HIS L 87 -51.26 22.41 -32.52
C HIS L 87 -51.45 23.79 -33.15
N ASP L 88 -52.02 24.71 -32.37
CA ASP L 88 -52.19 26.11 -32.78
C ASP L 88 -53.09 26.23 -34.01
N VAL L 89 -54.28 25.65 -33.92
CA VAL L 89 -55.29 25.73 -34.98
C VAL L 89 -56.60 26.18 -34.35
N VAL L 90 -57.52 26.60 -35.22
CA VAL L 90 -58.86 27.03 -34.82
C VAL L 90 -59.87 26.02 -35.34
N ILE L 91 -60.75 25.56 -34.45
CA ILE L 91 -61.77 24.57 -34.82
C ILE L 91 -62.94 25.28 -35.47
N VAL L 92 -63.33 24.81 -36.66
CA VAL L 92 -64.49 25.34 -37.38
C VAL L 92 -65.53 24.24 -37.47
N GLY L 93 -66.80 24.60 -37.26
CA GLY L 93 -67.85 23.60 -37.25
C GLY L 93 -67.98 22.90 -38.59
N GLU L 94 -68.30 21.60 -38.54
CA GLU L 94 -68.45 20.83 -39.77
C GLU L 94 -69.68 21.26 -40.57
N ASP L 95 -70.75 21.66 -39.88
CA ASP L 95 -72.01 22.03 -40.53
C ASP L 95 -72.16 23.54 -40.70
N GLU L 96 -71.10 24.22 -41.09
CA GLU L 96 -71.15 25.65 -41.36
C GLU L 96 -71.15 25.90 -42.87
N SER L 97 -71.74 27.03 -43.27
CA SER L 97 -71.80 27.37 -44.67
C SER L 97 -70.44 27.84 -45.18
N PRO L 98 -70.19 27.74 -46.48
CA PRO L 98 -68.93 28.26 -47.02
C PRO L 98 -68.73 29.75 -46.81
N ILE L 99 -69.83 30.50 -46.66
CA ILE L 99 -69.71 31.92 -46.33
C ILE L 99 -69.19 32.10 -44.91
N ASP L 100 -69.61 31.22 -44.00
CA ASP L 100 -69.19 31.34 -42.61
C ASP L 100 -67.74 30.90 -42.42
N ARG L 101 -67.27 29.92 -43.21
CA ARG L 101 -65.89 29.49 -43.09
C ARG L 101 -64.93 30.54 -43.67
N LEU L 102 -65.35 31.27 -44.70
CA LEU L 102 -64.49 32.30 -45.25
C LEU L 102 -64.24 33.43 -44.26
N GLU L 103 -65.26 33.76 -43.45
CA GLU L 103 -65.07 34.81 -42.44
C GLU L 103 -64.09 34.36 -41.36
N THR L 104 -64.14 33.08 -40.97
CA THR L 104 -63.18 32.56 -40.02
C THR L 104 -61.80 32.42 -40.64
N ALA L 105 -61.73 32.14 -41.95
CA ALA L 105 -60.44 32.03 -42.62
C ALA L 105 -59.75 33.38 -42.73
N LEU L 106 -60.52 34.47 -42.83
CA LEU L 106 -59.92 35.79 -42.93
C LEU L 106 -59.25 36.22 -41.63
N LYS L 107 -59.78 35.76 -40.49
CA LYS L 107 -59.18 36.10 -39.20
C LYS L 107 -57.84 35.41 -38.99
N CYS L 108 -57.60 34.28 -39.67
CA CYS L 108 -56.30 33.62 -39.58
C CYS L 108 -55.26 34.28 -40.46
N LEU L 109 -55.67 34.99 -41.50
CA LEU L 109 -54.73 35.65 -42.39
C LEU L 109 -54.01 36.79 -41.65
N PRO L 110 -52.78 37.11 -42.04
CA PRO L 110 -51.98 38.06 -41.25
C PRO L 110 -52.28 39.51 -41.56
N GLN L 111 -51.24 40.36 -41.49
CA GLN L 111 -51.41 41.80 -41.67
C GLN L 111 -51.70 42.12 -43.13
N TYR L 112 -52.85 42.75 -43.37
CA TYR L 112 -53.23 43.20 -44.71
C TYR L 112 -52.87 44.67 -44.84
N ASP L 113 -51.74 44.95 -45.50
CA ASP L 113 -51.35 46.31 -45.87
C ASP L 113 -51.38 46.41 -47.39
N PRO L 114 -52.50 46.84 -47.99
CA PRO L 114 -52.60 46.85 -49.45
C PRO L 114 -51.69 47.88 -50.11
N SER L 115 -50.38 47.79 -49.84
CA SER L 115 -49.39 48.62 -50.51
C SER L 115 -48.96 48.03 -51.85
N ARG L 116 -49.62 46.97 -52.30
CA ARG L 116 -49.34 46.35 -53.59
C ARG L 116 -50.37 46.73 -54.65
N SER L 117 -51.65 46.82 -54.27
CA SER L 117 -52.67 47.29 -55.21
C SER L 117 -52.53 48.80 -55.44
N LEU L 118 -52.44 49.57 -54.36
CA LEU L 118 -52.18 51.00 -54.43
C LEU L 118 -50.80 51.29 -53.87
N HIS L 119 -50.17 52.36 -54.39
CA HIS L 119 -48.82 52.76 -53.99
C HIS L 119 -47.82 51.63 -54.21
N ALA L 120 -47.82 51.09 -55.42
CA ALA L 120 -46.83 50.09 -55.82
C ALA L 120 -45.55 50.80 -56.25
N ASP L 121 -44.45 50.49 -55.57
CA ASP L 121 -43.19 51.15 -55.85
C ASP L 121 -42.74 50.82 -57.27
N PRO L 122 -42.23 51.80 -58.02
CA PRO L 122 -41.78 51.50 -59.40
C PRO L 122 -40.68 50.45 -59.47
N VAL L 123 -39.78 50.43 -58.50
CA VAL L 123 -38.73 49.41 -58.46
C VAL L 123 -39.04 48.40 -57.36
N SER L 124 -39.72 47.31 -57.72
CA SER L 124 -40.10 46.29 -56.77
C SER L 124 -40.09 44.93 -57.46
N SER L 125 -40.13 43.88 -56.65
CA SER L 125 -40.15 42.52 -57.15
C SER L 125 -41.54 42.14 -57.65
N PHE L 126 -41.58 41.13 -58.50
CA PHE L 126 -42.85 40.67 -59.06
C PHE L 126 -43.58 39.77 -58.07
N ARG L 127 -44.89 39.96 -57.96
CA ARG L 127 -45.73 39.14 -57.11
C ARG L 127 -47.07 38.91 -57.79
N TYR L 128 -47.69 37.78 -57.48
CA TYR L 128 -49.01 37.48 -58.03
C TYR L 128 -50.09 38.26 -57.29
N TRP L 129 -51.20 38.51 -57.99
CA TRP L 129 -52.34 39.19 -57.40
C TRP L 129 -53.08 38.23 -56.48
N LYS L 130 -53.05 38.49 -55.18
CA LYS L 130 -53.74 37.65 -54.22
C LYS L 130 -55.24 37.89 -54.28
N ILE L 131 -56.00 36.97 -53.65
CA ILE L 131 -57.45 37.10 -53.62
C ILE L 131 -57.88 38.35 -52.85
N ARG L 132 -57.15 38.67 -51.77
CA ARG L 132 -57.47 39.86 -51.00
C ARG L 132 -57.18 41.14 -51.76
N ASP L 133 -56.32 41.10 -52.78
CA ASP L 133 -56.06 42.28 -53.58
C ASP L 133 -57.25 42.61 -54.47
N TYR L 134 -57.92 41.58 -55.00
CA TYR L 134 -59.13 41.82 -55.79
C TYR L 134 -60.27 42.32 -54.92
N ALA L 135 -60.46 41.71 -53.75
CA ALA L 135 -61.55 42.10 -52.87
C ALA L 135 -61.40 43.54 -52.39
N TYR L 136 -60.17 44.01 -52.22
CA TYR L 136 -59.97 45.40 -51.81
C TYR L 136 -60.29 46.36 -52.96
N ALA L 137 -59.80 46.05 -54.17
CA ALA L 137 -60.07 46.91 -55.31
C ALA L 137 -61.56 46.94 -55.65
N TYR L 138 -62.29 45.88 -55.31
CA TYR L 138 -63.74 45.89 -55.51
C TYR L 138 -64.43 46.82 -54.52
N ARG L 139 -64.04 46.73 -53.25
CA ARG L 139 -64.71 47.50 -52.20
C ARG L 139 -64.24 48.96 -52.20
N SER L 140 -62.97 49.20 -52.51
CA SER L 140 -62.49 50.57 -52.65
C SER L 140 -62.88 51.21 -53.97
N LYS L 141 -63.62 50.48 -54.82
CA LYS L 141 -64.14 50.99 -56.08
C LYS L 141 -63.01 51.42 -57.02
N LEU L 142 -61.86 50.77 -56.93
CA LEU L 142 -60.80 50.97 -57.92
C LEU L 142 -61.10 50.24 -59.22
N THR L 143 -61.76 49.08 -59.13
CA THR L 143 -62.19 48.33 -60.29
C THR L 143 -63.46 47.57 -59.93
N THR L 144 -64.05 46.93 -60.91
CA THR L 144 -65.28 46.19 -60.73
C THR L 144 -65.16 44.81 -61.37
N PRO L 145 -65.87 43.81 -60.85
CA PRO L 145 -65.81 42.47 -61.46
C PRO L 145 -66.18 42.44 -62.94
N LEU L 146 -66.95 43.42 -63.43
CA LEU L 146 -67.25 43.47 -64.85
C LEU L 146 -66.04 43.91 -65.65
N GLN L 147 -65.29 44.91 -65.14
CA GLN L 147 -64.07 45.32 -65.80
C GLN L 147 -63.01 44.22 -65.79
N VAL L 148 -63.02 43.37 -64.75
CA VAL L 148 -62.07 42.27 -64.69
C VAL L 148 -62.47 41.19 -65.69
N ALA L 149 -63.77 40.96 -65.87
CA ALA L 149 -64.23 39.95 -66.82
C ALA L 149 -63.94 40.38 -68.26
N LYS L 150 -64.23 41.64 -68.60
CA LYS L 150 -63.93 42.13 -69.93
C LYS L 150 -62.43 42.15 -70.21
N ARG L 151 -61.60 42.13 -69.16
CA ARG L 151 -60.17 42.04 -69.34
C ARG L 151 -59.72 40.60 -69.60
N ILE L 152 -60.37 39.63 -68.97
CA ILE L 152 -60.02 38.23 -69.18
C ILE L 152 -60.54 37.73 -70.52
N ILE L 153 -61.80 38.04 -70.85
CA ILE L 153 -62.39 37.59 -72.10
C ILE L 153 -61.65 38.18 -73.30
N SER L 154 -61.14 39.41 -73.17
CA SER L 154 -60.36 40.01 -74.25
C SER L 154 -59.09 39.22 -74.51
N ILE L 155 -58.42 38.76 -73.45
CA ILE L 155 -57.17 38.02 -73.61
C ILE L 155 -57.43 36.66 -74.25
N ILE L 156 -58.50 35.98 -73.84
CA ILE L 156 -58.79 34.65 -74.37
C ILE L 156 -59.15 34.73 -75.84
N GLU L 157 -60.04 35.66 -76.20
CA GLU L 157 -60.45 35.79 -77.59
C GLU L 157 -59.30 36.23 -78.50
N GLU L 158 -58.29 36.89 -77.94
CA GLU L 158 -57.18 37.36 -78.76
C GLU L 158 -56.15 36.25 -79.00
N PHE L 159 -55.68 35.62 -77.92
CA PHE L 159 -54.65 34.60 -78.03
C PHE L 159 -55.21 33.22 -78.35
N GLY L 160 -56.53 33.06 -78.41
CA GLY L 160 -57.12 31.77 -78.69
C GLY L 160 -56.90 30.75 -77.59
N TYR L 161 -57.25 31.12 -76.36
CA TYR L 161 -57.12 30.23 -75.22
C TYR L 161 -58.35 29.36 -75.01
N ASP L 162 -59.43 29.61 -75.75
CA ASP L 162 -60.59 28.73 -75.77
C ASP L 162 -60.70 27.97 -77.07
N LYS L 163 -59.66 28.01 -77.90
CA LYS L 163 -59.62 27.39 -79.21
C LYS L 163 -58.32 26.61 -79.36
N PRO L 164 -58.29 25.63 -80.24
CA PRO L 164 -57.03 24.91 -80.52
C PRO L 164 -56.01 25.86 -81.15
N PRO L 165 -54.72 25.48 -81.17
CA PRO L 165 -54.13 24.23 -80.69
C PRO L 165 -53.55 24.28 -79.27
N THR L 166 -53.57 25.44 -78.63
CA THR L 166 -53.00 25.63 -77.29
C THR L 166 -54.01 26.35 -76.41
N PRO L 167 -55.02 25.62 -75.91
CA PRO L 167 -56.07 26.29 -75.12
C PRO L 167 -55.91 26.09 -73.62
N PHE L 168 -56.28 27.13 -72.85
CA PHE L 168 -56.43 26.97 -71.41
C PHE L 168 -57.79 26.35 -71.07
N LEU L 169 -58.82 26.71 -71.83
CA LEU L 169 -60.17 26.23 -71.62
C LEU L 169 -60.65 25.47 -72.86
N ILE L 170 -61.62 24.58 -72.64
CA ILE L 170 -62.27 23.88 -73.74
C ILE L 170 -63.76 24.12 -73.79
N ARG L 171 -64.35 24.74 -72.76
CA ARG L 171 -65.75 25.15 -72.78
C ARG L 171 -65.83 26.52 -72.11
N PHE L 172 -65.87 27.58 -72.92
CA PHE L 172 -65.87 28.95 -72.42
C PHE L 172 -67.05 29.70 -73.02
N ASP L 173 -67.93 30.20 -72.17
CA ASP L 173 -69.07 31.01 -72.58
C ASP L 173 -68.79 32.45 -72.15
N ALA L 174 -68.45 33.30 -73.13
CA ALA L 174 -68.11 34.68 -72.82
C ALA L 174 -69.29 35.45 -72.25
N ASN L 175 -70.51 35.08 -72.64
CA ASN L 175 -71.69 35.76 -72.11
C ASN L 175 -72.04 35.30 -70.70
N GLU L 176 -71.77 34.04 -70.37
CA GLU L 176 -72.01 33.56 -69.01
C GLU L 176 -71.05 34.21 -68.02
N VAL L 177 -69.79 34.44 -68.44
CA VAL L 177 -68.83 35.09 -67.57
C VAL L 177 -69.22 36.55 -67.33
N ILE L 178 -69.77 37.22 -68.36
CA ILE L 178 -70.21 38.59 -68.20
C ILE L 178 -71.45 38.65 -67.32
N LYS L 179 -72.38 37.71 -67.50
CA LYS L 179 -73.61 37.72 -66.72
C LYS L 179 -73.34 37.52 -65.23
N GLN L 180 -72.31 36.75 -64.89
CA GLN L 180 -71.96 36.59 -63.48
C GLN L 180 -71.27 37.84 -62.94
N ALA L 181 -70.40 38.45 -63.75
CA ALA L 181 -69.71 39.67 -63.30
C ALA L 181 -70.66 40.85 -63.19
N GLU L 182 -71.76 40.84 -63.94
CA GLU L 182 -72.75 41.91 -63.82
C GLU L 182 -73.54 41.78 -62.53
N ALA L 183 -73.89 40.55 -62.13
CA ALA L 183 -74.57 40.34 -60.87
C ALA L 183 -73.66 40.64 -59.69
N SER L 184 -72.36 40.35 -59.81
CA SER L 184 -71.42 40.70 -58.75
C SER L 184 -71.18 42.20 -58.69
N THR L 185 -71.23 42.87 -59.84
CA THR L 185 -71.00 44.32 -59.88
C THR L 185 -72.11 45.07 -59.15
N ARG L 186 -73.36 44.70 -59.41
CA ARG L 186 -74.48 45.36 -58.74
C ARG L 186 -74.44 45.13 -57.24
N ARG L 187 -73.89 44.00 -56.79
CA ARG L 187 -73.78 43.75 -55.36
C ARG L 187 -72.78 44.70 -54.72
N PHE L 188 -71.69 45.05 -55.43
CA PHE L 188 -70.75 46.02 -54.91
C PHE L 188 -71.27 47.45 -55.04
N GLU L 189 -72.17 47.69 -56.00
CA GLU L 189 -72.73 49.03 -56.16
C GLU L 189 -73.65 49.39 -55.00
N GLN L 190 -74.39 48.42 -54.49
CA GLN L 190 -75.27 48.64 -53.35
C GLN L 190 -74.58 48.43 -52.02
N GLY L 191 -73.36 47.92 -52.01
CA GLY L 191 -72.59 47.81 -50.79
C GLY L 191 -72.89 46.59 -49.95
N ASN L 192 -73.08 45.43 -50.59
CA ASN L 192 -73.30 44.18 -49.86
C ASN L 192 -72.73 43.01 -50.66
N PRO L 193 -71.40 42.85 -50.64
CA PRO L 193 -70.81 41.66 -51.25
C PRO L 193 -71.13 40.41 -50.42
N ILE L 194 -71.10 39.27 -51.11
CA ILE L 194 -71.44 38.01 -50.46
C ILE L 194 -70.36 37.60 -49.47
N SER L 195 -69.12 37.49 -49.94
CA SER L 195 -68.01 37.08 -49.10
C SER L 195 -66.71 37.61 -49.71
N VAL L 196 -65.58 37.06 -49.26
CA VAL L 196 -64.29 37.47 -49.82
C VAL L 196 -64.05 36.90 -51.21
N LEU L 197 -64.80 35.87 -51.60
CA LEU L 197 -64.68 35.29 -52.94
C LEU L 197 -65.66 35.91 -53.93
N ASP L 198 -66.43 36.91 -53.52
CA ASP L 198 -67.37 37.56 -54.42
C ASP L 198 -66.61 38.35 -55.47
N GLY L 199 -66.79 37.97 -56.74
CA GLY L 199 -66.07 38.59 -57.83
C GLY L 199 -64.75 37.92 -58.17
N ILE L 200 -64.37 36.86 -57.47
CA ILE L 200 -63.13 36.14 -57.74
C ILE L 200 -63.40 35.10 -58.81
N PHE L 201 -62.53 35.07 -59.83
CA PHE L 201 -62.70 34.17 -60.96
C PHE L 201 -62.02 32.84 -60.67
N VAL L 202 -62.76 31.75 -60.81
CA VAL L 202 -62.27 30.40 -60.56
C VAL L 202 -62.55 29.56 -61.80
N THR L 203 -61.58 28.72 -62.16
CA THR L 203 -61.71 27.82 -63.30
C THR L 203 -61.95 26.40 -62.78
N ILE L 204 -62.88 25.69 -63.43
CA ILE L 204 -63.27 24.35 -63.01
C ILE L 204 -62.71 23.35 -64.01
N LYS L 205 -62.08 22.29 -63.49
CA LYS L 205 -61.54 21.24 -64.34
C LYS L 205 -62.67 20.50 -65.04
N ASP L 206 -62.41 20.08 -66.28
CA ASP L 206 -63.46 19.55 -67.15
C ASP L 206 -64.08 18.25 -66.65
N ASP L 207 -63.46 17.57 -65.69
CA ASP L 207 -64.05 16.38 -65.10
C ASP L 207 -64.96 16.70 -63.91
N ILE L 208 -65.19 17.98 -63.63
CA ILE L 208 -66.06 18.42 -62.54
C ILE L 208 -67.24 19.15 -63.15
N ASP L 209 -68.43 18.94 -62.57
CA ASP L 209 -69.65 19.52 -63.10
C ASP L 209 -69.74 21.01 -62.77
N CYS L 210 -70.04 21.81 -63.78
CA CYS L 210 -70.15 23.27 -63.61
C CYS L 210 -71.16 23.77 -64.63
N LEU L 211 -72.29 24.28 -64.15
CA LEU L 211 -73.33 24.79 -65.04
C LEU L 211 -72.90 26.12 -65.65
N PRO L 212 -73.31 26.39 -66.90
CA PRO L 212 -74.11 25.51 -67.75
C PRO L 212 -73.26 24.68 -68.72
N HIS L 213 -71.96 24.56 -68.45
CA HIS L 213 -71.08 23.86 -69.36
C HIS L 213 -71.25 22.35 -69.24
N PRO L 214 -71.04 21.61 -70.32
CA PRO L 214 -71.06 20.15 -70.24
C PRO L 214 -69.74 19.60 -69.71
N THR L 215 -69.84 18.48 -69.01
CA THR L 215 -68.68 17.80 -68.44
C THR L 215 -68.23 16.71 -69.39
N ASN L 216 -67.07 16.90 -70.02
CA ASN L 216 -66.52 15.96 -70.98
C ASN L 216 -65.26 15.27 -70.48
N GLY L 217 -64.48 15.91 -69.62
CA GLY L 217 -63.27 15.29 -69.11
C GLY L 217 -62.18 15.09 -70.13
N GLY L 218 -62.04 16.01 -71.09
CA GLY L 218 -61.04 15.89 -72.12
C GLY L 218 -61.49 15.13 -73.35
N THR L 219 -62.57 14.36 -73.26
CA THR L 219 -63.08 13.63 -74.40
C THR L 219 -63.89 14.55 -75.30
N THR L 220 -64.50 13.97 -76.33
CA THR L 220 -65.32 14.73 -77.27
C THR L 220 -66.71 14.11 -77.44
N TRP L 221 -67.11 13.22 -76.54
CA TRP L 221 -68.35 12.47 -76.72
C TRP L 221 -69.04 12.14 -75.41
N LEU L 222 -68.38 12.40 -74.28
CA LEU L 222 -68.95 12.03 -72.99
C LEU L 222 -70.23 12.79 -72.70
N HIS L 223 -70.38 13.99 -73.24
CA HIS L 223 -71.61 14.75 -73.06
C HIS L 223 -72.79 14.06 -73.75
N GLU L 224 -72.53 13.21 -74.74
CA GLU L 224 -73.62 12.49 -75.41
C GLU L 224 -74.26 11.46 -74.48
N ASP L 225 -73.50 10.95 -73.52
CA ASP L 225 -73.97 9.90 -72.63
C ASP L 225 -74.23 10.35 -71.21
N ARG L 226 -73.47 11.32 -70.70
CA ARG L 226 -73.59 11.79 -69.32
C ARG L 226 -73.80 13.30 -69.34
N SER L 227 -75.06 13.73 -69.22
CA SER L 227 -75.39 15.14 -69.21
C SER L 227 -75.14 15.73 -67.82
N VAL L 228 -75.45 17.02 -67.68
CA VAL L 228 -75.24 17.74 -66.42
C VAL L 228 -76.41 18.70 -66.22
N GLU L 229 -77.15 18.51 -65.13
CA GLU L 229 -78.26 19.39 -64.78
C GLU L 229 -78.08 20.04 -63.42
N LYS L 230 -77.03 19.69 -62.68
CA LYS L 230 -76.75 20.30 -61.39
C LYS L 230 -75.26 20.58 -61.28
N ASP L 231 -74.93 21.65 -60.56
CA ASP L 231 -73.54 21.94 -60.26
C ASP L 231 -72.97 20.90 -59.30
N SER L 232 -71.66 20.67 -59.40
CA SER L 232 -71.01 19.75 -58.49
C SER L 232 -71.02 20.30 -57.07
N ALA L 233 -70.56 19.46 -56.13
CA ALA L 233 -70.51 19.88 -54.74
C ALA L 233 -69.54 21.04 -54.54
N VAL L 234 -68.42 21.03 -55.26
CA VAL L 234 -67.42 22.08 -55.09
C VAL L 234 -67.84 23.36 -55.78
N VAL L 235 -68.57 23.26 -56.90
CA VAL L 235 -69.00 24.46 -57.62
C VAL L 235 -70.18 25.11 -56.90
N SER L 236 -71.11 24.31 -56.38
CA SER L 236 -72.25 24.86 -55.65
C SER L 236 -71.81 25.64 -54.42
N LYS L 237 -70.68 25.26 -53.81
CA LYS L 237 -70.18 25.99 -52.65
C LYS L 237 -69.49 27.29 -53.07
N LEU L 238 -68.66 27.24 -54.11
CA LEU L 238 -67.99 28.44 -54.58
C LEU L 238 -68.99 29.47 -55.10
N ARG L 239 -70.00 29.02 -55.84
CA ARG L 239 -70.99 29.94 -56.39
C ARG L 239 -71.79 30.63 -55.29
N SER L 240 -72.02 29.95 -54.17
CA SER L 240 -72.73 30.55 -53.05
C SER L 240 -71.92 31.65 -52.36
N CYS L 241 -70.62 31.73 -52.63
CA CYS L 241 -69.75 32.75 -52.05
C CYS L 241 -69.58 33.96 -52.97
N GLY L 242 -70.22 33.95 -54.13
CA GLY L 242 -70.08 35.03 -55.09
C GLY L 242 -68.99 34.83 -56.11
N ALA L 243 -68.36 33.67 -56.15
CA ALA L 243 -67.30 33.41 -57.13
C ALA L 243 -67.88 33.34 -58.53
N ILE L 244 -67.04 33.67 -59.51
CA ILE L 244 -67.42 33.68 -60.91
C ILE L 244 -66.73 32.50 -61.58
N LEU L 245 -67.51 31.52 -62.02
CA LEU L 245 -66.97 30.34 -62.68
C LEU L 245 -66.60 30.69 -64.12
N LEU L 246 -65.30 30.61 -64.42
CA LEU L 246 -64.79 31.03 -65.72
C LEU L 246 -65.22 30.06 -66.82
N GLY L 247 -64.66 28.86 -66.81
CA GLY L 247 -65.03 27.88 -67.80
C GLY L 247 -64.56 26.50 -67.40
N LYS L 248 -64.43 25.63 -68.40
CA LYS L 248 -63.92 24.27 -68.19
C LYS L 248 -62.50 24.18 -68.76
N ALA L 249 -61.53 23.96 -67.88
CA ALA L 249 -60.14 23.97 -68.29
C ALA L 249 -59.77 22.72 -69.08
N ASN L 250 -58.75 22.85 -69.91
CA ASN L 250 -58.22 21.71 -70.65
C ASN L 250 -57.57 20.73 -69.68
N MET L 251 -57.69 19.44 -69.99
CA MET L 251 -57.13 18.40 -69.14
C MET L 251 -56.74 17.20 -69.99
N HIS L 252 -55.86 16.38 -69.45
CA HIS L 252 -55.55 15.11 -70.08
C HIS L 252 -56.81 14.25 -70.11
N GLU L 253 -57.00 13.53 -71.23
CA GLU L 253 -58.25 12.81 -71.47
C GLU L 253 -58.56 11.81 -70.37
N LEU L 254 -59.64 12.05 -69.63
CA LEU L 254 -60.10 11.20 -68.54
C LEU L 254 -59.06 11.02 -67.44
N GLY L 255 -58.13 11.97 -67.32
CA GLY L 255 -57.11 11.89 -66.29
C GLY L 255 -56.14 10.75 -66.44
N MET L 256 -56.02 10.17 -67.63
CA MET L 256 -55.14 9.03 -67.86
C MET L 256 -53.76 9.46 -68.32
N GLY L 257 -53.13 10.33 -67.54
CA GLY L 257 -51.80 10.81 -67.86
C GLY L 257 -51.35 11.85 -66.85
N THR L 258 -50.08 12.24 -66.97
CA THR L 258 -49.49 13.23 -66.10
C THR L 258 -48.75 14.33 -66.86
N THR L 259 -48.81 14.33 -68.19
CA THR L 259 -48.17 15.37 -69.00
C THR L 259 -49.15 16.45 -69.43
N GLY L 260 -50.30 16.06 -69.98
CA GLY L 260 -51.29 17.04 -70.39
C GLY L 260 -51.64 16.96 -71.87
N ASN L 261 -51.19 15.90 -72.55
CA ASN L 261 -51.50 15.73 -73.96
C ASN L 261 -53.00 15.61 -74.18
N ASN L 262 -53.49 16.22 -75.26
CA ASN L 262 -54.89 16.09 -75.62
C ASN L 262 -55.00 16.38 -77.12
N SER L 263 -54.95 15.32 -77.92
CA SER L 263 -55.10 15.41 -79.36
C SER L 263 -56.55 15.64 -79.79
N ASN L 264 -57.41 16.09 -78.87
CA ASN L 264 -58.79 16.42 -79.16
C ASN L 264 -59.04 17.92 -79.19
N TYR L 265 -58.55 18.64 -78.17
CA TYR L 265 -58.64 20.10 -78.13
C TYR L 265 -57.31 20.80 -78.26
N GLY L 266 -56.22 20.17 -77.83
CA GLY L 266 -54.90 20.76 -77.90
C GLY L 266 -54.17 20.67 -76.58
N THR L 267 -52.85 20.59 -76.66
CA THR L 267 -52.01 20.48 -75.45
C THR L 267 -51.76 21.86 -74.86
N THR L 268 -52.09 22.01 -73.58
CA THR L 268 -51.85 23.29 -72.90
C THR L 268 -50.36 23.46 -72.64
N ARG L 269 -49.85 24.65 -72.92
CA ARG L 269 -48.43 24.93 -72.83
C ARG L 269 -48.08 25.57 -71.49
N ASN L 270 -46.85 25.33 -71.04
CA ASN L 270 -46.40 25.86 -69.77
C ASN L 270 -46.21 27.37 -69.87
N PRO L 271 -46.73 28.16 -68.93
CA PRO L 271 -46.52 29.61 -68.99
C PRO L 271 -45.05 30.01 -68.87
N HIS L 272 -44.23 29.21 -68.19
CA HIS L 272 -42.81 29.53 -68.06
C HIS L 272 -42.02 29.18 -69.32
N ASP L 273 -42.55 28.31 -70.17
CA ASP L 273 -41.93 27.94 -71.44
C ASP L 273 -42.98 27.30 -72.32
N PRO L 274 -43.42 27.97 -73.39
CA PRO L 274 -44.53 27.44 -74.21
C PRO L 274 -44.19 26.18 -74.97
N LYS L 275 -42.93 25.76 -75.01
CA LYS L 275 -42.55 24.53 -75.69
C LYS L 275 -42.68 23.30 -74.80
N ARG L 276 -42.83 23.49 -73.49
CA ARG L 276 -42.83 22.40 -72.52
C ARG L 276 -44.24 22.15 -71.99
N TYR L 277 -44.35 21.10 -71.16
CA TYR L 277 -45.62 20.69 -70.60
C TYR L 277 -45.98 21.50 -69.36
N THR L 278 -47.28 21.56 -69.07
CA THR L 278 -47.74 22.08 -67.79
C THR L 278 -47.72 21.00 -66.72
N GLY L 279 -47.89 19.75 -67.11
CA GLY L 279 -48.13 18.67 -66.18
C GLY L 279 -49.60 18.28 -66.16
N GLY L 280 -49.86 17.01 -65.84
CA GLY L 280 -51.20 16.48 -65.83
C GLY L 280 -51.63 16.06 -64.43
N SER L 281 -52.94 15.79 -64.31
CA SER L 281 -53.85 15.86 -65.44
C SER L 281 -54.55 17.22 -65.51
N SER L 282 -54.31 18.07 -64.50
CA SER L 282 -54.89 19.42 -64.45
C SER L 282 -53.99 20.38 -65.23
N SER L 283 -53.91 20.13 -66.54
CA SER L 283 -53.04 20.92 -67.40
C SER L 283 -53.56 22.35 -67.55
N GLY L 284 -54.78 22.50 -68.07
CA GLY L 284 -55.36 23.83 -68.22
C GLY L 284 -55.71 24.51 -66.90
N SER L 285 -55.95 23.73 -65.85
CA SER L 285 -56.32 24.33 -64.57
C SER L 285 -55.13 25.05 -63.93
N ALA L 286 -53.92 24.50 -64.09
CA ALA L 286 -52.73 25.08 -63.48
C ALA L 286 -52.13 26.20 -64.33
N ALA L 287 -52.17 26.06 -65.66
CA ALA L 287 -51.56 27.07 -66.53
C ALA L 287 -52.33 28.38 -66.49
N ILE L 288 -53.67 28.31 -66.47
CA ILE L 288 -54.48 29.52 -66.43
C ILE L 288 -54.31 30.27 -65.11
N VAL L 289 -53.86 29.59 -64.06
CA VAL L 289 -53.59 30.25 -62.78
C VAL L 289 -52.18 30.79 -62.73
N ALA L 290 -51.21 30.04 -63.25
CA ALA L 290 -49.83 30.53 -63.30
C ALA L 290 -49.70 31.72 -64.23
N ALA L 291 -50.50 31.78 -65.30
CA ALA L 291 -50.49 32.92 -66.20
C ALA L 291 -51.18 34.14 -65.61
N GLY L 292 -51.72 34.04 -64.40
CA GLY L 292 -52.35 35.17 -63.75
C GLY L 292 -53.74 35.52 -64.26
N LEU L 293 -54.31 34.71 -65.15
CA LEU L 293 -55.59 35.07 -65.74
C LEU L 293 -56.73 35.02 -64.73
N CYS L 294 -56.65 34.13 -63.73
CA CYS L 294 -57.66 34.03 -62.71
C CYS L 294 -57.01 33.79 -61.36
N SER L 295 -57.79 33.98 -60.30
CA SER L 295 -57.25 33.88 -58.94
C SER L 295 -56.84 32.45 -58.62
N ALA L 296 -57.72 31.49 -58.88
CA ALA L 296 -57.44 30.10 -58.57
C ALA L 296 -58.24 29.20 -59.49
N ALA L 297 -58.09 27.89 -59.32
CA ALA L 297 -58.81 26.91 -60.12
C ALA L 297 -58.88 25.60 -59.35
N LEU L 298 -59.89 24.80 -59.67
CA LEU L 298 -60.10 23.49 -59.05
C LEU L 298 -59.67 22.38 -59.99
N GLY L 299 -59.26 21.26 -59.41
CA GLY L 299 -58.87 20.10 -60.19
C GLY L 299 -58.88 18.87 -59.32
N THR L 300 -59.09 17.72 -59.95
CA THR L 300 -59.19 16.46 -59.23
C THR L 300 -57.82 15.77 -59.20
N ASP L 301 -57.40 15.34 -58.01
CA ASP L 301 -56.11 14.69 -57.80
C ASP L 301 -56.31 13.21 -57.54
N GLY L 302 -55.94 12.37 -58.50
CA GLY L 302 -55.98 10.94 -58.34
C GLY L 302 -54.59 10.32 -58.42
N GLY L 303 -53.68 11.02 -59.11
CA GLY L 303 -52.30 10.59 -59.21
C GLY L 303 -51.34 11.75 -59.06
N GLY L 304 -51.86 12.92 -58.74
CA GLY L 304 -51.03 14.09 -58.52
C GLY L 304 -51.36 15.27 -59.41
N ALA L 305 -52.62 15.41 -59.80
CA ALA L 305 -52.99 16.48 -60.73
C ALA L 305 -53.02 17.85 -60.06
N VAL L 306 -53.10 17.91 -58.74
CA VAL L 306 -53.05 19.18 -58.04
C VAL L 306 -51.69 19.29 -57.37
N ARG L 307 -50.70 18.60 -57.93
CA ARG L 307 -49.36 18.63 -57.36
C ARG L 307 -48.30 18.63 -58.46
N ILE L 308 -48.39 17.68 -59.39
CA ILE L 308 -47.43 17.65 -60.50
C ILE L 308 -47.54 18.88 -61.39
N PRO L 309 -48.72 19.31 -61.86
CA PRO L 309 -48.76 20.55 -62.64
C PRO L 309 -48.46 21.78 -61.81
N SER L 310 -48.84 21.80 -60.54
CA SER L 310 -48.54 22.94 -59.68
C SER L 310 -47.04 23.07 -59.45
N ALA L 311 -46.30 21.97 -59.51
CA ALA L 311 -44.86 22.03 -59.34
C ALA L 311 -44.16 22.47 -60.61
N LEU L 312 -44.67 22.03 -61.77
CA LEU L 312 -44.05 22.41 -63.04
C LEU L 312 -44.38 23.85 -63.43
N CYS L 313 -45.58 24.32 -63.10
CA CYS L 313 -45.99 25.68 -63.43
C CYS L 313 -45.63 26.70 -62.36
N GLY L 314 -45.26 26.25 -61.16
CA GLY L 314 -44.84 27.16 -60.11
C GLY L 314 -45.97 27.84 -59.38
N ILE L 315 -46.97 27.06 -58.98
CA ILE L 315 -48.09 27.55 -58.19
C ILE L 315 -48.35 26.58 -57.04
N THR L 316 -49.22 27.00 -56.13
CA THR L 316 -49.57 26.17 -54.98
C THR L 316 -50.74 25.27 -55.35
N GLY L 317 -50.56 23.96 -55.13
CA GLY L 317 -51.61 23.00 -55.33
C GLY L 317 -51.82 22.13 -54.10
N LEU L 318 -53.04 22.11 -53.59
CA LEU L 318 -53.37 21.41 -52.35
C LEU L 318 -54.13 20.13 -52.66
N LYS L 319 -53.60 18.99 -52.22
CA LYS L 319 -54.29 17.71 -52.27
C LYS L 319 -54.83 17.43 -50.87
N THR L 320 -56.15 17.53 -50.71
CA THR L 320 -56.75 17.39 -49.40
C THR L 320 -56.87 15.91 -49.02
N THR L 321 -57.28 15.68 -47.78
CA THR L 321 -57.49 14.32 -47.29
C THR L 321 -58.64 13.66 -48.04
N TYR L 322 -58.52 12.35 -48.24
CA TYR L 322 -59.53 11.59 -48.96
C TYR L 322 -60.89 11.68 -48.26
N GLY L 323 -61.86 12.33 -48.91
CA GLY L 323 -63.19 12.51 -48.36
C GLY L 323 -63.43 13.86 -47.73
N ARG L 324 -62.40 14.69 -47.60
CA ARG L 324 -62.57 16.01 -46.99
C ARG L 324 -63.40 16.93 -47.87
N THR L 325 -63.18 16.90 -49.18
CA THR L 325 -63.91 17.74 -50.12
C THR L 325 -64.87 16.86 -50.91
N ASP L 326 -66.17 17.13 -50.78
CA ASP L 326 -67.20 16.34 -51.43
C ASP L 326 -67.01 16.33 -52.94
N MET L 327 -66.85 15.13 -53.50
CA MET L 327 -66.65 14.96 -54.93
C MET L 327 -67.95 14.70 -55.69
N THR L 328 -69.10 14.93 -55.06
CA THR L 328 -70.38 14.71 -55.73
C THR L 328 -70.51 15.65 -56.93
N GLY L 329 -70.71 15.07 -58.10
CA GLY L 329 -70.74 15.81 -59.34
C GLY L 329 -69.44 15.82 -60.10
N SER L 330 -68.64 14.76 -60.03
CA SER L 330 -67.37 14.67 -60.73
C SER L 330 -67.26 13.33 -61.42
N LEU L 331 -66.32 13.25 -62.37
CA LEU L 331 -66.12 12.02 -63.12
C LEU L 331 -65.34 10.97 -62.35
N CYS L 332 -64.82 11.32 -61.17
CA CYS L 332 -64.04 10.38 -60.36
C CYS L 332 -64.69 10.14 -59.00
N GLU L 333 -66.00 10.32 -58.89
CA GLU L 333 -66.69 9.98 -57.64
C GLU L 333 -66.80 8.47 -57.50
N GLY L 334 -66.83 8.01 -56.25
CA GLY L 334 -66.83 6.60 -55.96
C GLY L 334 -65.46 5.95 -55.98
N GLY L 335 -64.43 6.64 -56.47
CA GLY L 335 -63.09 6.10 -56.46
C GLY L 335 -62.52 6.01 -55.06
N THR L 336 -61.26 5.58 -54.99
CA THR L 336 -60.58 5.40 -53.71
C THR L 336 -59.29 6.20 -53.57
N VAL L 337 -58.83 6.87 -54.63
CA VAL L 337 -57.56 7.59 -54.60
C VAL L 337 -57.73 9.00 -55.13
N GLU L 338 -58.97 9.45 -55.31
CA GLU L 338 -59.25 10.73 -55.94
C GLU L 338 -59.81 11.71 -54.93
N ILE L 339 -59.46 12.98 -55.11
CA ILE L 339 -60.01 14.10 -54.34
C ILE L 339 -60.27 15.26 -55.28
N ILE L 340 -60.62 16.42 -54.72
CA ILE L 340 -60.76 17.66 -55.48
C ILE L 340 -60.01 18.73 -54.71
N GLY L 341 -58.90 19.21 -55.27
CA GLY L 341 -58.09 20.21 -54.62
C GLY L 341 -57.97 21.50 -55.43
N PRO L 342 -57.71 22.60 -54.73
CA PRO L 342 -57.54 23.88 -55.43
C PRO L 342 -56.10 24.16 -55.84
N LEU L 343 -55.97 24.82 -56.99
CA LEU L 343 -54.69 25.32 -57.49
C LEU L 343 -54.75 26.84 -57.49
N ALA L 344 -53.82 27.48 -56.79
CA ALA L 344 -53.82 28.92 -56.66
C ALA L 344 -52.43 29.47 -56.87
N SER L 345 -52.36 30.76 -57.17
CA SER L 345 -51.08 31.42 -57.42
C SER L 345 -50.25 31.54 -56.15
N SER L 346 -50.90 31.63 -54.99
CA SER L 346 -50.21 31.77 -53.72
C SER L 346 -50.86 30.86 -52.69
N LEU L 347 -50.14 30.64 -51.59
CA LEU L 347 -50.67 29.82 -50.50
C LEU L 347 -51.89 30.48 -49.86
N GLU L 348 -51.92 31.81 -49.81
CA GLU L 348 -53.05 32.50 -49.20
C GLU L 348 -54.33 32.27 -50.01
N ASP L 349 -54.21 32.25 -51.34
CA ASP L 349 -55.40 32.04 -52.17
C ASP L 349 -55.90 30.61 -52.10
N ALA L 350 -54.97 29.64 -52.03
CA ALA L 350 -55.37 28.24 -51.93
C ALA L 350 -56.06 27.94 -50.61
N PHE L 351 -55.67 28.65 -49.54
CA PHE L 351 -56.32 28.45 -48.25
C PHE L 351 -57.75 29.00 -48.25
N LEU L 352 -57.98 30.10 -48.99
CA LEU L 352 -59.32 30.68 -49.02
C LEU L 352 -60.26 29.86 -49.90
N VAL L 353 -59.75 29.28 -50.98
CA VAL L 353 -60.59 28.44 -51.83
C VAL L 353 -60.89 27.12 -51.14
N TYR L 354 -59.92 26.57 -50.41
CA TYR L 354 -60.15 25.33 -49.67
C TYR L 354 -61.23 25.54 -48.60
N ALA L 355 -61.27 26.71 -47.99
CA ALA L 355 -62.26 26.98 -46.95
C ALA L 355 -63.68 26.95 -47.50
N ALA L 356 -63.86 27.29 -48.77
CA ALA L 356 -65.19 27.33 -49.37
C ALA L 356 -65.65 25.99 -49.90
N ILE L 357 -64.72 25.16 -50.41
CA ILE L 357 -65.10 23.90 -51.04
C ILE L 357 -65.12 22.71 -50.09
N LEU L 358 -64.50 22.84 -48.91
CA LEU L 358 -64.42 21.71 -48.00
C LEU L 358 -65.80 21.32 -47.48
N GLY L 359 -65.90 20.09 -46.97
CA GLY L 359 -67.16 19.57 -46.49
C GLY L 359 -67.38 18.14 -46.91
N SER L 360 -67.35 17.22 -45.94
CA SER L 360 -67.53 15.81 -46.25
C SER L 360 -68.97 15.53 -46.66
N SER L 361 -69.13 14.58 -47.58
CA SER L 361 -70.46 14.20 -48.03
C SER L 361 -71.18 13.41 -46.94
N SER L 362 -72.49 13.21 -47.16
CA SER L 362 -73.28 12.47 -46.18
C SER L 362 -72.82 11.02 -46.06
N ALA L 363 -72.39 10.42 -47.16
CA ALA L 363 -71.93 9.03 -47.14
C ALA L 363 -70.52 8.92 -46.57
N ASP L 364 -69.65 9.89 -46.83
CA ASP L 364 -68.29 9.84 -46.32
C ASP L 364 -68.18 10.31 -44.88
N ARG L 365 -69.18 11.04 -44.37
CA ARG L 365 -69.14 11.46 -42.98
C ARG L 365 -69.30 10.27 -42.03
N TYR L 366 -70.10 9.29 -42.41
CA TYR L 366 -70.32 8.11 -41.58
C TYR L 366 -69.28 7.03 -41.80
N ASN L 367 -68.77 6.89 -43.03
CA ASN L 367 -67.82 5.82 -43.33
C ASN L 367 -66.41 6.18 -42.91
N LEU L 368 -65.94 7.37 -43.27
CA LEU L 368 -64.58 7.79 -42.93
C LEU L 368 -64.47 8.43 -41.56
N LYS L 369 -65.57 9.00 -41.05
CA LYS L 369 -65.62 9.69 -39.77
C LYS L 369 -64.52 10.74 -39.68
N PRO L 370 -64.65 11.85 -40.41
CA PRO L 370 -63.60 12.88 -40.38
C PRO L 370 -63.71 13.76 -39.15
N SER L 371 -62.56 14.14 -38.61
CA SER L 371 -62.53 15.13 -37.55
C SER L 371 -62.96 16.49 -38.11
N PRO L 372 -63.48 17.38 -37.27
CA PRO L 372 -63.88 18.69 -37.76
C PRO L 372 -62.72 19.40 -38.43
N PRO L 373 -62.98 20.20 -39.45
CA PRO L 373 -61.90 20.89 -40.16
C PRO L 373 -61.21 21.91 -39.26
N CYS L 374 -60.02 22.32 -39.68
CA CYS L 374 -59.21 23.26 -38.93
C CYS L 374 -58.50 24.21 -39.89
N PHE L 375 -58.39 25.47 -39.48
CA PHE L 375 -57.65 26.46 -40.24
C PHE L 375 -56.38 26.82 -39.50
N PRO L 376 -55.22 26.82 -40.17
CA PRO L 376 -53.98 27.18 -39.47
C PRO L 376 -53.93 28.67 -39.18
N LYS L 377 -53.43 29.01 -38.00
CA LYS L 377 -53.27 30.42 -37.64
C LYS L 377 -52.12 31.03 -38.41
N LEU L 378 -52.40 31.55 -39.61
CA LEU L 378 -51.35 32.15 -40.44
C LEU L 378 -50.79 33.43 -39.84
N LEU L 379 -51.37 33.91 -38.73
CA LEU L 379 -50.77 35.02 -37.98
C LEU L 379 -49.45 34.55 -37.37
N SER L 380 -48.36 34.68 -38.14
CA SER L 380 -47.07 34.14 -37.69
C SER L 380 -46.56 34.83 -36.44
N HIS L 381 -46.89 36.11 -36.26
CA HIS L 381 -46.55 36.86 -35.06
C HIS L 381 -47.84 37.32 -34.38
N ASN L 382 -47.88 37.22 -33.05
CA ASN L 382 -46.75 36.88 -32.20
C ASN L 382 -46.46 35.38 -32.09
N GLY L 383 -47.50 34.55 -32.20
CA GLY L 383 -47.34 33.11 -32.02
C GLY L 383 -46.45 32.44 -33.03
N SER L 384 -45.18 32.23 -32.67
CA SER L 384 -44.19 31.61 -33.55
C SER L 384 -43.45 30.50 -32.82
N ASN L 385 -44.21 29.61 -32.16
CA ASN L 385 -43.64 28.48 -31.45
C ASN L 385 -44.24 27.15 -31.83
N ALA L 386 -45.14 27.10 -32.81
CA ALA L 386 -45.77 25.86 -33.23
C ALA L 386 -45.13 25.25 -34.47
N ILE L 387 -44.59 26.07 -35.37
CA ILE L 387 -43.95 25.53 -36.57
C ILE L 387 -42.62 24.87 -36.22
N GLY L 388 -41.85 25.47 -35.31
CA GLY L 388 -40.58 24.91 -34.91
C GLY L 388 -40.68 23.58 -34.20
N SER L 389 -41.86 23.25 -33.67
CA SER L 389 -42.08 21.98 -33.00
C SER L 389 -42.36 20.84 -33.96
N LEU L 390 -42.42 21.11 -35.26
CA LEU L 390 -42.70 20.06 -36.23
C LEU L 390 -41.47 19.19 -36.47
N ARG L 391 -41.72 17.98 -36.99
CA ARG L 391 -40.67 17.01 -37.30
C ARG L 391 -40.81 16.60 -38.76
N LEU L 392 -39.81 16.94 -39.56
CA LEU L 392 -39.85 16.70 -41.00
C LEU L 392 -39.21 15.35 -41.31
N GLY L 393 -40.01 14.41 -41.82
CA GLY L 393 -39.51 13.10 -42.21
C GLY L 393 -38.96 13.13 -43.62
N LYS L 394 -37.77 12.57 -43.81
CA LYS L 394 -37.08 12.65 -45.09
C LYS L 394 -36.38 11.32 -45.36
N TYR L 395 -36.76 10.67 -46.45
CA TYR L 395 -36.07 9.49 -46.97
C TYR L 395 -34.99 9.98 -47.94
N THR L 396 -33.74 9.91 -47.51
CA THR L 396 -32.65 10.54 -48.27
C THR L 396 -32.46 9.88 -49.64
N LYS L 397 -32.40 8.54 -49.67
CA LYS L 397 -32.26 7.85 -50.95
C LYS L 397 -33.41 8.19 -51.88
N TRP L 398 -34.63 8.24 -51.35
CA TRP L 398 -35.80 8.62 -52.15
C TRP L 398 -35.79 10.10 -52.49
N PHE L 399 -35.27 10.94 -51.59
CA PHE L 399 -35.27 12.38 -51.81
C PHE L 399 -34.41 12.75 -53.02
N ASN L 400 -33.24 12.14 -53.16
CA ASN L 400 -32.27 12.50 -54.18
C ASN L 400 -32.46 11.74 -55.50
N ASP L 401 -33.52 10.96 -55.62
CA ASP L 401 -33.77 10.17 -56.84
C ASP L 401 -34.52 11.04 -57.84
N VAL L 402 -33.82 12.08 -58.32
CA VAL L 402 -34.37 13.02 -59.28
C VAL L 402 -33.45 13.09 -60.49
N SER L 403 -34.04 13.31 -61.67
CA SER L 403 -33.25 13.35 -62.90
C SER L 403 -32.39 14.61 -62.98
N SER L 404 -32.86 15.71 -62.41
CA SER L 404 -32.12 16.97 -62.36
C SER L 404 -31.61 17.19 -60.95
N SER L 405 -30.30 17.31 -60.80
CA SER L 405 -29.70 17.51 -59.48
C SER L 405 -30.11 18.84 -58.85
N ASP L 406 -30.67 19.77 -59.64
CA ASP L 406 -31.11 21.04 -59.09
C ASP L 406 -32.31 20.87 -58.16
N ILE L 407 -33.17 19.89 -58.43
CA ILE L 407 -34.37 19.72 -57.62
C ILE L 407 -34.02 19.15 -56.25
N SER L 408 -33.03 18.24 -56.19
CA SER L 408 -32.62 17.70 -54.90
C SER L 408 -31.90 18.75 -54.06
N ASP L 409 -31.15 19.66 -54.69
CA ASP L 409 -30.40 20.67 -53.96
C ASP L 409 -31.30 21.82 -53.52
N LYS L 410 -32.18 22.30 -54.40
CA LYS L 410 -33.01 23.45 -54.06
C LYS L 410 -34.02 23.12 -52.98
N CYS L 411 -34.58 21.90 -53.03
CA CYS L 411 -35.50 21.48 -51.98
C CYS L 411 -34.77 21.26 -50.66
N GLU L 412 -33.52 20.78 -50.71
CA GLU L 412 -32.74 20.63 -49.49
C GLU L 412 -32.38 21.97 -48.88
N ASP L 413 -32.26 23.02 -49.70
CA ASP L 413 -32.05 24.36 -49.17
C ASP L 413 -33.25 24.82 -48.36
N ILE L 414 -34.45 24.39 -48.72
CA ILE L 414 -35.64 24.76 -47.97
C ILE L 414 -35.66 24.05 -46.62
N LEU L 415 -35.22 22.79 -46.59
CA LEU L 415 -35.14 22.08 -45.32
C LEU L 415 -34.10 22.69 -44.40
N LYS L 416 -32.95 23.10 -44.95
CA LYS L 416 -31.95 23.78 -44.15
C LYS L 416 -32.43 25.13 -43.66
N LEU L 417 -33.17 25.85 -44.51
CA LEU L 417 -33.71 27.15 -44.10
C LEU L 417 -34.79 26.99 -43.04
N LEU L 418 -35.58 25.91 -43.13
CA LEU L 418 -36.59 25.65 -42.11
C LEU L 418 -35.95 25.21 -40.80
N SER L 419 -34.89 24.39 -40.89
CA SER L 419 -34.20 23.94 -39.68
C SER L 419 -33.41 25.04 -39.00
N ASN L 420 -33.11 26.13 -39.72
CA ASN L 420 -32.34 27.24 -39.17
C ASN L 420 -33.22 28.40 -38.72
N ASN L 421 -34.17 28.82 -39.57
CA ASN L 421 -35.03 29.95 -39.26
C ASN L 421 -36.23 29.59 -38.40
N HIS L 422 -36.38 28.31 -38.02
CA HIS L 422 -37.52 27.90 -37.20
C HIS L 422 -37.18 26.87 -36.14
N GLY L 423 -36.20 26.01 -36.35
CA GLY L 423 -35.85 24.98 -35.38
C GLY L 423 -36.40 23.60 -35.67
N CYS L 424 -36.98 23.39 -36.85
CA CYS L 424 -37.50 22.09 -37.21
C CYS L 424 -36.36 21.09 -37.37
N LYS L 425 -36.57 19.88 -36.85
CA LYS L 425 -35.58 18.82 -36.96
C LYS L 425 -35.96 17.88 -38.08
N VAL L 426 -34.99 17.56 -38.94
CA VAL L 426 -35.20 16.63 -40.04
C VAL L 426 -34.88 15.21 -39.55
N VAL L 427 -35.88 14.34 -39.61
CA VAL L 427 -35.75 12.96 -39.13
C VAL L 427 -35.63 12.06 -40.34
N GLU L 428 -34.53 11.29 -40.40
CA GLU L 428 -34.31 10.37 -41.51
C GLU L 428 -35.25 9.18 -41.38
N ILE L 429 -36.18 9.04 -42.33
CA ILE L 429 -37.13 7.94 -42.32
C ILE L 429 -36.83 7.01 -43.49
N VAL L 430 -37.58 5.90 -43.56
CA VAL L 430 -37.45 4.94 -44.66
C VAL L 430 -38.85 4.46 -45.00
N VAL L 431 -39.17 4.42 -46.29
CA VAL L 431 -40.48 3.99 -46.77
C VAL L 431 -40.28 2.74 -47.62
N PRO L 432 -40.61 1.57 -47.10
CA PRO L 432 -40.42 0.33 -47.85
C PRO L 432 -41.53 0.11 -48.87
N GLU L 433 -41.28 -0.84 -49.77
CA GLU L 433 -42.28 -1.31 -50.72
C GLU L 433 -42.81 -0.17 -51.59
N LEU L 434 -41.90 0.66 -52.10
CA LEU L 434 -42.30 1.71 -53.02
C LEU L 434 -42.75 1.12 -54.36
N GLU L 435 -42.11 0.03 -54.79
CA GLU L 435 -42.52 -0.62 -56.03
C GLU L 435 -43.92 -1.21 -55.93
N GLU L 436 -44.26 -1.76 -54.77
CA GLU L 436 -45.61 -2.27 -54.55
C GLU L 436 -46.65 -1.16 -54.58
N MET L 437 -46.26 0.07 -54.21
CA MET L 437 -47.21 1.17 -54.21
C MET L 437 -47.58 1.59 -55.62
N ARG L 438 -46.63 1.57 -56.55
CA ARG L 438 -46.93 1.88 -57.93
C ARG L 438 -47.91 0.86 -58.52
N ALA L 439 -47.64 -0.43 -58.29
CA ALA L 439 -48.52 -1.46 -58.82
C ALA L 439 -49.89 -1.41 -58.17
N ALA L 440 -49.95 -1.08 -56.88
CA ALA L 440 -51.24 -1.01 -56.20
C ALA L 440 -52.04 0.21 -56.62
N HIS L 441 -51.36 1.30 -57.02
CA HIS L 441 -52.07 2.51 -57.37
C HIS L 441 -52.59 2.47 -58.80
N VAL L 442 -51.81 1.93 -59.74
CA VAL L 442 -52.22 1.92 -61.14
C VAL L 442 -53.50 1.11 -61.32
N ILE L 443 -53.69 0.07 -60.50
CA ILE L 443 -54.90 -0.74 -60.59
C ILE L 443 -56.03 -0.16 -59.74
N SER L 444 -55.71 0.55 -58.65
CA SER L 444 -56.74 1.14 -57.81
C SER L 444 -57.33 2.41 -58.42
N ILE L 445 -56.67 3.00 -59.42
CA ILE L 445 -57.19 4.20 -60.06
C ILE L 445 -57.75 3.90 -61.45
N GLY L 446 -57.28 2.85 -62.12
CA GLY L 446 -57.76 2.55 -63.46
C GLY L 446 -58.98 1.66 -63.47
N SER L 447 -59.12 0.81 -62.44
CA SER L 447 -60.26 -0.10 -62.39
C SER L 447 -61.59 0.64 -62.24
N PRO L 448 -61.76 1.57 -61.29
CA PRO L 448 -63.05 2.29 -61.21
C PRO L 448 -63.30 3.19 -62.40
N THR L 449 -62.25 3.73 -63.04
CA THR L 449 -62.44 4.57 -64.22
C THR L 449 -62.90 3.74 -65.41
N LEU L 450 -62.23 2.59 -65.64
CA LEU L 450 -62.63 1.70 -66.72
C LEU L 450 -64.02 1.11 -66.47
N SER L 451 -64.37 0.88 -65.20
CA SER L 451 -65.68 0.30 -64.90
C SER L 451 -66.82 1.26 -65.23
N SER L 452 -66.65 2.55 -64.93
CA SER L 452 -67.70 3.52 -65.21
C SER L 452 -67.77 3.90 -66.68
N LEU L 453 -66.70 3.67 -67.44
CA LEU L 453 -66.67 3.98 -68.87
C LEU L 453 -66.88 2.76 -69.74
N THR L 454 -67.03 1.57 -69.16
CA THR L 454 -67.16 0.37 -69.99
C THR L 454 -68.46 0.33 -70.78
N PRO L 455 -69.64 0.57 -70.20
CA PRO L 455 -70.88 0.50 -71.00
C PRO L 455 -70.89 1.46 -72.19
N TYR L 456 -70.13 2.55 -72.12
CA TYR L 456 -70.05 3.47 -73.27
C TYR L 456 -69.09 2.95 -74.32
N CYS L 457 -67.98 2.34 -73.89
CA CYS L 457 -67.05 1.76 -74.85
C CYS L 457 -67.60 0.49 -75.48
N GLU L 458 -68.40 -0.27 -74.73
CA GLU L 458 -69.05 -1.46 -75.31
C GLU L 458 -70.01 -1.07 -76.42
N ALA L 459 -70.56 0.14 -76.36
CA ALA L 459 -71.43 0.67 -77.40
C ALA L 459 -70.67 1.15 -78.63
N GLY L 460 -69.37 0.84 -78.72
CA GLY L 460 -68.57 1.18 -79.87
C GLY L 460 -67.85 2.50 -79.78
N LYS L 461 -67.93 3.20 -78.65
CA LYS L 461 -67.26 4.48 -78.49
C LYS L 461 -65.86 4.35 -77.88
N ASN L 462 -65.31 3.13 -77.87
CA ASN L 462 -63.93 2.97 -77.44
C ASN L 462 -62.95 3.52 -78.45
N SER L 463 -63.32 3.54 -79.73
CA SER L 463 -62.49 4.13 -80.76
C SER L 463 -62.53 5.66 -80.75
N LYS L 464 -63.53 6.25 -80.09
CA LYS L 464 -63.65 7.69 -79.96
C LYS L 464 -62.74 8.25 -78.86
N LEU L 465 -61.75 7.49 -78.41
CA LEU L 465 -60.81 7.93 -77.39
C LEU L 465 -59.45 8.15 -78.02
N SER L 466 -58.60 8.88 -77.29
CA SER L 466 -57.23 9.10 -77.74
C SER L 466 -56.43 7.81 -77.62
N TYR L 467 -55.32 7.75 -78.37
CA TYR L 467 -54.46 6.57 -78.34
C TYR L 467 -53.77 6.39 -77.00
N ASP L 468 -53.58 7.47 -76.24
CA ASP L 468 -53.00 7.35 -74.91
C ASP L 468 -53.96 6.65 -73.96
N THR L 469 -55.24 7.00 -74.01
CA THR L 469 -56.23 6.35 -73.14
C THR L 469 -56.47 4.90 -73.57
N ARG L 470 -56.55 4.65 -74.88
CA ARG L 470 -56.75 3.30 -75.37
C ARG L 470 -55.56 2.40 -75.06
N THR L 471 -54.38 2.97 -74.80
CA THR L 471 -53.24 2.17 -74.36
C THR L 471 -53.34 1.86 -72.88
N SER L 472 -53.75 2.84 -72.07
CA SER L 472 -53.98 2.58 -70.64
C SER L 472 -55.16 1.65 -70.44
N PHE L 473 -56.23 1.84 -71.20
CA PHE L 473 -57.39 0.96 -71.10
C PHE L 473 -57.04 -0.47 -71.51
N ALA L 474 -56.02 -0.64 -72.35
CA ALA L 474 -55.62 -1.98 -72.76
C ALA L 474 -54.97 -2.74 -71.62
N ILE L 475 -54.17 -2.06 -70.79
CA ILE L 475 -53.58 -2.71 -69.63
C ILE L 475 -54.58 -2.81 -68.50
N PHE L 476 -55.53 -1.88 -68.41
CA PHE L 476 -56.54 -1.94 -67.35
C PHE L 476 -57.47 -3.12 -67.54
N ARG L 477 -57.74 -3.51 -68.78
CA ARG L 477 -58.59 -4.69 -69.03
C ARG L 477 -57.89 -5.98 -68.66
N SER L 478 -56.56 -5.99 -68.60
CA SER L 478 -55.81 -7.19 -68.26
C SER L 478 -55.74 -7.43 -66.76
N PHE L 479 -56.20 -6.48 -65.94
CA PHE L 479 -56.17 -6.64 -64.49
C PHE L 479 -57.36 -7.50 -64.07
N SER L 480 -57.09 -8.70 -63.58
CA SER L 480 -58.14 -9.58 -63.12
C SER L 480 -58.66 -9.11 -61.76
N ALA L 481 -59.85 -9.61 -61.40
CA ALA L 481 -60.45 -9.24 -60.12
C ALA L 481 -59.57 -9.69 -58.96
N SER L 482 -58.85 -10.81 -59.12
CA SER L 482 -57.94 -11.26 -58.07
C SER L 482 -56.76 -10.32 -57.90
N ASP L 483 -56.28 -9.74 -59.01
CA ASP L 483 -55.20 -8.76 -58.92
C ASP L 483 -55.63 -7.52 -58.14
N TYR L 484 -56.92 -7.17 -58.20
CA TYR L 484 -57.41 -6.02 -57.45
C TYR L 484 -57.43 -6.32 -55.96
N ILE L 485 -57.82 -7.54 -55.58
CA ILE L 485 -57.86 -7.91 -54.17
C ILE L 485 -56.45 -7.94 -53.58
N ALA L 486 -55.48 -8.43 -54.35
CA ALA L 486 -54.10 -8.43 -53.89
C ALA L 486 -53.59 -7.01 -53.68
N ALA L 487 -54.02 -6.07 -54.53
CA ALA L 487 -53.57 -4.69 -54.40
C ALA L 487 -54.14 -4.02 -53.17
N GLN L 488 -55.37 -4.35 -52.78
CA GLN L 488 -55.95 -3.77 -51.57
C GLN L 488 -55.25 -4.30 -50.32
N CYS L 489 -54.74 -5.53 -50.36
CA CYS L 489 -53.94 -6.03 -49.25
C CYS L 489 -52.61 -5.29 -49.17
N LEU L 490 -52.03 -4.95 -50.32
CA LEU L 490 -50.83 -4.12 -50.34
C LEU L 490 -51.10 -2.70 -49.87
N ARG L 491 -52.34 -2.23 -49.98
CA ARG L 491 -52.68 -0.91 -49.48
C ARG L 491 -52.69 -0.87 -47.95
N ARG L 492 -53.06 -1.99 -47.31
CA ARG L 492 -53.00 -2.06 -45.86
C ARG L 492 -51.55 -2.06 -45.37
N ARG L 493 -50.68 -2.79 -46.06
CA ARG L 493 -49.26 -2.82 -45.69
C ARG L 493 -48.66 -1.41 -45.71
N LEU L 494 -48.86 -0.69 -46.82
CA LEU L 494 -48.30 0.65 -46.93
C LEU L 494 -48.94 1.59 -45.91
N MET L 495 -50.23 1.40 -45.63
CA MET L 495 -50.89 2.24 -44.63
C MET L 495 -50.27 2.02 -43.25
N GLU L 496 -49.86 0.79 -42.95
CA GLU L 496 -49.24 0.53 -41.66
C GLU L 496 -47.83 1.09 -41.58
N TYR L 497 -47.09 1.08 -42.70
CA TYR L 497 -45.77 1.69 -42.71
C TYR L 497 -45.85 3.19 -42.48
N HIS L 498 -46.82 3.85 -43.09
CA HIS L 498 -46.93 5.31 -42.99
C HIS L 498 -47.50 5.75 -41.65
N LEU L 499 -48.41 4.96 -41.06
CA LEU L 499 -48.94 5.32 -39.75
C LEU L 499 -47.87 5.18 -38.67
N ASN L 500 -46.93 4.25 -38.84
CA ASN L 500 -45.80 4.17 -37.92
C ASN L 500 -44.81 5.31 -38.16
N ILE L 501 -44.67 5.75 -39.42
CA ILE L 501 -43.80 6.88 -39.72
C ILE L 501 -44.35 8.15 -39.08
N PHE L 502 -45.67 8.36 -39.17
CA PHE L 502 -46.28 9.54 -38.58
C PHE L 502 -46.27 9.52 -37.05
N LYS L 503 -45.91 8.40 -36.44
CA LYS L 503 -45.67 8.40 -35.00
C LYS L 503 -44.39 9.16 -34.65
N ASP L 504 -43.39 9.11 -35.53
CA ASP L 504 -42.11 9.75 -35.29
C ASP L 504 -41.99 11.15 -35.88
N VAL L 505 -42.65 11.41 -37.01
CA VAL L 505 -42.58 12.69 -37.68
C VAL L 505 -43.99 13.24 -37.86
N ASP L 506 -44.06 14.54 -38.17
CA ASP L 506 -45.32 15.22 -38.40
C ASP L 506 -45.70 15.27 -39.88
N VAL L 507 -44.72 15.53 -40.75
CA VAL L 507 -44.92 15.56 -42.19
C VAL L 507 -43.80 14.78 -42.86
N ILE L 508 -43.98 14.50 -44.15
CA ILE L 508 -42.98 13.86 -44.99
C ILE L 508 -42.70 14.80 -46.15
N VAL L 509 -41.48 15.32 -46.22
CA VAL L 509 -41.10 16.33 -47.20
C VAL L 509 -40.29 15.66 -48.30
N THR L 510 -40.72 15.87 -49.55
CA THR L 510 -40.05 15.37 -50.74
C THR L 510 -40.25 16.38 -51.85
N PRO L 511 -39.36 16.39 -52.85
CA PRO L 511 -39.65 17.15 -54.07
C PRO L 511 -40.87 16.55 -54.76
N THR L 512 -41.77 17.43 -55.21
CA THR L 512 -43.04 16.95 -55.77
C THR L 512 -42.81 16.07 -57.00
N THR L 513 -41.90 16.47 -57.88
CA THR L 513 -41.60 15.71 -59.10
C THR L 513 -40.11 15.46 -59.19
N GLY L 514 -39.76 14.36 -59.87
CA GLY L 514 -38.36 14.03 -60.11
C GLY L 514 -37.70 14.78 -61.24
N MET L 515 -38.48 15.53 -62.02
CA MET L 515 -37.95 16.31 -63.12
C MET L 515 -38.73 17.62 -63.22
N THR L 516 -38.14 18.60 -63.89
CA THR L 516 -38.81 19.87 -64.14
C THR L 516 -39.84 19.71 -65.25
N ALA L 517 -40.26 20.80 -65.86
CA ALA L 517 -41.24 20.75 -66.94
C ALA L 517 -40.60 20.09 -68.16
N PRO L 518 -41.09 18.93 -68.61
CA PRO L 518 -40.48 18.24 -69.73
C PRO L 518 -40.85 18.86 -71.07
N VAL L 519 -39.96 18.69 -72.04
CA VAL L 519 -40.16 19.24 -73.37
C VAL L 519 -41.18 18.41 -74.12
N ILE L 520 -42.07 19.07 -74.86
CA ILE L 520 -43.09 18.40 -75.66
C ILE L 520 -42.44 17.90 -76.95
N PRO L 521 -42.44 16.59 -77.21
CA PRO L 521 -41.97 16.08 -78.50
C PRO L 521 -42.91 16.52 -79.61
N PRO L 522 -42.37 17.07 -80.70
CA PRO L 522 -43.25 17.52 -81.79
C PRO L 522 -44.09 16.40 -82.38
N ASP L 523 -43.54 15.19 -82.49
CA ASP L 523 -44.28 14.05 -83.05
C ASP L 523 -45.41 13.59 -82.14
N ALA L 524 -45.42 14.01 -80.88
CA ALA L 524 -46.44 13.60 -79.92
C ALA L 524 -47.65 14.51 -79.92
N LEU L 525 -47.66 15.57 -80.73
CA LEU L 525 -48.78 16.51 -80.72
C LEU L 525 -49.95 16.02 -81.56
N LYS L 526 -49.69 15.19 -82.57
CA LYS L 526 -50.75 14.79 -83.49
C LYS L 526 -51.70 13.78 -82.83
N ASN L 527 -51.15 12.71 -82.25
CA ASN L 527 -51.98 11.65 -81.70
C ASN L 527 -51.52 11.20 -80.31
N GLY L 528 -50.65 11.95 -79.65
CA GLY L 528 -50.17 11.61 -78.32
C GLY L 528 -48.88 10.82 -78.35
N GLU L 529 -48.47 10.39 -77.16
CA GLU L 529 -47.23 9.64 -76.99
C GLU L 529 -47.38 8.75 -75.76
N THR L 530 -46.37 7.91 -75.52
CA THR L 530 -46.44 6.87 -74.50
C THR L 530 -45.08 6.66 -73.84
N ASN L 531 -44.38 7.75 -73.54
CA ASN L 531 -43.10 7.66 -72.86
C ASN L 531 -43.33 7.39 -71.38
N ILE L 532 -42.93 6.20 -70.93
CA ILE L 532 -43.16 5.81 -69.54
C ILE L 532 -42.09 6.37 -68.62
N GLN L 533 -40.83 6.47 -69.09
CA GLN L 533 -39.77 7.00 -68.26
C GLN L 533 -39.99 8.46 -67.89
N VAL L 534 -40.83 9.18 -68.63
CA VAL L 534 -41.17 10.55 -68.26
C VAL L 534 -42.21 10.56 -67.16
N THR L 535 -43.27 9.76 -67.30
CA THR L 535 -44.26 9.61 -66.24
C THR L 535 -43.71 8.82 -65.06
N THR L 536 -42.55 8.18 -65.21
CA THR L 536 -41.91 7.50 -64.09
C THR L 536 -41.34 8.50 -63.09
N ASP L 537 -40.57 9.47 -63.58
CA ASP L 537 -39.99 10.49 -62.72
C ASP L 537 -41.04 11.40 -62.08
N LEU L 538 -42.20 11.54 -62.73
CA LEU L 538 -43.21 12.48 -62.24
C LEU L 538 -44.02 11.90 -61.08
N MET L 539 -44.47 10.65 -61.19
CA MET L 539 -45.27 10.00 -60.16
C MET L 539 -44.41 9.32 -59.09
N ARG L 540 -43.19 9.80 -58.86
CA ARG L 540 -42.31 9.14 -57.91
C ARG L 540 -42.64 9.51 -56.47
N PHE L 541 -43.21 10.68 -56.23
CA PHE L 541 -43.34 11.21 -54.88
C PHE L 541 -44.78 11.50 -54.45
N VAL L 542 -45.76 11.33 -55.34
CA VAL L 542 -47.13 11.76 -55.05
C VAL L 542 -48.10 10.59 -54.97
N LEU L 543 -47.61 9.35 -55.02
CA LEU L 543 -48.50 8.20 -55.00
C LEU L 543 -48.97 7.84 -53.59
N ALA L 544 -48.20 8.19 -52.57
CA ALA L 544 -48.56 7.82 -51.21
C ALA L 544 -49.85 8.52 -50.78
N ALA L 545 -49.96 9.82 -51.06
CA ALA L 545 -51.13 10.58 -50.66
C ALA L 545 -52.40 10.13 -51.36
N ASN L 546 -52.28 9.52 -52.55
CA ASN L 546 -53.47 9.08 -53.27
C ASN L 546 -53.92 7.70 -52.80
N LEU L 547 -53.01 6.73 -52.78
CA LEU L 547 -53.37 5.37 -52.38
C LEU L 547 -53.77 5.30 -50.91
N LEU L 548 -53.16 6.14 -50.06
CA LEU L 548 -53.42 6.09 -48.63
C LEU L 548 -54.34 7.20 -48.14
N GLY L 549 -54.50 8.28 -48.89
CA GLY L 549 -55.46 9.31 -48.55
C GLY L 549 -54.93 10.49 -47.76
N PHE L 550 -53.63 10.51 -47.45
CA PHE L 550 -53.07 11.61 -46.69
C PHE L 550 -53.14 12.90 -47.48
N PRO L 551 -53.27 14.04 -46.81
CA PRO L 551 -53.22 15.33 -47.51
C PRO L 551 -51.79 15.75 -47.81
N ALA L 552 -51.60 16.33 -48.99
CA ALA L 552 -50.28 16.79 -49.42
C ALA L 552 -50.42 18.08 -50.22
N ILE L 553 -49.41 18.93 -50.13
CA ILE L 553 -49.39 20.19 -50.84
C ILE L 553 -48.13 20.26 -51.68
N SER L 554 -48.18 21.08 -52.73
CA SER L 554 -47.04 21.33 -53.60
C SER L 554 -46.81 22.83 -53.66
N VAL L 555 -45.75 23.30 -52.99
CA VAL L 555 -45.45 24.72 -52.89
C VAL L 555 -44.17 25.00 -53.67
N PRO L 556 -44.13 26.06 -54.48
CA PRO L 556 -42.89 26.38 -55.21
C PRO L 556 -41.77 26.75 -54.26
N VAL L 557 -40.56 26.27 -54.58
CA VAL L 557 -39.41 26.48 -53.71
C VAL L 557 -38.21 26.98 -54.51
N GLY L 558 -38.47 27.60 -55.65
CA GLY L 558 -37.43 28.18 -56.47
C GLY L 558 -37.45 27.64 -57.89
N TYR L 559 -36.36 27.90 -58.61
CA TYR L 559 -36.23 27.51 -59.99
C TYR L 559 -34.88 26.81 -60.20
N ASP L 560 -34.80 26.05 -61.28
CA ASP L 560 -33.58 25.30 -61.60
C ASP L 560 -32.69 26.15 -62.51
N LYS L 561 -31.73 25.52 -63.20
CA LYS L 561 -30.78 26.25 -64.03
C LYS L 561 -31.39 26.77 -65.32
N GLU L 562 -32.61 26.35 -65.67
CA GLU L 562 -33.28 26.82 -66.87
C GLU L 562 -34.48 27.70 -66.56
N GLY L 563 -34.57 28.22 -65.34
CA GLY L 563 -35.69 29.05 -64.96
C GLY L 563 -37.01 28.34 -64.82
N LEU L 564 -37.01 27.01 -64.78
CA LEU L 564 -38.23 26.23 -64.64
C LEU L 564 -38.54 26.01 -63.15
N PRO L 565 -39.82 26.10 -62.78
CA PRO L 565 -40.17 26.00 -61.36
C PRO L 565 -39.89 24.62 -60.78
N ILE L 566 -39.50 24.63 -59.51
CA ILE L 566 -39.24 23.41 -58.74
C ILE L 566 -40.25 23.35 -57.60
N GLY L 567 -40.90 22.20 -57.44
CA GLY L 567 -41.93 22.02 -56.44
C GLY L 567 -41.44 21.21 -55.26
N LEU L 568 -42.06 21.44 -54.10
CA LEU L 568 -41.79 20.69 -52.88
C LEU L 568 -43.11 20.17 -52.32
N GLN L 569 -43.10 18.94 -51.84
CA GLN L 569 -44.30 18.29 -51.33
C GLN L 569 -44.23 18.15 -49.81
N ILE L 570 -45.34 18.48 -49.14
CA ILE L 570 -45.47 18.35 -47.70
C ILE L 570 -46.72 17.51 -47.46
N MET L 571 -46.53 16.24 -47.09
CA MET L 571 -47.64 15.32 -46.84
C MET L 571 -47.78 15.12 -45.34
N GLY L 572 -48.97 15.42 -44.81
CA GLY L 572 -49.23 15.36 -43.40
C GLY L 572 -50.16 14.23 -43.00
N ARG L 573 -50.48 14.21 -41.70
CA ARG L 573 -51.33 13.17 -41.13
C ARG L 573 -52.75 13.26 -41.70
N PRO L 574 -53.53 12.19 -41.55
CA PRO L 574 -54.93 12.26 -41.96
C PRO L 574 -55.67 13.42 -41.31
N TRP L 575 -56.49 14.10 -42.10
CA TRP L 575 -57.27 15.27 -41.69
C TRP L 575 -56.40 16.40 -41.16
N ALA L 576 -55.11 16.42 -41.52
CA ALA L 576 -54.21 17.45 -41.02
C ALA L 576 -53.84 18.43 -42.13
N GLU L 577 -54.84 19.13 -42.67
CA GLU L 577 -54.57 20.16 -43.67
C GLU L 577 -54.00 21.43 -43.04
N ALA L 578 -54.43 21.77 -41.82
CA ALA L 578 -53.89 22.95 -41.15
C ALA L 578 -52.42 22.78 -40.83
N THR L 579 -51.98 21.56 -40.54
CA THR L 579 -50.55 21.31 -40.34
C THR L 579 -49.78 21.50 -41.64
N VAL L 580 -50.33 21.02 -42.74
CA VAL L 580 -49.66 21.14 -44.04
C VAL L 580 -49.72 22.58 -44.54
N LEU L 581 -50.88 23.22 -44.43
CA LEU L 581 -51.02 24.59 -44.88
C LEU L 581 -50.18 25.56 -44.05
N GLY L 582 -49.96 25.24 -42.78
CA GLY L 582 -49.14 26.10 -41.95
C GLY L 582 -47.67 26.03 -42.30
N LEU L 583 -47.15 24.82 -42.52
CA LEU L 583 -45.75 24.67 -42.90
C LEU L 583 -45.50 25.26 -44.29
N ALA L 584 -46.42 25.03 -45.23
CA ALA L 584 -46.25 25.57 -46.57
C ALA L 584 -46.25 27.09 -46.58
N ALA L 585 -46.93 27.71 -45.61
CA ALA L 585 -46.90 29.16 -45.50
C ALA L 585 -45.53 29.65 -45.06
N ALA L 586 -44.87 28.92 -44.15
CA ALA L 586 -43.52 29.28 -43.75
C ALA L 586 -42.51 29.01 -44.86
N VAL L 587 -42.82 28.05 -45.74
CA VAL L 587 -41.90 27.72 -46.83
C VAL L 587 -41.90 28.83 -47.89
N GLU L 588 -43.10 29.27 -48.30
CA GLU L 588 -43.19 30.33 -49.30
C GLU L 588 -42.74 31.68 -48.75
N GLU L 589 -42.69 31.84 -47.43
CA GLU L 589 -42.07 33.03 -46.85
C GLU L 589 -40.56 33.00 -47.00
N LEU L 590 -39.97 31.82 -47.17
CA LEU L 590 -38.53 31.68 -47.37
C LEU L 590 -38.13 31.66 -48.84
N ALA L 591 -39.03 31.26 -49.73
CA ALA L 591 -38.77 31.24 -51.16
C ALA L 591 -39.98 31.77 -51.90
N PRO L 592 -40.19 33.08 -51.90
CA PRO L 592 -41.35 33.65 -52.59
C PRO L 592 -41.20 33.56 -54.10
N VAL L 593 -42.34 33.50 -54.79
CA VAL L 593 -42.35 33.46 -56.25
C VAL L 593 -41.93 34.84 -56.75
N THR L 594 -40.70 34.94 -57.26
CA THR L 594 -40.14 36.21 -57.70
C THR L 594 -40.04 36.35 -59.21
N LYS L 595 -39.91 35.24 -59.93
CA LYS L 595 -39.76 35.29 -61.38
C LYS L 595 -41.12 35.33 -62.06
N LYS L 596 -41.22 36.17 -63.09
CA LYS L 596 -42.45 36.30 -63.87
C LYS L 596 -42.44 35.31 -65.02
N PRO L 597 -43.53 34.57 -65.24
CA PRO L 597 -43.56 33.61 -66.34
C PRO L 597 -43.47 34.28 -67.69
N ALA L 598 -43.11 33.49 -68.71
CA ALA L 598 -43.04 34.01 -70.07
C ALA L 598 -44.41 34.43 -70.58
N ILE L 599 -45.45 33.69 -70.19
CA ILE L 599 -46.82 34.03 -70.56
C ILE L 599 -47.57 34.47 -69.31
N PHE L 600 -47.53 35.77 -69.01
CA PHE L 600 -48.21 36.32 -67.85
C PHE L 600 -49.12 37.46 -68.27
N TYR L 601 -50.26 37.58 -67.61
CA TYR L 601 -51.24 38.63 -67.88
C TYR L 601 -51.60 39.31 -66.57
N ASP L 602 -51.62 40.63 -66.58
CA ASP L 602 -51.84 41.45 -65.38
C ASP L 602 -53.18 42.17 -65.52
N ILE L 603 -54.21 41.65 -64.83
CA ILE L 603 -55.51 42.31 -64.75
C ILE L 603 -55.41 43.34 -63.62
N LEU L 604 -56.44 44.18 -63.49
CA LEU L 604 -56.57 45.31 -62.56
C LEU L 604 -55.81 46.52 -63.06
N ASN L 605 -55.10 46.42 -64.18
CA ASN L 605 -54.41 47.56 -64.78
C ASN L 605 -54.45 47.44 -66.31
C21 OHN M . 66.69 76.15 -6.41
C20 OHN M . 65.29 76.39 -6.96
C19 OHN M . 65.11 77.80 -7.52
C18 OHN M . 64.91 78.85 -6.42
C17 OHN M . 63.72 79.76 -6.70
C16 OHN M . 63.17 80.40 -5.42
C15 OHN M . 63.58 81.87 -5.28
C14 OHN M . 63.14 82.45 -3.93
C13 OHN M . 62.96 83.97 -3.98
C11 OHN M . 61.98 84.44 -2.91
O12 OHN M . 60.95 83.89 -3.07
C10 OHN M . 61.78 85.96 -2.97
C8 OHN M . 60.41 86.38 -2.40
O9 OHN M . 60.33 86.57 -1.24
N7 OHN M . 59.29 86.50 -3.33
C1 OHN M . 57.82 86.89 -3.02
C5 OHN M . 56.92 85.58 -3.07
C4 OHN M . 56.07 85.61 -1.75
C2 OHN M . 57.59 87.45 -1.88
O6 OHN M . 56.94 88.43 -2.03
OAP OHN M . 56.76 86.34 -0.93
C21 OHN N . 31.00 -41.30 -2.27
C20 OHN N . 31.39 -41.03 -0.81
C19 OHN N . 30.46 -41.71 0.19
C18 OHN N . 29.13 -40.95 0.34
C17 OHN N . 28.69 -40.88 1.80
C16 OHN N . 27.61 -39.81 2.01
C15 OHN N . 26.20 -40.40 1.90
C14 OHN N . 25.13 -39.35 2.13
C13 OHN N . 24.03 -39.85 3.07
C11 OHN N . 23.24 -38.72 3.71
O12 OHN N . 23.94 -38.10 4.43
C10 OHN N . 22.08 -39.32 4.50
C8 OHN N . 21.46 -38.39 5.53
O9 OHN N . 20.27 -38.27 5.53
N7 OHN N . 22.30 -37.69 6.49
C1 OHN N . 21.79 -36.75 7.61
C5 OHN N . 22.99 -35.92 8.21
C4 OHN N . 22.79 -34.44 7.70
C2 OHN N . 20.96 -35.86 7.18
O6 OHN N . 20.18 -35.59 8.03
OAP OHN N . 21.89 -34.51 6.78
C21 OHN O . -25.13 -77.05 -29.48
C20 OHN O . -24.91 -76.06 -28.33
C19 OHN O . -25.47 -76.58 -27.02
C18 OHN O . -27.00 -76.71 -27.04
C17 OHN O . -27.60 -76.45 -25.66
C16 OHN O . -29.13 -76.37 -25.71
C15 OHN O . -29.69 -75.43 -24.66
C14 OHN O . -31.01 -74.80 -25.10
C13 OHN O . -32.20 -75.25 -24.25
C11 OHN O . -33.14 -74.07 -23.95
O12 OHN O . -32.56 -73.29 -23.28
C10 OHN O . -34.38 -74.55 -23.21
C8 OHN O . -34.47 -73.94 -21.81
O9 OHN O . -34.85 -74.61 -20.91
N7 OHN O . -34.09 -72.57 -21.59
C1 OHN O . -34.17 -71.97 -20.17
C5 OHN O . -32.97 -70.96 -19.94
C4 OHN O . -33.62 -69.52 -19.88
C2 OHN O . -35.24 -71.28 -20.02
O6 OHN O . -35.65 -71.39 -18.92
OAP OHN O . -34.83 -69.68 -20.32
C21 OHN P . 37.81 -25.37 78.93
C20 OHN P . 36.47 -25.02 78.26
C19 OHN P . 36.41 -23.57 77.80
C18 OHN P . 36.06 -22.59 78.92
C17 OHN P . 35.33 -21.36 78.41
C16 OHN P . 34.46 -20.72 79.48
C15 OHN P . 35.21 -19.67 80.31
C14 OHN P . 34.40 -19.19 81.51
C13 OHN P . 34.45 -17.67 81.69
C11 OHN P . 33.33 -17.20 82.61
O12 OHN P . 32.30 -17.49 82.13
C10 OHN P . 33.40 -15.69 82.82
C8 OHN P . 32.07 -15.00 82.48
O9 OHN P . 32.06 -14.11 81.70
N7 OHN P . 30.83 -15.44 83.09
C1 OHN P . 29.50 -14.74 82.72
C5 OHN P . 28.40 -15.84 82.39
C4 OHN P . 27.34 -15.71 83.54
C2 OHN P . 29.04 -14.06 83.69
O6 OHN P . 28.48 -13.09 83.29
OAP OHN P . 27.93 -15.04 84.48
C21 OHN Q . -49.52 1.37 -66.72
C20 OHN Q . -50.88 1.97 -67.08
C19 OHN Q . -50.78 3.41 -67.58
C18 OHN Q . -50.52 4.40 -66.45
C17 OHN Q . -51.34 5.68 -66.61
C16 OHN Q . -51.33 6.52 -65.34
C15 OHN Q . -52.70 7.15 -65.06
C14 OHN Q . -52.81 7.65 -63.62
C13 OHN Q . -52.59 9.16 -63.52
C11 OHN Q . -53.67 9.82 -62.66
O12 OHN Q . -54.73 9.55 -63.08
C10 OHN Q . -53.49 11.34 -62.68
C8 OHN Q . -54.80 12.09 -62.42
O9 OHN Q . -54.75 13.16 -61.90
N7 OHN Q . -56.06 11.49 -62.79
C1 OHN Q . -57.42 12.19 -62.55
C5 OHN Q . -58.60 11.30 -63.12
C4 OHN Q . -59.37 10.75 -61.86
C2 OHN Q . -57.68 12.33 -61.29
O6 OHN Q . -58.28 13.32 -61.12
OAP OHN Q . -58.60 11.00 -60.86
#